data_2FYN
#
_entry.id   2FYN
#
_cell.length_a   351.300
_cell.length_b   147.130
_cell.length_c   160.830
_cell.angle_alpha   90.00
_cell.angle_beta   103.94
_cell.angle_gamma   90.00
#
_symmetry.space_group_name_H-M   'C 1 2 1'
#
loop_
_entity.id
_entity.type
_entity.pdbx_description
1 polymer 'Cytochrome b'
2 polymer 'Cytochrome c1'
3 polymer 'Ubiquinol-cytochrome c reductase iron-sulfur subunit'
4 non-polymer 'PROTOPORPHYRIN IX CONTAINING FE'
5 non-polymer 'STIGMATELLIN A'
6 non-polymer '(1R)-2-{[(R)-(2-AMINOETHOXY)(HYDROXY)PHOSPHORYL]OXY}-1-[(DODECANOYLOXY)METHYL]ETHYL (9Z)-OCTADEC-9-ENOATE'
7 non-polymer 'FE2/S2 (INORGANIC) CLUSTER'
#
loop_
_entity_poly.entity_id
_entity_poly.type
_entity_poly.pdbx_seq_one_letter_code
_entity_poly.pdbx_strand_id
1 'polypeptide(L)'
;MSGIPHDHYEPRTGIEKWLHSRLPIVALAYDTIMIPTPRNLNWMWIWGVVLAFCLVLQIVTGIVLAMHYTPHVDLAFASV
EHIMRNVNGGFMLRYLHANGASLFFIAVYLHIFRGLYYGSYKAPREVTWIVGMLIYLAMMATAFMGYVLPWGQMSFWGAT
VITGLFGAIPGIGHSIQTWLLGGPAVDNATLNRFFSLHYLLPFVIAALVAIHIWAFHSTGNNNPTGVEVRRTSKAEAQKD
TVPFWPYFIIKDVFALAVVLLVFFAIVGFMPNYLGHPDNYIEANPLRTPAHIVPEWYFLPFYAILRAFTADVWVVQIANF
ISFGIIDAKFFGVLAMFGAILVMALVPWLDTSPVRSGRYRPMFKIYFWLLAADFVILTWVGAQQTTFPYDWISLIASAYW
FAYFLVILPILGAIEKPVAPPATIEEDFNAHYSPATGGTKTVVAE
;
A,D,G,J,M,P
2 'polypeptide(L)'
;AGGGHVEDVPFSFEGPFGTFDQHQLQRGLQVYTEVCAACHGMKFVPIRSLSEPGGPELPEDQVRAYATQFTVTDEETGED
REGKPTDHFPHSALENAPDLSLMAKARAGFHGPMGTGISQLFNGIGGPEYIYSVLTGFPEEPPKCAEGHEPDGFYYNRAF
QNGSVPDTCKDANGVKTTAGSWIAMPPPLMDDLVEYADGHDASVHAMAEDVSAFLMWAAEPKLMARKQAGFTAVMFLTVL
SVLLYLTNKRLWAGVKGKKKTNVHHHHHH
;
B,E,H,K,N,Q
3 'polypeptide(L)'
;MSNAEDHAGTRRDFLYYATAGAGAVATGAAVWPLINQMNPSADVQALASIFVDVSSVEPGVQLTVKFLGKPIFIRRRTEA
DIELGRSVQLGQLVDTNARNANIDAGAEATDQNRTLDEAGEWLVMWGVCTHLGCSPIGGVSGDFGGWFCPCHGSHYDSAG
RIRKGPAPENLPIPLAKFIDETTIQLG
;
C,F,I,L,O,R
#
# COMPACT_ATOMS: atom_id res chain seq x y z
N GLY A 3 11.15 -98.82 -64.97
CA GLY A 3 12.01 -99.92 -64.36
C GLY A 3 13.42 -100.04 -64.91
N ILE A 4 13.87 -98.99 -65.60
CA ILE A 4 15.21 -98.95 -66.18
C ILE A 4 16.16 -98.40 -65.11
N PRO A 5 17.28 -99.10 -64.87
CA PRO A 5 18.26 -98.67 -63.86
C PRO A 5 18.76 -97.23 -64.04
N HIS A 6 18.62 -96.44 -62.98
CA HIS A 6 19.07 -95.04 -62.97
C HIS A 6 19.29 -94.54 -61.54
N ASP A 7 19.94 -93.38 -61.43
CA ASP A 7 20.24 -92.74 -60.16
C ASP A 7 19.12 -91.73 -59.84
N HIS A 8 19.14 -91.16 -58.64
CA HIS A 8 18.09 -90.22 -58.26
C HIS A 8 18.48 -88.83 -57.79
N TYR A 9 17.45 -88.04 -57.54
CA TYR A 9 17.57 -86.67 -57.08
C TYR A 9 18.01 -86.63 -55.63
N GLU A 10 18.81 -85.63 -55.30
CA GLU A 10 19.30 -85.43 -53.96
C GLU A 10 19.42 -83.95 -53.75
N PRO A 11 18.92 -83.48 -52.61
CA PRO A 11 18.94 -82.07 -52.24
C PRO A 11 20.32 -81.46 -52.14
N ARG A 12 20.55 -80.52 -53.03
CA ARG A 12 21.81 -79.80 -53.06
C ARG A 12 21.77 -78.59 -52.12
N THR A 13 21.08 -77.52 -52.54
CA THR A 13 20.96 -76.28 -51.76
C THR A 13 20.24 -76.53 -50.45
N GLY A 14 20.03 -75.48 -49.67
CA GLY A 14 19.34 -75.62 -48.40
C GLY A 14 17.86 -75.63 -48.67
N ILE A 15 17.42 -74.71 -49.53
CA ILE A 15 16.01 -74.62 -49.89
C ILE A 15 15.52 -75.98 -50.38
N GLU A 16 16.41 -76.72 -51.03
CA GLU A 16 16.07 -78.05 -51.53
C GLU A 16 15.95 -79.10 -50.42
N LYS A 17 16.84 -79.04 -49.42
CA LYS A 17 16.84 -80.00 -48.31
C LYS A 17 15.66 -79.71 -47.40
N TRP A 18 15.26 -78.43 -47.35
CA TRP A 18 14.14 -78.00 -46.53
C TRP A 18 12.86 -78.52 -47.15
N LEU A 19 12.70 -78.21 -48.44
CA LEU A 19 11.53 -78.59 -49.20
C LEU A 19 11.39 -80.10 -49.32
N HIS A 20 12.52 -80.79 -49.48
CA HIS A 20 12.47 -82.24 -49.64
C HIS A 20 11.98 -83.03 -48.43
N SER A 21 12.37 -82.64 -47.23
CA SER A 21 11.94 -83.37 -46.05
C SER A 21 10.46 -83.13 -45.71
N ARG A 22 9.80 -82.28 -46.49
CA ARG A 22 8.40 -81.94 -46.26
C ARG A 22 7.47 -82.39 -47.37
N LEU A 23 7.86 -82.09 -48.61
CA LEU A 23 7.08 -82.42 -49.79
C LEU A 23 8.06 -82.53 -50.95
N PRO A 24 8.35 -83.77 -51.40
CA PRO A 24 9.28 -84.00 -52.53
C PRO A 24 8.75 -83.69 -53.93
N ILE A 25 8.19 -82.50 -54.15
CA ILE A 25 7.67 -82.15 -55.48
C ILE A 25 8.85 -82.09 -56.41
N VAL A 26 9.96 -81.54 -55.93
CA VAL A 26 11.16 -81.42 -56.74
C VAL A 26 11.71 -82.79 -57.10
N ALA A 27 11.70 -83.69 -56.14
CA ALA A 27 12.17 -85.06 -56.33
C ALA A 27 11.42 -85.74 -57.47
N LEU A 28 10.12 -85.93 -57.30
CA LEU A 28 9.28 -86.54 -58.32
C LEU A 28 9.41 -85.87 -59.69
N ALA A 29 9.44 -84.54 -59.74
CA ALA A 29 9.57 -83.84 -61.01
C ALA A 29 10.88 -84.19 -61.68
N TYR A 30 11.87 -84.53 -60.86
CA TYR A 30 13.18 -84.89 -61.38
C TYR A 30 13.12 -86.29 -62.00
N ASP A 31 12.66 -87.27 -61.22
CA ASP A 31 12.56 -88.64 -61.72
C ASP A 31 11.70 -88.70 -62.97
N THR A 32 10.84 -87.70 -63.15
CA THR A 32 9.97 -87.67 -64.31
C THR A 32 10.69 -87.08 -65.51
N ILE A 33 11.47 -86.03 -65.28
CA ILE A 33 12.16 -85.38 -66.37
C ILE A 33 13.47 -86.05 -66.76
N MET A 34 13.92 -87.00 -65.94
CA MET A 34 15.16 -87.71 -66.18
C MET A 34 15.02 -89.18 -66.58
N ILE A 35 13.79 -89.64 -66.74
CA ILE A 35 13.55 -91.03 -67.11
C ILE A 35 14.35 -91.37 -68.36
N PRO A 36 15.05 -92.51 -68.32
CA PRO A 36 15.85 -92.93 -69.47
C PRO A 36 14.96 -93.45 -70.60
N THR A 37 15.17 -92.93 -71.80
CA THR A 37 14.38 -93.35 -72.96
C THR A 37 15.24 -93.78 -74.15
N PRO A 38 14.82 -94.82 -74.88
CA PRO A 38 15.53 -95.34 -76.05
C PRO A 38 16.23 -94.30 -76.91
N ARG A 39 17.47 -94.59 -77.29
CA ARG A 39 18.27 -93.68 -78.10
C ARG A 39 17.71 -93.47 -79.50
N ASN A 40 17.07 -94.51 -80.03
CA ASN A 40 16.47 -94.47 -81.36
C ASN A 40 15.00 -94.14 -81.18
N LEU A 41 14.54 -93.06 -81.78
CA LEU A 41 13.13 -92.66 -81.67
C LEU A 41 12.99 -91.67 -82.79
N ASN A 42 12.30 -92.07 -83.85
CA ASN A 42 12.15 -91.18 -84.99
C ASN A 42 11.10 -90.12 -84.78
N TRP A 43 11.03 -89.22 -85.74
CA TRP A 43 10.09 -88.13 -85.68
C TRP A 43 8.67 -88.55 -85.37
N MET A 44 8.35 -89.84 -85.39
CA MET A 44 6.99 -90.27 -85.10
C MET A 44 6.67 -90.29 -83.62
N TRP A 45 7.66 -89.98 -82.79
CA TRP A 45 7.47 -89.96 -81.34
C TRP A 45 7.19 -88.55 -80.83
N ILE A 46 7.19 -87.56 -81.71
CA ILE A 46 6.92 -86.22 -81.28
C ILE A 46 5.43 -85.88 -81.14
N TRP A 47 4.54 -86.71 -81.68
CA TRP A 47 3.12 -86.40 -81.61
C TRP A 47 2.54 -86.41 -80.21
N GLY A 48 3.18 -87.13 -79.30
CA GLY A 48 2.70 -87.13 -77.92
C GLY A 48 2.78 -85.72 -77.34
N VAL A 49 3.85 -84.99 -77.66
CA VAL A 49 4.05 -83.62 -77.18
C VAL A 49 3.11 -82.68 -77.89
N VAL A 50 3.05 -82.77 -79.22
CA VAL A 50 2.16 -81.87 -79.96
C VAL A 50 0.75 -81.95 -79.41
N LEU A 51 0.37 -83.13 -78.91
CA LEU A 51 -0.96 -83.32 -78.33
C LEU A 51 -1.06 -82.59 -77.00
N ALA A 52 -0.05 -82.75 -76.14
CA ALA A 52 -0.02 -82.06 -74.85
C ALA A 52 -0.16 -80.55 -75.08
N PHE A 53 0.66 -80.02 -75.97
CA PHE A 53 0.61 -78.62 -76.28
C PHE A 53 -0.79 -78.18 -76.72
N CYS A 54 -1.40 -78.94 -77.63
CA CYS A 54 -2.75 -78.63 -78.10
C CYS A 54 -3.76 -78.58 -76.98
N LEU A 55 -3.70 -79.55 -76.07
CA LEU A 55 -4.61 -79.60 -74.94
C LEU A 55 -4.48 -78.32 -74.13
N VAL A 56 -3.24 -77.87 -73.90
CA VAL A 56 -3.03 -76.61 -73.18
C VAL A 56 -3.51 -75.43 -74.04
N LEU A 57 -3.07 -75.34 -75.29
CA LEU A 57 -3.51 -74.26 -76.17
C LEU A 57 -5.03 -74.14 -76.16
N GLN A 58 -5.71 -75.26 -76.39
CA GLN A 58 -7.16 -75.28 -76.40
C GLN A 58 -7.75 -74.79 -75.08
N ILE A 59 -7.26 -75.31 -73.97
CA ILE A 59 -7.78 -74.89 -72.68
C ILE A 59 -7.61 -73.39 -72.39
N VAL A 60 -6.44 -72.80 -72.65
CA VAL A 60 -6.32 -71.39 -72.35
C VAL A 60 -7.12 -70.56 -73.33
N THR A 61 -6.97 -70.78 -74.63
CA THR A 61 -7.76 -69.97 -75.55
C THR A 61 -9.27 -70.15 -75.31
N GLY A 62 -9.60 -71.28 -74.69
CA GLY A 62 -10.98 -71.61 -74.37
C GLY A 62 -11.51 -70.74 -73.24
N ILE A 63 -10.85 -70.77 -72.07
CA ILE A 63 -11.25 -69.96 -70.92
C ILE A 63 -11.41 -68.51 -71.37
N VAL A 64 -10.42 -68.05 -72.11
CA VAL A 64 -10.44 -66.72 -72.68
C VAL A 64 -11.72 -66.50 -73.49
N LEU A 65 -12.00 -67.40 -74.42
CA LEU A 65 -13.18 -67.24 -75.24
C LEU A 65 -14.45 -67.35 -74.43
N ALA A 66 -14.44 -68.16 -73.37
CA ALA A 66 -15.63 -68.33 -72.53
C ALA A 66 -16.01 -67.05 -71.79
N MET A 67 -15.03 -66.15 -71.70
CA MET A 67 -15.18 -64.86 -71.04
C MET A 67 -15.94 -63.85 -71.88
N HIS A 68 -16.22 -64.19 -73.13
CA HIS A 68 -16.90 -63.28 -74.04
C HIS A 68 -18.10 -63.85 -74.73
N TYR A 69 -18.17 -65.18 -74.74
CA TYR A 69 -19.25 -65.92 -75.39
C TYR A 69 -20.47 -66.06 -74.48
N THR A 70 -21.68 -65.88 -75.01
CA THR A 70 -22.85 -66.11 -74.16
C THR A 70 -23.66 -67.33 -74.70
N PRO A 71 -23.80 -68.40 -73.88
CA PRO A 71 -24.54 -69.58 -74.31
C PRO A 71 -26.05 -69.40 -74.24
N HIS A 72 -26.57 -68.74 -75.24
CA HIS A 72 -27.99 -68.58 -75.32
C HIS A 72 -28.30 -68.29 -76.76
N VAL A 73 -29.17 -69.15 -77.27
CA VAL A 73 -29.63 -69.16 -78.63
C VAL A 73 -29.76 -67.77 -79.32
N ASP A 74 -30.33 -66.78 -78.63
CA ASP A 74 -30.50 -65.44 -79.19
C ASP A 74 -29.23 -64.58 -79.24
N LEU A 75 -28.22 -64.92 -78.46
CA LEU A 75 -27.00 -64.13 -78.45
C LEU A 75 -25.77 -64.92 -78.85
N ALA A 76 -25.84 -66.24 -78.71
CA ALA A 76 -24.73 -67.12 -79.02
C ALA A 76 -23.98 -66.84 -80.31
N PHE A 77 -24.66 -66.77 -81.45
CA PHE A 77 -23.96 -66.54 -82.70
C PHE A 77 -23.40 -65.13 -82.75
N ALA A 78 -24.24 -64.16 -82.37
CA ALA A 78 -23.86 -62.75 -82.34
C ALA A 78 -22.61 -62.55 -81.46
N SER A 79 -22.66 -63.20 -80.29
CA SER A 79 -21.60 -63.16 -79.31
C SER A 79 -20.26 -63.55 -79.92
N VAL A 80 -20.24 -64.53 -80.80
CA VAL A 80 -18.99 -64.97 -81.41
C VAL A 80 -18.55 -63.96 -82.47
N GLU A 81 -19.50 -63.29 -83.11
CA GLU A 81 -19.12 -62.31 -84.12
C GLU A 81 -18.56 -61.08 -83.37
N HIS A 82 -19.05 -60.86 -82.16
CA HIS A 82 -18.54 -59.80 -81.33
C HIS A 82 -17.08 -60.18 -80.96
N ILE A 83 -16.86 -61.39 -80.46
CA ILE A 83 -15.53 -61.82 -80.13
C ILE A 83 -14.61 -61.60 -81.32
N MET A 84 -15.17 -61.57 -82.52
CA MET A 84 -14.36 -61.42 -83.72
C MET A 84 -14.02 -60.00 -84.10
N ARG A 85 -14.99 -59.11 -83.94
CA ARG A 85 -14.88 -57.70 -84.30
C ARG A 85 -14.48 -56.72 -83.20
N ASN A 86 -14.86 -57.03 -81.96
CA ASN A 86 -14.60 -56.14 -80.83
C ASN A 86 -13.52 -56.58 -79.87
N VAL A 87 -13.68 -57.76 -79.30
CA VAL A 87 -12.67 -58.24 -78.35
C VAL A 87 -11.24 -58.12 -78.90
N ASN A 88 -10.37 -57.51 -78.08
CA ASN A 88 -8.97 -57.30 -78.42
C ASN A 88 -8.28 -58.59 -78.82
N GLY A 89 -8.08 -58.76 -80.11
CA GLY A 89 -7.41 -59.96 -80.60
C GLY A 89 -8.30 -61.17 -80.63
N GLY A 90 -9.61 -60.95 -80.45
CA GLY A 90 -10.55 -62.05 -80.43
C GLY A 90 -10.49 -62.80 -81.73
N PHE A 91 -10.52 -62.05 -82.83
CA PHE A 91 -10.48 -62.63 -84.15
C PHE A 91 -9.36 -63.67 -84.27
N MET A 92 -8.23 -63.43 -83.62
CA MET A 92 -7.14 -64.39 -83.71
C MET A 92 -7.19 -65.48 -82.64
N LEU A 93 -7.96 -65.25 -81.59
CA LEU A 93 -8.07 -66.24 -80.51
C LEU A 93 -9.13 -67.25 -80.93
N ARG A 94 -10.19 -66.75 -81.56
CA ARG A 94 -11.27 -67.59 -82.07
C ARG A 94 -10.67 -68.59 -83.06
N TYR A 95 -10.01 -68.08 -84.09
CA TYR A 95 -9.36 -68.91 -85.10
C TYR A 95 -8.37 -69.87 -84.53
N LEU A 96 -7.69 -69.50 -83.47
CA LEU A 96 -6.71 -70.40 -82.88
C LEU A 96 -7.42 -71.58 -82.21
N HIS A 97 -8.54 -71.30 -81.56
CA HIS A 97 -9.28 -72.34 -80.85
C HIS A 97 -9.87 -73.32 -81.84
N ALA A 98 -10.38 -72.77 -82.94
CA ALA A 98 -11.00 -73.53 -84.02
C ALA A 98 -10.01 -74.42 -84.73
N ASN A 99 -8.93 -73.86 -85.28
CA ASN A 99 -7.93 -74.69 -85.96
C ASN A 99 -7.18 -75.50 -84.91
N GLY A 100 -7.34 -75.14 -83.65
CA GLY A 100 -6.67 -75.88 -82.59
C GLY A 100 -7.26 -77.26 -82.57
N ALA A 101 -8.58 -77.32 -82.75
CA ALA A 101 -9.29 -78.59 -82.80
C ALA A 101 -8.68 -79.43 -83.93
N SER A 102 -8.54 -78.85 -85.14
CA SER A 102 -7.94 -79.58 -86.27
C SER A 102 -6.57 -80.11 -85.94
N LEU A 103 -5.66 -79.23 -85.60
CA LEU A 103 -4.33 -79.70 -85.25
C LEU A 103 -4.43 -80.79 -84.18
N PHE A 104 -5.32 -80.59 -83.20
CA PHE A 104 -5.48 -81.56 -82.14
C PHE A 104 -5.77 -82.97 -82.70
N PHE A 105 -6.62 -83.05 -83.71
CA PHE A 105 -6.92 -84.35 -84.33
C PHE A 105 -5.84 -84.86 -85.28
N ILE A 106 -5.37 -84.03 -86.21
CA ILE A 106 -4.29 -84.44 -87.10
C ILE A 106 -3.20 -85.07 -86.24
N ALA A 107 -3.04 -84.54 -85.05
CA ALA A 107 -2.01 -85.03 -84.17
C ALA A 107 -2.40 -86.36 -83.57
N VAL A 108 -3.61 -86.46 -83.05
CA VAL A 108 -4.02 -87.69 -82.41
C VAL A 108 -4.09 -88.86 -83.42
N TYR A 109 -4.32 -88.56 -84.71
CA TYR A 109 -4.36 -89.66 -85.69
C TYR A 109 -2.94 -90.12 -85.97
N LEU A 110 -2.03 -89.16 -86.21
CA LEU A 110 -0.63 -89.50 -86.45
C LEU A 110 -0.11 -90.26 -85.24
N HIS A 111 -0.54 -89.81 -84.07
CA HIS A 111 -0.15 -90.41 -82.81
C HIS A 111 -0.66 -91.84 -82.80
N ILE A 112 -1.95 -92.02 -83.09
CA ILE A 112 -2.59 -93.34 -83.11
C ILE A 112 -1.97 -94.35 -84.10
N PHE A 113 -1.82 -93.95 -85.37
CA PHE A 113 -1.23 -94.84 -86.35
C PHE A 113 0.20 -95.20 -85.98
N ARG A 114 0.92 -94.28 -85.37
CA ARG A 114 2.28 -94.56 -84.96
C ARG A 114 2.17 -95.78 -84.05
N GLY A 115 1.17 -95.76 -83.19
CA GLY A 115 0.97 -96.84 -82.26
C GLY A 115 0.63 -98.16 -82.90
N LEU A 116 -0.30 -98.16 -83.85
CA LEU A 116 -0.72 -99.37 -84.57
C LEU A 116 0.42 -100.10 -85.26
N TYR A 117 1.33 -99.33 -85.84
CA TYR A 117 2.49 -99.85 -86.54
C TYR A 117 3.59 -100.43 -85.66
N TYR A 118 3.97 -99.74 -84.60
CA TYR A 118 5.05 -100.23 -83.75
C TYR A 118 4.63 -101.13 -82.61
N GLY A 119 3.38 -101.52 -82.57
CA GLY A 119 2.95 -102.39 -81.49
C GLY A 119 3.04 -101.74 -80.13
N SER A 120 2.82 -100.44 -80.11
CA SER A 120 2.87 -99.69 -78.87
C SER A 120 1.68 -100.06 -77.98
N TYR A 121 0.71 -100.78 -78.56
CA TYR A 121 -0.49 -101.22 -77.84
C TYR A 121 -0.26 -102.63 -77.28
N LYS A 122 0.76 -103.29 -77.80
CA LYS A 122 1.04 -104.64 -77.38
C LYS A 122 1.74 -104.66 -76.06
N ALA A 123 1.21 -105.50 -75.18
CA ALA A 123 1.72 -105.68 -73.83
C ALA A 123 3.19 -105.37 -73.75
N PRO A 124 3.61 -104.78 -72.63
CA PRO A 124 2.80 -104.42 -71.45
C PRO A 124 2.01 -103.11 -71.57
N ARG A 125 2.16 -102.43 -72.69
CA ARG A 125 1.50 -101.16 -72.87
C ARG A 125 -0.01 -101.23 -73.12
N GLU A 126 -0.67 -102.28 -72.67
CA GLU A 126 -2.09 -102.40 -72.93
C GLU A 126 -2.96 -101.37 -72.22
N VAL A 127 -2.49 -100.87 -71.09
CA VAL A 127 -3.27 -99.87 -70.35
C VAL A 127 -3.06 -98.50 -70.97
N THR A 128 -1.83 -98.18 -71.33
CA THR A 128 -1.55 -96.89 -71.99
C THR A 128 -2.59 -96.72 -73.11
N TRP A 129 -2.77 -97.80 -73.87
CA TRP A 129 -3.66 -97.85 -75.01
C TRP A 129 -5.12 -97.60 -74.68
N ILE A 130 -5.66 -98.30 -73.70
CA ILE A 130 -7.05 -98.09 -73.32
C ILE A 130 -7.30 -96.66 -72.80
N VAL A 131 -6.41 -96.18 -71.93
CA VAL A 131 -6.55 -94.84 -71.41
C VAL A 131 -6.50 -93.88 -72.57
N GLY A 132 -5.56 -94.11 -73.49
CA GLY A 132 -5.50 -93.24 -74.65
C GLY A 132 -6.78 -93.29 -75.46
N MET A 133 -7.40 -94.47 -75.47
CA MET A 133 -8.64 -94.70 -76.20
C MET A 133 -9.80 -93.92 -75.59
N LEU A 134 -9.83 -93.83 -74.27
CA LEU A 134 -10.84 -93.07 -73.56
C LEU A 134 -10.63 -91.58 -73.90
N ILE A 135 -9.37 -91.13 -73.84
CA ILE A 135 -9.03 -89.76 -74.16
C ILE A 135 -9.57 -89.41 -75.54
N TYR A 136 -9.43 -90.35 -76.48
CA TYR A 136 -9.90 -90.16 -77.85
C TYR A 136 -11.39 -89.96 -77.92
N LEU A 137 -12.12 -90.74 -77.14
CA LEU A 137 -13.58 -90.65 -77.13
C LEU A 137 -14.04 -89.29 -76.59
N ALA A 138 -13.37 -88.86 -75.51
CA ALA A 138 -13.63 -87.59 -74.85
C ALA A 138 -13.33 -86.45 -75.80
N MET A 139 -12.21 -86.54 -76.49
CA MET A 139 -11.82 -85.51 -77.45
C MET A 139 -12.94 -85.25 -78.43
N MET A 140 -13.50 -86.29 -79.04
CA MET A 140 -14.60 -86.11 -79.98
C MET A 140 -15.82 -85.53 -79.28
N ALA A 141 -16.24 -86.16 -78.18
CA ALA A 141 -17.41 -85.66 -77.47
C ALA A 141 -17.23 -84.16 -77.27
N THR A 142 -16.03 -83.74 -76.84
CA THR A 142 -15.74 -82.33 -76.63
C THR A 142 -15.86 -81.54 -77.93
N ALA A 143 -14.96 -81.87 -78.87
CA ALA A 143 -14.90 -81.25 -80.19
C ALA A 143 -16.27 -81.06 -80.84
N PHE A 144 -17.20 -81.92 -80.47
CA PHE A 144 -18.53 -81.86 -81.00
C PHE A 144 -19.31 -80.68 -80.37
N MET A 145 -19.40 -80.72 -79.03
CA MET A 145 -20.12 -79.71 -78.26
C MET A 145 -19.59 -78.32 -78.56
N GLY A 146 -18.27 -78.25 -78.74
CA GLY A 146 -17.67 -76.98 -79.05
C GLY A 146 -18.29 -76.45 -80.32
N TYR A 147 -18.24 -77.24 -81.37
CA TYR A 147 -18.78 -76.87 -82.67
C TYR A 147 -20.26 -76.46 -82.61
N VAL A 148 -20.99 -76.92 -81.61
CA VAL A 148 -22.39 -76.55 -81.52
C VAL A 148 -22.56 -75.10 -81.06
N LEU A 149 -21.66 -74.67 -80.16
CA LEU A 149 -21.67 -73.32 -79.56
C LEU A 149 -21.82 -72.09 -80.46
N PRO A 150 -21.12 -72.02 -81.61
CA PRO A 150 -21.33 -70.81 -82.43
C PRO A 150 -22.76 -70.68 -82.90
N TRP A 151 -23.48 -71.80 -82.84
CA TRP A 151 -24.88 -71.84 -83.25
C TRP A 151 -25.12 -71.42 -84.70
N GLY A 152 -24.33 -72.01 -85.60
CA GLY A 152 -24.49 -71.74 -87.02
C GLY A 152 -25.29 -72.87 -87.65
N GLN A 153 -25.29 -72.98 -88.97
CA GLN A 153 -26.05 -74.05 -89.59
C GLN A 153 -25.48 -75.40 -89.25
N MET A 154 -24.18 -75.59 -89.46
CA MET A 154 -23.63 -76.89 -89.11
C MET A 154 -23.80 -77.16 -87.64
N SER A 155 -23.65 -76.13 -86.81
CA SER A 155 -23.79 -76.30 -85.36
C SER A 155 -25.15 -76.90 -85.01
N PHE A 156 -26.20 -76.27 -85.52
CA PHE A 156 -27.53 -76.71 -85.20
C PHE A 156 -27.88 -78.09 -85.67
N TRP A 157 -27.60 -78.40 -86.93
CA TRP A 157 -27.92 -79.71 -87.49
C TRP A 157 -26.99 -80.83 -87.04
N GLY A 158 -25.71 -80.55 -86.86
CA GLY A 158 -24.82 -81.57 -86.38
C GLY A 158 -25.32 -81.90 -84.98
N ALA A 159 -25.85 -80.89 -84.29
CA ALA A 159 -26.38 -81.07 -82.94
C ALA A 159 -27.60 -81.96 -83.03
N THR A 160 -28.39 -81.77 -84.06
CA THR A 160 -29.59 -82.56 -84.28
C THR A 160 -29.26 -84.01 -84.57
N VAL A 161 -28.32 -84.21 -85.50
CA VAL A 161 -27.89 -85.54 -85.94
C VAL A 161 -27.16 -86.31 -84.88
N ILE A 162 -26.20 -85.68 -84.19
CA ILE A 162 -25.46 -86.44 -83.18
C ILE A 162 -26.33 -86.82 -81.99
N THR A 163 -27.24 -85.95 -81.58
CA THR A 163 -28.08 -86.38 -80.48
C THR A 163 -29.02 -87.44 -81.05
N GLY A 164 -29.15 -87.48 -82.38
CA GLY A 164 -30.01 -88.47 -83.01
C GLY A 164 -29.48 -89.91 -82.89
N LEU A 165 -28.16 -90.06 -82.95
CA LEU A 165 -27.56 -91.35 -82.84
C LEU A 165 -28.07 -92.06 -81.60
N PHE A 166 -28.47 -91.34 -80.56
CA PHE A 166 -28.91 -92.01 -79.37
C PHE A 166 -30.33 -92.43 -79.50
N GLY A 167 -30.99 -91.84 -80.49
CA GLY A 167 -32.39 -92.16 -80.76
C GLY A 167 -32.44 -93.52 -81.43
N ALA A 168 -31.32 -93.92 -81.99
CA ALA A 168 -31.19 -95.19 -82.68
C ALA A 168 -31.19 -96.36 -81.71
N ILE A 169 -30.70 -96.15 -80.49
CA ILE A 169 -30.67 -97.24 -79.49
C ILE A 169 -32.08 -97.77 -79.31
N PRO A 170 -32.27 -99.08 -79.52
CA PRO A 170 -33.57 -99.77 -79.38
C PRO A 170 -34.15 -99.61 -77.99
N GLY A 171 -35.44 -99.29 -77.91
CA GLY A 171 -36.12 -99.13 -76.62
C GLY A 171 -35.86 -97.84 -75.87
N ILE A 172 -34.79 -97.85 -75.06
CA ILE A 172 -34.41 -96.69 -74.26
C ILE A 172 -34.10 -95.47 -75.15
N GLY A 173 -33.49 -95.72 -76.29
CA GLY A 173 -33.17 -94.66 -77.22
C GLY A 173 -33.99 -93.39 -77.28
N HIS A 174 -35.32 -93.44 -77.24
CA HIS A 174 -36.05 -92.18 -77.31
C HIS A 174 -35.91 -91.36 -76.03
N SER A 175 -35.68 -92.06 -74.95
CA SER A 175 -35.50 -91.43 -73.66
C SER A 175 -34.15 -90.77 -73.58
N ILE A 176 -33.10 -91.56 -73.86
CA ILE A 176 -31.72 -91.08 -73.86
C ILE A 176 -31.65 -89.77 -74.66
N GLN A 177 -32.38 -89.73 -75.77
CA GLN A 177 -32.37 -88.55 -76.60
C GLN A 177 -33.12 -87.36 -76.00
N THR A 178 -34.35 -87.57 -75.54
CA THR A 178 -35.08 -86.45 -74.95
C THR A 178 -34.26 -85.83 -73.84
N TRP A 179 -33.65 -86.68 -73.01
CA TRP A 179 -32.80 -86.24 -71.90
C TRP A 179 -31.61 -85.40 -72.41
N LEU A 180 -30.88 -85.89 -73.41
CA LEU A 180 -29.77 -85.11 -73.97
C LEU A 180 -30.23 -83.76 -74.46
N LEU A 181 -31.41 -83.71 -75.07
CA LEU A 181 -31.90 -82.46 -75.63
C LEU A 181 -32.59 -81.57 -74.62
N GLY A 182 -32.95 -82.13 -73.48
CA GLY A 182 -33.67 -81.33 -72.50
C GLY A 182 -35.02 -80.86 -73.03
N GLY A 183 -35.44 -81.44 -74.14
CA GLY A 183 -36.70 -81.09 -74.76
C GLY A 183 -37.07 -81.94 -75.97
N PRO A 184 -38.05 -81.49 -76.77
CA PRO A 184 -38.48 -82.22 -77.94
C PRO A 184 -37.70 -81.87 -79.18
N ALA A 185 -36.66 -81.05 -79.03
CA ALA A 185 -35.86 -80.67 -80.20
C ALA A 185 -34.58 -79.96 -79.78
N VAL A 186 -33.59 -79.90 -80.67
CA VAL A 186 -32.38 -79.21 -80.30
C VAL A 186 -32.79 -77.77 -80.18
N ASP A 187 -32.69 -77.24 -78.97
CA ASP A 187 -33.03 -75.86 -78.68
C ASP A 187 -32.06 -75.24 -77.63
N ASN A 188 -32.44 -74.11 -77.07
CA ASN A 188 -31.61 -73.43 -76.09
C ASN A 188 -31.20 -74.38 -74.97
N ALA A 189 -32.18 -75.04 -74.39
CA ALA A 189 -31.87 -75.94 -73.29
C ALA A 189 -30.70 -76.84 -73.59
N THR A 190 -30.50 -77.11 -74.88
CA THR A 190 -29.43 -78.00 -75.34
C THR A 190 -28.12 -77.26 -75.39
N LEU A 191 -28.15 -76.16 -76.13
CA LEU A 191 -27.00 -75.27 -76.27
C LEU A 191 -26.39 -74.96 -74.91
N ASN A 192 -27.26 -74.58 -73.97
CA ASN A 192 -26.84 -74.24 -72.62
C ASN A 192 -26.11 -75.36 -71.89
N ARG A 193 -26.65 -76.58 -71.93
CA ARG A 193 -26.00 -77.68 -71.25
C ARG A 193 -24.74 -78.11 -71.95
N PHE A 194 -24.68 -77.84 -73.25
CA PHE A 194 -23.52 -78.21 -74.05
C PHE A 194 -22.38 -77.30 -73.71
N PHE A 195 -22.70 -76.05 -73.37
CA PHE A 195 -21.67 -75.11 -73.00
C PHE A 195 -21.04 -75.63 -71.71
N SER A 196 -21.86 -75.86 -70.69
CA SER A 196 -21.35 -76.39 -69.43
C SER A 196 -20.51 -77.67 -69.59
N LEU A 197 -20.85 -78.53 -70.53
CA LEU A 197 -20.06 -79.75 -70.69
C LEU A 197 -18.79 -79.53 -71.53
N HIS A 198 -18.89 -78.66 -72.53
CA HIS A 198 -17.72 -78.39 -73.35
C HIS A 198 -16.63 -77.86 -72.42
N TYR A 199 -17.03 -77.13 -71.38
CA TYR A 199 -16.08 -76.55 -70.43
C TYR A 199 -15.48 -77.68 -69.62
N LEU A 200 -16.35 -78.43 -68.96
CA LEU A 200 -15.97 -79.54 -68.10
C LEU A 200 -15.11 -80.65 -68.71
N LEU A 201 -15.46 -81.12 -69.89
CA LEU A 201 -14.69 -82.21 -70.45
C LEU A 201 -13.18 -82.05 -70.58
N PRO A 202 -12.72 -80.90 -71.06
CA PRO A 202 -11.28 -80.80 -71.16
C PRO A 202 -10.52 -81.07 -69.89
N PHE A 203 -11.10 -80.73 -68.72
CA PHE A 203 -10.41 -81.00 -67.45
C PHE A 203 -10.39 -82.48 -67.19
N VAL A 204 -11.42 -83.17 -67.66
CA VAL A 204 -11.46 -84.62 -67.52
C VAL A 204 -10.39 -85.23 -68.45
N ILE A 205 -10.28 -84.72 -69.68
CA ILE A 205 -9.22 -85.19 -70.59
C ILE A 205 -7.87 -84.98 -69.90
N ALA A 206 -7.60 -83.75 -69.45
CA ALA A 206 -6.38 -83.40 -68.74
C ALA A 206 -6.07 -84.45 -67.66
N ALA A 207 -7.05 -84.79 -66.84
CA ALA A 207 -6.90 -85.80 -65.81
C ALA A 207 -6.45 -87.13 -66.40
N LEU A 208 -7.09 -87.56 -67.49
CA LEU A 208 -6.70 -88.84 -68.12
C LEU A 208 -5.28 -88.77 -68.68
N VAL A 209 -4.92 -87.66 -69.30
CA VAL A 209 -3.60 -87.49 -69.87
C VAL A 209 -2.55 -87.66 -68.78
N ALA A 210 -2.94 -87.36 -67.55
CA ALA A 210 -2.06 -87.53 -66.40
C ALA A 210 -1.81 -89.03 -66.26
N ILE A 211 -2.88 -89.80 -66.15
CA ILE A 211 -2.79 -91.25 -66.06
C ILE A 211 -2.17 -91.91 -67.31
N HIS A 212 -2.45 -91.35 -68.50
CA HIS A 212 -1.91 -91.84 -69.77
C HIS A 212 -0.40 -91.74 -69.62
N ILE A 213 0.07 -90.57 -69.16
CA ILE A 213 1.50 -90.34 -68.95
C ILE A 213 2.04 -91.25 -67.86
N TRP A 214 1.37 -91.27 -66.72
CA TRP A 214 1.79 -92.11 -65.62
C TRP A 214 1.98 -93.54 -66.07
N ALA A 215 1.06 -94.00 -66.91
CA ALA A 215 1.09 -95.37 -67.41
C ALA A 215 2.28 -95.69 -68.29
N PHE A 216 2.58 -94.83 -69.27
CA PHE A 216 3.70 -95.15 -70.12
C PHE A 216 4.99 -94.80 -69.45
N HIS A 217 4.91 -94.02 -68.37
CA HIS A 217 6.12 -93.67 -67.64
C HIS A 217 6.49 -94.87 -66.79
N SER A 218 5.51 -95.55 -66.21
CA SER A 218 5.82 -96.72 -65.40
C SER A 218 5.86 -98.02 -66.21
N THR A 219 6.28 -97.91 -67.46
CA THR A 219 6.34 -99.06 -68.37
C THR A 219 7.50 -98.86 -69.33
N GLY A 220 8.01 -97.64 -69.35
CA GLY A 220 9.11 -97.29 -70.22
C GLY A 220 8.58 -97.06 -71.61
N ASN A 221 9.16 -96.12 -72.35
CA ASN A 221 8.71 -95.86 -73.71
C ASN A 221 8.98 -97.00 -74.68
N ASN A 222 8.40 -96.93 -75.86
CA ASN A 222 8.63 -97.96 -76.85
C ASN A 222 9.46 -97.33 -77.96
N ASN A 223 10.26 -98.13 -78.66
CA ASN A 223 11.09 -97.62 -79.75
C ASN A 223 10.71 -98.29 -81.04
N PRO A 224 11.21 -97.78 -82.17
CA PRO A 224 10.91 -98.35 -83.49
C PRO A 224 11.38 -99.79 -83.66
N THR A 225 11.99 -100.33 -82.62
CA THR A 225 12.53 -101.67 -82.64
C THR A 225 11.63 -102.70 -81.98
N GLY A 226 10.93 -102.30 -80.94
CA GLY A 226 10.05 -103.23 -80.27
C GLY A 226 10.83 -103.98 -79.21
N VAL A 227 12.14 -103.74 -79.22
CA VAL A 227 13.00 -104.37 -78.27
C VAL A 227 13.05 -103.48 -77.04
N GLU A 228 12.97 -104.06 -75.86
CA GLU A 228 12.99 -103.24 -74.68
C GLU A 228 14.41 -102.79 -74.31
N VAL A 229 14.51 -101.90 -73.35
CA VAL A 229 15.80 -101.40 -72.89
C VAL A 229 16.36 -102.45 -71.92
N ARG A 230 17.65 -102.79 -72.05
CA ARG A 230 18.23 -103.77 -71.17
C ARG A 230 18.09 -103.34 -69.70
N ARG A 231 17.39 -104.14 -68.90
CA ARG A 231 17.15 -103.80 -67.49
C ARG A 231 18.07 -104.49 -66.48
N THR A 232 19.24 -104.94 -66.90
CA THR A 232 20.14 -105.63 -65.98
C THR A 232 21.33 -104.86 -65.36
N SER A 233 21.62 -103.65 -65.82
CA SER A 233 22.73 -102.87 -65.26
C SER A 233 22.72 -101.41 -65.68
N LYS A 234 22.95 -100.50 -64.73
CA LYS A 234 22.96 -99.07 -65.06
C LYS A 234 23.88 -98.83 -66.26
N ALA A 235 24.82 -99.76 -66.44
CA ALA A 235 25.80 -99.69 -67.51
C ALA A 235 25.25 -99.92 -68.90
N GLU A 236 24.66 -101.08 -69.12
CA GLU A 236 24.10 -101.38 -70.42
C GLU A 236 22.75 -100.69 -70.63
N ALA A 237 22.17 -100.18 -69.56
CA ALA A 237 20.90 -99.48 -69.70
C ALA A 237 21.22 -98.15 -70.36
N GLN A 238 22.29 -97.53 -69.91
CA GLN A 238 22.73 -96.25 -70.45
C GLN A 238 23.17 -96.41 -71.91
N LYS A 239 23.44 -97.64 -72.32
CA LYS A 239 23.87 -97.90 -73.68
C LYS A 239 22.70 -97.80 -74.63
N ASP A 240 21.53 -98.20 -74.15
CA ASP A 240 20.26 -98.20 -74.91
C ASP A 240 19.51 -96.89 -74.76
N THR A 241 19.71 -96.23 -73.62
CA THR A 241 19.02 -94.99 -73.36
C THR A 241 19.83 -93.69 -73.46
N VAL A 242 19.19 -92.62 -72.98
CA VAL A 242 19.72 -91.27 -72.95
C VAL A 242 18.66 -90.61 -72.05
N PRO A 243 19.06 -89.70 -71.16
CA PRO A 243 18.03 -89.08 -70.31
C PRO A 243 17.05 -88.25 -71.10
N PHE A 244 15.77 -88.35 -70.75
CA PHE A 244 14.75 -87.62 -71.44
C PHE A 244 15.16 -86.16 -71.57
N TRP A 245 15.49 -85.56 -70.43
CA TRP A 245 15.94 -84.18 -70.41
C TRP A 245 17.47 -84.24 -70.47
N PRO A 246 18.10 -83.45 -71.36
CA PRO A 246 17.53 -82.51 -72.33
C PRO A 246 17.48 -83.07 -73.74
N TYR A 247 17.94 -84.30 -73.87
CA TYR A 247 18.03 -84.94 -75.16
C TYR A 247 16.73 -84.94 -75.92
N PHE A 248 15.66 -85.40 -75.29
CA PHE A 248 14.38 -85.43 -76.00
C PHE A 248 13.47 -84.22 -75.83
N ILE A 249 13.59 -83.51 -74.72
CA ILE A 249 12.77 -82.32 -74.59
C ILE A 249 13.16 -81.32 -75.66
N ILE A 250 14.44 -81.26 -76.00
CA ILE A 250 14.86 -80.33 -77.04
C ILE A 250 14.41 -80.80 -78.40
N LYS A 251 14.47 -82.12 -78.60
CA LYS A 251 14.06 -82.71 -79.87
C LYS A 251 12.57 -82.48 -80.04
N ASP A 252 11.81 -82.76 -78.99
CA ASP A 252 10.36 -82.57 -78.96
C ASP A 252 9.96 -81.10 -79.09
N VAL A 253 10.57 -80.24 -78.29
CA VAL A 253 10.28 -78.81 -78.37
C VAL A 253 10.67 -78.30 -79.75
N PHE A 254 11.80 -78.78 -80.30
CA PHE A 254 12.20 -78.35 -81.63
C PHE A 254 11.11 -78.73 -82.66
N ALA A 255 10.67 -79.97 -82.61
CA ALA A 255 9.61 -80.45 -83.49
C ALA A 255 8.38 -79.56 -83.33
N LEU A 256 7.96 -79.41 -82.07
CA LEU A 256 6.81 -78.60 -81.69
C LEU A 256 6.86 -77.19 -82.27
N ALA A 257 8.06 -76.69 -82.52
CA ALA A 257 8.26 -75.35 -83.09
C ALA A 257 7.96 -75.36 -84.59
N VAL A 258 8.39 -76.41 -85.27
CA VAL A 258 8.15 -76.52 -86.70
C VAL A 258 6.68 -76.74 -86.95
N VAL A 259 6.04 -77.53 -86.11
CA VAL A 259 4.62 -77.77 -86.24
C VAL A 259 3.89 -76.44 -86.09
N LEU A 260 4.16 -75.75 -84.97
CA LEU A 260 3.54 -74.46 -84.70
C LEU A 260 3.81 -73.43 -85.77
N LEU A 261 4.95 -73.54 -86.43
CA LEU A 261 5.30 -72.64 -87.51
C LEU A 261 4.20 -72.75 -88.58
N VAL A 262 3.97 -73.98 -89.03
CA VAL A 262 2.96 -74.27 -90.03
C VAL A 262 1.56 -73.96 -89.53
N PHE A 263 1.30 -74.30 -88.27
CA PHE A 263 0.01 -74.06 -87.66
C PHE A 263 -0.37 -72.57 -87.70
N PHE A 264 0.56 -71.70 -87.35
CA PHE A 264 0.33 -70.26 -87.39
C PHE A 264 0.21 -69.73 -88.82
N ALA A 265 0.91 -70.40 -89.73
CA ALA A 265 0.84 -70.05 -91.12
C ALA A 265 -0.62 -70.21 -91.55
N ILE A 266 -1.23 -71.32 -91.12
CA ILE A 266 -2.64 -71.63 -91.43
C ILE A 266 -3.57 -70.63 -90.75
N VAL A 267 -3.40 -70.46 -89.45
CA VAL A 267 -4.24 -69.55 -88.66
C VAL A 267 -4.16 -68.12 -89.11
N GLY A 268 -3.04 -67.76 -89.68
CA GLY A 268 -2.90 -66.39 -90.11
C GLY A 268 -3.35 -66.13 -91.52
N PHE A 269 -2.96 -67.05 -92.40
CA PHE A 269 -3.27 -66.91 -93.81
C PHE A 269 -4.50 -67.63 -94.35
N MET A 270 -4.80 -68.83 -93.88
CA MET A 270 -5.98 -69.55 -94.34
C MET A 270 -6.74 -70.15 -93.16
N PRO A 271 -7.12 -69.30 -92.19
CA PRO A 271 -7.84 -69.73 -91.00
C PRO A 271 -9.14 -70.48 -91.28
N ASN A 272 -9.77 -70.19 -92.42
CA ASN A 272 -11.06 -70.80 -92.81
C ASN A 272 -11.01 -71.99 -93.76
N TYR A 273 -9.81 -72.42 -94.09
CA TYR A 273 -9.64 -73.53 -95.01
C TYR A 273 -10.28 -74.80 -94.48
N LEU A 274 -9.89 -75.21 -93.27
CA LEU A 274 -10.38 -76.43 -92.65
C LEU A 274 -11.84 -76.46 -92.15
N GLY A 275 -12.56 -75.38 -92.36
CA GLY A 275 -13.93 -75.34 -91.89
C GLY A 275 -15.05 -75.24 -92.91
N HIS A 276 -16.30 -75.28 -92.43
CA HIS A 276 -17.45 -75.24 -93.30
C HIS A 276 -18.16 -73.90 -93.37
N PRO A 277 -18.11 -73.26 -94.53
CA PRO A 277 -18.71 -71.96 -94.85
C PRO A 277 -20.13 -71.80 -94.40
N ASP A 278 -20.83 -72.92 -94.28
CA ASP A 278 -22.22 -72.87 -93.86
C ASP A 278 -22.40 -72.55 -92.40
N ASN A 279 -21.30 -72.50 -91.63
CA ASN A 279 -21.47 -72.21 -90.24
C ASN A 279 -21.36 -70.74 -89.96
N TYR A 280 -21.32 -69.95 -91.03
CA TYR A 280 -21.27 -68.49 -90.93
C TYR A 280 -22.64 -68.02 -91.30
N ILE A 281 -23.54 -68.98 -91.29
CA ILE A 281 -24.96 -68.75 -91.60
C ILE A 281 -25.60 -69.04 -90.25
N GLU A 282 -26.43 -68.14 -89.74
CA GLU A 282 -27.04 -68.45 -88.45
C GLU A 282 -27.89 -69.72 -88.51
N ALA A 283 -27.96 -70.43 -87.38
CA ALA A 283 -28.75 -71.63 -87.31
C ALA A 283 -30.20 -71.36 -87.72
N ASN A 284 -30.72 -72.24 -88.59
CA ASN A 284 -32.10 -72.20 -89.09
C ASN A 284 -32.77 -73.51 -88.78
N PRO A 285 -33.75 -73.50 -87.87
CA PRO A 285 -34.42 -74.76 -87.52
C PRO A 285 -35.34 -75.32 -88.59
N LEU A 286 -35.62 -74.52 -89.61
CA LEU A 286 -36.50 -74.95 -90.68
C LEU A 286 -35.82 -75.26 -91.99
N ARG A 287 -34.49 -75.28 -92.02
CA ARG A 287 -33.76 -75.57 -93.25
C ARG A 287 -32.50 -76.34 -92.96
N THR A 288 -32.23 -77.39 -93.72
CA THR A 288 -30.97 -78.08 -93.53
C THR A 288 -30.17 -77.76 -94.78
N PRO A 289 -29.02 -77.13 -94.59
CA PRO A 289 -28.16 -76.77 -95.73
C PRO A 289 -27.96 -77.96 -96.65
N ALA A 290 -28.07 -77.71 -97.94
CA ALA A 290 -27.91 -78.75 -98.94
C ALA A 290 -26.53 -79.38 -98.92
N HIS A 291 -25.51 -78.63 -98.52
CA HIS A 291 -24.17 -79.20 -98.52
C HIS A 291 -23.64 -79.54 -97.15
N ILE A 292 -24.54 -79.84 -96.21
CA ILE A 292 -24.10 -80.18 -94.88
C ILE A 292 -23.11 -81.34 -94.89
N VAL A 293 -21.92 -81.09 -94.36
CA VAL A 293 -20.85 -82.08 -94.28
C VAL A 293 -20.22 -82.01 -92.89
N PRO A 294 -19.80 -83.15 -92.36
CA PRO A 294 -19.20 -83.05 -91.03
C PRO A 294 -17.78 -82.39 -91.03
N GLU A 295 -17.23 -82.25 -89.83
CA GLU A 295 -15.93 -81.65 -89.68
C GLU A 295 -15.00 -82.70 -90.22
N TRP A 296 -13.97 -82.29 -90.94
CA TRP A 296 -13.09 -83.30 -91.49
C TRP A 296 -12.67 -84.42 -90.54
N TYR A 297 -12.24 -84.10 -89.33
CA TYR A 297 -11.79 -85.16 -88.42
C TYR A 297 -12.88 -86.16 -88.03
N PHE A 298 -14.12 -85.92 -88.45
CA PHE A 298 -15.24 -86.85 -88.18
C PHE A 298 -15.64 -87.63 -89.43
N LEU A 299 -15.23 -87.13 -90.60
CA LEU A 299 -15.58 -87.76 -91.87
C LEU A 299 -15.45 -89.25 -91.95
N PRO A 300 -14.27 -89.81 -91.64
CA PRO A 300 -14.19 -91.27 -91.74
C PRO A 300 -15.28 -92.04 -90.99
N PHE A 301 -15.52 -91.73 -89.72
CA PHE A 301 -16.57 -92.44 -88.97
C PHE A 301 -17.96 -92.10 -89.50
N TYR A 302 -18.06 -91.02 -90.26
CA TYR A 302 -19.33 -90.60 -90.84
C TYR A 302 -19.54 -91.43 -92.10
N ALA A 303 -18.47 -91.64 -92.86
CA ALA A 303 -18.54 -92.44 -94.09
C ALA A 303 -19.09 -93.82 -93.72
N ILE A 304 -18.43 -94.46 -92.76
CA ILE A 304 -18.82 -95.76 -92.28
C ILE A 304 -20.28 -95.81 -91.87
N LEU A 305 -20.79 -94.77 -91.23
CA LEU A 305 -22.19 -94.83 -90.82
C LEU A 305 -23.16 -94.77 -91.99
N ARG A 306 -22.87 -93.99 -93.02
CA ARG A 306 -23.83 -93.96 -94.12
C ARG A 306 -23.60 -94.92 -95.29
N ALA A 307 -22.65 -95.84 -95.12
CA ALA A 307 -22.38 -96.85 -96.13
C ALA A 307 -23.54 -97.81 -95.98
N PHE A 308 -23.85 -98.16 -94.72
CA PHE A 308 -24.91 -99.08 -94.41
C PHE A 308 -26.32 -98.53 -94.49
N THR A 309 -26.89 -98.68 -95.68
CA THR A 309 -28.26 -98.28 -95.99
C THR A 309 -29.15 -99.53 -96.01
N ALA A 310 -30.46 -99.29 -96.06
CA ALA A 310 -31.49 -100.33 -96.04
C ALA A 310 -31.22 -101.52 -96.93
N ASP A 311 -30.61 -101.25 -98.06
CA ASP A 311 -30.35 -102.25 -99.07
C ASP A 311 -28.94 -102.81 -99.18
N VAL A 312 -28.27 -103.05 -98.06
CA VAL A 312 -26.92 -103.61 -98.08
C VAL A 312 -27.15 -105.02 -97.61
N TRP A 313 -26.55 -105.99 -98.29
CA TRP A 313 -26.84 -107.40 -97.93
C TRP A 313 -26.79 -107.76 -96.43
N VAL A 314 -25.70 -107.44 -95.75
CA VAL A 314 -25.65 -107.75 -94.31
C VAL A 314 -26.71 -106.99 -93.53
N VAL A 315 -26.94 -105.75 -93.90
CA VAL A 315 -27.92 -105.01 -93.17
C VAL A 315 -29.19 -105.82 -93.13
N GLN A 316 -29.60 -106.35 -94.28
CA GLN A 316 -30.82 -107.16 -94.36
C GLN A 316 -30.67 -108.47 -93.58
N ILE A 317 -29.61 -109.24 -93.88
CA ILE A 317 -29.35 -110.48 -93.15
C ILE A 317 -29.58 -110.15 -91.67
N ALA A 318 -28.88 -109.10 -91.23
CA ALA A 318 -28.93 -108.57 -89.88
C ALA A 318 -30.35 -108.24 -89.48
N ASN A 319 -31.02 -107.44 -90.28
CA ASN A 319 -32.36 -107.07 -89.92
C ASN A 319 -33.19 -108.33 -89.76
N PHE A 320 -33.01 -109.28 -90.67
CA PHE A 320 -33.79 -110.52 -90.62
C PHE A 320 -33.58 -111.30 -89.30
N ILE A 321 -32.38 -111.85 -89.10
CA ILE A 321 -32.08 -112.60 -87.90
C ILE A 321 -32.48 -111.81 -86.64
N SER A 322 -32.29 -110.49 -86.65
CA SER A 322 -32.62 -109.66 -85.48
C SER A 322 -34.08 -109.25 -85.38
N PHE A 323 -34.95 -110.02 -86.02
CA PHE A 323 -36.38 -109.73 -86.01
C PHE A 323 -36.75 -108.26 -86.11
N GLY A 324 -36.07 -107.56 -87.02
CA GLY A 324 -36.36 -106.16 -87.23
C GLY A 324 -35.58 -105.20 -86.35
N ILE A 325 -35.34 -105.59 -85.10
CA ILE A 325 -34.61 -104.74 -84.17
C ILE A 325 -33.39 -104.05 -84.74
N ILE A 326 -32.44 -104.80 -85.31
CA ILE A 326 -31.26 -104.17 -85.88
C ILE A 326 -31.50 -103.78 -87.32
N ASP A 327 -32.09 -102.61 -87.59
CA ASP A 327 -32.32 -102.22 -88.97
C ASP A 327 -31.18 -101.38 -89.50
N ALA A 328 -31.38 -100.72 -90.65
CA ALA A 328 -30.33 -99.93 -91.28
C ALA A 328 -29.79 -98.77 -90.43
N LYS A 329 -30.70 -97.99 -89.85
CA LYS A 329 -30.34 -96.84 -88.99
C LYS A 329 -29.42 -97.19 -87.84
N PHE A 330 -29.87 -98.14 -87.01
CA PHE A 330 -29.14 -98.60 -85.83
C PHE A 330 -27.90 -99.43 -86.17
N PHE A 331 -27.87 -99.96 -87.38
CA PHE A 331 -26.73 -100.75 -87.82
C PHE A 331 -25.59 -99.78 -88.07
N GLY A 332 -25.87 -98.69 -88.79
CA GLY A 332 -24.84 -97.67 -89.06
C GLY A 332 -24.27 -97.10 -87.78
N VAL A 333 -25.13 -96.97 -86.78
CA VAL A 333 -24.72 -96.47 -85.49
C VAL A 333 -23.76 -97.50 -84.91
N LEU A 334 -24.18 -98.76 -84.87
CA LEU A 334 -23.34 -99.82 -84.35
C LEU A 334 -22.07 -99.96 -85.18
N ALA A 335 -22.18 -99.73 -86.48
CA ALA A 335 -21.03 -99.85 -87.36
C ALA A 335 -19.96 -98.83 -87.02
N MET A 336 -20.40 -97.59 -86.81
CA MET A 336 -19.52 -96.48 -86.48
C MET A 336 -18.87 -96.64 -85.12
N PHE A 337 -19.67 -96.73 -84.08
CA PHE A 337 -19.11 -96.92 -82.75
C PHE A 337 -18.28 -98.20 -82.71
N GLY A 338 -18.69 -99.21 -83.46
CA GLY A 338 -17.94 -100.44 -83.50
C GLY A 338 -16.60 -100.25 -84.18
N ALA A 339 -16.53 -99.39 -85.20
CA ALA A 339 -15.27 -99.13 -85.88
C ALA A 339 -14.19 -98.62 -84.88
N ILE A 340 -14.66 -97.91 -83.84
CA ILE A 340 -13.78 -97.36 -82.80
C ILE A 340 -13.52 -98.45 -81.75
N LEU A 341 -14.57 -99.10 -81.27
CA LEU A 341 -14.43 -100.17 -80.28
C LEU A 341 -13.50 -101.28 -80.78
N VAL A 342 -13.51 -101.51 -82.09
CA VAL A 342 -12.66 -102.54 -82.68
C VAL A 342 -11.20 -102.15 -82.54
N MET A 343 -10.94 -100.86 -82.71
CA MET A 343 -9.60 -100.32 -82.60
C MET A 343 -9.13 -100.30 -81.17
N ALA A 344 -10.07 -100.23 -80.23
CA ALA A 344 -9.72 -100.22 -78.82
C ALA A 344 -9.31 -101.60 -78.35
N LEU A 345 -9.68 -102.61 -79.11
CA LEU A 345 -9.36 -103.98 -78.76
C LEU A 345 -8.14 -104.57 -79.45
N VAL A 346 -7.43 -103.77 -80.26
CA VAL A 346 -6.27 -104.27 -80.97
C VAL A 346 -5.30 -105.06 -80.12
N PRO A 347 -5.13 -104.70 -78.85
CA PRO A 347 -4.19 -105.47 -78.03
C PRO A 347 -4.57 -106.95 -77.93
N TRP A 348 -5.85 -107.25 -78.17
CA TRP A 348 -6.33 -108.64 -78.09
C TRP A 348 -6.76 -109.25 -79.44
N LEU A 349 -6.38 -108.64 -80.56
CA LEU A 349 -6.73 -109.19 -81.85
C LEU A 349 -5.45 -109.43 -82.60
N ASP A 350 -4.44 -108.60 -82.35
CA ASP A 350 -3.16 -108.79 -83.00
C ASP A 350 -2.43 -109.82 -82.17
N THR A 351 -2.46 -111.05 -82.66
CA THR A 351 -1.86 -112.20 -81.99
C THR A 351 -0.38 -112.43 -82.26
N SER A 352 0.21 -111.66 -83.17
CA SER A 352 1.62 -111.85 -83.44
C SER A 352 2.39 -111.37 -82.22
N PRO A 353 3.38 -112.17 -81.76
CA PRO A 353 4.17 -111.81 -80.59
C PRO A 353 5.30 -110.83 -80.93
N VAL A 354 5.49 -110.57 -82.23
CA VAL A 354 6.53 -109.63 -82.67
C VAL A 354 5.95 -108.25 -82.44
N ARG A 355 6.67 -107.41 -81.69
CA ARG A 355 6.19 -106.05 -81.41
C ARG A 355 6.21 -105.14 -82.65
N SER A 356 7.36 -104.55 -82.95
CA SER A 356 7.42 -103.65 -84.07
C SER A 356 7.02 -104.26 -85.39
N GLY A 357 6.17 -103.57 -86.12
CA GLY A 357 5.76 -104.07 -87.41
C GLY A 357 6.82 -103.80 -88.46
N ARG A 358 7.98 -103.34 -88.01
CA ARG A 358 9.06 -103.06 -88.94
C ARG A 358 9.64 -104.42 -89.34
N TYR A 359 9.33 -105.42 -88.53
CA TYR A 359 9.83 -106.79 -88.72
C TYR A 359 8.71 -107.79 -89.01
N ARG A 360 7.66 -107.33 -89.66
CA ARG A 360 6.52 -108.16 -90.01
C ARG A 360 6.20 -107.76 -91.43
N PRO A 361 6.91 -108.36 -92.40
CA PRO A 361 6.75 -108.08 -93.83
C PRO A 361 5.35 -108.25 -94.40
N MET A 362 4.56 -109.14 -93.81
CA MET A 362 3.21 -109.38 -94.28
C MET A 362 2.25 -108.32 -93.70
N PHE A 363 2.46 -108.01 -92.41
CA PHE A 363 1.69 -107.00 -91.69
C PHE A 363 1.85 -105.64 -92.40
N LYS A 364 3.07 -105.25 -92.70
CA LYS A 364 3.36 -103.96 -93.35
C LYS A 364 2.45 -103.64 -94.51
N ILE A 365 1.91 -104.66 -95.15
CA ILE A 365 1.05 -104.38 -96.29
C ILE A 365 -0.37 -104.10 -95.93
N TYR A 366 -0.91 -104.88 -95.01
CA TYR A 366 -2.29 -104.63 -94.62
C TYR A 366 -2.36 -103.33 -93.83
N PHE A 367 -1.27 -102.99 -93.15
CA PHE A 367 -1.22 -101.75 -92.39
C PHE A 367 -1.35 -100.55 -93.30
N TRP A 368 -0.48 -100.43 -94.29
CA TRP A 368 -0.56 -99.30 -95.20
C TRP A 368 -1.86 -99.24 -95.98
N LEU A 369 -2.57 -100.37 -96.03
CA LEU A 369 -3.86 -100.38 -96.72
C LEU A 369 -4.83 -99.73 -95.75
N LEU A 370 -4.68 -100.04 -94.48
CA LEU A 370 -5.52 -99.48 -93.44
C LEU A 370 -5.35 -97.96 -93.50
N ALA A 371 -4.08 -97.53 -93.54
CA ALA A 371 -3.77 -96.12 -93.61
C ALA A 371 -4.41 -95.53 -94.84
N ALA A 372 -4.21 -96.15 -96.00
CA ALA A 372 -4.82 -95.61 -97.21
C ALA A 372 -6.34 -95.62 -97.09
N ASP A 373 -6.89 -96.61 -96.38
CA ASP A 373 -8.34 -96.75 -96.20
C ASP A 373 -8.95 -95.60 -95.41
N PHE A 374 -8.23 -95.22 -94.36
CA PHE A 374 -8.62 -94.12 -93.48
C PHE A 374 -8.64 -92.80 -94.30
N VAL A 375 -7.62 -92.59 -95.13
CA VAL A 375 -7.59 -91.41 -95.97
C VAL A 375 -8.73 -91.43 -96.97
N ILE A 376 -8.99 -92.62 -97.55
CA ILE A 376 -10.06 -92.83 -98.54
C ILE A 376 -11.40 -92.62 -97.86
N LEU A 377 -11.56 -93.27 -96.71
CA LEU A 377 -12.77 -93.15 -95.91
C LEU A 377 -13.10 -91.68 -95.68
N THR A 378 -12.09 -90.93 -95.26
CA THR A 378 -12.21 -89.50 -95.02
C THR A 378 -12.67 -88.80 -96.30
N TRP A 379 -11.99 -89.12 -97.40
CA TRP A 379 -12.31 -88.51 -98.68
C TRP A 379 -13.74 -88.77 -99.13
N VAL A 380 -14.24 -89.97 -98.84
CA VAL A 380 -15.58 -90.35 -99.25
C VAL A 380 -16.68 -89.65 -98.47
N GLY A 381 -16.45 -89.44 -97.19
CA GLY A 381 -17.46 -88.80 -96.36
C GLY A 381 -17.87 -87.47 -96.95
N ALA A 382 -16.99 -86.92 -97.76
CA ALA A 382 -17.26 -85.64 -98.37
C ALA A 382 -17.92 -85.68 -99.75
N GLN A 383 -18.20 -86.86 -100.30
CA GLN A 383 -18.86 -86.97 -101.61
C GLN A 383 -20.35 -87.27 -101.42
N GLN A 384 -21.14 -87.31 -102.50
CA GLN A 384 -22.58 -87.62 -102.31
C GLN A 384 -22.70 -89.13 -102.18
N THR A 385 -23.92 -89.60 -101.87
CA THR A 385 -24.18 -91.04 -101.67
C THR A 385 -24.43 -91.84 -102.95
N THR A 386 -24.31 -91.15 -104.07
CA THR A 386 -24.51 -91.75 -105.38
C THR A 386 -23.38 -92.69 -105.74
N PHE A 387 -23.58 -93.45 -106.81
CA PHE A 387 -22.57 -94.39 -107.30
C PHE A 387 -21.42 -93.52 -107.86
N PRO A 388 -20.17 -93.95 -107.72
CA PRO A 388 -19.61 -95.17 -107.11
C PRO A 388 -19.23 -94.97 -105.65
N TYR A 389 -19.53 -93.82 -105.10
CA TYR A 389 -19.14 -93.53 -103.73
C TYR A 389 -19.73 -94.51 -102.72
N ASP A 390 -20.98 -94.90 -102.94
CA ASP A 390 -21.67 -95.85 -102.06
C ASP A 390 -20.93 -97.20 -101.99
N TRP A 391 -20.25 -97.53 -103.09
CA TRP A 391 -19.46 -98.76 -103.19
C TRP A 391 -18.11 -98.61 -102.53
N ILE A 392 -17.41 -97.54 -102.90
CA ILE A 392 -16.11 -97.23 -102.33
C ILE A 392 -16.23 -97.19 -100.81
N SER A 393 -17.28 -96.49 -100.33
CA SER A 393 -17.49 -96.37 -98.90
C SER A 393 -17.69 -97.74 -98.29
N LEU A 394 -18.41 -98.60 -99.01
CA LEU A 394 -18.67 -99.95 -98.53
C LEU A 394 -17.47 -100.86 -98.39
N ILE A 395 -16.67 -100.90 -99.44
CA ILE A 395 -15.45 -101.72 -99.45
C ILE A 395 -14.53 -101.18 -98.36
N ALA A 396 -14.46 -99.86 -98.24
CA ALA A 396 -13.60 -99.21 -97.27
C ALA A 396 -13.99 -99.59 -95.86
N SER A 397 -15.26 -99.40 -95.51
CA SER A 397 -15.75 -99.77 -94.19
C SER A 397 -15.41 -101.22 -93.96
N ALA A 398 -15.64 -102.03 -94.99
CA ALA A 398 -15.37 -103.46 -94.96
C ALA A 398 -13.89 -103.75 -94.60
N TYR A 399 -12.96 -103.12 -95.33
CA TYR A 399 -11.56 -103.37 -95.06
C TYR A 399 -11.16 -102.98 -93.64
N TRP A 400 -11.86 -102.00 -93.07
CA TRP A 400 -11.55 -101.58 -91.71
C TRP A 400 -11.80 -102.73 -90.73
N PHE A 401 -13.00 -103.28 -90.71
CA PHE A 401 -13.24 -104.37 -89.80
C PHE A 401 -12.43 -105.59 -90.19
N ALA A 402 -12.24 -105.75 -91.51
CA ALA A 402 -11.46 -106.87 -92.04
C ALA A 402 -10.11 -106.90 -91.35
N TYR A 403 -9.43 -105.74 -91.37
CA TYR A 403 -8.12 -105.57 -90.76
C TYR A 403 -8.06 -105.92 -89.26
N PHE A 404 -8.95 -105.39 -88.45
CA PHE A 404 -8.89 -105.72 -87.03
C PHE A 404 -9.48 -107.07 -86.64
N LEU A 405 -10.64 -107.42 -87.21
CA LEU A 405 -11.31 -108.66 -86.87
C LEU A 405 -10.84 -109.96 -87.49
N VAL A 406 -10.28 -109.88 -88.69
CA VAL A 406 -9.82 -111.08 -89.37
C VAL A 406 -8.32 -111.07 -89.63
N ILE A 407 -7.87 -110.17 -90.51
CA ILE A 407 -6.46 -110.08 -90.86
C ILE A 407 -5.43 -110.14 -89.73
N LEU A 408 -5.56 -109.25 -88.75
CA LEU A 408 -4.61 -109.26 -87.64
C LEU A 408 -4.55 -110.58 -86.89
N PRO A 409 -5.72 -111.16 -86.57
CA PRO A 409 -5.69 -112.44 -85.87
C PRO A 409 -4.98 -113.54 -86.70
N ILE A 410 -5.22 -113.53 -88.01
CA ILE A 410 -4.63 -114.53 -88.88
C ILE A 410 -3.13 -114.33 -89.11
N LEU A 411 -2.69 -113.11 -89.37
CA LEU A 411 -1.27 -112.84 -89.56
C LEU A 411 -0.50 -113.36 -88.35
N GLY A 412 -1.18 -113.32 -87.20
CA GLY A 412 -0.55 -113.77 -85.98
C GLY A 412 -0.04 -115.18 -86.09
N ALA A 413 -0.82 -116.03 -86.76
CA ALA A 413 -0.46 -117.43 -86.92
C ALA A 413 0.33 -117.73 -88.21
N ILE A 414 0.00 -117.06 -89.30
CA ILE A 414 0.69 -117.30 -90.57
C ILE A 414 2.07 -116.66 -90.63
N GLU A 415 2.12 -115.47 -91.21
CA GLU A 415 3.33 -114.68 -91.41
C GLU A 415 4.64 -115.12 -90.75
N LYS A 416 5.72 -115.04 -91.51
CA LYS A 416 7.05 -115.38 -91.03
C LYS A 416 7.78 -114.08 -90.73
N PRO A 417 7.95 -113.76 -89.42
CA PRO A 417 8.63 -112.56 -88.93
C PRO A 417 10.07 -112.41 -89.41
N VAL A 418 10.66 -111.24 -89.20
CA VAL A 418 12.05 -111.00 -89.59
C VAL A 418 12.86 -110.97 -88.31
N ALA A 419 14.18 -110.84 -88.46
CA ALA A 419 15.11 -110.80 -87.32
C ALA A 419 15.23 -109.41 -86.70
N PRO A 420 14.68 -109.22 -85.47
CA PRO A 420 14.76 -107.92 -84.81
C PRO A 420 16.06 -107.76 -84.05
N PRO A 421 16.72 -106.58 -84.16
CA PRO A 421 17.99 -106.34 -83.46
C PRO A 421 17.91 -106.90 -82.04
N ALA A 422 19.04 -107.31 -81.49
CA ALA A 422 19.02 -107.89 -80.15
C ALA A 422 19.01 -106.82 -79.06
N THR A 423 19.47 -105.62 -79.44
CA THR A 423 19.51 -104.49 -78.51
C THR A 423 19.24 -103.16 -79.21
N ILE A 424 18.69 -102.22 -78.45
CA ILE A 424 18.41 -100.90 -78.98
C ILE A 424 19.72 -100.28 -79.37
N GLU A 425 20.76 -100.60 -78.61
CA GLU A 425 22.11 -100.10 -78.86
C GLU A 425 22.57 -100.45 -80.26
N GLU A 426 22.55 -101.74 -80.57
CA GLU A 426 22.96 -102.23 -81.89
C GLU A 426 22.25 -101.48 -83.00
N ASP A 427 20.98 -101.16 -82.76
CA ASP A 427 20.18 -100.45 -83.76
C ASP A 427 20.55 -98.98 -83.88
N PHE A 428 20.78 -98.32 -82.75
CA PHE A 428 21.14 -96.91 -82.75
C PHE A 428 22.46 -96.71 -83.47
N ASN A 429 23.45 -97.51 -83.10
CA ASN A 429 24.79 -97.42 -83.68
C ASN A 429 24.74 -97.59 -85.20
N ALA A 430 23.84 -98.45 -85.66
CA ALA A 430 23.68 -98.69 -87.10
C ALA A 430 23.37 -97.40 -87.87
N ALA B 1 -27.78 -81.20 -103.59
CA ALA B 1 -26.34 -81.09 -103.93
C ALA B 1 -26.06 -79.99 -104.99
N GLY B 2 -24.79 -79.71 -105.25
CA GLY B 2 -24.44 -78.68 -106.22
C GLY B 2 -22.95 -78.52 -106.48
N GLY B 3 -22.59 -77.40 -107.11
CA GLY B 3 -21.20 -77.12 -107.43
C GLY B 3 -21.03 -76.50 -108.81
N GLY B 4 -20.89 -75.18 -108.89
CA GLY B 4 -20.73 -74.50 -110.16
C GLY B 4 -19.49 -73.62 -110.40
N HIS B 5 -19.58 -72.81 -111.45
CA HIS B 5 -18.51 -71.90 -111.89
C HIS B 5 -18.54 -70.49 -111.24
N VAL B 6 -17.34 -70.00 -110.91
CA VAL B 6 -17.14 -68.68 -110.29
C VAL B 6 -15.93 -67.98 -110.92
N GLU B 7 -16.12 -66.73 -111.33
CA GLU B 7 -15.08 -65.92 -111.96
C GLU B 7 -13.95 -65.59 -110.99
N ASP B 8 -12.74 -66.07 -111.26
CA ASP B 8 -11.59 -65.81 -110.38
C ASP B 8 -10.99 -64.40 -110.53
N VAL B 9 -11.56 -63.45 -109.78
CA VAL B 9 -11.12 -62.07 -109.82
C VAL B 9 -9.83 -61.94 -109.02
N PRO B 10 -8.94 -61.03 -109.46
CA PRO B 10 -7.67 -60.81 -108.75
C PRO B 10 -7.86 -59.66 -107.77
N PHE B 11 -8.37 -59.98 -106.59
CA PHE B 11 -8.59 -58.97 -105.56
C PHE B 11 -7.27 -58.53 -104.91
N SER B 12 -7.23 -57.30 -104.45
CA SER B 12 -6.05 -56.73 -103.83
C SER B 12 -5.67 -57.43 -102.55
N PHE B 13 -6.68 -57.87 -101.81
CA PHE B 13 -6.49 -58.56 -100.53
C PHE B 13 -6.15 -60.03 -100.63
N GLU B 14 -6.36 -60.63 -101.78
CA GLU B 14 -6.04 -62.04 -102.05
C GLU B 14 -4.50 -62.10 -101.98
N GLY B 15 -3.96 -63.05 -101.22
CA GLY B 15 -2.51 -63.14 -101.10
C GLY B 15 -2.03 -62.95 -99.66
N PRO B 16 -0.89 -63.52 -99.27
CA PRO B 16 -0.40 -63.35 -97.89
C PRO B 16 0.02 -61.91 -97.56
N PHE B 17 0.33 -61.14 -98.60
CA PHE B 17 0.73 -59.75 -98.44
C PHE B 17 -0.41 -58.88 -98.95
N GLY B 18 -1.58 -59.49 -99.11
CA GLY B 18 -2.74 -58.77 -99.59
C GLY B 18 -3.23 -57.74 -98.61
N THR B 19 -3.84 -56.69 -99.11
CA THR B 19 -4.35 -55.63 -98.26
C THR B 19 -5.54 -55.00 -98.94
N PHE B 20 -6.52 -54.58 -98.16
CA PHE B 20 -7.69 -53.94 -98.74
C PHE B 20 -7.28 -52.62 -99.41
N ASP B 21 -8.08 -52.18 -100.37
CA ASP B 21 -7.82 -50.92 -101.05
C ASP B 21 -8.78 -49.96 -100.37
N GLN B 22 -8.22 -49.04 -99.59
CA GLN B 22 -9.05 -48.10 -98.88
C GLN B 22 -10.14 -47.45 -99.73
N HIS B 23 -9.85 -47.21 -100.99
CA HIS B 23 -10.85 -46.59 -101.85
C HIS B 23 -11.92 -47.55 -102.36
N GLN B 24 -11.53 -48.77 -102.72
CA GLN B 24 -12.49 -49.76 -103.20
C GLN B 24 -13.58 -49.81 -102.16
N LEU B 25 -13.16 -50.19 -100.95
CA LEU B 25 -14.04 -50.33 -99.81
C LEU B 25 -14.97 -49.14 -99.71
N GLN B 26 -14.39 -47.95 -99.93
CA GLN B 26 -15.14 -46.70 -99.89
C GLN B 26 -16.23 -46.73 -100.97
N ARG B 27 -15.84 -47.08 -102.20
CA ARG B 27 -16.76 -47.16 -103.33
C ARG B 27 -17.82 -48.23 -103.02
N GLY B 28 -17.32 -49.41 -102.67
CA GLY B 28 -18.18 -50.53 -102.33
C GLY B 28 -19.23 -50.10 -101.34
N LEU B 29 -18.79 -49.39 -100.29
CA LEU B 29 -19.72 -48.90 -99.28
C LEU B 29 -20.82 -48.05 -99.93
N GLN B 30 -20.48 -47.32 -100.97
CA GLN B 30 -21.46 -46.49 -101.62
C GLN B 30 -22.48 -47.34 -102.38
N VAL B 31 -21.97 -48.37 -103.05
CA VAL B 31 -22.84 -49.26 -103.80
C VAL B 31 -23.76 -49.97 -102.82
N TYR B 32 -23.19 -50.52 -101.75
CA TYR B 32 -24.00 -51.20 -100.75
C TYR B 32 -25.11 -50.27 -100.22
N THR B 33 -24.80 -49.00 -100.04
CA THR B 33 -25.75 -48.04 -99.50
C THR B 33 -26.80 -47.59 -100.46
N GLU B 34 -26.41 -47.40 -101.71
CA GLU B 34 -27.30 -46.93 -102.76
C GLU B 34 -28.06 -48.00 -103.53
N VAL B 35 -27.64 -49.25 -103.40
CA VAL B 35 -28.30 -50.33 -104.13
C VAL B 35 -28.73 -51.52 -103.28
N CYS B 36 -27.74 -52.21 -102.71
CA CYS B 36 -27.97 -53.40 -101.90
C CYS B 36 -28.81 -53.11 -100.68
N ALA B 37 -28.35 -52.14 -99.89
CA ALA B 37 -28.99 -51.75 -98.64
C ALA B 37 -30.50 -51.73 -98.73
N ALA B 38 -31.00 -51.45 -99.93
CA ALA B 38 -32.43 -51.41 -100.20
C ALA B 38 -33.18 -52.65 -99.66
N CYS B 39 -32.55 -53.82 -99.80
CA CYS B 39 -33.12 -55.10 -99.35
C CYS B 39 -32.25 -55.82 -98.31
N HIS B 40 -30.95 -55.83 -98.51
CA HIS B 40 -30.05 -56.50 -97.58
C HIS B 40 -29.67 -55.65 -96.40
N GLY B 41 -29.43 -56.31 -95.27
CA GLY B 41 -28.99 -55.64 -94.06
C GLY B 41 -27.55 -56.08 -93.79
N MET B 42 -26.99 -55.67 -92.66
CA MET B 42 -25.63 -56.06 -92.29
C MET B 42 -25.53 -56.07 -90.76
N LYS B 43 -26.62 -56.44 -90.13
CA LYS B 43 -26.78 -56.54 -88.70
C LYS B 43 -25.63 -57.00 -87.78
N PHE B 44 -24.50 -57.45 -88.30
CA PHE B 44 -23.39 -57.82 -87.42
C PHE B 44 -22.25 -56.80 -87.54
N VAL B 45 -22.45 -55.82 -88.40
CA VAL B 45 -21.45 -54.80 -88.64
C VAL B 45 -21.82 -53.48 -87.98
N PRO B 46 -21.04 -53.09 -86.97
CA PRO B 46 -21.27 -51.83 -86.24
C PRO B 46 -20.85 -50.68 -87.16
N ILE B 47 -21.73 -49.70 -87.36
CA ILE B 47 -21.40 -48.61 -88.27
C ILE B 47 -20.07 -47.95 -87.98
N ARG B 48 -19.74 -47.83 -86.70
CA ARG B 48 -18.49 -47.22 -86.29
C ARG B 48 -17.26 -47.94 -86.80
N SER B 49 -17.42 -49.15 -87.33
CA SER B 49 -16.24 -49.85 -87.82
C SER B 49 -15.77 -49.21 -89.12
N LEU B 50 -16.62 -48.35 -89.69
CA LEU B 50 -16.28 -47.67 -90.91
C LEU B 50 -15.07 -46.79 -90.67
N SER B 51 -14.91 -46.35 -89.41
CA SER B 51 -13.80 -45.48 -88.97
C SER B 51 -12.53 -46.28 -88.65
N GLU B 52 -12.74 -47.46 -88.07
CA GLU B 52 -11.65 -48.37 -87.69
C GLU B 52 -10.66 -48.52 -88.82
N PRO B 53 -9.38 -48.62 -88.48
CA PRO B 53 -8.27 -48.77 -89.41
C PRO B 53 -8.28 -50.13 -90.08
N GLY B 54 -7.74 -50.18 -91.30
CA GLY B 54 -7.69 -51.43 -92.05
C GLY B 54 -8.93 -51.68 -92.86
N GLY B 55 -9.63 -50.61 -93.19
CA GLY B 55 -10.85 -50.74 -93.97
C GLY B 55 -11.17 -49.47 -94.72
N PRO B 56 -12.45 -49.07 -94.78
CA PRO B 56 -12.84 -47.86 -95.49
C PRO B 56 -12.15 -46.66 -94.86
N GLU B 57 -11.97 -46.73 -93.55
CA GLU B 57 -11.34 -45.67 -92.77
C GLU B 57 -11.87 -44.27 -92.99
N LEU B 58 -13.18 -44.09 -92.86
CA LEU B 58 -13.75 -42.76 -93.02
C LEU B 58 -13.60 -42.02 -91.70
N PRO B 59 -13.50 -40.68 -91.74
CA PRO B 59 -13.36 -39.88 -90.52
C PRO B 59 -14.69 -39.83 -89.75
N GLU B 60 -14.60 -39.92 -88.42
CA GLU B 60 -15.77 -39.95 -87.55
C GLU B 60 -16.91 -39.03 -87.89
N ASP B 61 -16.59 -37.80 -88.27
CA ASP B 61 -17.63 -36.86 -88.60
C ASP B 61 -18.53 -37.37 -89.73
N GLN B 62 -17.91 -38.03 -90.72
CA GLN B 62 -18.63 -38.59 -91.86
C GLN B 62 -19.44 -39.78 -91.36
N VAL B 63 -18.72 -40.72 -90.76
CA VAL B 63 -19.32 -41.91 -90.19
C VAL B 63 -20.51 -41.53 -89.32
N ARG B 64 -20.33 -40.49 -88.51
CA ARG B 64 -21.39 -40.02 -87.63
C ARG B 64 -22.58 -39.51 -88.45
N ALA B 65 -22.25 -38.84 -89.56
CA ALA B 65 -23.23 -38.27 -90.45
C ALA B 65 -23.97 -39.40 -91.15
N TYR B 66 -23.19 -40.33 -91.67
CA TYR B 66 -23.72 -41.50 -92.37
C TYR B 66 -24.76 -42.17 -91.51
N ALA B 67 -24.33 -42.63 -90.34
CA ALA B 67 -25.18 -43.34 -89.40
C ALA B 67 -26.51 -42.64 -89.17
N THR B 68 -26.60 -41.40 -89.62
CA THR B 68 -27.82 -40.61 -89.42
C THR B 68 -28.99 -41.00 -90.29
N GLN B 69 -28.72 -41.50 -91.49
CA GLN B 69 -29.79 -41.89 -92.40
C GLN B 69 -30.72 -43.00 -91.85
N PHE B 70 -30.16 -43.90 -91.05
CA PHE B 70 -30.89 -45.03 -90.48
C PHE B 70 -31.85 -44.62 -89.38
N THR B 71 -33.00 -45.26 -89.35
CA THR B 71 -33.98 -44.99 -88.31
C THR B 71 -33.96 -46.20 -87.36
N VAL B 72 -33.22 -46.07 -86.27
CA VAL B 72 -33.08 -47.13 -85.27
C VAL B 72 -34.07 -46.96 -84.14
N THR B 73 -34.38 -48.05 -83.46
CA THR B 73 -35.32 -48.01 -82.33
C THR B 73 -34.46 -48.17 -81.09
N ASP B 74 -34.35 -47.11 -80.29
CA ASP B 74 -33.53 -47.14 -79.08
C ASP B 74 -34.05 -48.18 -78.08
N GLU B 75 -33.15 -49.02 -77.58
CA GLU B 75 -33.52 -50.09 -76.65
C GLU B 75 -34.07 -49.65 -75.31
N GLU B 76 -33.60 -48.52 -74.80
CA GLU B 76 -34.06 -47.99 -73.52
C GLU B 76 -35.40 -47.28 -73.65
N THR B 77 -35.46 -46.30 -74.55
CA THR B 77 -36.70 -45.55 -74.78
C THR B 77 -37.79 -46.38 -75.49
N GLY B 78 -37.44 -46.99 -76.62
CA GLY B 78 -38.41 -47.79 -77.36
C GLY B 78 -38.87 -47.01 -78.57
N GLU B 79 -38.63 -45.71 -78.53
CA GLU B 79 -39.00 -44.81 -79.61
C GLU B 79 -37.82 -44.65 -80.55
N ASP B 80 -38.14 -44.35 -81.80
CA ASP B 80 -37.15 -44.19 -82.85
C ASP B 80 -36.26 -42.96 -82.70
N ARG B 81 -35.18 -42.93 -83.49
CA ARG B 81 -34.21 -41.82 -83.47
C ARG B 81 -33.20 -41.90 -84.62
N GLU B 82 -32.33 -40.90 -84.72
CA GLU B 82 -31.29 -40.89 -85.75
C GLU B 82 -30.30 -41.99 -85.37
N GLY B 83 -29.55 -42.51 -86.34
CA GLY B 83 -28.62 -43.57 -86.02
C GLY B 83 -27.27 -43.08 -85.58
N LYS B 84 -26.80 -43.59 -84.45
CA LYS B 84 -25.48 -43.21 -83.94
C LYS B 84 -24.49 -44.15 -84.60
N PRO B 85 -23.20 -43.80 -84.63
CA PRO B 85 -22.29 -44.73 -85.27
C PRO B 85 -22.00 -45.94 -84.38
N THR B 86 -22.62 -45.96 -83.21
CA THR B 86 -22.44 -47.08 -82.29
C THR B 86 -23.52 -48.11 -82.56
N ASP B 87 -24.27 -47.87 -83.63
CA ASP B 87 -25.36 -48.74 -84.06
C ASP B 87 -24.89 -49.68 -85.18
N HIS B 88 -25.60 -50.80 -85.31
CA HIS B 88 -25.28 -51.78 -86.33
C HIS B 88 -26.14 -51.45 -87.54
N PHE B 89 -25.60 -51.69 -88.74
CA PHE B 89 -26.42 -51.45 -89.92
C PHE B 89 -27.72 -52.19 -89.67
N PRO B 90 -28.82 -51.76 -90.30
CA PRO B 90 -30.11 -52.42 -90.08
C PRO B 90 -30.19 -53.90 -90.50
N HIS B 91 -31.32 -54.53 -90.22
CA HIS B 91 -31.51 -55.92 -90.65
C HIS B 91 -31.87 -55.83 -92.11
N SER B 92 -32.01 -56.95 -92.78
CA SER B 92 -32.39 -56.89 -94.17
C SER B 92 -33.81 -56.32 -94.23
N ALA B 93 -33.98 -55.29 -95.05
CA ALA B 93 -35.29 -54.65 -95.23
C ALA B 93 -36.29 -55.63 -95.86
N LEU B 94 -35.85 -56.30 -96.93
CA LEU B 94 -36.64 -57.30 -97.67
C LEU B 94 -36.49 -58.64 -96.96
N GLU B 95 -37.53 -59.03 -96.24
CA GLU B 95 -37.55 -60.24 -95.45
C GLU B 95 -36.87 -61.53 -95.93
N ASN B 96 -36.79 -61.76 -97.23
CA ASN B 96 -36.15 -62.98 -97.70
C ASN B 96 -34.78 -62.69 -98.33
N ALA B 97 -34.28 -61.48 -98.09
CA ALA B 97 -32.97 -61.07 -98.58
C ALA B 97 -32.02 -61.46 -97.45
N PRO B 98 -30.98 -62.23 -97.76
CA PRO B 98 -30.08 -62.61 -96.69
C PRO B 98 -29.19 -61.45 -96.19
N ASP B 99 -28.75 -61.58 -94.96
CA ASP B 99 -27.87 -60.60 -94.35
C ASP B 99 -26.52 -60.67 -95.08
N LEU B 100 -25.88 -59.55 -95.36
CA LEU B 100 -24.61 -59.61 -96.07
C LEU B 100 -23.36 -59.54 -95.18
N SER B 101 -23.59 -59.42 -93.87
CA SER B 101 -22.50 -59.33 -92.88
C SER B 101 -21.37 -60.34 -93.08
N LEU B 102 -21.77 -61.59 -93.24
CA LEU B 102 -20.83 -62.70 -93.39
C LEU B 102 -20.85 -63.40 -94.76
N MET B 103 -21.38 -62.75 -95.80
CA MET B 103 -21.51 -63.42 -97.10
C MET B 103 -20.22 -63.86 -97.71
N ALA B 104 -19.24 -62.99 -97.79
CA ALA B 104 -17.99 -63.43 -98.42
C ALA B 104 -17.32 -64.58 -97.66
N LYS B 105 -17.87 -64.96 -96.54
CA LYS B 105 -17.25 -66.01 -95.75
C LYS B 105 -18.14 -67.23 -95.76
N ALA B 106 -19.43 -66.99 -95.98
CA ALA B 106 -20.42 -68.05 -95.97
C ALA B 106 -20.68 -68.57 -97.34
N ARG B 107 -19.68 -68.50 -98.21
CA ARG B 107 -19.85 -69.00 -99.57
C ARG B 107 -18.55 -69.52 -100.13
N ALA B 108 -18.64 -70.59 -100.91
CA ALA B 108 -17.45 -71.13 -101.54
C ALA B 108 -17.57 -70.92 -103.07
N GLY B 109 -16.46 -70.55 -103.71
CA GLY B 109 -16.47 -70.32 -105.14
C GLY B 109 -15.54 -71.26 -105.83
N PHE B 110 -14.66 -71.87 -105.04
CA PHE B 110 -13.70 -72.82 -105.57
C PHE B 110 -13.87 -74.13 -104.82
N HIS B 111 -14.42 -75.11 -105.52
CA HIS B 111 -14.66 -76.42 -104.95
C HIS B 111 -13.56 -77.39 -105.45
N GLY B 112 -12.83 -77.99 -104.51
CA GLY B 112 -11.76 -78.92 -104.88
C GLY B 112 -12.04 -79.76 -106.12
N PRO B 113 -11.00 -80.22 -106.84
CA PRO B 113 -11.13 -81.04 -108.06
C PRO B 113 -11.90 -82.36 -107.92
N MET B 114 -11.21 -83.42 -107.53
CA MET B 114 -11.84 -84.73 -107.37
C MET B 114 -12.69 -84.75 -106.09
N GLY B 115 -13.01 -83.56 -105.58
CA GLY B 115 -13.76 -83.46 -104.34
C GLY B 115 -12.70 -83.56 -103.26
N THR B 116 -11.46 -83.28 -103.68
CA THR B 116 -10.27 -83.31 -102.82
C THR B 116 -9.91 -81.96 -102.17
N GLY B 117 -10.68 -80.93 -102.49
CA GLY B 117 -10.45 -79.60 -101.93
C GLY B 117 -9.08 -78.99 -102.21
N ILE B 118 -8.39 -79.48 -103.23
CA ILE B 118 -7.07 -78.96 -103.57
C ILE B 118 -7.24 -77.70 -104.42
N SER B 119 -8.42 -77.47 -104.94
CA SER B 119 -8.69 -76.27 -105.74
C SER B 119 -8.92 -75.08 -104.82
N GLN B 120 -9.45 -75.38 -103.63
CA GLN B 120 -9.74 -74.37 -102.63
C GLN B 120 -8.45 -73.97 -101.90
N LEU B 121 -7.54 -74.93 -101.77
CA LEU B 121 -6.26 -74.73 -101.09
C LEU B 121 -5.41 -73.73 -101.82
N PHE B 122 -5.54 -73.67 -103.15
CA PHE B 122 -4.74 -72.77 -103.97
C PHE B 122 -5.47 -71.52 -104.48
N ASN B 123 -6.78 -71.44 -104.26
CA ASN B 123 -7.55 -70.28 -104.74
C ASN B 123 -8.40 -69.59 -103.68
N GLY B 124 -8.35 -70.14 -102.47
CA GLY B 124 -9.12 -69.59 -101.36
C GLY B 124 -10.51 -70.15 -101.40
N ILE B 125 -11.37 -69.68 -100.51
CA ILE B 125 -12.73 -70.20 -100.51
C ILE B 125 -13.60 -69.43 -101.52
N GLY B 126 -13.00 -68.42 -102.16
CA GLY B 126 -13.66 -67.62 -103.18
C GLY B 126 -15.02 -67.01 -102.91
N GLY B 127 -15.25 -66.59 -101.67
CA GLY B 127 -16.53 -66.00 -101.35
C GLY B 127 -16.80 -64.68 -102.04
N PRO B 128 -15.84 -63.75 -102.04
CA PRO B 128 -16.04 -62.45 -102.68
C PRO B 128 -16.21 -62.68 -104.18
N GLU B 129 -15.38 -63.58 -104.70
CA GLU B 129 -15.38 -63.95 -106.11
C GLU B 129 -16.73 -64.57 -106.52
N TYR B 130 -17.36 -65.31 -105.61
CA TYR B 130 -18.70 -65.87 -105.85
C TYR B 130 -19.72 -64.73 -105.85
N ILE B 131 -19.71 -63.88 -104.83
CA ILE B 131 -20.65 -62.76 -104.79
C ILE B 131 -20.48 -61.89 -106.05
N TYR B 132 -19.25 -61.80 -106.52
CA TYR B 132 -18.94 -61.03 -107.70
C TYR B 132 -19.74 -61.58 -108.86
N SER B 133 -19.56 -62.89 -109.08
CA SER B 133 -20.23 -63.63 -110.16
C SER B 133 -21.75 -63.55 -110.09
N VAL B 134 -22.32 -63.72 -108.91
CA VAL B 134 -23.75 -63.64 -108.79
C VAL B 134 -24.27 -62.29 -109.26
N LEU B 135 -23.46 -61.25 -109.14
CA LEU B 135 -23.89 -59.91 -109.53
C LEU B 135 -23.78 -59.69 -111.03
N THR B 136 -22.66 -60.16 -111.58
CA THR B 136 -22.34 -60.06 -112.99
C THR B 136 -22.79 -61.33 -113.69
N GLY B 137 -23.82 -61.99 -113.14
CA GLY B 137 -24.29 -63.23 -113.71
C GLY B 137 -25.73 -63.27 -114.16
N PHE B 138 -26.34 -62.08 -114.32
CA PHE B 138 -27.71 -61.97 -114.76
C PHE B 138 -27.71 -61.71 -116.23
N PRO B 139 -27.95 -62.75 -117.05
CA PRO B 139 -27.95 -62.52 -118.48
C PRO B 139 -29.32 -61.95 -118.83
N GLU B 140 -29.38 -61.26 -119.97
CA GLU B 140 -30.59 -60.62 -120.47
C GLU B 140 -31.69 -61.63 -120.89
N GLU B 141 -31.27 -62.77 -121.44
CA GLU B 141 -32.14 -63.86 -121.94
C GLU B 141 -31.97 -65.22 -121.24
N PRO B 142 -33.07 -65.83 -120.78
CA PRO B 142 -32.93 -67.12 -120.12
C PRO B 142 -32.36 -68.06 -121.16
N PRO B 143 -31.88 -69.24 -120.75
CA PRO B 143 -31.34 -70.17 -121.76
C PRO B 143 -32.55 -70.69 -122.54
N LYS B 144 -32.46 -70.75 -123.88
CA LYS B 144 -33.57 -71.22 -124.70
C LYS B 144 -34.37 -72.35 -124.03
N CYS B 145 -33.69 -73.20 -123.27
CA CYS B 145 -34.35 -74.28 -122.57
C CYS B 145 -35.62 -73.78 -121.86
N ALA B 146 -35.43 -73.02 -120.79
CA ALA B 146 -36.52 -72.50 -119.98
C ALA B 146 -37.47 -71.52 -120.64
N GLU B 147 -37.38 -71.35 -121.96
CA GLU B 147 -38.26 -70.40 -122.64
C GLU B 147 -39.71 -70.73 -122.31
N GLY B 148 -40.39 -69.78 -121.66
CA GLY B 148 -41.78 -69.97 -121.29
C GLY B 148 -42.00 -70.68 -119.96
N HIS B 149 -41.07 -71.55 -119.57
CA HIS B 149 -41.17 -72.32 -118.31
C HIS B 149 -40.38 -71.63 -117.18
N GLU B 150 -40.27 -70.30 -117.26
CA GLU B 150 -39.53 -69.50 -116.27
C GLU B 150 -40.36 -69.28 -114.99
N PRO B 151 -40.01 -69.94 -113.87
CA PRO B 151 -40.79 -69.71 -112.64
C PRO B 151 -40.97 -68.20 -112.49
N ASP B 152 -42.13 -67.76 -112.04
CA ASP B 152 -42.36 -66.33 -111.92
C ASP B 152 -41.92 -65.69 -110.63
N GLY B 153 -41.16 -64.62 -110.79
CA GLY B 153 -40.62 -63.90 -109.66
C GLY B 153 -39.16 -64.29 -109.54
N PHE B 154 -38.66 -65.08 -110.49
CA PHE B 154 -37.25 -65.49 -110.43
C PHE B 154 -36.53 -65.10 -111.69
N TYR B 155 -35.20 -65.07 -111.62
CA TYR B 155 -34.39 -64.65 -112.75
C TYR B 155 -33.23 -65.61 -112.88
N TYR B 156 -32.86 -65.91 -114.11
CA TYR B 156 -31.76 -66.84 -114.30
C TYR B 156 -30.47 -66.16 -113.91
N ASN B 157 -29.60 -66.97 -113.31
CA ASN B 157 -28.31 -66.49 -112.90
C ASN B 157 -27.27 -67.56 -113.21
N ARG B 158 -26.27 -67.16 -113.97
CA ARG B 158 -25.21 -68.03 -114.40
C ARG B 158 -24.32 -68.65 -113.31
N ALA B 159 -24.28 -68.02 -112.14
CA ALA B 159 -23.43 -68.49 -111.05
C ALA B 159 -24.18 -69.11 -109.88
N PHE B 160 -25.38 -68.62 -109.63
CA PHE B 160 -26.20 -69.11 -108.54
C PHE B 160 -26.41 -70.59 -108.75
N GLN B 161 -26.36 -71.38 -107.68
CA GLN B 161 -26.51 -72.81 -107.85
C GLN B 161 -27.62 -73.49 -107.10
N ASN B 162 -28.15 -72.83 -106.07
CA ASN B 162 -29.18 -73.45 -105.25
C ASN B 162 -30.59 -73.01 -105.53
N GLY B 163 -30.82 -72.58 -106.77
CA GLY B 163 -32.15 -72.14 -107.13
C GLY B 163 -32.95 -73.23 -107.81
N SER B 164 -34.20 -72.94 -108.13
CA SER B 164 -35.07 -73.91 -108.82
C SER B 164 -34.83 -73.84 -110.33
N VAL B 165 -34.99 -74.96 -111.01
CA VAL B 165 -34.80 -75.02 -112.46
C VAL B 165 -36.01 -75.69 -113.13
N PRO B 166 -36.52 -75.09 -114.22
CA PRO B 166 -37.67 -75.61 -114.97
C PRO B 166 -37.49 -77.09 -115.28
N ASP B 167 -38.61 -77.83 -115.30
CA ASP B 167 -38.58 -79.26 -115.59
C ASP B 167 -37.88 -79.53 -116.91
N THR B 168 -38.09 -78.61 -117.84
CA THR B 168 -37.51 -78.71 -119.18
C THR B 168 -35.98 -78.60 -119.26
N CYS B 169 -35.32 -78.23 -118.16
CA CYS B 169 -33.87 -78.11 -118.17
C CYS B 169 -33.21 -79.15 -117.27
N LYS B 170 -33.92 -80.22 -116.99
CA LYS B 170 -33.36 -81.29 -116.18
C LYS B 170 -33.17 -82.41 -117.18
N ASP B 171 -32.06 -83.13 -117.09
CA ASP B 171 -31.85 -84.24 -118.02
C ASP B 171 -32.56 -85.51 -117.58
N ALA B 172 -32.16 -86.63 -118.16
CA ALA B 172 -32.73 -87.95 -117.87
C ALA B 172 -32.82 -88.34 -116.39
N ASN B 173 -31.88 -87.86 -115.59
CA ASN B 173 -31.85 -88.20 -114.17
C ASN B 173 -32.34 -87.17 -113.18
N GLY B 174 -32.61 -85.96 -113.66
CA GLY B 174 -33.08 -84.90 -112.76
C GLY B 174 -32.08 -83.76 -112.67
N VAL B 175 -30.81 -84.08 -112.94
CA VAL B 175 -29.71 -83.10 -112.94
C VAL B 175 -30.06 -81.94 -113.86
N LYS B 176 -29.77 -80.71 -113.43
CA LYS B 176 -30.08 -79.59 -114.30
C LYS B 176 -29.02 -79.54 -115.41
N THR B 177 -29.41 -78.98 -116.55
CA THR B 177 -28.55 -78.85 -117.73
C THR B 177 -27.98 -77.42 -117.83
N THR B 178 -28.64 -76.46 -117.17
CA THR B 178 -28.25 -75.02 -117.15
C THR B 178 -27.07 -74.76 -116.20
N ALA B 179 -26.09 -73.98 -116.65
CA ALA B 179 -24.91 -73.65 -115.84
C ALA B 179 -25.30 -73.09 -114.47
N GLY B 180 -26.38 -72.29 -114.43
CA GLY B 180 -26.83 -71.70 -113.19
C GLY B 180 -28.23 -72.13 -112.80
N SER B 181 -29.00 -71.22 -112.21
CA SER B 181 -30.33 -71.59 -111.81
C SER B 181 -31.13 -70.36 -111.53
N TRP B 182 -32.34 -70.55 -111.03
CA TRP B 182 -33.23 -69.42 -110.81
C TRP B 182 -33.23 -68.78 -109.40
N ILE B 183 -32.74 -67.53 -109.33
CA ILE B 183 -32.64 -66.71 -108.08
C ILE B 183 -33.93 -65.89 -107.88
N ALA B 184 -34.17 -65.33 -106.68
CA ALA B 184 -35.36 -64.49 -106.44
C ALA B 184 -34.92 -63.03 -106.38
N MET B 185 -33.64 -62.80 -106.66
CA MET B 185 -33.06 -61.45 -106.64
C MET B 185 -32.94 -60.81 -108.01
N PRO B 186 -33.88 -59.92 -108.36
CA PRO B 186 -33.83 -59.26 -109.66
C PRO B 186 -32.48 -58.56 -109.81
N PRO B 187 -31.79 -58.77 -110.95
CA PRO B 187 -30.49 -58.15 -111.17
C PRO B 187 -30.51 -56.71 -110.67
N PRO B 188 -29.74 -56.39 -109.61
CA PRO B 188 -29.68 -55.04 -109.04
C PRO B 188 -28.78 -54.03 -109.77
N LEU B 189 -27.67 -54.48 -110.36
CA LEU B 189 -26.80 -53.55 -111.07
C LEU B 189 -27.20 -53.33 -112.54
N MET B 190 -26.72 -52.22 -113.10
CA MET B 190 -26.94 -51.81 -114.49
C MET B 190 -26.00 -50.60 -114.58
N ASP B 191 -25.17 -50.56 -115.62
CA ASP B 191 -24.17 -49.49 -115.78
C ASP B 191 -24.50 -48.10 -115.24
N ASP B 192 -23.54 -47.56 -114.48
CA ASP B 192 -23.63 -46.25 -113.87
C ASP B 192 -24.92 -45.96 -113.10
N LEU B 193 -25.25 -46.85 -112.18
CA LEU B 193 -26.44 -46.74 -111.32
C LEU B 193 -25.97 -45.94 -110.11
N VAL B 194 -24.65 -45.84 -109.99
CA VAL B 194 -24.01 -45.14 -108.90
C VAL B 194 -22.93 -44.24 -109.51
N GLU B 195 -22.79 -43.04 -108.95
CA GLU B 195 -21.80 -42.07 -109.40
C GLU B 195 -20.74 -41.82 -108.37
N TYR B 196 -19.58 -42.42 -108.57
CA TYR B 196 -18.48 -42.23 -107.64
C TYR B 196 -17.98 -40.80 -107.80
N ALA B 197 -17.69 -40.14 -106.69
CA ALA B 197 -17.20 -38.77 -106.71
C ALA B 197 -16.13 -38.49 -107.77
N ASP B 198 -15.02 -39.21 -107.66
CA ASP B 198 -13.90 -39.06 -108.58
C ASP B 198 -14.12 -39.56 -110.00
N GLY B 199 -15.36 -39.84 -110.37
CA GLY B 199 -15.66 -40.31 -111.72
C GLY B 199 -15.33 -41.76 -112.08
N HIS B 200 -14.58 -42.45 -111.22
CA HIS B 200 -14.21 -43.85 -111.43
C HIS B 200 -15.39 -44.59 -112.07
N ASP B 201 -15.13 -45.35 -113.13
CA ASP B 201 -16.21 -46.04 -113.86
C ASP B 201 -17.19 -46.85 -113.02
N ALA B 202 -18.46 -46.73 -113.38
CA ALA B 202 -19.53 -47.43 -112.70
C ALA B 202 -20.08 -48.53 -113.59
N SER B 203 -19.19 -49.24 -114.26
CA SER B 203 -19.62 -50.34 -115.13
C SER B 203 -20.07 -51.44 -114.17
N VAL B 204 -21.16 -52.13 -114.49
CA VAL B 204 -21.64 -53.20 -113.61
C VAL B 204 -20.47 -54.13 -113.27
N HIS B 205 -19.43 -54.14 -114.09
CA HIS B 205 -18.27 -54.97 -113.81
C HIS B 205 -17.54 -54.45 -112.59
N ALA B 206 -17.22 -53.14 -112.58
CA ALA B 206 -16.49 -52.49 -111.48
C ALA B 206 -17.30 -52.42 -110.22
N MET B 207 -18.51 -51.88 -110.30
CA MET B 207 -19.36 -51.81 -109.12
C MET B 207 -19.39 -53.15 -108.39
N ALA B 208 -19.78 -54.22 -109.09
CA ALA B 208 -19.85 -55.56 -108.50
C ALA B 208 -18.52 -55.99 -107.90
N GLU B 209 -17.42 -55.59 -108.51
CA GLU B 209 -16.10 -55.95 -108.00
C GLU B 209 -15.80 -55.17 -106.72
N ASP B 210 -16.32 -53.96 -106.63
CA ASP B 210 -16.10 -53.13 -105.46
C ASP B 210 -16.94 -53.58 -104.26
N VAL B 211 -18.26 -53.71 -104.44
CA VAL B 211 -19.14 -54.14 -103.37
C VAL B 211 -18.66 -55.46 -102.82
N SER B 212 -17.88 -56.17 -103.61
CA SER B 212 -17.36 -57.44 -103.17
C SER B 212 -16.22 -57.20 -102.19
N ALA B 213 -15.25 -56.40 -102.58
CA ALA B 213 -14.15 -56.09 -101.69
C ALA B 213 -14.73 -55.49 -100.40
N PHE B 214 -15.77 -54.68 -100.53
CA PHE B 214 -16.39 -54.11 -99.35
C PHE B 214 -17.01 -55.25 -98.53
N LEU B 215 -17.85 -56.08 -99.18
CA LEU B 215 -18.51 -57.19 -98.49
C LEU B 215 -17.54 -58.20 -97.90
N MET B 216 -16.33 -58.23 -98.46
CA MET B 216 -15.29 -59.10 -97.96
C MET B 216 -14.90 -58.51 -96.61
N TRP B 217 -14.56 -57.22 -96.61
CA TRP B 217 -14.17 -56.52 -95.40
C TRP B 217 -15.31 -56.52 -94.38
N ALA B 218 -16.55 -56.29 -94.83
CA ALA B 218 -17.63 -56.28 -93.86
C ALA B 218 -17.59 -57.59 -93.07
N ALA B 219 -17.19 -58.68 -93.71
CA ALA B 219 -17.14 -59.97 -93.04
C ALA B 219 -15.85 -60.25 -92.31
N GLU B 220 -14.73 -59.85 -92.88
CA GLU B 220 -13.40 -60.06 -92.28
C GLU B 220 -12.62 -58.75 -91.99
N PRO B 221 -13.16 -57.86 -91.11
CA PRO B 221 -12.52 -56.59 -90.76
C PRO B 221 -11.05 -56.66 -90.30
N LYS B 222 -10.70 -57.72 -89.57
CA LYS B 222 -9.34 -57.90 -89.08
C LYS B 222 -8.54 -58.78 -90.05
N LEU B 223 -8.80 -58.63 -91.34
CA LEU B 223 -8.07 -59.44 -92.31
C LEU B 223 -6.58 -59.09 -92.25
N MET B 224 -6.28 -57.81 -92.34
CA MET B 224 -4.91 -57.34 -92.31
C MET B 224 -4.23 -57.61 -90.98
N ALA B 225 -4.97 -57.39 -89.89
CA ALA B 225 -4.45 -57.63 -88.56
C ALA B 225 -4.00 -59.08 -88.47
N ARG B 226 -4.89 -59.98 -88.89
CA ARG B 226 -4.66 -61.42 -88.89
C ARG B 226 -3.40 -61.81 -89.64
N LYS B 227 -3.21 -61.22 -90.83
CA LYS B 227 -2.06 -61.49 -91.66
C LYS B 227 -0.76 -60.97 -91.08
N GLN B 228 -0.82 -59.80 -90.45
CA GLN B 228 0.37 -59.24 -89.83
C GLN B 228 0.73 -60.18 -88.67
N ALA B 229 -0.31 -60.59 -87.94
CA ALA B 229 -0.14 -61.52 -86.84
C ALA B 229 0.52 -62.78 -87.41
N GLY B 230 0.09 -63.17 -88.59
CA GLY B 230 0.65 -64.35 -89.21
C GLY B 230 2.14 -64.24 -89.35
N PHE B 231 2.61 -63.22 -90.08
CA PHE B 231 4.04 -63.00 -90.32
C PHE B 231 4.84 -63.13 -89.07
N THR B 232 4.49 -62.26 -88.12
CA THR B 232 5.14 -62.23 -86.83
C THR B 232 5.35 -63.65 -86.28
N ALA B 233 4.25 -64.39 -86.15
CA ALA B 233 4.30 -65.75 -85.64
C ALA B 233 5.29 -66.60 -86.42
N VAL B 234 5.34 -66.38 -87.73
CA VAL B 234 6.24 -67.16 -88.56
C VAL B 234 7.70 -66.77 -88.38
N MET B 235 7.99 -65.49 -88.17
CA MET B 235 9.38 -65.06 -87.95
C MET B 235 9.87 -65.60 -86.61
N PHE B 236 9.10 -65.33 -85.55
CA PHE B 236 9.42 -65.82 -84.22
C PHE B 236 9.81 -67.29 -84.29
N LEU B 237 8.96 -68.04 -84.98
CA LEU B 237 9.12 -69.47 -85.12
C LEU B 237 10.15 -69.96 -86.14
N THR B 238 10.43 -69.18 -87.17
CA THR B 238 11.44 -69.59 -88.14
C THR B 238 12.78 -69.44 -87.45
N VAL B 239 12.88 -68.44 -86.59
CA VAL B 239 14.11 -68.19 -85.84
C VAL B 239 14.22 -69.23 -84.75
N LEU B 240 13.24 -69.26 -83.86
CA LEU B 240 13.24 -70.20 -82.74
C LEU B 240 13.48 -71.63 -83.19
N SER B 241 13.11 -71.93 -84.43
CA SER B 241 13.28 -73.26 -84.98
C SER B 241 14.73 -73.47 -85.34
N VAL B 242 15.27 -72.57 -86.13
CA VAL B 242 16.67 -72.65 -86.52
C VAL B 242 17.55 -72.77 -85.27
N LEU B 243 17.31 -71.93 -84.26
CA LEU B 243 18.09 -71.97 -83.03
C LEU B 243 17.88 -73.29 -82.29
N LEU B 244 16.63 -73.67 -82.10
CA LEU B 244 16.32 -74.92 -81.41
C LEU B 244 16.92 -76.10 -82.15
N TYR B 245 17.12 -75.91 -83.44
CA TYR B 245 17.70 -76.94 -84.29
C TYR B 245 19.17 -77.12 -83.94
N LEU B 246 19.91 -76.03 -83.99
CA LEU B 246 21.33 -76.02 -83.68
C LEU B 246 21.55 -76.52 -82.27
N THR B 247 20.75 -76.04 -81.34
CA THR B 247 20.88 -76.48 -79.95
C THR B 247 20.72 -77.98 -79.88
N ASN B 248 19.89 -78.52 -80.77
CA ASN B 248 19.65 -79.95 -80.81
C ASN B 248 20.87 -80.64 -81.41
N LYS B 249 21.19 -80.28 -82.65
CA LYS B 249 22.33 -80.83 -83.38
C LYS B 249 23.60 -80.79 -82.53
N ARG B 250 23.91 -79.62 -81.99
CA ARG B 250 25.10 -79.42 -81.18
C ARG B 250 24.90 -79.87 -79.73
N LEU B 251 24.21 -80.99 -79.56
CA LEU B 251 23.92 -81.54 -78.24
C LEU B 251 23.92 -83.06 -78.35
N TRP B 252 23.42 -83.55 -79.48
CA TRP B 252 23.40 -84.97 -79.74
C TRP B 252 24.77 -85.29 -80.30
N ALA B 253 25.49 -84.22 -80.64
CA ALA B 253 26.83 -84.34 -81.18
C ALA B 253 27.68 -85.08 -80.14
N GLY B 254 27.30 -84.92 -78.87
CA GLY B 254 28.02 -85.59 -77.81
C GLY B 254 27.47 -86.96 -77.49
N VAL B 255 27.03 -87.70 -78.51
CA VAL B 255 26.48 -89.05 -78.35
C VAL B 255 26.68 -89.84 -79.64
N LYS B 256 26.06 -89.34 -80.73
CA LYS B 256 26.14 -89.95 -82.06
C LYS B 256 26.89 -89.02 -83.04
N GLY C 9 36.47 -69.02 -73.47
CA GLY C 9 35.13 -69.64 -73.26
C GLY C 9 34.61 -70.36 -74.51
N THR C 10 33.33 -70.17 -74.80
CA THR C 10 32.68 -70.78 -75.98
C THR C 10 31.60 -69.88 -76.60
N ARG C 11 31.26 -70.17 -77.85
CA ARG C 11 30.21 -69.43 -78.57
C ARG C 11 28.98 -70.34 -78.51
N ARG C 12 29.14 -71.46 -77.79
CA ARG C 12 28.09 -72.46 -77.57
C ARG C 12 27.29 -72.00 -76.36
N ASP C 13 27.96 -71.29 -75.44
CA ASP C 13 27.30 -70.78 -74.25
C ASP C 13 26.45 -69.60 -74.68
N PHE C 14 26.78 -69.03 -75.84
CA PHE C 14 26.03 -67.90 -76.40
C PHE C 14 24.72 -68.42 -77.02
N LEU C 15 24.84 -69.48 -77.82
CA LEU C 15 23.70 -70.09 -78.49
C LEU C 15 22.63 -70.52 -77.49
N TYR C 16 23.05 -71.15 -76.41
CA TYR C 16 22.12 -71.59 -75.37
C TYR C 16 21.47 -70.40 -74.66
N TYR C 17 21.73 -69.20 -75.17
CA TYR C 17 21.14 -68.00 -74.59
C TYR C 17 20.36 -67.32 -75.68
N ALA C 18 20.93 -67.29 -76.87
CA ALA C 18 20.25 -66.68 -78.01
C ALA C 18 18.97 -67.50 -78.23
N THR C 19 19.01 -68.76 -77.80
CA THR C 19 17.89 -69.66 -77.93
C THR C 19 16.90 -69.41 -76.82
N ALA C 20 17.28 -69.74 -75.59
CA ALA C 20 16.40 -69.52 -74.45
C ALA C 20 15.86 -68.11 -74.49
N GLY C 21 16.60 -67.20 -75.13
CA GLY C 21 16.19 -65.82 -75.22
C GLY C 21 15.04 -65.66 -76.17
N ALA C 22 15.23 -66.11 -77.40
CA ALA C 22 14.19 -66.02 -78.41
C ALA C 22 12.92 -66.74 -77.93
N GLY C 23 13.14 -67.75 -77.09
CA GLY C 23 12.03 -68.52 -76.55
C GLY C 23 11.20 -67.61 -75.67
N ALA C 24 11.84 -67.04 -74.65
CA ALA C 24 11.16 -66.15 -73.74
C ALA C 24 10.46 -64.99 -74.46
N VAL C 25 10.93 -64.62 -75.66
CA VAL C 25 10.31 -63.52 -76.40
C VAL C 25 8.96 -63.98 -76.94
N ALA C 26 8.93 -65.21 -77.47
CA ALA C 26 7.69 -65.77 -78.00
C ALA C 26 6.71 -65.94 -76.85
N THR C 27 7.08 -66.67 -75.81
CA THR C 27 6.21 -66.86 -74.65
C THR C 27 5.55 -65.56 -74.21
N GLY C 28 6.29 -64.47 -74.29
CA GLY C 28 5.72 -63.20 -73.89
C GLY C 28 4.67 -62.75 -74.87
N ALA C 29 5.03 -62.79 -76.15
CA ALA C 29 4.13 -62.38 -77.23
C ALA C 29 2.82 -63.19 -77.18
N ALA C 30 2.91 -64.35 -76.54
CA ALA C 30 1.76 -65.24 -76.35
C ALA C 30 0.96 -64.72 -75.15
N VAL C 31 1.62 -64.65 -74.01
CA VAL C 31 0.97 -64.18 -72.82
C VAL C 31 0.31 -62.79 -72.94
N TRP C 32 0.93 -61.85 -73.63
CA TRP C 32 0.32 -60.52 -73.72
C TRP C 32 -1.15 -60.49 -74.16
N PRO C 33 -1.45 -61.01 -75.37
CA PRO C 33 -2.83 -61.03 -75.89
C PRO C 33 -3.82 -61.78 -75.04
N LEU C 34 -3.33 -62.74 -74.26
CA LEU C 34 -4.18 -63.50 -73.35
C LEU C 34 -4.58 -62.61 -72.20
N ILE C 35 -3.83 -61.53 -72.00
CA ILE C 35 -4.10 -60.57 -70.94
C ILE C 35 -4.88 -59.40 -71.55
N ASN C 36 -4.35 -58.89 -72.65
CA ASN C 36 -4.98 -57.77 -73.28
C ASN C 36 -6.42 -58.02 -73.72
N GLN C 37 -6.79 -59.27 -73.95
CA GLN C 37 -8.16 -59.53 -74.40
C GLN C 37 -9.18 -59.10 -73.36
N MET C 38 -8.74 -59.00 -72.11
CA MET C 38 -9.66 -58.60 -71.05
C MET C 38 -9.93 -57.11 -70.98
N ASN C 39 -9.10 -56.32 -71.66
CA ASN C 39 -9.30 -54.88 -71.64
C ASN C 39 -10.51 -54.55 -72.42
N PRO C 40 -11.01 -53.33 -72.26
CA PRO C 40 -12.21 -52.89 -72.96
C PRO C 40 -12.25 -53.19 -74.43
N SER C 41 -13.41 -53.75 -74.81
CA SER C 41 -13.79 -54.17 -76.16
C SER C 41 -13.95 -52.93 -77.05
N ALA C 42 -13.71 -53.07 -78.34
CA ALA C 42 -13.85 -51.91 -79.20
C ALA C 42 -15.19 -51.16 -79.04
N ASP C 43 -16.21 -51.81 -78.48
CA ASP C 43 -17.53 -51.20 -78.33
C ASP C 43 -17.76 -50.48 -77.00
N VAL C 44 -17.04 -50.94 -75.98
CA VAL C 44 -17.12 -50.35 -74.65
C VAL C 44 -16.38 -49.01 -74.77
N GLN C 45 -15.32 -49.03 -75.56
CA GLN C 45 -14.49 -47.85 -75.80
C GLN C 45 -15.12 -46.87 -76.76
N ALA C 46 -16.20 -47.28 -77.39
CA ALA C 46 -16.86 -46.42 -78.36
C ALA C 46 -17.93 -45.54 -77.72
N LEU C 47 -18.15 -45.73 -76.43
CA LEU C 47 -19.16 -44.95 -75.72
C LEU C 47 -18.72 -43.47 -75.76
N ALA C 48 -19.66 -42.57 -76.01
CA ALA C 48 -19.33 -41.15 -76.11
C ALA C 48 -19.87 -40.17 -75.07
N SER C 49 -21.00 -39.55 -75.39
CA SER C 49 -21.62 -38.55 -74.51
C SER C 49 -23.13 -38.65 -74.55
N ILE C 50 -23.80 -37.92 -73.67
CA ILE C 50 -25.24 -37.95 -73.59
C ILE C 50 -25.82 -36.60 -73.23
N PHE C 51 -27.14 -36.45 -73.40
CA PHE C 51 -27.80 -35.19 -73.09
C PHE C 51 -28.93 -35.45 -72.13
N VAL C 52 -29.01 -34.64 -71.08
CA VAL C 52 -30.06 -34.81 -70.07
C VAL C 52 -31.03 -33.64 -70.03
N ASP C 53 -32.32 -33.96 -69.90
CA ASP C 53 -33.37 -32.95 -69.84
C ASP C 53 -33.68 -32.62 -68.39
N VAL C 54 -33.46 -31.36 -67.98
CA VAL C 54 -33.68 -30.95 -66.59
C VAL C 54 -34.90 -30.05 -66.40
N SER C 55 -35.89 -30.24 -67.26
CA SER C 55 -37.12 -29.46 -67.24
C SER C 55 -37.88 -29.55 -65.93
N SER C 56 -38.15 -30.78 -65.52
CA SER C 56 -38.89 -31.08 -64.30
C SER C 56 -38.12 -30.93 -62.98
N VAL C 57 -36.78 -30.93 -63.06
CA VAL C 57 -36.00 -30.83 -61.86
C VAL C 57 -36.39 -29.59 -61.03
N GLU C 58 -37.14 -29.86 -59.99
CA GLU C 58 -37.62 -28.84 -59.05
C GLU C 58 -36.48 -28.63 -58.06
N PRO C 59 -36.39 -27.45 -57.41
CA PRO C 59 -35.27 -27.34 -56.47
C PRO C 59 -35.55 -28.24 -55.28
N GLY C 60 -34.56 -29.02 -54.91
CA GLY C 60 -34.71 -29.94 -53.79
C GLY C 60 -34.79 -31.37 -54.32
N VAL C 61 -34.69 -31.48 -55.64
CA VAL C 61 -34.77 -32.77 -56.30
C VAL C 61 -33.47 -33.23 -56.96
N GLN C 62 -33.24 -34.54 -56.84
CA GLN C 62 -32.07 -35.11 -57.43
C GLN C 62 -32.54 -36.01 -58.56
N LEU C 63 -31.82 -35.91 -59.66
CA LEU C 63 -32.06 -36.66 -60.87
C LEU C 63 -30.92 -37.67 -61.02
N THR C 64 -31.19 -38.97 -60.99
CA THR C 64 -30.07 -39.93 -61.19
C THR C 64 -30.18 -40.48 -62.60
N VAL C 65 -29.07 -40.42 -63.31
CA VAL C 65 -28.99 -40.83 -64.70
C VAL C 65 -27.83 -41.79 -64.93
N LYS C 66 -27.95 -42.73 -65.88
CA LYS C 66 -26.83 -43.63 -66.15
C LYS C 66 -25.98 -43.04 -67.27
N PHE C 67 -24.67 -43.06 -67.06
CA PHE C 67 -23.73 -42.57 -68.04
C PHE C 67 -22.47 -43.41 -67.89
N LEU C 68 -22.03 -44.06 -68.96
CA LEU C 68 -20.87 -44.92 -68.89
C LEU C 68 -21.01 -46.01 -67.82
N GLY C 69 -22.24 -46.46 -67.57
CA GLY C 69 -22.48 -47.53 -66.62
C GLY C 69 -22.45 -47.20 -65.15
N LYS C 70 -22.09 -45.97 -64.81
CA LYS C 70 -22.01 -45.49 -63.41
C LYS C 70 -23.12 -44.44 -63.31
N PRO C 71 -23.65 -44.18 -62.11
CA PRO C 71 -24.72 -43.19 -61.96
C PRO C 71 -24.19 -41.75 -61.88
N ILE C 72 -24.96 -40.80 -62.37
CA ILE C 72 -24.59 -39.41 -62.36
C ILE C 72 -25.70 -38.60 -61.72
N PHE C 73 -25.39 -37.96 -60.60
CA PHE C 73 -26.35 -37.14 -59.86
C PHE C 73 -26.54 -35.72 -60.41
N ILE C 74 -27.78 -35.27 -60.43
CA ILE C 74 -28.07 -33.91 -60.88
C ILE C 74 -29.06 -33.36 -59.88
N ARG C 75 -28.56 -32.54 -58.96
CA ARG C 75 -29.40 -31.96 -57.95
C ARG C 75 -29.56 -30.49 -58.18
N ARG C 76 -30.78 -30.03 -58.01
CA ARG C 76 -31.04 -28.62 -58.14
C ARG C 76 -31.17 -28.33 -56.66
N ARG C 77 -30.18 -27.63 -56.11
CA ARG C 77 -30.13 -27.31 -54.69
C ARG C 77 -31.03 -26.20 -54.16
N THR C 78 -31.37 -26.35 -52.89
CA THR C 78 -32.23 -25.41 -52.19
C THR C 78 -31.33 -24.30 -51.68
N GLU C 79 -31.90 -23.30 -51.04
CA GLU C 79 -31.09 -22.22 -50.50
C GLU C 79 -30.34 -22.80 -49.32
N ALA C 80 -31.05 -23.59 -48.54
CA ALA C 80 -30.45 -24.24 -47.39
C ALA C 80 -29.21 -25.00 -47.85
N ASP C 81 -29.36 -25.77 -48.93
CA ASP C 81 -28.29 -26.57 -49.49
C ASP C 81 -27.10 -25.70 -49.85
N ILE C 82 -27.33 -24.56 -50.48
CA ILE C 82 -26.24 -23.68 -50.90
C ILE C 82 -25.65 -22.90 -49.73
N GLU C 83 -26.48 -22.68 -48.73
CA GLU C 83 -26.06 -21.97 -47.54
C GLU C 83 -24.86 -22.70 -47.00
N LEU C 84 -25.11 -23.89 -46.44
CA LEU C 84 -24.05 -24.72 -45.86
C LEU C 84 -22.84 -24.96 -46.76
N GLY C 85 -23.08 -25.07 -48.06
CA GLY C 85 -21.97 -25.33 -48.92
C GLY C 85 -20.98 -24.21 -48.82
N ARG C 86 -21.52 -23.01 -48.82
CA ARG C 86 -20.69 -21.81 -48.78
C ARG C 86 -20.14 -21.43 -47.41
N SER C 87 -20.71 -21.99 -46.35
CA SER C 87 -20.24 -21.66 -45.02
C SER C 87 -19.07 -22.51 -44.53
N VAL C 88 -18.55 -23.42 -45.35
CA VAL C 88 -17.45 -24.26 -44.88
C VAL C 88 -16.08 -23.72 -45.29
N GLN C 89 -15.21 -23.55 -44.31
CA GLN C 89 -13.89 -23.04 -44.58
C GLN C 89 -13.15 -24.15 -45.30
N LEU C 90 -12.49 -23.80 -46.40
CA LEU C 90 -11.73 -24.75 -47.20
C LEU C 90 -10.85 -25.67 -46.40
N GLY C 91 -10.11 -25.13 -45.46
CA GLY C 91 -9.31 -25.98 -44.61
C GLY C 91 -10.10 -26.88 -43.65
N GLN C 92 -11.43 -26.89 -43.68
CA GLN C 92 -12.15 -27.80 -42.79
C GLN C 92 -12.56 -29.04 -43.63
N LEU C 93 -12.29 -28.93 -44.92
CA LEU C 93 -12.59 -29.98 -45.88
C LEU C 93 -11.47 -30.97 -45.80
N VAL C 94 -11.80 -32.24 -46.08
CA VAL C 94 -10.84 -33.36 -46.06
C VAL C 94 -10.11 -33.39 -47.36
N ASP C 95 -10.80 -33.01 -48.41
CA ASP C 95 -10.21 -32.96 -49.73
C ASP C 95 -10.31 -31.52 -50.09
N THR C 96 -9.21 -30.99 -50.58
CA THR C 96 -9.20 -29.61 -50.95
C THR C 96 -9.37 -29.36 -52.41
N ASN C 97 -9.10 -30.38 -53.23
CA ASN C 97 -9.26 -30.25 -54.67
C ASN C 97 -10.73 -30.30 -55.14
N ALA C 98 -11.05 -29.47 -56.13
CA ALA C 98 -12.39 -29.40 -56.65
C ALA C 98 -12.77 -30.73 -57.32
N ARG C 99 -11.78 -31.46 -57.79
CA ARG C 99 -12.04 -32.74 -58.44
C ARG C 99 -12.98 -32.42 -59.57
N ASN C 100 -12.86 -31.23 -60.15
CA ASN C 100 -13.78 -30.84 -61.22
C ASN C 100 -13.06 -30.75 -62.56
N ALA C 101 -13.52 -31.57 -63.49
CA ALA C 101 -12.91 -31.66 -64.82
C ALA C 101 -13.23 -30.48 -65.75
N ASN C 102 -14.14 -29.64 -65.34
CA ASN C 102 -14.50 -28.49 -66.14
C ASN C 102 -13.51 -27.38 -65.90
N ILE C 103 -13.21 -27.12 -64.62
CA ILE C 103 -12.27 -26.07 -64.22
C ILE C 103 -10.84 -26.59 -64.23
N ASP C 104 -9.88 -25.74 -63.84
CA ASP C 104 -8.49 -26.16 -63.76
C ASP C 104 -8.35 -27.33 -62.78
N ALA C 105 -7.32 -28.14 -62.97
CA ALA C 105 -7.09 -29.30 -62.13
C ALA C 105 -6.64 -28.93 -60.73
N GLY C 106 -6.27 -27.67 -60.54
CA GLY C 106 -5.82 -27.23 -59.25
C GLY C 106 -6.81 -26.41 -58.47
N ALA C 107 -8.03 -26.27 -58.99
CA ALA C 107 -9.07 -25.49 -58.32
C ALA C 107 -9.28 -25.91 -56.88
N GLU C 108 -10.01 -25.10 -56.13
CA GLU C 108 -10.23 -25.40 -54.73
C GLU C 108 -11.66 -25.78 -54.42
N ALA C 109 -11.82 -26.73 -53.52
CA ALA C 109 -13.11 -27.27 -53.11
C ALA C 109 -14.14 -26.28 -52.54
N THR C 110 -14.20 -25.11 -53.12
CA THR C 110 -15.15 -24.12 -52.64
C THR C 110 -16.50 -24.31 -53.33
N ASP C 111 -17.57 -24.63 -52.59
CA ASP C 111 -18.90 -24.79 -53.21
C ASP C 111 -19.06 -23.97 -54.53
N GLN C 112 -18.70 -22.72 -54.47
CA GLN C 112 -18.77 -21.80 -55.60
C GLN C 112 -18.10 -22.46 -56.88
N ASN C 113 -17.08 -23.27 -56.60
CA ASN C 113 -16.23 -23.99 -57.56
C ASN C 113 -16.67 -25.43 -57.88
N ARG C 114 -17.77 -25.87 -57.28
CA ARG C 114 -18.27 -27.23 -57.49
C ARG C 114 -19.58 -27.29 -58.21
N THR C 115 -20.11 -26.12 -58.57
CA THR C 115 -21.38 -26.01 -59.29
C THR C 115 -21.14 -25.59 -60.73
N LEU C 116 -22.14 -25.81 -61.57
CA LEU C 116 -22.04 -25.46 -62.96
C LEU C 116 -22.28 -23.97 -63.15
N ASP C 117 -23.29 -23.45 -62.45
CA ASP C 117 -23.70 -22.04 -62.50
C ASP C 117 -23.00 -21.11 -61.51
N GLU C 118 -23.36 -19.83 -61.53
CA GLU C 118 -22.78 -18.88 -60.60
C GLU C 118 -23.68 -18.85 -59.39
N ALA C 119 -24.97 -19.09 -59.61
CA ALA C 119 -25.92 -19.10 -58.51
C ALA C 119 -25.70 -20.32 -57.65
N GLY C 120 -24.88 -21.24 -58.15
CA GLY C 120 -24.56 -22.46 -57.41
C GLY C 120 -25.76 -23.30 -57.04
N GLU C 121 -26.65 -23.48 -58.01
CA GLU C 121 -27.87 -24.25 -57.80
C GLU C 121 -27.75 -25.63 -58.42
N TRP C 122 -27.06 -25.67 -59.54
CA TRP C 122 -26.85 -26.89 -60.29
C TRP C 122 -25.59 -27.69 -59.96
N LEU C 123 -25.76 -28.66 -59.06
CA LEU C 123 -24.66 -29.57 -58.66
C LEU C 123 -24.72 -30.82 -59.55
N VAL C 124 -23.71 -31.02 -60.39
CA VAL C 124 -23.67 -32.19 -61.30
C VAL C 124 -22.45 -33.02 -60.98
N MET C 125 -22.62 -34.20 -60.45
CA MET C 125 -21.46 -35.00 -60.12
C MET C 125 -21.67 -36.49 -60.25
N TRP C 126 -20.58 -37.24 -60.28
CA TRP C 126 -20.64 -38.69 -60.35
C TRP C 126 -21.12 -39.25 -59.01
N GLY C 127 -22.28 -39.90 -58.98
CA GLY C 127 -22.79 -40.48 -57.76
C GLY C 127 -22.03 -41.74 -57.44
N VAL C 128 -20.71 -41.68 -57.59
CA VAL C 128 -19.84 -42.83 -57.36
C VAL C 128 -18.89 -42.63 -56.18
N CYS C 129 -19.29 -43.04 -54.97
CA CYS C 129 -18.44 -42.87 -53.79
C CYS C 129 -16.98 -43.12 -54.15
N THR C 130 -16.07 -42.25 -53.73
CA THR C 130 -14.64 -42.42 -54.08
C THR C 130 -13.90 -43.42 -53.26
N HIS C 131 -14.59 -44.08 -52.35
CA HIS C 131 -13.92 -45.07 -51.52
C HIS C 131 -13.73 -46.35 -52.35
N LEU C 132 -14.85 -47.06 -52.58
CA LEU C 132 -14.83 -48.30 -53.33
C LEU C 132 -15.91 -48.38 -54.43
N GLY C 133 -16.64 -47.30 -54.65
CA GLY C 133 -17.61 -47.37 -55.74
C GLY C 133 -19.11 -47.28 -55.55
N CYS C 134 -19.67 -47.49 -54.38
CA CYS C 134 -21.12 -47.40 -54.28
C CYS C 134 -21.71 -46.05 -54.71
N SER C 135 -23.02 -46.00 -54.85
CA SER C 135 -23.71 -44.77 -55.23
C SER C 135 -24.30 -44.33 -53.90
N PRO C 136 -23.72 -43.27 -53.31
CA PRO C 136 -24.19 -42.78 -52.00
C PRO C 136 -25.61 -42.24 -52.06
N ILE C 137 -26.33 -42.58 -51.00
CA ILE C 137 -27.72 -42.22 -50.80
C ILE C 137 -27.83 -40.73 -50.69
N GLY C 138 -28.70 -40.15 -51.49
CA GLY C 138 -28.89 -38.71 -51.41
C GLY C 138 -30.05 -38.34 -50.51
N GLY C 139 -30.78 -37.32 -50.95
CA GLY C 139 -31.93 -36.85 -50.20
C GLY C 139 -31.47 -36.09 -48.98
N VAL C 140 -30.45 -35.23 -49.17
CA VAL C 140 -29.92 -34.48 -48.06
C VAL C 140 -29.85 -35.41 -46.81
N SER C 141 -29.02 -36.44 -46.93
CA SER C 141 -28.82 -37.41 -45.86
C SER C 141 -27.33 -37.55 -45.55
N GLY C 142 -27.07 -38.02 -44.32
CA GLY C 142 -25.72 -38.16 -43.85
C GLY C 142 -25.51 -37.13 -42.76
N ASP C 143 -24.28 -37.00 -42.27
CA ASP C 143 -24.04 -36.04 -41.21
C ASP C 143 -23.74 -34.64 -41.68
N PHE C 144 -23.71 -34.40 -42.99
CA PHE C 144 -23.39 -33.06 -43.46
C PHE C 144 -24.35 -32.50 -44.49
N GLY C 145 -25.58 -33.03 -44.42
CA GLY C 145 -26.65 -32.59 -45.29
C GLY C 145 -26.35 -32.80 -46.75
N GLY C 146 -25.67 -33.90 -46.99
CA GLY C 146 -25.32 -34.24 -48.35
C GLY C 146 -25.77 -35.63 -48.73
N TRP C 147 -24.77 -36.49 -48.90
CA TRP C 147 -24.98 -37.86 -49.29
C TRP C 147 -24.30 -38.80 -48.31
N PHE C 148 -24.89 -39.97 -48.12
CA PHE C 148 -24.28 -40.96 -47.26
C PHE C 148 -24.00 -42.28 -48.03
N CYS C 149 -22.76 -42.73 -48.07
CA CYS C 149 -22.46 -43.96 -48.75
C CYS C 149 -22.68 -45.10 -47.73
N PRO C 150 -23.70 -45.95 -47.96
CA PRO C 150 -24.07 -47.06 -47.08
C PRO C 150 -23.09 -48.20 -47.03
N CYS C 151 -22.22 -48.27 -48.02
CA CYS C 151 -21.22 -49.33 -48.09
C CYS C 151 -20.20 -49.34 -46.93
N HIS C 152 -19.48 -48.21 -46.70
CA HIS C 152 -18.53 -48.12 -45.60
C HIS C 152 -18.59 -46.86 -44.71
N GLY C 153 -19.69 -46.13 -44.81
CA GLY C 153 -19.88 -44.97 -43.97
C GLY C 153 -19.29 -43.64 -44.35
N SER C 154 -19.20 -43.33 -45.63
CA SER C 154 -18.64 -42.05 -46.00
C SER C 154 -19.72 -41.02 -46.08
N HIS C 155 -19.48 -39.83 -45.51
CA HIS C 155 -20.44 -38.74 -45.58
C HIS C 155 -19.95 -37.64 -46.50
N TYR C 156 -20.85 -37.10 -47.30
CA TYR C 156 -20.49 -36.01 -48.16
C TYR C 156 -21.47 -34.92 -47.78
N ASP C 157 -21.05 -33.67 -48.00
CA ASP C 157 -21.83 -32.47 -47.70
C ASP C 157 -22.62 -31.98 -48.89
N SER C 158 -23.44 -30.98 -48.67
CA SER C 158 -24.26 -30.40 -49.71
C SER C 158 -23.58 -30.01 -51.02
N ALA C 159 -22.25 -30.12 -51.09
CA ALA C 159 -21.52 -29.76 -52.31
C ALA C 159 -20.85 -31.01 -52.85
N GLY C 160 -21.09 -32.12 -52.16
CA GLY C 160 -20.54 -33.39 -52.56
C GLY C 160 -19.10 -33.59 -52.17
N ARG C 161 -18.66 -32.90 -51.11
CA ARG C 161 -17.30 -32.99 -50.63
C ARG C 161 -17.23 -34.00 -49.50
N ILE C 162 -16.16 -34.78 -49.50
CA ILE C 162 -16.02 -35.81 -48.49
C ILE C 162 -15.73 -35.10 -47.17
N ARG C 163 -16.41 -35.53 -46.12
CA ARG C 163 -16.24 -34.94 -44.83
C ARG C 163 -16.07 -35.94 -43.74
N LYS C 164 -16.12 -37.22 -44.03
CA LYS C 164 -15.93 -38.22 -42.95
C LYS C 164 -16.08 -39.65 -43.46
N GLY C 165 -15.14 -40.52 -43.09
CA GLY C 165 -15.19 -41.88 -43.58
C GLY C 165 -13.95 -42.23 -44.39
N PRO C 166 -13.91 -43.43 -45.02
CA PRO C 166 -12.80 -43.94 -45.82
C PRO C 166 -12.59 -43.21 -47.15
N ALA C 167 -13.67 -42.68 -47.69
CA ALA C 167 -13.59 -41.99 -48.96
C ALA C 167 -12.50 -40.97 -48.91
N PRO C 168 -11.63 -40.97 -49.89
CA PRO C 168 -10.56 -40.00 -49.85
C PRO C 168 -10.75 -38.72 -50.61
N GLU C 169 -11.64 -38.69 -51.58
CA GLU C 169 -11.79 -37.45 -52.30
C GLU C 169 -13.22 -37.02 -52.38
N ASN C 170 -13.47 -35.90 -53.04
CA ASN C 170 -14.83 -35.44 -53.17
C ASN C 170 -15.41 -36.13 -54.42
N LEU C 171 -16.74 -36.24 -54.53
CA LEU C 171 -17.37 -36.86 -55.69
C LEU C 171 -16.90 -36.04 -56.89
N PRO C 172 -16.41 -36.71 -57.96
CA PRO C 172 -15.94 -35.91 -59.11
C PRO C 172 -17.04 -35.26 -59.92
N ILE C 173 -16.73 -34.14 -60.55
CA ILE C 173 -17.69 -33.47 -61.42
C ILE C 173 -17.19 -33.82 -62.82
N PRO C 174 -18.07 -34.38 -63.68
CA PRO C 174 -17.72 -34.78 -65.04
C PRO C 174 -17.86 -33.64 -66.01
N LEU C 175 -17.21 -33.71 -67.17
CA LEU C 175 -17.36 -32.64 -68.14
C LEU C 175 -18.85 -32.43 -68.32
N ALA C 176 -19.38 -31.29 -67.93
CA ALA C 176 -20.81 -31.03 -68.06
C ALA C 176 -21.01 -29.58 -68.42
N LYS C 177 -22.15 -29.26 -69.02
CA LYS C 177 -22.42 -27.90 -69.40
C LYS C 177 -23.79 -27.78 -69.94
N PHE C 178 -24.46 -26.68 -69.63
CA PHE C 178 -25.81 -26.44 -70.15
C PHE C 178 -25.64 -26.01 -71.63
N ILE C 179 -26.31 -26.70 -72.54
CA ILE C 179 -26.23 -26.34 -73.96
C ILE C 179 -27.49 -25.60 -74.39
N ASP C 180 -28.30 -25.23 -73.41
CA ASP C 180 -29.51 -24.44 -73.61
C ASP C 180 -30.15 -24.28 -72.23
N GLU C 181 -31.26 -23.55 -72.13
CA GLU C 181 -31.93 -23.33 -70.84
C GLU C 181 -32.46 -24.56 -70.05
N THR C 182 -32.66 -25.70 -70.71
CA THR C 182 -33.21 -26.87 -70.03
C THR C 182 -32.46 -28.19 -70.26
N THR C 183 -31.27 -28.10 -70.84
CA THR C 183 -30.50 -29.31 -71.11
C THR C 183 -28.99 -29.26 -70.83
N ILE C 184 -28.52 -30.22 -70.04
CA ILE C 184 -27.12 -30.30 -69.68
C ILE C 184 -26.57 -31.41 -70.54
N GLN C 185 -25.32 -31.32 -70.95
CA GLN C 185 -24.76 -32.39 -71.74
C GLN C 185 -23.50 -32.97 -71.10
N LEU C 186 -23.67 -34.09 -70.42
CA LEU C 186 -22.56 -34.77 -69.76
C LEU C 186 -21.65 -35.35 -70.81
N GLY C 187 -20.38 -35.53 -70.47
CA GLY C 187 -19.43 -36.08 -71.43
C GLY C 187 -19.24 -35.11 -72.56
N GLY D 3 6.31 -90.69 -43.37
CA GLY D 3 7.46 -91.64 -43.41
C GLY D 3 7.39 -92.67 -42.31
N ILE D 4 6.16 -93.10 -41.97
CA ILE D 4 5.86 -94.08 -40.91
C ILE D 4 6.06 -95.56 -41.37
N PRO D 5 6.37 -96.49 -40.42
CA PRO D 5 6.57 -97.91 -40.76
C PRO D 5 5.32 -98.83 -40.81
N HIS D 6 4.87 -99.16 -42.01
CA HIS D 6 3.73 -100.06 -42.21
C HIS D 6 4.08 -101.09 -43.30
N ASP D 7 3.07 -101.73 -43.91
CA ASP D 7 3.31 -102.71 -44.99
C ASP D 7 2.71 -102.29 -46.34
N HIS D 8 3.42 -102.61 -47.43
CA HIS D 8 3.00 -102.24 -48.78
C HIS D 8 2.17 -103.26 -49.55
N TYR D 9 1.68 -102.83 -50.72
CA TYR D 9 0.81 -103.64 -51.59
C TYR D 9 1.31 -105.00 -52.08
N GLU D 10 0.40 -105.98 -51.99
CA GLU D 10 0.63 -107.39 -52.36
C GLU D 10 -0.41 -107.93 -53.35
N PRO D 11 -0.10 -107.95 -54.66
CA PRO D 11 -1.04 -108.45 -55.67
C PRO D 11 -1.65 -109.83 -55.31
N ARG D 12 -2.98 -109.94 -55.27
CA ARG D 12 -3.65 -111.21 -54.93
C ARG D 12 -4.20 -111.95 -56.15
N THR D 13 -5.34 -111.47 -56.68
CA THR D 13 -5.99 -112.08 -57.85
C THR D 13 -5.10 -111.98 -59.09
N GLY D 14 -5.59 -112.44 -60.24
CA GLY D 14 -4.81 -112.36 -61.46
C GLY D 14 -4.96 -110.97 -62.04
N ILE D 15 -6.20 -110.47 -62.02
CA ILE D 15 -6.49 -109.14 -62.53
C ILE D 15 -5.59 -108.12 -61.82
N GLU D 16 -5.28 -108.38 -60.55
CA GLU D 16 -4.41 -107.49 -59.77
C GLU D 16 -2.94 -107.60 -60.18
N LYS D 17 -2.47 -108.80 -60.48
CA LYS D 17 -1.08 -109.01 -60.88
C LYS D 17 -0.87 -108.43 -62.28
N TRP D 18 -1.91 -108.55 -63.11
CA TRP D 18 -1.87 -108.05 -64.48
C TRP D 18 -1.77 -106.54 -64.46
N LEU D 19 -2.71 -105.94 -63.74
CA LEU D 19 -2.79 -104.51 -63.63
C LEU D 19 -1.57 -103.93 -62.95
N HIS D 20 -1.05 -104.61 -61.94
CA HIS D 20 0.10 -104.09 -61.21
C HIS D 20 1.39 -103.97 -61.99
N SER D 21 1.70 -104.95 -62.83
CA SER D 21 2.94 -104.89 -63.59
C SER D 21 2.89 -103.83 -64.71
N ARG D 22 1.75 -103.16 -64.85
CA ARG D 22 1.57 -102.16 -65.90
C ARG D 22 1.35 -100.75 -65.38
N LEU D 23 0.45 -100.61 -64.41
CA LEU D 23 0.12 -99.32 -63.82
C LEU D 23 -0.39 -99.61 -62.42
N PRO D 24 0.41 -99.30 -61.39
CA PRO D 24 0.02 -99.54 -60.00
C PRO D 24 -0.99 -98.56 -59.38
N ILE D 25 -2.13 -98.34 -60.03
CA ILE D 25 -3.13 -97.42 -59.49
C ILE D 25 -3.66 -98.05 -58.23
N VAL D 26 -3.86 -99.36 -58.25
CA VAL D 26 -4.37 -100.06 -57.07
C VAL D 26 -3.37 -99.99 -55.94
N ALA D 27 -2.09 -100.14 -56.26
CA ALA D 27 -1.04 -100.08 -55.24
C ALA D 27 -1.08 -98.74 -54.48
N LEU D 28 -0.88 -97.65 -55.21
CA LEU D 28 -0.88 -96.32 -54.62
C LEU D 28 -2.15 -96.00 -53.83
N ALA D 29 -3.31 -96.38 -54.37
CA ALA D 29 -4.55 -96.10 -53.66
C ALA D 29 -4.58 -96.85 -52.37
N TYR D 30 -3.84 -97.96 -52.30
CA TYR D 30 -3.79 -98.77 -51.10
C TYR D 30 -2.96 -98.07 -50.06
N ASP D 31 -1.73 -97.72 -50.44
CA ASP D 31 -0.83 -97.04 -49.53
C ASP D 31 -1.44 -95.74 -49.04
N THR D 32 -2.39 -95.20 -49.78
CA THR D 32 -3.04 -93.97 -49.39
C THR D 32 -4.15 -94.24 -48.38
N ILE D 33 -4.95 -95.26 -48.64
CA ILE D 33 -6.06 -95.59 -47.77
C ILE D 33 -5.66 -96.37 -46.50
N MET D 34 -4.42 -96.84 -46.46
CA MET D 34 -3.93 -97.61 -45.32
C MET D 34 -2.92 -96.88 -44.46
N ILE D 35 -2.64 -95.61 -44.77
CA ILE D 35 -1.65 -94.84 -44.00
C ILE D 35 -1.97 -94.86 -42.49
N PRO D 36 -0.96 -95.19 -41.67
CA PRO D 36 -1.19 -95.23 -40.22
C PRO D 36 -1.36 -93.83 -39.63
N THR D 37 -2.45 -93.62 -38.89
CA THR D 37 -2.70 -92.33 -38.28
C THR D 37 -2.94 -92.43 -36.78
N PRO D 38 -2.48 -91.43 -36.00
CA PRO D 38 -2.63 -91.38 -34.54
C PRO D 38 -3.98 -91.92 -33.97
N ARG D 39 -3.89 -92.74 -32.93
CA ARG D 39 -5.08 -93.33 -32.33
C ARG D 39 -5.97 -92.30 -31.68
N ASN D 40 -5.38 -91.22 -31.20
CA ASN D 40 -6.16 -90.16 -30.56
C ASN D 40 -6.37 -89.10 -31.62
N LEU D 41 -7.62 -88.74 -31.89
CA LEU D 41 -7.90 -87.70 -32.87
C LEU D 41 -9.33 -87.34 -32.58
N ASN D 42 -9.55 -86.17 -32.00
CA ASN D 42 -10.93 -85.80 -31.66
C ASN D 42 -11.75 -85.32 -32.84
N TRP D 43 -13.01 -85.06 -32.55
CA TRP D 43 -13.91 -84.61 -33.58
C TRP D 43 -13.36 -83.46 -34.41
N MET D 44 -12.38 -82.74 -33.89
CA MET D 44 -11.83 -81.62 -34.63
C MET D 44 -11.05 -82.01 -35.89
N TRP D 45 -10.84 -83.31 -36.09
CA TRP D 45 -10.10 -83.77 -37.24
C TRP D 45 -11.03 -84.18 -38.39
N ILE D 46 -12.32 -84.00 -38.19
CA ILE D 46 -13.22 -84.36 -39.25
C ILE D 46 -13.45 -83.25 -40.28
N TRP D 47 -13.05 -82.02 -39.97
CA TRP D 47 -13.29 -80.93 -40.91
C TRP D 47 -12.58 -81.04 -42.22
N GLY D 48 -11.50 -81.82 -42.24
CA GLY D 48 -10.77 -82.00 -43.49
C GLY D 48 -11.65 -82.70 -44.51
N VAL D 49 -12.43 -83.67 -44.04
CA VAL D 49 -13.35 -84.45 -44.89
C VAL D 49 -14.55 -83.62 -45.29
N VAL D 50 -15.18 -82.94 -44.33
CA VAL D 50 -16.33 -82.11 -44.64
C VAL D 50 -16.00 -81.10 -45.75
N LEU D 51 -14.72 -80.70 -45.80
CA LEU D 51 -14.27 -79.75 -46.81
C LEU D 51 -14.18 -80.43 -48.14
N ALA D 52 -13.60 -81.64 -48.17
CA ALA D 52 -13.50 -82.44 -49.41
C ALA D 52 -14.91 -82.64 -50.01
N PHE D 53 -15.82 -83.17 -49.18
CA PHE D 53 -17.17 -83.37 -49.62
C PHE D 53 -17.75 -82.07 -50.19
N CYS D 54 -17.62 -80.96 -49.48
CA CYS D 54 -18.16 -79.68 -49.96
C CYS D 54 -17.63 -79.30 -51.32
N LEU D 55 -16.32 -79.48 -51.53
CA LEU D 55 -15.68 -79.16 -52.80
C LEU D 55 -16.33 -80.03 -53.89
N VAL D 56 -16.63 -81.29 -53.58
CA VAL D 56 -17.29 -82.15 -54.55
C VAL D 56 -18.76 -81.72 -54.72
N LEU D 57 -19.49 -81.56 -53.63
CA LEU D 57 -20.87 -81.12 -53.71
C LEU D 57 -20.98 -79.86 -54.57
N GLN D 58 -20.20 -78.83 -54.25
CA GLN D 58 -20.19 -77.58 -55.01
C GLN D 58 -19.93 -77.78 -56.51
N ILE D 59 -18.90 -78.53 -56.84
CA ILE D 59 -18.58 -78.76 -58.23
C ILE D 59 -19.69 -79.48 -59.01
N VAL D 60 -20.30 -80.54 -58.48
CA VAL D 60 -21.36 -81.18 -59.27
C VAL D 60 -22.58 -80.29 -59.29
N THR D 61 -23.05 -79.79 -58.17
CA THR D 61 -24.24 -78.96 -58.27
C THR D 61 -23.99 -77.76 -59.15
N GLY D 62 -22.71 -77.39 -59.26
CA GLY D 62 -22.30 -76.27 -60.09
C GLY D 62 -22.47 -76.56 -61.57
N ILE D 63 -21.85 -77.66 -62.06
CA ILE D 63 -21.92 -78.06 -63.46
C ILE D 63 -23.35 -78.13 -63.88
N VAL D 64 -24.12 -78.74 -63.00
CA VAL D 64 -25.55 -78.85 -63.21
C VAL D 64 -26.19 -77.44 -63.39
N LEU D 65 -25.91 -76.53 -62.46
CA LEU D 65 -26.52 -75.21 -62.56
C LEU D 65 -26.02 -74.43 -63.77
N ALA D 66 -24.77 -74.68 -64.17
CA ALA D 66 -24.17 -73.97 -65.32
C ALA D 66 -24.85 -74.36 -66.61
N MET D 67 -25.56 -75.49 -66.56
CA MET D 67 -26.30 -76.06 -67.67
C MET D 67 -27.62 -75.35 -67.94
N HIS D 68 -28.00 -74.45 -67.02
CA HIS D 68 -29.27 -73.73 -67.12
C HIS D 68 -29.13 -72.23 -66.97
N TYR D 69 -28.01 -71.80 -66.41
CA TYR D 69 -27.76 -70.38 -66.16
C TYR D 69 -27.24 -69.71 -67.42
N THR D 70 -27.67 -68.48 -67.71
CA THR D 70 -27.03 -67.80 -68.84
C THR D 70 -26.26 -66.53 -68.33
N PRO D 71 -24.93 -66.46 -68.57
CA PRO D 71 -24.18 -65.30 -68.11
C PRO D 71 -24.32 -64.09 -69.00
N HIS D 72 -25.42 -63.38 -68.82
CA HIS D 72 -25.59 -62.18 -69.58
C HIS D 72 -26.57 -61.38 -68.83
N VAL D 73 -26.13 -60.17 -68.49
CA VAL D 73 -26.85 -59.18 -67.74
C VAL D 73 -28.40 -59.17 -67.95
N ASP D 74 -28.86 -59.25 -69.19
CA ASP D 74 -30.30 -59.26 -69.48
C ASP D 74 -31.03 -60.55 -69.16
N LEU D 75 -30.33 -61.65 -69.05
CA LEU D 75 -31.01 -62.91 -68.78
C LEU D 75 -30.56 -63.55 -67.49
N ALA D 76 -29.39 -63.15 -67.02
CA ALA D 76 -28.80 -63.75 -65.84
C ALA D 76 -29.68 -63.96 -64.64
N PHE D 77 -30.33 -62.90 -64.19
CA PHE D 77 -31.18 -62.99 -63.01
C PHE D 77 -32.40 -63.86 -63.31
N ALA D 78 -33.01 -63.57 -64.45
CA ALA D 78 -34.19 -64.30 -64.92
C ALA D 78 -33.86 -65.80 -65.00
N SER D 79 -32.73 -66.08 -65.64
CA SER D 79 -32.22 -67.42 -65.81
C SER D 79 -32.20 -68.22 -64.49
N VAL D 80 -31.79 -67.59 -63.40
CA VAL D 80 -31.73 -68.25 -62.11
C VAL D 80 -33.15 -68.43 -61.54
N GLU D 81 -34.07 -67.52 -61.85
CA GLU D 81 -35.42 -67.67 -61.33
C GLU D 81 -36.06 -68.83 -62.11
N HIS D 82 -35.63 -69.01 -63.36
CA HIS D 82 -36.09 -70.10 -64.19
C HIS D 82 -35.56 -71.38 -63.55
N ILE D 83 -34.25 -71.44 -63.26
CA ILE D 83 -33.71 -72.62 -62.62
C ILE D 83 -34.54 -72.97 -61.38
N MET D 84 -35.16 -71.97 -60.78
CA MET D 84 -35.92 -72.17 -59.56
C MET D 84 -37.31 -72.71 -59.72
N ARG D 85 -38.01 -72.17 -60.71
CA ARG D 85 -39.40 -72.50 -61.05
C ARG D 85 -39.67 -73.63 -62.09
N ASN D 86 -38.78 -73.76 -63.06
CA ASN D 86 -38.90 -74.74 -64.15
C ASN D 86 -37.98 -75.95 -64.06
N VAL D 87 -36.67 -75.73 -64.03
CA VAL D 87 -35.76 -76.85 -63.98
C VAL D 87 -36.14 -77.88 -62.91
N ASN D 88 -36.19 -79.14 -63.32
CA ASN D 88 -36.56 -80.24 -62.45
C ASN D 88 -35.67 -80.31 -61.21
N GLY D 89 -36.20 -79.83 -60.09
CA GLY D 89 -35.44 -79.88 -58.85
C GLY D 89 -34.40 -78.78 -58.76
N GLY D 90 -34.51 -77.81 -59.65
CA GLY D 90 -33.58 -76.69 -59.66
C GLY D 90 -33.63 -75.92 -58.37
N PHE D 91 -34.85 -75.64 -57.91
CA PHE D 91 -35.04 -74.93 -56.67
C PHE D 91 -34.21 -75.55 -55.53
N MET D 92 -34.05 -76.86 -55.52
CA MET D 92 -33.27 -77.47 -54.46
C MET D 92 -31.78 -77.57 -54.78
N LEU D 93 -31.44 -77.49 -56.06
CA LEU D 93 -30.04 -77.58 -56.46
C LEU D 93 -29.39 -76.21 -56.24
N ARG D 94 -30.14 -75.16 -56.59
CA ARG D 94 -29.70 -73.77 -56.42
C ARG D 94 -29.39 -73.54 -54.94
N TYR D 95 -30.37 -73.82 -54.07
CA TYR D 95 -30.19 -73.68 -52.64
C TYR D 95 -29.07 -74.54 -52.09
N LEU D 96 -28.82 -75.69 -52.68
CA LEU D 96 -27.74 -76.52 -52.17
C LEU D 96 -26.39 -75.87 -52.51
N HIS D 97 -26.30 -75.28 -53.70
CA HIS D 97 -25.05 -74.66 -54.15
C HIS D 97 -24.75 -73.44 -53.30
N ALA D 98 -25.80 -72.70 -53.00
CA ALA D 98 -25.73 -71.48 -52.19
C ALA D 98 -25.30 -71.77 -50.77
N ASN D 99 -26.06 -72.61 -50.07
CA ASN D 99 -25.70 -72.94 -48.70
C ASN D 99 -24.47 -73.80 -48.70
N GLY D 100 -24.13 -74.36 -49.85
CA GLY D 100 -22.91 -75.16 -49.93
C GLY D 100 -21.70 -74.26 -49.68
N ALA D 101 -21.74 -73.04 -50.22
CA ALA D 101 -20.70 -72.04 -50.01
C ALA D 101 -20.58 -71.81 -48.49
N SER D 102 -21.72 -71.54 -47.83
CA SER D 102 -21.75 -71.31 -46.38
C SER D 102 -21.15 -72.49 -45.62
N LEU D 103 -21.63 -73.71 -45.85
CA LEU D 103 -21.06 -74.86 -45.15
C LEU D 103 -19.59 -74.95 -45.48
N PHE D 104 -19.23 -74.67 -46.73
CA PHE D 104 -17.83 -74.73 -47.14
C PHE D 104 -16.94 -73.86 -46.24
N PHE D 105 -17.40 -72.64 -45.95
CA PHE D 105 -16.63 -71.72 -45.07
C PHE D 105 -16.71 -72.09 -43.59
N ILE D 106 -17.89 -72.35 -43.06
CA ILE D 106 -17.98 -72.75 -41.67
C ILE D 106 -16.97 -73.87 -41.42
N ALA D 107 -16.77 -74.68 -42.46
CA ALA D 107 -15.87 -75.81 -42.34
C ALA D 107 -14.43 -75.41 -42.40
N VAL D 108 -14.10 -74.57 -43.38
CA VAL D 108 -12.73 -74.14 -43.50
C VAL D 108 -12.27 -73.30 -42.28
N TYR D 109 -13.17 -72.58 -41.60
CA TYR D 109 -12.76 -71.82 -40.42
C TYR D 109 -12.53 -72.78 -39.26
N LEU D 110 -13.46 -73.70 -39.05
CA LEU D 110 -13.30 -74.68 -37.99
C LEU D 110 -12.02 -75.46 -38.26
N HIS D 111 -11.78 -75.75 -39.53
CA HIS D 111 -10.59 -76.49 -39.94
C HIS D 111 -9.36 -75.65 -39.59
N ILE D 112 -9.38 -74.36 -39.96
CA ILE D 112 -8.26 -73.44 -39.70
C ILE D 112 -7.93 -73.27 -38.22
N PHE D 113 -8.94 -72.93 -37.41
CA PHE D 113 -8.69 -72.76 -36.00
C PHE D 113 -8.18 -74.03 -35.36
N ARG D 114 -8.63 -75.17 -35.84
CA ARG D 114 -8.17 -76.43 -35.30
C ARG D 114 -6.67 -76.40 -35.47
N GLY D 115 -6.23 -75.89 -36.61
CA GLY D 115 -4.81 -75.84 -36.88
C GLY D 115 -4.01 -74.88 -36.01
N LEU D 116 -4.54 -73.66 -35.83
CA LEU D 116 -3.89 -72.66 -35.01
C LEU D 116 -3.64 -73.16 -33.59
N TYR D 117 -4.60 -73.90 -33.03
CA TYR D 117 -4.51 -74.42 -31.69
C TYR D 117 -3.56 -75.60 -31.51
N TYR D 118 -3.58 -76.57 -32.40
CA TYR D 118 -2.71 -77.72 -32.20
C TYR D 118 -1.35 -77.63 -32.84
N GLY D 119 -0.99 -76.45 -33.33
CA GLY D 119 0.32 -76.28 -33.96
C GLY D 119 0.50 -77.16 -35.19
N SER D 120 -0.59 -77.33 -35.95
CA SER D 120 -0.58 -78.13 -37.15
C SER D 120 0.18 -77.38 -38.24
N TYR D 121 0.46 -76.10 -38.02
CA TYR D 121 1.21 -75.28 -38.97
C TYR D 121 2.69 -75.28 -38.64
N LYS D 122 3.00 -75.69 -37.42
CA LYS D 122 4.37 -75.76 -36.97
C LYS D 122 5.11 -76.87 -37.64
N ALA D 123 6.35 -76.62 -38.04
CA ALA D 123 7.19 -77.62 -38.70
C ALA D 123 6.99 -79.03 -38.15
N PRO D 124 7.08 -80.05 -39.03
CA PRO D 124 7.36 -79.98 -40.48
C PRO D 124 6.16 -79.63 -41.38
N ARG D 125 5.00 -79.42 -40.79
CA ARG D 125 3.82 -79.14 -41.56
C ARG D 125 3.72 -77.74 -42.13
N GLU D 126 4.85 -77.08 -42.34
CA GLU D 126 4.79 -75.73 -42.86
C GLU D 126 4.28 -75.60 -44.30
N VAL D 127 4.44 -76.64 -45.11
CA VAL D 127 3.98 -76.57 -46.48
C VAL D 127 2.49 -76.86 -46.52
N THR D 128 2.03 -77.85 -45.77
CA THR D 128 0.61 -78.15 -45.72
C THR D 128 -0.15 -76.83 -45.53
N TRP D 129 0.32 -76.06 -44.57
CA TRP D 129 -0.24 -74.77 -44.17
C TRP D 129 -0.28 -73.73 -45.29
N ILE D 130 0.83 -73.51 -45.97
CA ILE D 130 0.83 -72.53 -47.05
C ILE D 130 -0.07 -72.98 -48.21
N VAL D 131 -0.02 -74.24 -48.60
CA VAL D 131 -0.89 -74.73 -49.66
C VAL D 131 -2.33 -74.52 -49.20
N GLY D 132 -2.61 -74.86 -47.94
CA GLY D 132 -3.96 -74.67 -47.42
C GLY D 132 -4.36 -73.20 -47.48
N MET D 133 -3.37 -72.34 -47.26
CA MET D 133 -3.55 -70.90 -47.28
C MET D 133 -3.90 -70.37 -48.67
N LEU D 134 -3.35 -71.02 -49.69
CA LEU D 134 -3.61 -70.67 -51.09
C LEU D 134 -5.04 -71.11 -51.40
N ILE D 135 -5.37 -72.33 -50.95
CA ILE D 135 -6.70 -72.86 -51.16
C ILE D 135 -7.71 -71.89 -50.58
N TYR D 136 -7.44 -71.38 -49.38
CA TYR D 136 -8.32 -70.41 -48.75
C TYR D 136 -8.53 -69.15 -49.59
N LEU D 137 -7.45 -68.64 -50.16
CA LEU D 137 -7.54 -67.45 -50.97
C LEU D 137 -8.41 -67.71 -52.19
N ALA D 138 -8.19 -68.87 -52.83
CA ALA D 138 -8.93 -69.27 -54.02
C ALA D 138 -10.41 -69.39 -53.67
N MET D 139 -10.71 -70.05 -52.55
CA MET D 139 -12.09 -70.23 -52.11
C MET D 139 -12.82 -68.92 -52.08
N MET D 140 -12.26 -67.90 -51.47
CA MET D 140 -12.95 -66.61 -51.43
C MET D 140 -13.10 -66.01 -52.84
N ALA D 141 -12.01 -66.00 -53.60
CA ALA D 141 -12.06 -65.44 -54.93
C ALA D 141 -13.22 -66.10 -55.64
N THR D 142 -13.31 -67.43 -55.55
CA THR D 142 -14.41 -68.16 -56.20
C THR D 142 -15.78 -67.72 -55.65
N ALA D 143 -15.97 -67.99 -54.35
CA ALA D 143 -17.19 -67.65 -53.61
C ALA D 143 -17.72 -66.25 -53.96
N PHE D 144 -16.79 -65.37 -54.27
CA PHE D 144 -17.14 -64.02 -54.63
C PHE D 144 -17.81 -63.98 -56.02
N MET D 145 -17.08 -64.46 -57.02
CA MET D 145 -17.55 -64.47 -58.42
C MET D 145 -18.87 -65.20 -58.55
N GLY D 146 -19.01 -66.26 -57.76
CA GLY D 146 -20.25 -67.00 -57.78
C GLY D 146 -21.39 -66.04 -57.45
N TYR D 147 -21.30 -65.42 -56.28
CA TYR D 147 -22.31 -64.48 -55.79
C TYR D 147 -22.62 -63.38 -56.79
N VAL D 148 -21.68 -63.07 -57.67
CA VAL D 148 -21.96 -62.01 -58.63
C VAL D 148 -22.94 -62.47 -59.68
N LEU D 149 -22.89 -63.77 -60.04
CA LEU D 149 -23.70 -64.39 -61.10
C LEU D 149 -25.23 -64.20 -61.11
N PRO D 150 -25.88 -64.32 -59.95
CA PRO D 150 -27.32 -64.13 -59.96
C PRO D 150 -27.69 -62.74 -60.46
N TRP D 151 -26.74 -61.82 -60.37
CA TRP D 151 -26.93 -60.45 -60.78
C TRP D 151 -28.00 -59.71 -60.01
N GLY D 152 -27.97 -59.86 -58.68
CA GLY D 152 -28.93 -59.18 -57.82
C GLY D 152 -28.38 -57.87 -57.30
N GLN D 153 -28.97 -57.29 -56.25
CA GLN D 153 -28.42 -56.04 -55.76
C GLN D 153 -27.06 -56.29 -55.11
N MET D 154 -26.98 -57.27 -54.21
CA MET D 154 -25.70 -57.54 -53.60
C MET D 154 -24.68 -57.96 -54.64
N SER D 155 -25.11 -58.76 -55.61
CA SER D 155 -24.23 -59.22 -56.68
C SER D 155 -23.56 -58.06 -57.38
N PHE D 156 -24.39 -57.11 -57.84
CA PHE D 156 -23.85 -55.99 -58.56
C PHE D 156 -22.92 -55.08 -57.77
N TRP D 157 -23.31 -54.68 -56.57
CA TRP D 157 -22.49 -53.77 -55.78
C TRP D 157 -21.31 -54.43 -55.15
N GLY D 158 -21.45 -55.68 -54.75
CA GLY D 158 -20.30 -56.36 -54.17
C GLY D 158 -19.28 -56.47 -55.29
N ALA D 159 -19.78 -56.57 -56.52
CA ALA D 159 -18.91 -56.69 -57.69
C ALA D 159 -18.24 -55.36 -57.86
N THR D 160 -18.98 -54.27 -57.60
CA THR D 160 -18.42 -52.92 -57.72
C THR D 160 -17.32 -52.64 -56.67
N VAL D 161 -17.64 -52.98 -55.42
CA VAL D 161 -16.75 -52.79 -54.28
C VAL D 161 -15.51 -53.71 -54.32
N ILE D 162 -15.69 -55.00 -54.59
CA ILE D 162 -14.52 -55.86 -54.64
C ILE D 162 -13.61 -55.52 -55.78
N THR D 163 -14.12 -55.21 -56.98
CA THR D 163 -13.17 -54.81 -58.02
C THR D 163 -12.54 -53.43 -57.60
N GLY D 164 -13.22 -52.71 -56.71
CA GLY D 164 -12.72 -51.42 -56.25
C GLY D 164 -11.45 -51.51 -55.41
N LEU D 165 -11.30 -52.60 -54.65
CA LEU D 165 -10.13 -52.83 -53.83
C LEU D 165 -8.85 -52.75 -54.68
N PHE D 166 -8.92 -53.06 -55.95
CA PHE D 166 -7.72 -53.01 -56.74
C PHE D 166 -7.48 -51.61 -57.21
N GLY D 167 -8.51 -50.76 -57.06
CA GLY D 167 -8.39 -49.38 -57.46
C GLY D 167 -7.58 -48.67 -56.38
N ALA D 168 -7.57 -49.27 -55.20
CA ALA D 168 -6.84 -48.72 -54.08
C ALA D 168 -5.34 -48.79 -54.29
N ILE D 169 -4.85 -49.81 -55.00
CA ILE D 169 -3.40 -49.96 -55.24
C ILE D 169 -2.88 -48.68 -55.89
N PRO D 170 -1.86 -48.07 -55.29
CA PRO D 170 -1.22 -46.83 -55.74
C PRO D 170 -0.60 -46.98 -57.11
N GLY D 171 -0.88 -46.02 -57.99
CA GLY D 171 -0.31 -46.06 -59.34
C GLY D 171 -1.04 -46.96 -60.35
N ILE D 172 -0.59 -48.21 -60.41
CA ILE D 172 -1.18 -49.21 -61.30
C ILE D 172 -2.67 -49.42 -61.01
N GLY D 173 -3.06 -49.35 -59.75
CA GLY D 173 -4.45 -49.52 -59.37
C GLY D 173 -5.57 -49.19 -60.34
N HIS D 174 -5.56 -48.03 -61.01
CA HIS D 174 -6.68 -47.74 -61.90
C HIS D 174 -6.66 -48.71 -63.04
N SER D 175 -5.47 -49.10 -63.47
CA SER D 175 -5.34 -50.04 -64.58
C SER D 175 -5.83 -51.43 -64.24
N ILE D 176 -5.30 -51.97 -63.14
CA ILE D 176 -5.71 -53.29 -62.65
C ILE D 176 -7.26 -53.36 -62.60
N GLN D 177 -7.88 -52.27 -62.18
CA GLN D 177 -9.32 -52.23 -62.08
C GLN D 177 -10.01 -52.19 -63.42
N THR D 178 -9.61 -51.29 -64.32
CA THR D 178 -10.26 -51.23 -65.63
C THR D 178 -10.18 -52.58 -66.31
N TRP D 179 -9.02 -53.25 -66.18
CA TRP D 179 -8.80 -54.59 -66.75
C TRP D 179 -9.75 -55.61 -66.13
N LEU D 180 -9.86 -55.66 -64.82
CA LEU D 180 -10.80 -56.59 -64.20
C LEU D 180 -12.24 -56.38 -64.69
N LEU D 181 -12.64 -55.13 -64.86
CA LEU D 181 -13.97 -54.82 -65.27
C LEU D 181 -14.23 -54.93 -66.75
N GLY D 182 -13.15 -54.91 -67.53
CA GLY D 182 -13.29 -54.94 -68.98
C GLY D 182 -13.96 -53.68 -69.49
N GLY D 183 -14.05 -52.68 -68.61
CA GLY D 183 -14.68 -51.44 -68.99
C GLY D 183 -14.63 -50.37 -67.93
N PRO D 184 -15.45 -49.32 -68.07
CA PRO D 184 -15.48 -48.22 -67.11
C PRO D 184 -16.42 -48.48 -65.93
N ALA D 185 -17.00 -49.65 -65.84
CA ALA D 185 -17.93 -49.94 -64.76
C ALA D 185 -18.28 -51.40 -64.72
N VAL D 186 -18.77 -51.90 -63.59
CA VAL D 186 -19.19 -53.29 -63.56
C VAL D 186 -20.39 -53.39 -64.49
N ASP D 187 -20.22 -54.19 -65.54
CA ASP D 187 -21.26 -54.38 -66.52
C ASP D 187 -21.24 -55.82 -67.05
N ASN D 188 -21.86 -56.04 -68.21
CA ASN D 188 -21.90 -57.37 -68.78
C ASN D 188 -20.50 -57.93 -68.97
N ALA D 189 -19.65 -57.17 -69.63
CA ALA D 189 -18.29 -57.64 -69.84
C ALA D 189 -17.65 -58.27 -68.60
N THR D 190 -18.08 -57.80 -67.44
CA THR D 190 -17.55 -58.27 -66.18
C THR D 190 -18.21 -59.57 -65.81
N LEU D 191 -19.56 -59.53 -65.75
CA LEU D 191 -20.39 -60.70 -65.42
C LEU D 191 -19.94 -61.92 -66.23
N ASN D 192 -19.79 -61.72 -67.54
CA ASN D 192 -19.35 -62.76 -68.47
C ASN D 192 -17.98 -63.37 -68.12
N ARG D 193 -16.98 -62.54 -67.87
CA ARG D 193 -15.66 -63.08 -67.54
C ARG D 193 -15.66 -63.74 -66.17
N PHE D 194 -16.56 -63.28 -65.31
CA PHE D 194 -16.66 -63.81 -63.94
C PHE D 194 -17.24 -65.19 -64.01
N PHE D 195 -18.12 -65.41 -64.98
CA PHE D 195 -18.71 -66.71 -65.14
C PHE D 195 -17.57 -67.66 -65.50
N SER D 196 -16.86 -67.37 -66.60
CA SER D 196 -15.76 -68.22 -67.00
C SER D 196 -14.78 -68.54 -65.87
N LEU D 197 -14.49 -67.57 -65.01
CA LEU D 197 -13.54 -67.82 -63.92
C LEU D 197 -14.13 -68.59 -62.73
N HIS D 198 -15.42 -68.36 -62.45
CA HIS D 198 -16.09 -69.05 -61.35
C HIS D 198 -16.06 -70.54 -61.67
N TYR D 199 -16.15 -70.85 -62.96
CA TYR D 199 -16.12 -72.24 -63.40
C TYR D 199 -14.72 -72.80 -63.18
N LEU D 200 -13.71 -72.14 -63.80
CA LEU D 200 -12.30 -72.53 -63.75
C LEU D 200 -11.66 -72.65 -62.36
N LEU D 201 -11.87 -71.67 -61.49
CA LEU D 201 -11.23 -71.77 -60.20
C LEU D 201 -11.41 -73.06 -59.40
N PRO D 202 -12.65 -73.56 -59.28
CA PRO D 202 -12.76 -74.79 -58.50
C PRO D 202 -11.86 -75.95 -58.93
N PHE D 203 -11.53 -76.05 -60.22
CA PHE D 203 -10.66 -77.13 -60.65
C PHE D 203 -9.23 -76.85 -60.18
N VAL D 204 -8.89 -75.58 -60.09
CA VAL D 204 -7.58 -75.17 -59.59
C VAL D 204 -7.56 -75.52 -58.08
N ILE D 205 -8.64 -75.22 -57.34
CA ILE D 205 -8.68 -75.57 -55.92
C ILE D 205 -8.45 -77.09 -55.80
N ALA D 206 -9.27 -77.86 -56.53
CA ALA D 206 -9.20 -79.32 -56.55
C ALA D 206 -7.75 -79.73 -56.72
N ALA D 207 -7.06 -79.14 -57.70
CA ALA D 207 -5.66 -79.46 -57.93
C ALA D 207 -4.83 -79.20 -56.68
N LEU D 208 -5.04 -78.06 -56.00
CA LEU D 208 -4.28 -77.77 -54.77
C LEU D 208 -4.61 -78.74 -53.64
N VAL D 209 -5.90 -79.10 -53.53
CA VAL D 209 -6.33 -80.02 -52.50
C VAL D 209 -5.60 -81.33 -52.67
N ALA D 210 -5.20 -81.61 -53.91
CA ALA D 210 -4.44 -82.84 -54.19
C ALA D 210 -3.06 -82.69 -53.53
N ILE D 211 -2.38 -81.58 -53.81
CA ILE D 211 -1.10 -81.31 -53.20
C ILE D 211 -1.20 -81.11 -51.67
N HIS D 212 -2.30 -80.51 -51.20
CA HIS D 212 -2.53 -80.28 -49.77
C HIS D 212 -2.51 -81.66 -49.14
N ILE D 213 -3.29 -82.57 -49.72
CA ILE D 213 -3.35 -83.94 -49.24
C ILE D 213 -1.99 -84.62 -49.34
N TRP D 214 -1.38 -84.54 -50.52
CA TRP D 214 -0.07 -85.14 -50.74
C TRP D 214 0.91 -84.73 -49.66
N ALA D 215 0.86 -83.45 -49.29
CA ALA D 215 1.77 -82.87 -48.29
C ALA D 215 1.59 -83.40 -46.90
N PHE D 216 0.35 -83.45 -46.42
CA PHE D 216 0.21 -83.96 -45.07
C PHE D 216 0.30 -85.47 -45.06
N HIS D 217 0.12 -86.09 -46.22
CA HIS D 217 0.23 -87.53 -46.30
C HIS D 217 1.71 -87.87 -46.19
N SER D 218 2.58 -87.08 -46.81
CA SER D 218 4.03 -87.38 -46.73
C SER D 218 4.71 -86.68 -45.55
N THR D 219 3.96 -86.54 -44.47
CA THR D 219 4.46 -85.87 -43.27
C THR D 219 3.79 -86.51 -42.07
N GLY D 220 2.76 -87.29 -42.34
CA GLY D 220 2.00 -87.96 -41.30
C GLY D 220 1.06 -86.95 -40.68
N ASN D 221 -0.10 -87.39 -40.21
CA ASN D 221 -1.04 -86.47 -39.57
C ASN D 221 -0.58 -85.96 -38.20
N ASN D 222 -1.24 -84.91 -37.71
CA ASN D 222 -0.90 -84.40 -36.40
C ASN D 222 -1.99 -84.85 -35.44
N ASN D 223 -1.67 -85.01 -34.15
CA ASN D 223 -2.67 -85.38 -33.15
C ASN D 223 -2.79 -84.27 -32.11
N PRO D 224 -3.81 -84.34 -31.25
CA PRO D 224 -4.04 -83.34 -30.21
C PRO D 224 -2.92 -83.24 -29.20
N THR D 225 -1.91 -84.08 -29.36
CA THR D 225 -0.77 -84.13 -28.47
C THR D 225 0.44 -83.35 -28.97
N GLY D 226 0.64 -83.35 -30.28
CA GLY D 226 1.80 -82.63 -30.80
C GLY D 226 2.98 -83.57 -30.83
N VAL D 227 2.80 -84.74 -30.25
CA VAL D 227 3.84 -85.75 -30.23
C VAL D 227 3.72 -86.55 -31.52
N GLU D 228 4.82 -86.71 -32.26
CA GLU D 228 4.77 -87.45 -33.51
C GLU D 228 4.63 -88.93 -33.22
N VAL D 229 4.41 -89.72 -34.27
CA VAL D 229 4.27 -91.17 -34.14
C VAL D 229 5.68 -91.74 -34.14
N ARG D 230 5.95 -92.73 -33.29
CA ARG D 230 7.27 -93.33 -33.21
C ARG D 230 7.67 -93.96 -34.54
N ARG D 231 8.73 -93.43 -35.16
CA ARG D 231 9.19 -93.90 -36.47
C ARG D 231 10.36 -94.90 -36.47
N THR D 232 10.58 -95.58 -35.35
CA THR D 232 11.71 -96.52 -35.29
C THR D 232 11.44 -98.02 -35.48
N SER D 233 10.18 -98.44 -35.52
CA SER D 233 9.87 -99.86 -35.74
C SER D 233 8.38 -100.09 -36.06
N LYS D 234 8.11 -101.00 -37.00
CA LYS D 234 6.73 -101.28 -37.38
C LYS D 234 5.96 -101.64 -36.12
N ALA D 235 6.69 -102.14 -35.14
CA ALA D 235 6.11 -102.56 -33.86
C ALA D 235 5.55 -101.43 -33.02
N GLU D 236 6.41 -100.51 -32.62
CA GLU D 236 5.96 -99.40 -31.79
C GLU D 236 5.21 -98.35 -32.61
N ALA D 237 5.33 -98.40 -33.92
CA ALA D 237 4.62 -97.44 -34.74
C ALA D 237 3.14 -97.81 -34.65
N GLN D 238 2.87 -99.13 -34.71
CA GLN D 238 1.53 -99.68 -34.65
C GLN D 238 0.90 -99.45 -33.28
N LYS D 239 1.75 -99.13 -32.30
CA LYS D 239 1.30 -98.88 -30.93
C LYS D 239 0.64 -97.52 -30.84
N ASP D 240 1.14 -96.58 -31.64
CA ASP D 240 0.67 -95.19 -31.70
C ASP D 240 -0.44 -94.95 -32.73
N THR D 241 -0.50 -95.80 -33.74
CA THR D 241 -1.45 -95.68 -34.83
C THR D 241 -2.60 -96.67 -34.91
N VAL D 242 -3.24 -96.67 -36.07
CA VAL D 242 -4.37 -97.52 -36.42
C VAL D 242 -4.48 -97.19 -37.91
N PRO D 243 -4.79 -98.18 -38.76
CA PRO D 243 -4.87 -97.83 -40.17
C PRO D 243 -6.02 -96.87 -40.49
N PHE D 244 -5.76 -95.92 -41.38
CA PHE D 244 -6.77 -94.95 -41.74
C PHE D 244 -8.07 -95.65 -42.08
N TRP D 245 -7.99 -96.60 -43.01
CA TRP D 245 -9.15 -97.39 -43.40
C TRP D 245 -9.12 -98.64 -42.54
N PRO D 246 -10.24 -99.00 -41.90
CA PRO D 246 -11.55 -98.36 -41.91
C PRO D 246 -11.81 -97.54 -40.65
N TYR D 247 -10.85 -97.58 -39.76
CA TYR D 247 -10.97 -96.88 -38.51
C TYR D 247 -11.36 -95.43 -38.65
N PHE D 248 -10.66 -94.66 -39.46
CA PHE D 248 -11.03 -93.27 -39.59
C PHE D 248 -11.98 -92.93 -40.71
N ILE D 249 -12.02 -93.73 -41.77
CA ILE D 249 -12.96 -93.40 -42.81
C ILE D 249 -14.36 -93.54 -42.27
N ILE D 250 -14.58 -94.50 -41.36
CA ILE D 250 -15.92 -94.67 -40.81
C ILE D 250 -16.25 -93.55 -39.86
N LYS D 251 -15.24 -93.15 -39.10
CA LYS D 251 -15.39 -92.07 -38.13
C LYS D 251 -15.76 -90.79 -38.90
N ASP D 252 -14.95 -90.50 -39.93
CA ASP D 252 -15.11 -89.33 -40.80
C ASP D 252 -16.43 -89.37 -41.56
N VAL D 253 -16.72 -90.48 -42.21
CA VAL D 253 -17.97 -90.59 -42.93
C VAL D 253 -19.11 -90.43 -41.91
N PHE D 254 -18.98 -91.05 -40.73
CA PHE D 254 -20.04 -90.93 -39.72
C PHE D 254 -20.28 -89.48 -39.38
N ALA D 255 -19.19 -88.75 -39.11
CA ALA D 255 -19.28 -87.33 -38.79
C ALA D 255 -19.95 -86.59 -39.96
N LEU D 256 -19.42 -86.83 -41.16
CA LEU D 256 -19.92 -86.25 -42.40
C LEU D 256 -21.45 -86.44 -42.57
N ALA D 257 -22.00 -87.52 -42.02
CA ALA D 257 -23.43 -87.79 -42.09
C ALA D 257 -24.20 -86.90 -41.13
N VAL D 258 -23.65 -86.69 -39.93
CA VAL D 258 -24.33 -85.85 -38.98
C VAL D 258 -24.32 -84.41 -39.47
N VAL D 259 -23.20 -84.01 -40.07
CA VAL D 259 -23.08 -82.65 -40.60
C VAL D 259 -24.16 -82.46 -41.68
N LEU D 260 -24.14 -83.36 -42.65
CA LEU D 260 -25.09 -83.32 -43.75
C LEU D 260 -26.53 -83.36 -43.26
N LEU D 261 -26.74 -84.02 -42.12
CA LEU D 261 -28.09 -84.10 -41.57
C LEU D 261 -28.58 -82.68 -41.31
N VAL D 262 -27.78 -81.93 -40.56
CA VAL D 262 -28.07 -80.55 -40.22
C VAL D 262 -28.09 -79.66 -41.45
N PHE D 263 -27.13 -79.89 -42.34
CA PHE D 263 -27.03 -79.11 -43.58
C PHE D 263 -28.33 -79.18 -44.42
N PHE D 264 -28.89 -80.39 -44.58
CA PHE D 264 -30.13 -80.57 -45.33
C PHE D 264 -31.32 -80.01 -44.58
N ALA D 265 -31.20 -80.00 -43.25
CA ALA D 265 -32.25 -79.44 -42.40
C ALA D 265 -32.34 -77.97 -42.78
N ILE D 266 -31.18 -77.33 -42.91
CA ILE D 266 -31.10 -75.92 -43.29
C ILE D 266 -31.63 -75.70 -44.72
N VAL D 267 -31.07 -76.44 -45.68
CA VAL D 267 -31.43 -76.31 -47.08
C VAL D 267 -32.90 -76.59 -47.35
N GLY D 268 -33.51 -77.43 -46.52
CA GLY D 268 -34.91 -77.76 -46.72
C GLY D 268 -35.88 -76.85 -46.01
N PHE D 269 -35.55 -76.53 -44.76
CA PHE D 269 -36.41 -75.69 -43.97
C PHE D 269 -36.11 -74.19 -43.89
N MET D 270 -34.84 -73.80 -43.90
CA MET D 270 -34.49 -72.37 -43.85
C MET D 270 -33.38 -72.06 -44.82
N PRO D 271 -33.57 -72.40 -46.11
CA PRO D 271 -32.60 -72.18 -47.19
C PRO D 271 -32.13 -70.73 -47.36
N ASN D 272 -32.98 -69.77 -46.95
CA ASN D 272 -32.67 -68.34 -47.05
C ASN D 272 -32.17 -67.63 -45.80
N TYR D 273 -31.96 -68.39 -44.73
CA TYR D 273 -31.48 -67.82 -43.49
C TYR D 273 -30.11 -67.15 -43.61
N LEU D 274 -29.14 -67.88 -44.12
CA LEU D 274 -27.79 -67.38 -44.28
C LEU D 274 -27.53 -66.38 -45.42
N GLY D 275 -28.55 -65.95 -46.13
CA GLY D 275 -28.32 -65.03 -47.23
C GLY D 275 -28.95 -63.67 -47.08
N HIS D 276 -28.72 -62.82 -48.08
CA HIS D 276 -29.22 -61.45 -48.06
C HIS D 276 -30.40 -61.17 -48.98
N PRO D 277 -31.59 -60.92 -48.38
CA PRO D 277 -32.84 -60.62 -49.03
C PRO D 277 -32.73 -59.63 -50.17
N ASP D 278 -31.72 -58.79 -50.12
CA ASP D 278 -31.60 -57.80 -51.15
C ASP D 278 -31.11 -58.38 -52.46
N ASN D 279 -30.71 -59.63 -52.47
CA ASN D 279 -30.23 -60.16 -53.72
C ASN D 279 -31.36 -60.79 -54.54
N TYR D 280 -32.60 -60.61 -54.07
CA TYR D 280 -33.80 -61.12 -54.75
C TYR D 280 -34.39 -59.90 -55.42
N ILE D 281 -33.59 -58.86 -55.45
CA ILE D 281 -33.95 -57.59 -56.06
C ILE D 281 -33.00 -57.54 -57.26
N GLU D 282 -33.51 -57.36 -58.47
CA GLU D 282 -32.58 -57.30 -59.61
C GLU D 282 -31.55 -56.20 -59.44
N ALA D 283 -30.36 -56.41 -59.98
CA ALA D 283 -29.30 -55.44 -59.89
C ALA D 283 -29.77 -54.09 -60.47
N ASN D 284 -29.43 -53.03 -59.74
CA ASN D 284 -29.77 -51.66 -60.10
C ASN D 284 -28.50 -50.85 -60.10
N PRO D 285 -28.05 -50.39 -61.27
CA PRO D 285 -26.82 -49.60 -61.34
C PRO D 285 -26.92 -48.18 -60.78
N LEU D 286 -28.13 -47.71 -60.53
CA LEU D 286 -28.33 -46.39 -60.00
C LEU D 286 -28.79 -46.29 -58.55
N ARG D 287 -28.82 -47.39 -57.81
CA ARG D 287 -29.22 -47.37 -56.40
C ARG D 287 -28.40 -48.36 -55.62
N THR D 288 -27.87 -47.96 -54.46
CA THR D 288 -27.15 -48.93 -53.66
C THR D 288 -28.04 -49.20 -52.47
N PRO D 289 -28.45 -50.45 -52.29
CA PRO D 289 -29.31 -50.79 -51.16
C PRO D 289 -28.77 -50.22 -49.86
N ALA D 290 -29.65 -49.58 -49.10
CA ALA D 290 -29.31 -49.00 -47.83
C ALA D 290 -28.78 -50.03 -46.86
N HIS D 291 -29.20 -51.28 -46.98
CA HIS D 291 -28.71 -52.26 -46.03
C HIS D 291 -27.69 -53.23 -46.58
N ILE D 292 -26.96 -52.80 -47.61
CA ILE D 292 -25.96 -53.67 -48.20
C ILE D 292 -24.99 -54.19 -47.14
N VAL D 293 -24.86 -55.50 -47.05
CA VAL D 293 -23.96 -56.15 -46.10
C VAL D 293 -23.29 -57.32 -46.80
N PRO D 294 -22.05 -57.60 -46.44
CA PRO D 294 -21.42 -58.73 -47.12
C PRO D 294 -21.97 -60.11 -46.71
N GLU D 295 -21.41 -61.13 -47.33
CA GLU D 295 -21.84 -62.50 -47.05
C GLU D 295 -21.24 -62.75 -45.70
N TRP D 296 -21.93 -63.47 -44.83
CA TRP D 296 -21.37 -63.69 -43.52
C TRP D 296 -19.93 -64.16 -43.51
N TYR D 297 -19.57 -65.15 -44.32
CA TYR D 297 -18.16 -65.60 -44.29
C TYR D 297 -17.09 -64.55 -44.69
N PHE D 298 -17.52 -63.36 -45.13
CA PHE D 298 -16.62 -62.25 -45.48
C PHE D 298 -16.64 -61.14 -44.42
N LEU D 299 -17.66 -61.15 -43.58
CA LEU D 299 -17.81 -60.12 -42.59
C LEU D 299 -16.57 -59.76 -41.78
N PRO D 300 -15.92 -60.73 -41.14
CA PRO D 300 -14.72 -60.35 -40.37
C PRO D 300 -13.69 -59.51 -41.14
N PHE D 301 -13.29 -59.95 -42.34
CA PHE D 301 -12.31 -59.18 -43.11
C PHE D 301 -12.92 -57.87 -43.60
N TYR D 302 -14.24 -57.78 -43.60
CA TYR D 302 -14.90 -56.56 -44.02
C TYR D 302 -14.83 -55.56 -42.85
N ALA D 303 -15.06 -56.08 -41.63
CA ALA D 303 -15.03 -55.27 -40.40
C ALA D 303 -13.70 -54.57 -40.38
N ILE D 304 -12.63 -55.37 -40.40
CA ILE D 304 -11.26 -54.86 -40.40
C ILE D 304 -11.02 -53.79 -41.45
N LEU D 305 -11.59 -53.94 -42.64
CA LEU D 305 -11.36 -52.93 -43.64
C LEU D 305 -12.01 -51.61 -43.32
N ARG D 306 -13.20 -51.63 -42.71
CA ARG D 306 -13.81 -50.33 -42.46
C ARG D 306 -13.63 -49.72 -41.09
N ALA D 307 -12.74 -50.34 -40.30
CA ALA D 307 -12.41 -49.84 -38.97
C ALA D 307 -11.53 -48.63 -39.25
N PHE D 308 -10.59 -48.83 -40.19
CA PHE D 308 -9.65 -47.82 -40.57
C PHE D 308 -10.18 -46.74 -41.47
N THR D 309 -10.68 -45.67 -40.83
CA THR D 309 -11.20 -44.50 -41.50
C THR D 309 -10.17 -43.38 -41.38
N ALA D 310 -10.42 -42.32 -42.12
CA ALA D 310 -9.54 -41.14 -42.20
C ALA D 310 -9.01 -40.65 -40.89
N ASP D 311 -9.82 -40.78 -39.87
CA ASP D 311 -9.48 -40.28 -38.56
C ASP D 311 -9.07 -41.28 -37.49
N VAL D 312 -8.29 -42.28 -37.87
CA VAL D 312 -7.80 -43.23 -36.91
C VAL D 312 -6.36 -42.83 -36.67
N TRP D 313 -5.98 -42.74 -35.41
CA TRP D 313 -4.63 -42.28 -35.16
C TRP D 313 -3.57 -42.95 -35.99
N VAL D 314 -3.47 -44.27 -35.91
CA VAL D 314 -2.44 -44.92 -36.70
C VAL D 314 -2.61 -44.72 -38.22
N VAL D 315 -3.84 -44.65 -38.70
CA VAL D 315 -4.05 -44.39 -40.13
C VAL D 315 -3.40 -43.02 -40.44
N GLN D 316 -3.66 -42.05 -39.57
CA GLN D 316 -3.17 -40.67 -39.68
C GLN D 316 -1.66 -40.60 -39.74
N ILE D 317 -0.98 -41.27 -38.81
CA ILE D 317 0.47 -41.31 -38.78
C ILE D 317 1.02 -41.83 -40.12
N ALA D 318 0.55 -43.00 -40.53
CA ALA D 318 0.96 -43.63 -41.77
C ALA D 318 0.74 -42.72 -42.97
N ASN D 319 -0.44 -42.11 -42.98
CA ASN D 319 -0.78 -41.20 -44.05
C ASN D 319 0.28 -40.09 -44.08
N PHE D 320 0.68 -39.62 -42.89
CA PHE D 320 1.70 -38.58 -42.74
C PHE D 320 3.07 -39.06 -43.25
N ILE D 321 3.66 -40.04 -42.57
CA ILE D 321 4.96 -40.53 -42.99
C ILE D 321 5.02 -41.15 -44.37
N SER D 322 3.88 -41.26 -45.06
CA SER D 322 3.87 -41.85 -46.40
C SER D 322 3.68 -40.75 -47.44
N PHE D 323 3.76 -39.51 -46.97
CA PHE D 323 3.60 -38.38 -47.84
C PHE D 323 2.27 -38.43 -48.56
N GLY D 324 1.30 -39.11 -47.95
CA GLY D 324 0.00 -39.19 -48.56
C GLY D 324 -0.32 -40.51 -49.23
N ILE D 325 0.68 -41.16 -49.83
CA ILE D 325 0.46 -42.41 -50.53
C ILE D 325 -0.41 -43.40 -49.78
N ILE D 326 -0.06 -43.73 -48.55
CA ILE D 326 -0.90 -44.67 -47.81
C ILE D 326 -2.01 -43.95 -47.06
N ASP D 327 -3.15 -43.68 -47.69
CA ASP D 327 -4.21 -42.99 -46.97
C ASP D 327 -5.18 -43.96 -46.34
N ALA D 328 -6.34 -43.46 -45.91
CA ALA D 328 -7.34 -44.33 -45.24
C ALA D 328 -7.85 -45.49 -46.08
N LYS D 329 -8.25 -45.19 -47.31
CA LYS D 329 -8.72 -46.18 -48.26
C LYS D 329 -7.77 -47.36 -48.40
N PHE D 330 -6.59 -47.07 -48.94
CA PHE D 330 -5.56 -48.06 -49.19
C PHE D 330 -5.01 -48.74 -47.94
N PHE D 331 -5.26 -48.10 -46.81
CA PHE D 331 -4.80 -48.67 -45.54
C PHE D 331 -5.74 -49.82 -45.18
N GLY D 332 -7.05 -49.58 -45.29
CA GLY D 332 -8.01 -50.61 -44.99
C GLY D 332 -7.85 -51.82 -45.91
N VAL D 333 -7.43 -51.56 -47.15
CA VAL D 333 -7.17 -52.63 -48.10
C VAL D 333 -5.98 -53.42 -47.59
N LEU D 334 -4.91 -52.71 -47.25
CA LEU D 334 -3.73 -53.37 -46.75
C LEU D 334 -4.00 -54.03 -45.41
N ALA D 335 -4.87 -53.44 -44.60
CA ALA D 335 -5.18 -54.00 -43.29
C ALA D 335 -5.90 -55.32 -43.45
N MET D 336 -6.84 -55.39 -44.38
CA MET D 336 -7.60 -56.59 -44.65
C MET D 336 -6.71 -57.70 -45.21
N PHE D 337 -6.12 -57.45 -46.37
CA PHE D 337 -5.27 -58.47 -46.97
C PHE D 337 -4.17 -58.86 -46.00
N GLY D 338 -3.72 -57.89 -45.22
CA GLY D 338 -2.68 -58.16 -44.26
C GLY D 338 -3.20 -59.07 -43.15
N ALA D 339 -4.47 -58.92 -42.78
CA ALA D 339 -5.02 -59.76 -41.74
C ALA D 339 -4.89 -61.24 -42.13
N ILE D 340 -4.94 -61.51 -43.44
CA ILE D 340 -4.83 -62.87 -43.99
C ILE D 340 -3.34 -63.24 -44.12
N LEU D 341 -2.56 -62.37 -44.76
CA LEU D 341 -1.13 -62.62 -44.90
C LEU D 341 -0.46 -62.86 -43.56
N VAL D 342 -0.94 -62.20 -42.51
CA VAL D 342 -0.35 -62.40 -41.22
C VAL D 342 -0.59 -63.82 -40.75
N MET D 343 -1.78 -64.34 -41.06
CA MET D 343 -2.16 -65.68 -40.65
C MET D 343 -1.40 -66.74 -41.45
N ALA D 344 -0.97 -66.36 -42.65
CA ALA D 344 -0.24 -67.28 -43.51
C ALA D 344 1.17 -67.46 -43.01
N LEU D 345 1.63 -66.52 -42.18
CA LEU D 345 2.99 -66.55 -41.68
C LEU D 345 3.12 -67.13 -40.28
N VAL D 346 2.03 -67.59 -39.69
CA VAL D 346 2.08 -68.13 -38.34
C VAL D 346 3.22 -69.09 -38.10
N PRO D 347 3.56 -69.94 -39.09
CA PRO D 347 4.68 -70.87 -38.86
C PRO D 347 5.98 -70.15 -38.48
N TRP D 348 6.10 -68.87 -38.83
CA TRP D 348 7.30 -68.08 -38.54
C TRP D 348 7.10 -66.96 -37.53
N LEU D 349 6.01 -66.96 -36.78
CA LEU D 349 5.79 -65.95 -35.78
C LEU D 349 5.64 -66.65 -34.45
N ASP D 350 5.08 -67.86 -34.48
CA ASP D 350 4.93 -68.62 -33.25
C ASP D 350 6.25 -69.32 -33.03
N THR D 351 7.04 -68.73 -32.15
CA THR D 351 8.36 -69.19 -31.79
C THR D 351 8.43 -70.29 -30.72
N SER D 352 7.33 -70.58 -30.05
CA SER D 352 7.37 -71.62 -29.04
C SER D 352 7.63 -72.93 -29.75
N PRO D 353 8.51 -73.75 -29.21
CA PRO D 353 8.83 -75.03 -29.81
C PRO D 353 7.84 -76.13 -29.43
N VAL D 354 6.93 -75.82 -28.50
CA VAL D 354 5.91 -76.77 -28.07
C VAL D 354 4.83 -76.78 -29.13
N ARG D 355 4.55 -77.94 -29.73
CA ARG D 355 3.55 -78.01 -30.80
C ARG D 355 2.09 -77.83 -30.33
N SER D 356 1.52 -78.80 -29.64
CA SER D 356 0.12 -78.65 -29.23
C SER D 356 -0.08 -77.56 -28.20
N GLY D 357 -1.07 -76.71 -28.40
CA GLY D 357 -1.31 -75.64 -27.45
C GLY D 357 -2.09 -76.15 -26.27
N ARG D 358 -2.21 -77.46 -26.19
CA ARG D 358 -2.94 -78.07 -25.08
C ARG D 358 -2.00 -78.01 -23.89
N TYR D 359 -0.72 -77.84 -24.20
CA TYR D 359 0.34 -77.79 -23.18
C TYR D 359 1.04 -76.42 -23.09
N ARG D 360 0.30 -75.36 -23.39
CA ARG D 360 0.79 -73.99 -23.37
C ARG D 360 -0.30 -73.19 -22.66
N PRO D 361 -0.28 -73.20 -21.32
CA PRO D 361 -1.26 -72.50 -20.48
C PRO D 361 -1.41 -71.03 -20.73
N MET D 362 -0.37 -70.36 -21.19
CA MET D 362 -0.51 -68.95 -21.45
C MET D 362 -1.17 -68.76 -22.80
N PHE D 363 -0.66 -69.49 -23.79
CA PHE D 363 -1.16 -69.46 -25.16
C PHE D 363 -2.66 -69.67 -25.17
N LYS D 364 -3.13 -70.71 -24.48
CA LYS D 364 -4.56 -70.99 -24.44
C LYS D 364 -5.42 -69.76 -24.25
N ILE D 365 -4.93 -68.78 -23.53
CA ILE D 365 -5.76 -67.62 -23.30
C ILE D 365 -5.84 -66.64 -24.45
N TYR D 366 -4.72 -66.35 -25.06
CA TYR D 366 -4.74 -65.43 -26.16
C TYR D 366 -5.43 -66.07 -27.33
N PHE D 367 -5.35 -67.39 -27.43
CA PHE D 367 -5.99 -68.15 -28.51
C PHE D 367 -7.50 -67.97 -28.45
N TRP D 368 -8.10 -68.30 -27.30
CA TRP D 368 -9.55 -68.16 -27.17
C TRP D 368 -10.03 -66.72 -27.32
N LEU D 369 -9.12 -65.78 -27.15
CA LEU D 369 -9.49 -64.39 -27.32
C LEU D 369 -9.53 -64.16 -28.82
N LEU D 370 -8.59 -64.79 -29.51
CA LEU D 370 -8.53 -64.68 -30.97
C LEU D 370 -9.85 -65.24 -31.50
N ALA D 371 -10.22 -66.42 -31.00
CA ALA D 371 -11.46 -67.06 -31.40
C ALA D 371 -12.64 -66.13 -31.10
N ALA D 372 -12.70 -65.57 -29.90
CA ALA D 372 -13.80 -64.68 -29.58
C ALA D 372 -13.76 -63.43 -30.46
N ASP D 373 -12.55 -63.02 -30.83
CA ASP D 373 -12.36 -61.82 -31.65
C ASP D 373 -12.94 -62.00 -33.05
N PHE D 374 -12.68 -63.16 -33.63
CA PHE D 374 -13.17 -63.53 -34.96
C PHE D 374 -14.71 -63.49 -34.97
N VAL D 375 -15.32 -64.05 -33.92
CA VAL D 375 -16.77 -64.08 -33.79
C VAL D 375 -17.31 -62.67 -33.61
N ILE D 376 -16.59 -61.86 -32.82
CA ILE D 376 -16.95 -60.47 -32.57
C ILE D 376 -16.78 -59.66 -33.87
N LEU D 377 -15.65 -59.88 -34.54
CA LEU D 377 -15.33 -59.20 -35.78
C LEU D 377 -16.46 -59.42 -36.75
N THR D 378 -16.85 -60.69 -36.88
CA THR D 378 -17.94 -61.09 -37.76
C THR D 378 -19.23 -60.36 -37.37
N TRP D 379 -19.53 -60.37 -36.08
CA TRP D 379 -20.72 -59.71 -35.57
C TRP D 379 -20.75 -58.20 -35.90
N VAL D 380 -19.60 -57.55 -35.76
CA VAL D 380 -19.50 -56.12 -36.02
C VAL D 380 -19.69 -55.71 -37.47
N GLY D 381 -19.21 -56.57 -38.38
CA GLY D 381 -19.31 -56.29 -39.81
C GLY D 381 -20.74 -56.05 -40.19
N ALA D 382 -21.65 -56.58 -39.39
CA ALA D 382 -23.06 -56.41 -39.67
C ALA D 382 -23.79 -55.22 -39.00
N GLN D 383 -23.10 -54.41 -38.19
CA GLN D 383 -23.70 -53.24 -37.52
C GLN D 383 -23.34 -51.99 -38.31
N GLN D 384 -23.93 -50.82 -38.01
CA GLN D 384 -23.54 -49.62 -38.76
C GLN D 384 -22.15 -49.15 -38.25
N THR D 385 -21.64 -48.05 -38.84
CA THR D 385 -20.31 -47.52 -38.47
C THR D 385 -20.33 -46.52 -37.31
N THR D 386 -21.50 -46.34 -36.72
CA THR D 386 -21.67 -45.43 -35.61
C THR D 386 -21.05 -45.98 -34.34
N PHE D 387 -20.98 -45.13 -33.32
CA PHE D 387 -20.41 -45.55 -32.05
C PHE D 387 -21.41 -46.57 -31.50
N PRO D 388 -20.96 -47.56 -30.72
CA PRO D 388 -19.61 -47.89 -30.28
C PRO D 388 -19.01 -48.93 -31.22
N TYR D 389 -19.69 -49.20 -32.31
CA TYR D 389 -19.20 -50.21 -33.22
C TYR D 389 -17.84 -49.89 -33.81
N ASP D 390 -17.65 -48.63 -34.18
CA ASP D 390 -16.37 -48.15 -34.74
C ASP D 390 -15.20 -48.44 -33.77
N TRP D 391 -15.50 -48.44 -32.49
CA TRP D 391 -14.52 -48.70 -31.48
C TRP D 391 -14.27 -50.18 -31.34
N ILE D 392 -15.36 -50.93 -31.17
CA ILE D 392 -15.30 -52.37 -31.04
C ILE D 392 -14.56 -52.93 -32.22
N SER D 393 -14.90 -52.44 -33.41
CA SER D 393 -14.26 -52.92 -34.60
C SER D 393 -12.75 -52.62 -34.55
N LEU D 394 -12.40 -51.45 -34.04
CA LEU D 394 -11.01 -51.06 -33.92
C LEU D 394 -10.14 -51.88 -32.99
N ILE D 395 -10.67 -52.17 -31.81
CA ILE D 395 -9.97 -52.96 -30.80
C ILE D 395 -9.83 -54.39 -31.32
N ALA D 396 -10.87 -54.87 -31.98
CA ALA D 396 -10.88 -56.23 -32.53
C ALA D 396 -9.83 -56.42 -33.60
N SER D 397 -9.84 -55.53 -34.60
CA SER D 397 -8.83 -55.56 -35.65
C SER D 397 -7.47 -55.55 -34.97
N ALA D 398 -7.31 -54.65 -34.00
CA ALA D 398 -6.09 -54.50 -33.24
C ALA D 398 -5.63 -55.81 -32.61
N TYR D 399 -6.52 -56.48 -31.87
CA TYR D 399 -6.14 -57.72 -31.23
C TYR D 399 -5.72 -58.77 -32.21
N TRP D 400 -6.24 -58.71 -33.43
CA TRP D 400 -5.90 -59.69 -34.46
C TRP D 400 -4.41 -59.61 -34.77
N PHE D 401 -3.95 -58.45 -35.21
CA PHE D 401 -2.55 -58.33 -35.51
C PHE D 401 -1.71 -58.48 -34.23
N ALA D 402 -2.29 -58.04 -33.12
CA ALA D 402 -1.59 -58.14 -31.83
C ALA D 402 -1.20 -59.61 -31.59
N TYR D 403 -2.18 -60.47 -31.73
CA TYR D 403 -1.99 -61.90 -31.55
C TYR D 403 -0.88 -62.48 -32.46
N PHE D 404 -0.94 -62.27 -33.77
CA PHE D 404 0.09 -62.83 -34.64
C PHE D 404 1.45 -62.13 -34.64
N LEU D 405 1.44 -60.79 -34.66
CA LEU D 405 2.66 -60.01 -34.73
C LEU D 405 3.42 -59.77 -33.43
N VAL D 406 2.70 -59.72 -32.31
CA VAL D 406 3.38 -59.48 -31.05
C VAL D 406 3.24 -60.65 -30.07
N ILE D 407 2.04 -60.91 -29.60
CA ILE D 407 1.83 -61.98 -28.63
C ILE D 407 2.51 -63.34 -28.88
N LEU D 408 2.28 -63.96 -30.04
CA LEU D 408 2.89 -65.26 -30.32
C LEU D 408 4.38 -65.21 -30.33
N PRO D 409 4.99 -64.16 -30.90
CA PRO D 409 6.46 -64.13 -30.91
C PRO D 409 7.00 -64.06 -29.47
N ILE D 410 6.32 -63.28 -28.62
CA ILE D 410 6.71 -63.10 -27.23
C ILE D 410 6.52 -64.39 -26.38
N LEU D 411 5.35 -65.03 -26.46
CA LEU D 411 5.07 -66.23 -25.67
C LEU D 411 6.14 -67.26 -25.92
N GLY D 412 6.65 -67.23 -27.14
CA GLY D 412 7.67 -68.17 -27.53
C GLY D 412 8.87 -68.12 -26.62
N ALA D 413 9.16 -66.91 -26.11
CA ALA D 413 10.31 -66.71 -25.22
C ALA D 413 9.93 -66.76 -23.75
N ILE D 414 8.80 -66.14 -23.39
CA ILE D 414 8.32 -66.12 -22.02
C ILE D 414 7.80 -67.51 -21.60
N GLU D 415 6.48 -67.62 -21.61
CA GLU D 415 5.73 -68.83 -21.27
C GLU D 415 6.45 -70.11 -20.87
N LYS D 416 6.03 -70.69 -19.75
CA LYS D 416 6.62 -71.95 -19.32
C LYS D 416 5.64 -73.05 -19.66
N PRO D 417 6.01 -73.89 -20.65
CA PRO D 417 5.30 -75.04 -21.21
C PRO D 417 4.95 -76.10 -20.18
N VAL D 418 3.99 -76.96 -20.51
CA VAL D 418 3.58 -78.03 -19.62
C VAL D 418 4.16 -79.34 -20.14
N ALA D 419 4.05 -80.41 -19.37
CA ALA D 419 4.60 -81.71 -19.74
C ALA D 419 3.75 -82.47 -20.75
N PRO D 420 4.23 -82.61 -22.00
CA PRO D 420 3.46 -83.34 -23.03
C PRO D 420 3.74 -84.85 -22.98
N PRO D 421 2.69 -85.69 -23.04
CA PRO D 421 2.85 -87.14 -23.01
C PRO D 421 4.07 -87.56 -23.82
N ALA D 422 4.74 -88.64 -23.45
CA ALA D 422 5.93 -89.03 -24.20
C ALA D 422 5.58 -89.76 -25.47
N THR D 423 4.35 -90.26 -25.55
CA THR D 423 3.89 -90.97 -26.74
C THR D 423 2.39 -90.93 -26.93
N ILE D 424 1.97 -91.05 -28.19
CA ILE D 424 0.57 -91.01 -28.51
C ILE D 424 -0.07 -92.13 -27.76
N GLU D 425 0.62 -93.27 -27.74
CA GLU D 425 0.16 -94.45 -27.06
C GLU D 425 -0.28 -94.12 -25.65
N GLU D 426 0.64 -93.59 -24.85
CA GLU D 426 0.29 -93.27 -23.48
C GLU D 426 -0.85 -92.26 -23.33
N ASP D 427 -1.10 -91.44 -24.34
CA ASP D 427 -2.20 -90.51 -24.22
C ASP D 427 -3.53 -91.16 -24.57
N PHE D 428 -3.50 -92.06 -25.56
CA PHE D 428 -4.72 -92.74 -26.00
C PHE D 428 -5.28 -93.62 -24.90
N ASN D 429 -4.40 -94.45 -24.33
CA ASN D 429 -4.78 -95.35 -23.26
C ASN D 429 -5.42 -94.59 -22.09
N ALA D 430 -4.92 -93.37 -21.84
CA ALA D 430 -5.45 -92.54 -20.76
C ALA D 430 -6.97 -92.38 -20.86
N ALA E 1 -31.02 -45.89 -41.79
CA ALA E 1 -31.26 -47.22 -41.19
C ALA E 1 -32.59 -47.80 -41.68
N GLY E 2 -33.03 -48.90 -41.06
CA GLY E 2 -34.27 -49.55 -41.44
C GLY E 2 -34.60 -50.87 -40.74
N GLY E 3 -34.77 -50.81 -39.41
CA GLY E 3 -35.10 -52.00 -38.63
C GLY E 3 -36.34 -51.73 -37.76
N GLY E 4 -37.52 -51.88 -38.36
CA GLY E 4 -38.78 -51.63 -37.66
C GLY E 4 -39.64 -52.81 -37.25
N HIS E 5 -40.88 -52.50 -36.88
CA HIS E 5 -41.87 -53.47 -36.40
C HIS E 5 -42.72 -54.11 -37.50
N VAL E 6 -42.96 -55.42 -37.35
CA VAL E 6 -43.75 -56.22 -38.29
C VAL E 6 -44.68 -57.17 -37.50
N GLU E 7 -45.96 -57.19 -37.87
CA GLU E 7 -46.97 -58.02 -37.23
C GLU E 7 -46.78 -59.50 -37.46
N ASP E 8 -46.54 -60.26 -36.39
CA ASP E 8 -46.36 -61.70 -36.59
C ASP E 8 -47.73 -62.27 -36.89
N VAL E 9 -47.87 -62.82 -38.10
CA VAL E 9 -49.10 -63.47 -38.49
C VAL E 9 -48.77 -64.96 -38.46
N PRO E 10 -49.74 -65.79 -38.06
CA PRO E 10 -49.51 -67.23 -38.02
C PRO E 10 -49.97 -67.84 -39.33
N PHE E 11 -49.10 -67.80 -40.33
CA PHE E 11 -49.43 -68.33 -41.65
C PHE E 11 -49.45 -69.86 -41.63
N SER E 12 -50.25 -70.45 -42.50
CA SER E 12 -50.41 -71.89 -42.58
C SER E 12 -49.14 -72.57 -43.03
N PHE E 13 -48.37 -71.88 -43.86
CA PHE E 13 -47.12 -72.41 -44.40
C PHE E 13 -45.87 -72.20 -43.53
N GLU E 14 -45.88 -71.25 -42.60
CA GLU E 14 -44.74 -71.04 -41.69
C GLU E 14 -44.71 -72.47 -41.06
N GLY E 15 -43.55 -72.97 -40.63
CA GLY E 15 -43.47 -74.30 -39.99
C GLY E 15 -42.86 -75.38 -40.84
N PRO E 16 -42.17 -76.37 -40.26
CA PRO E 16 -41.57 -77.43 -41.09
C PRO E 16 -42.60 -78.35 -41.76
N PHE E 17 -43.79 -78.40 -41.15
CA PHE E 17 -44.89 -79.20 -41.67
C PHE E 17 -45.91 -78.25 -42.27
N GLY E 18 -45.49 -77.02 -42.48
CA GLY E 18 -46.40 -76.03 -43.05
C GLY E 18 -46.76 -76.36 -44.49
N THR E 19 -47.90 -75.86 -44.92
CA THR E 19 -48.38 -76.10 -46.27
C THR E 19 -49.27 -74.97 -46.68
N PHE E 20 -49.26 -74.60 -47.95
CA PHE E 20 -50.11 -73.52 -48.42
C PHE E 20 -51.58 -73.91 -48.26
N ASP E 21 -52.48 -72.92 -48.18
CA ASP E 21 -53.90 -73.21 -48.09
C ASP E 21 -54.37 -72.96 -49.51
N GLN E 22 -54.74 -74.02 -50.20
CA GLN E 22 -55.16 -73.90 -51.58
C GLN E 22 -56.20 -72.80 -51.81
N HIS E 23 -57.06 -72.56 -50.83
CA HIS E 23 -58.07 -71.52 -50.98
C HIS E 23 -57.54 -70.10 -50.72
N GLN E 24 -56.66 -69.94 -49.72
CA GLN E 24 -56.09 -68.63 -49.44
C GLN E 24 -55.53 -68.13 -50.74
N LEU E 25 -54.58 -68.90 -51.25
CA LEU E 25 -53.89 -68.58 -52.48
C LEU E 25 -54.87 -68.14 -53.54
N GLN E 26 -55.95 -68.88 -53.63
CA GLN E 26 -57.01 -68.60 -54.59
C GLN E 26 -57.57 -67.20 -54.32
N ARG E 27 -57.89 -66.93 -53.06
CA ARG E 27 -58.43 -65.62 -52.70
C ARG E 27 -57.37 -64.58 -53.04
N GLY E 28 -56.18 -64.83 -52.50
CA GLY E 28 -55.07 -63.93 -52.72
C GLY E 28 -54.96 -63.57 -54.18
N LEU E 29 -55.00 -64.60 -55.03
CA LEU E 29 -54.89 -64.39 -56.46
C LEU E 29 -55.96 -63.41 -56.95
N GLN E 30 -57.10 -63.41 -56.28
CA GLN E 30 -58.19 -62.53 -56.69
C GLN E 30 -57.89 -61.10 -56.29
N VAL E 31 -57.36 -60.95 -55.07
CA VAL E 31 -56.99 -59.64 -54.58
C VAL E 31 -55.90 -59.09 -55.47
N TYR E 32 -54.84 -59.87 -55.70
CA TYR E 32 -53.76 -59.41 -56.56
C TYR E 32 -54.29 -58.97 -57.94
N THR E 33 -55.28 -59.68 -58.44
CA THR E 33 -55.84 -59.37 -59.76
C THR E 33 -56.76 -58.18 -59.79
N GLU E 34 -57.55 -58.03 -58.73
CA GLU E 34 -58.51 -56.95 -58.65
C GLU E 34 -58.02 -55.62 -58.02
N VAL E 35 -56.88 -55.70 -57.33
CA VAL E 35 -56.33 -54.52 -56.66
C VAL E 35 -54.89 -54.18 -56.99
N CYS E 36 -53.99 -55.07 -56.57
CA CYS E 36 -52.57 -54.91 -56.76
C CYS E 36 -52.16 -54.82 -58.20
N ALA E 37 -52.56 -55.83 -58.97
CA ALA E 37 -52.24 -55.94 -60.40
C ALA E 37 -52.35 -54.60 -61.13
N ALA E 38 -53.20 -53.72 -60.62
CA ALA E 38 -53.40 -52.41 -61.21
C ALA E 38 -52.07 -51.66 -61.44
N CYS E 39 -51.14 -51.79 -60.48
CA CYS E 39 -49.82 -51.11 -60.54
C CYS E 39 -48.65 -52.11 -60.58
N HIS E 40 -48.70 -53.15 -59.75
CA HIS E 40 -47.63 -54.17 -59.67
C HIS E 40 -47.71 -55.37 -60.59
N GLY E 41 -46.60 -55.67 -61.26
CA GLY E 41 -46.52 -56.83 -62.14
C GLY E 41 -46.01 -58.04 -61.36
N MET E 42 -45.74 -59.13 -62.08
CA MET E 42 -45.21 -60.35 -61.45
C MET E 42 -44.36 -61.09 -62.48
N LYS E 43 -43.71 -60.30 -63.34
CA LYS E 43 -42.85 -60.73 -64.41
C LYS E 43 -42.06 -62.01 -64.35
N PHE E 44 -41.86 -62.59 -63.17
CA PHE E 44 -41.12 -63.85 -63.09
C PHE E 44 -42.01 -65.07 -62.85
N VAL E 45 -43.32 -64.81 -62.76
CA VAL E 45 -44.32 -65.83 -62.51
C VAL E 45 -45.09 -66.18 -63.77
N PRO E 46 -44.89 -67.40 -64.27
CA PRO E 46 -45.57 -67.88 -65.47
C PRO E 46 -47.01 -68.18 -65.07
N ILE E 47 -47.98 -67.62 -65.81
CA ILE E 47 -49.39 -67.81 -65.49
C ILE E 47 -49.78 -69.27 -65.32
N ARG E 48 -49.20 -70.14 -66.14
CA ARG E 48 -49.49 -71.55 -66.05
C ARG E 48 -49.12 -72.19 -64.71
N SER E 49 -48.39 -71.47 -63.87
CA SER E 49 -48.02 -72.09 -62.61
C SER E 49 -49.23 -72.12 -61.72
N LEU E 50 -50.25 -71.36 -62.12
CA LEU E 50 -51.47 -71.31 -61.34
C LEU E 50 -52.06 -72.70 -61.27
N SER E 51 -51.79 -73.49 -62.32
CA SER E 51 -52.29 -74.88 -62.46
C SER E 51 -51.42 -75.87 -61.70
N GLU E 52 -50.11 -75.61 -61.69
CA GLU E 52 -49.15 -76.45 -61.00
C GLU E 52 -49.60 -76.76 -59.58
N PRO E 53 -49.34 -77.99 -59.13
CA PRO E 53 -49.68 -78.50 -57.79
C PRO E 53 -48.89 -77.82 -56.71
N GLY E 54 -49.44 -77.78 -55.51
CA GLY E 54 -48.75 -77.13 -54.40
C GLY E 54 -48.98 -75.63 -54.38
N GLY E 55 -49.97 -75.19 -55.15
CA GLY E 55 -50.31 -73.77 -55.21
C GLY E 55 -51.81 -73.55 -55.26
N PRO E 56 -52.25 -72.50 -55.97
CA PRO E 56 -53.67 -72.19 -56.09
C PRO E 56 -54.37 -73.39 -56.73
N GLU E 57 -53.64 -74.09 -57.59
CA GLU E 57 -54.13 -75.28 -58.28
C GLU E 57 -55.45 -75.14 -59.02
N LEU E 58 -55.55 -74.12 -59.87
CA LEU E 58 -56.77 -73.93 -60.64
C LEU E 58 -56.71 -74.85 -61.87
N PRO E 59 -57.88 -75.32 -62.35
CA PRO E 59 -57.89 -76.18 -63.53
C PRO E 59 -57.54 -75.40 -64.82
N GLU E 60 -56.76 -76.03 -65.70
CA GLU E 60 -56.30 -75.40 -66.93
C GLU E 60 -57.27 -74.53 -67.67
N ASP E 61 -58.52 -74.97 -67.77
CA ASP E 61 -59.51 -74.20 -68.49
C ASP E 61 -59.70 -72.79 -67.89
N GLN E 62 -59.65 -72.68 -66.56
CA GLN E 62 -59.79 -71.39 -65.88
C GLN E 62 -58.51 -70.61 -66.15
N VAL E 63 -57.39 -71.23 -65.79
CA VAL E 63 -56.09 -70.65 -66.01
C VAL E 63 -55.96 -70.12 -67.42
N ARG E 64 -56.46 -70.89 -68.37
CA ARG E 64 -56.37 -70.49 -69.79
C ARG E 64 -57.25 -69.27 -70.02
N ALA E 65 -58.34 -69.23 -69.28
CA ALA E 65 -59.33 -68.17 -69.38
C ALA E 65 -58.76 -66.92 -68.78
N TYR E 66 -58.23 -67.08 -67.57
CA TYR E 66 -57.61 -66.00 -66.81
C TYR E 66 -56.59 -65.30 -67.70
N ALA E 67 -55.58 -66.04 -68.11
CA ALA E 67 -54.52 -65.51 -68.95
C ALA E 67 -55.04 -64.69 -70.11
N THR E 68 -56.32 -64.79 -70.39
CA THR E 68 -56.92 -64.08 -71.50
C THR E 68 -57.04 -62.60 -71.23
N GLN E 69 -57.16 -62.27 -69.94
CA GLN E 69 -57.33 -60.89 -69.48
C GLN E 69 -56.12 -59.97 -69.59
N PHE E 70 -55.04 -60.47 -70.19
CA PHE E 70 -53.81 -59.70 -70.37
C PHE E 70 -53.57 -59.48 -71.84
N THR E 71 -53.00 -58.33 -72.17
CA THR E 71 -52.70 -58.03 -73.56
C THR E 71 -51.19 -58.15 -73.77
N VAL E 72 -50.75 -59.36 -74.09
CA VAL E 72 -49.34 -59.63 -74.32
C VAL E 72 -48.89 -59.24 -75.72
N THR E 73 -47.59 -59.07 -75.91
CA THR E 73 -47.05 -58.75 -77.22
C THR E 73 -46.27 -60.01 -77.58
N ASP E 74 -46.70 -60.70 -78.62
CA ASP E 74 -46.05 -61.94 -79.07
C ASP E 74 -44.65 -61.64 -79.59
N GLU E 75 -43.66 -62.39 -79.11
CA GLU E 75 -42.26 -62.21 -79.48
C GLU E 75 -41.89 -62.44 -80.95
N GLU E 76 -42.57 -63.40 -81.59
CA GLU E 76 -42.32 -63.70 -82.99
C GLU E 76 -43.00 -62.64 -83.87
N THR E 77 -44.32 -62.49 -83.74
CA THR E 77 -45.08 -61.51 -84.52
C THR E 77 -44.72 -60.06 -84.14
N GLY E 78 -44.88 -59.71 -82.87
CA GLY E 78 -44.59 -58.36 -82.44
C GLY E 78 -45.88 -57.62 -82.19
N GLU E 79 -46.96 -58.17 -82.75
CA GLU E 79 -48.27 -57.58 -82.59
C GLU E 79 -48.87 -58.19 -81.35
N ASP E 80 -49.84 -57.48 -80.77
CA ASP E 80 -50.52 -57.90 -79.55
C ASP E 80 -51.49 -59.07 -79.70
N ARG E 81 -51.92 -59.62 -78.57
CA ARG E 81 -52.83 -60.75 -78.59
C ARG E 81 -53.38 -61.12 -77.23
N GLU E 82 -54.11 -62.22 -77.20
CA GLU E 82 -54.71 -62.75 -75.99
C GLU E 82 -53.55 -63.31 -75.17
N GLY E 83 -53.72 -63.47 -73.87
CA GLY E 83 -52.63 -64.02 -73.10
C GLY E 83 -52.76 -65.53 -72.94
N LYS E 84 -51.75 -66.28 -73.36
CA LYS E 84 -51.77 -67.73 -73.21
C LYS E 84 -51.31 -68.01 -71.79
N PRO E 85 -51.59 -69.20 -71.24
CA PRO E 85 -51.12 -69.42 -69.87
C PRO E 85 -49.63 -69.73 -69.83
N THR E 86 -49.00 -69.70 -71.00
CA THR E 86 -47.55 -69.95 -71.09
C THR E 86 -46.86 -68.62 -71.00
N ASP E 87 -47.63 -67.57 -70.72
CA ASP E 87 -47.12 -66.22 -70.59
C ASP E 87 -46.92 -65.84 -69.13
N HIS E 88 -46.03 -64.89 -68.91
CA HIS E 88 -45.72 -64.41 -67.56
C HIS E 88 -46.63 -63.24 -67.28
N PHE E 89 -47.08 -63.09 -66.02
CA PHE E 89 -47.91 -61.95 -65.67
C PHE E 89 -47.10 -60.76 -66.17
N PRO E 90 -47.76 -59.72 -66.65
CA PRO E 90 -46.99 -58.57 -67.15
C PRO E 90 -46.15 -57.81 -66.13
N HIS E 91 -45.43 -56.82 -66.62
CA HIS E 91 -44.56 -56.04 -65.77
C HIS E 91 -45.42 -55.15 -64.92
N SER E 92 -44.82 -54.42 -64.00
CA SER E 92 -45.58 -53.50 -63.18
C SER E 92 -46.14 -52.44 -64.13
N ALA E 93 -47.43 -52.18 -64.03
CA ALA E 93 -48.11 -51.18 -64.87
C ALA E 93 -47.60 -49.79 -64.51
N LEU E 94 -47.59 -49.52 -63.20
CA LEU E 94 -47.13 -48.26 -62.63
C LEU E 94 -45.61 -48.32 -62.49
N GLU E 95 -44.92 -47.62 -63.39
CA GLU E 95 -43.45 -47.60 -63.47
C GLU E 95 -42.59 -47.61 -62.19
N ASN E 96 -43.08 -47.05 -61.10
CA ASN E 96 -42.30 -47.05 -59.87
C ASN E 96 -42.85 -48.02 -58.83
N ALA E 97 -43.73 -48.90 -59.29
CA ALA E 97 -44.31 -49.94 -58.44
C ALA E 97 -43.39 -51.14 -58.60
N PRO E 98 -42.85 -51.63 -57.50
CA PRO E 98 -41.96 -52.78 -57.64
C PRO E 98 -42.69 -54.08 -58.04
N ASP E 99 -41.94 -54.97 -58.67
CA ASP E 99 -42.45 -56.27 -59.11
C ASP E 99 -42.73 -57.07 -57.86
N LEU E 100 -43.83 -57.81 -57.82
CA LEU E 100 -44.12 -58.57 -56.60
C LEU E 100 -43.68 -60.05 -56.64
N SER E 101 -43.08 -60.46 -57.76
CA SER E 101 -42.65 -61.84 -57.97
C SER E 101 -41.85 -62.46 -56.86
N LEU E 102 -40.82 -61.74 -56.45
CA LEU E 102 -39.92 -62.19 -55.41
C LEU E 102 -40.07 -61.43 -54.10
N MET E 103 -40.91 -60.40 -54.14
CA MET E 103 -41.18 -59.53 -53.01
C MET E 103 -41.38 -60.17 -51.66
N ALA E 104 -41.94 -61.38 -51.61
CA ALA E 104 -42.13 -62.03 -50.32
C ALA E 104 -40.81 -62.52 -49.76
N LYS E 105 -39.77 -62.49 -50.58
CA LYS E 105 -38.45 -62.97 -50.15
C LYS E 105 -37.40 -61.86 -50.02
N ALA E 106 -37.65 -60.74 -50.70
CA ALA E 106 -36.79 -59.56 -50.74
C ALA E 106 -37.09 -58.56 -49.65
N ARG E 107 -37.56 -59.03 -48.51
CA ARG E 107 -37.85 -58.15 -47.38
C ARG E 107 -37.80 -59.00 -46.13
N ALA E 108 -37.28 -58.42 -45.08
CA ALA E 108 -37.20 -59.13 -43.81
C ALA E 108 -38.18 -58.42 -42.90
N GLY E 109 -38.80 -59.18 -42.02
CA GLY E 109 -39.76 -58.60 -41.11
C GLY E 109 -39.30 -58.83 -39.70
N PHE E 110 -38.40 -59.79 -39.53
CA PHE E 110 -37.88 -60.07 -38.21
C PHE E 110 -36.39 -59.86 -38.23
N HIS E 111 -35.93 -58.80 -37.59
CA HIS E 111 -34.50 -58.51 -37.56
C HIS E 111 -33.99 -58.93 -36.20
N GLY E 112 -32.98 -59.80 -36.19
CA GLY E 112 -32.41 -60.29 -34.94
C GLY E 112 -32.39 -59.28 -33.81
N PRO E 113 -32.33 -59.72 -32.54
CA PRO E 113 -32.30 -58.82 -31.37
C PRO E 113 -31.11 -57.83 -31.28
N MET E 114 -29.99 -58.30 -30.73
CA MET E 114 -28.79 -57.47 -30.56
C MET E 114 -28.10 -57.30 -31.93
N GLY E 115 -28.84 -57.58 -32.99
CA GLY E 115 -28.28 -57.53 -34.33
C GLY E 115 -27.60 -58.89 -34.51
N THR E 116 -28.02 -59.84 -33.68
CA THR E 116 -27.50 -61.22 -33.66
C THR E 116 -28.27 -62.22 -34.53
N GLY E 117 -29.28 -61.72 -35.26
CA GLY E 117 -30.08 -62.56 -36.13
C GLY E 117 -30.75 -63.77 -35.49
N ILE E 118 -30.91 -63.74 -34.17
CA ILE E 118 -31.54 -64.83 -33.43
C ILE E 118 -33.07 -64.69 -33.47
N SER E 119 -33.56 -63.51 -33.84
CA SER E 119 -35.00 -63.30 -33.94
C SER E 119 -35.50 -63.89 -35.26
N GLN E 120 -34.63 -63.86 -36.26
CA GLN E 120 -34.93 -64.37 -37.58
C GLN E 120 -34.84 -65.90 -37.62
N LEU E 121 -33.96 -66.46 -36.79
CA LEU E 121 -33.74 -67.90 -36.69
C LEU E 121 -34.97 -68.61 -36.16
N PHE E 122 -35.75 -67.90 -35.36
CA PHE E 122 -36.95 -68.46 -34.75
C PHE E 122 -38.27 -67.98 -35.35
N ASN E 123 -38.23 -66.97 -36.21
CA ASN E 123 -39.47 -66.44 -36.78
C ASN E 123 -39.47 -66.37 -38.29
N GLY E 124 -38.35 -66.78 -38.88
CA GLY E 124 -38.21 -66.76 -40.33
C GLY E 124 -37.86 -65.36 -40.76
N ILE E 125 -37.65 -65.13 -42.04
CA ILE E 125 -37.32 -63.78 -42.46
C ILE E 125 -38.50 -62.81 -42.22
N GLY E 126 -39.71 -63.36 -42.28
CA GLY E 126 -40.90 -62.55 -42.11
C GLY E 126 -41.29 -61.72 -43.33
N GLY E 127 -40.97 -62.17 -44.54
CA GLY E 127 -41.33 -61.41 -45.73
C GLY E 127 -42.83 -61.25 -45.94
N PRO E 128 -43.61 -62.34 -45.81
CA PRO E 128 -45.06 -62.24 -45.98
C PRO E 128 -45.58 -61.36 -44.86
N GLU E 129 -45.15 -61.65 -43.64
CA GLU E 129 -45.56 -60.88 -42.46
C GLU E 129 -45.29 -59.38 -42.68
N TYR E 130 -44.17 -59.03 -43.31
CA TYR E 130 -43.85 -57.63 -43.59
C TYR E 130 -44.83 -57.06 -44.63
N ILE E 131 -45.05 -57.78 -45.74
CA ILE E 131 -45.97 -57.31 -46.76
C ILE E 131 -47.37 -57.13 -46.16
N TYR E 132 -47.68 -58.01 -45.21
CA TYR E 132 -48.96 -57.97 -44.52
C TYR E 132 -49.11 -56.65 -43.83
N SER E 133 -48.13 -56.33 -42.99
CA SER E 133 -48.06 -55.09 -42.22
C SER E 133 -48.08 -53.85 -43.09
N VAL E 134 -47.30 -53.83 -44.16
CA VAL E 134 -47.32 -52.69 -45.05
C VAL E 134 -48.74 -52.41 -45.57
N LEU E 135 -49.57 -53.44 -45.71
CA LEU E 135 -50.95 -53.26 -46.21
C LEU E 135 -51.92 -52.78 -45.13
N THR E 136 -51.77 -53.36 -43.95
CA THR E 136 -52.59 -53.05 -42.79
C THR E 136 -51.87 -51.97 -41.97
N GLY E 137 -51.04 -51.18 -42.64
CA GLY E 137 -50.27 -50.17 -41.93
C GLY E 137 -50.54 -48.72 -42.28
N PHE E 138 -51.65 -48.45 -42.95
CA PHE E 138 -52.00 -47.08 -43.26
C PHE E 138 -53.01 -46.59 -42.23
N PRO E 139 -52.56 -45.76 -41.27
CA PRO E 139 -53.44 -45.23 -40.23
C PRO E 139 -54.20 -44.01 -40.78
N GLU E 140 -55.38 -43.77 -40.24
CA GLU E 140 -56.21 -42.65 -40.71
C GLU E 140 -55.60 -41.26 -40.48
N GLU E 141 -54.80 -41.14 -39.42
CA GLU E 141 -54.17 -39.88 -39.04
C GLU E 141 -52.63 -39.92 -38.89
N PRO E 142 -51.91 -38.97 -39.51
CA PRO E 142 -50.45 -38.89 -39.44
C PRO E 142 -50.01 -38.76 -37.99
N PRO E 143 -48.74 -39.08 -37.68
CA PRO E 143 -48.32 -38.94 -36.28
C PRO E 143 -48.40 -37.44 -35.98
N LYS E 144 -48.80 -37.07 -34.76
CA LYS E 144 -48.93 -35.66 -34.42
C LYS E 144 -47.73 -34.86 -34.93
N CYS E 145 -46.54 -35.46 -34.88
CA CYS E 145 -45.36 -34.78 -35.36
C CYS E 145 -45.56 -34.13 -36.74
N ALA E 146 -45.78 -34.97 -37.75
CA ALA E 146 -45.92 -34.54 -39.13
C ALA E 146 -47.06 -33.60 -39.48
N GLU E 147 -47.88 -33.26 -38.49
CA GLU E 147 -49.00 -32.37 -38.73
C GLU E 147 -48.59 -31.19 -39.63
N GLY E 148 -49.20 -31.10 -40.81
CA GLY E 148 -48.91 -30.00 -41.72
C GLY E 148 -47.62 -30.06 -42.51
N HIS E 149 -46.65 -30.80 -42.00
CA HIS E 149 -45.37 -30.94 -42.68
C HIS E 149 -45.30 -32.21 -43.53
N GLU E 150 -46.46 -32.78 -43.88
CA GLU E 150 -46.53 -34.01 -44.69
C GLU E 150 -46.15 -33.81 -46.15
N PRO E 151 -45.24 -34.67 -46.66
CA PRO E 151 -44.83 -34.56 -48.06
C PRO E 151 -46.09 -34.85 -48.88
N ASP E 152 -46.39 -34.00 -49.85
CA ASP E 152 -47.59 -34.22 -50.65
C ASP E 152 -47.35 -35.34 -51.66
N GLY E 153 -48.26 -36.32 -51.67
CA GLY E 153 -48.15 -37.44 -52.59
C GLY E 153 -47.77 -38.74 -51.93
N PHE E 154 -47.21 -38.67 -50.73
CA PHE E 154 -46.81 -39.86 -49.98
C PHE E 154 -47.78 -40.05 -48.85
N TYR E 155 -47.77 -41.23 -48.26
CA TYR E 155 -48.70 -41.54 -47.18
C TYR E 155 -47.94 -42.21 -46.06
N TYR E 156 -48.30 -41.89 -44.83
CA TYR E 156 -47.61 -42.49 -43.71
C TYR E 156 -47.95 -43.95 -43.62
N ASN E 157 -46.95 -44.75 -43.25
CA ASN E 157 -47.11 -46.18 -43.09
C ASN E 157 -46.40 -46.63 -41.83
N ARG E 158 -47.14 -47.29 -40.96
CA ARG E 158 -46.66 -47.80 -39.69
C ARG E 158 -45.62 -48.91 -39.75
N ALA E 159 -45.39 -49.47 -40.95
CA ALA E 159 -44.43 -50.57 -41.07
C ALA E 159 -43.28 -50.31 -42.04
N PHE E 160 -43.56 -49.54 -43.09
CA PHE E 160 -42.59 -49.16 -44.10
C PHE E 160 -41.43 -48.45 -43.42
N GLN E 161 -40.20 -48.76 -43.80
CA GLN E 161 -39.08 -48.16 -43.13
C GLN E 161 -38.15 -47.32 -43.96
N ASN E 162 -38.15 -47.52 -45.26
CA ASN E 162 -37.22 -46.82 -46.13
C ASN E 162 -37.80 -45.61 -46.83
N GLY E 163 -38.79 -44.99 -46.20
CA GLY E 163 -39.40 -43.81 -46.80
C GLY E 163 -38.84 -42.51 -46.23
N SER E 164 -39.24 -41.38 -46.81
CA SER E 164 -38.77 -40.10 -46.33
C SER E 164 -39.61 -39.65 -45.13
N VAL E 165 -39.01 -38.89 -44.22
CA VAL E 165 -39.72 -38.42 -43.03
C VAL E 165 -39.54 -36.92 -42.88
N PRO E 166 -40.63 -36.17 -42.61
CA PRO E 166 -40.58 -34.72 -42.44
C PRO E 166 -39.51 -34.32 -41.46
N ASP E 167 -38.90 -33.16 -41.69
CA ASP E 167 -37.83 -32.65 -40.83
C ASP E 167 -38.30 -32.61 -39.37
N THR E 168 -39.56 -32.27 -39.20
CA THR E 168 -40.14 -32.16 -37.88
C THR E 168 -40.26 -33.46 -37.10
N CYS E 169 -39.96 -34.60 -37.73
CA CYS E 169 -40.04 -35.91 -37.05
C CYS E 169 -38.72 -36.59 -36.82
N LYS E 170 -37.63 -35.86 -37.00
CA LYS E 170 -36.32 -36.43 -36.76
C LYS E 170 -35.89 -35.79 -35.44
N ASP E 171 -35.19 -36.53 -34.60
CA ASP E 171 -34.74 -35.97 -33.34
C ASP E 171 -33.43 -35.18 -33.49
N ALA E 172 -32.78 -34.95 -32.35
CA ALA E 172 -31.53 -34.22 -32.28
C ALA E 172 -30.43 -34.67 -33.25
N ASN E 173 -30.40 -35.96 -33.58
CA ASN E 173 -29.36 -36.49 -34.45
C ASN E 173 -29.72 -36.81 -35.88
N GLY E 174 -31.01 -36.71 -36.23
CA GLY E 174 -31.43 -37.03 -37.58
C GLY E 174 -32.34 -38.24 -37.64
N VAL E 175 -32.20 -39.13 -36.65
CA VAL E 175 -33.02 -40.33 -36.52
C VAL E 175 -34.49 -39.94 -36.56
N LYS E 176 -35.32 -40.75 -37.20
CA LYS E 176 -36.72 -40.42 -37.26
C LYS E 176 -37.41 -40.89 -35.97
N THR E 177 -38.40 -40.11 -35.51
CA THR E 177 -39.13 -40.40 -34.28
C THR E 177 -40.38 -41.26 -34.48
N THR E 178 -40.92 -41.26 -35.70
CA THR E 178 -42.11 -42.05 -36.06
C THR E 178 -41.75 -43.52 -36.24
N ALA E 179 -42.69 -44.39 -35.92
CA ALA E 179 -42.48 -45.83 -36.04
C ALA E 179 -42.29 -46.24 -37.51
N GLY E 180 -42.92 -45.51 -38.42
CA GLY E 180 -42.79 -45.84 -39.83
C GLY E 180 -42.23 -44.70 -40.63
N SER E 181 -42.80 -44.48 -41.80
CA SER E 181 -42.37 -43.41 -42.68
C SER E 181 -43.31 -43.28 -43.87
N TRP E 182 -42.95 -42.40 -44.81
CA TRP E 182 -43.80 -42.11 -45.97
C TRP E 182 -43.58 -42.88 -47.29
N ILE E 183 -44.59 -43.70 -47.68
CA ILE E 183 -44.56 -44.50 -48.94
C ILE E 183 -45.24 -43.74 -50.03
N ALA E 184 -44.98 -44.15 -51.27
CA ALA E 184 -45.57 -43.51 -52.44
C ALA E 184 -46.77 -44.32 -52.91
N MET E 185 -47.11 -45.34 -52.13
CA MET E 185 -48.24 -46.24 -52.42
C MET E 185 -49.50 -45.93 -51.60
N PRO E 186 -50.46 -45.20 -52.21
CA PRO E 186 -51.70 -44.87 -51.52
C PRO E 186 -52.33 -46.15 -51.02
N PRO E 187 -52.73 -46.20 -49.74
CA PRO E 187 -53.35 -47.40 -49.16
C PRO E 187 -54.29 -48.06 -50.14
N PRO E 188 -53.93 -49.27 -50.56
CA PRO E 188 -54.57 -50.19 -51.51
C PRO E 188 -55.93 -50.78 -51.14
N LEU E 189 -56.02 -51.25 -49.90
CA LEU E 189 -57.22 -51.89 -49.40
C LEU E 189 -58.20 -50.95 -48.67
N MET E 190 -59.40 -51.45 -48.40
CA MET E 190 -60.51 -50.76 -47.70
C MET E 190 -61.59 -51.83 -47.67
N ASP E 191 -62.07 -52.18 -46.48
CA ASP E 191 -63.06 -53.24 -46.35
C ASP E 191 -63.96 -53.59 -47.53
N ASP E 192 -64.00 -54.89 -47.83
CA ASP E 192 -64.80 -55.46 -48.92
C ASP E 192 -64.65 -54.76 -50.26
N LEU E 193 -63.41 -54.66 -50.74
CA LEU E 193 -63.10 -54.02 -52.02
C LEU E 193 -63.15 -55.14 -53.04
N VAL E 194 -63.17 -56.36 -52.51
CA VAL E 194 -63.20 -57.58 -53.30
C VAL E 194 -64.27 -58.48 -52.66
N GLU E 195 -65.09 -59.14 -53.47
CA GLU E 195 -66.10 -60.02 -52.91
C GLU E 195 -65.80 -61.45 -53.27
N TYR E 196 -65.33 -62.20 -52.28
CA TYR E 196 -64.99 -63.60 -52.49
C TYR E 196 -66.25 -64.38 -52.77
N ALA E 197 -66.16 -65.25 -53.76
CA ALA E 197 -67.28 -66.06 -54.17
C ALA E 197 -68.00 -66.62 -52.96
N ASP E 198 -67.32 -67.47 -52.19
CA ASP E 198 -67.92 -68.10 -51.01
C ASP E 198 -68.29 -67.18 -49.84
N GLY E 199 -68.26 -65.87 -50.06
CA GLY E 199 -68.61 -64.93 -49.00
C GLY E 199 -67.60 -64.66 -47.90
N HIS E 200 -66.51 -65.44 -47.84
CA HIS E 200 -65.44 -65.28 -46.84
C HIS E 200 -65.19 -63.78 -46.67
N ASP E 201 -65.06 -63.30 -45.43
CA ASP E 201 -64.88 -61.86 -45.19
C ASP E 201 -63.78 -61.15 -45.97
N ALA E 202 -64.10 -59.93 -46.40
CA ALA E 202 -63.18 -59.12 -47.15
C ALA E 202 -62.71 -57.95 -46.31
N SER E 203 -62.46 -58.21 -45.03
CA SER E 203 -61.97 -57.17 -44.14
C SER E 203 -60.53 -56.90 -44.58
N VAL E 204 -60.12 -55.63 -44.62
CA VAL E 204 -58.75 -55.32 -45.03
C VAL E 204 -57.76 -56.21 -44.28
N HIS E 205 -58.16 -56.69 -43.11
CA HIS E 205 -57.31 -57.59 -42.35
C HIS E 205 -57.12 -58.89 -43.13
N ALA E 206 -58.24 -59.54 -43.49
CA ALA E 206 -58.18 -60.82 -44.22
C ALA E 206 -57.57 -60.68 -45.59
N MET E 207 -58.11 -59.79 -46.42
CA MET E 207 -57.56 -59.59 -47.75
C MET E 207 -56.02 -59.51 -47.72
N ALA E 208 -55.51 -58.57 -46.93
CA ALA E 208 -54.06 -58.40 -46.82
C ALA E 208 -53.36 -59.69 -46.39
N GLU E 209 -53.99 -60.47 -45.51
CA GLU E 209 -53.41 -61.72 -45.03
C GLU E 209 -53.38 -62.75 -46.13
N ASP E 210 -54.35 -62.68 -47.03
CA ASP E 210 -54.43 -63.61 -48.15
C ASP E 210 -53.44 -63.27 -49.27
N VAL E 211 -53.47 -62.04 -49.78
CA VAL E 211 -52.55 -61.64 -50.85
C VAL E 211 -51.14 -61.92 -50.43
N SER E 212 -50.93 -61.99 -49.13
CA SER E 212 -49.61 -62.28 -48.63
C SER E 212 -49.29 -63.75 -48.89
N ALA E 213 -50.16 -64.65 -48.42
CA ALA E 213 -49.98 -66.09 -48.61
C ALA E 213 -49.84 -66.33 -50.13
N PHE E 214 -50.57 -65.57 -50.92
CA PHE E 214 -50.44 -65.71 -52.35
C PHE E 214 -49.07 -65.22 -52.79
N LEU E 215 -48.69 -64.01 -52.35
CA LEU E 215 -47.39 -63.44 -52.73
C LEU E 215 -46.20 -64.26 -52.21
N MET E 216 -46.46 -65.00 -51.15
CA MET E 216 -45.45 -65.85 -50.59
C MET E 216 -45.23 -66.93 -51.64
N TRP E 217 -46.32 -67.59 -52.05
CA TRP E 217 -46.28 -68.64 -53.06
C TRP E 217 -45.78 -68.09 -54.41
N ALA E 218 -46.23 -66.91 -54.83
CA ALA E 218 -45.74 -66.37 -56.09
C ALA E 218 -44.20 -66.44 -56.09
N ALA E 219 -43.61 -66.13 -54.94
CA ALA E 219 -42.17 -66.12 -54.79
C ALA E 219 -41.56 -67.50 -54.53
N GLU E 220 -42.16 -68.30 -53.65
CA GLU E 220 -41.66 -69.64 -53.33
C GLU E 220 -42.58 -70.81 -53.74
N PRO E 221 -42.88 -70.99 -55.04
CA PRO E 221 -43.76 -72.06 -55.54
C PRO E 221 -43.40 -73.48 -55.11
N LYS E 222 -42.10 -73.75 -54.99
CA LYS E 222 -41.63 -75.08 -54.58
C LYS E 222 -41.45 -75.20 -53.06
N LEU E 223 -42.19 -74.40 -52.31
CA LEU E 223 -42.06 -74.42 -50.87
C LEU E 223 -42.33 -75.82 -50.30
N MET E 224 -43.48 -76.39 -50.65
CA MET E 224 -43.89 -77.73 -50.17
C MET E 224 -42.97 -78.82 -50.69
N ALA E 225 -42.62 -78.73 -51.96
CA ALA E 225 -41.71 -79.68 -52.57
C ALA E 225 -40.40 -79.71 -51.79
N ARG E 226 -39.87 -78.51 -51.53
CA ARG E 226 -38.62 -78.29 -50.79
C ARG E 226 -38.66 -78.92 -49.41
N LYS E 227 -39.78 -78.71 -48.71
CA LYS E 227 -39.97 -79.25 -47.36
C LYS E 227 -40.09 -80.75 -47.32
N GLN E 228 -40.76 -81.33 -48.33
CA GLN E 228 -40.87 -82.79 -48.43
C GLN E 228 -39.47 -83.32 -48.70
N ALA E 229 -38.74 -82.61 -49.54
CA ALA E 229 -37.37 -82.97 -49.87
C ALA E 229 -36.58 -82.93 -48.58
N GLY E 230 -36.86 -81.91 -47.77
CA GLY E 230 -36.19 -81.78 -46.49
C GLY E 230 -36.33 -83.04 -45.68
N PHE E 231 -37.55 -83.37 -45.31
CA PHE E 231 -37.85 -84.56 -44.53
C PHE E 231 -37.08 -85.76 -44.98
N THR E 232 -37.31 -86.13 -46.23
CA THR E 232 -36.65 -87.28 -46.82
C THR E 232 -35.13 -87.32 -46.52
N ALA E 233 -34.45 -86.21 -46.81
CA ALA E 233 -33.00 -86.10 -46.59
C ALA E 233 -32.67 -86.33 -45.13
N VAL E 234 -33.53 -85.85 -44.23
CA VAL E 234 -33.31 -86.02 -42.82
C VAL E 234 -33.50 -87.45 -42.35
N MET E 235 -34.48 -88.17 -42.90
CA MET E 235 -34.71 -89.56 -42.52
C MET E 235 -33.53 -90.40 -43.02
N PHE E 236 -33.23 -90.29 -44.31
CA PHE E 236 -32.12 -91.01 -44.93
C PHE E 236 -30.90 -90.88 -44.04
N LEU E 237 -30.64 -89.64 -43.62
CA LEU E 237 -29.47 -89.32 -42.82
C LEU E 237 -29.56 -89.57 -41.31
N THR E 238 -30.78 -89.62 -40.77
CA THR E 238 -30.91 -89.93 -39.35
C THR E 238 -30.65 -91.42 -39.20
N VAL E 239 -31.03 -92.18 -40.22
CA VAL E 239 -30.82 -93.63 -40.21
C VAL E 239 -29.35 -93.92 -40.50
N LEU E 240 -28.89 -93.45 -41.66
CA LEU E 240 -27.52 -93.65 -42.10
C LEU E 240 -26.53 -93.23 -41.02
N SER E 241 -26.94 -92.29 -40.19
CA SER E 241 -26.08 -91.81 -39.12
C SER E 241 -26.06 -92.83 -38.02
N VAL E 242 -27.25 -93.20 -37.54
CA VAL E 242 -27.36 -94.19 -36.48
C VAL E 242 -26.60 -95.44 -36.88
N LEU E 243 -26.79 -95.91 -38.10
CA LEU E 243 -26.09 -97.11 -38.58
C LEU E 243 -24.58 -96.89 -38.64
N LEU E 244 -24.17 -95.79 -39.26
CA LEU E 244 -22.76 -95.47 -39.39
C LEU E 244 -22.15 -95.33 -38.02
N TYR E 245 -22.98 -94.98 -37.05
CA TYR E 245 -22.51 -94.81 -35.70
C TYR E 245 -22.15 -96.16 -35.10
N LEU E 246 -23.09 -97.09 -35.17
CA LEU E 246 -22.90 -98.42 -34.63
C LEU E 246 -21.71 -99.08 -35.31
N THR E 247 -21.63 -98.94 -36.62
CA THR E 247 -20.54 -99.52 -37.38
C THR E 247 -19.23 -98.98 -36.86
N ASN E 248 -19.26 -97.72 -36.42
CA ASN E 248 -18.07 -97.08 -35.90
C ASN E 248 -17.77 -97.67 -34.53
N LYS E 249 -18.71 -97.49 -33.62
CA LYS E 249 -18.61 -97.99 -32.24
C LYS E 249 -18.17 -99.46 -32.21
N ARG E 250 -18.88 -100.29 -32.98
CA ARG E 250 -18.59 -101.72 -33.04
C ARG E 250 -17.46 -102.05 -33.99
N LEU E 251 -16.43 -101.21 -33.99
CA LEU E 251 -15.28 -101.41 -34.85
C LEU E 251 -14.04 -100.94 -34.10
N TRP E 252 -14.19 -99.85 -33.36
CA TRP E 252 -13.10 -99.31 -32.54
C TRP E 252 -13.12 -100.16 -31.28
N ALA E 253 -14.21 -100.90 -31.11
CA ALA E 253 -14.36 -101.78 -29.96
C ALA E 253 -13.18 -102.73 -29.97
N GLY E 254 -12.64 -103.01 -31.15
CA GLY E 254 -11.49 -103.90 -31.25
C GLY E 254 -10.15 -103.18 -31.17
N VAL E 255 -10.08 -102.13 -30.35
CA VAL E 255 -8.86 -101.33 -30.16
C VAL E 255 -8.88 -100.69 -28.76
N LYS E 256 -9.89 -99.85 -28.51
CA LYS E 256 -10.09 -99.15 -27.24
C LYS E 256 -11.36 -99.63 -26.52
N GLY F 9 -22.31 -117.57 -37.32
CA GLY F 9 -21.73 -116.31 -37.87
C GLY F 9 -21.84 -115.14 -36.92
N THR F 10 -22.21 -113.97 -37.45
CA THR F 10 -22.36 -112.75 -36.64
C THR F 10 -23.48 -111.85 -37.14
N ARG F 11 -23.94 -110.94 -36.26
CA ARG F 11 -24.98 -109.98 -36.60
C ARG F 11 -24.24 -108.67 -36.90
N ARG F 12 -22.91 -108.77 -36.84
CA ARG F 12 -21.99 -107.66 -37.11
C ARG F 12 -21.75 -107.65 -38.63
N ASP F 13 -21.84 -108.82 -39.25
CA ASP F 13 -21.66 -108.90 -40.69
C ASP F 13 -22.94 -108.36 -41.34
N PHE F 14 -24.02 -108.34 -40.58
CA PHE F 14 -25.30 -107.81 -41.06
C PHE F 14 -25.24 -106.27 -41.04
N LEU F 15 -24.80 -105.70 -39.92
CA LEU F 15 -24.69 -104.25 -39.77
C LEU F 15 -23.84 -103.63 -40.87
N TYR F 16 -22.70 -104.24 -41.17
CA TYR F 16 -21.80 -103.72 -42.21
C TYR F 16 -22.44 -103.81 -43.59
N TYR F 17 -23.70 -104.22 -43.63
CA TYR F 17 -24.42 -104.32 -44.89
C TYR F 17 -25.60 -103.39 -44.77
N ALA F 18 -26.28 -103.44 -43.63
CA ALA F 18 -27.42 -102.55 -43.41
C ALA F 18 -26.93 -101.12 -43.52
N THR F 19 -25.62 -100.95 -43.30
CA THR F 19 -24.99 -99.65 -43.39
C THR F 19 -24.64 -99.34 -44.84
N ALA F 20 -23.73 -100.13 -45.40
CA ALA F 20 -23.31 -99.91 -46.78
C ALA F 20 -24.54 -99.84 -47.67
N GLY F 21 -25.61 -100.47 -47.21
CA GLY F 21 -26.83 -100.48 -47.97
C GLY F 21 -27.55 -99.15 -47.94
N ALA F 22 -27.83 -98.67 -46.73
CA ALA F 22 -28.51 -97.40 -46.56
C ALA F 22 -27.69 -96.32 -47.27
N GLY F 23 -26.38 -96.56 -47.33
CA GLY F 23 -25.46 -95.64 -47.95
C GLY F 23 -25.79 -95.57 -49.42
N ALA F 24 -25.66 -96.71 -50.09
CA ALA F 24 -25.97 -96.79 -51.53
C ALA F 24 -27.35 -96.20 -51.87
N VAL F 25 -28.29 -96.24 -50.94
CA VAL F 25 -29.64 -95.70 -51.16
C VAL F 25 -29.60 -94.19 -51.24
N ALA F 26 -28.86 -93.57 -50.32
CA ALA F 26 -28.73 -92.13 -50.34
C ALA F 26 -28.01 -91.70 -51.64
N THR F 27 -26.83 -92.27 -51.90
CA THR F 27 -26.08 -91.92 -53.09
C THR F 27 -26.97 -91.93 -54.32
N GLY F 28 -27.87 -92.90 -54.37
CA GLY F 28 -28.74 -92.97 -55.51
C GLY F 28 -29.69 -91.80 -55.52
N ALA F 29 -30.33 -91.56 -54.39
CA ALA F 29 -31.29 -90.46 -54.24
C ALA F 29 -30.65 -89.13 -54.65
N ALA F 30 -29.33 -89.10 -54.55
CA ALA F 30 -28.51 -87.94 -54.91
C ALA F 30 -28.32 -87.90 -56.42
N VAL F 31 -27.77 -88.99 -56.94
CA VAL F 31 -27.54 -89.10 -58.34
C VAL F 31 -28.81 -88.89 -59.23
N TRP F 32 -29.95 -89.40 -58.80
CA TRP F 32 -31.14 -89.24 -59.63
C TRP F 32 -31.46 -87.80 -60.06
N PRO F 33 -31.67 -86.87 -59.09
CA PRO F 33 -31.99 -85.46 -59.41
C PRO F 33 -30.95 -84.72 -60.25
N LEU F 34 -29.71 -85.19 -60.12
CA LEU F 34 -28.61 -84.66 -60.90
C LEU F 34 -28.78 -85.07 -62.36
N ILE F 35 -29.49 -86.17 -62.60
CA ILE F 35 -29.74 -86.65 -63.96
C ILE F 35 -31.10 -86.13 -64.40
N ASN F 36 -32.10 -86.27 -63.55
CA ASN F 36 -33.42 -85.81 -63.89
C ASN F 36 -33.52 -84.31 -64.24
N GLN F 37 -32.60 -83.50 -63.71
CA GLN F 37 -32.67 -82.07 -63.99
C GLN F 37 -32.48 -81.76 -65.48
N MET F 38 -31.96 -82.73 -66.23
CA MET F 38 -31.73 -82.54 -67.64
C MET F 38 -32.93 -82.78 -68.49
N ASN F 39 -33.92 -83.47 -67.93
CA ASN F 39 -35.15 -83.73 -68.69
C ASN F 39 -35.90 -82.46 -68.89
N PRO F 40 -36.85 -82.46 -69.80
CA PRO F 40 -37.62 -81.25 -70.07
C PRO F 40 -38.17 -80.53 -68.85
N SER F 41 -37.88 -79.24 -68.80
CA SER F 41 -38.31 -78.39 -67.71
C SER F 41 -39.80 -78.05 -67.87
N ALA F 42 -40.42 -77.54 -66.83
CA ALA F 42 -41.83 -77.20 -66.85
C ALA F 42 -42.26 -76.19 -67.92
N ASP F 43 -41.30 -75.53 -68.54
CA ASP F 43 -41.60 -74.52 -69.55
C ASP F 43 -41.76 -75.10 -70.92
N VAL F 44 -41.02 -76.18 -71.19
CA VAL F 44 -41.01 -76.86 -72.48
C VAL F 44 -42.21 -77.78 -72.62
N GLN F 45 -42.54 -78.41 -71.51
CA GLN F 45 -43.66 -79.32 -71.46
C GLN F 45 -44.99 -78.62 -71.53
N ALA F 46 -44.95 -77.29 -71.48
CA ALA F 46 -46.18 -76.53 -71.51
C ALA F 46 -46.59 -76.18 -72.91
N LEU F 47 -45.76 -76.54 -73.88
CA LEU F 47 -46.08 -76.25 -75.29
C LEU F 47 -47.36 -77.03 -75.69
N ALA F 48 -48.26 -76.36 -76.41
CA ALA F 48 -49.52 -76.98 -76.81
C ALA F 48 -49.78 -77.24 -78.28
N SER F 49 -50.51 -76.32 -78.92
CA SER F 49 -50.87 -76.45 -80.34
C SER F 49 -50.81 -75.13 -81.05
N ILE F 50 -50.98 -75.16 -82.37
CA ILE F 50 -50.92 -73.94 -83.16
C ILE F 50 -51.87 -74.00 -84.34
N PHE F 51 -52.11 -72.84 -84.96
CA PHE F 51 -53.01 -72.76 -86.10
C PHE F 51 -52.30 -72.16 -87.27
N VAL F 52 -52.42 -72.80 -88.43
CA VAL F 52 -51.76 -72.31 -89.64
C VAL F 52 -52.74 -71.83 -90.73
N ASP F 53 -52.39 -70.70 -91.37
CA ASP F 53 -53.20 -70.11 -92.42
C ASP F 53 -52.72 -70.59 -93.79
N VAL F 54 -53.55 -71.35 -94.50
CA VAL F 54 -53.17 -71.89 -95.81
C VAL F 54 -53.82 -71.16 -96.98
N SER F 55 -54.15 -69.89 -96.78
CA SER F 55 -54.78 -69.06 -97.80
C SER F 55 -54.02 -68.99 -99.11
N SER F 56 -52.78 -68.55 -99.00
CA SER F 56 -51.88 -68.37 -100.13
C SER F 56 -51.32 -69.66 -100.76
N VAL F 57 -51.36 -70.77 -100.01
CA VAL F 57 -50.83 -72.02 -100.52
C VAL F 57 -51.45 -72.40 -101.86
N GLU F 58 -50.68 -72.15 -102.92
CA GLU F 58 -51.03 -72.45 -104.29
C GLU F 58 -50.68 -73.93 -104.51
N PRO F 59 -51.30 -74.59 -105.48
CA PRO F 59 -50.89 -75.99 -105.60
C PRO F 59 -49.48 -76.03 -106.20
N GLY F 60 -48.62 -76.81 -105.58
CA GLY F 60 -47.25 -76.94 -106.03
C GLY F 60 -46.33 -76.25 -105.03
N VAL F 61 -46.95 -75.73 -103.99
CA VAL F 61 -46.22 -75.01 -102.98
C VAL F 61 -46.15 -75.69 -101.64
N GLN F 62 -44.99 -75.52 -101.02
CA GLN F 62 -44.77 -76.06 -99.70
C GLN F 62 -44.60 -74.95 -98.67
N LEU F 63 -45.31 -75.11 -97.58
CA LEU F 63 -45.27 -74.15 -96.52
C LEU F 63 -44.47 -74.78 -95.39
N THR F 64 -43.40 -74.16 -94.93
CA THR F 64 -42.67 -74.74 -93.78
C THR F 64 -42.93 -73.86 -92.53
N VAL F 65 -43.39 -74.49 -91.48
CA VAL F 65 -43.79 -73.86 -90.26
C VAL F 65 -43.09 -74.50 -89.09
N LYS F 66 -42.80 -73.73 -88.07
CA LYS F 66 -42.18 -74.34 -86.92
C LYS F 66 -43.28 -74.79 -85.95
N PHE F 67 -43.06 -75.90 -85.28
CA PHE F 67 -44.04 -76.35 -84.31
C PHE F 67 -43.24 -77.23 -83.38
N LEU F 68 -43.28 -76.95 -82.09
CA LEU F 68 -42.50 -77.74 -81.14
C LEU F 68 -41.00 -77.79 -81.45
N GLY F 69 -40.49 -76.71 -82.07
CA GLY F 69 -39.07 -76.62 -82.41
C GLY F 69 -38.56 -77.41 -83.62
N LYS F 70 -39.45 -78.22 -84.20
CA LYS F 70 -39.17 -79.06 -85.39
C LYS F 70 -39.99 -78.44 -86.54
N PRO F 71 -39.56 -78.64 -87.81
CA PRO F 71 -40.33 -78.03 -88.91
C PRO F 71 -41.51 -78.92 -89.34
N ILE F 72 -42.58 -78.30 -89.79
CA ILE F 72 -43.74 -79.03 -90.25
C ILE F 72 -44.09 -78.57 -91.65
N PHE F 73 -44.05 -79.52 -92.60
CA PHE F 73 -44.33 -79.27 -94.02
C PHE F 73 -45.82 -79.29 -94.33
N ILE F 74 -46.22 -78.39 -95.21
CA ILE F 74 -47.60 -78.31 -95.65
C ILE F 74 -47.52 -78.05 -97.15
N ARG F 75 -47.74 -79.13 -97.89
CA ARG F 75 -47.70 -79.07 -99.34
C ARG F 75 -49.08 -79.24 -99.92
N ARG F 76 -49.42 -78.40 -100.88
CA ARG F 76 -50.68 -78.52 -101.55
C ARG F 76 -50.14 -79.12 -102.82
N ARG F 77 -50.44 -80.41 -103.03
CA ARG F 77 -49.95 -81.17 -104.17
C ARG F 77 -50.60 -80.93 -105.51
N THR F 78 -49.81 -81.16 -106.55
CA THR F 78 -50.29 -81.03 -107.91
C THR F 78 -50.95 -82.34 -108.32
N GLU F 79 -51.46 -82.42 -109.54
CA GLU F 79 -52.07 -83.67 -109.98
C GLU F 79 -50.94 -84.67 -110.16
N ALA F 80 -49.84 -84.20 -110.76
CA ALA F 80 -48.66 -85.02 -110.99
C ALA F 80 -48.29 -85.66 -109.66
N ASP F 81 -48.19 -84.83 -108.63
CA ASP F 81 -47.82 -85.27 -107.27
C ASP F 81 -48.75 -86.36 -106.75
N ILE F 82 -50.05 -86.21 -106.97
CA ILE F 82 -51.01 -87.20 -106.50
C ILE F 82 -51.05 -88.44 -107.39
N GLU F 83 -50.70 -88.25 -108.66
CA GLU F 83 -50.66 -89.35 -109.60
C GLU F 83 -49.74 -90.39 -109.01
N LEU F 84 -48.44 -90.08 -109.00
CA LEU F 84 -47.40 -90.98 -108.50
C LEU F 84 -47.65 -91.55 -107.12
N GLY F 85 -48.24 -90.76 -106.24
CA GLY F 85 -48.47 -91.27 -104.92
C GLY F 85 -49.36 -92.49 -104.98
N ARG F 86 -50.40 -92.36 -105.79
CA ARG F 86 -51.38 -93.43 -105.90
C ARG F 86 -50.95 -94.64 -106.74
N SER F 87 -49.90 -94.46 -107.53
CA SER F 87 -49.44 -95.52 -108.41
C SER F 87 -48.44 -96.49 -107.81
N VAL F 88 -48.43 -96.69 -106.51
CA VAL F 88 -47.43 -97.58 -105.92
C VAL F 88 -48.09 -98.59 -105.03
N GLN F 89 -47.73 -99.84 -105.24
CA GLN F 89 -48.31 -100.86 -104.43
C GLN F 89 -47.68 -100.89 -103.06
N LEU F 90 -48.53 -100.81 -102.07
CA LEU F 90 -48.14 -100.89 -100.69
C LEU F 90 -46.96 -101.87 -100.53
N GLY F 91 -46.98 -102.97 -101.23
CA GLY F 91 -45.88 -103.91 -101.07
C GLY F 91 -44.60 -103.48 -101.73
N GLN F 92 -44.58 -102.28 -102.30
CA GLN F 92 -43.38 -101.79 -102.98
C GLN F 92 -42.64 -100.74 -102.16
N LEU F 93 -43.31 -100.29 -101.10
CA LEU F 93 -42.83 -99.27 -100.19
C LEU F 93 -41.99 -99.95 -99.14
N VAL F 94 -41.03 -99.21 -98.58
CA VAL F 94 -40.17 -99.79 -97.56
C VAL F 94 -40.92 -99.78 -96.27
N ASP F 95 -41.58 -98.67 -95.98
CA ASP F 95 -42.35 -98.57 -94.75
C ASP F 95 -43.76 -98.72 -95.18
N THR F 96 -44.50 -99.55 -94.46
CA THR F 96 -45.88 -99.84 -94.78
C THR F 96 -46.96 -99.12 -93.94
N ASN F 97 -46.55 -98.60 -92.79
CA ASN F 97 -47.49 -97.90 -91.93
C ASN F 97 -47.66 -96.47 -92.41
N ALA F 98 -48.84 -95.93 -92.20
CA ALA F 98 -49.06 -94.60 -92.67
C ALA F 98 -48.38 -93.61 -91.74
N ARG F 99 -48.12 -94.03 -90.50
CA ARG F 99 -47.46 -93.13 -89.55
C ARG F 99 -48.33 -91.89 -89.46
N ASN F 100 -49.64 -92.08 -89.56
CA ASN F 100 -50.61 -90.97 -89.54
C ASN F 100 -51.36 -90.98 -88.21
N ALA F 101 -51.20 -89.92 -87.43
CA ALA F 101 -51.81 -89.78 -86.10
C ALA F 101 -53.28 -89.47 -86.15
N ASN F 102 -53.77 -89.10 -87.33
CA ASN F 102 -55.18 -88.81 -87.46
C ASN F 102 -56.02 -90.07 -87.65
N ILE F 103 -55.57 -90.97 -88.53
CA ILE F 103 -56.27 -92.21 -88.81
C ILE F 103 -55.81 -93.28 -87.84
N ASP F 104 -56.32 -94.48 -88.00
CA ASP F 104 -55.91 -95.56 -87.10
C ASP F 104 -54.39 -95.80 -87.19
N ALA F 105 -53.84 -96.33 -86.10
CA ALA F 105 -52.42 -96.59 -86.01
C ALA F 105 -51.95 -97.74 -86.86
N GLY F 106 -52.88 -98.57 -87.35
CA GLY F 106 -52.49 -99.69 -88.17
C GLY F 106 -52.69 -99.45 -89.65
N ALA F 107 -53.08 -98.22 -90.00
CA ALA F 107 -53.34 -97.82 -91.37
C ALA F 107 -52.22 -98.22 -92.33
N GLU F 108 -52.48 -98.12 -93.64
CA GLU F 108 -51.46 -98.50 -94.61
C GLU F 108 -51.01 -97.35 -95.45
N ALA F 109 -49.71 -97.36 -95.73
CA ALA F 109 -49.06 -96.30 -96.48
C ALA F 109 -49.57 -96.01 -97.88
N THR F 110 -50.89 -95.94 -98.05
CA THR F 110 -51.45 -95.63 -99.36
C THR F 110 -51.67 -94.13 -99.50
N ASP F 111 -51.09 -93.49 -100.50
CA ASP F 111 -51.30 -92.05 -100.68
C ASP F 111 -52.61 -91.48 -100.11
N GLN F 112 -53.71 -92.21 -100.26
CA GLN F 112 -55.01 -91.73 -99.78
C GLN F 112 -55.02 -91.67 -98.27
N ASN F 113 -54.27 -92.58 -97.67
CA ASN F 113 -54.18 -92.68 -96.23
C ASN F 113 -53.20 -91.71 -95.59
N ARG F 114 -52.47 -90.97 -96.42
CA ARG F 114 -51.46 -90.04 -95.92
C ARG F 114 -51.72 -88.58 -96.19
N THR F 115 -52.84 -88.30 -96.84
CA THR F 115 -53.25 -86.93 -97.14
C THR F 115 -54.38 -86.61 -96.17
N LEU F 116 -54.64 -85.33 -95.93
CA LEU F 116 -55.71 -84.95 -95.02
C LEU F 116 -57.08 -84.91 -95.68
N ASP F 117 -57.14 -84.52 -96.96
CA ASP F 117 -58.41 -84.48 -97.71
C ASP F 117 -58.54 -85.79 -98.49
N GLU F 118 -59.68 -85.95 -99.16
CA GLU F 118 -59.83 -87.17 -99.92
C GLU F 118 -59.29 -86.97 -101.31
N ALA F 119 -59.09 -85.70 -101.65
CA ALA F 119 -58.54 -85.34 -102.95
C ALA F 119 -57.03 -85.62 -102.97
N GLY F 120 -56.44 -85.82 -101.79
CA GLY F 120 -55.02 -86.08 -101.70
C GLY F 120 -54.21 -84.82 -101.96
N GLU F 121 -54.87 -83.67 -101.89
CA GLU F 121 -54.25 -82.37 -102.13
C GLU F 121 -53.43 -81.87 -100.94
N TRP F 122 -53.94 -82.10 -99.75
CA TRP F 122 -53.27 -81.61 -98.56
C TRP F 122 -52.39 -82.59 -97.76
N LEU F 123 -51.09 -82.60 -98.07
CA LEU F 123 -50.09 -83.43 -97.40
C LEU F 123 -49.47 -82.61 -96.24
N VAL F 124 -49.71 -83.05 -95.00
CA VAL F 124 -49.24 -82.37 -93.78
C VAL F 124 -48.43 -83.34 -92.96
N MET F 125 -47.13 -83.13 -92.96
CA MET F 125 -46.24 -84.01 -92.20
C MET F 125 -45.05 -83.26 -91.56
N TRP F 126 -44.41 -83.98 -90.65
CA TRP F 126 -43.24 -83.49 -89.98
C TRP F 126 -42.08 -83.51 -90.98
N GLY F 127 -41.50 -82.35 -91.25
CA GLY F 127 -40.37 -82.31 -92.16
C GLY F 127 -39.08 -82.76 -91.46
N VAL F 128 -39.22 -83.79 -90.64
CA VAL F 128 -38.13 -84.34 -89.83
C VAL F 128 -37.67 -85.73 -90.29
N CYS F 129 -36.65 -85.79 -91.16
CA CYS F 129 -36.17 -87.09 -91.66
C CYS F 129 -36.14 -88.13 -90.53
N THR F 130 -36.68 -89.33 -90.78
CA THR F 130 -36.71 -90.34 -89.73
C THR F 130 -35.40 -91.03 -89.48
N HIS F 131 -34.39 -90.68 -90.25
CA HIS F 131 -33.12 -91.32 -89.99
C HIS F 131 -32.48 -90.76 -88.70
N LEU F 132 -31.99 -89.52 -88.78
CA LEU F 132 -31.36 -88.86 -87.66
C LEU F 132 -31.89 -87.45 -87.35
N GLY F 133 -32.84 -86.94 -88.13
CA GLY F 133 -33.40 -85.65 -87.79
C GLY F 133 -33.44 -84.49 -88.75
N CYS F 134 -32.62 -84.48 -89.78
CA CYS F 134 -32.65 -83.32 -90.68
C CYS F 134 -34.03 -83.01 -91.31
N SER F 135 -34.13 -81.85 -91.93
CA SER F 135 -35.35 -81.42 -92.58
C SER F 135 -35.07 -81.63 -94.07
N PRO F 136 -35.65 -82.71 -94.64
CA PRO F 136 -35.38 -83.02 -96.05
C PRO F 136 -35.82 -81.95 -97.04
N ILE F 137 -34.99 -81.75 -98.07
CA ILE F 137 -35.21 -80.75 -99.15
C ILE F 137 -36.50 -81.00 -99.89
N GLY F 138 -37.19 -79.94 -100.27
CA GLY F 138 -38.45 -80.15 -100.96
C GLY F 138 -38.55 -79.64 -102.39
N GLY F 139 -39.78 -79.34 -102.82
CA GLY F 139 -39.97 -78.88 -104.18
C GLY F 139 -39.61 -79.96 -105.20
N VAL F 140 -40.22 -81.13 -105.00
CA VAL F 140 -40.00 -82.30 -105.83
C VAL F 140 -38.55 -82.40 -106.22
N SER F 141 -37.82 -83.08 -105.35
CA SER F 141 -36.40 -83.36 -105.47
C SER F 141 -36.25 -84.75 -104.85
N GLY F 142 -35.20 -85.44 -105.22
CA GLY F 142 -35.04 -86.78 -104.69
C GLY F 142 -35.18 -87.67 -105.90
N ASP F 143 -35.24 -88.98 -105.72
CA ASP F 143 -35.37 -89.86 -106.87
C ASP F 143 -36.78 -90.42 -106.95
N PHE F 144 -37.70 -89.90 -106.14
CA PHE F 144 -39.06 -90.41 -106.13
C PHE F 144 -40.09 -89.29 -106.16
N GLY F 145 -39.60 -88.14 -106.61
CA GLY F 145 -40.45 -86.97 -106.76
C GLY F 145 -41.06 -86.53 -105.45
N GLY F 146 -40.20 -86.53 -104.43
CA GLY F 146 -40.63 -86.12 -103.11
C GLY F 146 -39.68 -85.16 -102.42
N TRP F 147 -39.00 -85.72 -101.42
CA TRP F 147 -38.06 -85.00 -100.62
C TRP F 147 -36.77 -85.74 -100.54
N PHE F 148 -35.69 -84.99 -100.43
CA PHE F 148 -34.37 -85.58 -100.28
C PHE F 148 -33.64 -85.09 -99.00
N CYS F 149 -33.26 -86.00 -98.13
CA CYS F 149 -32.59 -85.62 -96.90
C CYS F 149 -31.09 -85.59 -97.20
N PRO F 150 -30.54 -84.39 -97.30
CA PRO F 150 -29.13 -84.15 -97.60
C PRO F 150 -28.15 -84.70 -96.62
N CYS F 151 -28.62 -84.96 -95.40
CA CYS F 151 -27.74 -85.50 -94.34
C CYS F 151 -27.09 -86.87 -94.59
N HIS F 152 -27.91 -87.87 -94.96
CA HIS F 152 -27.42 -89.23 -95.28
C HIS F 152 -28.05 -89.93 -96.48
N GLY F 153 -28.67 -89.15 -97.36
CA GLY F 153 -29.24 -89.70 -98.58
C GLY F 153 -30.55 -90.44 -98.57
N SER F 154 -31.51 -89.99 -97.78
CA SER F 154 -32.76 -90.66 -97.78
C SER F 154 -33.69 -89.97 -98.79
N HIS F 155 -34.40 -90.79 -99.59
CA HIS F 155 -35.37 -90.25 -100.55
C HIS F 155 -36.76 -90.59 -100.11
N TYR F 156 -37.66 -89.62 -100.28
CA TYR F 156 -39.05 -89.82 -99.91
C TYR F 156 -39.78 -89.44 -101.15
N ASP F 157 -40.94 -90.07 -101.34
CA ASP F 157 -41.80 -89.87 -102.50
C ASP F 157 -42.84 -88.77 -102.26
N SER F 158 -43.56 -88.45 -103.32
CA SER F 158 -44.61 -87.45 -103.26
C SER F 158 -45.64 -87.60 -102.13
N ALA F 159 -45.56 -88.66 -101.34
CA ALA F 159 -46.53 -88.89 -100.26
C ALA F 159 -45.77 -88.89 -98.97
N GLY F 160 -44.48 -88.68 -99.11
CA GLY F 160 -43.62 -88.63 -97.96
C GLY F 160 -43.23 -89.97 -97.41
N ARG F 161 -43.21 -90.96 -98.27
CA ARG F 161 -42.85 -92.30 -97.83
C ARG F 161 -41.39 -92.54 -98.14
N ILE F 162 -40.73 -93.23 -97.22
CA ILE F 162 -39.33 -93.53 -97.40
C ILE F 162 -39.28 -94.58 -98.50
N ARG F 163 -38.37 -94.37 -99.44
CA ARG F 163 -38.20 -95.25 -100.56
C ARG F 163 -36.75 -95.59 -100.81
N LYS F 164 -35.85 -95.07 -100.00
CA LYS F 164 -34.42 -95.30 -100.25
C LYS F 164 -33.56 -94.55 -99.24
N GLY F 165 -32.56 -95.26 -98.73
CA GLY F 165 -31.64 -94.68 -97.77
C GLY F 165 -31.74 -95.29 -96.36
N PRO F 166 -31.03 -94.71 -95.39
CA PRO F 166 -30.99 -95.16 -94.00
C PRO F 166 -32.32 -94.94 -93.26
N ALA F 167 -33.09 -93.93 -93.69
CA ALA F 167 -34.38 -93.62 -93.06
C ALA F 167 -35.23 -94.86 -92.98
N PRO F 168 -35.69 -95.21 -91.79
CA PRO F 168 -36.49 -96.42 -91.69
C PRO F 168 -38.00 -96.26 -91.79
N GLU F 169 -38.51 -95.05 -91.60
CA GLU F 169 -39.96 -94.92 -91.69
C GLU F 169 -40.37 -93.79 -92.57
N ASN F 170 -41.66 -93.62 -92.73
CA ASN F 170 -42.16 -92.54 -93.55
C ASN F 170 -42.23 -91.30 -92.63
N LEU F 171 -42.18 -90.11 -93.22
CA LEU F 171 -42.26 -88.88 -92.43
C LEU F 171 -43.58 -89.00 -91.68
N PRO F 172 -43.59 -88.73 -90.38
CA PRO F 172 -44.88 -88.86 -89.70
C PRO F 172 -45.86 -87.74 -89.97
N ILE F 173 -47.16 -88.02 -89.82
CA ILE F 173 -48.20 -87.02 -90.01
C ILE F 173 -48.62 -86.74 -88.59
N PRO F 174 -48.66 -85.48 -88.20
CA PRO F 174 -49.03 -85.08 -86.84
C PRO F 174 -50.53 -84.85 -86.72
N LEU F 175 -51.06 -84.86 -85.51
CA LEU F 175 -52.49 -84.59 -85.36
C LEU F 175 -52.77 -83.29 -86.08
N ALA F 176 -53.52 -83.33 -87.17
CA ALA F 176 -53.84 -82.12 -87.94
C ALA F 176 -55.25 -82.23 -88.46
N LYS F 177 -55.87 -81.09 -88.72
CA LYS F 177 -57.25 -81.08 -89.21
C LYS F 177 -57.67 -79.68 -89.61
N PHE F 178 -58.41 -79.57 -90.71
CA PHE F 178 -58.89 -78.26 -91.11
C PHE F 178 -60.03 -77.90 -90.15
N ILE F 179 -59.94 -76.71 -89.54
CA ILE F 179 -60.98 -76.23 -88.64
C ILE F 179 -61.84 -75.16 -89.32
N ASP F 180 -61.64 -75.05 -90.63
CA ASP F 180 -62.41 -74.15 -91.47
C ASP F 180 -61.83 -74.29 -92.88
N GLU F 181 -62.37 -73.56 -93.85
CA GLU F 181 -61.89 -73.65 -95.24
C GLU F 181 -60.45 -73.17 -95.54
N THR F 182 -59.84 -72.40 -94.65
CA THR F 182 -58.49 -71.89 -94.90
C THR F 182 -57.47 -72.05 -93.73
N THR F 183 -57.84 -72.84 -92.73
CA THR F 183 -56.95 -73.02 -91.60
C THR F 183 -56.81 -74.42 -91.00
N ILE F 184 -55.59 -74.95 -90.98
CA ILE F 184 -55.34 -76.28 -90.44
C ILE F 184 -54.86 -76.09 -89.02
N GLN F 185 -55.17 -77.00 -88.11
CA GLN F 185 -54.65 -76.80 -86.77
C GLN F 185 -53.85 -78.02 -86.29
N LEU F 186 -52.53 -77.88 -86.37
CA LEU F 186 -51.59 -78.91 -85.96
C LEU F 186 -51.62 -79.05 -84.46
N GLY F 187 -51.29 -80.22 -83.97
CA GLY F 187 -51.32 -80.42 -82.53
C GLY F 187 -52.75 -80.35 -82.04
N GLY G 3 30.84 -24.56 6.22
CA GLY G 3 31.76 -25.44 7.04
C GLY G 3 33.18 -25.59 6.49
N ILE G 4 33.74 -24.50 5.96
CA ILE G 4 35.11 -24.45 5.40
C ILE G 4 36.03 -23.75 6.43
N PRO G 5 37.18 -24.36 6.81
CA PRO G 5 38.07 -23.71 7.78
C PRO G 5 38.54 -22.27 7.44
N HIS G 6 38.10 -21.30 8.24
CA HIS G 6 38.45 -19.88 8.06
C HIS G 6 38.75 -19.17 9.38
N ASP G 7 39.28 -17.95 9.27
CA ASP G 7 39.64 -17.12 10.43
C ASP G 7 38.49 -16.23 10.94
N HIS G 8 38.32 -16.25 12.26
CA HIS G 8 37.28 -15.50 12.95
C HIS G 8 37.50 -13.98 13.05
N TYR G 9 36.51 -13.28 13.60
CA TYR G 9 36.52 -11.82 13.79
C TYR G 9 37.34 -11.40 15.00
N GLU G 10 38.02 -10.27 14.87
CA GLU G 10 38.90 -9.75 15.90
C GLU G 10 38.57 -8.33 16.44
N PRO G 11 37.96 -8.25 17.64
CA PRO G 11 37.63 -6.94 18.23
C PRO G 11 38.87 -6.03 18.36
N ARG G 12 39.00 -5.06 17.46
CA ARG G 12 40.15 -4.14 17.46
C ARG G 12 39.99 -2.91 18.33
N THR G 13 39.21 -1.94 17.84
CA THR G 13 38.95 -0.68 18.57
C THR G 13 38.19 -0.93 19.86
N GLY G 14 37.92 0.14 20.60
CA GLY G 14 37.19 0.02 21.85
C GLY G 14 35.72 -0.14 21.54
N ILE G 15 35.23 0.70 20.63
CA ILE G 15 33.83 0.66 20.23
C ILE G 15 33.47 -0.77 19.79
N GLU G 16 34.44 -1.47 19.19
CA GLU G 16 34.24 -2.85 18.73
C GLU G 16 34.16 -3.84 19.88
N LYS G 17 35.03 -3.67 20.87
CA LYS G 17 35.08 -4.54 22.03
C LYS G 17 33.81 -4.35 22.85
N TRP G 18 33.31 -3.11 22.89
CA TRP G 18 32.11 -2.73 23.63
C TRP G 18 30.89 -3.37 22.99
N LEU G 19 30.78 -3.12 21.68
CA LEU G 19 29.68 -3.63 20.90
C LEU G 19 29.66 -5.13 20.90
N HIS G 20 30.84 -5.74 20.75
CA HIS G 20 30.96 -7.20 20.69
C HIS G 20 30.49 -8.01 21.90
N SER G 21 30.77 -7.53 23.10
CA SER G 21 30.33 -8.25 24.31
C SER G 21 28.82 -8.14 24.56
N ARG G 22 28.15 -7.32 23.74
CA ARG G 22 26.70 -7.07 23.86
C ARG G 22 25.85 -7.64 22.75
N LEU G 23 26.28 -7.42 21.52
CA LEU G 23 25.58 -7.89 20.32
C LEU G 23 26.60 -7.97 19.17
N PRO G 24 27.09 -9.19 18.85
CA PRO G 24 28.08 -9.38 17.78
C PRO G 24 27.60 -9.15 16.36
N ILE G 25 26.92 -8.04 16.08
CA ILE G 25 26.43 -7.80 14.74
C ILE G 25 27.60 -7.66 13.81
N VAL G 26 28.64 -7.00 14.31
CA VAL G 26 29.84 -6.78 13.51
C VAL G 26 30.50 -8.11 13.21
N ALA G 27 30.50 -8.99 14.20
CA ALA G 27 31.10 -10.32 14.08
C ALA G 27 30.48 -11.12 12.92
N LEU G 28 29.19 -11.44 13.06
CA LEU G 28 28.45 -12.17 12.06
C LEU G 28 28.61 -11.53 10.66
N ALA G 29 28.49 -10.21 10.60
CA ALA G 29 28.63 -9.51 9.32
C ALA G 29 30.01 -9.76 8.73
N TYR G 30 30.97 -10.06 9.59
CA TYR G 30 32.34 -10.31 9.15
C TYR G 30 32.45 -11.72 8.57
N ASP G 31 31.99 -12.70 9.34
CA ASP G 31 32.04 -14.08 8.89
C ASP G 31 31.25 -14.26 7.58
N THR G 32 30.24 -13.40 7.36
CA THR G 32 29.44 -13.47 6.15
C THR G 32 30.15 -12.85 4.95
N ILE G 33 30.82 -11.74 5.16
CA ILE G 33 31.51 -11.08 4.08
C ILE G 33 32.91 -11.66 3.80
N MET G 34 33.36 -12.55 4.67
CA MET G 34 34.68 -13.17 4.54
C MET G 34 34.68 -14.66 4.20
N ILE G 35 33.50 -15.24 4.04
CA ILE G 35 33.40 -16.66 3.72
C ILE G 35 34.27 -16.99 2.51
N PRO G 36 35.07 -18.05 2.59
CA PRO G 36 35.95 -18.47 1.50
C PRO G 36 35.16 -19.08 0.34
N THR G 37 35.38 -18.58 -0.87
CA THR G 37 34.66 -19.10 -2.03
C THR G 37 35.58 -19.47 -3.20
N PRO G 38 35.29 -20.61 -3.88
CA PRO G 38 36.06 -21.11 -5.02
C PRO G 38 36.70 -20.06 -5.91
N ARG G 39 37.98 -20.25 -6.17
CA ARG G 39 38.73 -19.32 -7.00
C ARG G 39 38.18 -19.24 -8.41
N ASN G 40 37.68 -20.35 -8.93
CA ASN G 40 37.12 -20.40 -10.29
C ASN G 40 35.62 -20.18 -10.16
N LEU G 41 35.07 -19.22 -10.89
CA LEU G 41 33.64 -18.94 -10.85
C LEU G 41 33.49 -18.02 -12.01
N ASN G 42 32.88 -18.50 -13.06
CA ASN G 42 32.71 -17.68 -14.24
C ASN G 42 31.55 -16.70 -14.06
N TRP G 43 31.39 -15.80 -15.03
CA TRP G 43 30.34 -14.79 -14.99
C TRP G 43 28.94 -15.32 -14.68
N MET G 44 28.74 -16.63 -14.78
CA MET G 44 27.42 -17.20 -14.54
C MET G 44 27.07 -17.19 -13.07
N TRP G 45 27.98 -16.71 -12.25
CA TRP G 45 27.71 -16.66 -10.83
C TRP G 45 27.23 -15.25 -10.42
N ILE G 46 27.32 -14.29 -11.32
CA ILE G 46 26.92 -12.95 -10.95
C ILE G 46 25.41 -12.75 -10.83
N TRP G 47 24.63 -13.64 -11.43
CA TRP G 47 23.18 -13.48 -11.39
C TRP G 47 22.55 -13.42 -10.02
N GLY G 48 23.18 -14.07 -9.04
CA GLY G 48 22.64 -14.06 -7.70
C GLY G 48 22.63 -12.64 -7.12
N VAL G 49 23.61 -11.85 -7.51
CA VAL G 49 23.67 -10.50 -7.02
C VAL G 49 22.69 -9.68 -7.83
N VAL G 50 22.68 -9.85 -9.16
CA VAL G 50 21.76 -9.05 -9.97
C VAL G 50 20.34 -9.20 -9.45
N LEU G 51 20.04 -10.37 -8.92
CA LEU G 51 18.74 -10.65 -8.39
C LEU G 51 18.53 -9.90 -7.10
N ALA G 52 19.53 -9.92 -6.21
CA ALA G 52 19.42 -9.18 -4.94
C ALA G 52 19.25 -7.68 -5.21
N PHE G 53 19.98 -7.19 -6.21
CA PHE G 53 19.86 -5.81 -6.57
C PHE G 53 18.42 -5.50 -6.96
N CYS G 54 17.89 -6.28 -7.91
CA CYS G 54 16.53 -6.11 -8.41
C CYS G 54 15.53 -6.10 -7.30
N LEU G 55 15.62 -7.05 -6.37
CA LEU G 55 14.67 -7.09 -5.28
C LEU G 55 14.64 -5.73 -4.54
N VAL G 56 15.83 -5.19 -4.29
CA VAL G 56 15.92 -3.90 -3.61
C VAL G 56 15.39 -2.80 -4.52
N LEU G 57 15.84 -2.75 -5.77
CA LEU G 57 15.32 -1.74 -6.70
C LEU G 57 13.78 -1.75 -6.78
N GLN G 58 13.21 -2.93 -6.98
CA GLN G 58 11.77 -3.04 -7.02
C GLN G 58 11.18 -2.56 -5.71
N ILE G 59 11.65 -3.11 -4.59
CA ILE G 59 11.08 -2.65 -3.32
C ILE G 59 11.13 -1.13 -3.05
N VAL G 60 12.19 -0.43 -3.44
CA VAL G 60 12.16 1.01 -3.17
C VAL G 60 11.29 1.74 -4.23
N THR G 61 11.51 1.50 -5.51
CA THR G 61 10.67 2.20 -6.47
C THR G 61 9.20 1.84 -6.20
N GLY G 62 9.01 0.69 -5.55
CA GLY G 62 7.67 0.23 -5.23
C GLY G 62 6.99 1.12 -4.23
N ILE G 63 7.59 1.24 -3.04
CA ILE G 63 7.05 2.08 -1.96
C ILE G 63 6.83 3.49 -2.47
N VAL G 64 7.82 4.00 -3.19
CA VAL G 64 7.70 5.32 -3.79
C VAL G 64 6.42 5.42 -4.64
N LEU G 65 6.26 4.49 -5.58
CA LEU G 65 5.10 4.48 -6.45
C LEU G 65 3.82 4.32 -5.67
N ALA G 66 3.85 3.55 -4.59
CA ALA G 66 2.68 3.31 -3.77
C ALA G 66 2.16 4.60 -3.09
N MET G 67 3.04 5.60 -2.98
CA MET G 67 2.76 6.92 -2.41
C MET G 67 1.95 7.83 -3.37
N HIS G 68 1.70 7.35 -4.58
CA HIS G 68 0.96 8.13 -5.55
C HIS G 68 -0.15 7.36 -6.23
N TYR G 69 -0.08 6.05 -6.14
CA TYR G 69 -1.05 5.17 -6.78
C TYR G 69 -2.30 4.99 -5.95
N THR G 70 -3.49 5.04 -6.54
CA THR G 70 -4.66 4.75 -5.75
C THR G 70 -5.35 3.45 -6.27
N PRO G 71 -5.46 2.42 -5.41
CA PRO G 71 -6.08 1.14 -5.79
C PRO G 71 -7.62 1.17 -5.81
N HIS G 72 -8.12 1.79 -6.83
CA HIS G 72 -9.55 1.84 -6.97
C HIS G 72 -9.86 2.05 -8.42
N VAL G 73 -10.60 1.09 -8.93
CA VAL G 73 -11.02 0.98 -10.29
C VAL G 73 -11.28 2.31 -11.07
N ASP G 74 -11.85 3.30 -10.42
CA ASP G 74 -12.11 4.59 -11.08
C ASP G 74 -10.90 5.56 -11.15
N LEU G 75 -9.90 5.35 -10.31
CA LEU G 75 -8.77 6.25 -10.29
C LEU G 75 -7.46 5.54 -10.61
N ALA G 76 -7.41 4.25 -10.31
CA ALA G 76 -6.20 3.46 -10.54
C ALA G 76 -5.42 3.77 -11.83
N PHE G 77 -6.02 3.64 -13.00
CA PHE G 77 -5.31 3.91 -14.26
C PHE G 77 -4.88 5.35 -14.32
N ALA G 78 -5.82 6.25 -14.09
CA ALA G 78 -5.58 7.68 -14.12
C ALA G 78 -4.45 8.00 -13.17
N SER G 79 -4.45 7.28 -12.06
CA SER G 79 -3.46 7.47 -11.03
C SER G 79 -2.05 7.24 -11.56
N VAL G 80 -1.92 6.24 -12.42
CA VAL G 80 -0.63 5.93 -12.97
C VAL G 80 -0.24 6.94 -14.02
N GLU G 81 -1.22 7.50 -14.70
CA GLU G 81 -0.90 8.47 -15.74
C GLU G 81 -0.46 9.77 -15.05
N HIS G 82 -0.91 9.95 -13.80
CA HIS G 82 -0.56 11.11 -13.03
C HIS G 82 0.89 10.93 -12.58
N ILE G 83 1.22 9.73 -12.09
CA ILE G 83 2.57 9.43 -11.67
C ILE G 83 3.50 9.65 -12.85
N MET G 84 2.97 9.54 -14.05
CA MET G 84 3.75 9.70 -15.24
C MET G 84 3.98 11.13 -15.62
N ARG G 85 2.92 11.94 -15.61
CA ARG G 85 2.94 13.38 -15.99
C ARG G 85 3.19 14.44 -14.89
N ASN G 86 2.82 14.15 -13.65
CA ASN G 86 2.96 15.10 -12.57
C ASN G 86 4.02 14.83 -11.55
N VAL G 87 4.00 13.65 -10.94
CA VAL G 87 4.99 13.32 -9.93
C VAL G 87 6.40 13.54 -10.45
N ASN G 88 7.20 14.25 -9.64
CA ASN G 88 8.61 14.58 -9.97
C ASN G 88 9.38 13.31 -10.30
N GLY G 89 9.66 13.13 -11.58
CA GLY G 89 10.42 11.96 -11.99
C GLY G 89 9.64 10.69 -11.96
N GLY G 90 8.33 10.79 -11.79
CA GLY G 90 7.48 9.62 -11.76
C GLY G 90 7.65 8.84 -13.05
N PHE G 91 7.66 9.55 -14.18
CA PHE G 91 7.82 8.88 -15.44
C PHE G 91 9.03 7.94 -15.42
N MET G 92 10.09 8.32 -14.76
CA MET G 92 11.25 7.45 -14.73
C MET G 92 11.24 6.40 -13.64
N LEU G 93 10.43 6.61 -12.60
CA LEU G 93 10.32 5.66 -11.52
C LEU G 93 9.39 4.54 -11.95
N ARG G 94 8.31 4.91 -12.63
CA ARG G 94 7.35 3.94 -13.13
C ARG G 94 8.11 2.99 -14.07
N TYR G 95 8.66 3.49 -15.17
CA TYR G 95 9.40 2.67 -16.09
C TYR G 95 10.45 1.79 -15.42
N LEU G 96 11.07 2.29 -14.36
CA LEU G 96 12.10 1.52 -13.69
C LEU G 96 11.48 0.35 -12.98
N HIS G 97 10.31 0.58 -12.38
CA HIS G 97 9.64 -0.49 -11.63
C HIS G 97 9.16 -1.56 -12.60
N ALA G 98 8.71 -1.09 -13.76
CA ALA G 98 8.18 -1.93 -14.81
C ALA G 98 9.26 -2.78 -15.46
N ASN G 99 10.32 -2.17 -15.98
CA ASN G 99 11.37 -3.00 -16.58
C ASN G 99 12.14 -3.68 -15.47
N GLY G 100 11.91 -3.24 -14.24
CA GLY G 100 12.58 -3.84 -13.11
C GLY G 100 12.12 -5.27 -13.10
N ALA G 101 10.82 -5.46 -13.30
CA ALA G 101 10.26 -6.80 -13.35
C ALA G 101 10.98 -7.64 -14.44
N SER G 102 11.12 -7.13 -15.65
CA SER G 102 11.79 -7.92 -16.69
C SER G 102 13.24 -8.32 -16.33
N LEU G 103 14.01 -7.35 -15.88
CA LEU G 103 15.37 -7.63 -15.49
C LEU G 103 15.28 -8.70 -14.42
N PHE G 104 14.40 -8.49 -13.44
CA PHE G 104 14.26 -9.43 -12.36
C PHE G 104 14.06 -10.86 -12.87
N PHE G 105 13.30 -11.07 -13.95
CA PHE G 105 13.11 -12.43 -14.50
C PHE G 105 14.27 -12.89 -15.35
N ILE G 106 14.70 -12.06 -16.31
CA ILE G 106 15.86 -12.42 -17.18
C ILE G 106 17.01 -12.91 -16.30
N ALA G 107 17.11 -12.33 -15.11
CA ALA G 107 18.15 -12.70 -14.19
C ALA G 107 17.81 -14.02 -13.54
N VAL G 108 16.56 -14.19 -13.14
CA VAL G 108 16.19 -15.41 -12.45
C VAL G 108 16.23 -16.61 -13.40
N TYR G 109 16.09 -16.38 -14.71
CA TYR G 109 16.18 -17.52 -15.63
C TYR G 109 17.67 -17.86 -15.81
N LEU G 110 18.49 -16.86 -16.10
CA LEU G 110 19.92 -17.08 -16.22
C LEU G 110 20.39 -17.69 -14.94
N HIS G 111 19.85 -17.22 -13.83
CA HIS G 111 20.22 -17.78 -12.53
C HIS G 111 19.84 -19.27 -12.47
N ILE G 112 18.60 -19.60 -12.86
CA ILE G 112 18.09 -20.97 -12.83
C ILE G 112 18.80 -21.98 -13.74
N PHE G 113 19.01 -21.62 -14.98
CA PHE G 113 19.71 -22.51 -15.87
C PHE G 113 21.17 -22.73 -15.41
N ARG G 114 21.79 -21.70 -14.85
CA ARG G 114 23.15 -21.83 -14.37
C ARG G 114 23.12 -23.00 -13.42
N GLY G 115 22.11 -23.04 -12.56
CA GLY G 115 22.02 -24.13 -11.61
C GLY G 115 21.78 -25.50 -12.19
N LEU G 116 20.92 -25.60 -13.22
CA LEU G 116 20.57 -26.88 -13.88
C LEU G 116 21.77 -27.54 -14.52
N TYR G 117 22.65 -26.71 -15.08
CA TYR G 117 23.89 -27.13 -15.74
C TYR G 117 25.03 -27.58 -14.81
N TYR G 118 25.28 -26.85 -13.72
CA TYR G 118 26.37 -27.21 -12.83
C TYR G 118 25.97 -28.09 -11.65
N GLY G 119 24.77 -28.63 -11.66
CA GLY G 119 24.33 -29.48 -10.56
C GLY G 119 24.29 -28.75 -9.23
N SER G 120 23.97 -27.46 -9.28
CA SER G 120 23.92 -26.67 -8.08
C SER G 120 22.75 -27.09 -7.22
N TYR G 121 21.87 -27.90 -7.78
CA TYR G 121 20.69 -28.40 -7.06
C TYR G 121 21.02 -29.74 -6.42
N LYS G 122 22.02 -30.41 -6.99
CA LYS G 122 22.43 -31.70 -6.49
C LYS G 122 23.04 -31.55 -5.12
N ALA G 123 22.60 -32.43 -4.21
CA ALA G 123 23.08 -32.46 -2.83
C ALA G 123 24.53 -32.04 -2.70
N PRO G 124 24.87 -31.40 -1.58
CA PRO G 124 23.99 -31.08 -0.46
C PRO G 124 23.10 -29.83 -0.63
N ARG G 125 23.22 -29.16 -1.77
CA ARG G 125 22.46 -27.95 -2.04
C ARG G 125 20.99 -28.18 -2.41
N GLU G 126 20.37 -29.24 -1.88
CA GLU G 126 18.99 -29.51 -2.21
C GLU G 126 18.02 -28.52 -1.57
N VAL G 127 18.37 -27.98 -0.40
CA VAL G 127 17.49 -27.00 0.25
C VAL G 127 17.63 -25.65 -0.42
N THR G 128 18.85 -25.22 -0.73
CA THR G 128 19.07 -23.95 -1.44
C THR G 128 18.05 -23.91 -2.61
N TRP G 129 18.01 -25.04 -3.36
CA TRP G 129 17.14 -25.23 -4.51
C TRP G 129 15.66 -25.06 -4.23
N ILE G 130 15.12 -25.80 -3.28
CA ILE G 130 13.71 -25.67 -2.94
C ILE G 130 13.30 -24.24 -2.46
N VAL G 131 14.11 -23.62 -1.61
CA VAL G 131 13.80 -22.27 -1.14
C VAL G 131 13.85 -21.34 -2.33
N GLY G 132 14.82 -21.53 -3.23
CA GLY G 132 14.88 -20.69 -4.41
C GLY G 132 13.65 -20.87 -5.28
N MET G 133 13.10 -22.10 -5.27
CA MET G 133 11.91 -22.48 -6.03
C MET G 133 10.66 -21.80 -5.47
N LEU G 134 10.61 -21.66 -4.15
CA LEU G 134 9.51 -20.97 -3.47
C LEU G 134 9.59 -19.52 -3.86
N ILE G 135 10.81 -19.00 -3.89
CA ILE G 135 11.07 -17.61 -4.26
C ILE G 135 10.55 -17.35 -5.68
N TYR G 136 10.80 -18.32 -6.55
CA TYR G 136 10.38 -18.23 -7.93
C TYR G 136 8.87 -18.17 -8.03
N LEU G 137 8.22 -18.96 -7.20
CA LEU G 137 6.78 -19.02 -7.22
C LEU G 137 6.22 -17.66 -6.79
N ALA G 138 6.79 -17.11 -5.71
CA ALA G 138 6.34 -15.83 -5.15
C ALA G 138 6.62 -14.70 -6.11
N MET G 139 7.75 -14.77 -6.80
CA MET G 139 8.06 -13.75 -7.77
C MET G 139 6.96 -13.60 -8.82
N MET G 140 6.47 -14.72 -9.34
CA MET G 140 5.42 -14.66 -10.35
C MET G 140 4.14 -14.17 -9.72
N ALA G 141 3.76 -14.77 -8.60
CA ALA G 141 2.55 -14.31 -7.92
C ALA G 141 2.57 -12.79 -7.81
N THR G 142 3.73 -12.26 -7.41
CA THR G 142 3.92 -10.81 -7.28
C THR G 142 3.83 -10.12 -8.64
N ALA G 143 4.75 -10.49 -9.52
CA ALA G 143 4.80 -9.90 -10.85
C ALA G 143 3.44 -9.82 -11.53
N PHE G 144 2.55 -10.73 -11.14
CA PHE G 144 1.21 -10.78 -11.71
C PHE G 144 0.31 -9.70 -11.12
N MET G 145 0.14 -9.71 -9.80
CA MET G 145 -0.68 -8.74 -9.12
C MET G 145 -0.20 -7.32 -9.44
N GLY G 146 1.12 -7.14 -9.61
CA GLY G 146 1.63 -5.83 -9.96
C GLY G 146 0.98 -5.38 -11.25
N TYR G 147 1.16 -6.18 -12.30
CA TYR G 147 0.62 -5.88 -13.64
C TYR G 147 -0.88 -5.60 -13.66
N VAL G 148 -1.61 -6.10 -12.66
CA VAL G 148 -3.05 -5.84 -12.62
C VAL G 148 -3.36 -4.39 -12.23
N LEU G 149 -2.50 -3.81 -11.36
CA LEU G 149 -2.64 -2.45 -10.81
C LEU G 149 -2.88 -1.28 -11.76
N PRO G 150 -2.15 -1.18 -12.87
CA PRO G 150 -2.44 -0.03 -13.73
C PRO G 150 -3.89 -0.03 -14.20
N TRP G 151 -4.48 -1.22 -14.18
CA TRP G 151 -5.85 -1.43 -14.63
C TRP G 151 -6.07 -1.08 -16.12
N GLY G 152 -5.20 -1.63 -16.98
CA GLY G 152 -5.30 -1.43 -18.42
C GLY G 152 -5.94 -2.68 -18.99
N GLN G 153 -6.00 -2.82 -20.31
CA GLN G 153 -6.63 -4.00 -20.90
C GLN G 153 -5.97 -5.30 -20.52
N MET G 154 -4.65 -5.38 -20.62
CA MET G 154 -3.99 -6.61 -20.25
C MET G 154 -4.20 -6.84 -18.77
N SER G 155 -4.16 -5.77 -17.99
CA SER G 155 -4.33 -5.92 -16.55
C SER G 155 -5.62 -6.65 -16.25
N PHE G 156 -6.72 -6.11 -16.77
CA PHE G 156 -8.02 -6.67 -16.50
C PHE G 156 -8.24 -8.11 -16.92
N TRP G 157 -7.94 -8.40 -18.18
CA TRP G 157 -8.10 -9.74 -18.68
C TRP G 157 -7.09 -10.72 -18.12
N GLY G 158 -5.84 -10.32 -17.94
CA GLY G 158 -4.92 -11.28 -17.35
C GLY G 158 -5.45 -11.61 -15.96
N ALA G 159 -6.02 -10.60 -15.29
CA ALA G 159 -6.57 -10.76 -13.96
C ALA G 159 -7.70 -11.77 -14.07
N THR G 160 -8.49 -11.65 -15.12
CA THR G 160 -9.58 -12.57 -15.33
C THR G 160 -9.11 -14.00 -15.54
N VAL G 161 -8.14 -14.15 -16.43
CA VAL G 161 -7.64 -15.46 -16.79
C VAL G 161 -6.86 -16.15 -15.68
N ILE G 162 -5.99 -15.43 -14.98
CA ILE G 162 -5.23 -16.09 -13.91
C ILE G 162 -6.14 -16.47 -12.75
N THR G 163 -7.10 -15.62 -12.40
CA THR G 163 -7.98 -16.05 -11.32
C THR G 163 -8.82 -17.23 -11.84
N GLY G 164 -8.81 -17.40 -13.16
CA GLY G 164 -9.56 -18.50 -13.77
C GLY G 164 -8.92 -19.89 -13.64
N LEU G 165 -7.59 -19.90 -13.58
CA LEU G 165 -6.88 -21.13 -13.43
C LEU G 165 -7.38 -21.85 -12.19
N PHE G 166 -7.90 -21.12 -11.22
CA PHE G 166 -8.35 -21.76 -10.00
C PHE G 166 -9.73 -22.26 -10.19
N GLY G 167 -10.39 -21.75 -11.21
CA GLY G 167 -11.74 -22.18 -11.50
C GLY G 167 -11.66 -23.59 -12.04
N ALA G 168 -10.51 -23.90 -12.63
CA ALA G 168 -10.25 -25.21 -13.22
C ALA G 168 -10.16 -26.33 -12.20
N ILE G 169 -9.76 -26.03 -10.96
CA ILE G 169 -9.67 -27.07 -9.92
C ILE G 169 -11.04 -27.73 -9.75
N PRO G 170 -11.10 -29.06 -9.88
CA PRO G 170 -12.32 -29.87 -9.76
C PRO G 170 -12.98 -29.65 -8.41
N GLY G 171 -14.31 -29.50 -8.41
CA GLY G 171 -15.07 -29.30 -7.19
C GLY G 171 -14.91 -27.98 -6.45
N ILE G 172 -13.83 -27.84 -5.67
CA ILE G 172 -13.57 -26.61 -4.92
C ILE G 172 -13.31 -25.39 -5.81
N GLY G 173 -12.57 -25.59 -6.89
CA GLY G 173 -12.29 -24.50 -7.81
C GLY G 173 -13.27 -23.36 -8.04
N HIS G 174 -14.57 -23.61 -8.08
CA HIS G 174 -15.57 -22.56 -8.30
C HIS G 174 -15.57 -21.62 -7.07
N SER G 175 -15.28 -22.19 -5.90
CA SER G 175 -15.22 -21.45 -4.64
C SER G 175 -13.91 -20.68 -4.52
N ILE G 176 -12.80 -21.39 -4.69
CA ILE G 176 -11.47 -20.79 -4.62
C ILE G 176 -11.50 -19.53 -5.47
N GLN G 177 -12.16 -19.60 -6.62
CA GLN G 177 -12.25 -18.46 -7.50
C GLN G 177 -13.09 -17.32 -6.99
N THR G 178 -14.31 -17.60 -6.55
CA THR G 178 -15.18 -16.53 -6.01
C THR G 178 -14.46 -15.80 -4.88
N TRP G 179 -13.75 -16.56 -4.06
CA TRP G 179 -12.99 -16.01 -2.96
C TRP G 179 -11.85 -15.10 -3.44
N LEU G 180 -11.05 -15.55 -4.40
CA LEU G 180 -10.00 -14.70 -4.92
C LEU G 180 -10.59 -13.40 -5.49
N LEU G 181 -11.65 -13.51 -6.26
CA LEU G 181 -12.26 -12.33 -6.83
C LEU G 181 -13.04 -11.45 -5.90
N GLY G 182 -13.40 -11.99 -4.75
CA GLY G 182 -14.20 -11.24 -3.81
C GLY G 182 -15.54 -10.85 -4.44
N GLY G 183 -15.90 -11.56 -5.50
CA GLY G 183 -17.16 -11.28 -6.16
C GLY G 183 -17.40 -12.24 -7.31
N PRO G 184 -18.37 -11.95 -8.16
CA PRO G 184 -18.70 -12.81 -9.31
C PRO G 184 -17.94 -12.40 -10.55
N ALA G 185 -16.95 -11.53 -10.41
CA ALA G 185 -16.16 -11.07 -11.56
C ALA G 185 -14.97 -10.26 -11.10
N VAL G 186 -13.99 -10.07 -11.99
CA VAL G 186 -12.85 -9.25 -11.64
C VAL G 186 -13.38 -7.84 -11.62
N ASP G 187 -13.34 -7.25 -10.44
CA ASP G 187 -13.80 -5.90 -10.24
C ASP G 187 -12.96 -5.22 -9.12
N ASN G 188 -13.46 -4.10 -8.62
CA ASN G 188 -12.77 -3.35 -7.60
C ASN G 188 -12.30 -4.19 -6.44
N ALA G 189 -13.20 -4.95 -5.83
CA ALA G 189 -12.81 -5.76 -4.68
C ALA G 189 -11.60 -6.59 -4.95
N THR G 190 -11.36 -6.86 -6.22
CA THR G 190 -10.22 -7.67 -6.64
C THR G 190 -8.99 -6.78 -6.65
N LEU G 191 -9.04 -5.72 -7.46
CA LEU G 191 -7.96 -4.75 -7.57
C LEU G 191 -7.45 -4.33 -6.22
N ASN G 192 -8.38 -3.99 -5.35
CA ASN G 192 -8.06 -3.54 -4.02
C ASN G 192 -7.26 -4.56 -3.21
N ARG G 193 -7.66 -5.84 -3.24
CA ARG G 193 -6.94 -6.86 -2.46
C ARG G 193 -5.62 -7.21 -3.10
N PHE G 194 -5.51 -6.94 -4.41
CA PHE G 194 -4.30 -7.26 -5.16
C PHE G 194 -3.25 -6.30 -4.82
N PHE G 195 -3.67 -5.05 -4.58
CA PHE G 195 -2.74 -4.00 -4.19
C PHE G 195 -2.12 -4.41 -2.86
N SER G 196 -2.98 -4.70 -1.88
CA SER G 196 -2.52 -5.13 -0.57
C SER G 196 -1.59 -6.36 -0.61
N LEU G 197 -1.79 -7.28 -1.54
CA LEU G 197 -0.91 -8.42 -1.59
C LEU G 197 0.37 -8.10 -2.34
N HIS G 198 0.24 -7.28 -3.39
CA HIS G 198 1.41 -6.92 -4.17
C HIS G 198 2.40 -6.26 -3.27
N TYR G 199 1.90 -5.53 -2.27
CA TYR G 199 2.76 -4.84 -1.31
C TYR G 199 3.41 -5.86 -0.40
N LEU G 200 2.56 -6.69 0.22
CA LEU G 200 3.00 -7.73 1.15
C LEU G 200 4.00 -8.77 0.63
N LEU G 201 3.76 -9.32 -0.55
CA LEU G 201 4.63 -10.36 -1.07
C LEU G 201 6.11 -10.09 -1.16
N PRO G 202 6.51 -8.91 -1.67
CA PRO G 202 7.96 -8.70 -1.74
C PRO G 202 8.67 -8.86 -0.40
N PHE G 203 8.05 -8.46 0.71
CA PHE G 203 8.68 -8.65 2.03
C PHE G 203 8.85 -10.13 2.37
N VAL G 204 7.91 -10.94 1.90
CA VAL G 204 8.00 -12.36 2.10
C VAL G 204 9.18 -12.86 1.25
N ILE G 205 9.25 -12.43 -0.01
CA ILE G 205 10.36 -12.85 -0.85
C ILE G 205 11.66 -12.50 -0.13
N ALA G 206 11.74 -11.26 0.34
CA ALA G 206 12.90 -10.77 1.10
C ALA G 206 13.29 -11.75 2.21
N ALA G 207 12.28 -12.20 2.98
CA ALA G 207 12.53 -13.15 4.06
C ALA G 207 13.11 -14.43 3.49
N LEU G 208 12.52 -14.95 2.41
CA LEU G 208 13.05 -16.17 1.83
C LEU G 208 14.48 -16.01 1.34
N VAL G 209 14.77 -14.91 0.64
CA VAL G 209 16.12 -14.65 0.12
C VAL G 209 17.11 -14.70 1.27
N ALA G 210 16.63 -14.36 2.48
CA ALA G 210 17.44 -14.43 3.69
C ALA G 210 17.83 -15.90 3.87
N ILE G 211 16.81 -16.76 3.97
CA ILE G 211 17.04 -18.20 4.13
C ILE G 211 17.77 -18.85 2.93
N HIS G 212 17.51 -18.36 1.72
CA HIS G 212 18.14 -18.86 0.50
C HIS G 212 19.65 -18.63 0.70
N ILE G 213 20.00 -17.42 1.15
CA ILE G 213 21.39 -17.05 1.39
C ILE G 213 21.99 -17.82 2.52
N TRP G 214 21.28 -17.85 3.64
CA TRP G 214 21.73 -18.58 4.82
C TRP G 214 22.01 -20.02 4.42
N ALA G 215 21.16 -20.57 3.57
CA ALA G 215 21.31 -21.95 3.13
C ALA G 215 22.56 -22.18 2.30
N PHE G 216 22.81 -21.35 1.31
CA PHE G 216 24.00 -21.63 0.52
C PHE G 216 25.25 -21.17 1.20
N HIS G 217 25.10 -20.40 2.27
CA HIS G 217 26.26 -19.92 3.00
C HIS G 217 26.70 -21.05 3.91
N SER G 218 25.76 -21.79 4.48
CA SER G 218 26.13 -22.90 5.36
C SER G 218 26.25 -24.21 4.59
N THR G 219 26.78 -24.13 3.38
CA THR G 219 26.94 -25.31 2.55
C THR G 219 28.14 -25.05 1.63
N GLY G 220 28.48 -23.78 1.49
CA GLY G 220 29.58 -23.40 0.66
C GLY G 220 29.09 -23.29 -0.76
N ASN G 221 29.62 -22.32 -1.50
CA ASN G 221 29.22 -22.13 -2.89
C ASN G 221 29.62 -23.31 -3.78
N ASN G 222 29.12 -23.31 -5.00
CA ASN G 222 29.47 -24.38 -5.91
C ASN G 222 30.27 -23.72 -7.01
N ASN G 223 31.15 -24.50 -7.66
CA ASN G 223 31.97 -23.97 -8.75
C ASN G 223 31.74 -24.74 -10.03
N PRO G 224 32.19 -24.18 -11.17
CA PRO G 224 32.04 -24.81 -12.48
C PRO G 224 32.63 -26.20 -12.56
N THR G 225 33.23 -26.66 -11.48
CA THR G 225 33.86 -27.96 -11.43
C THR G 225 33.06 -29.05 -10.73
N GLY G 226 32.22 -28.65 -9.78
CA GLY G 226 31.41 -29.62 -9.07
C GLY G 226 32.21 -30.24 -7.94
N VAL G 227 33.51 -29.96 -7.93
CA VAL G 227 34.40 -30.47 -6.89
C VAL G 227 34.31 -29.57 -5.67
N GLU G 228 34.19 -30.19 -4.50
CA GLU G 228 34.04 -29.42 -3.26
C GLU G 228 35.33 -28.96 -2.62
N VAL G 229 35.38 -27.68 -2.24
CA VAL G 229 36.55 -27.11 -1.61
C VAL G 229 37.06 -28.07 -0.51
N ARG G 230 38.37 -28.32 -0.48
CA ARG G 230 38.99 -29.22 0.51
C ARG G 230 38.76 -28.71 1.94
N ARG G 231 37.90 -29.40 2.67
CA ARG G 231 37.53 -29.01 4.03
C ARG G 231 38.39 -29.61 5.15
N THR G 232 39.63 -29.99 4.86
CA THR G 232 40.48 -30.63 5.88
C THR G 232 41.54 -29.79 6.61
N SER G 233 41.94 -28.66 6.03
CA SER G 233 42.97 -27.83 6.65
C SER G 233 42.96 -26.41 6.10
N LYS G 234 42.99 -25.42 7.00
CA LYS G 234 43.00 -24.02 6.57
C LYS G 234 43.97 -23.77 5.41
N ALA G 235 44.99 -24.64 5.33
CA ALA G 235 46.05 -24.54 4.32
C ALA G 235 45.63 -24.91 2.92
N GLU G 236 45.11 -26.11 2.75
CA GLU G 236 44.68 -26.55 1.44
C GLU G 236 43.32 -25.95 1.13
N ALA G 237 42.65 -25.38 2.13
CA ALA G 237 41.36 -24.75 1.89
C ALA G 237 41.66 -23.44 1.20
N GLN G 238 42.66 -22.73 1.71
CA GLN G 238 43.07 -21.47 1.13
C GLN G 238 43.55 -21.69 -0.30
N LYS G 239 44.01 -22.89 -0.59
CA LYS G 239 44.50 -23.20 -1.94
C LYS G 239 43.38 -23.15 -2.98
N ASP G 240 42.19 -23.62 -2.57
CA ASP G 240 40.99 -23.68 -3.41
C ASP G 240 40.15 -22.38 -3.43
N THR G 241 40.25 -21.59 -2.36
CA THR G 241 39.47 -20.36 -2.19
C THR G 241 40.14 -19.00 -2.35
N VAL G 242 39.39 -17.98 -1.93
CA VAL G 242 39.76 -16.57 -1.96
C VAL G 242 38.60 -15.97 -1.15
N PRO G 243 38.87 -15.00 -0.26
CA PRO G 243 37.78 -14.43 0.53
C PRO G 243 36.80 -13.71 -0.34
N PHE G 244 35.52 -13.89 -0.02
CA PHE G 244 34.47 -13.27 -0.78
C PHE G 244 34.78 -11.79 -0.96
N TRP G 245 34.99 -11.13 0.18
CA TRP G 245 35.34 -9.72 0.19
C TRP G 245 36.87 -9.65 0.18
N PRO G 246 37.46 -8.87 -0.73
CA PRO G 246 36.86 -8.02 -1.76
C PRO G 246 36.95 -8.62 -3.16
N TYR G 247 37.47 -9.84 -3.23
CA TYR G 247 37.67 -10.50 -4.50
C TYR G 247 36.41 -10.65 -5.31
N PHE G 248 35.37 -11.20 -4.70
CA PHE G 248 34.12 -11.37 -5.42
C PHE G 248 33.13 -10.21 -5.36
N ILE G 249 33.08 -9.49 -4.25
CA ILE G 249 32.17 -8.36 -4.19
C ILE G 249 32.53 -7.35 -5.28
N ILE G 250 33.82 -7.23 -5.62
CA ILE G 250 34.19 -6.28 -6.67
C ILE G 250 33.85 -6.88 -8.01
N LYS G 251 34.02 -8.21 -8.10
CA LYS G 251 33.72 -8.94 -9.32
C LYS G 251 32.24 -8.72 -9.62
N ASP G 252 31.41 -9.11 -8.65
CA ASP G 252 29.95 -9.00 -8.70
C ASP G 252 29.44 -7.57 -8.93
N VAL G 253 29.93 -6.62 -8.12
CA VAL G 253 29.54 -5.23 -8.26
C VAL G 253 29.98 -4.73 -9.63
N PHE G 254 31.14 -5.17 -10.12
CA PHE G 254 31.58 -4.76 -11.45
C PHE G 254 30.56 -5.25 -12.48
N ALA G 255 30.16 -6.52 -12.33
CA ALA G 255 29.19 -7.18 -13.21
C ALA G 255 27.91 -6.37 -13.17
N LEU G 256 27.41 -6.20 -11.94
CA LEU G 256 26.21 -5.44 -11.64
C LEU G 256 26.17 -4.07 -12.33
N ALA G 257 27.34 -3.48 -12.57
CA ALA G 257 27.44 -2.17 -13.22
C ALA G 257 27.20 -2.24 -14.71
N VAL G 258 27.71 -3.30 -15.32
CA VAL G 258 27.55 -3.47 -16.75
C VAL G 258 26.10 -3.84 -17.07
N VAL G 259 25.50 -4.67 -16.21
CA VAL G 259 24.09 -5.05 -16.36
C VAL G 259 23.25 -3.76 -16.34
N LEU G 260 23.34 -3.01 -15.22
CA LEU G 260 22.64 -1.73 -15.02
C LEU G 260 22.90 -0.72 -16.14
N LEU G 261 24.07 -0.82 -16.77
CA LEU G 261 24.40 0.09 -17.86
C LEU G 261 23.38 -0.16 -18.94
N VAL G 262 23.26 -1.43 -19.34
CA VAL G 262 22.32 -1.86 -20.38
C VAL G 262 20.89 -1.60 -19.93
N PHE G 263 20.59 -1.97 -18.68
CA PHE G 263 19.26 -1.76 -18.10
C PHE G 263 18.80 -0.30 -18.26
N PHE G 264 19.63 0.67 -17.87
CA PHE G 264 19.29 2.08 -17.98
C PHE G 264 19.15 2.51 -19.44
N ALA G 265 19.94 1.87 -20.30
CA ALA G 265 19.90 2.17 -21.71
C ALA G 265 18.49 1.86 -22.19
N ILE G 266 17.94 0.74 -21.69
CA ILE G 266 16.58 0.29 -22.04
C ILE G 266 15.53 1.24 -21.45
N VAL G 267 15.63 1.48 -20.14
CA VAL G 267 14.70 2.34 -19.42
C VAL G 267 14.70 3.75 -19.92
N GLY G 268 15.82 4.19 -20.47
CA GLY G 268 15.88 5.54 -20.94
C GLY G 268 15.55 5.66 -22.40
N PHE G 269 15.94 4.70 -23.20
CA PHE G 269 15.68 4.79 -24.62
C PHE G 269 14.54 3.96 -25.19
N MET G 270 14.31 2.78 -24.64
CA MET G 270 13.21 1.93 -25.11
C MET G 270 12.47 1.30 -23.91
N PRO G 271 11.92 2.17 -23.05
CA PRO G 271 11.20 1.74 -21.85
C PRO G 271 10.01 0.86 -22.14
N ASN G 272 9.39 1.07 -23.31
CA ASN G 272 8.18 0.33 -23.72
C ASN G 272 8.40 -0.88 -24.61
N TYR G 273 9.65 -1.22 -24.89
CA TYR G 273 9.95 -2.35 -25.75
C TYR G 273 9.43 -3.64 -25.20
N LEU G 274 9.80 -3.97 -23.97
CA LEU G 274 9.35 -5.20 -23.34
C LEU G 274 7.89 -5.32 -22.94
N GLY G 275 7.07 -4.31 -23.19
CA GLY G 275 5.67 -4.37 -22.78
C GLY G 275 4.57 -4.45 -23.82
N HIS G 276 3.32 -4.53 -23.37
CA HIS G 276 2.22 -4.65 -24.31
C HIS G 276 1.41 -3.36 -24.43
N PRO G 277 1.42 -2.76 -25.61
CA PRO G 277 0.73 -1.52 -25.97
C PRO G 277 -0.74 -1.47 -25.61
N ASP G 278 -1.34 -2.64 -25.46
CA ASP G 278 -2.75 -2.69 -25.13
C ASP G 278 -3.02 -2.33 -23.69
N ASN G 279 -1.97 -2.24 -22.89
CA ASN G 279 -2.19 -1.88 -21.51
C ASN G 279 -2.25 -0.37 -21.33
N TYR G 280 -2.12 0.37 -22.43
CA TYR G 280 -2.21 1.81 -22.35
C TYR G 280 -3.61 2.17 -22.77
N ILE G 281 -4.47 1.18 -22.72
CA ILE G 281 -5.88 1.29 -23.07
C ILE G 281 -6.53 0.98 -21.72
N GLU G 282 -7.46 1.80 -21.28
CA GLU G 282 -8.10 1.48 -20.01
C GLU G 282 -8.81 0.12 -20.10
N ALA G 283 -8.97 -0.52 -18.94
CA ALA G 283 -9.66 -1.80 -18.85
C ALA G 283 -11.10 -1.62 -19.30
N ASN G 284 -11.53 -2.51 -20.19
CA ASN G 284 -12.88 -2.52 -20.72
C ASN G 284 -13.40 -3.88 -20.37
N PRO G 285 -14.41 -3.96 -19.53
CA PRO G 285 -14.88 -5.30 -19.18
C PRO G 285 -15.73 -5.99 -20.22
N LEU G 286 -16.04 -5.27 -21.29
CA LEU G 286 -16.86 -5.84 -22.31
C LEU G 286 -16.08 -6.16 -23.55
N ARG G 287 -14.76 -6.00 -23.48
CA ARG G 287 -13.95 -6.29 -24.64
C ARG G 287 -12.64 -6.95 -24.32
N THR G 288 -12.33 -8.08 -24.96
CA THR G 288 -11.01 -8.65 -24.76
C THR G 288 -10.24 -8.27 -25.99
N PRO G 289 -9.10 -7.58 -25.82
CA PRO G 289 -8.28 -7.17 -26.95
C PRO G 289 -7.89 -8.38 -27.80
N ALA G 290 -7.99 -8.22 -29.11
CA ALA G 290 -7.68 -9.25 -30.09
C ALA G 290 -6.25 -9.77 -30.00
N HIS G 291 -5.31 -8.92 -29.60
CA HIS G 291 -3.92 -9.37 -29.51
C HIS G 291 -3.41 -9.60 -28.11
N ILE G 292 -4.31 -9.95 -27.22
CA ILE G 292 -3.92 -10.19 -25.85
C ILE G 292 -2.86 -11.28 -25.81
N VAL G 293 -1.73 -10.94 -25.19
CA VAL G 293 -0.60 -11.84 -25.01
C VAL G 293 -0.06 -11.61 -23.62
N PRO G 294 0.44 -12.66 -22.97
CA PRO G 294 0.97 -12.45 -21.63
C PRO G 294 2.33 -11.69 -21.64
N GLU G 295 2.84 -11.45 -20.45
CA GLU G 295 4.10 -10.76 -20.30
C GLU G 295 5.17 -11.76 -20.74
N TRP G 296 6.16 -11.32 -21.49
CA TRP G 296 7.16 -12.25 -21.95
C TRP G 296 7.64 -13.24 -20.91
N TYR G 297 7.94 -12.81 -19.70
CA TYR G 297 8.43 -13.79 -18.74
C TYR G 297 7.41 -14.84 -18.32
N PHE G 298 6.20 -14.76 -18.88
CA PHE G 298 5.15 -15.76 -18.60
C PHE G 298 4.89 -16.64 -19.81
N LEU G 299 5.23 -16.14 -20.98
CA LEU G 299 5.04 -16.86 -22.23
C LEU G 299 5.33 -18.35 -22.24
N PRO G 300 6.52 -18.78 -21.83
CA PRO G 300 6.70 -20.23 -21.88
C PRO G 300 5.64 -21.03 -21.11
N PHE G 301 5.34 -20.67 -19.86
CA PHE G 301 4.35 -21.44 -19.12
C PHE G 301 2.94 -21.29 -19.68
N TYR G 302 2.76 -20.29 -20.51
CA TYR G 302 1.48 -20.01 -21.16
C TYR G 302 1.36 -20.88 -22.41
N ALA G 303 2.49 -21.07 -23.11
CA ALA G 303 2.53 -21.89 -24.32
C ALA G 303 2.17 -23.31 -23.94
N ILE G 304 2.80 -23.81 -22.88
CA ILE G 304 2.52 -25.14 -22.39
C ILE G 304 1.04 -25.30 -22.06
N LEU G 305 0.42 -24.30 -21.45
CA LEU G 305 -1.01 -24.44 -21.12
C LEU G 305 -1.91 -24.55 -22.35
N ARG G 306 -1.59 -23.82 -23.41
CA ARG G 306 -2.45 -23.88 -24.57
C ARG G 306 -2.03 -24.80 -25.67
N ALA G 307 -1.12 -25.69 -25.33
CA ALA G 307 -0.72 -26.68 -26.30
C ALA G 307 -1.79 -27.75 -26.14
N PHE G 308 -2.18 -28.01 -24.89
CA PHE G 308 -3.17 -29.02 -24.56
C PHE G 308 -4.61 -28.62 -24.70
N THR G 309 -5.12 -28.86 -25.91
CA THR G 309 -6.49 -28.60 -26.30
C THR G 309 -7.26 -29.92 -26.31
N ALA G 310 -8.57 -29.77 -26.44
CA ALA G 310 -9.54 -30.86 -26.41
C ALA G 310 -9.13 -32.07 -27.20
N ASP G 311 -8.54 -31.83 -28.36
CA ASP G 311 -8.15 -32.86 -29.30
C ASP G 311 -6.70 -33.29 -29.33
N VAL G 312 -6.11 -33.47 -28.17
CA VAL G 312 -4.73 -33.91 -28.09
C VAL G 312 -4.88 -35.33 -27.59
N TRP G 313 -4.38 -36.27 -28.37
CA TRP G 313 -4.51 -37.70 -28.06
C TRP G 313 -4.34 -37.97 -26.55
N VAL G 314 -3.29 -37.39 -25.95
CA VAL G 314 -3.06 -37.54 -24.53
C VAL G 314 -4.22 -36.92 -23.75
N VAL G 315 -4.56 -35.67 -24.05
CA VAL G 315 -5.67 -35.03 -23.35
C VAL G 315 -6.86 -35.99 -23.35
N GLN G 316 -7.18 -36.48 -24.55
CA GLN G 316 -8.30 -37.40 -24.77
C GLN G 316 -8.22 -38.69 -23.95
N ILE G 317 -7.10 -39.41 -24.04
CA ILE G 317 -6.92 -40.63 -23.25
C ILE G 317 -7.18 -40.20 -21.81
N ALA G 318 -6.57 -39.07 -21.44
CA ALA G 318 -6.65 -38.50 -20.09
C ALA G 318 -8.06 -38.17 -19.66
N ASN G 319 -8.79 -37.42 -20.50
CA ASN G 319 -10.15 -37.10 -20.16
C ASN G 319 -10.90 -38.40 -19.92
N PHE G 320 -10.66 -39.36 -20.82
CA PHE G 320 -11.31 -40.66 -20.75
C PHE G 320 -10.98 -41.43 -19.50
N ILE G 321 -9.72 -41.82 -19.29
CA ILE G 321 -9.39 -42.60 -18.11
C ILE G 321 -9.87 -41.97 -16.82
N SER G 322 -9.87 -40.64 -16.80
CA SER G 322 -10.29 -39.87 -15.64
C SER G 322 -11.80 -39.67 -15.53
N PHE G 323 -12.58 -40.47 -16.24
CA PHE G 323 -14.03 -40.33 -16.23
C PHE G 323 -14.42 -38.86 -16.31
N GLY G 324 -13.93 -38.16 -17.32
CA GLY G 324 -14.28 -36.76 -17.43
C GLY G 324 -13.52 -35.74 -16.58
N ILE G 325 -13.44 -35.99 -15.28
CA ILE G 325 -12.77 -35.06 -14.40
C ILE G 325 -11.60 -34.28 -14.98
N ILE G 326 -10.58 -34.98 -15.45
CA ILE G 326 -9.43 -34.28 -16.02
C ILE G 326 -9.67 -33.97 -17.48
N ASP G 327 -10.33 -32.87 -17.80
CA ASP G 327 -10.54 -32.56 -19.19
C ASP G 327 -9.43 -31.63 -19.75
N ALA G 328 -9.63 -31.07 -20.93
CA ALA G 328 -8.61 -30.22 -21.57
C ALA G 328 -8.17 -29.00 -20.81
N LYS G 329 -9.17 -28.26 -20.29
CA LYS G 329 -8.95 -27.03 -19.49
C LYS G 329 -8.05 -27.31 -18.29
N PHE G 330 -8.52 -28.16 -17.39
CA PHE G 330 -7.79 -28.54 -16.18
C PHE G 330 -6.50 -29.27 -16.47
N PHE G 331 -6.39 -29.81 -17.67
CA PHE G 331 -5.18 -30.53 -18.04
C PHE G 331 -4.08 -29.49 -18.23
N GLY G 332 -4.37 -28.47 -19.02
CA GLY G 332 -3.41 -27.39 -19.26
C GLY G 332 -2.96 -26.67 -18.00
N VAL G 333 -3.85 -26.62 -17.02
CA VAL G 333 -3.53 -26.01 -15.76
C VAL G 333 -2.52 -26.96 -15.11
N LEU G 334 -2.84 -28.24 -15.04
CA LEU G 334 -1.92 -29.21 -14.43
C LEU G 334 -0.63 -29.27 -15.23
N ALA G 335 -0.74 -29.14 -16.54
CA ALA G 335 0.42 -29.20 -17.41
C ALA G 335 1.39 -28.09 -17.02
N MET G 336 0.87 -26.88 -16.95
CA MET G 336 1.64 -25.69 -16.59
C MET G 336 2.21 -25.79 -15.17
N PHE G 337 1.36 -25.84 -14.16
CA PHE G 337 1.89 -25.94 -12.81
C PHE G 337 2.80 -27.13 -12.68
N GLY G 338 2.52 -28.19 -13.42
CA GLY G 338 3.37 -29.37 -13.40
C GLY G 338 4.74 -29.10 -13.99
N ALA G 339 4.79 -28.31 -15.07
CA ALA G 339 6.04 -27.95 -15.73
C ALA G 339 7.03 -27.29 -14.74
N ILE G 340 6.47 -26.60 -13.74
CA ILE G 340 7.26 -25.94 -12.73
C ILE G 340 7.59 -26.95 -11.63
N LEU G 341 6.58 -27.67 -11.11
CA LEU G 341 6.78 -28.67 -10.07
C LEU G 341 7.82 -29.73 -10.46
N VAL G 342 7.90 -29.99 -11.76
CA VAL G 342 8.83 -30.98 -12.28
C VAL G 342 10.25 -30.47 -12.11
N MET G 343 10.41 -29.15 -12.28
CA MET G 343 11.71 -28.50 -12.15
C MET G 343 12.12 -28.34 -10.70
N ALA G 344 11.13 -28.31 -9.82
CA ALA G 344 11.41 -28.18 -8.41
C ALA G 344 11.96 -29.50 -7.89
N LEU G 345 11.68 -30.57 -8.62
CA LEU G 345 12.11 -31.91 -8.21
C LEU G 345 13.39 -32.43 -8.85
N VAL G 346 14.06 -31.62 -9.67
CA VAL G 346 15.27 -32.09 -10.29
C VAL G 346 16.27 -32.77 -9.34
N PRO G 347 16.40 -32.29 -8.10
CA PRO G 347 17.35 -32.94 -7.18
C PRO G 347 17.08 -34.43 -7.03
N TRP G 348 15.85 -34.85 -7.34
CA TRP G 348 15.49 -36.26 -7.20
C TRP G 348 15.14 -36.96 -8.51
N LEU G 349 15.55 -36.39 -9.64
CA LEU G 349 15.25 -37.04 -10.89
C LEU G 349 16.55 -37.18 -11.62
N ASP G 350 17.49 -36.30 -11.31
CA ASP G 350 18.81 -36.41 -11.94
C ASP G 350 19.59 -37.34 -11.02
N THR G 351 19.71 -38.59 -11.48
CA THR G 351 20.39 -39.65 -10.76
C THR G 351 21.89 -39.72 -10.99
N SER G 352 22.41 -38.98 -11.95
CA SER G 352 23.86 -39.03 -12.16
C SER G 352 24.55 -38.46 -10.94
N PRO G 353 25.58 -39.16 -10.42
CA PRO G 353 26.30 -38.69 -9.24
C PRO G 353 27.37 -37.62 -9.55
N VAL G 354 27.62 -37.40 -10.84
CA VAL G 354 28.58 -36.39 -11.29
C VAL G 354 27.86 -35.06 -11.15
N ARG G 355 28.47 -34.10 -10.45
CA ARG G 355 27.83 -32.82 -10.22
C ARG G 355 27.82 -31.83 -11.36
N SER G 356 28.96 -31.36 -11.83
CA SER G 356 28.94 -30.41 -12.94
C SER G 356 28.65 -31.12 -14.23
N GLY G 357 27.83 -30.51 -15.05
CA GLY G 357 27.48 -31.11 -16.31
C GLY G 357 28.57 -30.83 -17.33
N ARG G 358 29.63 -30.20 -16.88
CA ARG G 358 30.74 -29.89 -17.79
C ARG G 358 31.47 -31.23 -18.09
N TYR G 359 31.20 -32.23 -17.26
CA TYR G 359 31.83 -33.53 -17.36
C TYR G 359 30.81 -34.64 -17.58
N ARG G 360 29.76 -34.32 -18.34
CA ARG G 360 28.71 -35.27 -18.67
C ARG G 360 28.41 -34.98 -20.12
N PRO G 361 29.20 -35.54 -21.05
CA PRO G 361 29.06 -35.34 -22.50
C PRO G 361 27.69 -35.64 -23.12
N MET G 362 26.90 -36.52 -22.51
CA MET G 362 25.58 -36.81 -23.03
C MET G 362 24.64 -35.72 -22.49
N PHE G 363 24.65 -35.56 -21.17
CA PHE G 363 23.84 -34.55 -20.53
C PHE G 363 23.93 -33.22 -21.27
N LYS G 364 25.13 -32.75 -21.56
CA LYS G 364 25.33 -31.49 -22.28
C LYS G 364 24.50 -31.32 -23.55
N ILE G 365 24.02 -32.40 -24.14
CA ILE G 365 23.23 -32.19 -25.31
C ILE G 365 21.77 -31.99 -25.03
N TYR G 366 21.24 -32.78 -24.09
CA TYR G 366 19.83 -32.66 -23.73
C TYR G 366 19.62 -31.34 -23.00
N PHE G 367 20.67 -30.87 -22.33
CA PHE G 367 20.58 -29.61 -21.62
C PHE G 367 20.41 -28.49 -22.62
N TRP G 368 21.35 -28.31 -23.53
CA TRP G 368 21.18 -27.24 -24.49
C TRP G 368 19.92 -27.32 -25.32
N LEU G 369 19.26 -28.47 -25.32
CA LEU G 369 18.01 -28.59 -26.06
C LEU G 369 16.95 -27.94 -25.16
N LEU G 370 17.02 -28.25 -23.87
CA LEU G 370 16.08 -27.70 -22.90
C LEU G 370 16.14 -26.20 -23.03
N ALA G 371 17.36 -25.67 -22.99
CA ALA G 371 17.58 -24.24 -23.14
C ALA G 371 16.93 -23.78 -24.44
N ALA G 372 17.26 -24.44 -25.54
CA ALA G 372 16.67 -24.06 -26.81
C ALA G 372 15.13 -24.18 -26.74
N ASP G 373 14.65 -25.19 -26.02
CA ASP G 373 13.20 -25.43 -25.88
C ASP G 373 12.49 -24.27 -25.17
N PHE G 374 13.09 -23.82 -24.07
CA PHE G 374 12.57 -22.71 -23.29
C PHE G 374 12.50 -21.44 -24.19
N VAL G 375 13.51 -21.21 -25.00
CA VAL G 375 13.46 -20.05 -25.87
C VAL G 375 12.36 -20.28 -26.89
N ILE G 376 12.28 -21.49 -27.43
CA ILE G 376 11.26 -21.80 -28.43
C ILE G 376 9.89 -21.64 -27.83
N LEU G 377 9.67 -22.28 -26.69
CA LEU G 377 8.40 -22.20 -25.95
C LEU G 377 7.97 -20.75 -25.80
N THR G 378 8.88 -19.92 -25.30
CA THR G 378 8.62 -18.49 -25.14
C THR G 378 8.17 -17.90 -26.49
N TRP G 379 8.90 -18.19 -27.56
CA TRP G 379 8.58 -17.67 -28.89
C TRP G 379 7.23 -18.11 -29.44
N VAL G 380 6.78 -19.28 -29.03
CA VAL G 380 5.51 -19.80 -29.49
C VAL G 380 4.33 -19.14 -28.79
N GLY G 381 4.48 -18.87 -27.48
CA GLY G 381 3.41 -18.24 -26.72
C GLY G 381 2.90 -16.94 -27.35
N ALA G 382 3.77 -16.33 -28.11
CA ALA G 382 3.40 -15.13 -28.79
C ALA G 382 2.86 -15.33 -30.23
N GLN G 383 2.65 -16.59 -30.68
CA GLN G 383 2.13 -16.84 -32.03
C GLN G 383 0.70 -17.28 -31.87
N GLN G 384 -0.05 -17.51 -32.96
CA GLN G 384 -1.42 -17.97 -32.76
C GLN G 384 -1.47 -19.46 -32.46
N THR G 385 -2.67 -19.99 -32.37
CA THR G 385 -2.80 -21.40 -32.07
C THR G 385 -2.95 -22.23 -33.33
N THR G 386 -2.91 -21.54 -34.47
CA THR G 386 -2.99 -22.19 -35.77
C THR G 386 -1.74 -23.03 -36.07
N PHE G 387 -1.80 -23.75 -37.16
CA PHE G 387 -0.70 -24.59 -37.55
C PHE G 387 0.40 -23.68 -38.05
N PRO G 388 1.67 -24.08 -37.89
CA PRO G 388 2.26 -25.26 -37.24
C PRO G 388 2.56 -24.99 -35.77
N TYR G 389 2.16 -23.82 -35.29
CA TYR G 389 2.45 -23.46 -33.91
C TYR G 389 1.87 -24.43 -32.88
N ASP G 390 0.68 -24.94 -33.17
CA ASP G 390 0.04 -25.90 -32.28
C ASP G 390 0.92 -27.15 -32.12
N TRP G 391 1.70 -27.45 -33.16
CA TRP G 391 2.57 -28.61 -33.15
C TRP G 391 3.86 -28.34 -32.46
N ILE G 392 4.50 -27.25 -32.86
CA ILE G 392 5.76 -26.82 -32.24
C ILE G 392 5.58 -26.72 -30.72
N SER G 393 4.49 -26.07 -30.30
CA SER G 393 4.20 -25.90 -28.87
C SER G 393 4.03 -27.26 -28.19
N LEU G 394 3.42 -28.18 -28.91
CA LEU G 394 3.21 -29.51 -28.41
C LEU G 394 4.49 -30.30 -28.18
N ILE G 395 5.35 -30.33 -29.21
CA ILE G 395 6.62 -31.04 -29.16
C ILE G 395 7.45 -30.42 -28.05
N ALA G 396 7.45 -29.08 -28.02
CA ALA G 396 8.20 -28.32 -27.02
C ALA G 396 7.78 -28.67 -25.59
N SER G 397 6.48 -28.60 -25.33
CA SER G 397 5.99 -28.94 -24.01
C SER G 397 6.43 -30.37 -23.72
N ALA G 398 6.34 -31.22 -24.76
CA ALA G 398 6.71 -32.63 -24.65
C ALA G 398 8.14 -32.77 -24.16
N TYR G 399 9.06 -32.14 -24.90
CA TYR G 399 10.46 -32.23 -24.53
C TYR G 399 10.76 -31.76 -23.13
N TRP G 400 10.02 -30.77 -22.66
CA TRP G 400 10.24 -30.27 -21.32
C TRP G 400 10.02 -31.38 -20.32
N PHE G 401 8.85 -32.03 -20.33
CA PHE G 401 8.67 -33.09 -19.36
C PHE G 401 9.61 -34.27 -19.66
N ALA G 402 9.88 -34.47 -20.96
CA ALA G 402 10.77 -35.53 -21.41
C ALA G 402 12.08 -35.42 -20.65
N TYR G 403 12.68 -34.23 -20.69
CA TYR G 403 13.95 -33.93 -20.04
C TYR G 403 13.99 -34.20 -18.54
N PHE G 404 13.02 -33.72 -17.78
CA PHE G 404 13.06 -33.97 -16.35
C PHE G 404 12.54 -35.32 -15.92
N LEU G 405 11.47 -35.80 -16.53
CA LEU G 405 10.86 -37.07 -16.14
C LEU G 405 11.44 -38.39 -16.68
N VAL G 406 12.06 -38.34 -17.83
CA VAL G 406 12.63 -39.54 -18.42
C VAL G 406 14.14 -39.41 -18.61
N ILE G 407 14.53 -38.56 -19.56
CA ILE G 407 15.93 -38.32 -19.88
C ILE G 407 16.91 -38.19 -18.72
N LEU G 408 16.60 -37.38 -17.71
CA LEU G 408 17.55 -37.24 -16.62
C LEU G 408 17.68 -38.49 -15.73
N PRO G 409 16.56 -39.18 -15.46
CA PRO G 409 16.63 -40.38 -14.63
C PRO G 409 17.45 -41.47 -15.33
N ILE G 410 17.30 -41.54 -16.65
CA ILE G 410 18.02 -42.49 -17.51
C ILE G 410 19.54 -42.17 -17.61
N LEU G 411 19.91 -40.98 -18.10
CA LEU G 411 21.32 -40.60 -18.20
C LEU G 411 22.05 -41.01 -16.93
N GLY G 412 21.35 -40.88 -15.82
CA GLY G 412 21.92 -41.24 -14.52
C GLY G 412 22.50 -42.63 -14.46
N ALA G 413 21.94 -43.53 -15.28
CA ALA G 413 22.39 -44.92 -15.35
C ALA G 413 23.27 -45.20 -16.59
N ILE G 414 22.85 -44.69 -17.74
CA ILE G 414 23.57 -44.87 -18.98
C ILE G 414 24.91 -44.13 -19.03
N GLU G 415 24.87 -42.94 -19.62
CA GLU G 415 26.02 -42.03 -19.78
C GLU G 415 27.35 -42.35 -19.08
N LYS G 416 28.44 -42.16 -19.81
CA LYS G 416 29.78 -42.38 -19.28
C LYS G 416 30.45 -41.02 -19.03
N PRO G 417 30.54 -40.61 -17.74
CA PRO G 417 31.14 -39.34 -17.31
C PRO G 417 32.55 -39.11 -17.84
N VAL G 418 33.13 -37.99 -17.44
CA VAL G 418 34.48 -37.61 -17.81
C VAL G 418 35.23 -37.37 -16.50
N ALA G 419 36.53 -37.17 -16.59
CA ALA G 419 37.36 -36.98 -15.40
C ALA G 419 37.31 -35.55 -14.84
N PRO G 420 36.70 -35.38 -13.65
CA PRO G 420 36.65 -34.03 -13.09
C PRO G 420 37.94 -33.75 -12.35
N PRO G 421 38.52 -32.56 -12.56
CA PRO G 421 39.75 -32.22 -11.85
C PRO G 421 39.63 -32.70 -10.39
N ALA G 422 40.75 -32.99 -9.75
CA ALA G 422 40.69 -33.48 -8.37
C ALA G 422 40.62 -32.36 -7.34
N THR G 423 41.10 -31.19 -7.73
CA THR G 423 41.12 -30.01 -6.87
C THR G 423 40.71 -28.74 -7.62
N ILE G 424 39.98 -27.86 -6.93
CA ILE G 424 39.53 -26.62 -7.55
C ILE G 424 40.81 -25.87 -7.97
N GLU G 425 41.83 -26.00 -7.13
CA GLU G 425 43.13 -25.36 -7.34
C GLU G 425 43.73 -25.71 -8.70
N GLU G 426 43.76 -27.01 -9.01
CA GLU G 426 44.30 -27.50 -10.29
C GLU G 426 43.56 -26.91 -11.47
N ASP G 427 42.25 -26.70 -11.29
CA ASP G 427 41.43 -26.14 -12.33
C ASP G 427 41.72 -24.65 -12.49
N PHE G 428 41.83 -23.95 -11.36
CA PHE G 428 42.09 -22.52 -11.39
C PHE G 428 43.42 -22.22 -12.06
N ASN G 429 44.45 -22.96 -11.65
CA ASN G 429 45.78 -22.77 -12.21
C ASN G 429 45.86 -23.07 -13.71
N ALA G 430 45.07 -24.06 -14.15
CA ALA G 430 45.02 -24.43 -15.56
C ALA G 430 44.61 -23.24 -16.45
N ALA H 1 -2.26 -12.03 -33.00
CA ALA H 1 -2.78 -12.81 -34.16
C ALA H 1 -3.09 -11.89 -35.35
N GLY H 2 -2.22 -11.92 -36.36
CA GLY H 2 -2.41 -11.10 -37.55
C GLY H 2 -1.51 -9.87 -37.62
N GLY H 3 -1.61 -9.11 -38.71
CA GLY H 3 -0.78 -7.93 -38.83
C GLY H 3 -0.99 -7.10 -40.08
N GLY H 4 -0.40 -5.90 -40.09
CA GLY H 4 -0.49 -5.00 -41.23
C GLY H 4 0.72 -4.11 -41.47
N HIS H 5 0.64 -3.34 -42.57
CA HIS H 5 1.70 -2.42 -43.01
C HIS H 5 1.58 -0.99 -42.44
N VAL H 6 2.71 -0.39 -42.10
CA VAL H 6 2.77 0.97 -41.55
C VAL H 6 3.93 1.73 -42.15
N GLU H 7 3.67 2.95 -42.63
CA GLU H 7 4.71 3.77 -43.24
C GLU H 7 5.72 4.26 -42.21
N ASP H 8 6.99 3.85 -42.32
CA ASP H 8 7.98 4.34 -41.35
C ASP H 8 8.43 5.75 -41.69
N VAL H 9 7.89 6.72 -40.96
CA VAL H 9 8.23 8.12 -41.15
C VAL H 9 9.48 8.38 -40.31
N PRO H 10 10.32 9.34 -40.74
CA PRO H 10 11.56 9.71 -40.04
C PRO H 10 11.26 10.89 -39.09
N PHE H 11 10.65 10.59 -37.95
CA PHE H 11 10.29 11.62 -36.98
C PHE H 11 11.54 12.16 -36.29
N SER H 12 11.49 13.44 -35.91
CA SER H 12 12.61 14.09 -35.25
C SER H 12 12.97 13.48 -33.91
N PHE H 13 11.95 13.01 -33.19
CA PHE H 13 12.14 12.41 -31.87
C PHE H 13 12.62 10.95 -31.90
N GLU H 14 12.44 10.25 -33.04
CA GLU H 14 12.88 8.85 -33.24
C GLU H 14 14.43 9.01 -32.97
N GLY H 15 15.07 8.06 -32.31
CA GLY H 15 16.51 8.16 -32.06
C GLY H 15 16.93 8.49 -30.64
N PRO H 16 18.10 8.04 -30.16
CA PRO H 16 18.56 8.32 -28.78
C PRO H 16 18.84 9.78 -28.51
N PHE H 17 19.03 10.54 -29.58
CA PHE H 17 19.31 11.96 -29.49
C PHE H 17 18.15 12.72 -30.08
N GLY H 18 17.04 11.99 -30.24
CA GLY H 18 15.83 12.56 -30.79
C GLY H 18 15.22 13.59 -29.86
N THR H 19 14.54 14.56 -30.44
CA THR H 19 13.91 15.62 -29.66
C THR H 19 12.75 16.14 -30.46
N PHE H 20 11.68 16.50 -29.76
CA PHE H 20 10.48 17.02 -30.41
C PHE H 20 10.82 18.32 -31.16
N ASP H 21 10.03 18.65 -32.18
CA ASP H 21 10.22 19.89 -32.92
C ASP H 21 9.17 20.85 -32.32
N GLN H 22 9.63 21.81 -31.54
CA GLN H 22 8.72 22.73 -30.90
C GLN H 22 7.62 23.22 -31.81
N HIS H 23 7.94 23.45 -33.07
CA HIS H 23 6.93 23.92 -34.03
C HIS H 23 5.93 22.86 -34.53
N GLN H 24 6.40 21.65 -34.78
CA GLN H 24 5.53 20.59 -35.24
C GLN H 24 4.44 20.52 -34.22
N LEU H 25 4.87 20.20 -33.00
CA LEU H 25 3.99 20.06 -31.89
C LEU H 25 2.96 21.17 -31.87
N GLN H 26 3.41 22.38 -32.17
CA GLN H 26 2.55 23.56 -32.20
C GLN H 26 1.53 23.38 -33.33
N ARG H 27 2.01 23.01 -34.51
CA ARG H 27 1.12 22.80 -35.65
C ARG H 27 0.16 21.65 -35.35
N GLY H 28 0.75 20.53 -34.88
CA GLY H 28 0.00 19.35 -34.52
C GLY H 28 -1.13 19.72 -33.59
N LEU H 29 -0.83 20.55 -32.60
CA LEU H 29 -1.85 21.00 -31.66
C LEU H 29 -2.95 21.73 -32.43
N GLN H 30 -2.58 22.49 -33.44
CA GLN H 30 -3.60 23.20 -34.17
C GLN H 30 -4.53 22.23 -34.92
N VAL H 31 -3.96 21.20 -35.54
CA VAL H 31 -4.73 20.21 -36.28
C VAL H 31 -5.61 19.45 -35.30
N TYR H 32 -5.04 19.01 -34.19
CA TYR H 32 -5.83 18.30 -33.22
C TYR H 32 -6.99 19.15 -32.77
N THR H 33 -6.79 20.46 -32.66
CA THR H 33 -7.85 21.37 -32.19
C THR H 33 -8.95 21.68 -33.19
N GLU H 34 -8.56 21.89 -34.43
CA GLU H 34 -9.47 22.21 -35.51
C GLU H 34 -10.07 21.02 -36.23
N VAL H 35 -9.55 19.82 -36.03
CA VAL H 35 -10.10 18.65 -36.73
C VAL H 35 -10.45 17.44 -35.86
N CYS H 36 -9.46 16.89 -35.17
CA CYS H 36 -9.66 15.72 -34.35
C CYS H 36 -10.56 16.00 -33.16
N ALA H 37 -10.22 17.05 -32.42
CA ALA H 37 -10.94 17.43 -31.21
C ALA H 37 -12.42 17.31 -31.39
N ALA H 38 -12.89 17.55 -32.60
CA ALA H 38 -14.30 17.44 -32.95
C ALA H 38 -14.95 16.15 -32.42
N CYS H 39 -14.21 15.03 -32.45
CA CYS H 39 -14.73 13.75 -31.96
C CYS H 39 -13.81 13.14 -30.89
N HIS H 40 -12.51 13.33 -31.01
CA HIS H 40 -11.57 12.76 -30.05
C HIS H 40 -11.23 13.63 -28.88
N GLY H 41 -11.12 13.01 -27.70
CA GLY H 41 -10.75 13.73 -26.50
C GLY H 41 -9.29 13.46 -26.18
N MET H 42 -8.82 13.94 -25.03
CA MET H 42 -7.45 13.72 -24.59
C MET H 42 -7.46 13.86 -23.06
N LYS H 43 -8.49 13.25 -22.47
CA LYS H 43 -8.71 13.31 -21.07
C LYS H 43 -7.53 13.21 -20.09
N PHE H 44 -6.44 12.55 -20.45
CA PHE H 44 -5.33 12.42 -19.51
C PHE H 44 -4.27 13.51 -19.62
N VAL H 45 -4.49 14.45 -20.53
CA VAL H 45 -3.56 15.54 -20.81
C VAL H 45 -4.03 16.85 -20.25
N PRO H 46 -3.34 17.36 -19.21
CA PRO H 46 -3.72 18.63 -18.60
C PRO H 46 -3.31 19.76 -19.57
N ILE H 47 -4.25 20.66 -19.87
CA ILE H 47 -4.00 21.73 -20.82
C ILE H 47 -2.75 22.53 -20.51
N ARG H 48 -2.49 22.72 -19.23
CA ARG H 48 -1.33 23.46 -18.76
C ARG H 48 -0.04 22.79 -19.16
N SER H 49 -0.09 21.56 -19.65
CA SER H 49 1.17 20.93 -20.03
C SER H 49 1.63 21.53 -21.36
N LEU H 50 0.74 22.28 -22.02
CA LEU H 50 1.09 22.94 -23.28
C LEU H 50 2.23 23.94 -23.07
N SER H 51 2.36 24.42 -21.81
CA SER H 51 3.36 25.41 -21.34
C SER H 51 4.66 24.74 -20.90
N GLU H 52 4.51 23.61 -20.22
CA GLU H 52 5.64 22.84 -19.75
C GLU H 52 6.70 22.72 -20.85
N PRO H 53 7.97 22.72 -20.46
CA PRO H 53 9.10 22.60 -21.36
C PRO H 53 9.23 21.17 -21.92
N GLY H 54 9.84 21.07 -23.11
CA GLY H 54 10.03 19.78 -23.76
C GLY H 54 8.83 19.39 -24.59
N GLY H 55 8.04 20.40 -24.94
CA GLY H 55 6.83 20.20 -25.73
C GLY H 55 6.53 21.37 -26.63
N PRO H 56 5.24 21.69 -26.85
CA PRO H 56 4.79 22.80 -27.70
C PRO H 56 5.30 24.08 -27.10
N GLU H 57 5.47 24.08 -25.78
CA GLU H 57 5.96 25.21 -25.03
C GLU H 57 5.32 26.56 -25.33
N LEU H 58 4.00 26.64 -25.30
CA LEU H 58 3.35 27.92 -25.54
C LEU H 58 3.39 28.74 -24.25
N PRO H 59 3.30 30.07 -24.37
CA PRO H 59 3.31 30.95 -23.18
C PRO H 59 1.98 30.91 -22.42
N GLU H 60 2.06 30.92 -21.10
CA GLU H 60 0.88 30.83 -20.26
C GLU H 60 -0.31 31.62 -20.71
N ASP H 61 -0.09 32.85 -21.14
CA ASP H 61 -1.21 33.68 -21.56
C ASP H 61 -1.98 33.07 -22.72
N GLN H 62 -1.27 32.38 -23.62
CA GLN H 62 -1.90 31.73 -24.77
C GLN H 62 -2.62 30.49 -24.31
N VAL H 63 -1.90 29.68 -23.54
CA VAL H 63 -2.42 28.46 -22.96
C VAL H 63 -3.69 28.78 -22.15
N ARG H 64 -3.66 29.87 -21.40
CA ARG H 64 -4.79 30.31 -20.58
C ARG H 64 -5.95 30.68 -21.48
N ALA H 65 -5.62 31.35 -22.57
CA ALA H 65 -6.60 31.77 -23.55
C ALA H 65 -7.19 30.54 -24.22
N TYR H 66 -6.30 29.66 -24.69
CA TYR H 66 -6.71 28.43 -25.35
C TYR H 66 -7.75 27.73 -24.49
N ALA H 67 -7.32 27.26 -23.33
CA ALA H 67 -8.19 26.54 -22.42
C ALA H 67 -9.54 27.19 -22.25
N THR H 68 -9.66 28.42 -22.72
CA THR H 68 -10.94 29.11 -22.55
C THR H 68 -12.03 28.58 -23.45
N GLN H 69 -11.66 28.18 -24.67
CA GLN H 69 -12.64 27.67 -25.62
C GLN H 69 -13.40 26.45 -25.15
N PHE H 70 -12.86 25.73 -24.18
CA PHE H 70 -13.55 24.55 -23.67
C PHE H 70 -14.59 24.93 -22.64
N THR H 71 -15.71 24.22 -22.66
CA THR H 71 -16.76 24.45 -21.69
C THR H 71 -16.69 23.26 -20.73
N VAL H 72 -16.11 23.52 -19.57
CA VAL H 72 -15.91 22.52 -18.52
C VAL H 72 -16.99 22.64 -17.45
N THR H 73 -17.22 21.55 -16.70
CA THR H 73 -18.22 21.54 -15.64
C THR H 73 -17.53 21.46 -14.30
N ASP H 74 -17.42 22.62 -13.64
CA ASP H 74 -16.74 22.72 -12.34
C ASP H 74 -17.24 21.66 -11.36
N GLU H 75 -16.31 20.97 -10.72
CA GLU H 75 -16.66 19.92 -9.78
C GLU H 75 -17.30 20.41 -8.51
N GLU H 76 -16.99 21.65 -8.14
CA GLU H 76 -17.55 22.22 -6.91
C GLU H 76 -18.93 22.82 -7.14
N THR H 77 -19.04 23.75 -8.09
CA THR H 77 -20.32 24.38 -8.37
C THR H 77 -21.31 23.42 -9.04
N GLY H 78 -20.87 22.72 -10.09
CA GLY H 78 -21.74 21.81 -10.80
C GLY H 78 -22.14 22.52 -12.09
N GLU H 79 -21.95 23.83 -12.08
CA GLU H 79 -22.25 24.71 -13.21
C GLU H 79 -21.08 24.88 -14.15
N ASP H 80 -21.39 24.97 -15.44
CA ASP H 80 -20.36 25.12 -16.45
C ASP H 80 -19.59 26.43 -16.31
N ARG H 81 -18.43 26.49 -16.96
CA ARG H 81 -17.57 27.68 -16.94
C ARG H 81 -16.51 27.58 -18.03
N GLU H 82 -15.66 28.61 -18.14
CA GLU H 82 -14.61 28.61 -19.15
C GLU H 82 -13.50 27.74 -18.63
N GLY H 83 -12.75 27.13 -19.53
CA GLY H 83 -11.69 26.25 -19.08
C GLY H 83 -10.42 26.93 -18.63
N LYS H 84 -9.94 26.60 -17.44
CA LYS H 84 -8.69 27.17 -16.96
C LYS H 84 -7.67 26.21 -17.53
N PRO H 85 -6.39 26.60 -17.54
CA PRO H 85 -5.37 25.69 -18.09
C PRO H 85 -5.04 24.58 -17.11
N THR H 86 -5.70 24.58 -15.97
CA THR H 86 -5.44 23.52 -14.99
C THR H 86 -6.41 22.36 -15.24
N ASP H 87 -7.17 22.48 -16.32
CA ASP H 87 -8.13 21.47 -16.70
C ASP H 87 -7.52 20.54 -17.74
N HIS H 88 -8.15 19.38 -17.88
CA HIS H 88 -7.73 18.37 -18.83
C HIS H 88 -8.52 18.59 -20.11
N PHE H 89 -7.94 18.28 -21.25
CA PHE H 89 -8.71 18.40 -22.46
C PHE H 89 -9.94 17.56 -22.20
N PRO H 90 -11.05 17.83 -22.88
CA PRO H 90 -12.29 17.08 -22.69
C PRO H 90 -12.22 15.62 -23.11
N HIS H 91 -13.30 14.89 -22.83
CA HIS H 91 -13.40 13.49 -23.20
C HIS H 91 -13.76 13.49 -24.65
N SER H 92 -13.72 12.32 -25.28
CA SER H 92 -14.07 12.27 -26.67
C SER H 92 -15.53 12.66 -26.84
N ALA H 93 -15.76 13.70 -27.64
CA ALA H 93 -17.10 14.19 -27.95
C ALA H 93 -17.97 13.11 -28.60
N LEU H 94 -17.44 12.45 -29.63
CA LEU H 94 -18.13 11.37 -30.32
C LEU H 94 -17.92 10.08 -29.53
N GLU H 95 -18.95 9.65 -28.82
CA GLU H 95 -18.86 8.46 -27.97
C GLU H 95 -18.04 7.22 -28.34
N ASN H 96 -17.92 6.91 -29.63
CA ASN H 96 -17.15 5.72 -30.06
C ASN H 96 -15.78 6.06 -30.67
N ALA H 97 -15.38 7.31 -30.51
CA ALA H 97 -14.11 7.82 -30.97
C ALA H 97 -13.21 7.60 -29.73
N PRO H 98 -12.10 6.90 -29.91
CA PRO H 98 -11.21 6.65 -28.78
C PRO H 98 -10.45 7.87 -28.29
N ASP H 99 -9.99 7.81 -27.06
CA ASP H 99 -9.23 8.92 -26.51
C ASP H 99 -7.87 8.94 -27.21
N LEU H 100 -7.29 10.10 -27.45
CA LEU H 100 -5.98 10.13 -28.12
C LEU H 100 -4.81 10.40 -27.14
N SER H 101 -5.11 10.42 -25.85
CA SER H 101 -4.09 10.70 -24.86
C SER H 101 -2.91 9.78 -24.94
N LEU H 102 -3.14 8.47 -24.81
CA LEU H 102 -2.06 7.49 -24.86
C LEU H 102 -1.94 6.76 -26.20
N MET H 103 -2.71 7.24 -27.18
CA MET H 103 -2.80 6.61 -28.49
C MET H 103 -1.49 6.21 -29.12
N ALA H 104 -0.53 7.13 -29.19
CA ALA H 104 0.72 6.74 -29.81
C ALA H 104 1.48 5.68 -29.03
N LYS H 105 1.08 5.36 -27.82
CA LYS H 105 1.81 4.33 -27.11
C LYS H 105 1.00 3.05 -27.11
N ALA H 106 -0.26 3.16 -27.53
CA ALA H 106 -1.23 2.04 -27.55
C ALA H 106 -1.27 1.25 -28.86
N ARG H 107 -0.50 1.73 -29.83
CA ARG H 107 -0.46 1.10 -31.12
C ARG H 107 0.96 0.73 -31.49
N ALA H 108 1.07 -0.43 -32.12
CA ALA H 108 2.35 -0.92 -32.59
C ALA H 108 2.30 -0.77 -34.14
N GLY H 109 3.41 -0.31 -34.73
CA GLY H 109 3.48 -0.11 -36.17
C GLY H 109 4.56 -0.99 -36.80
N PHE H 110 5.41 -1.55 -35.95
CA PHE H 110 6.47 -2.43 -36.39
C PHE H 110 6.35 -3.72 -35.60
N HIS H 111 5.89 -4.76 -36.29
CA HIS H 111 5.69 -6.07 -35.72
C HIS H 111 6.87 -6.99 -36.10
N GLY H 112 7.57 -7.52 -35.09
CA GLY H 112 8.71 -8.39 -35.33
C GLY H 112 8.59 -9.28 -36.55
N PRO H 113 9.71 -9.61 -37.22
CA PRO H 113 9.71 -10.47 -38.41
C PRO H 113 9.02 -11.84 -38.30
N MET H 114 9.74 -12.85 -37.82
CA MET H 114 9.21 -14.21 -37.66
C MET H 114 8.31 -14.24 -36.42
N GLY H 115 7.86 -13.06 -35.98
CA GLY H 115 7.04 -12.97 -34.79
C GLY H 115 8.04 -12.98 -33.64
N THR H 116 9.26 -12.58 -33.99
CA THR H 116 10.42 -12.52 -33.07
C THR H 116 10.64 -11.12 -32.45
N GLY H 117 9.83 -10.16 -32.87
CA GLY H 117 9.94 -8.81 -32.36
C GLY H 117 11.27 -8.12 -32.66
N ILE H 118 12.07 -8.67 -33.56
CA ILE H 118 13.36 -8.08 -33.88
C ILE H 118 13.18 -6.84 -34.75
N SER H 119 12.05 -6.73 -35.42
CA SER H 119 11.81 -5.57 -36.26
C SER H 119 11.40 -4.38 -35.38
N GLN H 120 10.83 -4.68 -34.23
CA GLN H 120 10.37 -3.67 -33.29
C GLN H 120 11.59 -3.12 -32.52
N LEU H 121 12.55 -4.01 -32.26
CA LEU H 121 13.78 -3.66 -31.53
C LEU H 121 14.60 -2.60 -32.26
N PHE H 122 14.55 -2.66 -33.60
CA PHE H 122 15.30 -1.73 -34.45
C PHE H 122 14.50 -0.60 -35.05
N ASN H 123 13.18 -0.55 -34.83
CA ASN H 123 12.39 0.54 -35.41
C ASN H 123 11.40 1.22 -34.45
N GLY H 124 11.48 0.81 -33.18
CA GLY H 124 10.59 1.38 -32.17
C GLY H 124 9.26 0.68 -32.18
N ILE H 125 8.32 1.15 -31.38
CA ILE H 125 7.04 0.46 -31.41
C ILE H 125 6.24 0.93 -32.61
N GLY H 126 6.56 2.12 -33.13
CA GLY H 126 5.89 2.68 -34.29
C GLY H 126 4.49 3.23 -34.11
N GLY H 127 4.16 3.66 -32.89
CA GLY H 127 2.84 4.20 -32.61
C GLY H 127 2.51 5.41 -33.45
N PRO H 128 3.34 6.46 -33.44
CA PRO H 128 3.05 7.66 -34.24
C PRO H 128 2.97 7.34 -35.72
N GLU H 129 3.74 6.33 -36.12
CA GLU H 129 3.81 5.92 -37.52
C GLU H 129 2.51 5.29 -37.95
N TYR H 130 1.97 4.47 -37.08
CA TYR H 130 0.70 3.83 -37.32
C TYR H 130 -0.38 4.89 -37.42
N ILE H 131 -0.45 5.79 -36.44
CA ILE H 131 -1.41 6.88 -36.48
C ILE H 131 -1.27 7.71 -37.78
N TYR H 132 -0.03 7.89 -38.20
CA TYR H 132 0.26 8.63 -39.41
C TYR H 132 -0.38 7.94 -40.59
N SER H 133 -0.17 6.63 -40.65
CA SER H 133 -0.70 5.77 -41.71
C SER H 133 -2.22 5.67 -41.76
N VAL H 134 -2.86 5.57 -40.61
CA VAL H 134 -4.30 5.50 -40.59
C VAL H 134 -4.85 6.79 -41.18
N LEU H 135 -4.20 7.91 -40.95
CA LEU H 135 -4.68 9.19 -41.45
C LEU H 135 -4.54 9.37 -42.95
N THR H 136 -3.41 8.92 -43.46
CA THR H 136 -3.07 9.00 -44.85
C THR H 136 -3.38 7.66 -45.49
N GLY H 137 -4.27 6.89 -44.87
CA GLY H 137 -4.59 5.57 -45.39
C GLY H 137 -5.97 5.35 -45.93
N PHE H 138 -6.58 6.44 -46.34
CA PHE H 138 -7.90 6.35 -46.89
C PHE H 138 -7.74 6.50 -48.38
N PRO H 139 -7.93 5.41 -49.12
CA PRO H 139 -7.79 5.49 -50.57
C PRO H 139 -9.12 5.96 -51.11
N GLU H 140 -9.09 6.57 -52.29
CA GLU H 140 -10.30 7.09 -52.89
C GLU H 140 -11.28 6.03 -53.32
N GLU H 141 -10.76 4.86 -53.71
CA GLU H 141 -11.57 3.75 -54.19
C GLU H 141 -11.38 2.44 -53.43
N PRO H 142 -12.46 1.81 -52.98
CA PRO H 142 -12.39 0.55 -52.24
C PRO H 142 -11.68 -0.48 -53.11
N PRO H 143 -11.23 -1.59 -52.53
CA PRO H 143 -10.56 -2.56 -53.40
C PRO H 143 -11.66 -3.19 -54.23
N LYS H 144 -11.40 -3.45 -55.51
CA LYS H 144 -12.40 -4.03 -56.40
C LYS H 144 -13.19 -5.13 -55.70
N CYS H 145 -12.55 -5.87 -54.82
CA CYS H 145 -13.22 -6.91 -54.09
C CYS H 145 -14.57 -6.42 -53.51
N ALA H 146 -14.51 -5.48 -52.56
CA ALA H 146 -15.68 -4.96 -51.88
C ALA H 146 -16.63 -4.07 -52.66
N GLU H 147 -16.50 -4.06 -53.97
CA GLU H 147 -17.39 -3.23 -54.76
C GLU H 147 -18.83 -3.61 -54.52
N GLY H 148 -19.61 -2.69 -53.95
CA GLY H 148 -21.02 -2.95 -53.69
C GLY H 148 -21.34 -3.62 -52.38
N HIS H 149 -20.36 -4.31 -51.81
CA HIS H 149 -20.53 -5.00 -50.54
C HIS H 149 -19.90 -4.19 -49.40
N GLU H 150 -19.78 -2.88 -49.60
CA GLU H 150 -19.20 -2.00 -48.60
C GLU H 150 -20.10 -1.72 -47.39
N PRO H 151 -19.69 -2.13 -46.17
CA PRO H 151 -20.54 -1.87 -45.01
C PRO H 151 -20.84 -0.39 -44.99
N ASP H 152 -22.06 0.01 -44.67
CA ASP H 152 -22.39 1.43 -44.65
C ASP H 152 -22.07 2.13 -43.35
N GLY H 153 -21.33 3.23 -43.46
CA GLY H 153 -20.95 3.99 -42.29
C GLY H 153 -19.49 3.78 -42.02
N PHE H 154 -18.92 2.88 -42.80
CA PHE H 154 -17.52 2.58 -42.65
C PHE H 154 -16.78 2.96 -43.90
N TYR H 155 -15.47 3.10 -43.74
CA TYR H 155 -14.60 3.50 -44.83
C TYR H 155 -13.37 2.60 -44.87
N TYR H 156 -12.94 2.24 -46.08
CA TYR H 156 -11.79 1.38 -46.21
C TYR H 156 -10.56 2.18 -45.83
N ASN H 157 -9.63 1.53 -45.16
CA ASN H 157 -8.39 2.17 -44.74
C ASN H 157 -7.24 1.14 -44.89
N ARG H 158 -6.26 1.41 -45.75
CA ARG H 158 -5.19 0.43 -45.92
C ARG H 158 -4.48 0.00 -44.66
N ALA H 159 -4.32 0.93 -43.72
CA ALA H 159 -3.54 0.65 -42.52
C ALA H 159 -4.28 0.06 -41.35
N PHE H 160 -5.54 0.42 -41.24
CA PHE H 160 -6.37 -0.07 -40.14
C PHE H 160 -6.46 -1.58 -40.26
N GLN H 161 -6.32 -2.30 -39.16
CA GLN H 161 -6.35 -3.73 -39.24
C GLN H 161 -7.40 -4.47 -38.49
N ASN H 162 -8.08 -3.81 -37.56
CA ASN H 162 -9.08 -4.50 -36.75
C ASN H 162 -10.51 -4.19 -37.14
N GLY H 163 -10.72 -3.86 -38.41
CA GLY H 163 -12.06 -3.55 -38.84
C GLY H 163 -12.75 -4.74 -39.43
N SER H 164 -13.95 -4.52 -39.92
CA SER H 164 -14.71 -5.57 -40.53
C SER H 164 -14.39 -5.54 -42.03
N VAL H 165 -14.50 -6.70 -42.67
CA VAL H 165 -14.23 -6.81 -44.11
C VAL H 165 -15.33 -7.63 -44.79
N PRO H 166 -15.89 -7.11 -45.90
CA PRO H 166 -16.94 -7.77 -46.67
C PRO H 166 -16.65 -9.24 -46.85
N ASP H 167 -17.70 -10.06 -46.96
CA ASP H 167 -17.55 -11.52 -47.13
C ASP H 167 -16.82 -11.82 -48.41
N THR H 168 -17.01 -10.95 -49.39
CA THR H 168 -16.39 -11.10 -50.68
C THR H 168 -14.88 -10.82 -50.70
N CYS H 169 -14.33 -10.34 -49.58
CA CYS H 169 -12.90 -10.06 -49.49
C CYS H 169 -12.23 -11.05 -48.57
N LYS H 170 -12.85 -12.19 -48.35
CA LYS H 170 -12.22 -13.17 -47.51
C LYS H 170 -11.88 -14.36 -48.40
N ASP H 171 -10.69 -14.94 -48.24
CA ASP H 171 -10.34 -16.08 -49.08
C ASP H 171 -11.01 -17.35 -48.58
N ALA H 172 -10.52 -18.48 -49.07
CA ALA H 172 -11.07 -19.79 -48.73
C ALA H 172 -11.15 -20.13 -47.25
N ASN H 173 -10.26 -19.54 -46.45
CA ASN H 173 -10.23 -19.84 -45.04
C ASN H 173 -10.84 -18.78 -44.14
N GLY H 174 -11.20 -17.63 -44.70
CA GLY H 174 -11.79 -16.58 -43.89
C GLY H 174 -10.90 -15.37 -43.84
N VAL H 175 -9.61 -15.59 -44.03
CA VAL H 175 -8.59 -14.54 -44.02
C VAL H 175 -8.98 -13.46 -45.03
N LYS H 176 -8.81 -12.18 -44.66
CA LYS H 176 -9.15 -11.11 -45.61
C LYS H 176 -8.13 -11.05 -46.71
N THR H 177 -8.47 -10.40 -47.79
CA THR H 177 -7.54 -10.33 -48.90
C THR H 177 -7.16 -8.90 -49.12
N THR H 178 -7.78 -8.01 -48.37
CA THR H 178 -7.48 -6.59 -48.50
C THR H 178 -6.37 -6.15 -47.54
N ALA H 179 -5.57 -5.20 -47.96
CA ALA H 179 -4.48 -4.72 -47.12
C ALA H 179 -4.95 -4.19 -45.78
N GLY H 180 -6.13 -3.61 -45.76
CA GLY H 180 -6.65 -3.04 -44.53
C GLY H 180 -8.04 -3.49 -44.21
N SER H 181 -8.83 -2.65 -43.55
CA SER H 181 -10.20 -2.95 -43.20
C SER H 181 -10.97 -1.70 -43.32
N TRP H 182 -12.21 -1.76 -42.86
CA TRP H 182 -13.14 -0.64 -42.89
C TRP H 182 -13.23 -0.09 -41.45
N ILE H 183 -12.93 1.21 -41.25
CA ILE H 183 -13.02 1.87 -39.93
C ILE H 183 -14.28 2.71 -39.89
N ALA H 184 -14.70 3.06 -38.69
CA ALA H 184 -15.88 3.89 -38.52
C ALA H 184 -15.51 5.37 -38.57
N MET H 185 -14.24 5.67 -38.82
CA MET H 185 -13.78 7.04 -38.86
C MET H 185 -13.68 7.65 -40.25
N PRO H 186 -14.66 8.46 -40.68
CA PRO H 186 -14.59 9.06 -42.02
C PRO H 186 -13.28 9.80 -42.17
N PRO H 187 -12.61 9.63 -43.30
CA PRO H 187 -11.34 10.31 -43.52
C PRO H 187 -11.39 11.73 -43.01
N PRO H 188 -10.61 12.01 -41.97
CA PRO H 188 -10.50 13.30 -41.29
C PRO H 188 -9.81 14.44 -41.98
N LEU H 189 -8.80 14.15 -42.79
CA LEU H 189 -8.07 15.21 -43.47
C LEU H 189 -8.37 15.38 -44.97
N MET H 190 -7.95 16.53 -45.50
CA MET H 190 -8.07 16.90 -46.91
C MET H 190 -7.11 18.08 -47.02
N ASP H 191 -6.44 18.21 -48.16
CA ASP H 191 -5.48 19.28 -48.29
C ASP H 191 -5.96 20.63 -47.80
N ASP H 192 -5.07 21.33 -47.10
CA ASP H 192 -5.33 22.65 -46.56
C ASP H 192 -6.66 22.87 -45.84
N LEU H 193 -6.98 21.97 -44.92
CA LEU H 193 -8.19 22.00 -44.08
C LEU H 193 -7.84 22.85 -42.87
N VAL H 194 -6.55 23.07 -42.72
CA VAL H 194 -6.02 23.87 -41.63
C VAL H 194 -5.02 24.83 -42.22
N GLU H 195 -4.94 26.02 -41.64
CA GLU H 195 -4.00 27.00 -42.14
C GLU H 195 -3.04 27.41 -41.05
N TYR H 196 -1.80 26.99 -41.23
CA TYR H 196 -0.76 27.31 -40.28
C TYR H 196 -0.39 28.77 -40.50
N ALA H 197 -0.19 29.47 -39.40
CA ALA H 197 0.17 30.88 -39.43
C ALA H 197 1.27 31.17 -40.46
N ASP H 198 2.43 30.56 -40.27
CA ASP H 198 3.57 30.77 -41.16
C ASP H 198 3.46 30.20 -42.56
N GLY H 199 2.26 29.77 -42.96
CA GLY H 199 2.06 29.24 -44.29
C GLY H 199 2.53 27.82 -44.59
N HIS H 200 3.28 27.21 -43.66
CA HIS H 200 3.78 25.85 -43.81
C HIS H 200 2.68 25.01 -44.46
N ASP H 201 3.04 24.24 -45.48
CA ASP H 201 2.06 23.45 -46.22
C ASP H 201 1.10 22.60 -45.38
N ALA H 202 -0.15 22.58 -45.81
CA ALA H 202 -1.19 21.84 -45.13
C ALA H 202 -1.63 20.68 -45.98
N SER H 203 -0.65 19.97 -46.53
CA SER H 203 -0.92 18.82 -47.37
C SER H 203 -1.32 17.72 -46.40
N VAL H 204 -2.31 16.92 -46.74
CA VAL H 204 -2.75 15.87 -45.84
C VAL H 204 -1.55 15.06 -45.41
N HIS H 205 -0.48 15.12 -46.18
CA HIS H 205 0.73 14.41 -45.79
C HIS H 205 1.38 15.09 -44.60
N ALA H 206 1.56 16.40 -44.67
CA ALA H 206 2.19 17.12 -43.58
C ALA H 206 1.31 17.19 -42.35
N MET H 207 0.04 17.59 -42.50
CA MET H 207 -0.86 17.66 -41.35
C MET H 207 -0.84 16.37 -40.53
N ALA H 208 -1.05 15.24 -41.20
CA ALA H 208 -1.03 13.95 -40.55
C ALA H 208 0.30 13.66 -39.83
N GLU H 209 1.40 14.09 -40.44
CA GLU H 209 2.70 13.89 -39.85
C GLU H 209 2.85 14.74 -38.61
N ASP H 210 2.28 15.94 -38.62
CA ASP H 210 2.38 16.84 -37.49
C ASP H 210 1.53 16.41 -36.30
N VAL H 211 0.26 16.07 -36.56
CA VAL H 211 -0.68 15.62 -35.50
C VAL H 211 -0.10 14.38 -34.86
N SER H 212 0.77 13.70 -35.59
CA SER H 212 1.36 12.51 -35.06
C SER H 212 2.44 12.89 -34.08
N ALA H 213 3.30 13.83 -34.45
CA ALA H 213 4.34 14.25 -33.53
C ALA H 213 3.65 14.78 -32.28
N PHE H 214 2.60 15.56 -32.49
CA PHE H 214 1.85 16.08 -31.36
C PHE H 214 1.28 14.96 -30.48
N LEU H 215 0.55 14.02 -31.11
CA LEU H 215 -0.04 12.90 -30.37
C LEU H 215 1.05 12.04 -29.72
N MET H 216 2.26 12.09 -30.26
CA MET H 216 3.35 11.34 -29.67
C MET H 216 3.65 12.04 -28.35
N TRP H 217 3.90 13.35 -28.42
CA TRP H 217 4.18 14.14 -27.21
C TRP H 217 3.00 14.06 -26.23
N ALA H 218 1.77 14.18 -26.72
CA ALA H 218 0.65 14.12 -25.81
C ALA H 218 0.73 12.86 -24.94
N ALA H 219 1.23 11.77 -25.51
CA ALA H 219 1.34 10.50 -24.79
C ALA H 219 2.62 10.41 -23.97
N GLU H 220 3.72 10.87 -24.55
CA GLU H 220 5.01 10.82 -23.86
C GLU H 220 5.64 12.19 -23.64
N PRO H 221 5.02 13.05 -22.82
CA PRO H 221 5.53 14.39 -22.53
C PRO H 221 6.98 14.42 -22.02
N LYS H 222 7.34 13.42 -21.20
CA LYS H 222 8.69 13.34 -20.64
C LYS H 222 9.61 12.52 -21.51
N LEU H 223 9.46 12.64 -22.81
CA LEU H 223 10.29 11.88 -23.72
C LEU H 223 11.71 12.38 -23.61
N MET H 224 11.88 13.68 -23.79
CA MET H 224 13.22 14.23 -23.71
C MET H 224 13.87 14.08 -22.33
N ALA H 225 13.09 14.33 -21.28
CA ALA H 225 13.58 14.20 -19.92
C ALA H 225 14.15 12.80 -19.70
N ARG H 226 13.36 11.82 -20.13
CA ARG H 226 13.69 10.42 -20.01
C ARG H 226 14.96 10.13 -20.73
N LYS H 227 15.13 10.72 -21.91
CA LYS H 227 16.33 10.47 -22.68
C LYS H 227 17.58 11.10 -22.11
N GLN H 228 17.44 12.29 -21.52
CA GLN H 228 18.58 12.92 -20.91
C GLN H 228 18.94 12.07 -19.71
N ALA H 229 17.95 11.67 -18.94
CA ALA H 229 18.24 10.80 -17.80
C ALA H 229 18.90 9.53 -18.32
N GLY H 230 18.58 9.16 -19.56
CA GLY H 230 19.17 7.96 -20.11
C GLY H 230 20.66 8.09 -20.20
N PHE H 231 21.12 9.07 -20.96
CA PHE H 231 22.54 9.35 -21.15
C PHE H 231 23.29 9.36 -19.87
N THR H 232 22.94 10.31 -19.02
CA THR H 232 23.55 10.44 -17.73
C THR H 232 23.78 9.08 -17.06
N ALA H 233 22.71 8.31 -16.85
CA ALA H 233 22.83 7.00 -16.22
C ALA H 233 23.90 6.17 -16.94
N VAL H 234 23.99 6.31 -18.26
CA VAL H 234 24.95 5.55 -19.02
C VAL H 234 26.38 6.04 -18.86
N MET H 235 26.58 7.35 -18.73
CA MET H 235 27.92 7.90 -18.52
C MET H 235 28.40 7.46 -17.12
N PHE H 236 27.66 7.83 -16.07
CA PHE H 236 27.98 7.41 -14.70
C PHE H 236 28.44 5.96 -14.72
N LEU H 237 27.66 5.12 -15.41
CA LEU H 237 27.89 3.69 -15.49
C LEU H 237 28.96 3.22 -16.43
N THR H 238 29.21 3.95 -17.51
CA THR H 238 30.27 3.55 -18.42
C THR H 238 31.59 3.85 -17.72
N VAL H 239 31.60 4.90 -16.89
CA VAL H 239 32.77 5.26 -16.14
C VAL H 239 32.94 4.27 -14.99
N LEU H 240 32.01 4.29 -14.05
CA LEU H 240 32.05 3.39 -12.90
C LEU H 240 32.38 1.93 -13.24
N SER H 241 32.07 1.53 -14.48
CA SER H 241 32.34 0.18 -14.97
C SER H 241 33.81 0.06 -15.31
N VAL H 242 34.31 0.98 -16.14
CA VAL H 242 35.72 0.97 -16.50
C VAL H 242 36.55 1.01 -15.21
N LEU H 243 36.20 1.91 -14.29
CA LEU H 243 36.93 1.98 -13.02
C LEU H 243 36.80 0.67 -12.22
N LEU H 244 35.57 0.17 -12.04
CA LEU H 244 35.34 -1.06 -11.30
C LEU H 244 36.04 -2.25 -11.93
N TYR H 245 36.29 -2.12 -13.23
CA TYR H 245 36.98 -3.14 -14.00
C TYR H 245 38.44 -3.21 -13.59
N LEU H 246 39.12 -2.06 -13.68
CA LEU H 246 40.51 -1.91 -13.30
C LEU H 246 40.67 -2.32 -11.85
N THR H 247 39.87 -1.75 -10.96
CA THR H 247 39.97 -2.13 -9.56
C THR H 247 39.93 -3.64 -9.46
N ASN H 248 39.19 -4.29 -10.37
CA ASN H 248 39.07 -5.75 -10.34
C ASN H 248 40.36 -6.38 -10.86
N LYS H 249 40.69 -6.10 -12.11
CA LYS H 249 41.89 -6.62 -12.76
C LYS H 249 43.14 -6.46 -11.90
N ARG H 250 43.33 -5.25 -11.38
CA ARG H 250 44.50 -4.92 -10.55
C ARG H 250 44.27 -5.28 -9.08
N LEU H 251 43.68 -6.45 -8.85
CA LEU H 251 43.40 -6.93 -7.51
C LEU H 251 43.49 -8.45 -7.54
N TRP H 252 43.05 -9.03 -8.64
CA TRP H 252 43.11 -10.46 -8.83
C TRP H 252 44.52 -10.71 -9.36
N ALA H 253 45.17 -9.61 -9.76
CA ALA H 253 46.52 -9.66 -10.27
C ALA H 253 47.36 -10.31 -9.17
N GLY H 254 46.98 -10.03 -7.92
CA GLY H 254 47.69 -10.59 -6.78
C GLY H 254 47.24 -11.98 -6.38
N VAL H 255 46.88 -12.81 -7.37
CA VAL H 255 46.44 -14.18 -7.11
C VAL H 255 46.73 -15.04 -8.34
N LYS H 256 46.13 -14.65 -9.46
CA LYS H 256 46.30 -15.34 -10.75
C LYS H 256 47.01 -14.43 -11.78
N GLY I 9 54.44 6.05 -2.27
CA GLY I 9 53.13 5.35 -2.12
C GLY I 9 52.71 4.59 -3.37
N THR I 10 51.44 4.70 -3.73
CA THR I 10 50.89 4.02 -4.92
C THR I 10 49.79 4.84 -5.62
N ARG I 11 49.53 4.49 -6.89
CA ARG I 11 48.49 5.14 -7.68
C ARG I 11 47.29 4.18 -7.64
N ARG I 12 47.48 3.09 -6.88
CA ARG I 12 46.48 2.04 -6.68
C ARG I 12 45.59 2.49 -5.51
N ASP I 13 46.16 3.28 -4.60
CA ASP I 13 45.41 3.78 -3.46
C ASP I 13 44.52 4.89 -3.97
N PHE I 14 44.84 5.42 -5.15
CA PHE I 14 44.04 6.46 -5.78
C PHE I 14 42.82 5.84 -6.44
N LEU I 15 43.04 4.78 -7.22
CA LEU I 15 41.97 4.08 -7.91
C LEU I 15 40.90 3.64 -6.91
N TYR I 16 41.31 3.05 -5.79
CA TYR I 16 40.38 2.60 -4.76
C TYR I 16 39.67 3.77 -4.11
N TYR I 17 39.78 4.94 -4.71
CA TYR I 17 39.12 6.14 -4.22
C TYR I 17 38.37 6.76 -5.37
N ALA I 18 38.98 6.75 -6.54
CA ALA I 18 38.32 7.29 -7.72
C ALA I 18 37.11 6.41 -7.97
N THR I 19 37.20 5.17 -7.50
CA THR I 19 36.14 4.17 -7.64
C THR I 19 35.09 4.40 -6.56
N ALA I 20 35.46 4.15 -5.32
CA ALA I 20 34.52 4.35 -4.22
C ALA I 20 33.93 5.75 -4.32
N GLY I 21 34.63 6.63 -5.01
CA GLY I 21 34.14 7.99 -5.18
C GLY I 21 33.00 8.01 -6.19
N ALA I 22 33.28 7.60 -7.42
CA ALA I 22 32.25 7.56 -8.46
C ALA I 22 31.03 6.77 -7.98
N GLY I 23 31.27 5.79 -7.12
CA GLY I 23 30.17 5.00 -6.60
C GLY I 23 29.25 5.90 -5.80
N ALA I 24 29.78 6.52 -4.77
CA ALA I 24 28.98 7.42 -3.95
C ALA I 24 28.29 8.52 -4.73
N VAL I 25 28.76 8.83 -5.95
CA VAL I 25 28.12 9.86 -6.76
C VAL I 25 26.83 9.31 -7.34
N ALA I 26 26.91 8.07 -7.83
CA ALA I 26 25.76 7.39 -8.39
C ALA I 26 24.73 7.21 -7.26
N THR I 27 25.09 6.52 -6.19
CA THR I 27 24.18 6.33 -5.06
C THR I 27 23.46 7.62 -4.64
N GLY I 28 24.11 8.77 -4.83
CA GLY I 28 23.47 10.01 -4.47
C GLY I 28 22.44 10.36 -5.52
N ALA I 29 22.84 10.31 -6.79
CA ALA I 29 21.93 10.62 -7.90
C ALA I 29 20.70 9.69 -7.89
N ALA I 30 20.79 8.57 -7.17
CA ALA I 30 19.70 7.63 -7.06
C ALA I 30 18.79 8.09 -5.95
N VAL I 31 19.40 8.32 -4.79
CA VAL I 31 18.67 8.78 -3.62
C VAL I 31 17.92 10.07 -3.81
N TRP I 32 18.53 11.04 -4.49
CA TRP I 32 17.86 12.31 -4.69
C TRP I 32 16.41 12.23 -5.23
N PRO I 33 16.21 11.67 -6.44
CA PRO I 33 14.87 11.55 -7.03
C PRO I 33 13.85 10.78 -6.18
N LEU I 34 14.35 9.89 -5.31
CA LEU I 34 13.53 9.10 -4.39
C LEU I 34 13.03 10.02 -3.29
N ILE I 35 13.65 11.18 -3.15
CA ILE I 35 13.26 12.15 -2.14
C ILE I 35 12.47 13.22 -2.85
N ASN I 36 13.02 13.70 -3.94
CA ASN I 36 12.34 14.76 -4.63
C ASN I 36 10.92 14.39 -5.10
N GLN I 37 10.66 13.10 -5.36
CA GLN I 37 9.33 12.73 -5.86
C GLN I 37 8.23 13.17 -4.92
N MET I 38 8.57 13.30 -3.65
CA MET I 38 7.61 13.73 -2.63
C MET I 38 7.32 15.20 -2.59
N ASN I 39 8.09 15.98 -3.35
CA ASN I 39 7.83 17.41 -3.38
C ASN I 39 6.60 17.65 -4.22
N PRO I 40 5.97 18.81 -4.08
CA PRO I 40 4.76 19.14 -4.84
C PRO I 40 4.83 18.75 -6.30
N SER I 41 3.79 18.01 -6.69
CA SER I 41 3.62 17.50 -8.06
C SER I 41 3.10 18.61 -8.92
N ALA I 42 3.46 18.54 -10.19
CA ALA I 42 3.13 19.55 -11.17
C ALA I 42 1.68 19.97 -11.30
N ASP I 43 0.81 19.35 -10.51
CA ASP I 43 -0.61 19.68 -10.58
C ASP I 43 -1.09 20.45 -9.36
N VAL I 44 -0.25 21.27 -8.74
CA VAL I 44 -0.74 21.97 -7.56
C VAL I 44 -0.60 23.51 -7.61
N GLN I 45 0.63 23.95 -7.91
CA GLN I 45 1.13 25.34 -8.01
C GLN I 45 0.40 26.32 -8.92
N ALA I 46 -0.58 25.81 -9.67
CA ALA I 46 -1.34 26.63 -10.61
C ALA I 46 -2.55 27.37 -9.96
N LEU I 47 -2.78 27.14 -8.67
CA LEU I 47 -3.87 27.80 -7.92
C LEU I 47 -3.60 29.33 -7.88
N ALA I 48 -4.64 30.13 -8.15
CA ALA I 48 -4.49 31.59 -8.23
C ALA I 48 -5.13 32.51 -7.18
N SER I 49 -6.38 32.91 -7.40
CA SER I 49 -7.11 33.81 -6.50
C SER I 49 -8.60 33.49 -6.52
N ILE I 50 -9.38 34.17 -5.68
CA ILE I 50 -10.83 33.92 -5.64
C ILE I 50 -11.61 35.14 -5.24
N PHE I 51 -12.91 35.12 -5.52
CA PHE I 51 -13.76 36.27 -5.18
C PHE I 51 -14.85 35.86 -4.24
N VAL I 52 -14.98 36.60 -3.14
CA VAL I 52 -16.00 36.32 -2.13
C VAL I 52 -17.12 37.34 -2.03
N ASP I 53 -18.34 36.85 -1.93
CA ASP I 53 -19.50 37.72 -1.85
C ASP I 53 -19.85 37.96 -0.40
N VAL I 54 -19.82 39.22 0.02
CA VAL I 54 -20.13 39.58 1.41
C VAL I 54 -21.43 40.35 1.58
N SER I 55 -22.42 40.04 0.76
CA SER I 55 -23.73 40.70 0.83
C SER I 55 -24.50 40.46 2.13
N SER I 56 -24.59 39.18 2.50
CA SER I 56 -25.30 38.72 3.69
C SER I 56 -24.56 38.95 5.02
N VAL I 57 -23.24 39.08 4.97
CA VAL I 57 -22.43 39.27 6.17
C VAL I 57 -22.97 40.40 7.04
N GLU I 58 -23.71 40.01 8.06
CA GLU I 58 -24.30 40.91 9.03
C GLU I 58 -23.21 41.25 10.01
N PRO I 59 -23.27 42.44 10.65
CA PRO I 59 -22.18 42.69 11.60
C PRO I 59 -22.33 41.72 12.76
N GLY I 60 -21.22 41.10 13.13
CA GLY I 60 -21.22 40.14 14.21
C GLY I 60 -21.05 38.72 13.67
N VAL I 61 -21.10 38.62 12.35
CA VAL I 61 -21.00 37.35 11.66
C VAL I 61 -19.65 37.07 11.01
N GLN I 62 -19.20 35.82 11.12
CA GLN I 62 -17.93 35.44 10.49
C GLN I 62 -18.24 34.56 9.31
N LEU I 63 -17.52 34.78 8.23
CA LEU I 63 -17.73 34.02 7.04
C LEU I 63 -16.48 33.16 6.78
N THR I 64 -16.54 31.83 6.91
CA THR I 64 -15.35 31.01 6.65
C THR I 64 -15.37 30.45 5.25
N VAL I 65 -14.27 30.66 4.55
CA VAL I 65 -14.11 30.29 3.16
C VAL I 65 -12.82 29.50 2.95
N LYS I 66 -12.81 28.63 1.94
CA LYS I 66 -11.61 27.88 1.66
C LYS I 66 -10.83 28.60 0.54
N PHE I 67 -9.52 28.62 0.68
CA PHE I 67 -8.67 29.25 -0.31
C PHE I 67 -7.32 28.62 -0.13
N LEU I 68 -6.77 28.06 -1.19
CA LEU I 68 -5.48 27.36 -1.13
C LEU I 68 -5.41 26.27 -0.10
N GLY I 69 -6.57 25.63 0.13
CA GLY I 69 -6.65 24.51 1.06
C GLY I 69 -6.73 24.77 2.55
N LYS I 70 -6.60 26.03 2.94
CA LYS I 70 -6.65 26.45 4.35
C LYS I 70 -7.85 27.44 4.48
N PRO I 71 -8.45 27.57 5.68
CA PRO I 71 -9.60 28.48 5.79
C PRO I 71 -9.25 29.98 5.88
N ILE I 72 -10.18 30.83 5.44
CA ILE I 72 -9.98 32.26 5.52
C ILE I 72 -11.19 32.86 6.15
N PHE I 73 -10.98 33.60 7.24
CA PHE I 73 -12.07 34.21 7.99
C PHE I 73 -12.40 35.60 7.47
N ILE I 74 -13.69 35.92 7.49
CA ILE I 74 -14.21 37.23 7.10
C ILE I 74 -15.27 37.62 8.13
N ARG I 75 -14.86 38.48 9.04
CA ARG I 75 -15.77 38.92 10.06
C ARG I 75 -16.16 40.36 9.80
N ARG I 76 -17.42 40.66 10.04
CA ARG I 76 -17.84 42.03 9.90
C ARG I 76 -18.02 42.31 11.37
N ARG I 77 -17.06 43.02 11.94
CA ARG I 77 -17.03 43.33 13.37
C ARG I 77 -18.07 44.31 13.91
N THR I 78 -18.51 44.02 15.15
CA THR I 78 -19.48 44.80 15.88
C THR I 78 -18.77 45.98 16.48
N GLU I 79 -19.49 46.91 17.10
CA GLU I 79 -18.82 48.05 17.71
C GLU I 79 -17.98 47.53 18.87
N ALA I 80 -18.55 46.62 19.67
CA ALA I 80 -17.87 46.04 20.81
C ALA I 80 -16.53 45.48 20.36
N ASP I 81 -16.56 44.77 19.25
CA ASP I 81 -15.37 44.15 18.69
C ASP I 81 -14.34 45.22 18.39
N ILE I 82 -14.71 46.25 17.64
CA ILE I 82 -13.77 47.30 17.27
C ILE I 82 -13.30 48.11 18.47
N GLU I 83 -14.14 48.11 19.50
CA GLU I 83 -13.82 48.82 20.73
C GLU I 83 -12.54 48.29 21.34
N LEU I 84 -12.53 47.00 21.67
CA LEU I 84 -11.34 46.38 22.27
C LEU I 84 -10.14 46.40 21.35
N GLY I 85 -10.39 46.27 20.06
CA GLY I 85 -9.30 46.24 19.12
C GLY I 85 -8.44 47.47 19.29
N ARG I 86 -9.16 48.59 19.40
CA ARG I 86 -8.54 49.90 19.53
C ARG I 86 -8.08 50.30 20.96
N SER I 87 -8.53 49.53 21.97
CA SER I 87 -8.19 49.75 23.37
C SER I 87 -7.02 48.84 23.76
N VAL I 88 -6.33 48.38 22.73
CA VAL I 88 -5.21 47.49 22.90
C VAL I 88 -4.02 48.17 22.25
N GLN I 89 -2.97 48.44 23.03
CA GLN I 89 -1.79 49.05 22.45
C GLN I 89 -0.57 48.15 22.39
N LEU I 90 0.18 48.39 21.32
CA LEU I 90 1.37 47.66 20.98
C LEU I 90 2.05 47.06 22.16
N GLY I 91 2.12 47.83 23.23
CA GLY I 91 2.78 47.36 24.42
C GLY I 91 2.24 46.05 24.89
N GLN I 92 0.92 45.87 24.84
CA GLN I 92 0.36 44.62 25.31
C GLN I 92 0.37 43.47 24.31
N LEU I 93 0.79 43.73 23.08
CA LEU I 93 0.82 42.68 22.08
C LEU I 93 2.06 41.81 22.26
N VAL I 94 1.99 40.56 21.80
CA VAL I 94 3.12 39.61 21.84
C VAL I 94 3.83 39.82 20.53
N ASP I 95 3.03 39.92 19.49
CA ASP I 95 3.51 40.12 18.13
C ASP I 95 3.11 41.54 17.80
N THR I 96 4.06 42.27 17.26
CA THR I 96 3.83 43.65 16.95
C THR I 96 3.71 43.97 15.47
N ASN I 97 4.16 43.05 14.62
CA ASN I 97 4.07 43.31 13.20
C ASN I 97 2.62 43.14 12.79
N ALA I 98 2.18 43.95 11.83
CA ALA I 98 0.80 43.90 11.35
C ALA I 98 0.48 42.53 10.73
N ARG I 99 1.51 41.90 10.16
CA ARG I 99 1.37 40.60 9.49
C ARG I 99 0.33 40.85 8.41
N ASN I 100 0.39 42.02 7.79
CA ASN I 100 -0.58 42.39 6.78
C ASN I 100 0.09 42.55 5.43
N ALA I 101 -0.35 41.73 4.48
CA ALA I 101 0.23 41.72 3.14
C ALA I 101 -0.21 42.87 2.27
N ASN I 102 -1.15 43.65 2.76
CA ASN I 102 -1.64 44.77 2.00
C ASN I 102 -0.85 46.02 2.29
N ILE I 103 -0.52 46.20 3.58
CA ILE I 103 0.28 47.32 4.09
C ILE I 103 1.77 46.99 3.91
N ASP I 104 2.59 47.84 4.50
CA ASP I 104 4.04 47.72 4.48
C ASP I 104 4.39 46.54 5.40
N ALA I 105 5.47 45.83 5.07
CA ALA I 105 5.90 44.68 5.86
C ALA I 105 6.27 45.07 7.27
N GLY I 106 6.44 46.37 7.50
CA GLY I 106 6.82 46.85 8.82
C GLY I 106 5.74 47.52 9.65
N ALA I 107 4.52 47.54 9.15
CA ALA I 107 3.45 48.16 9.92
C ALA I 107 3.34 47.59 11.35
N GLU I 108 2.51 48.19 12.18
CA GLU I 108 2.38 47.72 13.53
C GLU I 108 1.02 47.16 13.76
N ALA I 109 0.93 46.28 14.73
CA ALA I 109 -0.30 45.63 15.08
C ALA I 109 -1.45 46.50 15.61
N THR I 110 -1.55 47.72 15.10
CA THR I 110 -2.62 48.61 15.55
C THR I 110 -3.88 48.12 14.91
N ASP I 111 -5.00 48.18 15.60
CA ASP I 111 -6.26 47.74 15.04
C ASP I 111 -6.57 48.30 13.64
N GLN I 112 -6.27 49.57 13.42
CA GLN I 112 -6.51 50.19 12.12
C GLN I 112 -5.63 49.56 11.01
N ASN I 113 -4.60 48.83 11.43
CA ASN I 113 -3.64 48.21 10.53
C ASN I 113 -3.92 46.72 10.28
N ARG I 114 -5.04 46.23 10.80
CA ARG I 114 -5.36 44.85 10.60
C ARG I 114 -6.67 44.61 9.87
N THR I 115 -7.53 45.63 9.80
CA THR I 115 -8.78 45.49 9.07
C THR I 115 -8.65 46.15 7.69
N LEU I 116 -9.57 45.82 6.79
CA LEU I 116 -9.50 46.32 5.44
C LEU I 116 -10.05 47.72 5.36
N ASP I 117 -11.11 47.99 6.11
CA ASP I 117 -11.73 49.31 6.07
C ASP I 117 -11.25 50.33 7.08
N GLU I 118 -11.57 51.59 6.82
CA GLU I 118 -11.18 52.66 7.69
C GLU I 118 -11.95 52.48 8.98
N ALA I 119 -13.22 52.17 8.82
CA ALA I 119 -14.10 52.01 9.94
C ALA I 119 -13.77 50.82 10.83
N GLY I 120 -12.99 49.89 10.30
CA GLY I 120 -12.60 48.71 11.04
C GLY I 120 -13.63 47.62 11.13
N GLU I 121 -14.66 47.67 10.29
CA GLU I 121 -15.69 46.63 10.31
C GLU I 121 -15.25 45.35 9.64
N TRP I 122 -14.40 45.47 8.64
CA TRP I 122 -13.95 44.31 7.88
C TRP I 122 -12.62 43.64 8.20
N LEU I 123 -12.67 42.60 9.04
CA LEU I 123 -11.47 41.86 9.40
C LEU I 123 -11.37 40.64 8.51
N VAL I 124 -10.30 40.59 7.70
CA VAL I 124 -10.07 39.45 6.79
C VAL I 124 -8.68 38.86 7.08
N MET I 125 -8.66 37.61 7.54
CA MET I 125 -7.39 36.96 7.85
C MET I 125 -7.45 35.44 7.71
N TRP I 126 -6.28 34.83 7.58
CA TRP I 126 -6.17 33.39 7.48
C TRP I 126 -6.64 32.75 8.77
N GLY I 127 -7.67 31.91 8.75
CA GLY I 127 -8.12 31.25 9.98
C GLY I 127 -7.19 30.08 10.30
N VAL I 128 -5.89 30.35 10.20
CA VAL I 128 -4.85 29.35 10.42
C VAL I 128 -3.86 29.65 11.55
N CYS I 129 -4.22 29.22 12.77
CA CYS I 129 -3.38 29.42 13.96
C CYS I 129 -1.90 29.41 13.60
N THR I 130 -1.13 30.35 14.14
CA THR I 130 0.30 30.38 13.79
C THR I 130 1.19 29.43 14.60
N HIS I 131 0.58 28.66 15.49
CA HIS I 131 1.36 27.74 16.27
C HIS I 131 1.68 26.55 15.41
N LEU I 132 0.68 25.67 15.27
CA LEU I 132 0.77 24.43 14.48
C LEU I 132 -0.34 24.23 13.41
N GLY I 133 -1.11 25.27 13.11
CA GLY I 133 -2.08 25.15 12.04
C GLY I 133 -3.57 24.98 12.23
N CYS I 134 -4.09 24.71 13.41
CA CYS I 134 -5.53 24.55 13.51
C CYS I 134 -6.29 25.80 13.08
N SER I 135 -7.59 25.67 12.93
CA SER I 135 -8.44 26.80 12.55
C SER I 135 -9.13 27.16 13.85
N PRO I 136 -8.65 28.22 14.51
CA PRO I 136 -9.20 28.67 15.80
C PRO I 136 -10.68 29.06 15.72
N ILE I 137 -11.36 28.74 16.80
CA ILE I 137 -12.78 28.96 16.94
C ILE I 137 -13.04 30.40 17.29
N GLY I 138 -14.17 30.93 16.85
CA GLY I 138 -14.36 32.31 17.16
C GLY I 138 -15.70 33.00 17.11
N GLY I 139 -16.59 32.62 18.05
CA GLY I 139 -17.88 33.31 18.14
C GLY I 139 -17.57 34.28 19.28
N VAL I 140 -16.52 35.08 19.05
CA VAL I 140 -15.99 35.96 20.06
C VAL I 140 -15.65 34.90 21.10
N SER I 141 -14.48 34.29 20.95
CA SER I 141 -14.06 33.23 21.85
C SER I 141 -12.67 33.56 22.36
N GLY I 142 -12.29 32.88 23.42
CA GLY I 142 -10.98 33.14 23.96
C GLY I 142 -11.02 34.22 25.01
N ASP I 143 -9.89 34.41 25.66
CA ASP I 143 -9.75 35.40 26.72
C ASP I 143 -9.61 36.83 26.26
N PHE I 144 -9.58 37.09 24.96
CA PHE I 144 -9.42 38.47 24.55
C PHE I 144 -10.47 38.93 23.60
N GLY I 145 -11.62 38.25 23.66
CA GLY I 145 -12.78 38.57 22.82
C GLY I 145 -12.54 38.38 21.34
N GLY I 146 -11.76 37.33 21.03
CA GLY I 146 -11.42 37.01 19.67
C GLY I 146 -11.67 35.59 19.24
N TRP I 147 -10.57 34.84 19.07
CA TRP I 147 -10.59 33.45 18.64
C TRP I 147 -9.80 32.60 19.61
N PHE I 148 -10.23 31.36 19.80
CA PHE I 148 -9.50 30.45 20.65
C PHE I 148 -9.07 29.19 19.89
N CYS I 149 -7.79 28.94 19.80
CA CYS I 149 -7.33 27.75 19.10
C CYS I 149 -7.39 26.59 20.07
N PRO I 150 -8.29 25.62 19.81
CA PRO I 150 -8.52 24.42 20.62
C PRO I 150 -7.38 23.40 20.65
N CYS I 151 -6.47 23.50 19.68
CA CYS I 151 -5.37 22.58 19.63
C CYS I 151 -4.38 22.70 20.78
N HIS I 152 -3.84 23.89 21.06
CA HIS I 152 -2.95 24.00 22.20
C HIS I 152 -3.19 25.20 23.06
N GLY I 153 -4.38 25.77 22.94
CA GLY I 153 -4.76 26.91 23.76
C GLY I 153 -4.23 28.29 23.45
N SER I 154 -4.25 28.69 22.19
CA SER I 154 -3.78 30.02 21.85
C SER I 154 -4.98 30.93 21.76
N HIS I 155 -4.87 32.13 22.36
CA HIS I 155 -5.95 33.13 22.31
C HIS I 155 -5.58 34.27 21.38
N TYR I 156 -6.56 34.76 20.68
CA TYR I 156 -6.34 35.85 19.77
C TYR I 156 -7.46 36.81 20.12
N ASP I 157 -7.18 38.10 19.97
CA ASP I 157 -8.15 39.14 20.31
C ASP I 157 -9.07 39.47 19.14
N SER I 158 -9.93 40.45 19.34
CA SER I 158 -10.86 40.87 18.30
C SER I 158 -10.25 41.42 17.02
N ALA I 159 -8.93 41.48 16.94
CA ALA I 159 -8.25 41.97 15.74
C ALA I 159 -7.38 40.85 15.22
N GLY I 160 -7.51 39.71 15.86
CA GLY I 160 -6.77 38.56 15.40
C GLY I 160 -5.31 38.56 15.78
N ARG I 161 -4.98 39.26 16.85
CA ARG I 161 -3.60 39.32 17.33
C ARG I 161 -3.45 38.29 18.46
N ILE I 162 -2.27 37.68 18.51
CA ILE I 162 -1.98 36.65 19.49
C ILE I 162 -1.77 37.34 20.80
N ARG I 163 -2.38 36.78 21.84
CA ARG I 163 -2.33 37.35 23.15
C ARG I 163 -2.09 36.36 24.25
N LYS I 164 -1.85 35.11 23.93
CA LYS I 164 -1.61 34.10 24.99
C LYS I 164 -1.56 32.71 24.37
N GLY I 165 -0.54 31.93 24.75
CA GLY I 165 -0.39 30.58 24.21
C GLY I 165 0.91 30.42 23.45
N PRO I 166 1.12 29.26 22.80
CA PRO I 166 2.32 28.91 22.02
C PRO I 166 2.43 29.66 20.67
N ALA I 167 1.29 30.01 20.09
CA ALA I 167 1.27 30.74 18.83
C ALA I 167 2.28 31.86 18.95
N PRO I 168 3.10 32.05 17.93
CA PRO I 168 4.09 33.11 18.01
C PRO I 168 3.76 34.40 17.28
N GLU I 169 2.87 34.38 16.29
CA GLU I 169 2.54 35.62 15.59
C GLU I 169 1.05 35.88 15.55
N ASN I 170 0.61 36.95 14.89
CA ASN I 170 -0.82 37.23 14.79
C ASN I 170 -1.28 36.49 13.51
N LEU I 171 -2.59 36.22 13.39
CA LEU I 171 -3.15 35.56 12.21
C LEU I 171 -2.84 36.49 11.05
N PRO I 172 -2.28 35.96 9.94
CA PRO I 172 -1.93 36.80 8.78
C PRO I 172 -3.10 37.29 7.98
N ILE I 173 -2.96 38.48 7.42
CA ILE I 173 -4.01 39.01 6.57
C ILE I 173 -3.38 38.80 5.21
N PRO I 174 -4.12 38.15 4.29
CA PRO I 174 -3.69 37.84 2.92
C PRO I 174 -3.97 39.00 2.00
N LEU I 175 -3.46 38.97 0.78
CA LEU I 175 -3.77 40.06 -0.17
C LEU I 175 -5.27 40.05 -0.35
N ALA I 176 -5.94 41.12 0.07
CA ALA I 176 -7.40 41.22 -0.04
C ALA I 176 -7.74 42.67 -0.34
N LYS I 177 -8.92 42.91 -0.90
CA LYS I 177 -9.37 44.26 -1.19
C LYS I 177 -10.76 44.17 -1.74
N PHE I 178 -11.57 45.18 -1.46
CA PHE I 178 -12.93 45.20 -2.00
C PHE I 178 -12.78 45.67 -3.47
N ILE I 179 -13.36 44.92 -4.39
CA ILE I 179 -13.31 45.29 -5.80
C ILE I 179 -14.65 45.87 -6.21
N ASP I 180 -15.53 46.08 -5.24
CA ASP I 180 -16.84 46.68 -5.45
C ASP I 180 -17.50 46.71 -4.08
N GLU I 181 -18.73 47.26 -3.97
CA GLU I 181 -19.43 47.39 -2.68
C GLU I 181 -19.80 46.14 -1.88
N THR I 182 -19.79 44.98 -2.54
CA THR I 182 -20.15 43.76 -1.84
C THR I 182 -19.22 42.58 -2.09
N THR I 183 -18.11 42.81 -2.78
CA THR I 183 -17.18 41.72 -3.07
C THR I 183 -15.72 41.93 -2.71
N ILE I 184 -15.15 40.99 -1.97
CA ILE I 184 -13.74 41.06 -1.58
C ILE I 184 -12.98 40.07 -2.47
N GLN I 185 -11.77 40.39 -2.90
CA GLN I 185 -11.07 39.42 -3.71
C GLN I 185 -9.74 38.99 -3.07
N LEU I 186 -9.77 37.84 -2.42
CA LEU I 186 -8.58 37.32 -1.76
C LEU I 186 -7.57 36.91 -2.83
N GLY I 187 -6.30 36.89 -2.45
CA GLY I 187 -5.27 36.53 -3.40
C GLY I 187 -5.33 37.47 -4.59
N GLY J 3 26.77 -15.74 27.01
CA GLY J 3 27.77 -16.71 27.55
C GLY J 3 27.28 -17.39 28.81
N ILE J 4 26.41 -18.38 28.64
CA ILE J 4 25.80 -19.15 29.74
C ILE J 4 25.97 -20.67 29.47
N PRO J 5 26.05 -21.50 30.53
CA PRO J 5 26.20 -22.95 30.37
C PRO J 5 25.04 -23.59 29.59
N HIS J 6 25.21 -23.59 28.28
CA HIS J 6 24.24 -24.11 27.31
C HIS J 6 24.72 -25.41 26.65
N ASP J 7 23.79 -26.12 26.01
CA ASP J 7 24.06 -27.38 25.32
C ASP J 7 23.94 -27.15 23.80
N HIS J 8 23.33 -28.10 23.11
CA HIS J 8 23.16 -27.95 21.66
C HIS J 8 22.04 -28.86 21.16
N TYR J 9 21.95 -28.97 19.83
CA TYR J 9 20.94 -29.78 19.14
C TYR J 9 21.46 -31.17 18.76
N GLU J 10 20.59 -32.16 18.91
CA GLU J 10 20.90 -33.55 18.61
C GLU J 10 20.07 -34.17 17.48
N PRO J 11 20.63 -34.25 16.25
CA PRO J 11 19.88 -34.83 15.12
C PRO J 11 19.32 -36.23 15.47
N ARG J 12 18.04 -36.31 15.81
CA ARG J 12 17.44 -37.59 16.17
C ARG J 12 17.01 -38.41 14.94
N THR J 13 15.86 -38.05 14.37
CA THR J 13 15.32 -38.75 13.20
C THR J 13 16.22 -38.61 11.97
N GLY J 14 15.81 -39.23 10.86
CA GLY J 14 16.60 -39.14 9.66
C GLY J 14 16.36 -37.79 9.02
N ILE J 15 15.09 -37.40 8.95
CA ILE J 15 14.70 -36.13 8.37
C ILE J 15 15.50 -35.00 9.04
N GLU J 16 15.79 -35.16 10.33
CA GLU J 16 16.55 -34.17 11.07
C GLU J 16 18.02 -34.17 10.69
N LYS J 17 18.59 -35.35 10.47
CA LYS J 17 20.02 -35.52 10.10
C LYS J 17 20.29 -35.04 8.67
N TRP J 18 19.25 -35.15 7.86
CA TRP J 18 19.28 -34.73 6.47
C TRP J 18 19.23 -33.20 6.44
N LEU J 19 18.22 -32.66 7.10
CA LEU J 19 18.00 -31.22 7.15
C LEU J 19 19.15 -30.51 7.82
N HIS J 20 19.66 -31.08 8.90
CA HIS J 20 20.76 -30.46 9.63
C HIS J 20 22.07 -30.26 8.87
N SER J 21 22.48 -31.24 8.07
CA SER J 21 23.73 -31.10 7.33
C SER J 21 23.63 -30.09 6.17
N ARG J 22 22.43 -29.56 5.96
CA ARG J 22 22.17 -28.64 4.87
C ARG J 22 21.83 -27.24 5.30
N LEU J 23 20.93 -27.14 6.27
CA LEU J 23 20.47 -25.87 6.83
C LEU J 23 19.94 -26.12 8.24
N PRO J 24 20.73 -25.78 9.26
CA PRO J 24 20.32 -26.00 10.66
C PRO J 24 19.21 -25.08 11.19
N ILE J 25 18.10 -24.95 10.47
CA ILE J 25 17.02 -24.07 10.95
C ILE J 25 16.48 -24.66 12.23
N VAL J 26 16.40 -25.98 12.28
CA VAL J 26 15.87 -26.66 13.45
C VAL J 26 16.79 -26.44 14.63
N ALA J 27 18.09 -26.48 14.34
CA ALA J 27 19.11 -26.28 15.37
C ALA J 27 18.94 -24.92 16.09
N LEU J 28 19.12 -23.85 15.33
CA LEU J 28 18.98 -22.48 15.83
C LEU J 28 17.64 -22.30 16.55
N ALA J 29 16.57 -22.81 15.98
CA ALA J 29 15.26 -22.66 16.61
C ALA J 29 15.25 -23.33 17.96
N TYR J 30 16.11 -24.33 18.11
CA TYR J 30 16.19 -25.07 19.36
C TYR J 30 16.92 -24.26 20.41
N ASP J 31 18.12 -23.80 20.06
CA ASP J 31 18.93 -23.00 20.97
C ASP J 31 18.17 -21.72 21.39
N THR J 32 17.23 -21.28 20.57
CA THR J 32 16.45 -20.08 20.86
C THR J 32 15.31 -20.39 21.81
N ILE J 33 14.68 -21.54 21.62
CA ILE J 33 13.56 -21.91 22.48
C ILE J 33 13.98 -22.59 23.79
N MET J 34 15.27 -22.94 23.89
CA MET J 34 15.79 -23.60 25.07
C MET J 34 16.74 -22.76 25.93
N ILE J 35 16.95 -21.49 25.56
CA ILE J 35 17.84 -20.61 26.32
C ILE J 35 17.45 -20.61 27.78
N PRO J 36 18.43 -20.78 28.67
CA PRO J 36 18.17 -20.80 30.11
C PRO J 36 17.85 -19.39 30.64
N THR J 37 16.73 -19.26 31.35
CA THR J 37 16.36 -17.96 31.89
C THR J 37 16.05 -17.98 33.38
N PRO J 38 16.46 -16.93 34.11
CA PRO J 38 16.23 -16.81 35.56
C PRO J 38 14.93 -17.41 36.09
N ARG J 39 15.05 -18.20 37.16
CA ARG J 39 13.89 -18.85 37.75
C ARG J 39 12.88 -17.86 38.31
N ASN J 40 13.37 -16.74 38.81
CA ASN J 40 12.52 -15.70 39.38
C ASN J 40 12.26 -14.69 38.26
N LEU J 41 11.00 -14.43 37.96
CA LEU J 41 10.64 -13.46 36.93
C LEU J 41 9.18 -13.25 37.20
N ASN J 42 8.83 -12.09 37.71
CA ASN J 42 7.43 -11.82 38.02
C ASN J 42 6.63 -11.43 36.80
N TRP J 43 5.33 -11.28 37.04
CA TRP J 43 4.41 -10.91 36.00
C TRP J 43 4.73 -9.60 35.26
N MET J 44 5.92 -9.04 35.47
CA MET J 44 6.29 -7.82 34.74
C MET J 44 7.15 -8.16 33.57
N TRP J 45 7.43 -9.45 33.41
CA TRP J 45 8.22 -9.91 32.28
C TRP J 45 7.34 -10.40 31.10
N ILE J 46 6.03 -10.48 31.32
CA ILE J 46 5.16 -10.94 30.26
C ILE J 46 4.91 -9.92 29.15
N TRP J 47 5.14 -8.64 29.44
CA TRP J 47 4.88 -7.61 28.44
C TRP J 47 5.64 -7.75 27.11
N GLY J 48 6.82 -8.37 27.16
CA GLY J 48 7.57 -8.55 25.93
C GLY J 48 6.80 -9.42 24.95
N VAL J 49 6.09 -10.39 25.49
CA VAL J 49 5.31 -11.26 24.64
C VAL J 49 4.05 -10.54 24.18
N VAL J 50 3.36 -9.88 25.10
CA VAL J 50 2.14 -9.21 24.71
C VAL J 50 2.44 -8.25 23.56
N LEU J 51 3.65 -7.71 23.55
CA LEU J 51 4.05 -6.79 22.48
C LEU J 51 4.23 -7.53 21.18
N ALA J 52 4.94 -8.66 21.21
CA ALA J 52 5.13 -9.49 20.01
C ALA J 52 3.77 -9.91 19.42
N PHE J 53 2.87 -10.36 20.30
CA PHE J 53 1.53 -10.72 19.85
C PHE J 53 0.87 -9.54 19.12
N CYS J 54 0.86 -8.38 19.78
CA CYS J 54 0.27 -7.17 19.19
C CYS J 54 0.82 -6.87 17.79
N LEU J 55 2.14 -6.87 17.65
CA LEU J 55 2.75 -6.60 16.37
C LEU J 55 2.15 -7.55 15.32
N VAL J 56 2.01 -8.83 15.66
CA VAL J 56 1.44 -9.78 14.72
C VAL J 56 -0.03 -9.46 14.50
N LEU J 57 -0.80 -9.33 15.59
CA LEU J 57 -2.21 -8.99 15.45
C LEU J 57 -2.39 -7.78 14.53
N GLN J 58 -1.67 -6.70 14.80
CA GLN J 58 -1.78 -5.49 13.99
C GLN J 58 -1.43 -5.78 12.53
N ILE J 59 -0.31 -6.47 12.31
CA ILE J 59 0.07 -6.75 10.94
C ILE J 59 -0.94 -7.61 10.14
N VAL J 60 -1.58 -8.60 10.75
CA VAL J 60 -2.53 -9.35 9.94
C VAL J 60 -3.82 -8.56 9.80
N THR J 61 -4.42 -8.08 10.87
CA THR J 61 -5.64 -7.31 10.68
C THR J 61 -5.40 -6.12 9.77
N GLY J 62 -4.14 -5.71 9.66
CA GLY J 62 -3.78 -4.57 8.82
C GLY J 62 -3.89 -4.89 7.34
N ILE J 63 -3.18 -5.94 6.93
CA ILE J 63 -3.19 -6.40 5.53
C ILE J 63 -4.62 -6.63 5.11
N VAL J 64 -5.36 -7.33 5.95
CA VAL J 64 -6.76 -7.60 5.70
C VAL J 64 -7.51 -6.29 5.43
N LEU J 65 -7.39 -5.34 6.34
CA LEU J 65 -8.07 -4.05 6.20
C LEU J 65 -7.61 -3.31 4.97
N ALA J 66 -6.33 -3.47 4.62
CA ALA J 66 -5.77 -2.80 3.44
C ALA J 66 -6.43 -3.26 2.13
N MET J 67 -7.03 -4.46 2.17
CA MET J 67 -7.71 -5.09 1.07
C MET J 67 -9.07 -4.47 0.78
N HIS J 68 -9.52 -3.55 1.64
CA HIS J 68 -10.83 -2.94 1.46
C HIS J 68 -10.78 -1.43 1.55
N TYR J 69 -9.69 -0.94 2.11
CA TYR J 69 -9.50 0.50 2.28
C TYR J 69 -8.97 1.20 1.01
N THR J 70 -9.52 2.35 0.65
CA THR J 70 -8.93 3.04 -0.49
C THR J 70 -8.35 4.41 -0.01
N PRO J 71 -7.03 4.59 -0.16
CA PRO J 71 -6.36 5.82 0.24
C PRO J 71 -6.55 6.98 -0.70
N HIS J 72 -7.74 7.55 -0.63
CA HIS J 72 -8.02 8.69 -1.45
C HIS J 72 -9.12 9.46 -0.80
N VAL J 73 -8.78 10.70 -0.51
CA VAL J 73 -9.59 11.67 0.17
C VAL J 73 -11.13 11.59 -0.08
N ASP J 74 -11.55 11.31 -1.29
CA ASP J 74 -12.99 11.21 -1.58
C ASP J 74 -13.64 9.89 -1.20
N LEU J 75 -12.85 8.84 -1.03
CA LEU J 75 -13.38 7.52 -0.70
C LEU J 75 -12.88 6.97 0.62
N ALA J 76 -11.72 7.43 1.04
CA ALA J 76 -11.12 6.96 2.26
C ALA J 76 -12.07 6.75 3.46
N PHE J 77 -12.79 7.80 3.86
CA PHE J 77 -13.69 7.70 5.02
C PHE J 77 -14.81 6.71 4.74
N ALA J 78 -15.44 6.90 3.59
CA ALA J 78 -16.54 6.05 3.13
C ALA J 78 -16.08 4.61 3.09
N SER J 79 -14.85 4.42 2.63
CA SER J 79 -14.25 3.12 2.52
C SER J 79 -14.23 2.38 3.87
N VAL J 80 -13.94 3.11 4.93
CA VAL J 80 -13.88 2.50 6.24
C VAL J 80 -15.28 2.20 6.74
N GLU J 81 -16.24 3.02 6.38
CA GLU J 81 -17.61 2.78 6.83
C GLU J 81 -18.15 1.53 6.07
N HIS J 82 -17.59 1.29 4.88
CA HIS J 82 -17.95 0.14 4.08
C HIS J 82 -17.35 -1.06 4.81
N ILE J 83 -16.07 -0.99 5.19
CA ILE J 83 -15.43 -2.09 5.91
C ILE J 83 -16.23 -2.41 7.16
N MET J 84 -16.97 -1.43 7.63
CA MET J 84 -17.75 -1.61 8.84
C MET J 84 -19.08 -2.32 8.62
N ARG J 85 -19.80 -1.86 7.61
CA ARG J 85 -21.13 -2.36 7.25
C ARG J 85 -21.24 -3.52 6.26
N ASN J 86 -20.30 -3.62 5.32
CA ASN J 86 -20.35 -4.65 4.29
C ASN J 86 -19.37 -5.79 4.39
N VAL J 87 -18.09 -5.47 4.53
CA VAL J 87 -17.11 -6.52 4.63
C VAL J 87 -17.44 -7.53 5.76
N ASN J 88 -17.41 -8.81 5.40
CA ASN J 88 -17.70 -9.89 6.33
C ASN J 88 -16.82 -9.77 7.57
N GLY J 89 -17.43 -9.31 8.64
CA GLY J 89 -16.71 -9.19 9.89
C GLY J 89 -15.80 -8.00 9.95
N GLY J 90 -15.93 -7.12 8.97
CA GLY J 90 -15.09 -5.95 8.94
C GLY J 90 -15.25 -5.17 10.22
N PHE J 91 -16.49 -4.95 10.62
CA PHE J 91 -16.75 -4.22 11.84
C PHE J 91 -15.88 -4.75 13.00
N MET J 92 -15.65 -6.05 13.08
CA MET J 92 -14.83 -6.56 14.18
C MET J 92 -13.34 -6.55 13.91
N LEU J 93 -12.95 -6.42 12.65
CA LEU J 93 -11.53 -6.41 12.28
C LEU J 93 -11.04 -5.00 12.45
N ARG J 94 -11.90 -4.04 12.08
CA ARG J 94 -11.59 -2.61 12.19
C ARG J 94 -11.32 -2.35 13.67
N TYR J 95 -12.32 -2.59 14.53
CA TYR J 95 -12.17 -2.38 15.97
C TYR J 95 -10.97 -3.09 16.56
N LEU J 96 -10.63 -4.26 16.04
CA LEU J 96 -9.49 -4.95 16.57
C LEU J 96 -8.21 -4.21 16.24
N HIS J 97 -8.13 -3.69 15.01
CA HIS J 97 -6.93 -2.99 14.57
C HIS J 97 -6.74 -1.71 15.35
N ALA J 98 -7.88 -1.05 15.60
CA ALA J 98 -7.93 0.21 16.34
C ALA J 98 -7.54 0.04 17.80
N ASN J 99 -8.22 -0.85 18.54
CA ASN J 99 -7.84 -1.05 19.95
C ASN J 99 -6.53 -1.83 19.98
N GLY J 100 -6.13 -2.39 18.85
CA GLY J 100 -4.87 -3.10 18.82
C GLY J 100 -3.80 -2.08 19.15
N ALA J 101 -3.91 -0.90 18.53
CA ALA J 101 -2.99 0.19 18.77
C ALA J 101 -2.95 0.49 20.27
N SER J 102 -4.11 0.72 20.88
CA SER J 102 -4.14 1.01 22.32
C SER J 102 -3.38 -0.09 23.12
N LEU J 103 -3.79 -1.34 23.02
CA LEU J 103 -3.13 -2.44 23.72
C LEU J 103 -1.64 -2.38 23.40
N PHE J 104 -1.30 -2.23 22.14
CA PHE J 104 0.11 -2.17 21.77
C PHE J 104 0.90 -1.14 22.61
N PHE J 105 0.30 0.02 22.91
CA PHE J 105 0.99 1.04 23.74
C PHE J 105 0.94 0.72 25.22
N ILE J 106 -0.26 0.47 25.77
CA ILE J 106 -0.37 0.08 27.19
C ILE J 106 0.69 -0.97 27.51
N ALA J 107 0.97 -1.85 26.56
CA ALA J 107 1.96 -2.87 26.75
C ALA J 107 3.34 -2.28 26.68
N VAL J 108 3.57 -1.40 25.71
CA VAL J 108 4.90 -0.85 25.57
C VAL J 108 5.26 0.06 26.73
N TYR J 109 4.26 0.65 27.39
CA TYR J 109 4.59 1.51 28.54
C TYR J 109 4.92 0.60 29.73
N LEU J 110 4.05 -0.37 30.00
CA LEU J 110 4.31 -1.30 31.08
C LEU J 110 5.66 -1.95 30.83
N HIS J 111 5.94 -2.24 29.56
CA HIS J 111 7.20 -2.86 29.19
C HIS J 111 8.35 -1.90 29.55
N ILE J 112 8.22 -0.64 29.14
CA ILE J 112 9.25 0.36 29.40
C ILE J 112 9.53 0.65 30.87
N PHE J 113 8.49 0.89 31.66
CA PHE J 113 8.69 1.15 33.07
C PHE J 113 9.30 -0.05 33.80
N ARG J 114 8.95 -1.24 33.35
CA ARG J 114 9.50 -2.46 33.93
C ARG J 114 11.02 -2.30 33.80
N GLY J 115 11.46 -1.87 32.63
CA GLY J 115 12.87 -1.68 32.38
C GLY J 115 13.55 -0.61 33.20
N LEU J 116 12.89 0.54 33.38
CA LEU J 116 13.43 1.67 34.16
C LEU J 116 13.70 1.29 35.62
N TYR J 117 12.80 0.49 36.17
CA TYR J 117 12.88 0.04 37.55
C TYR J 117 13.92 -1.03 37.84
N TYR J 118 14.05 -2.03 36.98
CA TYR J 118 15.01 -3.10 37.23
C TYR J 118 16.37 -2.91 36.61
N GLY J 119 16.63 -1.74 36.08
CA GLY J 119 17.94 -1.50 35.48
C GLY J 119 18.20 -2.39 34.29
N SER J 120 17.14 -2.71 33.57
CA SER J 120 17.25 -3.56 32.40
C SER J 120 17.99 -2.82 31.28
N TYR J 121 18.15 -1.51 31.44
CA TYR J 121 18.86 -0.68 30.44
C TYR J 121 20.36 -0.57 30.80
N LYS J 122 20.64 -0.75 32.09
CA LYS J 122 21.98 -0.67 32.58
C LYS J 122 22.78 -1.86 32.02
N ALA J 123 23.97 -1.54 31.50
CA ALA J 123 24.90 -2.50 30.92
C ALA J 123 24.80 -3.89 31.56
N PRO J 124 25.05 -4.94 30.76
CA PRO J 124 25.41 -4.88 29.34
C PRO J 124 24.21 -4.69 28.37
N ARG J 125 23.00 -4.62 28.91
CA ARG J 125 21.82 -4.46 28.08
C ARG J 125 21.60 -3.06 27.49
N GLU J 126 22.67 -2.32 27.25
CA GLU J 126 22.54 -0.98 26.70
C GLU J 126 22.05 -0.95 25.25
N VAL J 127 22.37 -2.00 24.48
CA VAL J 127 21.94 -2.07 23.08
C VAL J 127 20.48 -2.50 23.04
N THR J 128 20.10 -3.49 23.83
CA THR J 128 18.70 -3.92 23.86
C THR J 128 17.85 -2.64 23.98
N TRP J 129 18.26 -1.79 24.91
CA TRP J 129 17.58 -0.53 25.21
C TRP J 129 17.46 0.42 24.02
N ILE J 130 18.56 0.76 23.38
CA ILE J 130 18.50 1.65 22.22
C ILE J 130 17.63 1.11 21.06
N VAL J 131 17.79 -0.18 20.74
CA VAL J 131 17.01 -0.78 19.67
C VAL J 131 15.56 -0.70 20.09
N GLY J 132 15.26 -0.99 21.36
CA GLY J 132 13.87 -0.90 21.79
C GLY J 132 13.33 0.53 21.66
N MET J 133 14.23 1.49 21.85
CA MET J 133 13.92 2.91 21.77
C MET J 133 13.59 3.31 20.34
N LEU J 134 14.30 2.74 19.38
CA LEU J 134 14.04 2.98 17.96
C LEU J 134 12.64 2.40 17.63
N ILE J 135 12.38 1.21 18.16
CA ILE J 135 11.12 0.54 17.96
C ILE J 135 10.02 1.46 18.45
N TYR J 136 10.23 2.06 19.63
CA TYR J 136 9.24 2.96 20.22
C TYR J 136 8.95 4.18 19.32
N LEU J 137 10.00 4.69 18.71
CA LEU J 137 9.88 5.83 17.83
C LEU J 137 9.05 5.47 16.59
N ALA J 138 9.35 4.30 16.02
CA ALA J 138 8.66 3.78 14.83
C ALA J 138 7.21 3.46 15.16
N MET J 139 6.97 2.89 16.34
CA MET J 139 5.61 2.61 16.74
C MET J 139 4.72 3.87 16.66
N MET J 140 5.19 4.98 17.23
CA MET J 140 4.38 6.18 17.18
C MET J 140 4.24 6.68 15.74
N ALA J 141 5.36 6.82 15.03
CA ALA J 141 5.29 7.28 13.66
C ALA J 141 4.19 6.49 12.96
N THR J 142 4.18 5.16 13.15
CA THR J 142 3.18 4.28 12.55
C THR J 142 1.78 4.64 13.07
N ALA J 143 1.58 4.46 14.37
CA ALA J 143 0.30 4.73 15.03
C ALA J 143 -0.30 6.06 14.62
N PHE J 144 0.56 6.97 14.18
CA PHE J 144 0.10 8.28 13.76
C PHE J 144 -0.49 8.21 12.36
N MET J 145 0.33 7.78 11.41
CA MET J 145 -0.12 7.66 10.03
C MET J 145 -1.38 6.78 9.92
N GLY J 146 -1.47 5.76 10.77
CA GLY J 146 -2.63 4.91 10.76
C GLY J 146 -3.84 5.77 11.01
N TYR J 147 -3.84 6.45 12.16
CA TYR J 147 -4.96 7.33 12.55
C TYR J 147 -5.39 8.39 11.50
N VAL J 148 -4.50 8.75 10.61
CA VAL J 148 -4.84 9.73 9.59
C VAL J 148 -5.73 9.12 8.53
N LEU J 149 -5.52 7.83 8.22
CA LEU J 149 -6.24 7.07 7.17
C LEU J 149 -7.78 7.11 7.14
N PRO J 150 -8.46 6.96 8.30
CA PRO J 150 -9.92 7.02 8.18
C PRO J 150 -10.38 8.36 7.59
N TRP J 151 -9.52 9.35 7.71
CA TRP J 151 -9.80 10.70 7.24
C TRP J 151 -11.00 11.36 7.96
N GLY J 152 -11.00 11.31 9.30
CA GLY J 152 -12.06 11.95 10.05
C GLY J 152 -11.55 13.29 10.55
N GLN J 153 -12.26 13.94 11.47
CA GLN J 153 -11.77 15.22 11.95
C GLN J 153 -10.44 15.12 12.68
N MET J 154 -10.32 14.19 13.61
CA MET J 154 -9.04 14.06 14.30
C MET J 154 -7.95 13.67 13.32
N SER J 155 -8.29 12.82 12.36
CA SER J 155 -7.31 12.41 11.38
C SER J 155 -6.72 13.60 10.66
N PHE J 156 -7.59 14.45 10.15
CA PHE J 156 -7.15 15.59 9.38
C PHE J 156 -6.36 16.59 10.14
N TRP J 157 -6.85 16.99 11.30
CA TRP J 157 -6.15 17.97 12.09
C TRP J 157 -4.88 17.44 12.78
N GLY J 158 -4.92 16.20 13.27
CA GLY J 158 -3.72 15.66 13.87
C GLY J 158 -2.66 15.61 12.78
N ALA J 159 -3.09 15.33 11.54
CA ALA J 159 -2.21 15.26 10.37
C ALA J 159 -1.64 16.64 10.17
N THR J 160 -2.47 17.66 10.34
CA THR J 160 -2.03 19.03 10.18
C THR J 160 -1.00 19.44 11.22
N VAL J 161 -1.31 19.13 12.48
CA VAL J 161 -0.46 19.47 13.61
C VAL J 161 0.86 18.70 13.66
N ILE J 162 0.83 17.38 13.47
CA ILE J 162 2.10 16.66 13.52
C ILE J 162 3.00 17.00 12.35
N THR J 163 2.46 17.25 11.16
CA THR J 163 3.37 17.66 10.07
C THR J 163 3.85 19.08 10.40
N GLY J 164 3.14 19.75 11.30
CA GLY J 164 3.53 21.10 11.71
C GLY J 164 4.77 21.15 12.60
N LEU J 165 4.95 20.13 13.44
CA LEU J 165 6.10 20.07 14.30
C LEU J 165 7.36 20.24 13.47
N PHE J 166 7.35 19.84 12.21
CA PHE J 166 8.55 19.96 11.41
C PHE J 166 8.67 21.34 10.85
N GLY J 167 7.57 22.09 10.90
CA GLY J 167 7.57 23.47 10.44
C GLY J 167 8.30 24.33 11.47
N ALA J 168 8.33 23.81 12.70
CA ALA J 168 9.01 24.47 13.80
C ALA J 168 10.54 24.49 13.65
N ILE J 169 11.12 23.49 12.96
CA ILE J 169 12.57 23.45 12.80
C ILE J 169 12.99 24.73 12.11
N PRO J 170 13.92 25.49 12.75
CA PRO J 170 14.45 26.76 12.26
C PRO J 170 15.07 26.57 10.89
N GLY J 171 14.78 27.50 9.98
CA GLY J 171 15.33 27.43 8.64
C GLY J 171 14.79 26.37 7.70
N ILE J 172 15.35 25.16 7.76
CA ILE J 172 14.91 24.07 6.90
C ILE J 172 13.44 23.73 7.12
N GLY J 173 12.99 23.78 8.36
CA GLY J 173 11.61 23.49 8.69
C GLY J 173 10.44 23.75 7.71
N HIS J 174 10.41 24.86 6.98
CA HIS J 174 9.28 25.05 6.08
C HIS J 174 9.39 24.07 4.93
N SER J 175 10.63 23.75 4.56
CA SER J 175 10.87 22.79 3.47
C SER J 175 10.50 21.39 3.88
N ILE J 176 11.06 20.95 5.01
CA ILE J 176 10.79 19.62 5.56
C ILE J 176 9.30 19.40 5.56
N GLN J 177 8.55 20.45 5.88
CA GLN J 177 7.09 20.36 5.92
C GLN J 177 6.44 20.29 4.57
N THR J 178 6.76 21.19 3.65
CA THR J 178 6.18 21.13 2.31
C THR J 178 6.40 19.75 1.71
N TRP J 179 7.59 19.19 1.93
CA TRP J 179 7.94 17.85 1.42
C TRP J 179 7.03 16.75 2.05
N LEU J 180 6.89 16.75 3.37
CA LEU J 180 6.02 15.77 4.02
C LEU J 180 4.59 15.87 3.49
N LEU J 181 4.09 17.07 3.30
CA LEU J 181 2.73 17.25 2.82
C LEU J 181 2.57 17.04 1.34
N GLY J 182 3.66 17.10 0.61
CA GLY J 182 3.56 16.96 -0.82
C GLY J 182 2.76 18.11 -1.42
N GLY J 183 2.59 19.17 -0.64
CA GLY J 183 1.85 20.33 -1.10
C GLY J 183 1.83 21.45 -0.08
N PRO J 184 0.94 22.44 -0.25
CA PRO J 184 0.84 23.56 0.65
C PRO J 184 -0.15 23.31 1.76
N ALA J 185 -0.65 22.10 1.90
CA ALA J 185 -1.61 21.78 2.97
C ALA J 185 -1.85 20.29 3.05
N VAL J 186 -2.36 19.83 4.19
CA VAL J 186 -2.66 18.43 4.32
C VAL J 186 -3.77 18.15 3.35
N ASP J 187 -3.48 17.36 2.34
CA ASP J 187 -4.47 17.00 1.34
C ASP J 187 -4.26 15.55 0.86
N ASN J 188 -4.86 15.21 -0.28
CA ASN J 188 -4.76 13.86 -0.80
C ASN J 188 -3.33 13.39 -0.90
N ALA J 189 -2.50 14.18 -1.56
CA ALA J 189 -1.11 13.76 -1.72
C ALA J 189 -0.48 13.26 -0.43
N THR J 190 -0.99 13.79 0.68
CA THR J 190 -0.49 13.46 1.99
C THR J 190 -1.06 12.12 2.40
N LEU J 191 -2.40 12.01 2.42
CA LEU J 191 -3.09 10.78 2.78
C LEU J 191 -2.53 9.59 2.03
N ASN J 192 -2.33 9.78 0.72
CA ASN J 192 -1.80 8.75 -0.14
C ASN J 192 -0.41 8.27 0.27
N ARG J 193 0.51 9.19 0.56
CA ARG J 193 1.85 8.76 0.96
C ARG J 193 1.88 8.16 2.37
N PHE J 194 0.89 8.54 3.18
CA PHE J 194 0.79 8.06 4.54
C PHE J 194 0.36 6.65 4.53
N PHE J 195 -0.50 6.31 3.56
CA PHE J 195 -0.97 4.95 3.44
C PHE J 195 0.24 4.08 3.14
N SER J 196 0.98 4.44 2.11
CA SER J 196 2.18 3.70 1.74
C SER J 196 3.19 3.53 2.88
N LEU J 197 3.31 4.54 3.74
CA LEU J 197 4.28 4.41 4.84
C LEU J 197 3.71 3.64 5.99
N HIS J 198 2.40 3.80 6.23
CA HIS J 198 1.75 3.08 7.31
C HIS J 198 1.93 1.59 7.08
N TYR J 199 1.93 1.20 5.80
CA TYR J 199 2.08 -0.20 5.41
C TYR J 199 3.51 -0.61 5.69
N LEU J 200 4.44 0.17 5.14
CA LEU J 200 5.88 -0.08 5.23
C LEU J 200 6.48 -0.16 6.61
N LEU J 201 6.12 0.78 7.47
CA LEU J 201 6.72 0.79 8.79
C LEU J 201 6.64 -0.44 9.66
N PRO J 202 5.47 -1.08 9.72
CA PRO J 202 5.41 -2.26 10.56
C PRO J 202 6.45 -3.33 10.21
N PHE J 203 6.76 -3.50 8.94
CA PHE J 203 7.79 -4.48 8.55
C PHE J 203 9.17 -4.08 9.08
N VAL J 204 9.38 -2.76 9.16
CA VAL J 204 10.63 -2.22 9.69
C VAL J 204 10.64 -2.52 11.18
N ILE J 205 9.52 -2.27 11.86
CA ILE J 205 9.48 -2.57 13.29
C ILE J 205 9.83 -4.06 13.49
N ALA J 206 9.16 -4.91 12.71
CA ALA J 206 9.35 -6.36 12.74
C ALA J 206 10.85 -6.67 12.66
N ALA J 207 11.54 -6.06 11.70
CA ALA J 207 12.99 -6.27 11.55
C ALA J 207 13.72 -5.88 12.83
N LEU J 208 13.41 -4.71 13.39
CA LEU J 208 14.06 -4.30 14.63
C LEU J 208 13.76 -5.26 15.80
N VAL J 209 12.50 -5.66 15.97
CA VAL J 209 12.15 -6.60 17.03
C VAL J 209 13.02 -7.85 16.89
N ALA J 210 13.44 -8.15 15.66
CA ALA J 210 14.30 -9.29 15.41
C ALA J 210 15.59 -9.01 16.16
N ILE J 211 16.23 -7.88 15.84
CA ILE J 211 17.48 -7.46 16.49
C ILE J 211 17.32 -7.18 18.00
N HIS J 212 16.14 -6.72 18.43
CA HIS J 212 15.85 -6.44 19.84
C HIS J 212 15.94 -7.77 20.56
N ILE J 213 15.34 -8.79 19.97
CA ILE J 213 15.36 -10.15 20.51
C ILE J 213 16.77 -10.76 20.46
N TRP J 214 17.38 -10.70 19.30
CA TRP J 214 18.74 -11.21 19.14
C TRP J 214 19.63 -10.62 20.21
N ALA J 215 19.45 -9.33 20.48
CA ALA J 215 20.27 -8.61 21.45
C ALA J 215 20.07 -9.08 22.87
N PHE J 216 18.84 -9.25 23.30
CA PHE J 216 18.68 -9.68 24.68
C PHE J 216 18.87 -11.17 24.81
N HIS J 217 18.93 -11.86 23.68
CA HIS J 217 19.15 -13.30 23.72
C HIS J 217 20.65 -13.54 23.89
N SER J 218 21.47 -12.71 23.24
CA SER J 218 22.92 -12.86 23.36
C SER J 218 23.49 -12.01 24.49
N THR J 219 22.74 -11.90 25.59
CA THR J 219 23.15 -11.12 26.77
C THR J 219 22.52 -11.76 27.99
N GLY J 220 21.50 -12.58 27.75
CA GLY J 220 20.80 -13.23 28.82
C GLY J 220 19.75 -12.30 29.38
N ASN J 221 18.60 -12.84 29.76
CA ASN J 221 17.55 -12.02 30.33
C ASN J 221 17.96 -11.39 31.68
N ASN J 222 17.16 -10.44 32.15
CA ASN J 222 17.44 -9.82 33.44
C ASN J 222 16.33 -10.26 34.39
N ASN J 223 16.63 -10.31 35.69
CA ASN J 223 15.64 -10.73 36.68
C ASN J 223 15.42 -9.61 37.68
N PRO J 224 14.36 -9.74 38.50
CA PRO J 224 14.02 -8.74 39.52
C PRO J 224 15.11 -8.51 40.55
N THR J 225 16.21 -9.24 40.40
CA THR J 225 17.33 -9.17 41.32
C THR J 225 18.49 -8.35 40.81
N GLY J 226 18.68 -8.31 39.51
CA GLY J 226 19.79 -7.56 38.96
C GLY J 226 21.07 -8.38 38.99
N VAL J 227 20.99 -9.52 39.66
CA VAL J 227 22.13 -10.40 39.76
C VAL J 227 22.16 -11.29 38.52
N GLU J 228 23.34 -11.42 37.92
CA GLU J 228 23.46 -12.25 36.73
C GLU J 228 23.25 -13.75 37.05
N VAL J 229 23.42 -14.58 36.03
CA VAL J 229 23.29 -16.03 36.20
C VAL J 229 24.74 -16.55 36.27
N ARG J 230 25.02 -17.44 37.23
CA ARG J 230 26.36 -18.00 37.38
C ARG J 230 26.81 -18.70 36.10
N ARG J 231 27.79 -18.11 35.44
CA ARG J 231 28.31 -18.64 34.17
C ARG J 231 29.53 -19.59 34.28
N THR J 232 29.70 -20.29 35.40
CA THR J 232 30.85 -21.19 35.55
C THR J 232 30.66 -22.71 35.39
N SER J 233 29.43 -23.21 35.50
CA SER J 233 29.16 -24.65 35.34
C SER J 233 27.70 -24.96 35.04
N LYS J 234 27.47 -25.86 34.08
CA LYS J 234 26.13 -26.24 33.71
C LYS J 234 25.29 -26.58 34.94
N ALA J 235 25.99 -26.96 36.01
CA ALA J 235 25.34 -27.35 37.27
C ALA J 235 24.75 -26.20 38.08
N GLU J 236 25.57 -25.20 38.36
CA GLU J 236 25.10 -24.06 39.13
C GLU J 236 24.34 -23.09 38.22
N ALA J 237 24.48 -23.24 36.91
CA ALA J 237 23.78 -22.37 35.97
C ALA J 237 22.31 -22.82 36.02
N GLN J 238 22.10 -24.13 36.03
CA GLN J 238 20.75 -24.70 36.10
C GLN J 238 20.08 -24.35 37.43
N LYS J 239 20.89 -23.98 38.42
CA LYS J 239 20.34 -23.62 39.72
C LYS J 239 19.65 -22.27 39.67
N ASP J 240 20.21 -21.38 38.85
CA ASP J 240 19.68 -20.02 38.67
C ASP J 240 18.61 -19.98 37.58
N THR J 241 18.68 -20.95 36.66
CA THR J 241 17.77 -21.00 35.52
C THR J 241 16.69 -22.09 35.46
N VAL J 242 16.08 -22.18 34.28
CA VAL J 242 15.03 -23.13 33.94
C VAL J 242 14.93 -22.87 32.43
N PRO J 243 14.76 -23.92 31.61
CA PRO J 243 14.68 -23.67 30.18
C PRO J 243 13.46 -22.85 29.81
N PHE J 244 13.66 -21.91 28.90
CA PHE J 244 12.57 -21.04 28.46
C PHE J 244 11.35 -21.89 28.13
N TRP J 245 11.55 -22.86 27.25
CA TRP J 245 10.50 -23.78 26.86
C TRP J 245 10.63 -24.98 27.78
N PRO J 246 9.51 -25.43 28.40
CA PRO J 246 8.14 -24.90 28.31
C PRO J 246 7.76 -24.07 29.54
N TYR J 247 8.71 -23.91 30.44
CA TYR J 247 8.47 -23.20 31.68
C TYR J 247 7.94 -21.79 31.48
N PHE J 248 8.63 -20.99 30.67
CA PHE J 248 8.18 -19.63 30.44
C PHE J 248 7.22 -19.43 29.27
N ILE J 249 7.32 -20.24 28.22
CA ILE J 249 6.38 -20.06 27.13
C ILE J 249 4.95 -20.30 27.64
N ILE J 250 4.79 -21.22 28.59
CA ILE J 250 3.45 -21.49 29.11
C ILE J 250 3.02 -20.38 30.02
N LYS J 251 3.96 -19.87 30.80
CA LYS J 251 3.65 -18.78 31.69
C LYS J 251 3.17 -17.63 30.77
N ASP J 252 4.07 -17.18 29.90
CA ASP J 252 3.83 -16.08 28.94
C ASP J 252 2.53 -16.26 28.15
N VAL J 253 2.36 -17.41 27.52
CA VAL J 253 1.14 -17.67 26.79
C VAL J 253 -0.05 -17.61 27.75
N PHE J 254 0.12 -18.12 28.98
CA PHE J 254 -0.98 -18.08 29.94
C PHE J 254 -1.34 -16.62 30.19
N ALA J 255 -0.32 -15.80 30.43
CA ALA J 255 -0.50 -14.38 30.69
C ALA J 255 -1.22 -13.76 29.48
N LEU J 256 -0.66 -14.02 28.31
CA LEU J 256 -1.18 -13.54 27.04
C LEU J 256 -2.69 -13.83 26.88
N ALA J 257 -3.14 -14.94 27.46
CA ALA J 257 -4.56 -15.33 27.39
C ALA J 257 -5.44 -14.43 28.24
N VAL J 258 -4.96 -14.11 29.43
CA VAL J 258 -5.75 -13.28 30.33
C VAL J 258 -5.82 -11.87 29.75
N VAL J 259 -4.71 -11.41 29.18
CA VAL J 259 -4.67 -10.07 28.58
C VAL J 259 -5.74 -10.03 27.50
N LEU J 260 -5.61 -10.94 26.52
CA LEU J 260 -6.55 -11.03 25.42
C LEU J 260 -7.99 -11.20 25.89
N LEU J 261 -8.16 -11.80 27.05
CA LEU J 261 -9.52 -11.99 27.57
C LEU J 261 -10.13 -10.61 27.73
N VAL J 262 -9.40 -9.76 28.45
CA VAL J 262 -9.82 -8.40 28.73
C VAL J 262 -9.89 -7.61 27.44
N PHE J 263 -8.88 -7.78 26.60
CA PHE J 263 -8.84 -7.08 25.33
C PHE J 263 -10.11 -7.31 24.50
N PHE J 264 -10.53 -8.57 24.35
CA PHE J 264 -11.74 -8.88 23.59
C PHE J 264 -12.99 -8.34 24.29
N ALA J 265 -12.95 -8.31 25.61
CA ALA J 265 -14.08 -7.80 26.39
C ALA J 265 -14.29 -6.36 25.94
N ILE J 266 -13.19 -5.62 25.78
CA ILE J 266 -13.20 -4.21 25.34
C ILE J 266 -13.68 -4.09 23.89
N VAL J 267 -13.04 -4.86 23.00
CA VAL J 267 -13.35 -4.84 21.58
C VAL J 267 -14.77 -5.25 21.30
N GLY J 268 -15.31 -6.09 22.16
CA GLY J 268 -16.66 -6.55 21.94
C GLY J 268 -17.71 -5.70 22.58
N PHE J 269 -17.43 -5.26 23.80
CA PHE J 269 -18.40 -4.46 24.53
C PHE J 269 -18.24 -2.95 24.55
N MET J 270 -17.00 -2.45 24.56
CA MET J 270 -16.76 -1.00 24.54
C MET J 270 -15.63 -0.68 23.59
N PRO J 271 -15.80 -1.06 22.31
CA PRO J 271 -14.79 -0.81 21.28
C PRO J 271 -14.44 0.68 21.08
N ASN J 272 -15.41 1.55 21.37
CA ASN J 272 -15.23 2.98 21.20
C ASN J 272 -14.81 3.78 22.43
N TYR J 273 -14.57 3.07 23.54
CA TYR J 273 -14.19 3.75 24.76
C TYR J 273 -12.89 4.51 24.61
N LEU J 274 -11.84 3.83 24.16
CA LEU J 274 -10.53 4.46 24.02
C LEU J 274 -10.35 5.47 22.88
N GLY J 275 -11.40 5.75 22.11
CA GLY J 275 -11.25 6.67 20.99
C GLY J 275 -11.97 8.00 21.02
N HIS J 276 -11.76 8.82 19.99
CA HIS J 276 -12.37 10.13 19.95
C HIS J 276 -13.56 10.22 18.99
N PRO J 277 -14.75 10.45 19.53
CA PRO J 277 -16.01 10.57 18.81
C PRO J 277 -15.98 11.54 17.66
N ASP J 278 -15.05 12.48 17.69
CA ASP J 278 -14.96 13.44 16.60
C ASP J 278 -14.39 12.85 15.32
N ASN J 279 -13.84 11.65 15.40
CA ASN J 279 -13.29 11.05 14.21
C ASN J 279 -14.35 10.28 13.43
N TYR J 280 -15.60 10.38 13.86
CA TYR J 280 -16.71 9.73 13.15
C TYR J 280 -17.41 10.85 12.40
N ILE J 281 -16.70 11.96 12.29
CA ILE J 281 -17.16 13.15 11.59
C ILE J 281 -16.17 13.21 10.45
N GLU J 282 -16.64 13.35 9.23
CA GLU J 282 -15.69 13.45 8.13
C GLU J 282 -14.76 14.66 8.29
N ALA J 283 -13.55 14.54 7.74
CA ALA J 283 -12.58 15.63 7.81
C ALA J 283 -13.15 16.87 7.14
N ASN J 284 -13.03 18.00 7.85
CA ASN J 284 -13.48 19.30 7.38
C ASN J 284 -12.27 20.21 7.39
N PRO J 285 -11.80 20.64 6.23
CA PRO J 285 -10.62 21.50 6.22
C PRO J 285 -10.81 22.90 6.71
N LEU J 286 -12.07 23.26 6.91
CA LEU J 286 -12.40 24.60 7.36
C LEU J 286 -12.87 24.69 8.80
N ARG J 287 -12.81 23.60 9.57
CA ARG J 287 -13.26 23.63 10.97
C ARG J 287 -12.52 22.70 11.90
N THR J 288 -11.80 23.27 12.85
CA THR J 288 -11.10 22.41 13.79
C THR J 288 -12.07 22.18 14.93
N PRO J 289 -12.37 20.91 15.22
CA PRO J 289 -13.28 20.55 16.29
C PRO J 289 -12.82 21.16 17.60
N ALA J 290 -13.79 21.73 18.32
CA ALA J 290 -13.55 22.40 19.59
C ALA J 290 -12.93 21.50 20.62
N HIS J 291 -13.22 20.21 20.56
CA HIS J 291 -12.67 19.31 21.56
C HIS J 291 -11.58 18.40 21.04
N ILE J 292 -10.86 18.87 20.04
CA ILE J 292 -9.78 18.08 19.51
C ILE J 292 -8.78 17.73 20.62
N VAL J 293 -8.56 16.44 20.80
CA VAL J 293 -7.62 15.91 21.79
C VAL J 293 -6.82 14.78 21.15
N PRO J 294 -5.55 14.62 21.52
CA PRO J 294 -4.81 13.53 20.89
C PRO J 294 -5.25 12.16 21.39
N GLU J 295 -4.62 11.12 20.82
CA GLU J 295 -4.94 9.74 21.19
C GLU J 295 -4.33 9.57 22.55
N TRP J 296 -5.02 8.91 23.46
CA TRP J 296 -4.47 8.79 24.79
C TRP J 296 -2.98 8.44 24.85
N TYR J 297 -2.53 7.46 24.10
CA TYR J 297 -1.11 7.12 24.19
C TYR J 297 -0.15 8.24 23.73
N PHE J 298 -0.70 9.37 23.30
CA PHE J 298 0.14 10.49 22.87
C PHE J 298 0.03 11.62 23.87
N LEU J 299 -1.04 11.61 24.66
CA LEU J 299 -1.26 12.66 25.65
C LEU J 299 -0.08 13.16 26.46
N PRO J 300 0.65 12.28 27.15
CA PRO J 300 1.78 12.81 27.91
C PRO J 300 2.76 13.68 27.09
N PHE J 301 3.23 13.20 25.96
CA PHE J 301 4.16 14.01 25.18
C PHE J 301 3.51 15.25 24.61
N TYR J 302 2.19 15.27 24.60
CA TYR J 302 1.42 16.40 24.10
C TYR J 302 1.33 17.44 25.21
N ALA J 303 1.18 16.96 26.46
CA ALA J 303 1.07 17.83 27.63
C ALA J 303 2.35 18.63 27.75
N ILE J 304 3.47 17.92 27.67
CA ILE J 304 4.76 18.53 27.73
C ILE J 304 4.92 19.58 26.67
N LEU J 305 4.41 19.36 25.45
CA LEU J 305 4.60 20.38 24.40
C LEU J 305 3.83 21.69 24.63
N ARG J 306 2.63 21.59 25.18
CA ARG J 306 1.89 22.79 25.37
C ARG J 306 2.11 23.46 26.72
N ALA J 307 2.94 22.86 27.58
CA ALA J 307 3.19 23.47 28.88
C ALA J 307 4.01 24.71 28.58
N PHE J 308 4.94 24.57 27.65
CA PHE J 308 5.81 25.67 27.27
C PHE J 308 5.25 26.68 26.28
N THR J 309 4.64 27.71 26.88
CA THR J 309 4.04 28.81 26.15
C THR J 309 4.96 30.02 26.22
N ALA J 310 4.63 31.02 25.41
CA ALA J 310 5.39 32.27 25.27
C ALA J 310 5.88 32.87 26.57
N ASP J 311 5.04 32.79 27.58
CA ASP J 311 5.28 33.38 28.89
C ASP J 311 5.80 32.46 30.00
N VAL J 312 6.71 31.54 29.67
CA VAL J 312 7.26 30.64 30.67
C VAL J 312 8.70 31.05 30.85
N TRP J 313 9.26 30.91 32.06
CA TRP J 313 10.66 31.33 32.30
C TRP J 313 11.77 30.71 31.49
N VAL J 314 11.92 29.38 31.55
CA VAL J 314 12.99 28.72 30.82
C VAL J 314 12.96 28.95 29.29
N VAL J 315 11.76 29.21 28.79
CA VAL J 315 11.53 29.52 27.40
C VAL J 315 12.13 30.89 27.12
N GLN J 316 11.95 31.82 28.07
CA GLN J 316 12.47 33.21 27.98
C GLN J 316 14.01 33.22 27.91
N ILE J 317 14.62 32.37 28.72
CA ILE J 317 16.06 32.20 28.78
C ILE J 317 16.54 31.75 27.40
N ALA J 318 15.95 30.63 26.96
CA ALA J 318 16.26 29.97 25.69
C ALA J 318 16.16 30.91 24.48
N ASN J 319 15.08 31.66 24.45
CA ASN J 319 14.80 32.64 23.42
C ASN J 319 15.97 33.66 23.38
N PHE J 320 16.58 33.91 24.55
CA PHE J 320 17.69 34.87 24.65
C PHE J 320 19.01 34.32 24.13
N ILE J 321 19.55 33.31 24.82
CA ILE J 321 20.81 32.70 24.41
C ILE J 321 20.83 32.26 22.92
N SER J 322 19.69 32.33 22.25
CA SER J 322 19.60 31.91 20.84
C SER J 322 19.24 33.05 19.90
N PHE J 323 19.02 34.23 20.44
CA PHE J 323 18.67 35.36 19.61
C PHE J 323 17.34 35.11 18.89
N GLY J 324 16.24 34.97 19.64
CA GLY J 324 14.95 34.73 19.02
C GLY J 324 14.76 33.33 18.47
N ILE J 325 15.77 32.79 17.81
CA ILE J 325 15.66 31.46 17.21
C ILE J 325 14.83 30.43 18.00
N ILE J 326 15.20 30.14 19.25
CA ILE J 326 14.43 29.19 20.02
C ILE J 326 13.27 29.88 20.69
N ASP J 327 12.14 30.03 20.02
CA ASP J 327 11.01 30.66 20.70
C ASP J 327 10.07 29.62 21.36
N ALA J 328 8.89 30.01 21.75
CA ALA J 328 7.97 29.11 22.44
C ALA J 328 7.53 27.89 21.69
N LYS J 329 7.20 28.10 20.42
CA LYS J 329 6.74 27.03 19.51
C LYS J 329 7.79 25.92 19.36
N PHE J 330 8.97 26.29 18.88
CA PHE J 330 10.07 25.37 18.69
C PHE J 330 10.62 24.81 19.99
N PHE J 331 10.32 25.48 21.10
CA PHE J 331 10.81 25.04 22.39
C PHE J 331 9.98 23.83 22.74
N GLY J 332 8.66 23.95 22.63
CA GLY J 332 7.78 22.83 22.93
C GLY J 332 8.08 21.61 22.08
N VAL J 333 8.52 21.84 20.86
CA VAL J 333 8.86 20.74 19.99
C VAL J 333 10.10 20.09 20.60
N LEU J 334 11.13 20.88 20.87
CA LEU J 334 12.36 20.35 21.48
C LEU J 334 12.05 19.71 22.82
N ALA J 335 11.13 20.31 23.58
CA ALA J 335 10.77 19.79 24.89
C ALA J 335 10.24 18.39 24.79
N MET J 336 9.31 18.20 23.88
CA MET J 336 8.69 16.91 23.67
C MET J 336 9.70 15.91 23.12
N PHE J 337 10.30 16.17 21.96
CA PHE J 337 11.27 15.21 21.44
C PHE J 337 12.37 14.97 22.44
N GLY J 338 12.71 16.01 23.20
CA GLY J 338 13.75 15.88 24.20
C GLY J 338 13.31 14.96 25.32
N ALA J 339 12.04 15.04 25.73
CA ALA J 339 11.51 14.20 26.81
C ALA J 339 11.72 12.73 26.48
N ILE J 340 11.75 12.40 25.18
CA ILE J 340 11.96 11.02 24.70
C ILE J 340 13.45 10.70 24.60
N LEU J 341 14.20 11.61 23.98
CA LEU J 341 15.65 11.48 23.85
C LEU J 341 16.31 11.33 25.21
N VAL J 342 15.75 12.01 26.20
CA VAL J 342 16.29 11.95 27.55
C VAL J 342 16.16 10.52 28.11
N MET J 343 15.04 9.87 27.79
CA MET J 343 14.75 8.51 28.23
C MET J 343 15.58 7.50 27.45
N ALA J 344 16.00 7.88 26.25
CA ALA J 344 16.81 6.99 25.45
C ALA J 344 18.21 6.95 26.02
N LEU J 345 18.58 7.99 26.77
CA LEU J 345 19.92 8.09 27.35
C LEU J 345 20.07 7.61 28.79
N VAL J 346 19.01 7.08 29.39
CA VAL J 346 19.12 6.60 30.77
C VAL J 346 20.33 5.72 31.07
N PRO J 347 20.78 4.87 30.11
CA PRO J 347 21.94 4.03 30.40
C PRO J 347 23.17 4.87 30.76
N TRP J 348 23.18 6.14 30.36
CA TRP J 348 24.29 7.04 30.66
C TRP J 348 23.99 8.21 31.62
N LEU J 349 22.91 8.13 32.36
CA LEU J 349 22.60 9.19 33.28
C LEU J 349 22.40 8.54 34.64
N ASP J 350 22.00 7.27 34.66
CA ASP J 350 21.84 6.57 35.94
C ASP J 350 23.21 6.00 36.23
N THR J 351 23.91 6.70 37.13
CA THR J 351 25.27 6.35 37.50
C THR J 351 25.39 5.31 38.61
N SER J 352 24.27 4.99 39.26
CA SER J 352 24.34 3.98 40.32
C SER J 352 24.72 2.65 39.69
N PRO J 353 25.71 1.94 40.28
CA PRO J 353 26.17 0.64 39.77
C PRO J 353 25.26 -0.53 40.21
N VAL J 354 24.31 -0.25 41.10
CA VAL J 354 23.36 -1.27 41.56
C VAL J 354 22.32 -1.40 40.44
N ARG J 355 22.11 -2.62 39.94
CA ARG J 355 21.16 -2.85 38.84
C ARG J 355 19.70 -2.70 39.26
N SER J 356 19.13 -3.69 39.91
CA SER J 356 17.72 -3.59 40.30
C SER J 356 17.45 -2.47 41.28
N GLY J 357 16.37 -1.73 41.02
CA GLY J 357 16.02 -0.65 41.91
C GLY J 357 15.29 -1.18 43.13
N ARG J 358 15.21 -2.49 43.23
CA ARG J 358 14.53 -3.12 44.36
C ARG J 358 15.46 -2.94 45.56
N TYR J 359 16.71 -2.62 45.27
CA TYR J 359 17.75 -2.45 46.29
C TYR J 359 18.35 -1.05 46.31
N ARG J 360 17.52 -0.06 45.98
CA ARG J 360 17.94 1.35 45.98
C ARG J 360 16.76 2.07 46.59
N PRO J 361 16.71 2.11 47.94
CA PRO J 361 15.64 2.76 48.71
C PRO J 361 15.33 4.24 48.38
N MET J 362 16.33 4.97 47.87
CA MET J 362 16.17 6.40 47.50
C MET J 362 15.56 6.47 46.10
N PHE J 363 16.13 5.68 45.21
CA PHE J 363 15.65 5.58 43.84
C PHE J 363 14.17 5.23 43.84
N LYS J 364 13.78 4.18 44.54
CA LYS J 364 12.38 3.76 44.62
C LYS J 364 11.36 4.87 44.76
N ILE J 365 11.75 5.98 45.38
CA ILE J 365 10.77 7.05 45.56
C ILE J 365 10.66 7.97 44.37
N TYR J 366 11.79 8.34 43.79
CA TYR J 366 11.75 9.21 42.63
C TYR J 366 11.14 8.45 41.45
N PHE J 367 11.32 7.14 41.44
CA PHE J 367 10.78 6.30 40.39
C PHE J 367 9.26 6.34 40.45
N TRP J 368 8.68 5.95 41.58
CA TRP J 368 7.22 6.01 41.65
C TRP J 368 6.64 7.39 41.44
N LEU J 369 7.47 8.41 41.53
CA LEU J 369 6.98 9.76 41.28
C LEU J 369 6.92 9.90 39.76
N LEU J 370 7.95 9.40 39.08
CA LEU J 370 8.02 9.44 37.62
C LEU J 370 6.76 8.76 37.07
N ALA J 371 6.48 7.57 37.60
CA ALA J 371 5.32 6.80 37.23
C ALA J 371 4.08 7.64 37.47
N ALA J 372 3.93 8.16 38.67
CA ALA J 372 2.77 9.00 38.95
C ALA J 372 2.73 10.22 38.02
N ASP J 373 3.90 10.76 37.65
CA ASP J 373 4.02 11.94 36.78
C ASP J 373 3.48 11.66 35.37
N PHE J 374 3.87 10.50 34.86
CA PHE J 374 3.45 10.04 33.54
C PHE J 374 1.93 9.92 33.54
N VAL J 375 1.35 9.35 34.59
CA VAL J 375 -0.10 9.23 34.64
C VAL J 375 -0.73 10.62 34.71
N ILE J 376 -0.13 11.49 35.53
CA ILE J 376 -0.60 12.86 35.68
C ILE J 376 -0.49 13.57 34.34
N LEU J 377 0.71 13.53 33.76
CA LEU J 377 0.96 14.15 32.46
C LEU J 377 -0.11 13.76 31.46
N THR J 378 -0.38 12.46 31.38
CA THR J 378 -1.40 11.94 30.51
C THR J 378 -2.74 12.58 30.85
N TRP J 379 -3.09 12.61 32.13
CA TRP J 379 -4.36 13.20 32.56
C TRP J 379 -4.51 14.69 32.22
N VAL J 380 -3.39 15.39 32.19
CA VAL J 380 -3.42 16.81 31.92
C VAL J 380 -3.64 17.13 30.44
N GLY J 381 -3.04 16.31 29.57
CA GLY J 381 -3.16 16.52 28.14
C GLY J 381 -4.61 16.61 27.69
N ALA J 382 -5.47 16.03 28.52
CA ALA J 382 -6.88 16.02 28.24
C ALA J 382 -7.68 17.16 28.91
N GLN J 383 -7.01 18.09 29.58
CA GLN J 383 -7.70 19.21 30.24
C GLN J 383 -7.41 20.45 29.43
N GLN J 384 -7.97 21.59 29.84
CA GLN J 384 -7.76 22.85 29.12
C GLN J 384 -6.40 23.42 29.44
N THR J 385 -6.05 24.51 28.81
CA THR J 385 -4.77 25.13 29.11
C THR J 385 -4.92 26.18 30.22
N THR J 386 -6.15 26.31 30.73
CA THR J 386 -6.45 27.26 31.79
C THR J 386 -5.82 26.80 33.10
N PHE J 387 -5.83 27.71 34.07
CA PHE J 387 -5.27 27.45 35.41
C PHE J 387 -6.25 26.55 36.19
N PRO J 388 -5.74 25.60 36.97
CA PRO J 388 -4.36 25.27 37.31
C PRO J 388 -3.63 24.28 36.41
N TYR J 389 -4.28 23.84 35.34
CA TYR J 389 -3.68 22.85 34.49
C TYR J 389 -2.35 23.27 33.91
N ASP J 390 -2.27 24.53 33.52
CA ASP J 390 -1.04 25.09 32.96
C ASP J 390 0.15 24.94 33.94
N TRP J 391 -0.17 24.91 35.22
CA TRP J 391 0.83 24.79 36.26
C TRP J 391 1.20 23.35 36.49
N ILE J 392 0.16 22.51 36.67
CA ILE J 392 0.33 21.08 36.89
C ILE J 392 1.17 20.52 35.75
N SER J 393 0.78 20.88 34.51
CA SER J 393 1.51 20.43 33.33
C SER J 393 2.98 20.87 33.38
N LEU J 394 3.20 22.08 33.87
CA LEU J 394 4.53 22.62 33.99
C LEU J 394 5.45 21.90 34.97
N ILE J 395 4.94 21.71 36.20
CA ILE J 395 5.66 21.02 37.27
C ILE J 395 5.93 19.61 36.80
N ALA J 396 4.92 18.99 36.20
CA ALA J 396 5.04 17.63 35.69
C ALA J 396 6.14 17.52 34.65
N SER J 397 6.08 18.37 33.62
CA SER J 397 7.11 18.34 32.60
C SER J 397 8.46 18.52 33.29
N ALA J 398 8.46 19.43 34.27
CA ALA J 398 9.66 19.73 35.03
C ALA J 398 10.22 18.48 35.68
N TYR J 399 9.37 17.78 36.44
CA TYR J 399 9.83 16.59 37.12
C TYR J 399 10.39 15.52 36.21
N TRP J 400 9.84 15.45 35.01
CA TRP J 400 10.30 14.46 34.05
C TRP J 400 11.78 14.71 33.73
N PHE J 401 12.14 15.91 33.32
CA PHE J 401 13.54 16.11 33.00
C PHE J 401 14.35 16.07 34.28
N ALA J 402 13.72 16.51 35.37
CA ALA J 402 14.39 16.50 36.69
C ALA J 402 14.92 15.12 36.97
N TYR J 403 14.02 14.15 36.86
CA TYR J 403 14.33 12.75 37.11
C TYR J 403 15.50 12.18 36.26
N PHE J 404 15.49 12.37 34.95
CA PHE J 404 16.58 11.83 34.15
C PHE J 404 17.86 12.66 34.14
N LEU J 405 17.73 13.98 34.06
CA LEU J 405 18.89 14.86 33.97
C LEU J 405 19.63 15.24 35.25
N VAL J 406 18.94 15.22 36.38
CA VAL J 406 19.57 15.60 37.63
C VAL J 406 19.49 14.46 38.64
N ILE J 407 18.30 14.18 39.14
CA ILE J 407 18.10 13.13 40.12
C ILE J 407 18.86 11.80 39.92
N LEU J 408 18.96 11.29 38.69
CA LEU J 408 19.67 10.01 38.46
C LEU J 408 21.18 10.08 38.52
N PRO J 409 21.77 11.14 37.94
CA PRO J 409 23.24 11.26 38.00
C PRO J 409 23.69 11.44 39.46
N ILE J 410 22.90 12.17 40.24
CA ILE J 410 23.21 12.42 41.65
C ILE J 410 23.03 11.18 42.54
N LEU J 411 21.87 10.52 42.49
CA LEU J 411 21.64 9.33 43.29
C LEU J 411 22.81 8.37 43.10
N GLY J 412 23.35 8.36 41.88
CA GLY J 412 24.49 7.51 41.57
C GLY J 412 25.64 7.68 42.55
N ALA J 413 25.88 8.91 43.01
CA ALA J 413 26.96 9.23 43.96
C ALA J 413 26.48 9.21 45.41
N ILE J 414 25.31 9.79 45.68
CA ILE J 414 24.79 9.81 47.05
C ILE J 414 24.28 8.44 47.55
N GLU J 415 22.97 8.23 47.47
CA GLU J 415 22.27 7.00 47.91
C GLU J 415 23.09 5.83 48.42
N LYS J 416 22.60 5.24 49.51
CA LYS J 416 23.23 4.07 50.14
C LYS J 416 22.42 2.82 49.74
N PRO J 417 22.96 2.01 48.80
CA PRO J 417 22.33 0.78 48.29
C PRO J 417 21.95 -0.21 49.38
N VAL J 418 21.28 -1.30 49.01
CA VAL J 418 20.90 -2.36 49.94
C VAL J 418 21.69 -3.61 49.50
N ALA J 419 21.57 -4.70 50.26
CA ALA J 419 22.27 -5.95 49.97
C ALA J 419 21.49 -6.82 48.99
N PRO J 420 22.02 -6.96 47.75
CA PRO J 420 21.34 -7.78 46.74
C PRO J 420 21.71 -9.25 46.90
N PRO J 421 20.72 -10.15 46.92
CA PRO J 421 21.03 -11.58 47.06
C PRO J 421 22.28 -11.90 46.25
N ALA J 422 23.04 -12.91 46.67
CA ALA J 422 24.28 -13.25 45.96
C ALA J 422 24.03 -14.15 44.73
N THR J 423 22.90 -14.85 44.73
CA THR J 423 22.52 -15.73 43.64
C THR J 423 21.02 -15.67 43.36
N ILE J 424 20.68 -15.88 42.09
CA ILE J 424 19.30 -15.85 41.67
C ILE J 424 18.62 -16.99 42.41
N GLU J 425 19.36 -18.08 42.58
CA GLU J 425 18.88 -19.26 43.29
C GLU J 425 18.38 -18.94 44.68
N GLU J 426 19.22 -18.29 45.48
CA GLU J 426 18.83 -17.94 46.84
C GLU J 426 17.54 -17.10 46.87
N ASP J 427 17.37 -16.24 45.86
CA ASP J 427 16.20 -15.38 45.76
C ASP J 427 14.96 -16.20 45.41
N PHE J 428 15.11 -17.11 44.46
CA PHE J 428 14.01 -17.97 44.02
C PHE J 428 13.49 -18.83 45.16
N ASN J 429 14.42 -19.51 45.83
CA ASN J 429 14.07 -20.40 46.94
C ASN J 429 13.33 -19.64 48.05
N ALA J 430 13.75 -18.39 48.27
CA ALA J 430 13.14 -17.53 49.28
C ALA J 430 11.62 -17.41 49.06
N ALA K 1 -15.45 24.15 23.02
CA ALA K 1 -16.13 25.34 23.60
C ALA K 1 -17.54 24.99 24.09
N GLY K 2 -17.64 24.16 25.12
CA GLY K 2 -18.95 23.81 25.66
C GLY K 2 -19.18 22.37 26.14
N GLY K 3 -19.93 22.22 27.24
CA GLY K 3 -20.24 20.91 27.81
C GLY K 3 -21.63 20.90 28.49
N GLY K 4 -22.24 19.72 28.73
CA GLY K 4 -23.58 19.77 29.32
C GLY K 4 -24.33 18.51 29.77
N HIS K 5 -25.62 18.71 30.06
CA HIS K 5 -26.52 17.67 30.57
C HIS K 5 -27.26 16.88 29.46
N VAL K 6 -27.39 15.57 29.68
CA VAL K 6 -28.05 14.63 28.77
C VAL K 6 -28.92 13.64 29.56
N GLU K 7 -30.16 13.49 29.14
CA GLU K 7 -31.10 12.58 29.81
C GLU K 7 -30.70 11.12 29.59
N ASP K 8 -30.26 10.39 30.62
CA ASP K 8 -29.95 8.99 30.33
C ASP K 8 -31.27 8.28 30.22
N VAL K 9 -31.50 7.72 29.04
CA VAL K 9 -32.68 6.94 28.75
C VAL K 9 -32.22 5.48 28.87
N PRO K 10 -33.16 4.58 29.26
CA PRO K 10 -32.85 3.15 29.41
C PRO K 10 -33.18 2.44 28.09
N PHE K 11 -32.26 2.52 27.13
CA PHE K 11 -32.46 1.89 25.84
C PHE K 11 -32.30 0.37 25.95
N SER K 12 -33.04 -0.34 25.10
CA SER K 12 -33.01 -1.80 25.08
C SER K 12 -31.65 -2.38 24.72
N PHE K 13 -30.92 -1.68 23.85
CA PHE K 13 -29.62 -2.13 23.42
C PHE K 13 -28.47 -1.81 24.36
N GLU K 14 -28.66 -0.87 25.30
CA GLU K 14 -27.60 -0.55 26.26
C GLU K 14 -27.43 -1.89 26.99
N GLY K 15 -26.24 -2.17 27.48
CA GLY K 15 -26.04 -3.43 28.19
C GLY K 15 -25.32 -4.49 27.38
N PRO K 16 -24.55 -5.40 28.00
CA PRO K 16 -23.82 -6.45 27.28
C PRO K 16 -24.74 -7.50 26.64
N PHE K 17 -25.97 -7.57 27.13
CA PHE K 17 -26.98 -8.49 26.62
C PHE K 17 -28.06 -7.67 25.92
N GLY K 18 -27.73 -6.41 25.63
CA GLY K 18 -28.65 -5.50 24.97
C GLY K 18 -28.91 -5.92 23.54
N THR K 19 -30.10 -5.60 23.04
CA THR K 19 -30.47 -5.95 21.69
C THR K 19 -31.47 -4.93 21.22
N PHE K 20 -31.41 -4.58 19.94
CA PHE K 20 -32.33 -3.62 19.37
C PHE K 20 -33.77 -4.17 19.45
N ASP K 21 -34.75 -3.27 19.47
CA ASP K 21 -36.14 -3.68 19.48
C ASP K 21 -36.58 -3.56 18.03
N GLN K 22 -36.76 -4.71 17.38
CA GLN K 22 -37.14 -4.70 15.99
C GLN K 22 -38.23 -3.67 15.65
N HIS K 23 -39.17 -3.47 16.56
CA HIS K 23 -40.25 -2.53 16.29
C HIS K 23 -39.88 -1.06 16.46
N GLN K 24 -39.06 -0.76 17.47
CA GLN K 24 -38.63 0.62 17.71
C GLN K 24 -38.04 1.11 16.42
N LEU K 25 -37.00 0.36 16.01
CA LEU K 25 -36.24 0.62 14.83
C LEU K 25 -37.19 0.88 13.67
N GLN K 26 -38.23 0.05 13.59
CA GLN K 26 -39.25 0.20 12.55
C GLN K 26 -39.94 1.58 12.71
N ARG K 27 -40.35 1.91 13.93
CA ARG K 27 -41.03 3.17 14.18
C ARG K 27 -40.07 4.32 13.90
N GLY K 28 -38.87 4.18 14.47
CA GLY K 28 -37.83 5.18 14.31
C GLY K 28 -37.65 5.46 12.84
N LEU K 29 -37.56 4.39 12.04
CA LEU K 29 -37.39 4.54 10.61
C LEU K 29 -38.53 5.42 10.05
N GLN K 30 -39.73 5.27 10.61
CA GLN K 30 -40.86 6.05 10.11
C GLN K 30 -40.71 7.51 10.45
N VAL K 31 -40.24 7.79 11.66
CA VAL K 31 -40.04 9.15 12.07
C VAL K 31 -38.94 9.79 11.21
N TYR K 32 -37.84 9.05 11.05
CA TYR K 32 -36.73 9.56 10.27
C TYR K 32 -37.19 9.91 8.88
N THR K 33 -38.07 9.07 8.33
CA THR K 33 -38.59 9.26 6.95
C THR K 33 -39.59 10.39 6.76
N GLU K 34 -40.49 10.53 7.74
CA GLU K 34 -41.54 11.54 7.69
C GLU K 34 -41.14 12.88 8.30
N VAL K 35 -40.06 12.93 9.07
CA VAL K 35 -39.68 14.19 9.69
C VAL K 35 -38.27 14.66 9.43
N CYS K 36 -37.31 13.85 9.90
CA CYS K 36 -35.88 14.14 9.78
C CYS K 36 -35.43 14.20 8.33
N ALA K 37 -35.68 13.11 7.62
CA ALA K 37 -35.30 13.00 6.22
C ALA K 37 -35.46 14.30 5.46
N ALA K 38 -36.46 15.09 5.84
CA ALA K 38 -36.75 16.38 5.22
C ALA K 38 -35.50 17.24 5.02
N CYS K 39 -34.59 17.18 5.98
CA CYS K 39 -33.36 17.97 5.93
C CYS K 39 -32.11 17.10 6.08
N HIS K 40 -32.15 16.08 6.93
CA HIS K 40 -30.97 15.21 7.15
C HIS K 40 -30.88 14.03 6.21
N GLY K 41 -29.65 13.70 5.82
CA GLY K 41 -29.42 12.56 4.96
C GLY K 41 -28.87 11.45 5.81
N MET K 42 -28.45 10.36 5.17
CA MET K 42 -27.86 9.22 5.85
C MET K 42 -26.95 8.47 4.88
N LYS K 43 -26.29 9.25 4.05
CA LYS K 43 -25.42 8.75 3.01
C LYS K 43 -24.57 7.51 3.22
N PHE K 44 -24.25 7.14 4.44
CA PHE K 44 -23.42 5.96 4.59
C PHE K 44 -24.21 4.71 4.82
N VAL K 45 -25.53 4.86 4.85
CA VAL K 45 -26.46 3.75 5.11
C VAL K 45 -27.17 3.23 3.87
N PRO K 46 -26.78 2.03 3.42
CA PRO K 46 -27.40 1.45 2.23
C PRO K 46 -28.82 1.06 2.60
N ILE K 47 -29.79 1.48 1.77
CA ILE K 47 -31.20 1.19 2.05
C ILE K 47 -31.48 -0.30 2.29
N ARG K 48 -30.80 -1.15 1.54
CA ARG K 48 -30.95 -2.59 1.65
C ARG K 48 -30.59 -3.09 3.01
N SER K 49 -29.98 -2.27 3.83
CA SER K 49 -29.62 -2.77 5.16
C SER K 49 -30.87 -2.84 6.01
N LEU K 50 -31.95 -2.23 5.52
CA LEU K 50 -33.22 -2.26 6.25
C LEU K 50 -33.71 -3.71 6.37
N SER K 51 -33.28 -4.55 5.42
CA SER K 51 -33.63 -5.98 5.33
C SER K 51 -32.71 -6.85 6.18
N GLU K 52 -31.42 -6.48 6.20
CA GLU K 52 -30.41 -7.18 6.97
C GLU K 52 -30.90 -7.47 8.39
N PRO K 53 -30.51 -8.65 8.92
CA PRO K 53 -30.88 -9.10 10.26
C PRO K 53 -30.18 -8.29 11.36
N GLY K 54 -30.83 -8.18 12.52
CA GLY K 54 -30.27 -7.43 13.63
C GLY K 54 -30.65 -5.95 13.58
N GLY K 55 -31.68 -5.66 12.81
CA GLY K 55 -32.14 -4.29 12.68
C GLY K 55 -33.65 -4.25 12.48
N PRO K 56 -34.14 -3.26 11.72
CA PRO K 56 -35.57 -3.08 11.45
C PRO K 56 -36.12 -4.36 10.82
N GLU K 57 -35.24 -5.06 10.09
CA GLU K 57 -35.59 -6.31 9.41
C GLU K 57 -36.88 -6.31 8.60
N LEU K 58 -37.02 -5.35 7.70
CA LEU K 58 -38.21 -5.32 6.87
C LEU K 58 -38.00 -6.28 5.70
N PRO K 59 -39.10 -6.83 5.13
CA PRO K 59 -39.00 -7.76 3.99
C PRO K 59 -38.64 -7.01 2.70
N GLU K 60 -37.79 -7.66 1.89
CA GLU K 60 -37.30 -7.08 0.64
C GLU K 60 -38.31 -6.33 -0.18
N ASP K 61 -39.50 -6.89 -0.32
CA ASP K 61 -40.52 -6.25 -1.13
C ASP K 61 -40.88 -4.85 -0.60
N GLN K 62 -40.85 -4.69 0.73
CA GLN K 62 -41.14 -3.40 1.37
C GLN K 62 -39.97 -2.48 1.17
N VAL K 63 -38.80 -2.99 1.53
CA VAL K 63 -37.55 -2.26 1.38
C VAL K 63 -37.42 -1.77 -0.06
N ARG K 64 -37.75 -2.65 -1.02
CA ARG K 64 -37.67 -2.34 -2.45
C ARG K 64 -38.65 -1.23 -2.79
N ALA K 65 -39.82 -1.30 -2.17
CA ALA K 65 -40.88 -0.32 -2.37
C ALA K 65 -40.42 1.01 -1.77
N TYR K 66 -39.96 0.95 -0.53
CA TYR K 66 -39.48 2.10 0.19
C TYR K 66 -38.49 2.86 -0.69
N ALA K 67 -37.37 2.21 -0.98
CA ALA K 67 -36.31 2.81 -1.77
C ALA K 67 -36.81 3.52 -2.99
N THR K 68 -38.06 3.26 -3.36
CA THR K 68 -38.65 3.86 -4.55
C THR K 68 -38.95 5.35 -4.44
N GLN K 69 -39.43 5.80 -3.29
CA GLN K 69 -39.74 7.21 -3.11
C GLN K 69 -38.62 8.19 -3.47
N PHE K 70 -37.37 7.74 -3.29
CA PHE K 70 -36.19 8.57 -3.56
C PHE K 70 -35.87 8.74 -5.03
N THR K 71 -35.38 9.93 -5.37
CA THR K 71 -35.01 10.24 -6.74
C THR K 71 -33.47 10.27 -6.75
N VAL K 72 -32.89 9.15 -7.16
CA VAL K 72 -31.44 8.99 -7.21
C VAL K 72 -30.92 9.32 -8.61
N THR K 73 -29.64 9.66 -8.73
CA THR K 73 -29.03 9.98 -10.03
C THR K 73 -28.11 8.83 -10.40
N ASP K 74 -28.51 8.02 -11.39
CA ASP K 74 -27.71 6.87 -11.79
C ASP K 74 -26.32 7.25 -12.24
N GLU K 75 -25.31 6.55 -11.70
CA GLU K 75 -23.91 6.84 -12.01
C GLU K 75 -23.47 6.54 -13.43
N GLU K 76 -24.17 5.62 -14.08
CA GLU K 76 -23.86 5.25 -15.46
C GLU K 76 -24.55 6.18 -16.46
N THR K 77 -25.87 6.28 -16.35
CA THR K 77 -26.65 7.14 -17.25
C THR K 77 -26.42 8.64 -16.98
N GLY K 78 -26.56 9.03 -15.72
CA GLY K 78 -26.38 10.43 -15.35
C GLY K 78 -27.75 11.02 -15.13
N GLU K 79 -28.75 10.30 -15.64
CA GLU K 79 -30.13 10.72 -15.53
C GLU K 79 -30.78 10.08 -14.31
N ASP K 80 -31.71 10.82 -13.72
CA ASP K 80 -32.43 10.41 -12.53
C ASP K 80 -33.30 9.17 -12.74
N ARG K 81 -33.78 8.60 -11.63
CA ARG K 81 -34.61 7.39 -11.67
C ARG K 81 -35.12 7.06 -10.28
N GLU K 82 -35.80 5.93 -10.16
CA GLU K 82 -36.33 5.47 -8.88
C GLU K 82 -35.16 5.03 -8.05
N GLY K 83 -35.38 4.76 -6.77
CA GLY K 83 -34.30 4.30 -5.94
C GLY K 83 -34.36 2.81 -5.70
N LYS K 84 -33.27 2.10 -5.95
CA LYS K 84 -33.24 0.66 -5.71
C LYS K 84 -32.86 0.48 -4.24
N PRO K 85 -32.99 -0.72 -3.71
CA PRO K 85 -32.60 -0.82 -2.31
C PRO K 85 -31.08 -0.99 -2.24
N THR K 86 -30.40 -0.92 -3.37
CA THR K 86 -28.95 -1.06 -3.36
C THR K 86 -28.34 0.33 -3.31
N ASP K 87 -29.22 1.31 -3.14
CA ASP K 87 -28.78 2.69 -3.04
C ASP K 87 -28.65 3.12 -1.59
N HIS K 88 -27.92 4.20 -1.37
CA HIS K 88 -27.72 4.76 -0.04
C HIS K 88 -28.77 5.86 0.16
N PHE K 89 -29.26 6.01 1.38
CA PHE K 89 -30.21 7.07 1.63
C PHE K 89 -29.54 8.30 1.07
N PRO K 90 -30.32 9.31 0.72
CA PRO K 90 -29.80 10.57 0.16
C PRO K 90 -28.93 11.40 1.09
N HIS K 91 -28.24 12.39 0.53
CA HIS K 91 -27.41 13.27 1.34
C HIS K 91 -28.38 14.18 2.07
N SER K 92 -27.89 14.99 2.97
CA SER K 92 -28.79 15.90 3.66
C SER K 92 -29.33 16.90 2.67
N ALA K 93 -30.66 16.95 2.60
CA ALA K 93 -31.37 17.87 1.70
C ALA K 93 -31.04 19.33 2.04
N LEU K 94 -31.12 19.67 3.34
CA LEU K 94 -30.82 21.00 3.83
C LEU K 94 -29.32 21.10 4.06
N GLU K 95 -28.62 21.80 3.17
CA GLU K 95 -27.16 21.93 3.21
C GLU K 95 -26.38 22.05 4.53
N ASN K 96 -26.95 22.65 5.57
CA ASN K 96 -26.25 22.77 6.84
C ASN K 96 -26.77 21.82 7.92
N ALA K 97 -27.58 20.86 7.49
CA ALA K 97 -28.14 19.83 8.38
C ALA K 97 -27.10 18.73 8.28
N PRO K 98 -26.60 18.27 9.41
CA PRO K 98 -25.58 17.22 9.37
C PRO K 98 -26.13 15.83 9.01
N ASP K 99 -25.23 14.99 8.48
CA ASP K 99 -25.60 13.64 8.12
C ASP K 99 -25.90 12.87 9.40
N LEU K 100 -26.92 12.01 9.39
CA LEU K 100 -27.24 11.28 10.62
C LEU K 100 -26.69 9.87 10.65
N SER K 101 -25.96 9.49 9.61
CA SER K 101 -25.42 8.15 9.51
C SER K 101 -24.68 7.67 10.75
N LEU K 102 -23.67 8.41 11.18
CA LEU K 102 -22.91 7.99 12.38
C LEU K 102 -23.12 8.94 13.56
N MET K 103 -24.23 9.67 13.53
CA MET K 103 -24.50 10.65 14.57
C MET K 103 -24.58 10.08 15.99
N ALA K 104 -25.16 8.89 16.18
CA ALA K 104 -25.20 8.38 17.53
C ALA K 104 -23.88 7.78 18.01
N LYS K 105 -22.79 8.13 17.32
CA LYS K 105 -21.47 7.57 17.64
C LYS K 105 -20.44 8.70 17.67
N ALA K 106 -20.82 9.79 17.01
CA ALA K 106 -20.01 11.00 16.89
C ALA K 106 -20.39 11.97 17.98
N ARG K 107 -20.95 11.47 19.06
CA ARG K 107 -21.36 12.32 20.17
C ARG K 107 -21.22 11.60 21.51
N ALA K 108 -20.71 12.35 22.49
CA ALA K 108 -20.53 11.86 23.86
C ALA K 108 -21.56 12.57 24.74
N GLY K 109 -22.20 11.80 25.62
CA GLY K 109 -23.20 12.35 26.50
C GLY K 109 -22.80 12.17 27.95
N PHE K 110 -21.77 11.36 28.15
CA PHE K 110 -21.25 11.12 29.49
C PHE K 110 -19.76 11.41 29.48
N HIS K 111 -19.41 12.55 30.07
CA HIS K 111 -18.03 13.02 30.14
C HIS K 111 -17.45 12.69 31.53
N GLY K 112 -16.38 11.90 31.56
CA GLY K 112 -15.75 11.51 32.81
C GLY K 112 -15.81 12.56 33.91
N PRO K 113 -15.85 12.15 35.20
CA PRO K 113 -15.91 13.09 36.34
C PRO K 113 -14.79 14.16 36.42
N MET K 114 -13.65 13.80 37.00
CA MET K 114 -12.50 14.72 37.14
C MET K 114 -11.79 14.87 35.77
N GLY K 115 -12.48 14.48 34.70
CA GLY K 115 -11.89 14.52 33.38
C GLY K 115 -11.12 13.21 33.29
N THR K 116 -11.53 12.25 34.14
CA THR K 116 -10.93 10.92 34.23
C THR K 116 -11.64 9.86 33.37
N GLY K 117 -12.71 10.27 32.68
CA GLY K 117 -13.46 9.36 31.83
C GLY K 117 -14.08 8.15 32.52
N ILE K 118 -14.16 8.19 33.85
CA ILE K 118 -14.72 7.06 34.59
C ILE K 118 -16.25 7.08 34.51
N SER K 119 -16.82 8.23 34.18
CA SER K 119 -18.27 8.33 34.05
C SER K 119 -18.72 7.72 32.73
N GLN K 120 -17.82 7.74 31.76
CA GLN K 120 -18.07 7.20 30.43
C GLN K 120 -17.91 5.66 30.48
N LEU K 121 -16.98 5.19 31.31
CA LEU K 121 -16.71 3.77 31.47
C LEU K 121 -17.92 3.01 32.00
N PHE K 122 -18.73 3.67 32.82
CA PHE K 122 -19.91 3.05 33.43
C PHE K 122 -21.25 3.45 32.80
N ASN K 123 -21.26 4.36 31.85
CA ASN K 123 -22.54 4.76 31.27
C ASN K 123 -22.55 4.78 29.75
N GLY K 124 -21.41 4.37 29.17
CA GLY K 124 -21.27 4.36 27.71
C GLY K 124 -20.94 5.74 27.17
N ILE K 125 -20.99 5.93 25.85
CA ILE K 125 -20.70 7.25 25.35
C ILE K 125 -21.94 8.15 25.32
N GLY K 126 -23.14 7.55 25.39
CA GLY K 126 -24.41 8.29 25.39
C GLY K 126 -24.82 9.09 24.14
N GLY K 127 -24.43 8.63 22.96
CA GLY K 127 -24.78 9.32 21.74
C GLY K 127 -26.28 9.32 21.48
N PRO K 128 -26.95 8.16 21.59
CA PRO K 128 -28.40 8.14 21.34
C PRO K 128 -29.11 9.01 22.38
N GLU K 129 -28.62 8.94 23.63
CA GLU K 129 -29.20 9.75 24.71
C GLU K 129 -29.12 11.20 24.27
N TYR K 130 -27.91 11.65 23.94
CA TYR K 130 -27.70 13.02 23.52
C TYR K 130 -28.68 13.41 22.42
N ILE K 131 -28.78 12.61 21.37
CA ILE K 131 -29.71 12.90 20.28
C ILE K 131 -31.14 12.99 20.82
N TYR K 132 -31.42 12.13 21.79
CA TYR K 132 -32.73 12.08 22.44
C TYR K 132 -33.03 13.45 23.07
N SER K 133 -32.08 13.90 23.88
CA SER K 133 -32.15 15.18 24.58
C SER K 133 -32.27 16.37 23.66
N VAL K 134 -31.51 16.37 22.57
CA VAL K 134 -31.59 17.49 21.65
C VAL K 134 -32.98 17.64 21.08
N LEU K 135 -33.66 16.51 20.90
CA LEU K 135 -34.99 16.51 20.33
C LEU K 135 -36.06 16.98 21.31
N THR K 136 -35.94 16.50 22.54
CA THR K 136 -36.84 16.79 23.64
C THR K 136 -36.30 17.97 24.45
N GLY K 137 -35.42 18.76 23.84
CA GLY K 137 -34.81 19.87 24.54
C GLY K 137 -35.14 21.28 24.06
N PHE K 138 -36.29 21.40 23.40
CA PHE K 138 -36.72 22.72 22.95
C PHE K 138 -37.76 23.22 23.96
N PRO K 139 -37.37 24.14 24.84
CA PRO K 139 -38.36 24.63 25.80
C PRO K 139 -39.24 25.68 25.11
N GLU K 140 -40.48 25.83 25.58
CA GLU K 140 -41.40 26.79 24.99
C GLU K 140 -40.91 28.23 25.08
N GLU K 141 -40.36 28.58 26.24
CA GLU K 141 -39.88 29.94 26.47
C GLU K 141 -38.38 30.09 26.72
N PRO K 142 -37.74 31.04 26.02
CA PRO K 142 -36.31 31.32 26.13
C PRO K 142 -35.99 31.67 27.57
N PRO K 143 -34.71 31.54 27.98
CA PRO K 143 -34.42 31.89 29.38
C PRO K 143 -34.65 33.40 29.52
N LYS K 144 -35.29 33.81 30.62
CA LYS K 144 -35.58 35.23 30.85
C LYS K 144 -34.39 36.03 30.33
N CYS K 145 -33.19 35.48 30.49
CA CYS K 145 -32.00 36.17 30.02
C CYS K 145 -32.14 36.75 28.61
N ALA K 146 -32.08 35.85 27.64
CA ALA K 146 -32.14 36.24 26.24
C ALA K 146 -33.43 36.89 25.81
N GLU K 147 -34.27 37.28 26.75
CA GLU K 147 -35.52 37.91 26.39
C GLU K 147 -35.22 39.14 25.53
N GLY K 148 -35.56 39.08 24.26
CA GLY K 148 -35.32 40.20 23.35
C GLY K 148 -33.97 40.24 22.65
N HIS K 149 -32.99 39.55 23.22
CA HIS K 149 -31.64 39.49 22.66
C HIS K 149 -31.47 38.13 21.95
N GLU K 150 -32.60 37.54 21.55
CA GLU K 150 -32.62 36.22 20.89
C GLU K 150 -32.10 36.22 19.44
N PRO K 151 -31.01 35.49 19.14
CA PRO K 151 -30.52 35.48 17.76
C PRO K 151 -31.62 35.00 16.81
N ASP K 152 -31.79 35.71 15.69
CA ASP K 152 -32.83 35.36 14.72
C ASP K 152 -32.54 34.14 13.84
N GLY K 153 -33.47 33.18 13.84
CA GLY K 153 -33.29 31.97 13.05
C GLY K 153 -32.76 30.79 13.84
N PHE K 154 -32.46 31.04 15.10
CA PHE K 154 -31.96 30.01 15.99
C PHE K 154 -32.98 29.79 17.08
N TYR K 155 -32.86 28.67 17.77
CA TYR K 155 -33.80 28.30 18.80
C TYR K 155 -33.02 27.80 20.00
N TYR K 156 -33.52 28.10 21.18
CA TYR K 156 -32.83 27.66 22.39
C TYR K 156 -33.07 26.18 22.57
N ASN K 157 -32.00 25.49 22.99
CA ASN K 157 -32.07 24.06 23.21
C ASN K 157 -31.34 23.74 24.50
N ARG K 158 -32.07 23.18 25.45
CA ARG K 158 -31.49 22.86 26.74
C ARG K 158 -30.40 21.76 26.79
N ALA K 159 -30.09 21.12 25.66
CA ALA K 159 -29.05 20.07 25.63
C ALA K 159 -27.89 20.41 24.70
N PHE K 160 -28.22 21.11 23.62
CA PHE K 160 -27.23 21.51 22.64
C PHE K 160 -26.19 22.34 23.35
N GLN K 161 -24.92 22.12 23.03
CA GLN K 161 -23.89 22.86 23.73
C GLN K 161 -22.96 23.69 22.91
N ASN K 162 -22.93 23.48 21.60
CA ASN K 162 -21.99 24.22 20.76
C ASN K 162 -22.61 25.34 19.94
N GLY K 163 -23.69 25.91 20.45
CA GLY K 163 -24.34 26.99 19.73
C GLY K 163 -23.88 28.33 20.24
N SER K 164 -24.44 29.37 19.64
CA SER K 164 -24.13 30.73 20.06
C SER K 164 -25.07 31.14 21.22
N VAL K 165 -24.60 32.01 22.10
CA VAL K 165 -25.41 32.48 23.23
C VAL K 165 -25.35 34.01 23.33
N PRO K 166 -26.51 34.67 23.48
CA PRO K 166 -26.62 36.14 23.58
C PRO K 166 -25.59 36.67 24.58
N ASP K 167 -25.11 37.89 24.31
CA ASP K 167 -24.10 38.53 25.17
C ASP K 167 -24.64 38.63 26.59
N THR K 168 -25.96 38.80 26.68
CA THR K 168 -26.64 38.95 27.96
C THR K 168 -26.73 37.69 28.85
N CYS K 169 -26.36 36.51 28.33
CA CYS K 169 -26.42 35.27 29.15
C CYS K 169 -25.03 34.78 29.54
N LYS K 170 -24.03 35.59 29.19
CA LYS K 170 -22.63 35.30 29.50
C LYS K 170 -22.34 35.97 30.85
N ASP K 171 -21.54 35.33 31.70
CA ASP K 171 -21.20 35.94 32.99
C ASP K 171 -19.97 36.83 32.83
N ALA K 172 -19.38 37.18 33.97
CA ALA K 172 -18.20 38.05 34.05
C ALA K 172 -16.99 37.61 33.20
N ASN K 173 -16.86 36.31 32.96
CA ASN K 173 -15.72 35.81 32.20
C ASN K 173 -16.00 35.43 30.76
N GLY K 174 -17.27 35.42 30.36
CA GLY K 174 -17.59 35.04 29.00
C GLY K 174 -18.38 33.73 28.95
N VAL K 175 -18.23 32.92 30.02
CA VAL K 175 -18.93 31.64 30.19
C VAL K 175 -20.45 31.86 30.10
N LYS K 176 -21.16 30.98 29.38
CA LYS K 176 -22.61 31.12 29.25
C LYS K 176 -23.28 30.71 30.56
N THR K 177 -24.42 31.33 30.85
CA THR K 177 -25.15 31.06 32.08
C THR K 177 -26.33 30.12 31.82
N THR K 178 -26.65 29.91 30.53
CA THR K 178 -27.76 29.05 30.11
C THR K 178 -27.37 27.60 29.90
N ALA K 179 -28.19 26.71 30.46
CA ALA K 179 -27.95 25.27 30.39
C ALA K 179 -27.57 24.80 28.99
N GLY K 180 -28.22 25.40 27.99
CA GLY K 180 -27.98 25.02 26.62
C GLY K 180 -27.44 26.11 25.73
N SER K 181 -27.62 25.89 24.43
CA SER K 181 -27.14 26.79 23.39
C SER K 181 -28.24 27.03 22.38
N TRP K 182 -27.86 27.67 21.27
CA TRP K 182 -28.82 28.02 20.24
C TRP K 182 -28.51 27.34 18.90
N ILE K 183 -29.28 26.29 18.58
CA ILE K 183 -29.13 25.51 17.34
C ILE K 183 -29.89 26.21 16.25
N ALA K 184 -29.56 25.83 15.01
CA ALA K 184 -30.20 26.37 13.83
C ALA K 184 -31.31 25.40 13.40
N MET K 185 -31.58 24.39 14.22
CA MET K 185 -32.61 23.40 13.92
C MET K 185 -33.95 23.64 14.59
N PRO K 186 -34.92 24.23 13.88
CA PRO K 186 -36.23 24.47 14.49
C PRO K 186 -36.78 23.17 15.04
N PRO K 187 -37.26 23.18 16.30
CA PRO K 187 -37.81 21.96 16.91
C PRO K 187 -38.63 21.18 15.89
N PRO K 188 -38.18 19.97 15.52
CA PRO K 188 -38.80 19.05 14.54
C PRO K 188 -40.01 18.26 15.01
N LEU K 189 -40.06 17.93 16.28
CA LEU K 189 -41.18 17.15 16.78
C LEU K 189 -42.27 17.98 17.43
N MET K 190 -43.44 17.34 17.61
CA MET K 190 -44.63 17.89 18.25
C MET K 190 -45.51 16.66 18.35
N ASP K 191 -46.28 16.56 19.42
CA ASP K 191 -47.11 15.38 19.60
C ASP K 191 -47.89 14.92 18.39
N ASP K 192 -47.86 13.61 18.17
CA ASP K 192 -48.54 12.94 17.07
C ASP K 192 -48.38 13.56 15.69
N LEU K 193 -47.12 13.79 15.30
CA LEU K 193 -46.76 14.37 13.99
C LEU K 193 -46.63 13.17 13.05
N VAL K 194 -46.55 12.00 13.66
CA VAL K 194 -46.41 10.75 12.95
C VAL K 194 -47.44 9.79 13.55
N GLU K 195 -48.08 8.99 12.72
CA GLU K 195 -49.08 8.08 13.24
C GLU K 195 -48.78 6.62 12.96
N TYR K 196 -48.07 6.01 13.90
CA TYR K 196 -47.67 4.62 13.79
C TYR K 196 -48.87 3.78 13.45
N ALA K 197 -48.67 2.81 12.56
CA ALA K 197 -49.73 1.91 12.12
C ALA K 197 -50.57 1.35 13.27
N ASP K 198 -49.91 0.67 14.20
CA ASP K 198 -50.57 0.06 15.34
C ASP K 198 -51.09 1.03 16.42
N GLY K 199 -51.07 2.33 16.14
CA GLY K 199 -51.57 3.32 17.09
C GLY K 199 -50.69 3.71 18.28
N HIS K 200 -49.56 3.02 18.44
CA HIS K 200 -48.60 3.27 19.53
C HIS K 200 -48.45 4.79 19.68
N ASP K 201 -48.27 5.28 20.91
CA ASP K 201 -48.20 6.74 21.14
C ASP K 201 -47.13 7.51 20.40
N ALA K 202 -47.52 8.67 19.89
CA ALA K 202 -46.62 9.53 19.15
C ALA K 202 -46.32 10.78 19.95
N SER K 203 -46.06 10.59 21.23
CA SER K 203 -45.73 11.71 22.10
C SER K 203 -44.31 12.10 21.73
N VAL K 204 -44.03 13.39 21.64
CA VAL K 204 -42.68 13.84 21.30
C VAL K 204 -41.67 13.11 22.15
N HIS K 205 -42.11 12.56 23.28
CA HIS K 205 -41.20 11.81 24.13
C HIS K 205 -40.85 10.48 23.47
N ALA K 206 -41.87 9.75 23.03
CA ALA K 206 -41.65 8.43 22.42
C ALA K 206 -40.99 8.54 21.06
N MET K 207 -41.55 9.39 20.20
CA MET K 207 -40.96 9.56 18.87
C MET K 207 -39.46 9.79 18.97
N ALA K 208 -39.07 10.81 19.73
CA ALA K 208 -37.66 11.12 19.91
C ALA K 208 -36.85 9.94 20.44
N GLU K 209 -37.47 9.10 21.27
CA GLU K 209 -36.80 7.93 21.84
C GLU K 209 -36.63 6.86 20.79
N ASP K 210 -37.60 6.78 19.88
CA ASP K 210 -37.53 5.78 18.82
C ASP K 210 -36.49 6.15 17.74
N VAL K 211 -36.56 7.37 17.20
CA VAL K 211 -35.64 7.82 16.16
C VAL K 211 -34.24 7.69 16.68
N SER K 212 -34.10 7.66 17.99
CA SER K 212 -32.78 7.53 18.59
C SER K 212 -32.32 6.10 18.48
N ALA K 213 -33.19 5.16 18.83
CA ALA K 213 -32.81 3.76 18.72
C ALA K 213 -32.52 3.48 17.23
N PHE K 214 -33.33 4.04 16.35
CA PHE K 214 -33.09 3.86 14.93
C PHE K 214 -31.73 4.46 14.56
N LEU K 215 -31.53 5.74 14.88
CA LEU K 215 -30.26 6.39 14.56
C LEU K 215 -29.06 5.66 15.19
N MET K 216 -29.30 4.95 16.28
CA MET K 216 -28.24 4.22 16.94
C MET K 216 -27.89 3.09 16.01
N TRP K 217 -28.90 2.32 15.60
CA TRP K 217 -28.69 1.22 14.67
C TRP K 217 -28.13 1.75 13.34
N ALA K 218 -28.64 2.87 12.83
CA ALA K 218 -28.14 3.36 11.57
C ALA K 218 -26.62 3.49 11.62
N ALA K 219 -26.09 3.85 12.78
CA ALA K 219 -24.63 4.02 12.94
C ALA K 219 -23.90 2.74 13.31
N GLU K 220 -24.52 1.93 14.17
CA GLU K 220 -23.93 0.68 14.60
C GLU K 220 -24.74 -0.59 14.22
N PRO K 221 -24.99 -0.85 12.91
CA PRO K 221 -25.76 -2.01 12.45
C PRO K 221 -25.28 -3.35 12.98
N LYS K 222 -23.97 -3.51 13.13
CA LYS K 222 -23.43 -4.76 13.63
C LYS K 222 -23.27 -4.74 15.16
N LEU K 223 -24.18 -4.05 15.85
CA LEU K 223 -24.11 -3.95 17.30
C LEU K 223 -24.29 -5.35 17.88
N MET K 224 -25.37 -6.02 17.50
CA MET K 224 -25.63 -7.35 18.03
C MET K 224 -24.60 -8.36 17.62
N ALA K 225 -24.20 -8.30 16.35
CA ALA K 225 -23.17 -9.20 15.84
C ALA K 225 -21.91 -9.07 16.70
N ARG K 226 -21.51 -7.82 16.93
CA ARG K 226 -20.32 -7.46 17.69
C ARG K 226 -20.37 -8.02 19.11
N LYS K 227 -21.54 -7.92 19.72
CA LYS K 227 -21.72 -8.41 21.08
C LYS K 227 -21.70 -9.94 21.18
N GLN K 228 -22.27 -10.62 20.18
CA GLN K 228 -22.26 -12.08 20.17
C GLN K 228 -20.80 -12.48 19.97
N ALA K 229 -20.11 -11.78 19.08
CA ALA K 229 -18.70 -12.06 18.86
C ALA K 229 -17.99 -11.83 20.20
N GLY K 230 -18.47 -10.85 20.96
CA GLY K 230 -17.85 -10.55 22.23
C GLY K 230 -17.86 -11.75 23.15
N PHE K 231 -19.05 -12.24 23.44
CA PHE K 231 -19.24 -13.41 24.32
C PHE K 231 -18.33 -14.55 23.96
N THR K 232 -18.50 -15.02 22.74
CA THR K 232 -17.73 -16.12 22.21
C THR K 232 -16.26 -15.94 22.55
N ALA K 233 -15.66 -14.84 22.12
CA ALA K 233 -14.25 -14.58 22.39
C ALA K 233 -13.94 -14.74 23.89
N VAL K 234 -14.87 -14.31 24.73
CA VAL K 234 -14.69 -14.41 26.18
C VAL K 234 -14.80 -15.85 26.71
N MET K 235 -15.71 -16.65 26.16
CA MET K 235 -15.85 -18.04 26.58
C MET K 235 -14.56 -18.78 26.19
N PHE K 236 -14.24 -18.76 24.89
CA PHE K 236 -13.02 -19.39 24.38
C PHE K 236 -11.86 -19.09 25.31
N LEU K 237 -11.76 -17.81 25.67
CA LEU K 237 -10.67 -17.32 26.50
C LEU K 237 -10.80 -17.55 27.99
N THR K 238 -12.01 -17.63 28.51
CA THR K 238 -12.16 -17.89 29.93
C THR K 238 -11.78 -19.35 30.14
N VAL K 239 -12.07 -20.19 29.15
CA VAL K 239 -11.73 -21.60 29.22
C VAL K 239 -10.23 -21.77 29.02
N LEU K 240 -9.75 -21.36 27.85
CA LEU K 240 -8.33 -21.48 27.51
C LEU K 240 -7.40 -20.92 28.60
N SER K 241 -7.93 -19.98 29.40
CA SER K 241 -7.16 -19.37 30.47
C SER K 241 -7.11 -20.33 31.65
N VAL K 242 -8.27 -20.79 32.08
CA VAL K 242 -8.35 -21.74 33.18
C VAL K 242 -7.46 -22.94 32.84
N LEU K 243 -7.59 -23.48 31.63
CA LEU K 243 -6.76 -24.61 31.24
C LEU K 243 -5.27 -24.25 31.23
N LEU K 244 -4.93 -23.13 30.57
CA LEU K 244 -3.54 -22.68 30.49
C LEU K 244 -2.97 -22.42 31.87
N TYR K 245 -3.87 -22.13 32.80
CA TYR K 245 -3.51 -21.87 34.17
C TYR K 245 -3.04 -23.14 34.83
N LEU K 246 -3.89 -24.17 34.77
CA LEU K 246 -3.61 -25.49 35.33
C LEU K 246 -2.35 -26.07 34.71
N THR K 247 -2.28 -26.02 33.39
CA THR K 247 -1.09 -26.51 32.71
C THR K 247 0.16 -25.82 33.28
N ASN K 248 -0.01 -24.56 33.69
CA ASN K 248 1.10 -23.79 34.24
C ASN K 248 1.40 -24.28 35.65
N LYS K 249 0.40 -24.16 36.53
CA LYS K 249 0.51 -24.59 37.94
C LYS K 249 1.07 -26.00 38.06
N ARG K 250 0.49 -26.94 37.31
CA ARG K 250 0.90 -28.34 37.34
C ARG K 250 2.10 -28.61 36.42
N LEU K 251 3.05 -27.69 36.42
CA LEU K 251 4.25 -27.80 35.60
C LEU K 251 5.40 -27.16 36.35
N TRP K 252 5.08 -26.08 37.07
CA TRP K 252 6.06 -25.39 37.90
C TRP K 252 6.08 -26.15 39.21
N ALA K 253 5.07 -27.00 39.36
CA ALA K 253 4.94 -27.83 40.54
C ALA K 253 6.22 -28.67 40.63
N GLY K 254 6.80 -28.99 39.47
CA GLY K 254 8.02 -29.77 39.43
C GLY K 254 9.29 -28.94 39.52
N VAL K 255 9.25 -27.86 40.30
CA VAL K 255 10.40 -26.97 40.50
C VAL K 255 10.29 -26.28 41.86
N LYS K 256 9.20 -25.52 42.05
CA LYS K 256 8.89 -24.78 43.28
C LYS K 256 7.62 -25.35 43.95
N GLY L 9 -1.24 -44.71 33.80
CA GLY L 9 -0.76 -43.45 33.19
C GLY L 9 -1.01 -42.23 34.06
N THR L 10 -1.44 -41.13 33.44
CA THR L 10 -1.72 -39.89 34.16
C THR L 10 -2.90 -39.11 33.57
N ARG L 11 -3.47 -38.21 34.38
CA ARG L 11 -4.58 -37.35 33.96
C ARG L 11 -3.95 -36.00 33.61
N ARG L 12 -2.61 -35.96 33.72
CA ARG L 12 -1.78 -34.79 33.43
C ARG L 12 -1.48 -34.81 31.92
N ASP L 13 -1.43 -36.01 31.35
CA ASP L 13 -1.19 -36.16 29.93
C ASP L 13 -2.47 -35.76 29.20
N PHE L 14 -3.59 -35.78 29.92
CA PHE L 14 -4.89 -35.38 29.36
C PHE L 14 -4.96 -33.87 29.31
N LEU L 15 -4.61 -33.21 30.41
CA LEU L 15 -4.63 -31.74 30.49
C LEU L 15 -3.78 -31.12 29.37
N TYR L 16 -2.57 -31.65 29.18
CA TYR L 16 -1.68 -31.15 28.13
C TYR L 16 -2.25 -31.39 26.74
N TYR L 17 -3.50 -31.82 26.70
CA TYR L 17 -4.18 -32.06 25.43
C TYR L 17 -5.45 -31.27 25.43
N ALA L 18 -6.13 -31.26 26.56
CA ALA L 18 -7.37 -30.49 26.68
C ALA L 18 -6.99 -29.03 26.47
N THR L 19 -5.72 -28.74 26.79
CA THR L 19 -5.16 -27.40 26.64
C THR L 19 -4.77 -27.16 25.20
N ALA L 20 -3.75 -27.85 24.72
CA ALA L 20 -3.30 -27.69 23.34
C ALA L 20 -4.50 -27.79 22.41
N GLY L 21 -5.54 -28.48 22.87
CA GLY L 21 -6.74 -28.66 22.07
C GLY L 21 -7.54 -27.37 21.99
N ALA L 22 -7.93 -26.85 23.15
CA ALA L 22 -8.69 -25.60 23.22
C ALA L 22 -7.94 -24.48 22.51
N GLY L 23 -6.61 -24.58 22.52
CA GLY L 23 -5.77 -23.59 21.86
C GLY L 23 -6.05 -23.64 20.37
N ALA L 24 -5.83 -24.80 19.77
CA ALA L 24 -6.08 -24.98 18.34
C ALA L 24 -7.50 -24.59 17.90
N VAL L 25 -8.46 -24.62 18.84
CA VAL L 25 -9.85 -24.23 18.51
C VAL L 25 -9.93 -22.74 18.31
N ALA L 26 -9.28 -22.00 19.22
CA ALA L 26 -9.24 -20.54 19.15
C ALA L 26 -8.50 -20.13 17.87
N THR L 27 -7.26 -20.57 17.71
CA THR L 27 -6.48 -20.26 16.52
C THR L 27 -7.29 -20.45 15.23
N GLY L 28 -8.17 -21.44 15.23
CA GLY L 28 -8.99 -21.67 14.06
C GLY L 28 -10.05 -20.59 13.95
N ALA L 29 -10.74 -20.34 15.05
CA ALA L 29 -11.80 -19.31 15.07
C ALA L 29 -11.26 -17.93 14.69
N ALA L 30 -9.93 -17.78 14.80
CA ALA L 30 -9.23 -16.55 14.45
C ALA L 30 -8.96 -16.53 12.94
N VAL L 31 -8.30 -17.58 12.47
CA VAL L 31 -8.00 -17.74 11.07
C VAL L 31 -9.25 -17.71 10.17
N TRP L 32 -10.34 -18.33 10.59
CA TRP L 32 -11.49 -18.32 9.71
C TRP L 32 -11.92 -16.95 9.16
N PRO L 33 -12.30 -16.02 10.06
CA PRO L 33 -12.73 -14.67 9.64
C PRO L 33 -11.69 -13.89 8.81
N LEU L 34 -10.41 -14.26 8.97
CA LEU L 34 -9.32 -13.64 8.22
C LEU L 34 -9.38 -14.13 6.79
N ILE L 35 -10.07 -15.25 6.59
CA ILE L 35 -10.24 -15.85 5.27
C ILE L 35 -11.62 -15.41 4.76
N ASN L 36 -12.62 -15.61 5.58
CA ASN L 36 -13.94 -15.25 5.16
C ASN L 36 -14.14 -13.79 4.76
N GLN L 37 -13.33 -12.89 5.29
CA GLN L 37 -13.51 -11.49 4.93
C GLN L 37 -13.31 -11.23 3.42
N MET L 38 -12.59 -12.14 2.75
CA MET L 38 -12.36 -11.99 1.33
C MET L 38 -13.51 -12.44 0.47
N ASN L 39 -14.48 -13.12 1.06
CA ASN L 39 -15.63 -13.55 0.29
C ASN L 39 -16.49 -12.35 -0.02
N PRO L 40 -17.37 -12.49 -1.01
CA PRO L 40 -18.25 -11.39 -1.41
C PRO L 40 -18.90 -10.65 -0.23
N SER L 41 -18.77 -9.32 -0.22
CA SER L 41 -19.34 -8.50 0.82
C SER L 41 -20.81 -8.28 0.57
N ALA L 42 -21.49 -7.74 1.56
CA ALA L 42 -22.93 -7.49 1.46
C ALA L 42 -23.33 -6.69 0.24
N ASP L 43 -22.46 -5.80 -0.22
CA ASP L 43 -22.75 -4.96 -1.37
C ASP L 43 -22.81 -5.70 -2.69
N VAL L 44 -21.85 -6.59 -2.94
CA VAL L 44 -21.83 -7.33 -4.19
C VAL L 44 -22.86 -8.44 -4.12
N GLN L 45 -23.06 -9.01 -2.93
CA GLN L 45 -24.06 -10.06 -2.86
C GLN L 45 -25.46 -9.48 -3.01
N ALA L 46 -25.60 -8.17 -2.96
CA ALA L 46 -26.90 -7.54 -3.06
C ALA L 46 -27.31 -7.25 -4.48
N LEU L 47 -26.43 -7.54 -5.43
CA LEU L 47 -26.74 -7.28 -6.85
C LEU L 47 -27.92 -8.17 -7.27
N ALA L 48 -28.88 -7.61 -8.00
CA ALA L 48 -30.08 -8.36 -8.39
C ALA L 48 -30.33 -8.77 -9.85
N SER L 49 -31.02 -7.90 -10.58
CA SER L 49 -31.37 -8.13 -11.99
C SER L 49 -31.39 -6.82 -12.77
N ILE L 50 -31.54 -6.90 -14.11
CA ILE L 50 -31.56 -5.70 -14.94
C ILE L 50 -32.47 -5.86 -16.12
N PHE L 51 -32.82 -4.74 -16.76
CA PHE L 51 -33.69 -4.76 -17.92
C PHE L 51 -33.01 -4.15 -19.13
N VAL L 52 -33.03 -4.86 -20.25
CA VAL L 52 -32.38 -4.38 -21.46
C VAL L 52 -33.37 -4.04 -22.56
N ASP L 53 -33.12 -2.92 -23.23
CA ASP L 53 -33.96 -2.44 -24.31
C ASP L 53 -33.40 -2.93 -25.64
N VAL L 54 -34.17 -3.73 -26.37
CA VAL L 54 -33.73 -4.26 -27.65
C VAL L 54 -34.43 -3.68 -28.86
N SER L 55 -34.82 -2.41 -28.76
CA SER L 55 -35.52 -1.71 -29.84
C SER L 55 -34.73 -1.58 -31.12
N SER L 56 -33.50 -1.09 -30.98
CA SER L 56 -32.59 -0.88 -32.10
C SER L 56 -31.90 -2.15 -32.66
N VAL L 57 -31.85 -3.20 -31.87
CA VAL L 57 -31.20 -4.42 -32.30
C VAL L 57 -31.72 -4.91 -33.65
N GLU L 58 -30.95 -4.60 -34.68
CA GLU L 58 -31.24 -4.98 -36.05
C GLU L 58 -30.80 -6.44 -36.17
N PRO L 59 -31.38 -7.22 -37.10
CA PRO L 59 -30.88 -8.59 -37.17
C PRO L 59 -29.46 -8.55 -37.75
N GLY L 60 -28.56 -9.27 -37.10
CA GLY L 60 -27.17 -9.30 -37.52
C GLY L 60 -26.31 -8.53 -36.53
N VAL L 61 -26.98 -7.88 -35.59
CA VAL L 61 -26.32 -7.08 -34.57
C VAL L 61 -26.26 -7.70 -33.19
N GLN L 62 -25.12 -7.47 -32.55
CA GLN L 62 -24.93 -7.99 -31.21
C GLN L 62 -24.88 -6.83 -30.25
N LEU L 63 -25.56 -7.00 -29.13
CA LEU L 63 -25.63 -5.99 -28.13
C LEU L 63 -24.85 -6.47 -26.93
N THR L 64 -23.79 -5.79 -26.52
CA THR L 64 -23.06 -6.25 -25.34
C THR L 64 -23.39 -5.39 -24.15
N VAL L 65 -23.79 -6.04 -23.07
CA VAL L 65 -24.22 -5.39 -21.85
C VAL L 65 -23.48 -5.93 -20.64
N LYS L 66 -23.27 -5.09 -19.64
CA LYS L 66 -22.60 -5.58 -18.44
C LYS L 66 -23.70 -6.00 -17.47
N PHE L 67 -23.48 -7.08 -16.76
CA PHE L 67 -24.44 -7.57 -15.77
C PHE L 67 -23.62 -8.40 -14.80
N LEU L 68 -23.66 -8.09 -13.52
CA LEU L 68 -22.85 -8.81 -12.52
C LEU L 68 -21.34 -8.78 -12.81
N GLY L 69 -20.91 -7.72 -13.49
CA GLY L 69 -19.51 -7.52 -13.80
C GLY L 69 -18.94 -8.23 -15.00
N LYS L 70 -19.73 -9.10 -15.60
CA LYS L 70 -19.31 -9.89 -16.78
C LYS L 70 -20.13 -9.39 -17.96
N PRO L 71 -19.71 -9.63 -19.20
CA PRO L 71 -20.52 -9.12 -20.32
C PRO L 71 -21.64 -10.10 -20.73
N ILE L 72 -22.73 -9.58 -21.26
CA ILE L 72 -23.79 -10.45 -21.69
C ILE L 72 -24.15 -10.08 -23.11
N PHE L 73 -24.07 -11.06 -24.00
CA PHE L 73 -24.35 -10.87 -25.41
C PHE L 73 -25.82 -11.06 -25.75
N ILE L 74 -26.30 -10.21 -26.66
CA ILE L 74 -27.68 -10.26 -27.16
C ILE L 74 -27.59 -10.07 -28.66
N ARG L 75 -27.68 -11.18 -29.37
CA ARG L 75 -27.59 -11.11 -30.80
C ARG L 75 -28.94 -11.36 -31.38
N ARG L 76 -29.25 -10.64 -32.45
CA ARG L 76 -30.51 -10.86 -33.13
C ARG L 76 -29.96 -11.52 -34.37
N ARG L 77 -30.11 -12.84 -34.45
CA ARG L 77 -29.55 -13.62 -35.54
C ARG L 77 -30.20 -13.48 -36.91
N THR L 78 -29.34 -13.62 -37.92
CA THR L 78 -29.74 -13.57 -39.31
C THR L 78 -30.26 -14.94 -39.69
N GLU L 79 -30.77 -15.09 -40.91
CA GLU L 79 -31.25 -16.40 -41.34
C GLU L 79 -30.05 -17.33 -41.46
N ALA L 80 -28.97 -16.81 -42.03
CA ALA L 80 -27.74 -17.58 -42.21
C ALA L 80 -27.32 -18.15 -40.87
N ASP L 81 -27.34 -17.27 -39.87
CA ASP L 81 -26.94 -17.62 -38.52
C ASP L 81 -27.80 -18.78 -38.04
N ILE L 82 -29.12 -18.64 -38.14
CA ILE L 82 -30.01 -19.70 -37.66
C ILE L 82 -29.92 -20.96 -38.49
N GLU L 83 -29.52 -20.79 -39.75
CA GLU L 83 -29.36 -21.91 -40.68
C GLU L 83 -28.36 -22.92 -40.11
N LEU L 84 -27.11 -22.48 -39.95
CA LEU L 84 -26.08 -23.33 -39.42
C LEU L 84 -26.40 -23.85 -38.02
N GLY L 85 -27.05 -23.04 -37.21
CA GLY L 85 -27.31 -23.49 -35.87
C GLY L 85 -28.08 -24.78 -35.90
N ARG L 86 -29.08 -24.79 -36.77
CA ARG L 86 -29.98 -25.91 -36.93
C ARG L 86 -29.43 -27.05 -37.78
N SER L 87 -28.33 -26.80 -38.48
CA SER L 87 -27.73 -27.83 -39.31
C SER L 87 -26.83 -28.81 -38.53
N VAL L 88 -26.73 -28.69 -37.21
CA VAL L 88 -25.82 -29.58 -36.50
C VAL L 88 -26.42 -30.68 -35.65
N GLN L 89 -25.82 -31.86 -35.76
CA GLN L 89 -26.30 -33.02 -35.03
C GLN L 89 -25.79 -32.94 -33.63
N LEU L 90 -26.67 -33.21 -32.69
CA LEU L 90 -26.32 -33.20 -31.28
C LEU L 90 -25.03 -33.96 -31.14
N GLY L 91 -24.76 -34.82 -32.11
CA GLY L 91 -23.57 -35.63 -32.02
C GLY L 91 -22.27 -34.96 -32.38
N GLN L 92 -22.34 -33.89 -33.15
CA GLN L 92 -21.12 -33.21 -33.57
C GLN L 92 -20.70 -32.09 -32.62
N LEU L 93 -21.37 -32.01 -31.48
CA LEU L 93 -21.05 -30.98 -30.52
C LEU L 93 -20.01 -31.47 -29.52
N VAL L 94 -19.16 -30.57 -29.03
CA VAL L 94 -18.18 -30.95 -28.01
C VAL L 94 -19.01 -31.07 -26.70
N ASP L 95 -19.87 -30.09 -26.42
CA ASP L 95 -20.74 -30.14 -25.22
C ASP L 95 -22.17 -30.33 -25.68
N THR L 96 -22.89 -31.19 -25.00
CA THR L 96 -24.25 -31.48 -25.39
C THR L 96 -25.34 -30.84 -24.57
N ASN L 97 -25.00 -30.34 -23.38
CA ASN L 97 -25.97 -29.68 -22.54
C ASN L 97 -26.34 -28.30 -23.09
N ALA L 98 -27.60 -27.91 -22.93
CA ALA L 98 -28.07 -26.64 -23.44
C ALA L 98 -27.41 -25.53 -22.70
N ARG L 99 -27.03 -25.80 -21.46
CA ARG L 99 -26.40 -24.81 -20.60
C ARG L 99 -27.36 -23.62 -20.56
N ASN L 100 -28.65 -23.91 -20.62
CA ASN L 100 -29.66 -22.87 -20.59
C ASN L 100 -30.41 -22.85 -19.27
N ALA L 101 -30.34 -21.73 -18.57
CA ALA L 101 -30.97 -21.60 -17.26
C ALA L 101 -32.48 -21.39 -17.30
N ASN L 102 -33.01 -21.20 -18.49
CA ASN L 102 -34.44 -21.01 -18.61
C ASN L 102 -35.15 -22.35 -18.72
N ILE L 103 -34.53 -23.28 -19.45
CA ILE L 103 -35.02 -24.63 -19.69
C ILE L 103 -34.61 -25.55 -18.54
N ASP L 104 -34.87 -26.84 -18.69
CA ASP L 104 -34.46 -27.81 -17.69
C ASP L 104 -32.94 -27.94 -17.79
N ALA L 105 -32.33 -28.31 -16.68
CA ALA L 105 -30.89 -28.45 -16.59
C ALA L 105 -30.35 -29.56 -17.47
N GLY L 106 -31.25 -30.43 -17.94
CA GLY L 106 -30.83 -31.53 -18.79
C GLY L 106 -31.09 -31.39 -20.29
N ALA L 107 -31.63 -30.25 -20.71
CA ALA L 107 -31.94 -29.99 -22.10
C ALA L 107 -30.79 -30.40 -23.01
N GLU L 108 -31.03 -30.41 -24.30
CA GLU L 108 -30.03 -30.82 -25.27
C GLU L 108 -29.62 -29.60 -26.10
N ALA L 109 -28.35 -29.52 -26.44
CA ALA L 109 -27.82 -28.38 -27.18
C ALA L 109 -28.32 -28.16 -28.62
N THR L 110 -29.63 -28.22 -28.78
CA THR L 110 -30.20 -27.99 -30.10
C THR L 110 -30.35 -26.46 -30.31
N ASP L 111 -30.00 -25.92 -31.48
CA ASP L 111 -30.16 -24.47 -31.71
C ASP L 111 -31.51 -23.94 -31.12
N GLN L 112 -32.53 -24.77 -31.17
CA GLN L 112 -33.87 -24.45 -30.69
C GLN L 112 -33.88 -24.20 -29.17
N ASN L 113 -32.91 -24.78 -28.46
CA ASN L 113 -32.74 -24.66 -27.01
C ASN L 113 -31.65 -23.70 -26.55
N ARG L 114 -31.18 -22.88 -27.47
CA ARG L 114 -30.12 -21.91 -27.19
C ARG L 114 -30.71 -20.51 -27.34
N THR L 115 -31.81 -20.44 -28.09
CA THR L 115 -32.50 -19.18 -28.35
C THR L 115 -33.64 -18.99 -27.36
N LEU L 116 -34.09 -17.74 -27.24
CA LEU L 116 -35.17 -17.40 -26.34
C LEU L 116 -36.54 -17.58 -26.99
N ASP L 117 -36.60 -17.33 -28.29
CA ASP L 117 -37.85 -17.43 -29.01
C ASP L 117 -37.98 -18.77 -29.72
N GLU L 118 -39.18 -19.03 -30.24
CA GLU L 118 -39.45 -20.27 -30.99
C GLU L 118 -38.75 -20.11 -32.34
N ALA L 119 -38.94 -18.93 -32.92
CA ALA L 119 -38.37 -18.57 -34.21
C ALA L 119 -36.85 -18.66 -34.22
N GLY L 120 -36.23 -18.59 -33.04
CA GLY L 120 -34.78 -18.67 -32.93
C GLY L 120 -33.95 -17.47 -33.34
N GLU L 121 -34.57 -16.29 -33.34
CA GLU L 121 -33.90 -15.06 -33.73
C GLU L 121 -33.16 -14.36 -32.57
N TRP L 122 -33.52 -14.70 -31.34
CA TRP L 122 -32.93 -14.09 -30.15
C TRP L 122 -31.97 -14.95 -29.31
N LEU L 123 -30.66 -14.78 -29.54
CA LEU L 123 -29.66 -15.52 -28.77
C LEU L 123 -29.11 -14.65 -27.60
N VAL L 124 -29.37 -15.08 -26.37
CA VAL L 124 -28.93 -14.32 -25.21
C VAL L 124 -28.06 -15.23 -24.35
N MET L 125 -26.78 -14.89 -24.22
CA MET L 125 -25.85 -15.70 -23.42
C MET L 125 -24.72 -14.86 -22.83
N TRP L 126 -24.09 -15.42 -21.82
CA TRP L 126 -22.98 -14.80 -21.15
C TRP L 126 -21.78 -14.72 -22.11
N GLY L 127 -21.31 -13.53 -22.43
CA GLY L 127 -20.15 -13.43 -23.31
C GLY L 127 -18.89 -13.78 -22.52
N VAL L 128 -18.93 -14.87 -21.78
CA VAL L 128 -17.82 -15.27 -20.94
C VAL L 128 -17.24 -16.63 -21.25
N CYS L 129 -16.29 -16.69 -22.18
CA CYS L 129 -15.67 -17.96 -22.57
C CYS L 129 -15.61 -18.92 -21.38
N THR L 130 -15.92 -20.20 -21.60
CA THR L 130 -15.91 -21.17 -20.49
C THR L 130 -14.57 -21.77 -20.17
N HIS L 131 -13.55 -21.34 -20.92
CA HIS L 131 -12.22 -21.84 -20.63
C HIS L 131 -11.64 -21.15 -19.40
N LEU L 132 -11.24 -19.88 -19.56
CA LEU L 132 -10.68 -19.12 -18.47
C LEU L 132 -11.32 -17.73 -18.29
N GLY L 133 -12.38 -17.44 -19.04
CA GLY L 133 -13.04 -16.17 -18.82
C GLY L 133 -13.08 -15.04 -19.82
N CYS L 134 -12.28 -15.00 -20.87
CA CYS L 134 -12.35 -13.85 -21.75
C CYS L 134 -13.73 -13.63 -22.37
N SER L 135 -13.91 -12.51 -23.03
CA SER L 135 -15.17 -12.24 -23.67
C SER L 135 -14.85 -12.48 -25.14
N PRO L 136 -15.28 -13.64 -25.68
CA PRO L 136 -15.02 -13.99 -27.09
C PRO L 136 -15.60 -13.01 -28.12
N ILE L 137 -14.87 -12.84 -29.22
CA ILE L 137 -15.22 -11.91 -30.28
C ILE L 137 -16.29 -12.47 -31.17
N GLY L 138 -17.23 -11.61 -31.57
CA GLY L 138 -18.31 -12.05 -32.42
C GLY L 138 -18.36 -11.37 -33.77
N GLY L 139 -19.55 -11.27 -34.34
CA GLY L 139 -19.67 -10.67 -35.66
C GLY L 139 -19.23 -11.75 -36.63
N VAL L 140 -19.62 -12.98 -36.28
CA VAL L 140 -19.27 -14.11 -37.09
C VAL L 140 -17.74 -14.18 -37.20
N SER L 141 -17.16 -14.85 -36.21
CA SER L 141 -15.73 -15.03 -36.11
C SER L 141 -15.40 -16.44 -35.71
N GLY L 142 -14.30 -16.94 -36.27
CA GLY L 142 -13.88 -18.29 -35.96
C GLY L 142 -14.13 -19.22 -37.12
N ASP L 143 -13.89 -20.50 -36.90
CA ASP L 143 -14.09 -21.48 -37.96
C ASP L 143 -15.48 -22.10 -37.92
N PHE L 144 -16.44 -21.44 -37.24
CA PHE L 144 -17.81 -21.97 -37.13
C PHE L 144 -18.88 -20.90 -37.14
N GLY L 145 -18.58 -19.78 -37.81
CA GLY L 145 -19.52 -18.67 -37.91
C GLY L 145 -20.20 -18.26 -36.61
N GLY L 146 -19.42 -18.20 -35.52
CA GLY L 146 -19.92 -17.80 -34.21
C GLY L 146 -19.06 -16.75 -33.54
N TRP L 147 -18.39 -17.18 -32.47
CA TRP L 147 -17.50 -16.33 -31.72
C TRP L 147 -16.15 -16.98 -31.59
N PHE L 148 -15.12 -16.15 -31.58
CA PHE L 148 -13.75 -16.63 -31.37
C PHE L 148 -13.09 -16.06 -30.10
N CYS L 149 -12.68 -16.91 -29.16
CA CYS L 149 -12.06 -16.41 -27.95
C CYS L 149 -10.57 -16.22 -28.21
N PRO L 150 -10.11 -14.97 -28.22
CA PRO L 150 -8.71 -14.62 -28.48
C PRO L 150 -7.67 -15.05 -27.47
N CYS L 151 -8.13 -15.35 -26.27
CA CYS L 151 -7.22 -15.75 -25.21
C CYS L 151 -6.49 -17.06 -25.45
N HIS L 152 -7.23 -18.15 -25.75
CA HIS L 152 -6.58 -19.43 -26.05
C HIS L 152 -7.13 -20.19 -27.26
N GLY L 153 -7.83 -19.47 -28.13
CA GLY L 153 -8.35 -20.06 -29.34
C GLY L 153 -9.52 -20.99 -29.26
N SER L 154 -10.57 -20.59 -28.56
CA SER L 154 -11.75 -21.43 -28.50
C SER L 154 -12.74 -20.87 -29.52
N HIS L 155 -13.38 -21.77 -30.29
CA HIS L 155 -14.37 -21.37 -31.27
C HIS L 155 -15.76 -21.78 -30.84
N TYR L 156 -16.71 -20.89 -31.08
CA TYR L 156 -18.08 -21.16 -30.76
C TYR L 156 -18.83 -20.90 -32.04
N ASP L 157 -19.90 -21.66 -32.25
CA ASP L 157 -20.75 -21.55 -33.44
C ASP L 157 -21.83 -20.50 -33.26
N SER L 158 -22.65 -20.37 -34.30
CA SER L 158 -23.74 -19.43 -34.30
C SER L 158 -24.80 -19.58 -33.20
N ALA L 159 -24.67 -20.60 -32.35
CA ALA L 159 -25.64 -20.81 -31.27
C ALA L 159 -24.89 -20.73 -29.96
N GLY L 160 -23.61 -20.40 -30.09
CA GLY L 160 -22.76 -20.22 -28.93
C GLY L 160 -22.31 -21.50 -28.30
N ARG L 161 -22.27 -22.56 -29.10
CA ARG L 161 -21.81 -23.85 -28.62
C ARG L 161 -20.34 -23.97 -28.93
N ILE L 162 -19.60 -24.60 -28.02
CA ILE L 162 -18.16 -24.78 -28.17
C ILE L 162 -17.96 -25.87 -29.20
N ARG L 163 -17.04 -25.61 -30.12
CA ARG L 163 -16.76 -26.51 -31.21
C ARG L 163 -15.28 -26.75 -31.48
N LYS L 164 -14.40 -26.22 -30.64
CA LYS L 164 -12.94 -26.34 -30.86
C LYS L 164 -12.10 -25.48 -29.92
N GLY L 165 -11.18 -26.09 -29.20
CA GLY L 165 -10.36 -25.31 -28.31
C GLY L 165 -10.47 -25.90 -26.93
N PRO L 166 -9.84 -25.24 -25.92
CA PRO L 166 -9.80 -25.63 -24.49
C PRO L 166 -11.13 -25.49 -23.76
N ALA L 167 -11.94 -24.52 -24.19
CA ALA L 167 -13.25 -24.29 -23.59
C ALA L 167 -13.96 -25.63 -23.49
N PRO L 168 -14.51 -25.94 -22.32
CA PRO L 168 -15.18 -27.21 -22.17
C PRO L 168 -16.69 -27.22 -22.32
N GLU L 169 -17.37 -26.09 -22.17
CA GLU L 169 -18.81 -26.12 -22.32
C GLU L 169 -19.28 -25.06 -23.29
N ASN L 170 -20.58 -24.95 -23.47
CA ASN L 170 -21.10 -23.91 -24.37
C ASN L 170 -21.30 -22.65 -23.51
N LEU L 171 -21.38 -21.47 -24.15
CA LEU L 171 -21.60 -20.23 -23.39
C LEU L 171 -22.93 -20.43 -22.68
N PRO L 172 -23.01 -20.09 -21.38
CA PRO L 172 -24.27 -20.27 -20.67
C PRO L 172 -25.31 -19.24 -21.00
N ILE L 173 -26.57 -19.64 -20.93
CA ILE L 173 -27.67 -18.71 -21.16
C ILE L 173 -28.15 -18.47 -19.74
N PRO L 174 -28.29 -17.20 -19.36
CA PRO L 174 -28.73 -16.78 -18.03
C PRO L 174 -30.23 -16.66 -17.97
N LEU L 175 -30.80 -16.57 -16.78
CA LEU L 175 -32.24 -16.39 -16.68
C LEU L 175 -32.59 -15.15 -17.50
N ALA L 176 -33.30 -15.33 -18.59
CA ALA L 176 -33.70 -14.19 -19.43
C ALA L 176 -35.11 -14.45 -19.96
N LYS L 177 -35.80 -13.38 -20.36
CA LYS L 177 -37.15 -13.51 -20.87
C LYS L 177 -37.73 -12.20 -21.27
N PHE L 178 -38.36 -12.16 -22.42
CA PHE L 178 -38.97 -10.91 -22.86
C PHE L 178 -40.13 -10.60 -21.90
N ILE L 179 -40.14 -9.38 -21.35
CA ILE L 179 -41.24 -9.00 -20.46
C ILE L 179 -42.18 -8.04 -21.19
N ASP L 180 -41.96 -7.91 -22.49
CA ASP L 180 -42.78 -7.09 -23.38
C ASP L 180 -42.14 -7.20 -24.77
N GLU L 181 -42.75 -6.57 -25.78
CA GLU L 181 -42.24 -6.66 -27.16
C GLU L 181 -40.83 -6.13 -27.49
N THR L 182 -40.27 -5.29 -26.63
CA THR L 182 -38.96 -4.74 -26.88
C THR L 182 -37.98 -4.80 -25.70
N THR L 183 -38.35 -5.50 -24.65
CA THR L 183 -37.49 -5.57 -23.49
C THR L 183 -37.26 -6.96 -22.90
N ILE L 184 -35.98 -7.30 -22.72
CA ILE L 184 -35.58 -8.58 -22.15
C ILE L 184 -35.15 -8.31 -20.73
N GLN L 185 -35.41 -9.20 -19.80
CA GLN L 185 -34.95 -8.95 -18.46
C GLN L 185 -34.05 -10.08 -17.93
N LEU L 186 -32.75 -9.80 -17.97
CA LEU L 186 -31.73 -10.74 -17.51
C LEU L 186 -31.77 -10.85 -16.00
N GLY L 187 -31.40 -12.01 -15.47
CA GLY L 187 -31.42 -12.22 -14.03
C GLY L 187 -32.83 -12.09 -13.54
N GLY M 3 49.58 40.08 72.76
CA GLY M 3 50.13 38.70 72.93
C GLY M 3 51.57 38.52 72.48
N ILE M 4 52.25 39.61 72.11
CA ILE M 4 53.65 39.56 71.65
C ILE M 4 54.59 39.98 72.80
N PRO M 5 55.72 39.28 72.99
CA PRO M 5 56.71 39.55 74.05
C PRO M 5 57.63 40.78 73.88
N HIS M 6 57.59 41.68 74.86
CA HIS M 6 58.44 42.90 74.89
C HIS M 6 58.66 43.47 76.31
N ASP M 7 59.53 44.48 76.40
CA ASP M 7 59.84 45.15 77.67
C ASP M 7 58.68 46.10 77.94
N HIS M 8 58.21 46.16 79.17
CA HIS M 8 57.10 47.04 79.48
C HIS M 8 57.55 48.40 80.02
N TYR M 9 56.67 49.04 80.79
CA TYR M 9 56.96 50.36 81.33
C TYR M 9 57.90 50.44 82.53
N GLU M 10 58.73 51.48 82.53
CA GLU M 10 59.70 51.69 83.60
C GLU M 10 59.71 53.16 84.07
N PRO M 11 59.15 53.42 85.27
CA PRO M 11 59.12 54.80 85.79
C PRO M 11 60.55 55.32 86.01
N ARG M 12 60.85 56.48 85.42
CA ARG M 12 62.17 57.10 85.52
C ARG M 12 62.24 58.28 86.49
N THR M 13 61.71 59.42 86.09
CA THR M 13 61.69 60.62 86.92
C THR M 13 60.91 60.37 88.21
N GLY M 14 60.77 61.40 89.04
CA GLY M 14 60.03 61.27 90.28
C GLY M 14 58.55 61.45 89.99
N ILE M 15 58.25 62.44 89.15
CA ILE M 15 56.86 62.72 88.77
C ILE M 15 56.25 61.43 88.22
N GLU M 16 57.07 60.64 87.54
CA GLU M 16 56.61 59.39 86.98
C GLU M 16 56.35 58.33 88.05
N LYS M 17 57.25 58.25 89.03
CA LYS M 17 57.10 57.24 90.07
C LYS M 17 55.92 57.62 90.95
N TRP M 18 55.72 58.92 91.13
CA TRP M 18 54.63 59.44 91.96
C TRP M 18 53.31 59.07 91.32
N LEU M 19 53.20 59.42 90.05
CA LEU M 19 52.01 59.20 89.25
C LEU M 19 51.71 57.73 89.05
N HIS M 20 52.75 56.93 88.90
CA HIS M 20 52.55 55.51 88.67
C HIS M 20 51.96 54.71 89.84
N SER M 21 52.33 55.07 91.06
CA SER M 21 51.81 54.35 92.22
C SER M 21 50.38 54.73 92.56
N ARG M 22 49.83 55.66 91.78
CA ARG M 22 48.46 56.13 92.01
C ARG M 22 47.52 55.86 90.85
N LEU M 23 47.98 56.16 89.64
CA LEU M 23 47.20 55.95 88.42
C LEU M 23 48.17 55.76 87.25
N PRO M 24 48.34 54.51 86.78
CA PRO M 24 49.26 54.23 85.67
C PRO M 24 48.78 54.64 84.26
N ILE M 25 48.37 55.90 84.07
CA ILE M 25 47.93 56.36 82.75
C ILE M 25 49.12 56.33 81.83
N VAL M 26 50.28 56.72 82.35
CA VAL M 26 51.51 56.74 81.56
C VAL M 26 51.89 55.31 81.17
N ALA M 27 51.80 54.40 82.14
CA ALA M 27 52.12 52.99 81.89
C ALA M 27 51.31 52.47 80.70
N LEU M 28 50.00 52.38 80.87
CA LEU M 28 49.12 51.91 79.81
C LEU M 28 49.33 52.61 78.46
N ALA M 29 49.53 53.93 78.47
CA ALA M 29 49.74 54.65 77.22
C ALA M 29 51.02 54.22 76.55
N TYR M 30 51.96 53.68 77.33
CA TYR M 30 53.24 53.20 76.82
C TYR M 30 53.06 51.82 76.16
N ASP M 31 52.48 50.88 76.91
CA ASP M 31 52.26 49.55 76.38
C ASP M 31 51.42 49.62 75.10
N THR M 32 50.68 50.72 74.93
CA THR M 32 49.83 50.92 73.76
C THR M 32 50.62 51.49 72.60
N ILE M 33 51.52 52.42 72.89
CA ILE M 33 52.29 53.01 71.83
C ILE M 33 53.53 52.23 71.44
N MET M 34 53.86 51.21 72.23
CA MET M 34 55.04 50.40 71.97
C MET M 34 54.76 48.99 71.47
N ILE M 35 53.48 48.64 71.35
CA ILE M 35 53.10 47.30 70.90
C ILE M 35 53.90 46.93 69.64
N PRO M 36 54.50 45.73 69.62
CA PRO M 36 55.28 45.30 68.47
C PRO M 36 54.34 44.91 67.31
N THR M 37 54.64 45.42 66.13
CA THR M 37 53.80 45.09 64.99
C THR M 37 54.62 44.62 63.78
N PRO M 38 54.09 43.66 63.02
CA PRO M 38 54.75 43.11 61.83
C PRO M 38 55.59 44.12 61.04
N ARG M 39 56.79 43.70 60.65
CA ARG M 39 57.71 44.54 59.89
C ARG M 39 57.21 44.87 58.49
N ASN M 40 56.50 43.93 57.89
CA ASN M 40 55.93 44.08 56.54
C ASN M 40 54.51 44.56 56.73
N LEU M 41 54.18 45.70 56.15
CA LEU M 41 52.83 46.25 56.27
C LEU M 41 52.79 47.31 55.20
N ASN M 42 52.09 47.01 54.11
CA ASN M 42 52.04 47.96 53.01
C ASN M 42 51.08 49.11 53.23
N TRP M 43 51.16 50.06 52.30
CA TRP M 43 50.34 51.25 52.29
C TRP M 43 48.86 50.98 52.62
N MET M 44 48.42 49.72 52.55
CA MET M 44 47.03 49.39 52.84
C MET M 44 46.69 49.35 54.33
N TRP M 45 47.70 49.53 55.17
CA TRP M 45 47.47 49.51 56.61
C TRP M 45 47.31 50.92 57.19
N ILE M 46 47.40 51.93 56.34
CA ILE M 46 47.28 53.29 56.83
C ILE M 46 45.84 53.77 56.93
N TRP M 47 44.89 53.06 56.34
CA TRP M 47 43.51 53.52 56.40
C TRP M 47 42.90 53.55 57.80
N GLY M 48 43.45 52.73 58.70
CA GLY M 48 42.95 52.73 60.07
C GLY M 48 43.16 54.11 60.70
N VAL M 49 44.34 54.68 60.49
CA VAL M 49 44.66 56.00 60.99
C VAL M 49 43.80 57.03 60.28
N VAL M 50 43.81 57.03 58.95
CA VAL M 50 43.01 58.02 58.23
C VAL M 50 41.60 58.08 58.78
N LEU M 51 41.09 56.94 59.21
CA LEU M 51 39.74 56.89 59.76
C LEU M 51 39.71 57.59 61.12
N ALA M 52 40.65 57.25 62.01
CA ALA M 52 40.71 57.91 63.32
C ALA M 52 40.68 59.43 63.13
N PHE M 53 41.63 59.94 62.32
CA PHE M 53 41.71 61.35 62.03
C PHE M 53 40.38 61.93 61.57
N CYS M 54 39.72 61.25 60.64
CA CYS M 54 38.43 61.71 60.12
C CYS M 54 37.39 61.84 61.20
N LEU M 55 37.35 60.85 62.10
CA LEU M 55 36.41 60.85 63.20
C LEU M 55 36.64 62.11 64.07
N VAL M 56 37.91 62.44 64.34
CA VAL M 56 38.24 63.62 65.11
C VAL M 56 37.89 64.86 64.29
N LEU M 57 38.37 64.93 63.04
CA LEU M 57 38.07 66.08 62.20
C LEU M 57 36.56 66.36 62.17
N GLN M 58 35.79 65.31 61.93
CA GLN M 58 34.33 65.45 61.88
C GLN M 58 33.76 65.97 63.18
N ILE M 59 34.18 65.36 64.28
CA ILE M 59 33.67 65.81 65.57
C ILE M 59 34.02 67.26 65.92
N VAL M 60 35.28 67.70 65.76
CA VAL M 60 35.53 69.09 66.11
C VAL M 60 34.81 70.06 65.17
N THR M 61 34.97 69.88 63.87
CA THR M 61 34.29 70.79 62.95
C THR M 61 32.79 70.74 63.16
N GLY M 62 32.35 69.63 63.75
CA GLY M 62 30.93 69.43 64.02
C GLY M 62 30.45 70.33 65.12
N ILE M 63 31.07 70.18 66.29
CA ILE M 63 30.73 70.97 67.47
C ILE M 63 30.73 72.44 67.06
N VAL M 64 31.77 72.84 66.35
CA VAL M 64 31.87 74.20 65.86
C VAL M 64 30.63 74.57 65.03
N LEU M 65 30.30 73.73 64.05
CA LEU M 65 29.15 74.01 63.22
C LEU M 65 27.85 74.03 64.00
N ALA M 66 27.77 73.21 65.04
CA ALA M 66 26.57 73.14 65.85
C ALA M 66 26.34 74.43 66.62
N MET M 67 27.42 75.19 66.77
CA MET M 67 27.37 76.46 67.46
C MET M 67 26.69 77.59 66.69
N HIS M 68 26.48 77.37 65.38
CA HIS M 68 25.89 78.38 64.50
C HIS M 68 24.65 77.93 63.77
N TYR M 69 24.42 76.63 63.79
CA TYR M 69 23.28 76.01 63.11
C TYR M 69 22.03 75.95 63.99
N THR M 70 20.87 76.28 63.44
CA THR M 70 19.65 76.16 64.23
C THR M 70 18.74 75.07 63.60
N PRO M 71 18.45 74.00 64.37
CA PRO M 71 17.61 72.91 63.88
C PRO M 71 16.13 73.19 63.90
N HIS M 72 15.73 73.99 62.94
CA HIS M 72 14.33 74.28 62.82
C HIS M 72 14.09 74.61 61.38
N VAL M 73 13.13 73.89 60.85
CA VAL M 73 12.69 73.98 59.47
C VAL M 73 12.77 75.40 58.86
N ASP M 74 12.27 76.41 59.57
CA ASP M 74 12.26 77.79 59.09
C ASP M 74 13.62 78.50 59.07
N LEU M 75 14.56 78.05 59.88
CA LEU M 75 15.85 78.72 59.91
C LEU M 75 17.01 77.81 59.51
N ALA M 76 16.77 76.51 59.55
CA ALA M 76 17.78 75.52 59.24
C ALA M 76 18.59 75.80 57.98
N PHE M 77 17.94 75.92 56.84
CA PHE M 77 18.68 76.16 55.61
C PHE M 77 19.42 77.47 55.67
N ALA M 78 18.68 78.54 56.01
CA ALA M 78 19.23 79.89 56.11
C ALA M 78 20.46 79.92 57.01
N SER M 79 20.32 79.26 58.17
CA SER M 79 21.37 79.17 59.15
C SER M 79 22.68 78.65 58.55
N VAL M 80 22.56 77.72 57.63
CA VAL M 80 23.76 77.16 57.04
C VAL M 80 24.36 78.12 56.03
N GLU M 81 23.52 78.96 55.44
CA GLU M 81 24.02 79.91 54.45
C GLU M 81 24.70 81.02 55.24
N HIS M 82 24.20 81.21 56.45
CA HIS M 82 24.76 82.18 57.37
C HIS M 82 26.16 81.68 57.74
N ILE M 83 26.26 80.43 58.19
CA ILE M 83 27.54 79.85 58.52
C ILE M 83 28.52 80.01 57.37
N MET M 84 27.98 80.19 56.17
CA MET M 84 28.82 80.29 54.99
C MET M 84 29.33 81.68 54.70
N ARG M 85 28.43 82.65 54.82
CA ARG M 85 28.69 84.05 54.52
C ARG M 85 29.19 84.96 55.67
N ASN M 86 28.73 84.66 56.89
CA ASN M 86 29.07 85.44 58.06
C ASN M 86 30.09 84.85 59.00
N VAL M 87 29.78 83.70 59.58
CA VAL M 87 30.70 83.06 60.52
C VAL M 87 32.15 83.06 60.00
N ASN M 88 33.04 83.50 60.87
CA ASN M 88 34.46 83.58 60.54
C ASN M 88 34.97 82.24 60.10
N GLY M 89 35.27 82.13 58.81
CA GLY M 89 35.79 80.89 58.27
C GLY M 89 34.76 79.78 58.17
N GLY M 90 33.51 80.15 58.37
CA GLY M 90 32.43 79.19 58.29
C GLY M 90 32.48 78.47 56.96
N PHE M 91 32.48 79.26 55.89
CA PHE M 91 32.52 78.72 54.54
C PHE M 91 33.53 77.57 54.42
N MET M 92 34.68 77.66 55.07
CA MET M 92 35.68 76.60 55.00
C MET M 92 35.51 75.49 56.03
N LEU M 93 34.72 75.72 57.06
CA LEU M 93 34.48 74.71 58.08
C LEU M 93 33.33 73.84 57.60
N ARG M 94 32.37 74.47 56.94
CA ARG M 94 31.21 73.78 56.38
C ARG M 94 31.72 72.75 55.36
N TYR M 95 32.48 73.23 54.37
CA TYR M 95 33.05 72.37 53.35
C TYR M 95 33.91 71.27 53.93
N LEU M 96 34.64 71.56 54.99
CA LEU M 96 35.47 70.51 55.58
C LEU M 96 34.63 69.41 56.21
N HIS M 97 33.51 69.79 56.82
CA HIS M 97 32.65 68.81 57.48
C HIS M 97 31.99 67.91 56.46
N ALA M 98 31.54 68.53 55.35
CA ALA M 98 30.85 67.85 54.25
C ALA M 98 31.79 66.90 53.51
N ASN M 99 32.92 67.40 52.99
CA ASN M 99 33.85 66.51 52.31
C ASN M 99 34.52 65.59 53.34
N GLY M 100 34.36 65.91 54.61
CA GLY M 100 34.94 65.07 55.63
C GLY M 100 34.20 63.76 55.58
N ALA M 101 32.88 63.82 55.39
CA ALA M 101 32.05 62.63 55.32
C ALA M 101 32.58 61.76 54.18
N SER M 102 32.76 62.38 53.00
CA SER M 102 33.29 61.68 51.83
C SER M 102 34.57 60.96 52.21
N LEU M 103 35.62 61.71 52.52
CA LEU M 103 36.89 61.09 52.89
C LEU M 103 36.67 60.00 53.94
N PHE M 104 35.73 60.24 54.86
CA PHE M 104 35.45 59.26 55.89
C PHE M 104 35.05 57.90 55.26
N PHE M 105 34.20 57.96 54.23
CA PHE M 105 33.78 56.72 53.55
C PHE M 105 34.84 56.16 52.61
N ILE M 106 35.39 56.98 51.71
CA ILE M 106 36.45 56.47 50.83
C ILE M 106 37.50 55.72 51.66
N ALA M 107 37.65 56.13 52.91
CA ALA M 107 38.62 55.49 53.79
C ALA M 107 38.07 54.18 54.36
N VAL M 108 36.84 54.22 54.87
CA VAL M 108 36.28 53.02 55.43
C VAL M 108 36.13 51.89 54.37
N TYR M 109 35.92 52.23 53.09
CA TYR M 109 35.80 51.19 52.06
C TYR M 109 37.17 50.60 51.79
N LEU M 110 38.19 51.44 51.60
CA LEU M 110 39.57 50.96 51.40
C LEU M 110 39.98 50.15 52.62
N HIS M 111 39.59 50.63 53.78
CA HIS M 111 39.89 49.96 55.03
C HIS M 111 39.20 48.58 54.99
N ILE M 112 37.91 48.54 54.62
CA ILE M 112 37.13 47.27 54.56
C ILE M 112 37.66 46.24 53.55
N PHE M 113 37.88 46.67 52.32
CA PHE M 113 38.41 45.77 51.28
C PHE M 113 39.78 45.23 51.63
N ARG M 114 40.60 46.06 52.27
CA ARG M 114 41.91 45.61 52.72
C ARG M 114 41.65 44.39 53.61
N GLY M 115 40.62 44.51 54.45
CA GLY M 115 40.26 43.44 55.35
C GLY M 115 39.84 42.17 54.63
N LEU M 116 38.88 42.29 53.68
CA LEU M 116 38.35 41.15 52.90
C LEU M 116 39.44 40.31 52.22
N TYR M 117 40.42 41.01 51.65
CA TYR M 117 41.54 40.39 50.95
C TYR M 117 42.55 39.66 51.84
N TYR M 118 43.02 40.30 52.90
CA TYR M 118 44.01 39.65 53.77
C TYR M 118 43.46 38.83 54.90
N GLY M 119 42.15 38.55 54.88
CA GLY M 119 41.56 37.71 55.92
C GLY M 119 41.70 38.27 57.33
N SER M 120 41.65 39.60 57.40
CA SER M 120 41.76 40.27 58.67
C SER M 120 40.52 39.99 59.51
N TYR M 121 39.52 39.39 58.88
CA TYR M 121 38.26 39.05 59.55
C TYR M 121 38.26 37.61 60.04
N LYS M 122 39.17 36.80 59.50
CA LYS M 122 39.21 35.42 59.93
C LYS M 122 39.95 35.34 61.25
N ALA M 123 39.39 34.51 62.12
CA ALA M 123 39.91 34.27 63.45
C ALA M 123 41.41 34.42 63.56
N PRO M 124 41.90 34.91 64.71
CA PRO M 124 41.11 35.29 65.89
C PRO M 124 40.44 36.68 65.81
N ARG M 125 40.69 37.40 64.73
CA ARG M 125 40.14 38.74 64.56
C ARG M 125 38.65 38.82 64.26
N GLU M 126 37.89 37.83 64.70
CA GLU M 126 36.46 37.84 64.42
C GLU M 126 35.68 38.94 65.17
N VAL M 127 36.19 39.34 66.33
CA VAL M 127 35.49 40.38 67.07
C VAL M 127 35.84 41.75 66.50
N THR M 128 37.12 41.95 66.17
CA THR M 128 37.53 43.23 65.60
C THR M 128 36.56 43.54 64.43
N TRP M 129 36.26 42.49 63.66
CA TRP M 129 35.41 42.58 62.48
C TRP M 129 33.97 42.98 62.75
N ILE M 130 33.33 42.32 63.71
CA ILE M 130 31.96 42.66 64.07
C ILE M 130 31.86 44.08 64.65
N VAL M 131 32.79 44.46 65.53
CA VAL M 131 32.79 45.80 66.11
C VAL M 131 32.98 46.80 64.97
N GLY M 132 33.93 46.52 64.10
CA GLY M 132 34.10 47.43 62.97
C GLY M 132 32.79 47.53 62.19
N MET M 133 32.10 46.40 62.07
CA MET M 133 30.84 46.34 61.32
C MET M 133 29.77 47.26 61.93
N LEU M 134 29.71 47.28 63.26
CA LEU M 134 28.78 48.13 63.98
C LEU M 134 29.13 49.58 63.68
N ILE M 135 30.43 49.88 63.77
CA ILE M 135 30.92 51.21 63.50
C ILE M 135 30.47 51.67 62.12
N TYR M 136 30.53 50.75 61.16
CA TYR M 136 30.11 51.03 59.80
C TYR M 136 28.62 51.40 59.70
N LEU M 137 27.79 50.64 60.40
CA LEU M 137 26.36 50.89 60.39
C LEU M 137 26.07 52.28 60.97
N ALA M 138 26.74 52.58 62.09
CA ALA M 138 26.60 53.86 62.80
C ALA M 138 27.05 55.00 61.90
N MET M 139 28.16 54.80 61.21
CA MET M 139 28.66 55.81 60.32
C MET M 139 27.61 56.27 59.35
N MET M 140 26.97 55.31 58.68
CA MET M 140 25.91 55.64 57.71
C MET M 140 24.73 56.32 58.42
N ALA M 141 24.25 55.69 59.50
CA ALA M 141 23.14 56.28 60.23
C ALA M 141 23.45 57.76 60.47
N THR M 142 24.67 58.04 60.95
CA THR M 142 25.08 59.40 61.20
C THR M 142 25.07 60.24 59.93
N ALA M 143 25.93 59.86 58.99
CA ALA M 143 26.09 60.53 57.71
C ALA M 143 24.77 60.86 57.06
N PHE M 144 23.74 60.12 57.44
CA PHE M 144 22.44 60.33 56.86
C PHE M 144 21.80 61.56 57.49
N MET M 145 21.61 61.48 58.80
CA MET M 145 21.00 62.52 59.59
C MET M 145 21.69 63.84 59.34
N GLY M 146 23.02 63.81 59.25
CA GLY M 146 23.76 65.03 59.00
C GLY M 146 23.24 65.68 57.72
N TYR M 147 23.25 64.91 56.62
CA TYR M 147 22.80 65.39 55.32
C TYR M 147 21.37 65.96 55.38
N VAL M 148 20.58 65.53 56.35
CA VAL M 148 19.21 66.04 56.43
C VAL M 148 19.19 67.45 56.97
N LEU M 149 20.14 67.74 57.87
CA LEU M 149 20.25 69.03 58.54
C LEU M 149 20.22 70.28 57.68
N PRO M 150 20.95 70.32 56.56
CA PRO M 150 20.87 71.57 55.79
C PRO M 150 19.48 71.87 55.29
N TRP M 151 18.63 70.85 55.27
CA TRP M 151 17.23 71.00 54.81
C TRP M 151 17.09 71.54 53.35
N GLY M 152 17.83 70.91 52.44
CA GLY M 152 17.77 71.27 51.04
C GLY M 152 16.88 70.23 50.41
N GLN M 153 16.87 70.16 49.07
CA GLN M 153 16.00 69.18 48.41
C GLN M 153 16.39 67.74 48.72
N MET M 154 17.66 67.39 48.49
CA MET M 154 18.09 66.04 48.80
C MET M 154 17.81 65.73 50.27
N SER M 155 18.12 66.69 51.13
CA SER M 155 17.91 66.54 52.57
C SER M 155 16.50 66.08 52.87
N PHE M 156 15.52 66.85 52.37
CA PHE M 156 14.14 66.57 52.63
C PHE M 156 13.64 65.27 52.12
N TRP M 157 13.95 64.94 50.86
CA TRP M 157 13.49 63.69 50.26
C TRP M 157 14.28 62.44 50.68
N GLY M 158 15.59 62.60 50.87
CA GLY M 158 16.37 61.48 51.35
C GLY M 158 15.80 61.12 52.73
N ALA M 159 15.40 62.15 53.48
CA ALA M 159 14.82 61.93 54.80
C ALA M 159 13.49 61.20 54.64
N THR M 160 12.77 61.54 53.57
CA THR M 160 11.47 60.92 53.28
C THR M 160 11.63 59.44 52.93
N VAL M 161 12.56 59.16 52.02
CA VAL M 161 12.86 57.82 51.54
C VAL M 161 13.51 56.91 52.61
N ILE M 162 14.53 57.41 53.32
CA ILE M 162 15.17 56.57 54.32
C ILE M 162 14.23 56.23 55.48
N THR M 163 13.41 57.17 55.91
CA THR M 163 12.48 56.81 56.98
C THR M 163 11.43 55.89 56.34
N GLY M 164 11.34 55.92 55.02
CA GLY M 164 10.40 55.06 54.30
C GLY M 164 10.75 53.57 54.39
N LEU M 165 12.04 53.27 54.31
CA LEU M 165 12.52 51.91 54.42
C LEU M 165 11.90 51.20 55.64
N PHE M 166 11.58 51.93 56.69
CA PHE M 166 11.03 51.28 57.87
C PHE M 166 9.56 51.05 57.71
N GLY M 167 8.99 51.76 56.73
CA GLY M 167 7.57 51.60 56.41
C GLY M 167 7.40 50.27 55.68
N ALA M 168 8.51 49.74 55.17
CA ALA M 168 8.53 48.49 54.45
C ALA M 168 8.40 47.27 55.36
N ILE M 169 8.87 47.36 56.60
CA ILE M 169 8.76 46.22 57.51
C ILE M 169 7.28 45.86 57.65
N PRO M 170 6.96 44.58 57.39
CA PRO M 170 5.59 44.05 57.46
C PRO M 170 4.95 44.21 58.85
N GLY M 171 3.70 44.65 58.89
CA GLY M 171 3.01 44.82 60.17
C GLY M 171 3.39 46.04 61.03
N ILE M 172 4.46 45.91 61.82
CA ILE M 172 4.94 46.99 62.67
C ILE M 172 5.39 48.20 61.86
N GLY M 173 6.00 47.93 60.71
CA GLY M 173 6.48 48.98 59.83
C GLY M 173 5.87 50.37 59.80
N HIS M 174 4.53 50.54 59.80
CA HIS M 174 4.00 51.90 59.77
C HIS M 174 4.20 52.58 61.12
N SER M 175 4.21 51.77 62.18
CA SER M 175 4.45 52.31 63.53
C SER M 175 5.88 52.80 63.64
N ILE M 176 6.82 51.93 63.32
CA ILE M 176 8.24 52.27 63.35
C ILE M 176 8.46 53.57 62.59
N GLN M 177 7.75 53.76 61.49
CA GLN M 177 7.91 54.97 60.71
C GLN M 177 7.28 56.20 61.33
N THR M 178 6.03 56.12 61.76
CA THR M 178 5.40 57.28 62.42
C THR M 178 6.28 57.78 63.57
N TRP M 179 6.74 56.84 64.41
CA TRP M 179 7.63 57.12 65.54
C TRP M 179 8.91 57.85 65.08
N LEU M 180 9.58 57.34 64.06
CA LEU M 180 10.77 58.00 63.55
C LEU M 180 10.49 59.43 63.11
N LEU M 181 9.35 59.63 62.46
CA LEU M 181 8.99 60.94 61.95
C LEU M 181 8.36 61.83 62.97
N GLY M 182 7.90 61.25 64.05
CA GLY M 182 7.26 62.05 65.08
C GLY M 182 5.98 62.71 64.55
N GLY M 183 5.56 62.28 63.37
CA GLY M 183 4.34 62.80 62.78
C GLY M 183 3.88 62.04 61.53
N PRO M 184 2.98 62.64 60.73
CA PRO M 184 2.49 61.99 59.53
C PRO M 184 3.35 62.27 58.31
N ALA M 185 4.46 62.97 58.50
CA ALA M 185 5.33 63.29 57.37
C ALA M 185 6.66 63.81 57.86
N VAL M 186 7.67 63.79 56.99
CA VAL M 186 8.95 64.34 57.38
C VAL M 186 8.71 65.84 57.56
N ASP M 187 8.79 66.30 58.80
CA ASP M 187 8.57 67.70 59.14
C ASP M 187 9.61 68.14 60.20
N ASN M 188 9.40 69.33 60.80
CA ASN M 188 10.29 69.87 61.81
C ASN M 188 10.55 68.84 62.92
N ALA M 189 9.48 68.30 63.49
CA ALA M 189 9.67 67.36 64.58
C ALA M 189 10.71 66.32 64.24
N THR M 190 10.93 66.08 62.95
CA THR M 190 11.87 65.07 62.47
C THR M 190 13.25 65.68 62.45
N LEU M 191 13.36 66.81 61.75
CA LEU M 191 14.61 67.60 61.64
C LEU M 191 15.27 67.79 63.03
N ASN M 192 14.45 68.18 63.99
CA ASN M 192 14.85 68.42 65.36
C ASN M 192 15.45 67.19 66.00
N ARG M 193 14.74 66.07 65.99
CA ARG M 193 15.25 64.86 66.64
C ARG M 193 16.47 64.33 65.92
N PHE M 194 16.58 64.65 64.64
CA PHE M 194 17.73 64.19 63.86
C PHE M 194 18.97 64.97 64.26
N PHE M 195 18.77 66.23 64.64
CA PHE M 195 19.89 67.06 65.06
C PHE M 195 20.41 66.43 66.33
N SER M 196 19.53 66.19 67.29
CA SER M 196 19.92 65.58 68.55
C SER M 196 20.63 64.24 68.37
N LEU M 197 20.25 63.45 67.38
CA LEU M 197 20.91 62.15 67.17
C LEU M 197 22.21 62.27 66.37
N HIS M 198 22.24 63.17 65.40
CA HIS M 198 23.45 63.41 64.61
C HIS M 198 24.58 63.82 65.56
N TYR M 199 24.24 64.52 66.64
CA TYR M 199 25.23 64.94 67.63
C TYR M 199 25.66 63.72 68.43
N LEU M 200 24.68 63.04 69.03
CA LEU M 200 24.93 61.85 69.85
C LEU M 200 25.73 60.71 69.22
N LEU M 201 25.37 60.31 68.01
CA LEU M 201 26.03 59.17 67.38
C LEU M 201 27.53 59.15 67.28
N PRO M 202 28.13 60.28 66.89
CA PRO M 202 29.59 60.22 66.81
C PRO M 202 30.30 59.82 68.09
N PHE M 203 29.73 60.16 69.24
CA PHE M 203 30.35 59.79 70.52
C PHE M 203 30.24 58.30 70.74
N VAL M 204 29.12 57.75 70.26
CA VAL M 204 28.91 56.32 70.33
C VAL M 204 29.96 55.68 69.42
N ILE M 205 30.12 56.23 68.21
CA ILE M 205 31.11 55.69 67.29
C ILE M 205 32.46 55.72 68.01
N ALA M 206 32.86 56.92 68.46
CA ALA M 206 34.11 57.08 69.17
C ALA M 206 34.29 55.95 70.21
N ALA M 207 33.24 55.71 71.02
CA ALA M 207 33.25 54.64 72.02
C ALA M 207 33.58 53.26 71.39
N LEU M 208 32.90 52.92 70.29
CA LEU M 208 33.18 51.65 69.61
C LEU M 208 34.62 51.58 69.08
N VAL M 209 35.10 52.68 68.51
CA VAL M 209 36.46 52.72 67.97
C VAL M 209 37.47 52.42 69.10
N ALA M 210 37.08 52.71 70.34
CA ALA M 210 37.96 52.39 71.47
C ALA M 210 38.01 50.87 71.53
N ILE M 211 36.84 50.23 71.59
CA ILE M 211 36.75 48.78 71.63
C ILE M 211 37.36 48.11 70.39
N HIS M 212 37.19 48.74 69.22
CA HIS M 212 37.73 48.25 67.95
C HIS M 212 39.25 48.18 68.12
N ILE M 213 39.81 49.26 68.66
CA ILE M 213 41.26 49.32 68.90
C ILE M 213 41.69 48.32 69.95
N TRP M 214 40.97 48.30 71.07
CA TRP M 214 41.27 47.40 72.16
C TRP M 214 41.29 45.97 71.65
N ALA M 215 40.32 45.66 70.78
CA ALA M 215 40.19 44.32 70.20
C ALA M 215 41.36 43.89 69.31
N PHE M 216 41.79 44.75 68.40
CA PHE M 216 42.89 44.35 67.55
C PHE M 216 44.21 44.52 68.28
N HIS M 217 44.20 45.29 69.35
CA HIS M 217 45.42 45.46 70.13
C HIS M 217 45.66 44.20 70.94
N SER M 218 44.62 43.62 71.52
CA SER M 218 44.79 42.40 72.31
C SER M 218 44.70 41.12 71.43
N THR M 219 45.13 41.26 70.18
CA THR M 219 45.09 40.16 69.21
C THR M 219 46.29 40.28 68.26
N GLY M 220 46.95 41.43 68.32
CA GLY M 220 48.10 41.69 67.48
C GLY M 220 47.62 41.98 66.10
N ASN M 221 48.30 42.88 65.40
CA ASN M 221 47.90 43.23 64.04
C ASN M 221 48.07 42.10 63.02
N ASN M 222 47.55 42.30 61.83
CA ASN M 222 47.68 41.31 60.79
C ASN M 222 48.59 41.88 59.70
N ASN M 223 49.32 41.02 59.03
CA ASN M 223 50.23 41.47 57.98
C ASN M 223 49.77 40.90 56.65
N PRO M 224 50.36 41.38 55.54
CA PRO M 224 49.98 40.90 54.20
C PRO M 224 50.34 39.41 54.01
N THR M 225 50.87 38.79 55.06
CA THR M 225 51.26 37.40 55.01
C THR M 225 50.26 36.44 55.59
N GLY M 226 49.56 36.89 56.63
CA GLY M 226 48.57 36.02 57.24
C GLY M 226 49.26 35.16 58.27
N VAL M 227 50.57 35.27 58.31
CA VAL M 227 51.36 34.51 59.28
C VAL M 227 51.52 35.34 60.55
N GLU M 228 51.37 34.70 61.71
CA GLU M 228 51.50 35.38 63.01
C GLU M 228 52.95 35.55 63.46
N VAL M 229 53.21 36.67 64.15
CA VAL M 229 54.52 37.01 64.70
C VAL M 229 54.89 35.88 65.69
N ARG M 230 56.11 35.39 65.61
CA ARG M 230 56.51 34.32 66.53
C ARG M 230 56.33 34.78 67.98
N ARG M 231 55.50 34.05 68.71
CA ARG M 231 55.20 34.38 70.11
C ARG M 231 55.99 33.55 71.15
N THR M 232 57.13 32.99 70.75
CA THR M 232 57.91 32.15 71.67
C THR M 232 59.18 32.72 72.34
N SER M 233 59.58 33.94 71.99
CA SER M 233 60.78 34.53 72.60
C SER M 233 60.98 35.99 72.21
N LYS M 234 61.24 36.85 73.19
CA LYS M 234 61.47 38.26 72.93
C LYS M 234 62.53 38.42 71.82
N ALA M 235 63.27 37.34 71.57
CA ALA M 235 64.33 37.31 70.58
C ALA M 235 63.85 37.18 69.15
N GLU M 236 63.02 36.18 68.89
CA GLU M 236 62.49 35.95 67.55
C GLU M 236 61.28 36.83 67.28
N ALA M 237 60.69 37.37 68.34
CA ALA M 237 59.55 38.24 68.18
C ALA M 237 60.11 39.53 67.59
N GLN M 238 61.24 39.99 68.13
CA GLN M 238 61.89 41.21 67.65
C GLN M 238 62.36 41.04 66.19
N LYS M 239 62.49 39.78 65.77
CA LYS M 239 62.91 39.48 64.41
C LYS M 239 61.79 39.77 63.40
N ASP M 240 60.55 39.48 63.82
CA ASP M 240 59.34 39.67 63.02
C ASP M 240 58.73 41.09 63.13
N THR M 241 58.83 41.68 64.30
CA THR M 241 58.27 43.00 64.58
C THR M 241 59.21 44.22 64.53
N VAL M 242 58.66 45.32 65.04
CA VAL M 242 59.32 46.62 65.16
C VAL M 242 58.31 47.34 66.07
N PRO M 243 58.78 48.20 67.01
CA PRO M 243 57.81 48.87 67.88
C PRO M 243 56.94 49.85 67.09
N PHE M 244 55.65 49.84 67.39
CA PHE M 244 54.72 50.71 66.70
C PHE M 244 55.30 52.11 66.62
N TRP M 245 55.68 52.63 67.79
CA TRP M 245 56.28 53.94 67.88
C TRP M 245 57.79 53.73 67.85
N PRO M 246 58.49 54.49 66.99
CA PRO M 246 58.05 55.52 66.04
C PRO M 246 58.04 55.02 64.61
N TYR M 247 58.29 53.74 64.45
CA TYR M 247 58.35 53.15 63.12
C TYR M 247 57.08 53.32 62.34
N PHE M 248 55.95 52.98 62.93
CA PHE M 248 54.71 53.11 62.19
C PHE M 248 53.95 54.41 62.38
N ILE M 249 54.10 55.07 63.53
CA ILE M 249 53.39 56.32 63.72
C ILE M 249 53.90 57.32 62.71
N ILE M 250 55.19 57.26 62.40
CA ILE M 250 55.74 58.18 61.42
C ILE M 250 55.25 57.81 60.03
N LYS M 251 55.25 56.50 59.73
CA LYS M 251 54.79 56.05 58.43
C LYS M 251 53.33 56.49 58.32
N ASP M 252 52.51 56.12 59.31
CA ASP M 252 51.08 56.46 59.34
C ASP M 252 50.84 57.95 59.24
N VAL M 253 51.53 58.72 60.07
CA VAL M 253 51.36 60.16 60.03
C VAL M 253 51.80 60.70 58.68
N PHE M 254 52.90 60.15 58.15
CA PHE M 254 53.38 60.57 56.83
C PHE M 254 52.28 60.39 55.78
N ALA M 255 51.71 59.18 55.76
CA ALA M 255 50.64 58.83 54.84
C ALA M 255 49.51 59.84 55.00
N LEU M 256 49.06 59.95 56.25
CA LEU M 256 47.99 60.85 56.65
C LEU M 256 48.21 62.28 56.12
N ALA M 257 49.47 62.65 55.91
CA ALA M 257 49.79 63.99 55.40
C ALA M 257 49.53 64.08 53.90
N VAL M 258 49.87 63.02 53.19
CA VAL M 258 49.65 63.00 51.74
C VAL M 258 48.16 62.94 51.47
N VAL M 259 47.43 62.21 52.31
CA VAL M 259 45.99 62.11 52.14
C VAL M 259 45.40 63.50 52.30
N LEU M 260 45.72 64.12 53.44
CA LEU M 260 45.23 65.46 53.77
C LEU M 260 45.64 66.50 52.73
N LEU M 261 46.79 66.29 52.10
CA LEU M 261 47.27 67.19 51.07
C LEU M 261 46.19 67.24 49.99
N VAL M 262 45.83 66.06 49.50
CA VAL M 262 44.82 65.89 48.47
C VAL M 262 43.44 66.33 48.95
N PHE M 263 43.13 66.00 50.19
CA PHE M 263 41.85 66.35 50.79
C PHE M 263 41.64 67.87 50.78
N PHE M 264 42.67 68.62 51.16
CA PHE M 264 42.58 70.09 51.17
C PHE M 264 42.56 70.66 49.77
N ALA M 265 43.21 69.95 48.86
CA ALA M 265 43.22 70.36 47.47
C ALA M 265 41.74 70.36 47.05
N ILE M 266 41.01 69.28 47.40
CA ILE M 266 39.58 69.15 47.07
C ILE M 266 38.75 70.23 47.75
N VAL M 267 38.90 70.32 49.07
CA VAL M 267 38.15 71.28 49.88
C VAL M 267 38.41 72.73 49.50
N GLY M 268 39.60 73.00 48.98
CA GLY M 268 39.92 74.36 48.60
C GLY M 268 39.50 74.68 47.18
N PHE M 269 39.79 73.77 46.27
CA PHE M 269 39.49 74.00 44.86
C PHE M 269 38.19 73.44 44.25
N MET M 270 37.75 72.26 44.68
CA MET M 270 36.50 71.70 44.16
C MET M 270 35.64 71.14 45.29
N PRO M 271 35.37 71.99 46.29
CA PRO M 271 34.57 71.60 47.46
C PRO M 271 33.20 71.02 47.11
N ASN M 272 32.67 71.44 45.96
CA ASN M 272 31.34 70.99 45.53
C ASN M 272 31.26 69.81 44.55
N TYR M 273 32.42 69.27 44.20
CA TYR M 273 32.45 68.15 43.27
C TYR M 273 31.67 66.93 43.76
N LEU M 274 32.01 66.42 44.95
CA LEU M 274 31.37 65.24 45.51
C LEU M 274 29.93 65.37 46.02
N GLY M 275 29.29 66.51 45.76
CA GLY M 275 27.93 66.68 46.25
C GLY M 275 26.87 66.94 45.21
N HIS M 276 25.62 66.98 45.66
CA HIS M 276 24.48 67.20 44.79
C HIS M 276 23.93 68.63 44.77
N PRO M 277 24.09 69.33 43.64
CA PRO M 277 23.64 70.71 43.37
C PRO M 277 22.23 70.99 43.80
N ASP M 278 21.39 69.95 43.85
CA ASP M 278 20.02 70.13 44.25
C ASP M 278 19.86 70.37 45.75
N ASN M 279 20.96 70.30 46.49
CA ASN M 279 20.80 70.54 47.90
C ASN M 279 21.07 71.98 48.23
N TYR M 280 21.17 72.81 47.20
CA TYR M 280 21.38 74.24 47.36
C TYR M 280 20.06 74.87 47.00
N ILE M 281 19.05 74.01 46.93
CA ILE M 281 17.69 74.38 46.62
C ILE M 281 16.99 74.10 47.92
N GLU M 282 16.20 75.05 48.43
CA GLU M 282 15.52 74.79 49.70
C GLU M 282 14.55 73.63 49.59
N ALA M 283 14.46 72.86 50.67
CA ALA M 283 13.54 71.75 50.71
C ALA M 283 12.12 72.19 50.31
N ASN M 284 11.52 71.41 49.41
CA ASN M 284 10.15 71.62 48.87
C ASN M 284 9.31 70.36 49.13
N PRO M 285 8.37 70.44 50.10
CA PRO M 285 7.55 69.26 50.40
C PRO M 285 6.59 68.84 49.30
N LEU M 286 6.44 69.70 48.29
CA LEU M 286 5.54 69.43 47.19
C LEU M 286 6.21 69.11 45.88
N ARG M 287 7.51 68.80 45.90
CA ARG M 287 8.17 68.55 44.64
C ARG M 287 9.49 67.80 44.71
N THR M 288 9.51 66.59 44.16
CA THR M 288 10.74 65.81 44.21
C THR M 288 11.59 66.12 43.02
N PRO M 289 12.81 66.61 43.26
CA PRO M 289 13.73 66.94 42.16
C PRO M 289 13.80 65.78 41.19
N ALA M 290 13.79 66.10 39.91
CA ALA M 290 13.85 65.07 38.88
C ALA M 290 15.15 64.27 38.89
N HIS M 291 16.23 64.89 39.35
CA HIS M 291 17.49 64.17 39.34
C HIS M 291 17.94 63.71 40.70
N ILE M 292 17.00 63.51 41.61
CA ILE M 292 17.37 63.07 42.94
C ILE M 292 18.22 61.79 42.91
N VAL M 293 19.43 61.89 43.44
CA VAL M 293 20.38 60.79 43.48
C VAL M 293 21.00 60.75 44.87
N PRO M 294 21.33 59.56 45.38
CA PRO M 294 21.93 59.53 46.71
C PRO M 294 23.38 60.01 46.75
N GLU M 295 23.90 60.10 47.98
CA GLU M 295 25.25 60.53 48.23
C GLU M 295 26.07 59.40 47.65
N TRP M 296 27.14 59.73 46.93
CA TRP M 296 27.93 58.68 46.35
C TRP M 296 28.20 57.48 47.30
N TYR M 297 28.67 57.72 48.52
CA TYR M 297 28.96 56.59 49.39
C TYR M 297 27.78 55.68 49.70
N PHE M 298 26.59 56.07 49.26
CA PHE M 298 25.38 55.26 49.49
C PHE M 298 24.92 54.58 48.20
N LEU M 299 25.42 55.07 47.05
CA LEU M 299 25.02 54.53 45.75
C LEU M 299 24.97 53.03 45.64
N PRO M 300 26.08 52.33 45.92
CA PRO M 300 26.03 50.87 45.81
C PRO M 300 24.86 50.20 46.53
N PHE M 301 24.63 50.48 47.80
CA PHE M 301 23.48 49.85 48.48
C PHE M 301 22.16 50.35 47.94
N TYR M 302 22.18 51.48 47.24
CA TYR M 302 20.98 52.07 46.65
C TYR M 302 20.66 51.33 45.36
N ALA M 303 21.72 51.01 44.60
CA ALA M 303 21.60 50.26 43.34
C ALA M 303 20.91 48.95 43.64
N ILE M 304 21.48 48.19 44.58
CA ILE M 304 20.93 46.91 45.01
C ILE M 304 19.45 47.00 45.40
N LEU M 305 19.05 48.08 46.07
CA LEU M 305 17.63 48.17 46.44
C LEU M 305 16.69 48.39 45.25
N ARG M 306 17.10 49.14 44.23
CA ARG M 306 16.21 49.37 43.11
C ARG M 306 16.41 48.42 41.92
N ALA M 307 17.17 47.34 42.11
CA ALA M 307 17.35 46.34 41.05
C ALA M 307 16.07 45.52 41.14
N PHE M 308 15.70 45.16 42.36
CA PHE M 308 14.53 44.36 42.63
C PHE M 308 13.20 45.07 42.56
N THR M 309 12.62 45.05 41.38
CA THR M 309 11.31 45.63 41.08
C THR M 309 10.31 44.48 40.97
N ALA M 310 9.03 44.84 40.97
CA ALA M 310 7.91 43.88 40.92
C ALA M 310 8.06 42.71 39.96
N ASP M 311 8.75 42.94 38.86
CA ASP M 311 8.90 41.95 37.82
C ASP M 311 10.26 41.24 37.72
N VAL M 312 10.88 40.92 38.84
CA VAL M 312 12.14 40.21 38.79
C VAL M 312 11.73 38.80 39.21
N TRP M 313 12.24 37.76 38.53
CA TRP M 313 11.82 36.39 38.90
C TRP M 313 12.01 36.06 40.38
N VAL M 314 13.22 36.26 40.88
CA VAL M 314 13.51 35.95 42.27
C VAL M 314 12.51 36.61 43.24
N VAL M 315 12.15 37.85 42.93
CA VAL M 315 11.19 38.60 43.72
C VAL M 315 9.81 37.91 43.65
N GLN M 316 9.50 37.34 42.47
CA GLN M 316 8.23 36.64 42.21
C GLN M 316 8.10 35.38 43.06
N ILE M 317 9.15 34.56 43.01
CA ILE M 317 9.20 33.35 43.79
C ILE M 317 8.83 33.70 45.24
N ALA M 318 9.56 34.70 45.78
CA ALA M 318 9.40 35.22 47.14
C ALA M 318 8.00 35.71 47.52
N ASN M 319 7.42 36.61 46.73
CA ASN M 319 6.10 37.11 47.03
C ASN M 319 5.14 35.90 47.14
N PHE M 320 5.41 34.86 46.35
CA PHE M 320 4.58 33.65 46.34
C PHE M 320 4.74 32.82 47.62
N ILE M 321 5.94 32.24 47.80
CA ILE M 321 6.23 31.42 48.96
C ILE M 321 6.11 32.11 50.32
N SER M 322 5.65 33.36 50.31
CA SER M 322 5.48 34.12 51.55
C SER M 322 4.07 34.69 51.68
N PHE M 323 3.20 34.36 50.73
CA PHE M 323 1.80 34.79 50.73
C PHE M 323 1.60 36.29 50.46
N GLY M 324 2.43 36.85 49.58
CA GLY M 324 2.33 38.27 49.31
C GLY M 324 3.17 39.14 50.25
N ILE M 325 3.35 38.69 51.49
CA ILE M 325 4.13 39.41 52.50
C ILE M 325 5.44 40.01 51.98
N ILE M 326 6.32 39.18 51.42
CA ILE M 326 7.56 39.71 50.88
C ILE M 326 7.40 40.17 49.45
N ASP M 327 6.88 41.37 49.20
CA ASP M 327 6.74 41.82 47.81
C ASP M 327 7.99 42.54 47.32
N ALA M 328 7.89 43.26 46.20
CA ALA M 328 9.06 43.96 45.63
C ALA M 328 9.70 44.97 46.54
N LYS M 329 8.86 45.84 47.10
CA LYS M 329 9.28 46.91 48.02
C LYS M 329 10.16 46.43 49.17
N PHE M 330 9.59 45.52 49.98
CA PHE M 330 10.23 44.95 51.16
C PHE M 330 11.39 44.01 50.83
N PHE M 331 11.40 43.54 49.59
CA PHE M 331 12.44 42.64 49.11
C PHE M 331 13.70 43.49 48.93
N GLY M 332 13.52 44.65 48.27
CA GLY M 332 14.63 45.57 48.04
C GLY M 332 15.23 46.01 49.36
N VAL M 333 14.37 46.24 50.35
CA VAL M 333 14.82 46.60 51.67
C VAL M 333 15.66 45.43 52.18
N LEU M 334 15.07 44.24 52.24
CA LEU M 334 15.81 43.07 52.71
C LEU M 334 17.09 42.84 51.93
N ALA M 335 17.06 43.11 50.63
CA ALA M 335 18.22 42.92 49.76
C ALA M 335 19.39 43.85 50.10
N MET M 336 19.07 45.09 50.42
CA MET M 336 20.08 46.09 50.76
C MET M 336 20.70 45.83 52.14
N PHE M 337 19.86 45.74 53.16
CA PHE M 337 20.36 45.46 54.49
C PHE M 337 21.06 44.10 54.49
N GLY M 338 20.52 43.15 53.73
CA GLY M 338 21.15 41.84 53.64
C GLY M 338 22.53 41.91 52.99
N ALA M 339 22.71 42.83 52.05
CA ALA M 339 24.00 42.99 51.38
C ALA M 339 25.06 43.33 52.41
N ILE M 340 24.65 44.08 53.43
CA ILE M 340 25.56 44.47 54.49
C ILE M 340 25.71 43.31 55.49
N LEU M 341 24.58 42.78 55.97
CA LEU M 341 24.60 41.67 56.92
C LEU M 341 25.45 40.52 56.39
N VAL M 342 25.36 40.29 55.07
CA VAL M 342 26.13 39.21 54.45
C VAL M 342 27.63 39.44 54.66
N MET M 343 28.04 40.67 54.46
CA MET M 343 29.43 41.07 54.63
C MET M 343 29.89 41.00 56.08
N ALA M 344 28.94 41.07 57.00
CA ALA M 344 29.25 41.03 58.42
C ALA M 344 29.50 39.60 58.86
N LEU M 345 29.02 38.66 58.06
CA LEU M 345 29.16 37.26 58.37
C LEU M 345 30.34 36.60 57.67
N VAL M 346 31.13 37.36 56.91
CA VAL M 346 32.23 36.74 56.19
C VAL M 346 33.10 35.80 57.01
N PRO M 347 33.30 36.09 58.32
CA PRO M 347 34.13 35.20 59.14
C PRO M 347 33.63 33.76 59.16
N TRP M 348 32.33 33.59 58.90
CA TRP M 348 31.70 32.27 58.90
C TRP M 348 31.23 31.75 57.53
N LEU M 349 31.70 32.36 56.44
CA LEU M 349 31.31 31.91 55.10
C LEU M 349 32.59 31.59 54.36
N ASP M 350 33.67 32.31 54.67
CA ASP M 350 34.93 32.00 54.04
C ASP M 350 35.49 30.88 54.89
N THR M 351 35.37 29.67 54.34
CA THR M 351 35.82 28.43 54.97
C THR M 351 37.30 28.05 54.73
N SER M 352 38.00 28.77 53.86
CA SER M 352 39.41 28.48 53.60
C SER M 352 40.19 28.83 54.87
N PRO M 353 41.08 27.91 55.32
CA PRO M 353 41.89 28.15 56.52
C PRO M 353 43.09 29.03 56.23
N VAL M 354 43.37 29.25 54.94
CA VAL M 354 44.49 30.10 54.54
C VAL M 354 44.06 31.54 54.80
N ARG M 355 44.87 32.28 55.54
CA ARG M 355 44.57 33.67 55.91
C ARG M 355 44.61 34.62 54.73
N SER M 356 45.81 35.10 54.44
CA SER M 356 45.99 36.04 53.35
C SER M 356 45.57 35.51 52.00
N GLY M 357 44.81 36.31 51.28
CA GLY M 357 44.36 35.91 49.97
C GLY M 357 45.46 36.11 48.96
N ARG M 358 46.66 36.43 49.44
CA ARG M 358 47.79 36.62 48.55
C ARG M 358 48.24 35.22 48.11
N TYR M 359 47.84 34.22 48.91
CA TYR M 359 48.19 32.83 48.67
C TYR M 359 46.97 31.96 48.31
N ARG M 360 45.98 32.58 47.67
CA ARG M 360 44.77 31.86 47.24
C ARG M 360 44.53 32.33 45.82
N PRO M 361 45.19 31.68 44.85
CA PRO M 361 45.09 32.00 43.42
C PRO M 361 43.68 32.03 42.81
N MET M 362 42.79 31.17 43.27
CA MET M 362 41.42 31.19 42.75
C MET M 362 40.65 32.36 43.41
N PHE M 363 40.76 32.48 44.75
CA PHE M 363 40.12 33.54 45.52
C PHE M 363 40.44 34.88 44.90
N LYS M 364 41.72 35.19 44.77
CA LYS M 364 42.16 36.44 44.16
C LYS M 364 41.28 36.91 42.97
N ILE M 365 40.73 35.98 42.17
CA ILE M 365 39.91 36.39 41.02
C ILE M 365 38.49 36.80 41.36
N TYR M 366 37.85 36.07 42.27
CA TYR M 366 36.49 36.43 42.66
C TYR M 366 36.51 37.71 43.46
N PHE M 367 37.61 37.92 44.19
CA PHE M 367 37.76 39.11 45.01
C PHE M 367 37.79 40.36 44.14
N TRP M 368 38.69 40.40 43.16
CA TRP M 368 38.77 41.56 42.30
C TRP M 368 37.50 41.80 41.48
N LEU M 369 36.69 40.76 41.35
CA LEU M 369 35.42 40.89 40.64
C LEU M 369 34.48 41.60 41.61
N LEU M 370 34.60 41.24 42.89
CA LEU M 370 33.81 41.84 43.95
C LEU M 370 34.15 43.33 43.99
N ALA M 371 35.45 43.64 43.90
CA ALA M 371 35.92 45.02 43.89
C ALA M 371 35.33 45.73 42.67
N ALA M 372 35.51 45.15 41.50
CA ALA M 372 34.97 45.79 40.31
C ALA M 372 33.45 45.95 40.44
N ASP M 373 32.79 44.97 41.05
CA ASP M 373 31.34 44.97 41.21
C ASP M 373 30.83 46.14 42.06
N PHE M 374 31.56 46.42 43.13
CA PHE M 374 31.26 47.50 44.05
C PHE M 374 31.39 48.83 43.28
N VAL M 375 32.43 48.94 42.44
CA VAL M 375 32.64 50.14 41.66
C VAL M 375 31.52 50.32 40.64
N ILE M 376 31.12 49.20 40.04
CA ILE M 376 30.06 49.17 39.03
C ILE M 376 28.73 49.48 39.69
N LEU M 377 28.49 48.80 40.81
CA LEU M 377 27.26 48.99 41.58
C LEU M 377 27.09 50.48 41.86
N THR M 378 28.17 51.11 42.31
CA THR M 378 28.22 52.54 42.61
C THR M 378 27.89 53.35 41.35
N TRP M 379 28.57 53.02 40.27
CA TRP M 379 28.35 53.69 38.99
C TRP M 379 26.89 53.57 38.51
N VAL M 380 26.27 52.41 38.72
CA VAL M 380 24.90 52.21 38.30
C VAL M 380 23.87 52.98 39.12
N GLY M 381 24.11 53.12 40.42
CA GLY M 381 23.17 53.83 41.26
C GLY M 381 22.88 55.19 40.70
N ALA M 382 23.83 55.68 39.92
CA ALA M 382 23.72 57.01 39.32
C ALA M 382 23.05 57.11 37.96
N GLN M 383 22.70 55.98 37.34
CA GLN M 383 22.07 56.00 36.03
C GLN M 383 20.55 55.88 36.17
N GLN M 384 19.86 55.84 35.03
CA GLN M 384 18.40 55.69 35.03
C GLN M 384 18.03 54.22 35.25
N THR M 385 16.75 53.93 35.53
CA THR M 385 16.32 52.54 35.74
C THR M 385 16.02 51.82 34.41
N THR M 386 16.22 52.53 33.31
CA THR M 386 15.99 52.01 31.97
C THR M 386 17.02 50.96 31.55
N PHE M 387 16.72 50.26 30.45
CA PHE M 387 17.63 49.24 29.89
C PHE M 387 18.89 49.99 29.45
N PRO M 388 20.10 49.41 29.63
CA PRO M 388 20.53 48.12 30.21
C PRO M 388 20.93 48.20 31.68
N TYR M 389 20.75 49.37 32.28
CA TYR M 389 21.11 49.58 33.67
C TYR M 389 20.39 48.65 34.63
N ASP M 390 19.11 48.39 34.36
CA ASP M 390 18.31 47.50 35.21
C ASP M 390 18.91 46.09 35.21
N TRP M 391 19.59 45.76 34.11
CA TRP M 391 20.22 44.46 33.97
C TRP M 391 21.55 44.41 34.68
N ILE M 392 22.37 45.41 34.36
CA ILE M 392 23.69 45.57 34.95
C ILE M 392 23.57 45.56 36.48
N SER M 393 22.60 46.33 36.97
CA SER M 393 22.35 46.44 38.41
C SER M 393 22.00 45.06 38.97
N LEU M 394 21.20 44.31 38.19
CA LEU M 394 20.78 42.98 38.61
C LEU M 394 21.88 41.93 38.73
N ILE M 395 22.69 41.83 37.69
CA ILE M 395 23.80 40.88 37.69
C ILE M 395 24.78 41.28 38.83
N ALA M 396 25.00 42.58 38.96
CA ALA M 396 25.89 43.13 39.98
C ALA M 396 25.43 42.73 41.35
N SER M 397 24.16 43.02 41.67
CA SER M 397 23.58 42.67 42.98
C SER M 397 23.79 41.19 43.21
N ALA M 398 23.49 40.42 42.16
CA ALA M 398 23.64 38.97 42.15
C ALA M 398 25.06 38.56 42.49
N TYR M 399 26.05 39.11 41.78
CA TYR M 399 27.42 38.71 42.07
C TYR M 399 27.83 38.99 43.51
N TRP M 400 27.19 39.99 44.11
CA TRP M 400 27.51 40.36 45.48
C TRP M 400 27.15 39.20 46.41
N PHE M 401 25.89 38.75 46.38
CA PHE M 401 25.52 37.66 47.26
C PHE M 401 26.20 36.38 46.82
N ALA M 402 26.38 36.26 45.52
CA ALA M 402 27.05 35.10 44.95
C ALA M 402 28.39 34.92 45.68
N TYR M 403 29.18 35.99 45.72
CA TYR M 403 30.49 35.98 46.36
C TYR M 403 30.48 35.55 47.85
N PHE M 404 29.58 36.11 48.64
CA PHE M 404 29.58 35.74 50.05
C PHE M 404 28.88 34.45 50.34
N LEU M 405 27.70 34.29 49.76
CA LEU M 405 26.89 33.10 50.02
C LEU M 405 27.26 31.77 49.36
N VAL M 406 27.86 31.85 48.17
CA VAL M 406 28.21 30.63 47.48
C VAL M 406 29.71 30.48 47.23
N ILE M 407 30.28 31.38 46.42
CA ILE M 407 31.70 31.33 46.11
C ILE M 407 32.69 31.13 47.29
N LEU M 408 32.66 31.97 48.32
CA LEU M 408 33.59 31.78 49.45
C LEU M 408 33.46 30.41 50.14
N PRO M 409 32.21 29.96 50.40
CA PRO M 409 32.07 28.64 51.06
C PRO M 409 32.69 27.53 50.19
N ILE M 410 32.42 27.59 48.88
CA ILE M 410 32.94 26.58 47.96
C ILE M 410 34.46 26.64 47.77
N LEU M 411 35.05 27.84 47.67
CA LEU M 411 36.50 27.96 47.49
C LEU M 411 37.19 27.35 48.71
N GLY M 412 36.45 27.36 49.81
CA GLY M 412 36.98 26.82 51.05
C GLY M 412 37.38 25.37 50.91
N ALA M 413 36.55 24.59 50.22
CA ALA M 413 36.79 23.17 49.99
C ALA M 413 37.54 22.79 48.70
N ILE M 414 37.36 23.59 47.63
CA ILE M 414 38.01 23.34 46.33
C ILE M 414 39.47 23.81 46.27
N GLU M 415 39.67 25.01 45.71
CA GLU M 415 40.97 25.66 45.55
C GLU M 415 42.19 25.09 46.27
N LYS M 416 43.28 25.00 45.51
CA LYS M 416 44.56 24.52 46.01
C LYS M 416 45.39 25.74 46.46
N PRO M 417 45.57 25.93 47.78
CA PRO M 417 46.33 27.04 48.35
C PRO M 417 47.79 27.03 47.89
N VAL M 418 48.47 28.15 48.11
CA VAL M 418 49.89 28.27 47.76
C VAL M 418 50.71 28.16 49.06
N ALA M 419 52.03 28.15 48.94
CA ALA M 419 52.94 28.04 50.09
C ALA M 419 53.21 29.40 50.75
N PRO M 420 52.64 29.61 51.96
CA PRO M 420 52.84 30.88 52.67
C PRO M 420 54.16 30.94 53.45
N PRO M 421 54.92 32.06 53.34
CA PRO M 421 56.18 32.15 54.09
C PRO M 421 56.01 31.54 55.49
N ALA M 422 57.10 31.00 56.04
CA ALA M 422 57.02 30.36 57.36
C ALA M 422 57.12 31.39 58.48
N THR M 423 57.76 32.53 58.16
CA THR M 423 57.93 33.62 59.13
C THR M 423 57.79 35.00 58.47
N ILE M 424 57.29 35.96 59.24
CA ILE M 424 57.12 37.33 58.75
C ILE M 424 58.50 37.89 58.37
N GLU M 425 59.50 37.44 59.12
CA GLU M 425 60.90 37.82 58.93
C GLU M 425 61.29 37.44 57.51
N GLU M 426 61.20 36.13 57.23
CA GLU M 426 61.53 35.60 55.91
C GLU M 426 60.95 36.49 54.82
N ASP M 427 59.70 36.91 55.02
CA ASP M 427 58.98 37.75 54.05
C ASP M 427 59.56 39.17 54.00
N PHE M 428 59.83 39.72 55.18
CA PHE M 428 60.36 41.08 55.25
C PHE M 428 61.70 41.13 54.55
N ASN M 429 62.61 40.24 54.96
CA ASN M 429 63.96 40.18 54.40
C ASN M 429 63.91 40.07 52.87
N ALA M 430 62.90 39.36 52.36
CA ALA M 430 62.72 39.20 50.92
C ALA M 430 62.48 40.56 50.26
N ALA N 1 15.54 62.42 34.31
CA ALA N 1 15.71 62.67 32.85
C ALA N 1 15.71 64.17 32.54
N GLY N 2 16.81 64.67 31.95
CA GLY N 2 16.89 66.08 31.62
C GLY N 2 18.30 66.68 31.61
N GLY N 3 19.12 66.27 30.65
CA GLY N 3 20.48 66.78 30.55
C GLY N 3 20.83 67.32 29.16
N GLY N 4 21.60 68.40 29.09
CA GLY N 4 21.95 69.01 27.82
C GLY N 4 23.27 69.77 27.65
N HIS N 5 23.28 70.63 26.64
CA HIS N 5 24.44 71.45 26.26
C HIS N 5 24.51 72.81 26.98
N VAL N 6 25.73 73.18 27.38
CA VAL N 6 26.05 74.43 28.07
C VAL N 6 27.34 75.04 27.50
N GLU N 7 27.29 76.32 27.14
CA GLU N 7 28.45 77.03 26.58
C GLU N 7 29.60 77.16 27.58
N ASP N 8 30.75 76.56 27.25
CA ASP N 8 31.96 76.53 28.10
C ASP N 8 32.75 77.86 28.18
N VAL N 9 32.14 78.90 28.77
CA VAL N 9 32.77 80.22 28.91
C VAL N 9 34.04 80.20 29.77
N PRO N 10 35.03 81.02 29.40
CA PRO N 10 36.29 81.08 30.15
C PRO N 10 36.18 82.21 31.19
N PHE N 11 35.63 81.89 32.35
CA PHE N 11 35.49 82.89 33.41
C PHE N 11 36.85 83.14 34.10
N SER N 12 37.02 84.37 34.62
CA SER N 12 38.24 84.78 35.31
C SER N 12 38.51 83.99 36.58
N PHE N 13 37.43 83.62 37.28
CA PHE N 13 37.50 82.87 38.53
C PHE N 13 37.67 81.37 38.33
N GLU N 14 37.41 80.88 37.13
CA GLU N 14 37.58 79.46 36.82
C GLU N 14 39.10 79.26 36.98
N GLY N 15 39.53 78.19 37.66
CA GLY N 15 40.95 77.92 37.85
C GLY N 15 41.38 77.99 39.29
N PRO N 16 42.45 77.29 39.68
CA PRO N 16 42.88 77.34 41.09
C PRO N 16 43.44 78.72 41.49
N PHE N 17 43.90 79.47 40.50
CA PHE N 17 44.44 80.81 40.74
C PHE N 17 43.42 81.81 40.25
N GLY N 18 42.19 81.34 40.02
CA GLY N 18 41.12 82.21 39.55
C GLY N 18 40.72 83.24 40.58
N THR N 19 40.29 84.39 40.10
CA THR N 19 39.89 85.48 40.96
C THR N 19 38.78 86.28 40.29
N PHE N 20 37.82 86.76 41.07
CA PHE N 20 36.73 87.54 40.51
C PHE N 20 37.30 88.81 39.90
N ASP N 21 36.56 89.37 38.95
CA ASP N 21 36.97 90.64 38.35
C ASP N 21 36.09 91.66 39.03
N GLN N 22 36.74 92.51 39.83
CA GLN N 22 36.02 93.52 40.57
C GLN N 22 35.02 94.30 39.72
N HIS N 23 35.37 94.53 38.47
CA HIS N 23 34.46 95.28 37.60
C HIS N 23 33.30 94.46 37.03
N GLN N 24 33.57 93.21 36.64
CA GLN N 24 32.52 92.35 36.10
C GLN N 24 31.39 92.37 37.10
N LEU N 25 31.74 91.93 38.30
CA LEU N 25 30.81 91.84 39.42
C LEU N 25 30.02 93.13 39.56
N GLN N 26 30.74 94.24 39.39
CA GLN N 26 30.13 95.56 39.48
C GLN N 26 29.06 95.67 38.38
N ARG N 27 29.48 95.37 37.14
CA ARG N 27 28.59 95.42 35.99
C ARG N 27 27.42 94.45 36.20
N GLY N 28 27.74 93.19 36.50
CA GLY N 28 26.74 92.18 36.73
C GLY N 28 25.72 92.68 37.74
N LEU N 29 26.21 93.33 38.79
CA LEU N 29 25.32 93.85 39.84
C LEU N 29 24.32 94.83 39.24
N GLN N 30 24.76 95.60 38.24
CA GLN N 30 23.88 96.57 37.59
C GLN N 30 22.81 95.87 36.76
N VAL N 31 23.23 94.82 36.06
CA VAL N 31 22.31 94.03 35.25
C VAL N 31 21.28 93.38 36.16
N TYR N 32 21.76 92.75 37.24
CA TYR N 32 20.86 92.12 38.18
C TYR N 32 19.84 93.15 38.73
N THR N 33 20.30 94.38 38.94
CA THR N 33 19.45 95.44 39.51
C THR N 33 18.45 96.04 38.53
N GLU N 34 18.92 96.24 37.30
CA GLU N 34 18.11 96.86 36.26
C GLU N 34 17.29 95.88 35.41
N VAL N 35 17.55 94.58 35.52
CA VAL N 35 16.81 93.60 34.73
C VAL N 35 16.23 92.43 35.52
N CYS N 36 17.12 91.60 36.06
CA CYS N 36 16.74 90.43 36.84
C CYS N 36 15.91 90.75 38.05
N ALA N 37 16.45 91.63 38.89
CA ALA N 37 15.79 92.05 40.15
C ALA N 37 14.28 92.24 39.99
N ALA N 38 13.85 92.58 38.78
CA ALA N 38 12.45 92.80 38.49
C ALA N 38 11.58 91.63 38.96
N CYS N 39 12.08 90.41 38.79
CA CYS N 39 11.33 89.21 39.19
C CYS N 39 12.05 88.35 40.24
N HIS N 40 13.37 88.24 40.12
CA HIS N 40 14.11 87.41 41.05
C HIS N 40 14.59 88.15 42.28
N GLY N 41 14.71 87.39 43.35
CA GLY N 41 15.21 87.92 44.60
C GLY N 41 16.59 87.32 44.84
N MET N 42 17.16 87.59 45.99
CA MET N 42 18.47 87.04 46.36
C MET N 42 18.54 86.95 47.86
N LYS N 43 17.38 86.67 48.44
CA LYS N 43 17.16 86.56 49.88
C LYS N 43 18.26 86.08 50.84
N PHE N 44 19.29 85.40 50.35
CA PHE N 44 20.35 84.91 51.24
C PHE N 44 21.59 85.80 51.19
N VAL N 45 21.51 86.81 50.36
CA VAL N 45 22.60 87.74 50.19
C VAL N 45 22.36 89.07 50.91
N PRO N 46 23.18 89.34 51.92
CA PRO N 46 23.08 90.58 52.71
C PRO N 46 23.66 91.71 51.85
N ILE N 47 22.89 92.78 51.65
CA ILE N 47 23.36 93.88 50.79
C ILE N 47 24.76 94.36 51.14
N ARG N 48 25.05 94.43 52.44
CA ARG N 48 26.34 94.87 52.93
C ARG N 48 27.52 94.04 52.45
N SER N 49 27.25 92.87 51.85
CA SER N 49 28.37 92.05 51.37
C SER N 49 28.94 92.68 50.10
N LEU N 50 28.19 93.66 49.58
CA LEU N 50 28.61 94.37 48.39
C LEU N 50 29.89 95.09 48.71
N SER N 51 30.06 95.49 49.98
CA SER N 51 31.25 96.19 50.48
C SER N 51 32.41 95.24 50.76
N GLU N 52 32.06 94.06 51.29
CA GLU N 52 33.03 93.03 51.63
C GLU N 52 34.04 92.82 50.51
N PRO N 53 35.30 92.56 50.89
CA PRO N 53 36.44 92.31 50.00
C PRO N 53 36.32 90.97 49.28
N GLY N 54 36.85 90.91 48.06
CA GLY N 54 36.79 89.68 47.28
C GLY N 54 35.54 89.59 46.41
N GLY N 55 34.96 90.74 46.06
CA GLY N 55 33.75 90.74 45.25
C GLY N 55 33.60 92.07 44.55
N PRO N 56 32.39 92.67 44.55
CA PRO N 56 32.15 93.97 43.90
C PRO N 56 32.96 95.07 44.58
N GLU N 57 33.09 94.94 45.90
CA GLU N 57 33.84 95.89 46.73
C GLU N 57 33.47 97.36 46.56
N LEU N 58 32.18 97.67 46.67
CA LEU N 58 31.75 99.05 46.55
C LEU N 58 31.91 99.71 47.92
N PRO N 59 32.20 101.03 47.95
CA PRO N 59 32.37 101.76 49.21
C PRO N 59 31.01 101.93 49.94
N GLU N 60 31.03 101.75 51.26
CA GLU N 60 29.83 101.80 52.09
C GLU N 60 28.83 102.88 51.78
N ASP N 61 29.31 104.06 51.42
CA ASP N 61 28.38 105.14 51.11
C ASP N 61 27.47 104.78 49.93
N GLN N 62 28.05 104.08 48.93
CA GLN N 62 27.31 103.64 47.74
C GLN N 62 26.36 102.52 48.17
N VAL N 63 26.95 101.49 48.74
CA VAL N 63 26.21 100.35 49.24
C VAL N 63 25.06 100.84 50.10
N ARG N 64 25.33 101.83 50.96
CA ARG N 64 24.32 102.38 51.85
C ARG N 64 23.21 103.08 51.07
N ALA N 65 23.62 103.74 49.99
CA ALA N 65 22.70 104.46 49.11
C ALA N 65 21.88 103.43 48.31
N TYR N 66 22.58 102.42 47.80
CA TYR N 66 21.97 101.35 47.01
C TYR N 66 20.82 100.75 47.81
N ALA N 67 21.17 100.22 48.98
CA ALA N 67 20.20 99.58 49.84
C ALA N 67 18.95 100.41 50.05
N THR N 68 19.01 101.66 49.62
CA THR N 68 17.88 102.58 49.80
C THR N 68 16.69 102.37 48.87
N GLN N 69 16.91 101.84 47.67
CA GLN N 69 15.80 101.67 46.75
C GLN N 69 14.96 100.42 46.99
N PHE N 70 15.19 99.74 48.11
CA PHE N 70 14.42 98.55 48.48
C PHE N 70 13.49 98.93 49.61
N THR N 71 12.23 98.56 49.52
CA THR N 71 11.30 98.89 50.59
C THR N 71 11.07 97.65 51.47
N VAL N 72 11.78 97.60 52.60
CA VAL N 72 11.72 96.48 53.54
C VAL N 72 10.73 96.73 54.66
N THR N 73 10.25 95.66 55.27
CA THR N 73 9.31 95.74 56.39
C THR N 73 10.09 95.29 57.64
N ASP N 74 10.44 96.25 58.49
CA ASP N 74 11.21 95.95 59.70
C ASP N 74 10.48 94.95 60.58
N GLU N 75 11.22 93.96 61.06
CA GLU N 75 10.65 92.89 61.89
C GLU N 75 10.13 93.31 63.26
N GLU N 76 10.80 94.28 63.87
CA GLU N 76 10.42 94.77 65.19
C GLU N 76 9.19 95.69 65.09
N THR N 77 9.30 96.74 64.29
CA THR N 77 8.22 97.73 64.11
C THR N 77 7.03 97.15 63.36
N GLY N 78 7.28 96.59 62.17
CA GLY N 78 6.23 96.03 61.36
C GLY N 78 5.92 96.95 60.20
N GLU N 79 6.42 98.18 60.30
CA GLU N 79 6.23 99.20 59.27
C GLU N 79 7.44 99.27 58.36
N ASP N 80 7.20 99.71 57.13
CA ASP N 80 8.25 99.80 56.13
C ASP N 80 9.25 100.90 56.36
N ARG N 81 10.37 100.82 55.63
CA ARG N 81 11.48 101.78 55.74
C ARG N 81 12.41 101.61 54.55
N GLU N 82 13.28 102.57 54.31
CA GLU N 82 14.24 102.41 53.22
C GLU N 82 15.07 101.21 53.64
N GLY N 83 15.87 100.66 52.74
CA GLY N 83 16.65 99.50 53.11
C GLY N 83 18.03 99.85 53.62
N LYS N 84 18.43 99.25 54.74
CA LYS N 84 19.76 99.50 55.30
C LYS N 84 20.66 98.49 54.63
N PRO N 85 21.98 98.70 54.63
CA PRO N 85 22.83 97.71 53.98
C PRO N 85 22.94 96.41 54.81
N THR N 86 22.28 96.40 55.97
CA THR N 86 22.30 95.22 56.83
C THR N 86 21.11 94.37 56.48
N ASP N 87 20.43 94.74 55.39
CA ASP N 87 19.28 94.02 54.89
C ASP N 87 19.68 93.07 53.74
N HIS N 88 18.87 92.03 53.56
CA HIS N 88 19.11 91.07 52.52
C HIS N 88 18.33 91.54 51.30
N PHE N 89 18.87 91.30 50.10
CA PHE N 89 18.13 91.68 48.90
C PHE N 89 16.73 91.10 49.10
N PRO N 90 15.72 91.67 48.43
CA PRO N 90 14.36 91.16 48.59
C PRO N 90 14.12 89.74 48.05
N HIS N 91 12.96 89.17 48.36
CA HIS N 91 12.62 87.84 47.87
C HIS N 91 12.33 88.01 46.38
N SER N 92 12.05 86.92 45.66
CA SER N 92 11.73 87.10 44.25
C SER N 92 10.39 87.85 44.21
N ALA N 93 10.33 88.91 43.40
CA ALA N 93 9.12 89.73 43.23
C ALA N 93 8.03 88.90 42.51
N LEU N 94 8.44 88.22 41.45
CA LEU N 94 7.58 87.34 40.65
C LEU N 94 7.54 85.97 41.30
N GLU N 95 6.44 85.67 41.97
CA GLU N 95 6.26 84.42 42.70
C GLU N 95 6.84 83.07 42.19
N ASN N 96 6.89 82.87 40.88
CA ASN N 96 7.42 81.61 40.36
C ASN N 96 8.83 81.77 39.81
N ALA N 97 9.44 82.93 40.09
CA ALA N 97 10.81 83.21 39.67
C ALA N 97 11.69 82.66 40.79
N PRO N 98 12.66 81.80 40.45
CA PRO N 98 13.49 81.27 41.53
C PRO N 98 14.48 82.29 42.12
N ASP N 99 14.84 82.09 43.38
CA ASP N 99 15.82 82.95 44.05
C ASP N 99 17.16 82.78 43.34
N LEU N 100 17.93 83.84 43.15
CA LEU N 100 19.21 83.65 42.44
C LEU N 100 20.43 83.54 43.36
N SER N 101 20.18 83.60 44.67
CA SER N 101 21.23 83.53 45.68
C SER N 101 22.23 82.41 45.46
N LEU N 102 21.68 81.20 45.32
CA LEU N 102 22.47 79.99 45.13
C LEU N 102 22.45 79.38 43.73
N MET N 103 21.83 80.08 42.79
CA MET N 103 21.67 79.61 41.42
C MET N 103 22.88 79.06 40.69
N ALA N 104 24.03 79.70 40.80
CA ALA N 104 25.19 79.18 40.10
C ALA N 104 25.84 78.00 40.84
N LYS N 105 25.10 77.39 41.74
CA LYS N 105 25.57 76.25 42.52
C LYS N 105 24.51 75.16 42.44
N ALA N 106 23.26 75.61 42.36
CA ALA N 106 22.07 74.76 42.27
C ALA N 106 21.89 74.16 40.87
N ARG N 107 22.88 74.38 40.00
CA ARG N 107 22.84 73.89 38.61
C ARG N 107 24.18 73.34 38.12
N ALA N 108 24.10 72.34 37.24
CA ALA N 108 25.29 71.73 36.65
C ALA N 108 25.24 72.01 35.14
N GLY N 109 26.42 72.25 34.54
CA GLY N 109 26.50 72.54 33.12
C GLY N 109 27.35 71.50 32.39
N PHE N 110 28.11 70.76 33.19
CA PHE N 110 28.98 69.72 32.68
C PHE N 110 28.62 68.43 33.41
N HIS N 111 28.04 67.50 32.67
CA HIS N 111 27.63 66.21 33.20
C HIS N 111 28.64 65.15 32.71
N GLY N 112 29.26 64.41 33.64
CA GLY N 112 30.24 63.40 33.26
C GLY N 112 29.89 62.61 31.99
N PRO N 113 30.88 62.09 31.23
CA PRO N 113 30.69 61.32 29.99
C PRO N 113 29.78 60.07 30.04
N MET N 114 30.33 58.94 30.47
CA MET N 114 29.58 57.68 30.58
C MET N 114 28.65 57.74 31.81
N GLY N 115 28.46 58.94 32.35
CA GLY N 115 27.65 59.09 33.54
C GLY N 115 28.65 58.87 34.66
N THR N 116 29.93 58.98 34.28
CA THR N 116 31.09 58.80 35.17
C THR N 116 31.59 60.09 35.85
N GLY N 117 30.94 61.21 35.53
CA GLY N 117 31.32 62.50 36.12
C GLY N 117 32.77 62.94 35.91
N ILE N 118 33.44 62.42 34.89
CA ILE N 118 34.83 62.80 34.63
C ILE N 118 34.86 64.09 33.84
N SER N 119 33.70 64.47 33.30
CA SER N 119 33.57 65.72 32.53
C SER N 119 33.40 66.90 33.48
N GLN N 120 32.81 66.62 34.64
CA GLN N 120 32.58 67.64 35.66
C GLN N 120 33.89 67.84 36.44
N LEU N 121 34.69 66.78 36.55
CA LEU N 121 35.98 66.80 37.27
C LEU N 121 37.00 67.73 36.61
N PHE N 122 36.95 67.82 35.27
CA PHE N 122 37.89 68.66 34.52
C PHE N 122 37.33 70.00 34.03
N ASN N 123 36.03 70.22 34.24
CA ASN N 123 35.39 71.46 33.81
C ASN N 123 34.56 72.18 34.89
N GLY N 124 34.50 71.57 36.09
CA GLY N 124 33.74 72.16 37.17
C GLY N 124 32.26 71.83 37.04
N ILE N 125 31.45 72.38 37.94
CA ILE N 125 30.02 72.10 37.91
C ILE N 125 29.25 73.10 37.02
N GLY N 126 30.00 73.82 36.19
CA GLY N 126 29.47 74.79 35.25
C GLY N 126 28.13 75.50 35.49
N GLY N 127 27.89 75.91 36.73
CA GLY N 127 26.64 76.60 37.03
C GLY N 127 26.57 78.00 36.43
N PRO N 128 27.65 78.80 36.53
CA PRO N 128 27.61 80.16 35.95
C PRO N 128 27.47 80.02 34.44
N GLU N 129 28.26 79.07 33.92
CA GLU N 129 28.30 78.72 32.53
C GLU N 129 26.92 78.26 32.07
N TYR N 130 26.12 77.67 32.95
CA TYR N 130 24.76 77.24 32.60
C TYR N 130 23.85 78.46 32.58
N ILE N 131 23.93 79.28 33.62
CA ILE N 131 23.08 80.47 33.69
C ILE N 131 23.36 81.37 32.49
N TYR N 132 24.61 81.32 32.04
CA TYR N 132 25.02 82.11 30.89
C TYR N 132 24.19 81.70 29.68
N SER N 133 24.26 80.39 29.38
CA SER N 133 23.56 79.78 28.26
C SER N 133 22.07 80.03 28.31
N VAL N 134 21.45 79.86 29.47
CA VAL N 134 20.02 80.09 29.57
C VAL N 134 19.63 81.49 29.15
N LEU N 135 20.55 82.43 29.35
CA LEU N 135 20.29 83.82 28.99
C LEU N 135 20.46 84.09 27.48
N THR N 136 21.56 83.55 26.97
CA THR N 136 21.96 83.66 25.56
C THR N 136 21.40 82.46 24.81
N GLY N 137 20.27 81.92 25.27
CA GLY N 137 19.68 80.75 24.64
C GLY N 137 18.23 80.87 24.20
N PHE N 138 17.70 82.10 24.18
CA PHE N 138 16.32 82.31 23.72
C PHE N 138 16.37 82.63 22.23
N PRO N 139 16.10 81.63 21.38
CA PRO N 139 16.15 81.90 19.94
C PRO N 139 14.92 82.69 19.53
N GLU N 140 15.04 83.36 18.39
CA GLU N 140 13.97 84.18 17.83
C GLU N 140 12.86 83.31 17.23
N GLU N 141 13.24 82.14 16.72
CA GLU N 141 12.29 81.21 16.11
C GLU N 141 12.26 79.81 16.72
N PRO N 142 11.05 79.31 17.08
CA PRO N 142 10.91 77.96 17.65
C PRO N 142 11.47 76.91 16.68
N PRO N 143 11.85 75.72 17.19
CA PRO N 143 12.37 74.73 16.22
C PRO N 143 11.20 74.35 15.30
N LYS N 144 11.49 74.11 14.02
CA LYS N 144 10.43 73.77 13.07
C LYS N 144 9.38 72.81 13.65
N CYS N 145 9.80 71.86 14.48
CA CYS N 145 8.86 70.92 15.07
C CYS N 145 7.64 71.56 15.75
N ALA N 146 7.90 72.42 16.74
CA ALA N 146 6.85 73.05 17.51
C ALA N 146 6.03 74.10 16.78
N GLU N 147 6.23 74.25 15.48
CA GLU N 147 5.46 75.26 14.75
C GLU N 147 3.97 75.05 15.04
N GLY N 148 3.32 76.08 15.59
CA GLY N 148 1.89 75.99 15.88
C GLY N 148 1.50 75.17 17.09
N HIS N 149 2.40 74.29 17.53
CA HIS N 149 2.19 73.44 18.70
C HIS N 149 2.87 74.06 19.97
N GLU N 150 3.06 75.39 19.94
CA GLU N 150 3.70 76.23 20.99
C GLU N 150 2.88 76.43 22.28
N PRO N 151 3.26 75.77 23.39
CA PRO N 151 2.46 76.00 24.62
C PRO N 151 2.38 77.51 24.82
N ASP N 152 1.21 78.07 25.15
CA ASP N 152 1.21 79.51 25.31
C ASP N 152 1.48 80.07 26.69
N GLY N 153 2.53 80.90 26.70
CA GLY N 153 3.03 81.55 27.91
C GLY N 153 4.48 81.17 28.22
N PHE N 154 5.08 80.31 27.39
CA PHE N 154 6.44 79.83 27.55
C PHE N 154 7.25 80.22 26.33
N TYR N 155 8.57 80.06 26.41
CA TYR N 155 9.45 80.44 25.32
C TYR N 155 10.50 79.37 25.15
N TYR N 156 10.85 79.05 23.90
CA TYR N 156 11.86 78.02 23.68
C TYR N 156 13.23 78.54 24.13
N ASN N 157 14.00 77.62 24.72
CA ASN N 157 15.32 77.90 25.20
C ASN N 157 16.23 76.71 24.89
N ARG N 158 17.31 77.00 24.16
CA ARG N 158 18.28 76.00 23.76
C ARG N 158 18.93 75.21 24.89
N ALA N 159 19.18 75.90 26.00
CA ALA N 159 19.90 75.30 27.12
C ALA N 159 19.04 74.71 28.21
N PHE N 160 17.89 75.34 28.46
CA PHE N 160 16.96 74.89 29.49
C PHE N 160 16.60 73.44 29.20
N GLN N 161 16.50 72.61 30.23
CA GLN N 161 16.23 71.20 30.01
C GLN N 161 15.04 70.62 30.71
N ASN N 162 14.55 71.28 31.75
CA ASN N 162 13.44 70.76 32.52
C ASN N 162 12.10 71.40 32.21
N GLY N 163 11.96 71.91 30.99
CA GLY N 163 10.72 72.54 30.60
C GLY N 163 9.83 71.58 29.85
N SER N 164 8.60 71.98 29.54
CA SER N 164 7.65 71.14 28.81
C SER N 164 7.93 71.25 27.30
N VAL N 165 7.67 70.16 26.57
CA VAL N 165 7.89 70.15 25.12
C VAL N 165 6.62 69.66 24.40
N PRO N 166 6.23 70.34 23.29
CA PRO N 166 5.05 69.99 22.50
C PRO N 166 5.07 68.50 22.12
N ASP N 167 3.89 67.90 22.03
CA ASP N 167 3.77 66.47 21.68
C ASP N 167 4.50 66.17 20.36
N THR N 168 4.40 67.14 19.46
CA THR N 168 4.99 67.03 18.14
C THR N 168 6.54 66.97 18.13
N CYS N 169 7.21 67.17 19.26
CA CYS N 169 8.70 67.09 19.28
C CYS N 169 9.16 65.92 20.14
N LYS N 170 8.22 65.02 20.44
CA LYS N 170 8.55 63.85 21.21
C LYS N 170 8.69 62.73 20.16
N ASP N 171 9.81 62.01 20.18
CA ASP N 171 9.99 60.92 19.22
C ASP N 171 9.13 59.71 19.59
N ALA N 172 9.45 58.56 18.99
CA ALA N 172 8.73 57.31 19.19
C ALA N 172 8.55 56.85 20.65
N ASN N 173 9.53 57.18 21.50
CA ASN N 173 9.47 56.78 22.90
C ASN N 173 9.06 57.80 23.94
N GLY N 174 9.01 59.06 23.53
CA GLY N 174 8.62 60.12 24.44
C GLY N 174 9.73 61.15 24.60
N VAL N 175 10.96 60.71 24.35
CA VAL N 175 12.14 61.55 24.42
C VAL N 175 11.94 62.77 23.53
N LYS N 176 12.30 63.95 24.01
CA LYS N 176 12.14 65.10 23.16
C LYS N 176 13.22 65.02 22.06
N THR N 177 12.97 65.77 20.98
CA THR N 177 13.90 65.85 19.82
C THR N 177 14.66 67.18 19.82
N THR N 178 14.08 68.18 20.51
CA THR N 178 14.63 69.53 20.62
C THR N 178 15.76 69.65 21.66
N ALA N 179 16.83 70.33 21.25
CA ALA N 179 18.00 70.51 22.10
C ALA N 179 17.62 71.07 23.48
N GLY N 180 16.67 72.01 23.50
CA GLY N 180 16.25 72.60 24.76
C GLY N 180 14.79 72.34 25.05
N SER N 181 14.10 73.35 25.56
CA SER N 181 12.69 73.21 25.86
C SER N 181 12.07 74.55 26.15
N TRP N 182 10.86 74.51 26.71
CA TRP N 182 10.11 75.73 27.00
C TRP N 182 10.05 76.20 28.46
N ILE N 183 10.66 77.37 28.68
CA ILE N 183 10.73 78.04 29.98
C ILE N 183 9.66 79.10 30.08
N ALA N 184 9.30 79.42 31.31
CA ALA N 184 8.29 80.42 31.55
C ALA N 184 8.92 81.82 31.68
N MET N 185 10.23 81.88 31.46
CA MET N 185 10.95 83.15 31.57
C MET N 185 11.18 83.84 30.23
N PRO N 186 10.33 84.85 29.90
CA PRO N 186 10.50 85.56 28.62
C PRO N 186 11.91 86.13 28.54
N PRO N 187 12.62 85.86 27.42
CA PRO N 187 14.00 86.37 27.26
C PRO N 187 14.11 87.81 27.80
N PRO N 188 14.88 87.98 28.89
CA PRO N 188 15.16 89.23 29.60
C PRO N 188 16.15 90.20 28.96
N LEU N 189 17.21 89.66 28.34
CA LEU N 189 18.20 90.52 27.70
C LEU N 189 17.93 90.82 26.22
N MET N 190 18.46 91.95 25.75
CA MET N 190 18.36 92.41 24.38
C MET N 190 19.46 93.44 24.40
N ASP N 191 20.24 93.52 23.32
CA ASP N 191 21.36 94.44 23.25
C ASP N 191 21.19 95.85 23.82
N ASP N 192 22.15 96.23 24.66
CA ASP N 192 22.20 97.54 25.31
C ASP N 192 20.93 97.96 26.08
N LEU N 193 20.46 97.07 26.96
CA LEU N 193 19.27 97.29 27.79
C LEU N 193 19.78 97.97 29.06
N VAL N 194 21.09 97.94 29.19
CA VAL N 194 21.80 98.51 30.32
C VAL N 194 23.01 99.26 29.79
N GLU N 195 23.31 100.39 30.39
CA GLU N 195 24.47 101.16 29.97
C GLU N 195 25.48 101.34 31.06
N TYR N 196 26.67 100.79 30.81
CA TYR N 196 27.77 100.84 31.75
C TYR N 196 28.45 102.19 31.64
N ALA N 197 28.76 102.76 32.79
CA ALA N 197 29.41 104.06 32.86
C ALA N 197 30.58 104.20 31.88
N ASP N 198 31.56 103.29 31.99
CA ASP N 198 32.75 103.33 31.13
C ASP N 198 32.55 102.94 29.65
N GLY N 199 31.30 102.82 29.23
CA GLY N 199 31.03 102.46 27.83
C GLY N 199 31.18 101.01 27.43
N HIS N 200 31.75 100.17 28.29
CA HIS N 200 31.91 98.74 28.03
C HIS N 200 30.62 98.24 27.33
N ASP N 201 30.77 97.45 26.26
CA ASP N 201 29.62 96.96 25.49
C ASP N 201 28.53 96.24 26.26
N ALA N 202 27.29 96.49 25.86
CA ALA N 202 26.13 95.89 26.49
C ALA N 202 25.46 94.88 25.56
N SER N 203 26.28 94.12 24.83
CA SER N 203 25.75 93.09 23.94
C SER N 203 25.17 92.00 24.84
N VAL N 204 24.02 91.46 24.46
CA VAL N 204 23.41 90.42 25.29
C VAL N 204 24.44 89.34 25.61
N HIS N 205 25.51 89.28 24.82
CA HIS N 205 26.57 88.31 25.08
C HIS N 205 27.32 88.69 26.36
N ALA N 206 27.80 89.94 26.43
CA ALA N 206 28.55 90.42 27.59
C ALA N 206 27.69 90.54 28.83
N MET N 207 26.55 91.21 28.74
CA MET N 207 25.67 91.32 29.89
C MET N 207 25.44 89.96 30.58
N ALA N 208 24.97 88.98 29.82
CA ALA N 208 24.74 87.65 30.36
C ALA N 208 26.01 87.04 30.95
N GLU N 209 27.17 87.34 30.37
CA GLU N 209 28.42 86.81 30.89
C GLU N 209 28.79 87.49 32.21
N ASP N 210 28.37 88.74 32.37
CA ASP N 210 28.66 89.51 33.59
C ASP N 210 27.73 89.14 34.75
N VAL N 211 26.41 89.12 34.50
CA VAL N 211 25.47 88.77 35.57
C VAL N 211 25.77 87.36 36.05
N SER N 212 26.53 86.62 35.27
CA SER N 212 26.91 85.26 35.64
C SER N 212 28.02 85.32 36.68
N ALA N 213 29.09 86.03 36.37
CA ALA N 213 30.20 86.19 37.30
C ALA N 213 29.64 86.82 38.59
N PHE N 214 28.68 87.73 38.46
CA PHE N 214 28.07 88.31 39.64
C PHE N 214 27.30 87.22 40.39
N LEU N 215 26.37 86.54 39.70
CA LEU N 215 25.59 85.47 40.33
C LEU N 215 26.44 84.34 40.89
N MET N 216 27.65 84.20 40.36
CA MET N 216 28.55 83.19 40.84
C MET N 216 28.95 83.67 42.21
N TRP N 217 29.48 84.90 42.27
CA TRP N 217 29.91 85.50 43.54
C TRP N 217 28.77 85.59 44.54
N ALA N 218 27.58 85.95 44.08
CA ALA N 218 26.46 86.06 45.01
C ALA N 218 26.30 84.71 45.76
N ALA N 219 26.60 83.61 45.09
CA ALA N 219 26.48 82.30 45.69
C ALA N 219 27.72 81.84 46.43
N GLU N 220 28.90 82.15 45.90
CA GLU N 220 30.18 81.79 46.53
C GLU N 220 31.08 82.99 46.90
N PRO N 221 30.60 83.91 47.79
CA PRO N 221 31.34 85.09 48.22
C PRO N 221 32.76 84.82 48.70
N LYS N 222 32.92 83.67 49.35
CA LYS N 222 34.20 83.27 49.90
C LYS N 222 35.02 82.43 48.93
N LEU N 223 34.82 82.63 47.62
CA LEU N 223 35.54 81.84 46.63
C LEU N 223 37.05 82.06 46.75
N MET N 224 37.47 83.32 46.66
CA MET N 224 38.88 83.66 46.72
C MET N 224 39.51 83.27 48.04
N ALA N 225 38.78 83.54 49.13
CA ALA N 225 39.27 83.18 50.45
C ALA N 225 39.58 81.68 50.48
N ARG N 226 38.60 80.90 50.01
CA ARG N 226 38.68 79.45 49.96
C ARG N 226 39.91 78.97 49.23
N LYS N 227 40.18 79.58 48.07
CA LYS N 227 41.31 79.19 47.25
C LYS N 227 42.64 79.54 47.85
N GLN N 228 42.71 80.69 48.52
CA GLN N 228 43.93 81.09 49.17
C GLN N 228 44.14 80.07 50.28
N ALA N 229 43.06 79.80 51.01
CA ALA N 229 43.08 78.82 52.07
C ALA N 229 43.63 77.53 51.48
N GLY N 230 43.19 77.21 50.27
CA GLY N 230 43.64 76.00 49.60
C GLY N 230 45.15 75.90 49.43
N PHE N 231 45.73 76.92 48.80
CA PHE N 231 47.18 76.98 48.56
C PHE N 231 47.93 76.72 49.84
N THR N 232 47.62 77.56 50.80
CA THR N 232 48.23 77.51 52.12
C THR N 232 48.29 76.05 52.61
N ALA N 233 47.13 75.42 52.71
CA ALA N 233 47.02 74.04 53.16
C ALA N 233 47.92 73.10 52.37
N VAL N 234 48.04 73.36 51.07
CA VAL N 234 48.86 72.54 50.19
C VAL N 234 50.36 72.73 50.40
N MET N 235 50.78 73.96 50.69
CA MET N 235 52.19 74.25 50.94
C MET N 235 52.61 73.62 52.27
N PHE N 236 51.86 73.94 53.32
CA PHE N 236 52.10 73.38 54.66
C PHE N 236 52.32 71.88 54.53
N LEU N 237 51.41 71.25 53.80
CA LEU N 237 51.40 69.81 53.59
C LEU N 237 52.39 69.24 52.57
N THR N 238 52.76 70.01 51.56
CA THR N 238 53.75 69.53 50.60
C THR N 238 55.09 69.49 51.30
N VAL N 239 55.31 70.45 52.21
CA VAL N 239 56.55 70.54 52.97
C VAL N 239 56.55 69.48 54.07
N LEU N 240 55.52 69.49 54.92
CA LEU N 240 55.39 68.54 56.02
C LEU N 240 55.46 67.09 55.51
N SER N 241 55.06 66.89 54.25
CA SER N 241 55.08 65.57 53.64
C SER N 241 56.51 65.22 53.31
N VAL N 242 57.19 66.10 52.59
CA VAL N 242 58.59 65.88 52.22
C VAL N 242 59.46 65.63 53.46
N LEU N 243 59.25 66.44 54.50
CA LEU N 243 60.01 66.29 55.74
C LEU N 243 59.68 64.96 56.41
N LEU N 244 58.36 64.70 56.57
CA LEU N 244 57.89 63.47 57.22
C LEU N 244 58.38 62.26 56.44
N TYR N 245 58.58 62.47 55.14
CA TYR N 245 59.06 61.42 54.28
C TYR N 245 60.48 61.05 54.64
N LEU N 246 61.36 62.06 54.62
CA LEU N 246 62.78 61.90 54.93
C LEU N 246 62.96 61.34 56.33
N THR N 247 62.13 61.82 57.27
CA THR N 247 62.20 61.34 58.64
C THR N 247 61.84 59.87 58.66
N ASN N 248 60.99 59.47 57.74
CA ASN N 248 60.59 58.08 57.63
C ASN N 248 61.75 57.29 57.03
N LYS N 249 62.12 57.66 55.81
CA LYS N 249 63.23 57.02 55.09
C LYS N 249 64.46 56.88 55.99
N ARG N 250 64.92 58.01 56.53
CA ARG N 250 66.10 58.05 57.39
C ARG N 250 65.81 57.58 58.81
N LEU N 251 65.02 56.52 58.90
CA LEU N 251 64.65 55.94 60.19
C LEU N 251 64.47 54.44 60.02
N TRP N 252 63.95 54.06 58.86
CA TRP N 252 63.76 52.66 58.54
C TRP N 252 65.10 52.21 57.98
N ALA N 253 65.95 53.19 57.71
CA ALA N 253 67.29 52.93 57.19
C ALA N 253 68.03 52.08 58.21
N GLY N 254 67.64 52.21 59.47
CA GLY N 254 68.28 51.45 60.53
C GLY N 254 67.57 50.14 60.81
N VAL N 255 67.07 49.49 59.75
CA VAL N 255 66.37 48.20 59.86
C VAL N 255 66.52 47.45 58.53
N LYS N 256 65.95 48.03 57.47
CA LYS N 256 65.98 47.46 56.12
C LYS N 256 66.87 48.33 55.21
N GLY O 9 78.28 66.51 65.57
CA GLY O 9 76.87 66.07 65.73
C GLY O 9 76.27 65.46 64.47
N THR O 10 75.02 65.82 64.16
CA THR O 10 74.33 65.32 62.98
C THR O 10 73.37 66.35 62.37
N ARG O 11 73.01 66.14 61.10
CA ARG O 11 72.07 67.01 60.39
C ARG O 11 70.74 66.25 60.41
N ARG O 12 70.76 65.09 61.09
CA ARG O 12 69.61 64.20 61.26
C ARG O 12 68.83 64.71 62.49
N ASP O 13 69.56 65.30 63.43
CA ASP O 13 68.96 65.86 64.63
C ASP O 13 68.25 67.15 64.23
N PHE O 14 68.68 67.73 63.11
CA PHE O 14 68.08 68.96 62.58
C PHE O 14 66.74 68.61 61.91
N LEU O 15 66.76 67.58 61.06
CA LEU O 15 65.57 67.11 60.35
C LEU O 15 64.44 66.77 61.32
N TYR O 16 64.78 66.08 62.40
CA TYR O 16 63.79 65.69 63.43
C TYR O 16 63.24 66.92 64.17
N TYR O 17 63.66 68.11 63.76
CA TYR O 17 63.20 69.36 64.36
C TYR O 17 62.50 70.15 63.29
N ALA O 18 63.09 70.17 62.10
CA ALA O 18 62.49 70.87 60.97
C ALA O 18 61.12 70.21 60.70
N THR O 19 61.04 68.94 61.08
CA THR O 19 59.82 68.15 60.91
C THR O 19 58.85 68.49 62.03
N ALA O 20 59.17 68.07 63.25
CA ALA O 20 58.31 68.36 64.39
C ALA O 20 57.95 69.85 64.41
N GLY O 21 58.81 70.68 63.82
CA GLY O 21 58.58 72.11 63.75
C GLY O 21 57.45 72.46 62.80
N ALA O 22 57.58 72.00 61.55
CA ALA O 22 56.55 72.23 60.53
C ALA O 22 55.21 71.61 60.95
N GLY O 23 55.28 70.56 61.77
CA GLY O 23 54.08 69.90 62.27
C GLY O 23 53.35 70.86 63.18
N ALA O 24 54.02 71.30 64.23
CA ALA O 24 53.43 72.24 65.17
C ALA O 24 52.90 73.50 64.48
N VAL O 25 53.48 73.88 63.35
CA VAL O 25 52.98 75.06 62.63
C VAL O 25 51.60 74.81 62.05
N ALA O 26 51.43 73.62 61.48
CA ALA O 26 50.15 73.23 60.91
C ALA O 26 49.11 73.14 62.04
N THR O 27 49.38 72.31 63.05
CA THR O 27 48.47 72.16 64.19
C THR O 27 47.94 73.53 64.66
N GLY O 28 48.80 74.54 64.67
CA GLY O 28 48.36 75.86 65.10
C GLY O 28 47.39 76.48 64.11
N ALA O 29 47.77 76.43 62.83
CA ALA O 29 46.95 76.98 61.75
C ALA O 29 45.58 76.32 61.79
N ALA O 30 45.54 75.13 62.37
CA ALA O 30 44.31 74.36 62.53
C ALA O 30 43.54 74.93 63.73
N VAL O 31 44.18 74.89 64.88
CA VAL O 31 43.57 75.40 66.09
C VAL O 31 43.07 76.85 66.01
N TRP O 32 43.84 77.75 65.41
CA TRP O 32 43.38 79.13 65.35
C TRP O 32 41.93 79.33 64.91
N PRO O 33 41.58 78.93 63.66
CA PRO O 33 40.23 79.08 63.12
C PRO O 33 39.12 78.42 63.94
N LEU O 34 39.49 77.39 64.69
CA LEU O 34 38.55 76.68 65.57
C LEU O 34 38.21 77.55 66.75
N ILE O 35 39.06 78.54 67.00
CA ILE O 35 38.88 79.49 68.08
C ILE O 35 38.23 80.75 67.50
N ASN O 36 38.87 81.26 66.45
CA ASN O 36 38.39 82.47 65.83
C ASN O 36 36.92 82.41 65.35
N GLN O 37 36.41 81.22 65.06
CA GLN O 37 35.04 81.13 64.58
C GLN O 37 34.06 81.63 65.64
N MET O 38 34.50 81.68 66.88
CA MET O 38 33.59 82.11 67.93
C MET O 38 33.48 83.58 68.02
N ASN O 39 34.44 84.29 67.44
CA ASN O 39 34.43 85.75 67.47
C ASN O 39 33.25 86.26 66.70
N PRO O 40 32.91 87.54 66.90
CA PRO O 40 31.77 88.14 66.22
C PRO O 40 31.75 87.86 64.74
N SER O 41 30.63 87.27 64.31
CA SER O 41 30.45 86.91 62.92
C SER O 41 30.61 88.13 62.05
N ALA O 42 29.95 88.15 60.91
CA ALA O 42 30.07 89.29 60.02
C ALA O 42 28.83 90.20 60.05
N ASP O 43 27.71 89.64 60.49
CA ASP O 43 26.45 90.36 60.53
C ASP O 43 26.26 91.09 61.84
N VAL O 44 27.05 90.69 62.83
CA VAL O 44 26.96 91.29 64.14
C VAL O 44 27.94 92.43 64.20
N GLN O 45 29.04 92.32 63.46
CA GLN O 45 30.01 93.40 63.40
C GLN O 45 29.50 94.52 62.49
N ALA O 46 28.40 94.26 61.80
CA ALA O 46 27.85 95.26 60.90
C ALA O 46 26.87 96.23 61.57
N LEU O 47 26.55 95.99 62.83
CA LEU O 47 25.64 96.86 63.54
C LEU O 47 26.26 98.28 63.61
N ALA O 48 25.45 99.31 63.34
CA ALA O 48 25.93 100.70 63.33
C ALA O 48 25.40 101.67 64.42
N SER O 49 24.40 102.46 64.04
CA SER O 49 23.81 103.47 64.94
C SER O 49 22.29 103.49 64.87
N ILE O 50 21.65 104.21 65.80
CA ILE O 50 20.20 104.27 65.83
C ILE O 50 19.73 105.64 66.23
N PHE O 51 18.43 105.88 66.10
CA PHE O 51 17.86 107.18 66.45
C PHE O 51 16.67 106.99 67.38
N VAL O 52 16.62 107.78 68.45
CA VAL O 52 15.55 107.69 69.41
C VAL O 52 14.69 108.94 69.46
N ASP O 53 13.37 108.75 69.52
CA ASP O 53 12.42 109.85 69.57
C ASP O 53 12.12 110.15 71.03
N VAL O 54 12.42 111.37 71.47
CA VAL O 54 12.18 111.77 72.86
C VAL O 54 11.05 112.79 73.04
N SER O 55 10.04 112.74 72.16
CA SER O 55 8.90 113.66 72.21
C SER O 55 8.10 113.58 73.50
N SER O 56 7.74 112.35 73.85
CA SER O 56 6.94 112.06 75.04
C SER O 56 7.69 112.02 76.38
N VAL O 57 9.02 111.93 76.35
CA VAL O 57 9.76 111.85 77.59
C VAL O 57 9.46 113.06 78.45
N GLU O 58 8.62 112.83 79.45
CA GLU O 58 8.21 113.85 80.38
C GLU O 58 9.33 113.93 81.43
N PRO O 59 9.50 115.07 82.12
CA PRO O 59 10.59 115.03 83.10
C PRO O 59 10.17 114.11 84.26
N GLY O 60 11.08 113.24 84.66
CA GLY O 60 10.82 112.29 85.74
C GLY O 60 10.57 110.92 85.16
N VAL O 61 10.78 110.84 83.84
CA VAL O 61 10.58 109.62 83.09
C VAL O 61 11.86 109.12 82.44
N GLN O 62 12.01 107.80 82.51
CA GLN O 62 13.17 107.15 81.92
C GLN O 62 12.67 106.37 80.72
N LEU O 63 13.48 106.39 79.68
CA LEU O 63 13.16 105.71 78.45
C LEU O 63 14.18 104.58 78.27
N THR O 64 13.77 103.32 78.25
CA THR O 64 14.76 102.24 78.04
C THR O 64 14.67 101.78 76.59
N VAL O 65 15.81 101.66 75.96
CA VAL O 65 15.87 101.32 74.56
C VAL O 65 16.95 100.27 74.31
N LYS O 66 16.73 99.40 73.34
CA LYS O 66 17.76 98.43 73.05
C LYS O 66 18.68 99.03 71.96
N PHE O 67 20.00 98.86 72.14
CA PHE O 67 21.02 99.32 71.18
C PHE O 67 22.20 98.35 71.36
N LEU O 68 22.68 97.77 70.27
CA LEU O 68 23.77 96.80 70.35
C LEU O 68 23.52 95.71 71.38
N GLY O 69 22.25 95.35 71.56
CA GLY O 69 21.89 94.29 72.49
C GLY O 69 21.85 94.56 73.98
N LYS O 70 22.30 95.72 74.41
CA LYS O 70 22.31 96.07 75.85
C LYS O 70 21.35 97.25 75.95
N PRO O 71 20.75 97.49 77.13
CA PRO O 71 19.81 98.62 77.25
C PRO O 71 20.54 99.99 77.37
N ILE O 72 19.82 101.04 76.99
CA ILE O 72 20.34 102.40 77.05
C ILE O 72 19.29 103.26 77.71
N PHE O 73 19.65 103.84 78.84
CA PHE O 73 18.72 104.67 79.59
C PHE O 73 18.71 106.12 79.13
N ILE O 74 17.54 106.69 79.00
CA ILE O 74 17.39 108.10 78.63
C ILE O 74 16.41 108.68 79.64
N ARG O 75 16.96 109.43 80.59
CA ARG O 75 16.14 110.02 81.61
C ARG O 75 16.08 111.52 81.43
N ARG O 76 14.89 112.08 81.59
CA ARG O 76 14.74 113.52 81.53
C ARG O 76 14.56 113.76 83.01
N ARG O 77 15.57 114.36 83.62
CA ARG O 77 15.63 114.61 85.05
C ARG O 77 14.80 115.75 85.59
N THR O 78 14.38 115.57 86.85
CA THR O 78 13.60 116.57 87.56
C THR O 78 14.61 117.56 88.15
N GLU O 79 14.13 118.58 88.85
CA GLU O 79 15.05 119.51 89.46
C GLU O 79 15.69 118.78 90.62
N ALA O 80 14.87 118.05 91.37
CA ALA O 80 15.37 117.28 92.50
C ALA O 80 16.55 116.43 92.04
N ASP O 81 16.38 115.76 90.90
CA ASP O 81 17.39 114.89 90.30
C ASP O 81 18.69 115.65 89.98
N ILE O 82 18.58 116.85 89.42
CA ILE O 82 19.76 117.64 89.06
C ILE O 82 20.36 118.31 90.29
N GLU O 83 19.50 118.58 91.27
CA GLU O 83 19.92 119.18 92.52
C GLU O 83 21.04 118.33 93.08
N LEU O 84 20.68 117.13 93.52
CA LEU O 84 21.64 116.21 94.10
C LEU O 84 22.84 115.89 93.24
N GLY O 85 22.67 115.89 91.92
CA GLY O 85 23.83 115.55 91.11
C GLY O 85 24.93 116.58 91.26
N ARG O 86 24.51 117.84 91.32
CA ARG O 86 25.44 118.95 91.41
C ARG O 86 25.92 119.20 92.82
N SER O 87 25.26 118.57 93.80
CA SER O 87 25.63 118.75 95.18
C SER O 87 26.61 117.70 95.71
N VAL O 88 27.13 116.84 94.85
CA VAL O 88 28.09 115.85 95.32
C VAL O 88 29.45 116.41 94.97
N GLN O 89 30.44 116.17 95.81
CA GLN O 89 31.77 116.68 95.51
C GLN O 89 32.66 115.64 94.86
N LEU O 90 33.38 116.11 93.86
CA LEU O 90 34.27 115.30 93.06
C LEU O 90 35.11 114.31 93.82
N GLY O 91 35.38 114.59 95.08
CA GLY O 91 36.21 113.68 95.85
C GLY O 91 35.43 112.69 96.67
N GLN O 92 34.11 112.75 96.55
CA GLN O 92 33.22 111.83 97.28
C GLN O 92 32.68 110.77 96.33
N LEU O 93 33.23 110.73 95.13
CA LEU O 93 32.83 109.79 94.12
C LEU O 93 33.80 108.62 94.19
N VAL O 94 33.34 107.42 93.85
CA VAL O 94 34.19 106.24 93.84
C VAL O 94 34.95 106.32 92.55
N ASP O 95 34.30 106.96 91.60
CA ASP O 95 34.86 107.15 90.28
C ASP O 95 34.76 108.62 89.92
N THR O 96 35.93 109.17 89.64
CA THR O 96 36.14 110.55 89.27
C THR O 96 35.82 110.78 87.82
N ASN O 97 36.13 109.78 87.00
CA ASN O 97 35.96 109.88 85.55
C ASN O 97 34.53 109.99 85.05
N ALA O 98 34.35 110.82 84.03
CA ALA O 98 33.06 111.05 83.44
C ALA O 98 32.58 109.80 82.70
N ARG O 99 33.54 108.97 82.27
CA ARG O 99 33.24 107.76 81.52
C ARG O 99 32.34 108.21 80.39
N ASN O 100 32.68 109.37 79.82
CA ASN O 100 31.90 109.96 78.75
C ASN O 100 32.62 109.90 77.44
N ALA O 101 32.03 109.20 76.47
CA ALA O 101 32.63 109.02 75.16
C ALA O 101 32.55 110.26 74.26
N ASN O 102 31.70 111.20 74.65
CA ASN O 102 31.49 112.43 73.89
C ASN O 102 32.62 113.44 74.18
N ILE O 103 32.88 113.62 75.47
CA ILE O 103 33.87 114.54 76.01
C ILE O 103 35.24 113.88 76.11
N ASP O 104 36.26 114.64 76.50
CA ASP O 104 37.62 114.12 76.66
C ASP O 104 37.64 112.88 77.58
N ALA O 105 38.61 112.01 77.38
CA ALA O 105 38.70 110.80 78.19
C ALA O 105 39.11 111.11 79.63
N GLY O 106 39.59 112.31 79.88
CA GLY O 106 39.99 112.65 81.23
C GLY O 106 39.01 113.54 81.97
N ALA O 107 37.83 113.76 81.40
CA ALA O 107 36.81 114.60 82.03
C ALA O 107 36.53 114.17 83.44
N GLU O 108 35.78 114.97 84.19
CA GLU O 108 35.47 114.58 85.55
C GLU O 108 33.98 114.41 85.82
N ALA O 109 33.69 113.47 86.70
CA ALA O 109 32.35 113.08 87.09
C ALA O 109 31.42 114.15 87.63
N THR O 110 31.65 115.39 87.23
CA THR O 110 30.81 116.49 87.68
C THR O 110 29.43 116.20 87.09
N ASP O 111 28.34 116.71 87.65
CA ASP O 111 27.03 116.44 87.04
C ASP O 111 26.96 117.12 85.66
N GLN O 112 27.66 118.23 85.54
CA GLN O 112 27.66 118.96 84.29
C GLN O 112 28.32 118.18 83.15
N ASN O 113 29.16 117.20 83.50
CA ASN O 113 29.86 116.35 82.52
C ASN O 113 29.23 114.99 82.25
N ARG O 114 28.09 114.74 82.88
CA ARG O 114 27.38 113.48 82.70
C ARG O 114 26.01 113.64 82.07
N THR O 115 25.71 114.86 81.61
CA THR O 115 24.45 115.19 80.94
C THR O 115 24.75 115.61 79.49
N LEU O 116 23.78 115.46 78.61
CA LEU O 116 23.96 115.80 77.21
C LEU O 116 23.89 117.30 77.06
N ASP O 117 22.86 117.88 77.65
CA ASP O 117 22.66 119.31 77.58
C ASP O 117 23.52 120.11 78.54
N GLU O 118 23.20 121.39 78.67
CA GLU O 118 23.92 122.32 79.53
C GLU O 118 23.14 122.52 80.83
N ALA O 119 21.80 122.48 80.74
CA ALA O 119 20.92 122.62 81.91
C ALA O 119 20.86 121.33 82.71
N GLY O 120 21.48 120.29 82.17
CA GLY O 120 21.54 118.99 82.81
C GLY O 120 20.30 118.11 82.92
N GLU O 121 19.28 118.34 82.08
CA GLU O 121 18.03 117.55 82.13
C GLU O 121 17.98 116.28 81.22
N TRP O 122 19.03 116.03 80.46
CA TRP O 122 19.10 114.88 79.57
C TRP O 122 20.28 113.98 79.86
N LEU O 123 20.05 113.01 80.75
CA LEU O 123 21.06 112.03 81.13
C LEU O 123 20.91 110.81 80.20
N VAL O 124 21.91 110.60 79.33
CA VAL O 124 21.91 109.48 78.38
C VAL O 124 23.05 108.51 78.71
N MET O 125 22.71 107.32 79.18
CA MET O 125 23.75 106.39 79.51
C MET O 125 23.37 104.92 79.31
N TRP O 126 24.39 104.08 79.25
CA TRP O 126 24.25 102.65 79.11
C TRP O 126 23.72 102.06 80.40
N GLY O 127 22.48 101.58 80.44
CA GLY O 127 21.94 100.99 81.66
C GLY O 127 22.53 99.60 81.92
N VAL O 128 23.84 99.53 81.82
CA VAL O 128 24.60 98.30 81.99
C VAL O 128 25.56 98.37 83.16
N CYS O 129 25.09 97.96 84.35
CA CYS O 129 25.90 97.97 85.58
C CYS O 129 27.32 97.58 85.24
N THR O 130 28.30 98.34 85.70
CA THR O 130 29.69 98.06 85.37
C THR O 130 30.32 96.96 86.15
N HIS O 131 29.54 96.36 87.04
CA HIS O 131 30.11 95.29 87.83
C HIS O 131 30.20 94.05 86.95
N LEU O 132 29.04 93.42 86.71
CA LEU O 132 28.95 92.22 85.92
C LEU O 132 27.91 92.23 84.82
N GLY O 133 27.29 93.39 84.56
CA GLY O 133 26.34 93.47 83.46
C GLY O 133 24.85 93.74 83.60
N CYS O 134 24.24 93.43 84.72
CA CYS O 134 22.82 93.68 84.81
C CYS O 134 22.39 95.09 84.42
N SER O 135 21.10 95.27 84.27
CA SER O 135 20.54 96.57 83.95
C SER O 135 19.93 97.08 85.28
N PRO O 136 20.59 98.07 85.90
CA PRO O 136 20.10 98.63 87.18
C PRO O 136 18.71 99.30 87.10
N ILE O 137 17.92 99.03 88.13
CA ILE O 137 16.56 99.50 88.31
C ILE O 137 16.43 100.98 88.65
N GLY O 138 15.96 101.81 87.73
CA GLY O 138 15.83 103.23 88.06
C GLY O 138 14.59 103.65 88.86
N GLY O 139 14.05 104.82 88.48
CA GLY O 139 12.86 105.36 89.13
C GLY O 139 13.14 105.79 90.54
N VAL O 140 14.31 106.43 90.68
CA VAL O 140 14.84 106.88 91.96
C VAL O 140 14.78 105.69 92.94
N SER O 141 15.74 104.79 92.77
CA SER O 141 15.88 103.56 93.56
C SER O 141 17.26 103.58 94.18
N GLY O 142 17.34 103.01 95.38
CA GLY O 142 18.62 102.96 96.07
C GLY O 142 18.88 104.14 96.98
N ASP O 143 20.02 104.10 97.66
CA ASP O 143 20.40 105.13 98.58
C ASP O 143 20.92 106.42 97.99
N PHE O 144 20.90 106.61 96.68
CA PHE O 144 21.45 107.84 96.13
C PHE O 144 20.61 108.61 95.14
N GLY O 145 19.32 108.34 95.16
CA GLY O 145 18.43 109.04 94.26
C GLY O 145 18.73 108.70 92.82
N GLY O 146 19.26 107.48 92.61
CA GLY O 146 19.58 107.02 91.29
C GLY O 146 19.03 105.66 90.90
N TRP O 147 19.97 104.76 90.59
CA TRP O 147 19.68 103.43 90.16
C TRP O 147 20.21 102.39 91.13
N PHE O 148 19.57 101.23 91.16
CA PHE O 148 19.99 100.12 92.02
C PHE O 148 20.14 98.82 91.23
N CYS O 149 21.36 98.30 91.12
CA CYS O 149 21.56 97.05 90.41
C CYS O 149 21.23 95.95 91.39
N PRO O 150 20.15 95.18 91.13
CA PRO O 150 19.70 94.09 92.00
C PRO O 150 20.56 92.84 91.96
N CYS O 151 21.53 92.81 91.06
CA CYS O 151 22.38 91.64 90.97
C CYS O 151 23.33 91.45 92.14
N HIS O 152 24.12 92.49 92.47
CA HIS O 152 25.05 92.42 93.61
C HIS O 152 25.09 93.64 94.58
N GLY O 153 24.09 94.53 94.45
CA GLY O 153 23.98 95.67 95.32
C GLY O 153 24.69 96.96 94.95
N SER O 154 24.85 97.27 93.67
CA SER O 154 25.50 98.50 93.34
C SER O 154 24.50 99.65 93.34
N HIS O 155 24.86 100.81 93.90
CA HIS O 155 23.99 101.96 93.88
C HIS O 155 24.59 103.04 93.00
N TYR O 156 23.75 103.71 92.23
CA TYR O 156 24.20 104.78 91.38
C TYR O 156 23.34 105.94 91.81
N ASP O 157 23.87 107.15 91.58
CA ASP O 157 23.22 108.42 91.95
C ASP O 157 22.48 109.02 90.79
N SER O 158 21.78 110.10 91.04
CA SER O 158 21.03 110.76 89.98
C SER O 158 21.83 111.16 88.74
N ALA O 159 23.13 110.97 88.75
CA ALA O 159 23.95 111.32 87.60
C ALA O 159 24.51 110.03 87.04
N GLY O 160 24.13 108.94 87.67
CA GLY O 160 24.56 107.62 87.24
C GLY O 160 25.96 107.23 87.63
N ARG O 161 26.47 107.85 88.69
CA ARG O 161 27.81 107.56 89.18
C ARG O 161 27.72 106.53 90.28
N ILE O 162 28.72 105.65 90.31
CA ILE O 162 28.76 104.57 91.29
C ILE O 162 29.13 105.16 92.64
N ARG O 163 28.39 104.76 93.66
CA ARG O 163 28.59 105.31 94.98
C ARG O 163 28.59 104.26 96.06
N LYS O 164 28.54 102.99 95.67
CA LYS O 164 28.51 101.92 96.68
C LYS O 164 28.41 100.59 95.97
N GLY O 165 28.99 99.54 96.53
CA GLY O 165 28.89 98.26 95.86
C GLY O 165 30.14 97.86 95.07
N PRO O 166 30.12 96.67 94.45
CA PRO O 166 31.19 96.06 93.67
C PRO O 166 31.52 96.80 92.41
N ALA O 167 30.50 97.46 91.84
CA ALA O 167 30.69 98.20 90.60
C ALA O 167 31.87 99.15 90.76
N PRO O 168 32.79 99.12 89.79
CA PRO O 168 33.97 99.98 89.86
C PRO O 168 33.91 101.29 89.13
N GLU O 169 33.03 101.46 88.15
CA GLU O 169 32.97 102.75 87.45
C GLU O 169 31.56 103.32 87.37
N ASN O 170 31.42 104.49 86.76
CA ASN O 170 30.07 105.03 86.65
C ASN O 170 29.52 104.50 85.33
N LEU O 171 28.19 104.42 85.21
CA LEU O 171 27.54 103.96 83.98
C LEU O 171 28.15 104.77 82.81
N PRO O 172 28.60 104.09 81.72
CA PRO O 172 29.18 104.88 80.62
C PRO O 172 28.16 105.61 79.79
N ILE O 173 28.58 106.75 79.22
CA ILE O 173 27.75 107.57 78.34
C ILE O 173 28.24 107.22 76.94
N PRO O 174 27.31 106.84 76.07
CA PRO O 174 27.63 106.46 74.70
C PRO O 174 27.63 107.65 73.77
N LEU O 175 28.32 107.54 72.63
CA LEU O 175 28.32 108.62 71.67
C LEU O 175 26.85 108.98 71.45
N ALA O 176 26.42 110.13 71.94
CA ALA O 176 25.04 110.57 71.79
C ALA O 176 25.01 112.08 71.54
N LYS O 177 23.92 112.56 70.98
CA LYS O 177 23.77 113.96 70.67
C LYS O 177 22.41 114.17 70.03
N PHE O 178 21.77 115.30 70.34
CA PHE O 178 20.49 115.64 69.77
C PHE O 178 20.74 116.12 68.32
N ILE O 179 20.08 115.50 67.34
CA ILE O 179 20.25 115.95 65.96
C ILE O 179 19.12 116.89 65.53
N ASP O 180 18.27 117.23 66.49
CA ASP O 180 17.15 118.16 66.31
C ASP O 180 16.45 118.29 67.67
N GLU O 181 15.38 119.07 67.77
CA GLU O 181 14.67 119.30 69.04
C GLU O 181 13.98 118.13 69.77
N THR O 182 13.73 117.03 69.07
CA THR O 182 13.05 115.89 69.70
C THR O 182 13.71 114.52 69.40
N THR O 183 14.92 114.54 68.85
CA THR O 183 15.62 113.31 68.51
C THR O 183 17.14 113.20 68.81
N ILE O 184 17.50 112.20 69.62
CA ILE O 184 18.89 111.97 70.00
C ILE O 184 19.35 110.83 69.12
N GLN O 185 20.61 110.82 68.70
CA GLN O 185 21.08 109.71 67.91
C GLN O 185 22.25 109.01 68.60
N LEU O 186 21.96 107.87 69.22
CA LEU O 186 22.96 107.08 69.90
C LEU O 186 23.82 106.47 68.83
N GLY O 187 25.08 106.15 69.16
CA GLY O 187 25.99 105.57 68.18
C GLY O 187 26.32 106.54 67.08
N GLY P 3 45.00 47.22 94.36
CA GLY P 3 46.33 46.58 94.64
C GLY P 3 46.28 45.47 95.69
N ILE P 4 45.05 45.04 96.02
CA ILE P 4 44.74 43.97 97.02
C ILE P 4 44.85 42.57 96.41
N PRO P 5 45.14 41.55 97.23
CA PRO P 5 45.23 40.23 96.60
C PRO P 5 43.86 39.57 96.41
N HIS P 6 43.60 39.10 95.20
CA HIS P 6 42.35 38.39 94.89
C HIS P 6 42.51 37.64 93.56
N ASP P 7 41.52 36.80 93.21
CA ASP P 7 41.55 35.99 91.99
C ASP P 7 40.96 36.66 90.73
N HIS P 8 41.60 36.41 89.59
CA HIS P 8 41.19 37.00 88.32
C HIS P 8 40.23 36.09 87.55
N TYR P 9 39.40 36.69 86.69
CA TYR P 9 38.42 35.96 85.89
C TYR P 9 38.96 34.67 85.27
N GLU P 10 38.04 33.72 85.04
CA GLU P 10 38.39 32.46 84.40
C GLU P 10 37.22 31.87 83.61
N PRO P 11 37.41 31.70 82.29
CA PRO P 11 36.45 31.16 81.32
C PRO P 11 35.82 29.82 81.69
N ARG P 12 34.49 29.79 81.70
CA ARG P 12 33.73 28.57 81.99
C ARG P 12 33.14 27.98 80.70
N THR P 13 32.06 28.57 80.20
CA THR P 13 31.41 28.11 78.98
C THR P 13 32.38 28.19 77.80
N GLY P 14 31.88 27.84 76.62
CA GLY P 14 32.71 27.91 75.43
C GLY P 14 32.70 29.32 74.90
N ILE P 15 31.49 29.91 74.88
CA ILE P 15 31.31 31.27 74.40
C ILE P 15 32.29 32.15 75.16
N GLU P 16 32.52 31.81 76.43
CA GLU P 16 33.44 32.58 77.26
C GLU P 16 34.88 32.38 76.86
N LYS P 17 35.25 31.12 76.59
CA LYS P 17 36.62 30.82 76.21
C LYS P 17 36.91 31.36 74.81
N TRP P 18 35.88 31.39 73.97
CA TRP P 18 36.02 31.90 72.60
C TRP P 18 36.30 33.39 72.66
N LEU P 19 35.43 34.07 73.40
CA LEU P 19 35.47 35.52 73.57
C LEU P 19 36.72 35.98 74.28
N HIS P 20 37.15 35.21 75.28
CA HIS P 20 38.32 35.59 76.04
C HIS P 20 39.66 35.57 75.29
N SER P 21 39.84 34.65 74.36
CA SER P 21 41.10 34.58 73.61
C SER P 21 41.19 35.66 72.53
N ARG P 22 40.12 36.45 72.40
CA ARG P 22 40.03 37.51 71.39
C ARG P 22 39.92 38.92 71.96
N LEU P 23 39.03 39.08 72.94
CA LEU P 23 38.81 40.38 73.58
C LEU P 23 38.27 40.12 74.97
N PRO P 24 39.11 40.26 75.99
CA PRO P 24 38.68 40.02 77.37
C PRO P 24 37.75 41.07 78.03
N ILE P 25 36.63 41.41 77.38
CA ILE P 25 35.71 42.40 77.96
C ILE P 25 35.08 41.80 79.20
N VAL P 26 34.78 40.52 79.15
CA VAL P 26 34.18 39.84 80.29
C VAL P 26 35.18 39.82 81.43
N ALA P 27 36.43 39.48 81.12
CA ALA P 27 37.48 39.42 82.12
C ALA P 27 37.55 40.73 82.91
N LEU P 28 37.95 41.80 82.24
CA LEU P 28 38.05 43.12 82.85
C LEU P 28 36.79 43.54 83.61
N ALA P 29 35.60 43.25 83.07
CA ALA P 29 34.35 43.64 83.75
C ALA P 29 34.16 42.86 85.04
N TYR P 30 34.87 41.75 85.15
CA TYR P 30 34.81 40.89 86.33
C TYR P 30 35.74 41.44 87.41
N ASP P 31 37.00 41.67 87.05
CA ASP P 31 37.97 42.22 87.99
C ASP P 31 37.48 43.56 88.54
N THR P 32 36.58 44.21 87.80
CA THR P 32 36.03 45.50 88.20
C THR P 32 34.85 45.31 89.15
N ILE P 33 34.01 44.33 88.88
CA ILE P 33 32.86 44.12 89.73
C ILE P 33 33.13 43.27 90.98
N MET P 34 34.31 42.68 91.02
CA MET P 34 34.69 41.82 92.13
C MET P 34 35.71 42.43 93.07
N ILE P 35 36.23 43.61 92.74
CA ILE P 35 37.25 44.27 93.57
C ILE P 35 36.84 44.21 95.04
N PRO P 36 37.77 43.76 95.91
CA PRO P 36 37.46 43.68 97.34
C PRO P 36 37.45 45.08 97.98
N THR P 37 36.41 45.38 98.75
CA THR P 37 36.35 46.68 99.38
C THR P 37 36.05 46.58 100.86
N PRO P 38 36.63 47.48 101.65
CA PRO P 38 36.44 47.50 103.10
C PRO P 38 35.07 47.07 103.59
N ARG P 39 35.04 46.27 104.65
CA ARG P 39 33.79 45.77 105.22
C ARG P 39 32.96 46.86 105.91
N ASN P 40 33.63 47.85 106.46
CA ASN P 40 32.98 48.96 107.13
C ASN P 40 32.89 50.08 106.10
N LEU P 41 31.69 50.57 105.83
CA LEU P 41 31.53 51.66 104.86
C LEU P 41 30.15 52.15 105.13
N ASN P 42 30.03 53.29 105.78
CA ASN P 42 28.72 53.79 106.10
C ASN P 42 28.03 54.43 104.92
N TRP P 43 26.77 54.77 105.14
CA TRP P 43 25.94 55.37 104.13
C TRP P 43 26.61 56.48 103.38
N MET P 44 27.63 57.08 103.96
CA MET P 44 28.31 58.17 103.27
C MET P 44 29.09 57.74 102.06
N TRP P 45 29.13 56.43 101.80
CA TRP P 45 29.84 55.92 100.62
C TRP P 45 28.91 55.66 99.42
N ILE P 46 27.62 55.91 99.59
CA ILE P 46 26.70 55.69 98.51
C ILE P 46 26.58 56.87 97.54
N TRP P 47 27.08 58.05 97.91
CA TRP P 47 26.96 59.19 97.01
C TRP P 47 27.67 59.06 95.68
N GLY P 48 28.68 58.19 95.63
CA GLY P 48 29.40 57.98 94.40
C GLY P 48 28.47 57.39 93.36
N VAL P 49 27.66 56.42 93.77
CA VAL P 49 26.70 55.79 92.88
C VAL P 49 25.63 56.82 92.54
N VAL P 50 25.02 57.44 93.53
CA VAL P 50 23.99 58.43 93.23
C VAL P 50 24.46 59.40 92.15
N LEU P 51 25.75 59.72 92.16
CA LEU P 51 26.26 60.62 91.14
C LEU P 51 26.28 59.95 89.77
N ALA P 52 26.82 58.73 89.69
CA ALA P 52 26.84 58.00 88.43
C ALA P 52 25.43 58.01 87.85
N PHE P 53 24.46 57.55 88.64
CA PHE P 53 23.06 57.50 88.20
C PHE P 53 22.57 58.84 87.64
N CYS P 54 22.85 59.92 88.36
CA CYS P 54 22.46 61.28 87.96
C CYS P 54 23.04 61.64 86.61
N LEU P 55 24.31 61.31 86.41
CA LEU P 55 24.98 61.60 85.16
C LEU P 55 24.23 60.90 84.02
N VAL P 56 23.84 59.64 84.22
CA VAL P 56 23.08 58.89 83.21
C VAL P 56 21.68 59.49 83.04
N LEU P 57 20.95 59.65 84.15
CA LEU P 57 19.63 60.25 84.07
C LEU P 57 19.69 61.57 83.29
N GLN P 58 20.62 62.45 83.65
CA GLN P 58 20.75 63.73 82.96
C GLN P 58 21.04 63.55 81.47
N ILE P 59 21.97 62.68 81.13
CA ILE P 59 22.26 62.47 79.74
C ILE P 59 21.10 61.89 78.94
N VAL P 60 20.41 60.87 79.42
CA VAL P 60 19.31 60.38 78.58
C VAL P 60 18.18 61.40 78.46
N THR P 61 17.66 61.86 79.60
CA THR P 61 16.60 62.85 79.54
C THR P 61 17.02 64.06 78.72
N GLY P 62 18.34 64.26 78.66
CA GLY P 62 18.91 65.37 77.91
C GLY P 62 18.69 65.20 76.43
N ILE P 63 19.26 64.11 75.90
CA ILE P 63 19.15 63.76 74.48
C ILE P 63 17.70 63.84 74.04
N VAL P 64 16.83 63.30 74.88
CA VAL P 64 15.41 63.35 74.62
C VAL P 64 14.94 64.80 74.46
N LEU P 65 15.23 65.62 75.47
CA LEU P 65 14.84 67.01 75.44
C LEU P 65 15.44 67.75 74.25
N ALA P 66 16.66 67.41 73.86
CA ALA P 66 17.32 68.07 72.73
C ALA P 66 16.54 67.78 71.45
N MET P 67 15.74 66.73 71.48
CA MET P 67 14.95 66.32 70.32
C MET P 67 13.75 67.22 70.00
N HIS P 68 13.38 68.04 70.98
CA HIS P 68 12.22 68.93 70.87
C HIS P 68 12.53 70.41 71.08
N TYR P 69 13.72 70.69 71.60
CA TYR P 69 14.17 72.04 71.90
C TYR P 69 14.87 72.68 70.71
N THR P 70 14.53 73.93 70.42
CA THR P 70 15.20 74.65 69.33
C THR P 70 16.04 75.82 69.93
N PRO P 71 17.36 75.79 69.75
CA PRO P 71 18.22 76.82 70.28
C PRO P 71 18.26 78.07 69.46
N HIS P 72 17.20 78.84 69.61
CA HIS P 72 17.16 80.11 68.92
C HIS P 72 16.25 81.01 69.70
N VAL P 73 16.81 82.16 70.01
CA VAL P 73 16.19 83.18 70.81
C VAL P 73 14.66 83.31 70.62
N ASP P 74 14.22 83.32 69.36
CA ASP P 74 12.79 83.44 69.05
C ASP P 74 11.91 82.21 69.33
N LEU P 75 12.51 81.04 69.37
CA LEU P 75 11.72 79.86 69.59
C LEU P 75 12.11 79.13 70.87
N ALA P 76 13.31 79.42 71.37
CA ALA P 76 13.82 78.76 72.54
C ALA P 76 12.83 78.63 73.69
N PHE P 77 12.32 79.74 74.20
CA PHE P 77 11.43 79.64 75.34
C PHE P 77 10.20 78.86 74.97
N ALA P 78 9.54 79.29 73.89
CA ALA P 78 8.32 78.65 73.39
C ALA P 78 8.47 77.15 73.28
N SER P 79 9.57 76.75 72.65
CA SER P 79 9.92 75.37 72.44
C SER P 79 9.87 74.55 73.72
N VAL P 80 10.30 75.15 74.82
CA VAL P 80 10.29 74.44 76.09
C VAL P 80 8.88 74.35 76.62
N GLU P 81 8.03 75.32 76.29
CA GLU P 81 6.67 75.30 76.81
C GLU P 81 5.95 74.29 75.97
N HIS P 82 6.42 74.12 74.74
CA HIS P 82 5.90 73.12 73.83
C HIS P 82 6.23 71.72 74.44
N ILE P 83 7.52 71.47 74.75
CA ILE P 83 7.94 70.22 75.38
C ILE P 83 7.09 69.94 76.61
N MET P 84 6.50 70.98 77.18
CA MET P 84 5.72 70.82 78.38
C MET P 84 4.26 70.42 78.14
N ARG P 85 3.64 71.08 77.17
CA ARG P 85 2.22 70.89 76.84
C ARG P 85 1.87 69.85 75.76
N ASN P 86 2.79 69.67 74.80
CA ASN P 86 2.58 68.77 73.69
C ASN P 86 3.34 67.46 73.75
N VAL P 87 4.67 67.54 73.76
CA VAL P 87 5.47 66.33 73.78
C VAL P 87 4.96 65.33 74.81
N ASN P 88 4.83 64.09 74.34
CA ASN P 88 4.35 62.99 75.17
C ASN P 88 5.21 62.83 76.41
N GLY P 89 4.64 63.20 77.55
CA GLY P 89 5.34 63.10 78.82
C GLY P 89 6.44 64.14 78.97
N GLY P 90 6.42 65.14 78.08
CA GLY P 90 7.44 66.17 78.12
C GLY P 90 7.47 66.82 79.48
N PHE P 91 6.30 67.28 79.88
CA PHE P 91 6.19 67.92 81.15
C PHE P 91 6.96 67.17 82.26
N MET P 92 6.98 65.84 82.23
CA MET P 92 7.67 65.09 83.28
C MET P 92 9.14 64.81 83.00
N LEU P 93 9.55 65.04 81.76
CA LEU P 93 10.95 64.81 81.36
C LEU P 93 11.69 66.11 81.60
N ARG P 94 10.99 67.22 81.38
CA ARG P 94 11.55 68.55 81.61
C ARG P 94 11.87 68.64 83.10
N TYR P 95 10.86 68.42 83.95
CA TYR P 95 11.05 68.46 85.40
C TYR P 95 12.11 67.50 85.89
N LEU P 96 12.23 66.32 85.30
CA LEU P 96 13.26 65.41 85.73
C LEU P 96 14.67 65.92 85.43
N HIS P 97 14.84 66.55 84.25
CA HIS P 97 16.14 67.06 83.85
C HIS P 97 16.57 68.19 84.77
N ALA P 98 15.63 69.08 85.07
CA ALA P 98 15.82 70.25 85.93
C ALA P 98 16.11 69.89 87.36
N ASN P 99 15.25 69.09 87.99
CA ASN P 99 15.52 68.69 89.36
C ASN P 99 16.68 67.71 89.34
N GLY P 100 16.98 67.19 88.15
CA GLY P 100 18.09 66.27 88.04
C GLY P 100 19.37 66.99 88.45
N ALA P 101 19.50 68.23 87.96
CA ALA P 101 20.64 69.10 88.25
C ALA P 101 20.76 69.27 89.76
N SER P 102 19.65 69.59 90.39
CA SER P 102 19.64 69.74 91.83
C SER P 102 20.18 68.49 92.50
N LEU P 103 19.51 67.36 92.33
CA LEU P 103 19.98 66.13 92.95
C LEU P 103 21.46 65.91 92.59
N PHE P 104 21.84 66.24 91.37
CA PHE P 104 23.21 66.06 90.96
C PHE P 104 24.16 66.79 91.91
N PHE P 105 23.83 68.03 92.31
CA PHE P 105 24.68 68.83 93.22
C PHE P 105 24.55 68.43 94.66
N ILE P 106 23.34 68.28 95.17
CA ILE P 106 23.16 67.85 96.55
C ILE P 106 24.00 66.58 96.76
N ALA P 107 24.17 65.81 95.70
CA ALA P 107 24.96 64.59 95.82
C ALA P 107 26.45 64.91 95.80
N VAL P 108 26.88 65.68 94.81
CA VAL P 108 28.28 66.00 94.73
C VAL P 108 28.77 66.74 96.00
N TYR P 109 27.92 67.50 96.68
CA TYR P 109 28.40 68.18 97.91
C TYR P 109 28.55 67.17 99.04
N LEU P 110 27.56 66.29 99.20
CA LEU P 110 27.61 65.24 100.21
C LEU P 110 28.79 64.35 99.89
N HIS P 111 29.00 64.09 98.60
CA HIS P 111 30.12 63.28 98.14
C HIS P 111 31.44 63.99 98.52
N ILE P 112 31.53 65.30 98.25
CA ILE P 112 32.72 66.10 98.56
C ILE P 112 33.04 66.21 100.05
N PHE P 113 32.07 66.60 100.88
CA PHE P 113 32.31 66.70 102.31
C PHE P 113 32.71 65.36 102.91
N ARG P 114 32.13 64.26 102.42
CA ARG P 114 32.48 62.93 102.90
C ARG P 114 34.00 62.82 102.68
N GLY P 115 34.44 63.32 101.55
CA GLY P 115 35.84 63.28 101.23
C GLY P 115 36.68 64.08 102.21
N LEU P 116 36.31 65.34 102.43
CA LEU P 116 37.05 66.23 103.31
C LEU P 116 37.27 65.68 104.71
N TYR P 117 36.23 65.06 105.25
CA TYR P 117 36.26 64.49 106.60
C TYR P 117 37.13 63.23 106.71
N TYR P 118 36.93 62.24 105.84
CA TYR P 118 37.72 61.03 105.94
C TYR P 118 39.08 61.01 105.26
N GLY P 119 39.57 62.17 104.85
CA GLY P 119 40.88 62.21 104.22
C GLY P 119 41.00 61.39 102.95
N SER P 120 39.89 61.31 102.23
CA SER P 120 39.83 60.57 100.98
C SER P 120 40.67 61.27 99.91
N TYR P 121 41.13 62.49 100.23
CA TYR P 121 41.96 63.30 99.34
C TYR P 121 43.46 63.15 99.68
N LYS P 122 43.74 62.65 100.88
CA LYS P 122 45.09 62.44 101.36
C LYS P 122 45.66 61.23 100.66
N ALA P 123 46.91 61.36 100.19
CA ALA P 123 47.63 60.29 99.50
C ALA P 123 47.25 58.91 100.03
N PRO P 124 47.26 57.90 99.16
CA PRO P 124 47.61 58.00 97.73
C PRO P 124 46.52 58.53 96.81
N ARG P 125 45.34 58.76 97.37
CA ARG P 125 44.18 59.22 96.59
C ARG P 125 44.24 60.66 96.07
N GLU P 126 45.44 61.22 95.94
CA GLU P 126 45.57 62.59 95.48
C GLU P 126 45.12 62.82 94.05
N VAL P 127 45.21 61.79 93.20
CA VAL P 127 44.78 62.00 91.85
C VAL P 127 43.27 61.86 91.76
N THR P 128 42.70 60.89 92.46
CA THR P 128 41.25 60.71 92.45
C THR P 128 40.63 62.07 92.76
N TRP P 129 41.23 62.78 93.70
CA TRP P 129 40.77 64.10 94.14
C TRP P 129 40.82 65.20 93.09
N ILE P 130 41.94 65.34 92.42
CA ILE P 130 42.03 66.34 91.36
C ILE P 130 41.10 66.04 90.17
N VAL P 131 41.02 64.78 89.74
CA VAL P 131 40.10 64.42 88.65
C VAL P 131 38.68 64.76 89.11
N GLY P 132 38.33 64.37 90.33
CA GLY P 132 37.00 64.69 90.83
C GLY P 132 36.79 66.20 90.77
N MET P 133 37.84 66.95 91.10
CA MET P 133 37.79 68.41 91.12
C MET P 133 37.46 68.98 89.73
N LEU P 134 38.02 68.36 88.68
CA LEU P 134 37.81 68.78 87.30
C LEU P 134 36.36 68.52 86.98
N ILE P 135 35.89 67.33 87.38
CA ILE P 135 34.51 66.93 87.15
C ILE P 135 33.56 67.95 87.77
N TYR P 136 33.93 68.45 88.95
CA TYR P 136 33.14 69.46 89.66
C TYR P 136 33.07 70.75 88.88
N LEU P 137 34.21 71.14 88.34
CA LEU P 137 34.27 72.37 87.58
C LEU P 137 33.35 72.28 86.36
N ALA P 138 33.48 71.16 85.63
CA ALA P 138 32.69 70.86 84.43
C ALA P 138 31.19 70.80 84.73
N MET P 139 30.83 70.15 85.84
CA MET P 139 29.45 70.08 86.25
C MET P 139 28.82 71.47 86.31
N MET P 140 29.47 72.42 87.00
CA MET P 140 28.94 73.76 87.07
C MET P 140 28.90 74.39 85.67
N ALA P 141 30.00 74.30 84.93
CA ALA P 141 30.04 74.88 83.58
C ALA P 141 28.82 74.41 82.82
N THR P 142 28.56 73.12 82.90
CA THR P 142 27.41 72.56 82.23
C THR P 142 26.09 73.13 82.79
N ALA P 143 25.88 72.88 84.08
CA ALA P 143 24.68 73.32 84.79
C ALA P 143 24.32 74.76 84.53
N PHE P 144 25.31 75.51 84.09
CA PHE P 144 25.11 76.91 83.83
C PHE P 144 24.49 77.10 82.47
N MET P 145 25.16 76.57 81.45
CA MET P 145 24.72 76.66 80.07
C MET P 145 23.32 76.08 79.92
N GLY P 146 23.05 74.99 80.61
CA GLY P 146 21.73 74.38 80.55
C GLY P 146 20.66 75.38 80.97
N TYR P 147 20.83 75.96 82.16
CA TYR P 147 19.90 76.92 82.68
C TYR P 147 19.69 78.11 81.71
N VAL P 148 20.67 78.43 80.88
CA VAL P 148 20.51 79.52 79.95
C VAL P 148 19.54 79.19 78.85
N LEU P 149 19.54 77.92 78.44
CA LEU P 149 18.71 77.40 77.34
C LEU P 149 17.24 77.75 77.34
N PRO P 150 16.54 77.59 78.47
CA PRO P 150 15.13 77.95 78.40
C PRO P 150 14.90 79.41 78.01
N TRP P 151 15.94 80.23 78.13
CA TRP P 151 15.85 81.65 77.80
C TRP P 151 14.75 82.41 78.57
N GLY P 152 14.76 82.28 79.90
CA GLY P 152 13.81 82.96 80.74
C GLY P 152 14.56 84.14 81.30
N GLN P 153 14.02 84.81 82.32
CA GLN P 153 14.71 85.97 82.89
C GLN P 153 16.03 85.58 83.55
N MET P 154 16.00 84.59 84.44
CA MET P 154 17.22 84.14 85.09
C MET P 154 18.21 83.71 84.01
N SER P 155 17.72 82.93 83.05
CA SER P 155 18.55 82.47 81.96
C SER P 155 19.34 83.57 81.30
N PHE P 156 18.63 84.62 80.89
CA PHE P 156 19.25 85.74 80.21
C PHE P 156 20.26 86.49 81.01
N TRP P 157 19.91 86.85 82.25
CA TRP P 157 20.82 87.62 83.09
C TRP P 157 21.94 86.82 83.74
N GLY P 158 21.65 85.58 84.09
CA GLY P 158 22.71 84.75 84.65
C GLY P 158 23.74 84.63 83.53
N ALA P 159 23.27 84.50 82.30
CA ALA P 159 24.17 84.40 81.16
C ALA P 159 24.94 85.72 81.03
N THR P 160 24.29 86.83 81.37
CA THR P 160 24.93 88.13 81.28
C THR P 160 26.05 88.28 82.32
N VAL P 161 25.70 87.89 83.56
CA VAL P 161 26.61 87.99 84.71
C VAL P 161 27.76 86.98 84.65
N ILE P 162 27.47 85.71 84.31
CA ILE P 162 28.53 84.71 84.26
C ILE P 162 29.54 84.97 83.13
N THR P 163 29.07 85.38 81.95
CA THR P 163 30.05 85.74 80.93
C THR P 163 30.74 87.04 81.39
N GLY P 164 30.12 87.74 82.36
CA GLY P 164 30.70 88.96 82.89
C GLY P 164 31.97 88.74 83.72
N LEU P 165 32.00 87.64 84.46
CA LEU P 165 33.15 87.31 85.28
C LEU P 165 34.41 87.29 84.45
N PHE P 166 34.31 87.03 83.16
CA PHE P 166 35.51 86.98 82.35
C PHE P 166 35.93 88.37 81.93
N GLY P 167 34.97 89.29 82.04
CA GLY P 167 35.21 90.67 81.71
C GLY P 167 36.04 91.26 82.83
N ALA P 168 36.11 90.55 83.94
CA ALA P 168 36.85 90.98 85.11
C ALA P 168 38.35 90.77 84.98
N ILE P 169 38.76 89.75 84.24
CA ILE P 169 40.20 89.50 84.04
C ILE P 169 40.84 90.77 83.44
N PRO P 170 41.90 91.28 84.08
CA PRO P 170 42.63 92.48 83.68
C PRO P 170 43.25 92.36 82.30
N GLY P 171 43.09 93.39 81.47
CA GLY P 171 43.67 93.36 80.13
C GLY P 171 42.94 92.52 79.08
N ILE P 172 43.23 91.21 79.04
CA ILE P 172 42.58 90.30 78.10
C ILE P 172 41.06 90.19 78.34
N GLY P 173 40.66 90.23 79.60
CA GLY P 173 39.26 90.15 79.95
C GLY P 173 38.17 90.58 78.99
N HIS P 174 38.27 91.73 78.32
CA HIS P 174 37.19 92.14 77.41
C HIS P 174 37.21 91.29 76.16
N SER P 175 38.38 90.78 75.80
CA SER P 175 38.47 89.92 74.64
C SER P 175 37.82 88.58 74.96
N ILE P 176 38.24 87.98 76.07
CA ILE P 176 37.69 86.72 76.51
C ILE P 176 36.16 86.79 76.54
N GLN P 177 35.61 87.92 76.95
CA GLN P 177 34.17 88.09 77.02
C GLN P 177 33.48 88.23 75.67
N THR P 178 33.99 89.10 74.80
CA THR P 178 33.43 89.28 73.47
C THR P 178 33.38 87.91 72.76
N TRP P 179 34.50 87.19 72.82
CA TRP P 179 34.61 85.85 72.24
C TRP P 179 33.52 84.91 72.80
N LEU P 180 33.37 84.85 74.12
CA LEU P 180 32.33 84.00 74.69
C LEU P 180 30.93 84.35 74.15
N LEU P 181 30.65 85.64 74.10
CA LEU P 181 29.35 86.09 73.67
C LEU P 181 29.14 86.04 72.17
N GLY P 182 30.25 86.03 71.43
CA GLY P 182 30.16 86.05 69.99
C GLY P 182 29.60 87.38 69.48
N GLY P 183 29.47 88.35 70.38
CA GLY P 183 28.95 89.65 70.01
C GLY P 183 29.13 90.69 71.10
N PRO P 184 28.44 91.81 71.01
CA PRO P 184 28.54 92.87 72.00
C PRO P 184 27.57 92.68 73.16
N ALA P 185 26.88 91.57 73.20
CA ALA P 185 25.91 91.34 74.27
C ALA P 185 25.44 89.90 74.25
N VAL P 186 24.90 89.41 75.36
CA VAL P 186 24.36 88.07 75.38
C VAL P 186 23.18 88.12 74.42
N ASP P 187 23.32 87.40 73.30
CA ASP P 187 22.29 87.35 72.27
C ASP P 187 22.20 85.91 71.73
N ASN P 188 21.50 85.73 70.61
CA ASN P 188 21.31 84.43 69.99
C ASN P 188 22.65 83.73 69.77
N ALA P 189 23.57 84.43 69.13
CA ALA P 189 24.85 83.83 68.87
C ALA P 189 25.41 83.13 70.09
N THR P 190 24.99 83.59 71.27
CA THR P 190 25.46 83.05 72.53
C THR P 190 24.66 81.84 72.87
N LEU P 191 23.33 81.99 72.89
CA LEU P 191 22.39 80.90 73.18
C LEU P 191 22.73 79.66 72.38
N ASN P 192 22.99 79.87 71.09
CA ASN P 192 23.34 78.84 70.11
C ASN P 192 24.61 78.05 70.49
N ARG P 193 25.72 78.76 70.71
CA ARG P 193 26.98 78.10 71.08
C ARG P 193 26.87 77.43 72.44
N PHE P 194 25.99 77.92 73.29
CA PHE P 194 25.83 77.33 74.61
C PHE P 194 25.08 76.02 74.48
N PHE P 195 24.22 75.93 73.46
CA PHE P 195 23.49 74.70 73.29
C PHE P 195 24.50 73.68 72.87
N SER P 196 25.29 74.01 71.86
CA SER P 196 26.30 73.09 71.38
C SER P 196 27.25 72.62 72.48
N LEU P 197 27.56 73.48 73.45
CA LEU P 197 28.47 73.09 74.51
C LEU P 197 27.77 72.35 75.64
N HIS P 198 26.51 72.70 75.90
CA HIS P 198 25.76 72.05 76.97
C HIS P 198 25.66 70.58 76.59
N TYR P 199 25.62 70.32 75.29
CA TYR P 199 25.53 68.95 74.78
C TYR P 199 26.89 68.26 75.02
N LEU P 200 27.93 68.85 74.44
CA LEU P 200 29.28 68.33 74.51
C LEU P 200 29.86 68.04 75.91
N LEU P 201 29.69 68.95 76.85
CA LEU P 201 30.27 68.76 78.18
C LEU P 201 29.96 67.51 78.96
N PRO P 202 28.69 67.09 78.99
CA PRO P 202 28.43 65.87 79.73
C PRO P 202 29.23 64.63 79.28
N PHE P 203 29.58 64.56 77.98
CA PHE P 203 30.37 63.43 77.49
C PHE P 203 31.79 63.54 78.00
N VAL P 204 32.27 64.76 78.10
CA VAL P 204 33.59 64.99 78.64
C VAL P 204 33.53 64.55 80.11
N ILE P 205 32.47 64.96 80.81
CA ILE P 205 32.33 64.58 82.21
C ILE P 205 32.38 63.08 82.27
N ALA P 206 31.49 62.43 81.54
CA ALA P 206 31.43 60.99 81.52
C ALA P 206 32.83 60.41 81.38
N ALA P 207 33.62 60.94 80.42
CA ALA P 207 35.03 60.52 80.17
C ALA P 207 35.87 60.65 81.47
N LEU P 208 35.75 61.78 82.16
CA LEU P 208 36.49 61.98 83.39
C LEU P 208 36.07 61.01 84.49
N VAL P 209 34.76 60.75 84.55
CA VAL P 209 34.23 59.85 85.55
C VAL P 209 34.81 58.46 85.32
N ALA P 210 35.23 58.15 84.10
CA ALA P 210 35.84 56.84 83.82
C ALA P 210 37.19 56.88 84.54
N ILE P 211 37.99 57.92 84.26
CA ILE P 211 39.30 58.09 84.90
C ILE P 211 39.18 58.18 86.42
N HIS P 212 38.13 58.85 86.92
CA HIS P 212 37.87 59.02 88.36
C HIS P 212 37.75 57.61 88.93
N ILE P 213 36.95 56.79 88.27
CA ILE P 213 36.73 55.41 88.69
C ILE P 213 38.02 54.60 88.61
N TRP P 214 38.67 54.65 87.46
CA TRP P 214 39.93 53.96 87.24
C TRP P 214 40.93 54.31 88.32
N ALA P 215 40.97 55.60 88.69
CA ALA P 215 41.90 56.08 89.70
C ALA P 215 41.64 55.53 91.11
N PHE P 216 40.39 55.50 91.54
CA PHE P 216 40.18 55.00 92.87
C PHE P 216 40.13 53.51 92.83
N HIS P 217 39.93 52.94 91.66
CA HIS P 217 39.91 51.48 91.56
C HIS P 217 41.35 50.98 91.69
N SER P 218 42.30 51.66 91.06
CA SER P 218 43.69 51.19 91.16
C SER P 218 44.40 51.77 92.38
N THR P 219 43.63 51.95 93.44
CA THR P 219 44.16 52.52 94.68
C THR P 219 43.40 51.95 95.87
N GLY P 220 42.30 51.25 95.57
CA GLY P 220 41.48 50.66 96.60
C GLY P 220 40.67 51.73 97.27
N ASN P 221 39.45 51.43 97.64
CA ASN P 221 38.60 52.40 98.31
C ASN P 221 39.09 52.82 99.68
N ASN P 222 38.45 53.84 100.25
CA ASN P 222 38.82 54.30 101.59
C ASN P 222 37.66 54.01 102.53
N ASN P 223 37.97 53.71 103.79
CA ASN P 223 36.95 53.42 104.76
C ASN P 223 36.91 54.50 105.82
N PRO P 224 35.89 54.48 106.68
CA PRO P 224 35.76 55.47 107.74
C PRO P 224 36.90 55.38 108.75
N THR P 225 37.83 54.47 108.51
CA THR P 225 38.94 54.25 109.41
C THR P 225 40.22 54.91 108.97
N GLY P 226 40.43 55.01 107.68
CA GLY P 226 41.63 55.62 107.19
C GLY P 226 42.73 54.58 107.16
N VAL P 227 42.42 53.38 107.65
CA VAL P 227 43.39 52.29 107.66
C VAL P 227 43.23 51.47 106.39
N GLU P 228 44.34 51.14 105.73
CA GLU P 228 44.28 50.38 104.49
C GLU P 228 43.98 48.88 104.67
N VAL P 229 43.66 48.24 103.54
CA VAL P 229 43.37 46.82 103.50
C VAL P 229 44.69 46.07 103.45
N ARG P 230 44.89 45.12 104.34
CA ARG P 230 46.14 44.38 104.34
C ARG P 230 46.37 43.74 102.96
N ARG P 231 47.49 44.11 102.34
CA ARG P 231 47.85 43.64 101.00
C ARG P 231 48.88 42.50 100.99
N THR P 232 48.98 41.75 102.08
CA THR P 232 49.97 40.68 102.14
C THR P 232 49.53 39.21 101.94
N SER P 233 48.23 38.96 101.81
CA SER P 233 47.78 37.59 101.61
C SER P 233 46.28 37.54 101.36
N LYS P 234 45.89 36.75 100.38
CA LYS P 234 44.48 36.60 100.05
C LYS P 234 43.70 36.25 101.31
N ALA P 235 44.42 35.81 102.34
CA ALA P 235 43.81 35.37 103.59
C ALA P 235 43.41 36.52 104.52
N GLU P 236 44.33 37.44 104.73
CA GLU P 236 44.07 38.57 105.62
C GLU P 236 43.38 39.71 104.87
N ALA P 237 43.47 39.69 103.53
CA ALA P 237 42.80 40.70 102.72
C ALA P 237 41.30 40.41 102.82
N GLN P 238 40.94 39.13 102.74
CA GLN P 238 39.54 38.69 102.86
C GLN P 238 38.98 39.04 104.25
N LYS P 239 39.88 39.24 105.20
CA LYS P 239 39.50 39.59 106.57
C LYS P 239 39.00 41.03 106.66
N ASP P 240 39.66 41.91 105.90
CA ASP P 240 39.34 43.34 105.84
C ASP P 240 38.23 43.67 104.82
N THR P 241 38.09 42.83 103.79
CA THR P 241 37.16 43.09 102.71
C THR P 241 35.90 42.22 102.58
N VAL P 242 35.29 42.36 101.42
CA VAL P 242 34.08 41.65 100.98
C VAL P 242 34.06 42.04 99.49
N PRO P 243 33.66 41.12 98.59
CA PRO P 243 33.66 41.51 97.19
C PRO P 243 32.62 42.59 96.93
N PHE P 244 32.98 43.55 96.10
CA PHE P 244 32.08 44.65 95.76
C PHE P 244 30.72 44.08 95.40
N TRP P 245 30.73 43.16 94.43
CA TRP P 245 29.51 42.49 94.01
C TRP P 245 29.39 41.20 94.82
N PRO P 246 28.21 40.95 95.41
CA PRO P 246 26.98 41.72 95.41
C PRO P 246 26.76 42.43 96.73
N TYR P 247 27.76 42.41 97.58
CA TYR P 247 27.62 43.01 98.88
C TYR P 247 27.35 44.50 98.82
N PHE P 248 28.13 45.22 98.03
CA PHE P 248 27.91 46.65 97.96
C PHE P 248 27.00 47.13 96.84
N ILE P 249 26.95 46.40 95.73
CA ILE P 249 26.08 46.85 94.67
C ILE P 249 24.64 46.84 95.15
N ILE P 250 24.30 45.87 95.99
CA ILE P 250 22.93 45.80 96.48
C ILE P 250 22.76 46.90 97.48
N LYS P 251 23.80 47.10 98.26
CA LYS P 251 23.77 48.12 99.29
C LYS P 251 23.51 49.44 98.55
N ASP P 252 24.41 49.74 97.63
CA ASP P 252 24.37 50.97 96.83
C ASP P 252 23.06 51.12 96.08
N VAL P 253 22.66 50.09 95.35
CA VAL P 253 21.40 50.17 94.61
C VAL P 253 20.24 50.37 95.58
N PHE P 254 20.28 49.74 96.75
CA PHE P 254 19.21 49.91 97.73
C PHE P 254 19.09 51.38 98.13
N ALA P 255 20.24 51.95 98.48
CA ALA P 255 20.34 53.35 98.86
C ALA P 255 19.75 54.20 97.74
N LEU P 256 20.31 54.01 96.54
CA LEU P 256 19.89 54.70 95.32
C LEU P 256 18.36 54.65 95.11
N ALA P 257 17.71 53.63 95.64
CA ALA P 257 16.25 53.51 95.49
C ALA P 257 15.54 54.45 96.47
N VAL P 258 16.06 54.56 97.68
CA VAL P 258 15.45 55.44 98.65
C VAL P 258 15.63 56.89 98.22
N VAL P 259 16.79 57.16 97.62
CA VAL P 259 17.06 58.50 97.17
C VAL P 259 16.04 58.83 96.10
N LEU P 260 15.97 57.96 95.09
CA LEU P 260 15.04 58.14 93.96
C LEU P 260 13.59 58.21 94.41
N LEU P 261 13.27 57.52 95.51
CA LEU P 261 11.93 57.53 96.05
C LEU P 261 11.60 58.99 96.33
N VAL P 262 12.48 59.62 97.13
CA VAL P 262 12.33 61.03 97.52
C VAL P 262 12.44 61.97 96.32
N PHE P 263 13.34 61.67 95.40
CA PHE P 263 13.53 62.47 94.20
C PHE P 263 12.24 62.55 93.39
N PHE P 264 11.57 61.42 93.19
CA PHE P 264 10.34 61.41 92.43
C PHE P 264 9.20 62.06 93.21
N ALA P 265 9.26 61.94 94.54
CA ALA P 265 8.26 62.58 95.37
C ALA P 265 8.34 64.07 95.02
N ILE P 266 9.55 64.62 94.95
CA ILE P 266 9.80 66.04 94.63
C ILE P 266 9.34 66.36 93.20
N VAL P 267 9.85 65.59 92.23
CA VAL P 267 9.54 65.77 90.81
C VAL P 267 8.06 65.61 90.51
N GLY P 268 7.37 64.82 91.33
CA GLY P 268 5.96 64.62 91.11
C GLY P 268 5.08 65.66 91.79
N PHE P 269 5.39 65.91 93.06
CA PHE P 269 4.59 66.85 93.84
C PHE P 269 5.03 68.31 93.99
N MET P 270 6.33 68.58 94.04
CA MET P 270 6.82 69.97 94.15
C MET P 270 7.99 70.20 93.18
N PRO P 271 7.75 69.92 91.88
CA PRO P 271 8.76 70.07 90.84
C PRO P 271 9.34 71.46 90.78
N ASN P 272 8.54 72.44 91.18
CA ASN P 272 8.97 73.84 91.14
C ASN P 272 9.56 74.47 92.40
N TYR P 273 9.70 73.67 93.46
CA TYR P 273 10.25 74.19 94.70
C TYR P 273 11.67 74.71 94.57
N LEU P 274 12.59 73.87 94.11
CA LEU P 274 14.00 74.22 93.96
C LEU P 274 14.37 75.21 92.86
N GLY P 275 13.40 75.86 92.26
CA GLY P 275 13.71 76.76 91.18
C GLY P 275 13.21 78.19 91.31
N HIS P 276 13.56 79.02 90.35
CA HIS P 276 13.19 80.42 90.41
C HIS P 276 12.02 80.80 89.50
N PRO P 277 10.90 81.22 90.08
CA PRO P 277 9.67 81.64 89.41
C PRO P 277 9.90 82.63 88.30
N ASP P 278 10.94 83.44 88.42
CA ASP P 278 11.23 84.42 87.38
C ASP P 278 11.75 83.78 86.08
N ASN P 279 11.92 82.47 86.06
CA ASN P 279 12.41 81.93 84.83
C ASN P 279 11.25 81.42 83.99
N TYR P 280 10.05 81.79 84.40
CA TYR P 280 8.84 81.42 83.65
C TYR P 280 8.36 82.72 83.01
N ILE P 281 9.26 83.68 83.02
CA ILE P 281 9.05 85.00 82.47
C ILE P 281 10.05 84.99 81.33
N GLU P 282 9.63 85.37 80.14
CA GLU P 282 10.54 85.37 79.00
C GLU P 282 11.64 86.38 79.19
N ALA P 283 12.84 85.99 78.77
CA ALA P 283 14.02 86.84 78.84
C ALA P 283 13.71 88.23 78.29
N ASN P 284 14.10 89.24 79.07
CA ASN P 284 13.89 90.65 78.73
C ASN P 284 15.27 91.31 78.75
N PRO P 285 15.79 91.70 77.58
CA PRO P 285 17.10 92.34 77.54
C PRO P 285 17.14 93.75 78.10
N LEU P 286 15.96 94.32 78.37
CA LEU P 286 15.86 95.66 78.92
C LEU P 286 15.41 95.73 80.38
N ARG P 287 15.53 94.64 81.12
CA ARG P 287 15.05 94.66 82.48
C ARG P 287 15.62 93.54 83.33
N THR P 288 16.18 93.88 84.46
CA THR P 288 16.70 92.82 85.32
C THR P 288 15.73 92.61 86.45
N PRO P 289 15.19 91.40 86.56
CA PRO P 289 14.24 91.12 87.65
C PRO P 289 14.79 91.62 88.97
N ALA P 290 13.92 92.22 89.78
CA ALA P 290 14.34 92.75 91.06
C ALA P 290 14.79 91.68 92.02
N HIS P 291 14.27 90.47 91.89
CA HIS P 291 14.66 89.42 92.81
C HIS P 291 15.60 88.39 92.23
N ILE P 292 16.34 88.75 91.19
CA ILE P 292 17.24 87.81 90.57
C ILE P 292 18.16 87.18 91.62
N VAL P 293 18.14 85.86 91.71
CA VAL P 293 18.94 85.12 92.67
C VAL P 293 19.48 83.91 91.93
N PRO P 294 20.69 83.43 92.29
CA PRO P 294 21.24 82.25 91.61
C PRO P 294 20.58 80.93 91.99
N GLU P 295 20.94 79.90 91.24
CA GLU P 295 20.45 78.56 91.45
C GLU P 295 21.01 78.19 92.80
N TRP P 296 20.21 77.58 93.65
CA TRP P 296 20.73 77.27 94.96
C TRP P 296 22.13 76.67 94.96
N TYR P 297 22.41 75.65 94.15
CA TYR P 297 23.73 75.06 94.19
C TYR P 297 24.89 76.04 93.89
N PHE P 298 24.57 77.25 93.44
CA PHE P 298 25.61 78.26 93.14
C PHE P 298 25.68 79.32 94.22
N LEU P 299 24.66 79.40 95.05
CA LEU P 299 24.59 80.42 96.11
C LEU P 299 25.87 80.59 96.91
N PRO P 300 26.38 79.52 97.53
CA PRO P 300 27.61 79.75 98.29
C PRO P 300 28.73 80.46 97.53
N PHE P 301 29.15 80.01 96.37
CA PHE P 301 30.20 80.74 95.70
C PHE P 301 29.76 82.13 95.26
N TYR P 302 28.45 82.36 95.22
CA TYR P 302 27.89 83.66 94.84
C TYR P 302 27.99 84.62 96.03
N ALA P 303 27.74 84.10 97.23
CA ALA P 303 27.81 84.87 98.47
C ALA P 303 29.23 85.43 98.56
N ILE P 304 30.21 84.52 98.49
CA ILE P 304 31.62 84.88 98.55
C ILE P 304 31.97 85.96 97.53
N LEU P 305 31.41 85.92 96.33
CA LEU P 305 31.78 86.96 95.39
C LEU P 305 31.19 88.31 95.78
N ARG P 306 30.02 88.33 96.42
CA ARG P 306 29.45 89.64 96.74
C ARG P 306 29.67 90.17 98.12
N ALA P 307 30.60 89.53 98.82
CA ALA P 307 30.98 89.94 100.17
C ALA P 307 31.96 91.09 99.93
N PHE P 308 32.91 90.84 99.03
CA PHE P 308 33.93 91.79 98.68
C PHE P 308 33.49 92.93 97.78
N THR P 309 33.10 94.02 98.42
CA THR P 309 32.70 95.24 97.76
C THR P 309 33.82 96.25 97.97
N ALA P 310 33.78 97.34 97.20
CA ALA P 310 34.78 98.41 97.19
C ALA P 310 35.34 98.84 98.54
N ASP P 311 34.50 98.70 99.56
CA ASP P 311 34.85 99.14 100.89
C ASP P 311 35.12 98.07 101.93
N VAL P 312 35.83 97.04 101.56
CA VAL P 312 36.16 96.02 102.54
C VAL P 312 37.64 96.31 102.73
N TRP P 313 38.07 96.36 103.97
CA TRP P 313 39.45 96.70 104.21
C TRP P 313 40.45 95.92 103.38
N VAL P 314 40.30 94.59 103.38
CA VAL P 314 41.17 93.69 102.62
C VAL P 314 41.20 94.05 101.14
N VAL P 315 40.05 94.48 100.62
CA VAL P 315 39.92 94.88 99.24
C VAL P 315 40.68 96.18 98.97
N GLN P 316 40.60 97.10 99.93
CA GLN P 316 41.27 98.41 99.88
C GLN P 316 42.78 98.17 99.99
N ILE P 317 43.20 97.48 101.05
CA ILE P 317 44.61 97.14 101.20
C ILE P 317 45.08 96.62 99.83
N ALA P 318 44.48 95.50 99.40
CA ALA P 318 44.78 94.81 98.14
C ALA P 318 44.68 95.67 96.91
N ASN P 319 43.68 96.55 96.90
CA ASN P 319 43.50 97.48 95.80
C ASN P 319 44.72 98.38 95.78
N PHE P 320 45.14 98.83 96.96
CA PHE P 320 46.30 99.71 97.09
C PHE P 320 47.61 99.07 96.57
N ILE P 321 48.00 98.00 97.23
CA ILE P 321 49.18 97.25 96.86
C ILE P 321 49.23 96.92 95.36
N SER P 322 48.06 96.82 94.74
CA SER P 322 47.96 96.50 93.32
C SER P 322 47.79 97.71 92.39
N PHE P 323 48.25 98.88 92.82
CA PHE P 323 48.11 100.08 92.01
C PHE P 323 46.77 100.19 91.32
N GLY P 324 45.77 99.49 91.82
CA GLY P 324 44.48 99.59 91.19
C GLY P 324 44.03 98.36 90.42
N ILE P 325 44.99 97.64 89.83
CA ILE P 325 44.67 96.45 89.04
C ILE P 325 43.68 95.53 89.72
N ILE P 326 43.95 95.12 90.95
CA ILE P 326 43.03 94.24 91.65
C ILE P 326 42.01 95.02 92.43
N ASP P 327 40.95 95.52 91.79
CA ASP P 327 39.94 96.26 92.54
C ASP P 327 38.86 95.35 93.13
N ALA P 328 37.78 95.93 93.62
CA ALA P 328 36.71 95.13 94.24
C ALA P 328 36.14 94.06 93.34
N LYS P 329 35.81 94.47 92.13
CA LYS P 329 35.23 93.59 91.14
C LYS P 329 36.03 92.31 90.91
N PHE P 330 37.25 92.50 90.42
CA PHE P 330 38.16 91.38 90.10
C PHE P 330 38.60 90.61 91.32
N PHE P 331 38.40 91.23 92.48
CA PHE P 331 38.77 90.61 93.74
C PHE P 331 37.72 89.54 94.02
N GLY P 332 36.46 89.92 93.88
CA GLY P 332 35.37 88.98 94.09
C GLY P 332 35.53 87.81 93.17
N VAL P 333 35.89 88.09 91.91
CA VAL P 333 36.10 87.02 90.95
C VAL P 333 37.18 86.13 91.53
N LEU P 334 38.34 86.70 91.80
CA LEU P 334 39.42 85.91 92.36
C LEU P 334 39.03 85.18 93.63
N ALA P 335 38.20 85.80 94.46
CA ALA P 335 37.79 85.20 95.71
C ALA P 335 36.91 83.97 95.55
N MET P 336 36.07 83.99 94.53
CA MET P 336 35.17 82.88 94.29
C MET P 336 35.89 81.71 93.68
N PHE P 337 36.59 81.94 92.57
CA PHE P 337 37.32 80.86 91.93
C PHE P 337 38.35 80.34 92.90
N GLY P 338 38.94 81.25 93.68
CA GLY P 338 39.94 80.84 94.65
C GLY P 338 39.35 79.97 95.75
N ALA P 339 38.06 80.16 96.05
CA ALA P 339 37.40 79.38 97.08
C ALA P 339 37.38 77.94 96.61
N ILE P 340 37.26 77.76 95.31
CA ILE P 340 37.26 76.41 94.75
C ILE P 340 38.71 75.90 94.64
N LEU P 341 39.59 76.69 94.04
CA LEU P 341 40.99 76.29 93.89
C LEU P 341 41.58 75.89 95.21
N VAL P 342 41.24 76.62 96.25
CA VAL P 342 41.74 76.32 97.58
C VAL P 342 41.36 74.90 97.99
N MET P 343 40.11 74.53 97.73
CA MET P 343 39.56 73.21 98.06
C MET P 343 40.20 72.12 97.21
N ALA P 344 40.73 72.50 96.05
CA ALA P 344 41.37 71.54 95.15
C ALA P 344 42.75 71.19 95.63
N LEU P 345 43.32 72.07 96.46
CA LEU P 345 44.65 71.90 96.99
C LEU P 345 44.67 71.29 98.38
N VAL P 346 43.54 70.91 98.92
CA VAL P 346 43.54 70.35 100.25
C VAL P 346 44.59 69.28 100.49
N PRO P 347 44.86 68.42 99.48
CA PRO P 347 45.87 67.38 99.66
C PRO P 347 47.24 67.89 100.11
N TRP P 348 47.51 69.16 99.82
CA TRP P 348 48.77 69.80 100.16
C TRP P 348 48.66 70.90 101.23
N LEU P 349 47.56 70.96 101.96
CA LEU P 349 47.40 71.96 102.99
C LEU P 349 47.11 71.21 104.27
N ASP P 350 46.44 70.08 104.15
CA ASP P 350 46.19 69.31 105.35
C ASP P 350 47.46 68.51 105.54
N THR P 351 48.26 68.96 106.52
CA THR P 351 49.55 68.35 106.87
C THR P 351 49.52 67.20 107.89
N SER P 352 48.36 66.96 108.51
CA SER P 352 48.24 65.87 109.47
C SER P 352 48.38 64.54 108.70
N PRO P 353 49.18 63.61 109.21
CA PRO P 353 49.38 62.31 108.56
C PRO P 353 48.27 61.34 108.89
N VAL P 354 47.44 61.71 109.86
CA VAL P 354 46.32 60.87 110.25
C VAL P 354 45.27 61.06 109.17
N ARG P 355 44.82 59.95 108.56
CA ARG P 355 43.85 60.02 107.49
C ARG P 355 42.44 60.39 107.96
N SER P 356 41.70 59.42 108.49
CA SER P 356 40.35 59.72 108.93
C SER P 356 40.24 60.78 110.01
N GLY P 357 39.36 61.75 109.82
CA GLY P 357 39.23 62.79 110.81
C GLY P 357 38.40 62.30 111.97
N ARG P 358 38.11 61.01 111.99
CA ARG P 358 37.31 60.44 113.07
C ARG P 358 38.25 60.35 114.29
N TYR P 359 39.54 60.41 114.00
CA TYR P 359 40.58 60.31 115.01
C TYR P 359 41.40 61.59 115.17
N ARG P 360 40.79 62.74 114.89
CA ARG P 360 41.43 64.06 114.99
C ARG P 360 40.43 64.93 115.72
N PRO P 361 40.42 64.85 117.05
CA PRO P 361 39.50 65.60 117.91
C PRO P 361 39.45 67.11 117.70
N MET P 362 40.56 67.70 117.28
CA MET P 362 40.58 69.15 117.06
C MET P 362 39.99 69.47 115.70
N PHE P 363 40.47 68.72 114.71
CA PHE P 363 40.00 68.84 113.35
C PHE P 363 38.47 68.79 113.34
N LYS P 364 37.89 67.73 113.92
CA LYS P 364 36.45 67.60 113.93
C LYS P 364 35.76 68.93 114.11
N ILE P 365 36.23 69.74 115.03
CA ILE P 365 35.53 70.99 115.25
C ILE P 365 35.58 72.02 114.15
N TYR P 366 36.74 72.18 113.52
CA TYR P 366 36.84 73.15 112.46
C TYR P 366 36.07 72.65 111.23
N PHE P 367 36.06 71.34 111.03
CA PHE P 367 35.35 70.73 109.92
C PHE P 367 33.85 71.02 109.97
N TRP P 368 33.21 70.70 111.08
CA TRP P 368 31.78 70.98 111.22
C TRP P 368 31.45 72.46 111.16
N LEU P 369 32.45 73.31 111.40
CA LEU P 369 32.25 74.75 111.30
C LEU P 369 32.28 75.05 109.83
N LEU P 370 33.12 74.31 109.10
CA LEU P 370 33.21 74.47 107.65
C LEU P 370 31.88 74.05 107.05
N ALA P 371 31.32 72.96 107.56
CA ALA P 371 30.02 72.48 107.09
C ALA P 371 28.95 73.53 107.38
N ALA P 372 28.85 73.97 108.63
CA ALA P 372 27.86 74.98 108.94
C ALA P 372 28.06 76.23 108.08
N ASP P 373 29.32 76.55 107.81
CA ASP P 373 29.67 77.75 107.04
C ASP P 373 29.14 77.70 105.62
N PHE P 374 29.25 76.52 105.01
CA PHE P 374 28.80 76.26 103.64
C PHE P 374 27.27 76.41 103.61
N VAL P 375 26.61 75.96 104.67
CA VAL P 375 25.16 76.06 104.77
C VAL P 375 24.76 77.53 104.94
N ILE P 376 25.53 78.23 105.77
CA ILE P 376 25.27 79.62 106.04
C ILE P 376 25.55 80.43 104.79
N LEU P 377 26.68 80.13 104.15
CA LEU P 377 27.09 80.83 102.94
C LEU P 377 25.97 80.76 101.94
N THR P 378 25.41 79.55 101.81
CA THR P 378 24.27 79.26 100.91
C THR P 378 23.05 80.09 101.32
N TRP P 379 22.73 80.05 102.60
CA TRP P 379 21.62 80.80 103.12
C TRP P 379 21.76 82.32 102.84
N VAL P 380 22.97 82.84 102.97
CA VAL P 380 23.22 84.25 102.76
C VAL P 380 23.10 84.71 101.31
N GLY P 381 23.55 83.87 100.39
CA GLY P 381 23.51 84.23 98.98
C GLY P 381 22.13 84.68 98.62
N ALA P 382 21.16 84.18 99.37
CA ALA P 382 19.76 84.46 99.13
C ALA P 382 19.16 85.71 99.80
N GLN P 383 19.93 86.39 100.65
CA GLN P 383 19.40 87.55 101.32
C GLN P 383 19.86 88.79 100.58
N GLN P 384 19.48 89.96 101.09
CA GLN P 384 19.90 91.23 100.49
C GLN P 384 21.38 91.61 100.92
N THR P 385 21.98 92.61 100.29
CA THR P 385 23.34 92.98 100.64
C THR P 385 23.41 93.94 101.84
N THR P 386 22.25 94.23 102.41
CA THR P 386 22.13 95.12 103.55
C THR P 386 22.65 94.48 104.85
N PHE P 387 22.80 95.32 105.87
CA PHE P 387 23.28 94.83 107.16
C PHE P 387 22.19 93.88 107.67
N PRO P 388 22.56 92.79 108.39
CA PRO P 388 23.85 92.25 108.82
C PRO P 388 24.41 91.20 107.84
N TYR P 389 23.70 91.02 106.73
CA TYR P 389 24.10 90.03 105.78
C TYR P 389 25.46 90.25 105.19
N ASP P 390 25.79 91.51 104.95
CA ASP P 390 27.10 91.85 104.40
C ASP P 390 28.22 91.42 105.38
N TRP P 391 27.88 91.40 106.66
CA TRP P 391 28.82 91.00 107.69
C TRP P 391 28.94 89.50 107.76
N ILE P 392 27.79 88.85 107.90
CA ILE P 392 27.69 87.40 107.95
C ILE P 392 28.44 86.78 106.77
N SER P 393 28.14 87.30 105.58
CA SER P 393 28.76 86.84 104.34
C SER P 393 30.28 86.97 104.40
N LEU P 394 30.74 88.07 104.99
CA LEU P 394 32.17 88.34 105.14
C LEU P 394 32.92 87.41 106.07
N ILE P 395 32.40 87.22 107.29
CA ILE P 395 33.04 86.32 108.25
C ILE P 395 33.03 84.92 107.63
N ALA P 396 31.90 84.57 107.01
CA ALA P 396 31.69 83.27 106.39
C ALA P 396 32.77 83.00 105.35
N SER P 397 32.91 83.94 104.41
CA SER P 397 33.91 83.84 103.35
C SER P 397 35.26 83.65 104.00
N ALA P 398 35.49 84.44 105.03
CA ALA P 398 36.72 84.42 105.78
C ALA P 398 36.98 83.05 106.38
N TYR P 399 36.01 82.49 107.08
CA TYR P 399 36.27 81.21 107.67
C TYR P 399 36.59 80.14 106.65
N TRP P 400 36.13 80.35 105.42
CA TRP P 400 36.36 79.37 104.35
C TRP P 400 37.85 79.31 104.04
N PHE P 401 38.45 80.44 103.70
CA PHE P 401 39.87 80.41 103.42
C PHE P 401 40.65 80.12 104.70
N ALA P 402 40.13 80.62 105.82
CA ALA P 402 40.74 80.39 107.12
C ALA P 402 41.00 78.90 107.26
N TYR P 403 39.94 78.11 107.07
CA TYR P 403 40.00 76.66 107.18
C TYR P 403 41.04 75.99 106.26
N PHE P 404 41.10 76.34 104.99
CA PHE P 404 42.08 75.69 104.11
C PHE P 404 43.48 76.25 104.18
N LEU P 405 43.58 77.57 104.21
CA LEU P 405 44.88 78.25 104.23
C LEU P 405 45.64 78.35 105.56
N VAL P 406 44.93 78.36 106.67
CA VAL P 406 45.61 78.47 107.95
C VAL P 406 45.39 77.30 108.87
N ILE P 407 44.13 77.10 109.27
CA ILE P 407 43.72 76.02 110.17
C ILE P 407 44.25 74.63 109.83
N LEU P 408 43.94 74.10 108.66
CA LEU P 408 44.44 72.78 108.33
C LEU P 408 45.95 72.66 108.42
N PRO P 409 46.69 73.64 107.86
CA PRO P 409 48.16 73.57 107.94
C PRO P 409 48.62 73.52 109.40
N ILE P 410 48.04 74.38 110.23
CA ILE P 410 48.39 74.46 111.66
C ILE P 410 47.97 73.22 112.49
N LEU P 411 46.82 72.61 112.21
CA LEU P 411 46.41 71.42 112.97
C LEU P 411 47.36 70.28 112.63
N GLY P 412 47.94 70.36 111.45
CA GLY P 412 48.84 69.33 111.02
C GLY P 412 50.01 69.19 111.95
N ALA P 413 50.48 70.31 112.50
CA ALA P 413 51.63 70.32 113.40
C ALA P 413 51.25 70.38 114.89
N ILE P 414 50.05 70.86 115.22
CA ILE P 414 49.62 70.94 116.61
C ILE P 414 48.92 69.66 117.07
N GLU P 415 47.60 69.69 117.08
CA GLU P 415 46.77 68.59 117.54
C GLU P 415 47.40 67.21 117.71
N LYS P 416 47.03 66.60 118.83
CA LYS P 416 47.51 65.28 119.18
C LYS P 416 46.44 64.31 118.71
N PRO P 417 46.75 63.50 117.69
CA PRO P 417 45.90 62.48 117.05
C PRO P 417 45.47 61.39 118.03
N VAL P 418 44.44 60.63 117.68
CA VAL P 418 43.99 59.57 118.57
C VAL P 418 44.45 58.25 117.97
N ALA P 419 44.26 57.18 118.73
CA ALA P 419 44.67 55.83 118.34
C ALA P 419 43.73 55.16 117.30
N PRO P 420 44.16 55.09 116.03
CA PRO P 420 43.33 54.46 115.01
C PRO P 420 43.38 52.91 114.99
N PRO P 421 42.20 52.24 114.90
CA PRO P 421 42.22 50.77 114.87
C PRO P 421 43.41 50.26 114.06
N ALA P 422 43.94 49.09 114.38
CA ALA P 422 45.09 48.57 113.65
C ALA P 422 44.71 47.87 112.36
N THR P 423 43.45 47.47 112.28
CA THR P 423 42.97 46.75 111.11
C THR P 423 41.48 47.02 110.90
N ILE P 424 41.06 47.05 109.64
CA ILE P 424 39.66 47.31 109.29
C ILE P 424 38.75 46.26 109.91
N GLU P 425 39.28 45.05 110.02
CA GLU P 425 38.56 43.94 110.62
C GLU P 425 38.21 44.30 112.05
N GLU P 426 39.24 44.60 112.82
CA GLU P 426 39.08 44.96 114.22
C GLU P 426 37.95 45.97 114.37
N ASP P 427 37.86 46.91 113.43
CA ASP P 427 36.82 47.93 113.48
C ASP P 427 35.48 47.36 113.08
N PHE P 428 35.47 46.51 112.06
CA PHE P 428 34.22 45.92 111.61
C PHE P 428 33.64 45.06 112.72
N ASN P 429 34.42 44.09 113.19
CA ASN P 429 33.98 43.19 114.23
C ASN P 429 33.46 43.97 115.42
N ALA P 430 34.03 45.15 115.68
CA ALA P 430 33.56 45.98 116.78
C ALA P 430 32.11 46.45 116.57
N ALA Q 1 11.36 95.87 98.16
CA ALA Q 1 10.34 94.88 98.61
C ALA Q 1 10.07 93.81 97.54
N GLY Q 2 9.29 92.80 97.93
CA GLY Q 2 8.96 91.70 97.04
C GLY Q 2 8.76 90.42 97.82
N GLY Q 3 7.97 90.52 98.88
CA GLY Q 3 7.68 89.39 99.74
C GLY Q 3 6.56 89.68 100.72
N GLY Q 4 5.51 90.34 100.24
CA GLY Q 4 4.38 90.68 101.10
C GLY Q 4 3.40 89.57 101.45
N HIS Q 5 2.17 90.00 101.77
CA HIS Q 5 1.07 89.11 102.18
C HIS Q 5 0.21 88.63 100.99
N VAL Q 6 -0.18 87.35 101.05
CA VAL Q 6 -1.00 86.69 100.04
C VAL Q 6 -2.06 85.82 100.73
N GLU Q 7 -3.32 85.97 100.33
CA GLU Q 7 -4.41 85.22 100.94
C GLU Q 7 -4.32 83.70 100.75
N ASP Q 8 -4.36 83.00 101.88
CA ASP Q 8 -4.29 81.54 101.97
C ASP Q 8 -5.57 80.82 101.47
N VAL Q 9 -5.80 80.78 100.15
CA VAL Q 9 -6.99 80.11 99.62
C VAL Q 9 -6.83 78.59 99.55
N PRO Q 10 -7.89 77.85 99.89
CA PRO Q 10 -7.85 76.39 99.85
C PRO Q 10 -8.33 75.90 98.49
N PHE Q 11 -7.43 75.85 97.51
CA PHE Q 11 -7.80 75.39 96.19
C PHE Q 11 -7.97 73.87 96.15
N SER Q 12 -8.85 73.40 95.25
CA SER Q 12 -9.15 71.96 95.08
C SER Q 12 -7.94 71.15 94.65
N PHE Q 13 -7.09 71.77 93.82
CA PHE Q 13 -5.88 71.15 93.30
C PHE Q 13 -4.67 71.17 94.25
N GLU Q 14 -4.73 71.99 95.30
CA GLU Q 14 -3.62 71.99 96.26
C GLU Q 14 -3.73 70.64 96.94
N GLY Q 15 -2.58 70.00 97.18
CA GLY Q 15 -2.58 68.70 97.82
C GLY Q 15 -2.06 67.64 96.88
N PRO Q 16 -1.48 66.55 97.40
CA PRO Q 16 -0.97 65.50 96.50
C PRO Q 16 -2.10 64.77 95.76
N PHE Q 17 -3.28 64.79 96.36
CA PHE Q 17 -4.46 64.14 95.78
C PHE Q 17 -5.36 65.21 95.21
N GLY Q 18 -4.81 66.41 95.06
CA GLY Q 18 -5.59 67.50 94.51
C GLY Q 18 -5.93 67.28 93.05
N THR Q 19 -7.06 67.85 92.63
CA THR Q 19 -7.54 67.71 91.26
C THR Q 19 -8.31 68.96 90.87
N PHE Q 20 -8.15 69.38 89.61
CA PHE Q 20 -8.87 70.56 89.14
C PHE Q 20 -10.35 70.29 89.22
N ASP Q 21 -11.14 71.37 89.33
CA ASP Q 21 -12.59 71.25 89.34
C ASP Q 21 -12.99 71.60 87.93
N GLN Q 22 -13.52 70.62 87.23
CA GLN Q 22 -13.90 70.83 85.85
C GLN Q 22 -14.76 72.07 85.66
N HIS Q 23 -15.60 72.38 86.64
CA HIS Q 23 -16.47 73.55 86.53
C HIS Q 23 -15.78 74.89 86.83
N GLN Q 24 -14.93 74.91 87.87
CA GLN Q 24 -14.23 76.13 88.20
C GLN Q 24 -13.57 76.60 86.92
N LEU Q 25 -12.71 75.73 86.40
CA LEU Q 25 -11.95 75.98 85.20
C LEU Q 25 -12.85 76.52 84.11
N GLN Q 26 -14.02 75.92 84.01
CA GLN Q 26 -14.98 76.36 83.01
C GLN Q 26 -15.35 77.82 83.32
N ARG Q 27 -15.73 78.08 84.58
CA ARG Q 27 -16.13 79.41 85.02
C ARG Q 27 -14.99 80.40 84.80
N GLY Q 28 -13.82 80.05 85.34
CA GLY Q 28 -12.67 80.90 85.18
C GLY Q 28 -12.46 81.27 83.72
N LEU Q 29 -12.61 80.29 82.84
CA LEU Q 29 -12.42 80.51 81.41
C LEU Q 29 -13.34 81.61 80.93
N GLN Q 30 -14.52 81.69 81.52
CA GLN Q 30 -15.47 82.70 81.10
C GLN Q 30 -15.01 84.08 81.56
N VAL Q 31 -14.51 84.11 82.80
CA VAL Q 31 -14.02 85.35 83.38
C VAL Q 31 -12.83 85.85 82.59
N TYR Q 32 -11.92 84.93 82.27
CA TYR Q 32 -10.76 85.32 81.49
C TYR Q 32 -11.17 85.84 80.10
N THR Q 33 -12.27 85.31 79.55
CA THR Q 33 -12.76 85.70 78.21
C THR Q 33 -13.54 87.02 78.20
N GLU Q 34 -14.39 87.17 79.20
CA GLU Q 34 -15.22 88.36 79.35
C GLU Q 34 -14.60 89.56 80.11
N VAL Q 35 -13.48 89.33 80.80
CA VAL Q 35 -12.82 90.40 81.54
C VAL Q 35 -11.32 90.58 81.23
N CYS Q 36 -10.53 89.59 81.64
CA CYS Q 36 -9.08 89.60 81.46
C CYS Q 36 -8.66 89.71 80.02
N ALA Q 37 -9.13 88.76 79.21
CA ALA Q 37 -8.81 88.72 77.78
C ALA Q 37 -8.75 90.08 77.13
N ALA Q 38 -9.48 91.04 77.69
CA ALA Q 38 -9.52 92.40 77.15
C ALA Q 38 -8.11 93.01 76.98
N CYS Q 39 -7.20 92.73 77.92
CA CYS Q 39 -5.83 93.24 77.88
C CYS Q 39 -4.79 92.11 77.87
N HIS Q 40 -5.00 91.06 78.68
CA HIS Q 40 -4.11 89.89 78.81
C HIS Q 40 -4.21 88.75 77.80
N GLY Q 41 -3.08 88.40 77.19
CA GLY Q 41 -3.06 87.30 76.24
C GLY Q 41 -2.71 86.01 76.97
N MET Q 42 -2.56 84.91 76.24
CA MET Q 42 -2.19 83.62 76.83
C MET Q 42 -1.46 82.82 75.78
N LYS Q 43 -0.76 83.53 74.91
CA LYS Q 43 -0.02 83.00 73.79
C LYS Q 43 0.72 81.65 73.85
N PHE Q 44 0.84 81.04 75.01
CA PHE Q 44 1.55 79.76 75.08
C PHE Q 44 0.55 78.66 75.21
N VAL Q 45 -0.71 79.07 75.34
CA VAL Q 45 -1.81 78.14 75.50
C VAL Q 45 -2.59 77.94 74.18
N PRO Q 46 -2.56 76.70 73.68
CA PRO Q 46 -3.25 76.32 72.44
C PRO Q 46 -4.75 76.16 72.76
N ILE Q 47 -5.62 76.90 72.07
CA ILE Q 47 -7.05 76.82 72.38
C ILE Q 47 -7.59 75.39 72.53
N ARG Q 48 -7.15 74.52 71.64
CA ARG Q 48 -7.55 73.12 71.63
C ARG Q 48 -7.24 72.39 72.92
N SER Q 49 -6.48 72.98 73.81
CA SER Q 49 -6.19 72.28 75.04
C SER Q 49 -7.44 72.37 75.91
N LEU Q 50 -8.37 73.22 75.48
CA LEU Q 50 -9.61 73.39 76.22
C LEU Q 50 -10.38 72.08 76.22
N SER Q 51 -10.19 71.29 75.16
CA SER Q 51 -10.83 69.98 74.97
C SER Q 51 -10.10 68.90 75.78
N GLU Q 52 -8.76 68.99 75.80
CA GLU Q 52 -7.88 68.05 76.52
C GLU Q 52 -8.39 67.72 77.92
N PRO Q 53 -8.23 66.46 78.33
CA PRO Q 53 -8.63 65.90 79.63
C PRO Q 53 -7.80 66.44 80.77
N GLY Q 54 -8.41 66.55 81.95
CA GLY Q 54 -7.71 67.06 83.11
C GLY Q 54 -7.76 68.59 83.10
N GLY Q 55 -8.76 69.11 82.42
CA GLY Q 55 -8.90 70.56 82.37
C GLY Q 55 -10.36 70.95 82.28
N PRO Q 56 -10.66 72.06 81.60
CA PRO Q 56 -12.03 72.53 81.46
C PRO Q 56 -12.84 71.44 80.77
N GLU Q 57 -12.16 70.70 79.90
CA GLU Q 57 -12.73 69.60 79.12
C GLU Q 57 -14.00 69.91 78.36
N LEU Q 58 -13.98 70.96 77.54
CA LEU Q 58 -15.15 71.31 76.74
C LEU Q 58 -15.11 70.47 75.47
N PRO Q 59 -16.28 70.08 74.93
CA PRO Q 59 -16.39 69.28 73.70
C PRO Q 59 -15.95 70.10 72.47
N GLU Q 60 -15.18 69.47 71.58
CA GLU Q 60 -14.62 70.14 70.41
C GLU Q 60 -15.51 71.10 69.67
N ASP Q 61 -16.79 70.81 69.58
CA ASP Q 61 -17.70 71.71 68.86
C ASP Q 61 -17.77 73.09 69.53
N GLN Q 62 -17.72 73.10 70.86
CA GLN Q 62 -17.75 74.35 71.62
C GLN Q 62 -16.39 75.03 71.43
N VAL Q 63 -15.34 74.29 71.75
CA VAL Q 63 -13.98 74.76 71.63
C VAL Q 63 -13.74 75.30 70.23
N ARG Q 64 -14.29 74.62 69.22
CA ARG Q 64 -14.14 75.02 67.82
C ARG Q 64 -14.89 76.33 67.54
N ALA Q 65 -16.02 76.48 68.22
CA ALA Q 65 -16.87 77.65 68.11
C ALA Q 65 -16.21 78.81 68.85
N TYR Q 66 -15.70 78.52 70.04
CA TYR Q 66 -15.01 79.47 70.88
C TYR Q 66 -13.88 80.11 70.09
N ALA Q 67 -12.96 79.28 69.63
CA ALA Q 67 -11.82 79.75 68.85
C ALA Q 67 -12.22 80.67 67.70
N THR Q 68 -13.52 80.83 67.50
CA THR Q 68 -14.06 81.65 66.40
C THR Q 68 -14.08 83.17 66.63
N GLN Q 69 -14.24 83.61 67.88
CA GLN Q 69 -14.28 85.06 68.17
C GLN Q 69 -12.91 85.77 68.05
N PHE Q 70 -11.82 84.99 68.06
CA PHE Q 70 -10.44 85.50 67.95
C PHE Q 70 -10.03 85.77 66.52
N THR Q 71 -9.73 87.03 66.23
CA THR Q 71 -9.32 87.41 64.90
C THR Q 71 -7.81 87.26 64.71
N VAL Q 72 -7.41 86.10 64.19
CA VAL Q 72 -5.99 85.76 63.95
C VAL Q 72 -5.52 86.09 62.53
N THR Q 73 -4.23 86.41 62.41
CA THR Q 73 -3.63 86.71 61.10
C THR Q 73 -2.78 85.48 60.74
N ASP Q 74 -3.26 84.67 59.80
CA ASP Q 74 -2.54 83.46 59.40
C ASP Q 74 -1.11 83.78 58.89
N GLU Q 75 -0.12 82.97 59.30
CA GLU Q 75 1.29 83.18 58.92
C GLU Q 75 1.65 82.97 57.46
N GLU Q 76 0.97 82.02 56.82
CA GLU Q 76 1.22 81.73 55.41
C GLU Q 76 0.57 82.77 54.49
N THR Q 77 -0.75 82.94 54.65
CA THR Q 77 -1.50 83.90 53.84
C THR Q 77 -1.16 85.36 54.20
N GLY Q 78 -1.32 85.72 55.46
CA GLY Q 78 -1.03 87.07 55.91
C GLY Q 78 -2.32 87.81 56.22
N GLU Q 79 -3.43 87.25 55.74
CA GLU Q 79 -4.76 87.81 55.94
C GLU Q 79 -5.45 87.18 57.15
N ASP Q 80 -6.41 87.91 57.71
CA ASP Q 80 -7.15 87.46 58.89
C ASP Q 80 -8.16 86.36 58.65
N ARG Q 81 -8.56 85.71 59.74
CA ARG Q 81 -9.49 84.62 59.67
C ARG Q 81 -10.01 84.32 61.06
N GLU Q 82 -11.02 83.46 61.14
CA GLU Q 82 -11.60 83.06 62.42
C GLU Q 82 -10.62 82.07 62.99
N GLY Q 83 -10.49 82.08 64.31
CA GLY Q 83 -9.53 81.19 64.89
C GLY Q 83 -9.92 79.74 64.93
N LYS Q 84 -8.97 78.87 64.58
CA LYS Q 84 -9.21 77.44 64.64
C LYS Q 84 -8.80 77.04 66.05
N PRO Q 85 -9.25 75.88 66.54
CA PRO Q 85 -8.83 75.51 67.89
C PRO Q 85 -7.37 75.10 67.97
N THR Q 86 -6.70 75.08 66.81
CA THR Q 86 -5.27 74.74 66.77
C THR Q 86 -4.46 76.00 66.91
N ASP Q 87 -5.15 77.09 67.23
CA ASP Q 87 -4.52 78.39 67.42
C ASP Q 87 -4.32 78.66 68.90
N HIS Q 88 -3.33 79.49 69.17
CA HIS Q 88 -3.00 79.86 70.54
C HIS Q 88 -3.79 81.11 70.88
N PHE Q 89 -4.25 81.22 72.13
CA PHE Q 89 -4.99 82.42 72.51
C PHE Q 89 -4.16 83.59 72.01
N PRO Q 90 -4.76 84.77 72.01
CA PRO Q 90 -4.10 86.00 71.57
C PRO Q 90 -2.95 86.52 72.47
N HIS Q 91 -2.04 87.32 71.90
CA HIS Q 91 -0.99 87.92 72.72
C HIS Q 91 -1.76 88.90 73.61
N SER Q 92 -1.09 89.59 74.52
CA SER Q 92 -1.84 90.54 75.32
C SER Q 92 -2.25 91.67 74.38
N ALA Q 93 -3.53 92.06 74.46
CA ALA Q 93 -4.06 93.14 73.64
C ALA Q 93 -3.46 94.48 74.06
N LEU Q 94 -3.43 94.69 75.39
CA LEU Q 94 -2.88 95.89 76.02
C LEU Q 94 -1.37 95.69 76.23
N GLU Q 95 -0.57 96.33 75.36
CA GLU Q 95 0.89 96.20 75.35
C GLU Q 95 1.69 96.02 76.65
N ASN Q 96 1.28 96.64 77.74
CA ASN Q 96 2.01 96.50 78.99
C ASN Q 96 1.35 95.52 79.95
N ALA Q 97 0.36 94.80 79.46
CA ALA Q 97 -0.32 93.81 80.27
C ALA Q 97 0.51 92.52 80.09
N PRO Q 98 0.86 91.86 81.19
CA PRO Q 98 1.64 90.64 81.04
C PRO Q 98 0.81 89.43 80.54
N ASP Q 99 1.49 88.53 79.84
CA ASP Q 99 0.84 87.32 79.34
C ASP Q 99 0.40 86.54 80.58
N LEU Q 100 -0.74 85.85 80.53
CA LEU Q 100 -1.16 85.10 81.72
C LEU Q 100 -0.89 83.59 81.64
N SER Q 101 -0.27 83.18 80.55
CA SER Q 101 0.04 81.76 80.31
C SER Q 101 0.70 81.05 81.46
N LEU Q 102 1.86 81.58 81.83
CA LEU Q 102 2.62 80.97 82.90
C LEU Q 102 2.50 81.65 84.26
N MET Q 103 1.81 82.79 84.30
CA MET Q 103 1.62 83.56 85.53
C MET Q 103 1.50 82.81 86.88
N ALA Q 104 0.50 81.94 87.05
CA ALA Q 104 0.37 81.25 88.32
C ALA Q 104 1.58 80.38 88.68
N LYS Q 105 2.58 80.39 87.81
CA LYS Q 105 3.79 79.59 87.98
C LYS Q 105 5.01 80.53 88.13
N ALA Q 106 4.82 81.76 87.68
CA ALA Q 106 5.84 82.81 87.68
C ALA Q 106 5.55 83.89 88.67
N ARG Q 107 5.16 83.51 89.88
CA ARG Q 107 4.91 84.47 90.95
C ARG Q 107 4.74 83.63 92.20
N ALA Q 108 5.48 84.00 93.23
CA ALA Q 108 5.41 83.29 94.48
C ALA Q 108 4.55 84.14 95.42
N GLY Q 109 3.83 83.46 96.30
CA GLY Q 109 2.96 84.17 97.22
C GLY Q 109 3.31 83.83 98.64
N PHE Q 110 4.12 82.79 98.79
CA PHE Q 110 4.59 82.36 100.09
C PHE Q 110 6.11 82.35 100.04
N HIS Q 111 6.72 83.27 100.79
CA HIS Q 111 8.17 83.41 100.86
C HIS Q 111 8.61 82.89 102.22
N GLY Q 112 9.52 81.91 102.21
CA GLY Q 112 9.99 81.33 103.45
C GLY Q 112 10.15 82.34 104.57
N PRO Q 113 10.08 81.90 105.85
CA PRO Q 113 10.21 82.74 107.06
C PRO Q 113 11.52 83.54 107.25
N MET Q 114 12.58 82.90 107.76
CA MET Q 114 13.88 83.56 107.97
C MET Q 114 14.60 83.76 106.63
N GLY Q 115 13.87 83.52 105.54
CA GLY Q 115 14.46 83.60 104.24
C GLY Q 115 14.92 82.18 104.00
N THR Q 116 14.40 81.27 104.83
CA THR Q 116 14.70 79.83 104.81
C THR Q 116 13.81 78.96 103.89
N GLY Q 117 12.85 79.59 103.22
CA GLY Q 117 11.98 78.88 102.32
C GLY Q 117 11.17 77.72 102.91
N ILE Q 118 10.95 77.73 104.23
CA ILE Q 118 10.18 76.67 104.86
C ILE Q 118 8.68 77.01 104.80
N SER Q 119 8.37 78.24 104.43
CA SER Q 119 6.98 78.67 104.31
C SER Q 119 6.47 78.28 102.95
N GLN Q 120 7.38 78.19 101.98
CA GLN Q 120 7.02 77.82 100.63
C GLN Q 120 6.96 76.29 100.53
N LEU Q 121 7.69 75.60 101.41
CA LEU Q 121 7.73 74.15 101.44
C LEU Q 121 6.40 73.53 101.91
N PHE Q 122 5.70 74.23 102.81
CA PHE Q 122 4.43 73.74 103.35
C PHE Q 122 3.18 74.41 102.77
N ASN Q 123 3.36 75.39 101.88
CA ASN Q 123 2.23 76.10 101.28
C ASN Q 123 2.36 76.24 99.77
N GLY Q 124 3.45 75.72 99.21
CA GLY Q 124 3.66 75.82 97.77
C GLY Q 124 4.12 77.20 97.34
N ILE Q 125 4.28 77.42 96.05
CA ILE Q 125 4.71 78.73 95.57
C ILE Q 125 3.62 79.75 95.76
N GLY Q 126 2.39 79.28 96.00
CA GLY Q 126 1.27 80.18 96.14
C GLY Q 126 1.02 81.17 95.01
N GLY Q 127 1.25 80.78 93.76
CA GLY Q 127 1.01 81.70 92.65
C GLY Q 127 -0.46 81.95 92.36
N PRO Q 128 -1.28 80.91 92.38
CA PRO Q 128 -2.69 81.15 92.11
C PRO Q 128 -3.17 82.01 93.26
N GLU Q 129 -2.82 81.56 94.48
CA GLU Q 129 -3.15 82.25 95.73
C GLU Q 129 -2.75 83.74 95.64
N TYR Q 130 -1.68 84.04 94.90
CA TYR Q 130 -1.21 85.43 94.73
C TYR Q 130 -2.10 86.16 93.74
N ILE Q 131 -2.32 85.56 92.57
CA ILE Q 131 -3.16 86.18 91.55
C ILE Q 131 -4.55 86.48 92.11
N TYR Q 132 -4.93 85.66 93.06
CA TYR Q 132 -6.22 85.81 93.72
C TYR Q 132 -6.24 87.12 94.45
N SER Q 133 -5.25 87.27 95.34
CA SER Q 133 -5.06 88.45 96.18
C SER Q 133 -4.98 89.73 95.37
N VAL Q 134 -4.16 89.74 94.34
CA VAL Q 134 -4.04 90.94 93.51
C VAL Q 134 -5.39 91.39 92.96
N LEU Q 135 -6.29 90.44 92.76
CA LEU Q 135 -7.61 90.75 92.21
C LEU Q 135 -8.54 91.28 93.27
N THR Q 136 -8.52 90.61 94.42
CA THR Q 136 -9.35 90.95 95.56
C THR Q 136 -8.55 91.85 96.47
N GLY Q 137 -7.66 92.64 95.88
CA GLY Q 137 -6.81 93.52 96.67
C GLY Q 137 -6.84 95.00 96.37
N PHE Q 138 -7.90 95.44 95.73
CA PHE Q 138 -8.01 96.86 95.48
C PHE Q 138 -8.95 97.40 96.58
N PRO Q 139 -8.45 98.27 97.47
CA PRO Q 139 -9.31 98.82 98.52
C PRO Q 139 -9.94 100.11 97.98
N GLU Q 140 -11.11 100.48 98.51
CA GLU Q 140 -11.85 101.67 98.05
C GLU Q 140 -11.07 102.98 98.21
N GLU Q 141 -10.33 103.06 99.32
CA GLU Q 141 -9.58 104.27 99.66
C GLU Q 141 -8.07 104.07 99.83
N PRO Q 142 -7.24 104.92 99.17
CA PRO Q 142 -5.78 104.78 99.31
C PRO Q 142 -5.37 104.80 100.80
N PRO Q 143 -4.11 104.46 101.13
CA PRO Q 143 -3.85 104.53 102.57
C PRO Q 143 -3.68 106.03 102.90
N LYS Q 144 -4.12 106.48 104.07
CA LYS Q 144 -4.02 107.90 104.47
C LYS Q 144 -2.65 108.43 104.00
N CYS Q 145 -1.65 107.58 104.18
CA CYS Q 145 -0.24 107.75 103.80
C CYS Q 145 -0.05 108.45 102.44
N ALA Q 146 -0.83 108.07 101.43
CA ALA Q 146 -0.70 108.64 100.11
C ALA Q 146 -1.84 109.54 99.68
N GLU Q 147 -2.49 110.17 100.63
CA GLU Q 147 -3.60 111.06 100.34
C GLU Q 147 -3.12 112.25 99.50
N GLY Q 148 -3.53 112.33 98.24
CA GLY Q 148 -3.11 113.45 97.41
C GLY Q 148 -1.79 113.25 96.67
N HIS Q 149 -1.01 112.28 97.10
CA HIS Q 149 0.28 111.98 96.46
C HIS Q 149 0.16 110.70 95.61
N GLU Q 150 -1.08 110.36 95.25
CA GLU Q 150 -1.42 109.15 94.46
C GLU Q 150 -1.00 109.22 92.98
N PRO Q 151 -0.02 108.39 92.56
CA PRO Q 151 0.40 108.44 91.15
C PRO Q 151 -0.84 108.37 90.25
N ASP Q 152 -0.82 109.08 89.12
CA ASP Q 152 -1.98 109.08 88.21
C ASP Q 152 -1.96 107.99 87.16
N GLY Q 153 -2.98 107.14 87.20
CA GLY Q 153 -3.05 106.04 86.25
C GLY Q 153 -2.74 104.74 86.97
N PHE Q 154 -2.33 104.84 88.22
CA PHE Q 154 -2.03 103.66 89.01
C PHE Q 154 -3.10 103.57 90.08
N TYR Q 155 -3.19 102.42 90.73
CA TYR Q 155 -4.20 102.18 91.74
C TYR Q 155 -3.56 101.39 92.84
N TYR Q 156 -3.92 101.69 94.08
CA TYR Q 156 -3.31 100.98 95.18
C TYR Q 156 -3.82 99.56 95.21
N ASN Q 157 -2.92 98.65 95.58
CA ASN Q 157 -3.21 97.23 95.69
C ASN Q 157 -2.52 96.67 96.94
N ARG Q 158 -3.31 96.08 97.82
CA ARG Q 158 -2.79 95.56 99.06
C ARG Q 158 -2.08 94.21 98.99
N ALA Q 159 -1.72 93.75 97.80
CA ALA Q 159 -0.97 92.49 97.62
C ALA Q 159 0.21 92.69 96.67
N PHE Q 160 0.02 93.53 95.66
CA PHE Q 160 1.07 93.82 94.69
C PHE Q 160 2.26 94.36 95.48
N GLN Q 161 3.47 94.01 95.07
CA GLN Q 161 4.63 94.45 95.81
C GLN Q 161 5.69 95.17 95.03
N ASN Q 162 5.66 95.07 93.72
CA ASN Q 162 6.69 95.69 92.92
C ASN Q 162 6.26 96.96 92.23
N GLY Q 163 5.32 97.66 92.85
CA GLY Q 163 4.83 98.91 92.27
C GLY Q 163 5.51 100.09 92.90
N SER Q 164 5.26 101.29 92.36
CA SER Q 164 5.84 102.52 92.89
C SER Q 164 5.01 103.05 94.07
N VAL Q 165 5.67 103.65 95.06
CA VAL Q 165 4.96 104.17 96.23
C VAL Q 165 5.32 105.65 96.44
N PRO Q 166 4.31 106.51 96.74
CA PRO Q 166 4.50 107.94 96.97
C PRO Q 166 5.61 108.19 97.98
N ASP Q 167 6.33 109.30 97.83
CA ASP Q 167 7.43 109.64 98.74
C ASP Q 167 6.96 109.69 100.18
N THR Q 168 5.74 110.19 100.36
CA THR Q 168 5.12 110.36 101.67
C THR Q 168 4.78 109.03 102.31
N CYS Q 169 4.98 107.99 101.54
CA CYS Q 169 4.63 106.67 101.94
C CYS Q 169 5.85 105.77 102.19
N LYS Q 170 7.00 106.40 102.32
CA LYS Q 170 8.28 105.72 102.60
C LYS Q 170 8.79 106.21 103.96
N ASP Q 171 9.37 105.33 104.77
CA ASP Q 171 9.89 105.74 106.07
C ASP Q 171 11.28 106.39 106.01
N ALA Q 172 11.93 106.48 107.17
CA ALA Q 172 13.26 107.09 107.31
C ALA Q 172 14.36 106.56 106.36
N ASN Q 173 14.30 105.27 106.02
CA ASN Q 173 15.30 104.63 105.17
C ASN Q 173 14.97 104.44 103.70
N GLY Q 174 13.70 104.56 103.34
CA GLY Q 174 13.28 104.37 101.95
C GLY Q 174 12.26 103.27 101.81
N VAL Q 175 12.26 102.36 102.80
CA VAL Q 175 11.33 101.25 102.85
C VAL Q 175 9.90 101.78 102.82
N LYS Q 176 8.99 101.10 102.13
CA LYS Q 176 7.62 101.57 102.09
C LYS Q 176 6.85 101.14 103.34
N THR Q 177 5.94 102.00 103.77
CA THR Q 177 5.13 101.76 104.97
C THR Q 177 3.85 101.00 104.65
N THR Q 178 3.36 101.18 103.41
CA THR Q 178 2.14 100.52 102.93
C THR Q 178 2.34 99.03 102.77
N ALA Q 179 1.28 98.26 102.99
CA ALA Q 179 1.31 96.82 102.85
C ALA Q 179 1.49 96.44 101.38
N GLY Q 180 0.91 97.20 100.47
CA GLY Q 180 1.03 96.87 99.06
C GLY Q 180 1.69 97.99 98.31
N SER Q 181 1.17 98.30 97.14
CA SER Q 181 1.75 99.38 96.37
C SER Q 181 0.89 99.71 95.18
N TRP Q 182 1.45 100.46 94.24
CA TRP Q 182 0.69 100.90 93.10
C TRP Q 182 0.90 100.17 91.77
N ILE Q 183 -0.17 99.45 91.33
CA ILE Q 183 -0.25 98.67 90.05
C ILE Q 183 -0.97 99.50 88.99
N ALA Q 184 -0.53 99.40 87.74
CA ALA Q 184 -1.11 100.12 86.61
C ALA Q 184 -2.40 99.44 86.10
N MET Q 185 -2.81 98.38 86.78
CA MET Q 185 -4.01 97.63 86.40
C MET Q 185 -5.23 98.06 87.17
N PRO Q 186 -6.10 98.88 86.55
CA PRO Q 186 -7.32 99.34 87.22
C PRO Q 186 -8.13 98.13 87.67
N PRO Q 187 -8.57 98.10 88.94
CA PRO Q 187 -9.35 96.95 89.41
C PRO Q 187 -10.34 96.46 88.37
N PRO Q 188 -10.15 95.21 87.92
CA PRO Q 188 -10.91 94.47 86.90
C PRO Q 188 -12.30 93.92 87.27
N LEU Q 189 -12.40 93.32 88.46
CA LEU Q 189 -13.64 92.75 88.91
C LEU Q 189 -14.52 93.69 89.73
N MET Q 190 -15.83 93.49 89.62
CA MET Q 190 -16.86 94.23 90.37
C MET Q 190 -18.07 93.30 90.38
N ASP Q 191 -18.54 92.93 91.56
CA ASP Q 191 -19.65 91.98 91.71
C ASP Q 191 -20.58 91.78 90.52
N ASP Q 192 -20.71 90.51 90.12
CA ASP Q 192 -21.56 90.07 89.02
C ASP Q 192 -21.34 90.76 87.68
N LEU Q 193 -20.07 90.81 87.25
CA LEU Q 193 -19.66 91.42 85.98
C LEU Q 193 -19.77 90.33 84.93
N VAL Q 194 -19.98 89.12 85.44
CA VAL Q 194 -20.10 87.94 84.63
C VAL Q 194 -21.25 87.13 85.22
N GLU Q 195 -22.10 86.56 84.37
CA GLU Q 195 -23.24 85.75 84.81
C GLU Q 195 -23.05 84.31 84.43
N TYR Q 196 -22.69 83.50 85.41
CA TYR Q 196 -22.46 82.09 85.18
C TYR Q 196 -23.78 81.45 84.78
N ALA Q 197 -23.70 80.55 83.80
CA ALA Q 197 -24.87 79.86 83.30
C ALA Q 197 -25.76 79.35 84.45
N ASP Q 198 -25.23 78.44 85.25
CA ASP Q 198 -25.99 77.85 86.35
C ASP Q 198 -26.32 78.78 87.52
N GLY Q 199 -26.07 80.08 87.35
CA GLY Q 199 -26.37 81.04 88.40
C GLY Q 199 -25.40 81.18 89.56
N HIS Q 200 -24.39 80.31 89.63
CA HIS Q 200 -23.36 80.34 90.69
C HIS Q 200 -22.97 81.79 90.94
N ASP Q 201 -22.78 82.18 92.21
CA ASP Q 201 -22.46 83.58 92.53
C ASP Q 201 -21.26 84.18 91.81
N ALA Q 202 -21.41 85.45 91.43
CA ALA Q 202 -20.36 86.17 90.74
C ALA Q 202 -19.78 87.26 91.62
N SER Q 203 -19.61 86.97 92.91
CA SER Q 203 -19.03 87.94 93.85
C SER Q 203 -17.57 88.06 93.46
N VAL Q 204 -17.03 89.28 93.46
CA VAL Q 204 -15.64 89.44 93.08
C VAL Q 204 -14.77 88.43 93.85
N HIS Q 205 -15.29 87.91 94.97
CA HIS Q 205 -14.56 86.92 95.74
C HIS Q 205 -14.43 85.62 94.95
N ALA Q 206 -15.56 85.10 94.47
CA ALA Q 206 -15.57 83.85 93.71
C ALA Q 206 -14.93 83.99 92.34
N MET Q 207 -15.36 84.97 91.54
CA MET Q 207 -14.77 85.18 90.21
C MET Q 207 -13.24 85.12 90.27
N ALA Q 208 -12.64 85.95 91.12
CA ALA Q 208 -11.18 85.97 91.25
C ALA Q 208 -10.64 84.59 91.67
N GLU Q 209 -11.40 83.86 92.49
CA GLU Q 209 -10.98 82.53 92.94
C GLU Q 209 -11.01 81.54 91.79
N ASP Q 210 -11.94 81.75 90.87
CA ASP Q 210 -12.11 80.85 89.72
C ASP Q 210 -11.08 81.14 88.64
N VAL Q 211 -10.92 82.40 88.24
CA VAL Q 211 -9.94 82.74 87.20
C VAL Q 211 -8.54 82.32 87.66
N SER Q 212 -8.44 82.04 88.95
CA SER Q 212 -7.18 81.60 89.52
C SER Q 212 -7.00 80.13 89.19
N ALA Q 213 -7.97 79.30 89.56
CA ALA Q 213 -7.89 77.88 89.27
C ALA Q 213 -7.74 77.72 87.75
N PHE Q 214 -8.39 78.59 86.98
CA PHE Q 214 -8.23 78.53 85.54
C PHE Q 214 -6.79 78.89 85.17
N LEU Q 215 -6.32 80.06 85.61
CA LEU Q 215 -4.94 80.49 85.32
C LEU Q 215 -3.88 79.53 85.84
N MET Q 216 -4.23 78.74 86.84
CA MET Q 216 -3.33 77.75 87.40
C MET Q 216 -3.18 76.69 86.33
N TRP Q 217 -4.32 76.13 85.91
CA TRP Q 217 -4.38 75.11 84.85
C TRP Q 217 -3.76 75.61 83.54
N ALA Q 218 -3.99 76.87 83.17
CA ALA Q 218 -3.45 77.41 81.91
C ALA Q 218 -1.95 77.27 81.91
N ALA Q 219 -1.36 77.39 83.09
CA ALA Q 219 0.07 77.29 83.28
C ALA Q 219 0.54 75.84 83.49
N GLU Q 220 -0.17 75.06 84.30
CA GLU Q 220 0.17 73.66 84.57
C GLU Q 220 -0.89 72.63 84.09
N PRO Q 221 -1.18 72.57 82.77
CA PRO Q 221 -2.16 71.66 82.20
C PRO Q 221 -1.96 70.22 82.61
N LYS Q 222 -0.70 69.83 82.77
CA LYS Q 222 -0.43 68.47 83.16
C LYS Q 222 -0.32 68.29 84.67
N LEU Q 223 -1.03 69.10 85.44
CA LEU Q 223 -0.94 68.99 86.88
C LEU Q 223 -1.30 67.58 87.37
N MET Q 224 -2.47 67.12 86.96
CA MET Q 224 -2.97 65.82 87.34
C MET Q 224 -2.15 64.65 86.81
N ALA Q 225 -1.71 64.75 85.57
CA ALA Q 225 -0.90 63.70 84.98
C ALA Q 225 0.35 63.54 85.83
N ARG Q 226 0.98 64.67 86.12
CA ARG Q 226 2.21 64.72 86.90
C ARG Q 226 2.05 64.05 88.26
N LYS Q 227 0.98 64.37 88.96
CA LYS Q 227 0.73 63.80 90.27
C LYS Q 227 0.47 62.32 90.24
N GLN Q 228 -0.23 61.87 89.21
CA GLN Q 228 -0.50 60.44 89.10
C GLN Q 228 0.86 59.80 88.86
N ALA Q 229 1.61 60.41 87.96
CA ALA Q 229 2.95 59.95 87.62
C ALA Q 229 3.71 59.83 88.93
N GLY Q 230 3.49 60.80 89.81
CA GLY Q 230 4.16 60.83 91.10
C GLY Q 230 3.89 59.64 91.98
N PHE Q 231 2.61 59.33 92.19
CA PHE Q 231 2.20 58.20 93.02
C PHE Q 231 2.85 56.92 92.55
N THR Q 232 2.64 56.67 91.27
CA THR Q 232 3.18 55.52 90.60
C THR Q 232 4.66 55.34 90.96
N ALA Q 233 5.47 56.35 90.64
CA ALA Q 233 6.90 56.33 90.92
C ALA Q 233 7.20 56.01 92.38
N VAL Q 234 6.35 56.50 93.27
CA VAL Q 234 6.54 56.27 94.70
C VAL Q 234 6.19 54.86 95.15
N MET Q 235 5.19 54.25 94.51
CA MET Q 235 4.81 52.89 94.86
C MET Q 235 5.89 51.93 94.37
N PHE Q 236 6.22 52.04 93.08
CA PHE Q 236 7.25 51.20 92.44
C PHE Q 236 8.46 51.17 93.35
N LEU Q 237 8.86 52.38 93.78
CA LEU Q 237 10.03 52.60 94.63
C LEU Q 237 9.88 52.27 96.11
N THR Q 238 8.66 52.38 96.68
CA THR Q 238 8.44 52.04 98.08
C THR Q 238 8.55 50.53 98.20
N VAL Q 239 8.12 49.82 97.16
CA VAL Q 239 8.19 48.36 97.10
C VAL Q 239 9.62 47.90 96.81
N LEU Q 240 10.16 48.38 95.70
CA LEU Q 240 11.54 48.06 95.28
C LEU Q 240 12.56 48.37 96.38
N SER Q 241 12.21 49.34 97.24
CA SER Q 241 13.08 49.70 98.35
C SER Q 241 12.99 48.65 99.42
N VAL Q 242 11.76 48.32 99.82
CA VAL Q 242 11.54 47.30 100.83
C VAL Q 242 12.15 45.98 100.43
N LEU Q 243 11.98 45.61 99.16
CA LEU Q 243 12.54 44.37 98.66
C LEU Q 243 14.06 44.45 98.64
N LEU Q 244 14.60 45.50 98.02
CA LEU Q 244 16.05 45.69 97.95
C LEU Q 244 16.64 45.70 99.33
N TYR Q 245 15.85 46.17 100.28
CA TYR Q 245 16.29 46.24 101.66
C TYR Q 245 16.51 44.84 102.22
N LEU Q 246 15.45 44.03 102.17
CA LEU Q 246 15.50 42.67 102.66
C LEU Q 246 16.60 41.88 101.95
N THR Q 247 16.77 42.14 100.65
CA THR Q 247 17.79 41.44 99.89
C THR Q 247 19.15 41.85 100.42
N ASN Q 248 19.21 43.07 100.96
CA ASN Q 248 20.45 43.57 101.52
C ASN Q 248 20.64 42.93 102.88
N LYS Q 249 19.69 43.13 103.76
CA LYS Q 249 19.73 42.58 105.10
C LYS Q 249 20.05 41.08 105.05
N ARG Q 250 19.21 40.33 104.33
CA ARG Q 250 19.37 38.89 104.21
C ARG Q 250 20.49 38.49 103.25
N LEU Q 251 21.62 39.17 103.33
CA LEU Q 251 22.78 38.92 102.48
C LEU Q 251 24.04 39.29 103.23
N TRP Q 252 23.93 40.32 104.05
CA TRP Q 252 25.04 40.76 104.88
C TRP Q 252 24.93 39.91 106.13
N ALA Q 253 23.81 39.20 106.24
CA ALA Q 253 23.55 38.32 107.37
C ALA Q 253 24.64 37.24 107.37
N GLY Q 254 25.16 36.95 106.18
CA GLY Q 254 26.20 35.95 106.03
C GLY Q 254 27.60 36.54 106.11
N VAL Q 255 27.77 37.50 107.00
CA VAL Q 255 29.07 38.17 107.23
C VAL Q 255 29.10 38.73 108.65
N LYS Q 256 28.21 39.70 108.92
CA LYS Q 256 28.07 40.37 110.22
C LYS Q 256 26.74 39.99 110.89
N GLY R 9 13.60 23.70 99.39
CA GLY R 9 14.33 24.88 98.83
C GLY R 9 14.39 26.05 99.79
N THR R 10 14.18 27.26 99.27
CA THR R 10 14.20 28.47 100.08
C THR R 10 13.20 29.53 99.61
N ARG R 11 12.88 30.46 100.52
CA ARG R 11 11.97 31.57 100.22
C ARG R 11 12.88 32.79 99.99
N ARG R 12 14.19 32.51 100.03
CA ARG R 12 15.27 33.49 99.81
C ARG R 12 15.50 33.54 98.31
N ASP R 13 15.26 32.41 97.64
CA ASP R 13 15.42 32.33 96.19
C ASP R 13 14.24 33.06 95.55
N PHE R 14 13.14 33.15 96.30
CA PHE R 14 11.94 33.84 95.87
C PHE R 14 12.18 35.36 95.92
N LEU R 15 12.71 35.83 97.05
CA LEU R 15 13.01 37.25 97.26
C LEU R 15 13.95 37.79 96.19
N TYR R 16 14.97 37.00 95.86
CA TYR R 16 15.95 37.40 94.85
C TYR R 16 15.33 37.44 93.45
N TYR R 17 14.02 37.19 93.39
CA TYR R 17 13.28 37.22 92.12
C TYR R 17 12.24 38.32 92.22
N ALA R 18 11.57 38.37 93.36
CA ALA R 18 10.56 39.38 93.61
C ALA R 18 11.27 40.74 93.51
N THR R 19 12.57 40.71 93.78
CA THR R 19 13.40 41.90 93.73
C THR R 19 13.78 42.20 92.28
N ALA R 20 14.64 41.37 91.71
CA ALA R 20 15.05 41.56 90.32
C ALA R 20 13.82 41.78 89.44
N GLY R 21 12.69 41.25 89.89
CA GLY R 21 11.45 41.41 89.15
C GLY R 21 10.94 42.83 89.19
N ALA R 22 10.71 43.34 90.40
CA ALA R 22 10.22 44.70 90.60
C ALA R 22 11.20 45.71 89.98
N GLY R 23 12.47 45.29 89.88
CA GLY R 23 13.48 46.15 89.29
C GLY R 23 13.17 46.31 87.83
N ALA R 24 13.19 45.19 87.11
CA ALA R 24 12.91 45.20 85.69
C ALA R 24 11.60 45.94 85.37
N VAL R 25 10.64 45.93 86.28
CA VAL R 25 9.37 46.60 86.03
C VAL R 25 9.59 48.09 85.97
N ALA R 26 10.37 48.59 86.91
CA ALA R 26 10.68 50.02 86.96
C ALA R 26 11.46 50.40 85.69
N THR R 27 12.57 49.69 85.42
CA THR R 27 13.38 49.95 84.23
C THR R 27 12.49 50.12 82.98
N GLY R 28 11.44 49.29 82.90
CA GLY R 28 10.55 49.37 81.77
C GLY R 28 9.77 50.67 81.76
N ALA R 29 9.14 50.96 82.90
CA ALA R 29 8.34 52.18 83.10
C ALA R 29 9.17 53.40 82.73
N ALA R 30 10.47 53.24 82.86
CA ALA R 30 11.45 54.26 82.54
C ALA R 30 11.66 54.31 81.04
N VAL R 31 12.07 53.19 80.49
CA VAL R 31 12.29 53.11 79.05
C VAL R 31 11.05 53.51 78.18
N TRP R 32 9.88 52.99 78.49
CA TRP R 32 8.71 53.34 77.68
C TRP R 32 8.63 54.84 77.26
N PRO R 33 8.44 55.75 78.23
CA PRO R 33 8.33 57.21 77.95
C PRO R 33 9.46 57.86 77.18
N LEU R 34 10.62 57.21 77.25
CA LEU R 34 11.81 57.67 76.54
C LEU R 34 11.63 57.35 75.07
N ILE R 35 10.75 56.39 74.80
CA ILE R 35 10.44 55.97 73.43
C ILE R 35 9.19 56.72 72.98
N ASN R 36 8.18 56.68 73.82
CA ASN R 36 6.93 57.30 73.49
C ASN R 36 7.00 58.79 73.17
N GLN R 37 7.99 59.48 73.75
CA GLN R 37 8.11 60.92 73.52
C GLN R 37 8.35 61.24 72.06
N MET R 38 8.76 60.24 71.30
CA MET R 38 9.02 60.45 69.88
C MET R 38 7.79 60.39 69.04
N ASN R 39 6.73 59.80 69.60
CA ASN R 39 5.46 59.72 68.90
C ASN R 39 4.86 61.09 68.68
N PRO R 40 3.88 61.19 67.77
CA PRO R 40 3.25 62.46 67.48
C PRO R 40 2.84 63.23 68.71
N SER R 41 3.34 64.46 68.75
CA SER R 41 3.10 65.42 69.82
C SER R 41 1.63 65.83 69.72
N ALA R 42 0.96 65.99 70.85
CA ALA R 42 -0.45 66.39 70.86
C ALA R 42 -0.79 67.58 69.94
N ASP R 43 0.20 68.16 69.25
CA ASP R 43 -0.07 69.29 68.35
C ASP R 43 -0.20 68.92 66.88
N VAL R 44 0.48 67.86 66.41
CA VAL R 44 0.32 67.45 65.00
C VAL R 44 -1.04 66.72 64.84
N GLN R 45 -1.41 65.93 65.85
CA GLN R 45 -2.67 65.17 65.86
C GLN R 45 -3.97 65.98 65.71
N ALA R 46 -3.86 67.31 65.85
CA ALA R 46 -5.02 68.19 65.76
C ALA R 46 -5.34 68.63 64.32
N LEU R 47 -4.49 68.26 63.37
CA LEU R 47 -4.73 68.61 61.97
C LEU R 47 -6.04 67.93 61.47
N ALA R 48 -6.88 68.70 60.75
CA ALA R 48 -8.18 68.24 60.27
C ALA R 48 -8.37 68.11 58.76
N SER R 49 -9.07 69.09 58.18
CA SER R 49 -9.37 69.12 56.74
C SER R 49 -9.14 70.48 56.11
N ILE R 50 -9.17 70.51 54.78
CA ILE R 50 -8.93 71.74 54.06
C ILE R 50 -9.84 71.85 52.86
N PHE R 51 -9.80 73.01 52.21
CA PHE R 51 -10.62 73.25 51.03
C PHE R 51 -9.77 73.84 49.92
N VAL R 52 -9.92 73.31 48.71
CA VAL R 52 -9.17 73.79 47.57
C VAL R 52 -10.05 74.47 46.50
N ASP R 53 -9.55 75.56 45.94
CA ASP R 53 -10.27 76.30 44.91
C ASP R 53 -9.79 75.80 43.55
N VAL R 54 -10.70 75.27 42.74
CA VAL R 54 -10.34 74.74 41.43
C VAL R 54 -10.88 75.57 40.27
N SER R 55 -11.06 76.87 40.50
CA SER R 55 -11.58 77.80 39.48
C SER R 55 -10.74 77.87 38.21
N SER R 56 -9.43 78.04 38.40
CA SER R 56 -8.46 78.17 37.31
C SER R 56 -7.95 76.87 36.71
N VAL R 57 -8.17 75.74 37.38
CA VAL R 57 -7.69 74.48 36.85
C VAL R 57 -8.28 74.25 35.47
N GLU R 58 -7.43 74.48 34.47
CA GLU R 58 -7.76 74.29 33.06
C GLU R 58 -7.54 72.80 32.78
N PRO R 59 -8.25 72.22 31.78
CA PRO R 59 -7.97 70.81 31.58
C PRO R 59 -6.56 70.66 31.02
N GLY R 60 -5.82 69.71 31.59
CA GLY R 60 -4.44 69.46 31.16
C GLY R 60 -3.49 70.05 32.18
N VAL R 61 -4.08 70.55 33.27
CA VAL R 61 -3.35 71.17 34.35
C VAL R 61 -3.49 70.41 35.67
N GLN R 62 -2.35 70.30 36.37
CA GLN R 62 -2.32 69.66 37.66
C GLN R 62 -2.16 70.76 38.68
N LEU R 63 -2.75 70.53 39.85
CA LEU R 63 -2.69 71.48 40.95
C LEU R 63 -2.03 70.78 42.13
N THR R 64 -0.87 71.22 42.55
CA THR R 64 -0.25 70.56 43.70
C THR R 64 -0.53 71.41 44.94
N VAL R 65 -0.95 70.72 45.99
CA VAL R 65 -1.33 71.33 47.25
C VAL R 65 -0.79 70.56 48.45
N LYS R 66 -0.56 71.28 49.55
CA LYS R 66 -0.08 70.64 50.76
C LYS R 66 -1.28 70.29 51.64
N PHE R 67 -1.22 69.11 52.20
CA PHE R 67 -2.27 68.67 53.09
C PHE R 67 -1.61 67.62 53.94
N LEU R 68 -1.71 67.79 55.27
CA LEU R 68 -1.07 66.83 56.19
C LEU R 68 0.41 66.59 55.88
N GLY R 69 1.11 67.64 55.42
CA GLY R 69 2.52 67.56 55.10
C GLY R 69 2.97 66.84 53.82
N LYS R 70 2.04 66.19 53.16
CA LYS R 70 2.34 65.45 51.94
C LYS R 70 1.62 66.18 50.79
N PRO R 71 2.09 66.07 49.52
CA PRO R 71 1.39 66.77 48.42
C PRO R 71 0.16 65.98 47.98
N ILE R 72 -0.78 66.70 47.37
CA ILE R 72 -2.02 66.12 46.88
C ILE R 72 -2.23 66.67 45.49
N PHE R 73 -2.26 65.75 44.53
CA PHE R 73 -2.43 66.10 43.12
C PHE R 73 -3.90 66.26 42.70
N ILE R 74 -4.21 67.36 42.00
CA ILE R 74 -5.54 67.61 41.47
C ILE R 74 -5.40 67.92 40.00
N ARG R 75 -5.70 66.91 39.18
CA ARG R 75 -5.59 67.04 37.74
C ARG R 75 -6.95 67.08 37.07
N ARG R 76 -7.08 68.02 36.13
CA ARG R 76 -8.30 68.11 35.38
C ARG R 76 -7.77 67.52 34.12
N ARG R 77 -8.20 66.29 33.84
CA ARG R 77 -7.75 65.51 32.69
C ARG R 77 -8.32 65.90 31.32
N THR R 78 -7.50 65.64 30.29
CA THR R 78 -7.85 65.92 28.91
C THR R 78 -8.64 64.71 28.44
N GLU R 79 -9.03 64.69 27.18
CA GLU R 79 -9.75 63.54 26.69
C GLU R 79 -8.69 62.46 26.52
N ALA R 80 -7.54 62.86 25.99
CA ALA R 80 -6.43 61.94 25.79
C ALA R 80 -6.17 61.15 27.07
N ASP R 81 -6.11 61.88 28.19
CA ASP R 81 -5.89 61.33 29.53
C ASP R 81 -6.98 60.34 30.00
N ILE R 82 -8.24 60.62 29.68
CA ILE R 82 -9.33 59.76 30.11
C ILE R 82 -9.44 58.58 29.15
N GLU R 83 -9.07 58.84 27.89
CA GLU R 83 -9.06 57.82 26.85
C GLU R 83 -8.30 56.61 27.39
N LEU R 84 -6.99 56.77 27.55
CA LEU R 84 -6.11 55.72 28.06
C LEU R 84 -6.52 55.12 29.38
N GLY R 85 -7.13 55.91 30.24
CA GLY R 85 -7.50 55.36 31.54
C GLY R 85 -8.55 54.30 31.42
N ARG R 86 -9.45 54.53 30.47
CA ARG R 86 -10.55 53.62 30.24
C ARG R 86 -10.19 52.46 29.31
N SER R 87 -9.08 52.59 28.60
CA SER R 87 -8.60 51.56 27.69
C SER R 87 -7.53 50.68 28.38
N VAL R 88 -7.51 50.74 29.70
CA VAL R 88 -6.58 49.94 30.46
C VAL R 88 -7.41 48.92 31.21
N GLN R 89 -7.16 47.66 30.84
CA GLN R 89 -7.82 46.45 31.33
C GLN R 89 -7.28 46.00 32.65
N LEU R 90 -8.17 45.70 33.59
CA LEU R 90 -7.73 45.28 34.92
C LEU R 90 -6.92 44.04 34.78
N GLY R 91 -6.02 44.08 33.81
CA GLY R 91 -5.18 42.96 33.57
C GLY R 91 -3.86 43.54 33.23
N GLN R 92 -3.86 44.75 32.70
CA GLN R 92 -2.60 45.39 32.39
C GLN R 92 -2.20 46.08 33.72
N LEU R 93 -3.07 45.95 34.73
CA LEU R 93 -2.82 46.60 36.01
C LEU R 93 -2.05 45.73 36.99
N VAL R 94 -1.13 46.36 37.72
CA VAL R 94 -0.30 45.70 38.73
C VAL R 94 -1.16 45.58 39.98
N ASP R 95 -1.97 46.63 40.22
CA ASP R 95 -2.89 46.72 41.37
C ASP R 95 -4.31 46.85 40.84
N THR R 96 -5.21 46.04 41.40
CA THR R 96 -6.62 45.99 41.02
C THR R 96 -7.52 46.94 41.79
N ASN R 97 -7.16 47.18 43.05
CA ASN R 97 -7.93 48.03 43.96
C ASN R 97 -7.97 49.51 43.53
N ALA R 98 -9.11 50.15 43.75
CA ALA R 98 -9.29 51.55 43.38
C ALA R 98 -8.55 52.46 44.36
N ARG R 99 -8.23 51.91 45.53
CA ARG R 99 -7.52 52.67 46.56
C ARG R 99 -8.25 53.99 46.66
N ASN R 100 -9.56 53.90 46.69
CA ASN R 100 -10.42 55.09 46.75
C ASN R 100 -11.14 55.13 48.11
N ALA R 101 -10.90 56.21 48.87
CA ALA R 101 -11.47 56.39 50.21
C ALA R 101 -12.97 56.77 50.23
N ASN R 102 -13.49 57.19 49.08
CA ASN R 102 -14.91 57.57 48.97
C ASN R 102 -15.80 56.35 48.72
N ILE R 103 -15.40 55.49 47.77
CA ILE R 103 -16.12 54.28 47.41
C ILE R 103 -15.70 53.10 48.29
N ASP R 104 -16.35 51.94 48.13
CA ASP R 104 -16.00 50.78 48.95
C ASP R 104 -14.52 50.41 48.91
N ALA R 105 -14.07 49.77 49.98
CA ALA R 105 -12.68 49.34 50.12
C ALA R 105 -12.32 48.22 49.12
N GLY R 106 -13.33 47.57 48.56
CA GLY R 106 -13.09 46.50 47.62
C GLY R 106 -13.29 46.85 46.18
N ALA R 107 -13.61 48.11 45.88
CA ALA R 107 -13.83 48.54 44.49
C ALA R 107 -12.69 48.15 43.54
N GLU R 108 -12.87 48.38 42.24
CA GLU R 108 -11.83 48.02 41.28
C GLU R 108 -11.29 49.20 40.52
N ALA R 109 -10.00 49.15 40.25
CA ALA R 109 -9.27 50.23 39.56
C ALA R 109 -9.64 50.56 38.12
N THR R 110 -10.92 50.69 37.84
CA THR R 110 -11.37 51.03 36.52
C THR R 110 -11.23 52.55 36.43
N ASP R 111 -10.95 53.14 35.27
CA ASP R 111 -10.83 54.61 35.18
C ASP R 111 -12.05 55.35 35.79
N GLN R 112 -13.23 54.80 35.58
CA GLN R 112 -14.46 55.39 36.11
C GLN R 112 -14.55 55.28 37.65
N ASN R 113 -13.79 54.33 38.22
CA ASN R 113 -13.80 54.09 39.66
C ASN R 113 -12.70 54.86 40.40
N ARG R 114 -11.95 55.69 39.67
CA ARG R 114 -10.87 56.48 40.28
C ARG R 114 -10.89 57.98 39.98
N THR R 115 -12.04 58.47 39.52
CA THR R 115 -12.23 59.89 39.27
C THR R 115 -13.39 60.28 40.19
N LEU R 116 -13.54 61.58 40.44
CA LEU R 116 -14.63 62.06 41.31
C LEU R 116 -15.90 62.30 40.51
N ASP R 117 -15.75 62.86 39.31
CA ASP R 117 -16.87 63.13 38.42
C ASP R 117 -17.20 61.89 37.60
N GLU R 118 -18.16 62.03 36.70
CA GLU R 118 -18.50 60.89 35.86
C GLU R 118 -17.69 60.94 34.59
N ALA R 119 -17.55 62.13 34.01
CA ALA R 119 -16.78 62.28 32.77
C ALA R 119 -15.31 61.90 32.97
N GLY R 120 -14.90 61.80 34.23
CA GLY R 120 -13.54 61.41 34.60
C GLY R 120 -12.41 62.43 34.53
N GLU R 121 -12.74 63.72 34.50
CA GLU R 121 -11.72 64.78 34.42
C GLU R 121 -11.06 65.08 35.74
N TRP R 122 -11.82 64.92 36.81
CA TRP R 122 -11.30 65.25 38.14
C TRP R 122 -10.61 64.14 38.92
N LEU R 123 -9.31 63.97 38.65
CA LEU R 123 -8.48 62.97 39.32
C LEU R 123 -7.86 63.63 40.56
N VAL R 124 -8.29 63.20 41.74
CA VAL R 124 -7.77 63.75 43.01
C VAL R 124 -7.06 62.65 43.76
N MET R 125 -5.75 62.79 43.88
CA MET R 125 -4.97 61.78 44.58
C MET R 125 -3.73 62.31 45.30
N TRP R 126 -3.28 61.50 46.26
CA TRP R 126 -2.08 61.74 47.05
C TRP R 126 -0.84 61.57 46.19
N GLY R 127 -0.21 62.67 45.76
CA GLY R 127 1.00 62.57 44.95
C GLY R 127 2.19 62.01 45.76
N VAL R 128 1.90 60.93 46.48
CA VAL R 128 2.86 60.26 47.34
C VAL R 128 3.18 58.83 46.90
N CYS R 129 4.15 58.69 45.98
CA CYS R 129 4.59 57.38 45.48
C CYS R 129 4.47 56.35 46.60
N THR R 130 3.79 55.24 46.34
CA THR R 130 3.60 54.21 47.35
C THR R 130 4.81 53.32 47.60
N HIS R 131 5.92 53.61 46.90
CA HIS R 131 7.10 52.81 47.12
C HIS R 131 7.71 53.24 48.44
N LEU R 132 8.40 54.37 48.39
CA LEU R 132 9.09 54.92 49.53
C LEU R 132 8.80 56.40 49.85
N GLY R 133 7.78 56.98 49.22
CA GLY R 133 7.44 58.34 49.58
C GLY R 133 7.56 59.50 48.64
N CYS R 134 8.44 59.48 47.65
CA CYS R 134 8.55 60.65 46.78
C CYS R 134 7.26 61.11 46.12
N SER R 135 7.28 62.32 45.62
CA SER R 135 6.14 62.88 44.93
C SER R 135 6.45 62.73 43.45
N PRO R 136 5.77 61.78 42.78
CA PRO R 136 6.02 61.54 41.34
C PRO R 136 5.70 62.72 40.42
N ILE R 137 6.65 63.01 39.55
CA ILE R 137 6.51 64.09 38.58
C ILE R 137 5.20 63.88 37.80
N GLY R 138 4.68 64.93 37.18
CA GLY R 138 3.43 64.79 36.41
C GLY R 138 3.54 65.38 35.02
N GLY R 139 2.43 65.91 34.49
CA GLY R 139 2.50 66.45 33.15
C GLY R 139 2.93 65.34 32.18
N VAL R 140 2.03 64.35 32.08
CA VAL R 140 2.17 63.14 31.25
C VAL R 140 3.62 62.64 31.14
N SER R 141 3.97 61.80 32.10
CA SER R 141 5.27 61.20 32.15
C SER R 141 5.09 59.74 32.54
N GLY R 142 6.17 59.01 32.41
CA GLY R 142 6.12 57.61 32.72
C GLY R 142 5.82 57.02 31.39
N ASP R 143 5.96 55.72 31.29
CA ASP R 143 5.70 55.04 30.04
C ASP R 143 4.24 54.57 30.03
N PHE R 144 3.38 55.24 30.80
CA PHE R 144 1.97 54.86 30.87
C PHE R 144 1.00 56.04 30.83
N GLY R 145 1.50 57.16 30.30
CA GLY R 145 0.73 58.39 30.13
C GLY R 145 0.36 59.17 31.39
N GLY R 146 1.11 58.94 32.48
CA GLY R 146 0.82 59.57 33.74
C GLY R 146 1.93 60.23 34.50
N TRP R 147 2.32 59.61 35.62
CA TRP R 147 3.34 60.11 36.49
C TRP R 147 4.57 59.22 36.52
N PHE R 148 5.72 59.84 36.83
CA PHE R 148 7.01 59.16 36.97
C PHE R 148 7.72 59.52 38.30
N CYS R 149 7.81 58.56 39.22
CA CYS R 149 8.50 58.79 40.47
C CYS R 149 10.00 58.66 40.15
N PRO R 150 10.78 59.77 40.23
CA PRO R 150 12.23 59.79 39.93
C PRO R 150 13.15 59.12 40.96
N CYS R 151 12.57 58.73 42.10
CA CYS R 151 13.33 58.11 43.16
C CYS R 151 13.81 56.70 42.85
N HIS R 152 12.91 55.83 42.39
CA HIS R 152 13.31 54.45 42.02
C HIS R 152 12.69 53.85 40.73
N GLY R 153 12.12 54.72 39.89
CA GLY R 153 11.55 54.28 38.63
C GLY R 153 10.12 53.77 38.58
N SER R 154 9.21 54.26 39.43
CA SER R 154 7.86 53.78 39.33
C SER R 154 7.10 54.61 38.33
N HIS R 155 6.25 53.96 37.52
CA HIS R 155 5.43 54.65 36.52
C HIS R 155 3.99 54.48 36.89
N TYR R 156 3.23 55.56 36.72
CA TYR R 156 1.81 55.55 36.99
C TYR R 156 1.18 56.04 35.69
N ASP R 157 -0.06 55.58 35.47
CA ASP R 157 -0.83 55.90 34.26
C ASP R 157 -1.74 57.11 34.47
N SER R 158 -2.39 57.55 33.41
CA SER R 158 -3.28 58.67 33.50
C SER R 158 -4.41 58.52 34.53
N ALA R 159 -4.47 57.41 35.25
CA ALA R 159 -5.51 57.24 36.25
C ALA R 159 -4.81 57.12 37.58
N GLY R 160 -3.47 57.20 37.49
CA GLY R 160 -2.61 57.15 38.66
C GLY R 160 -2.37 55.77 39.24
N ARG R 161 -2.51 54.76 38.40
CA ARG R 161 -2.33 53.38 38.81
C ARG R 161 -0.89 52.99 38.52
N ILE R 162 -0.38 52.09 39.36
CA ILE R 162 0.99 51.66 39.22
C ILE R 162 1.03 50.64 38.11
N ARG R 163 2.01 50.78 37.23
CA ARG R 163 2.14 49.93 36.10
C ARG R 163 3.55 49.41 35.84
N LYS R 164 4.44 49.53 36.81
CA LYS R 164 5.84 49.12 36.58
C LYS R 164 6.70 49.78 37.67
N GLY R 165 7.69 49.04 38.16
CA GLY R 165 8.52 49.61 39.21
C GLY R 165 8.25 48.98 40.57
N PRO R 166 9.03 49.39 41.59
CA PRO R 166 8.95 48.88 42.97
C PRO R 166 7.65 49.19 43.69
N ALA R 167 7.02 50.29 43.28
CA ALA R 167 5.76 50.71 43.89
C ALA R 167 4.77 49.55 43.82
N PRO R 168 4.15 49.23 44.97
CA PRO R 168 3.22 48.12 44.99
C PRO R 168 1.74 48.46 44.82
N GLU R 169 1.33 49.71 45.05
CA GLU R 169 -0.08 50.06 44.87
C GLU R 169 -0.30 51.27 43.99
N ASN R 170 -1.55 51.64 43.80
CA ASN R 170 -1.83 52.83 42.99
C ASN R 170 -1.84 54.00 43.99
N LEU R 171 -1.56 55.22 43.51
CA LEU R 171 -1.61 56.41 44.37
C LEU R 171 -3.00 56.42 45.08
N PRO R 172 -3.02 56.58 46.41
CA PRO R 172 -4.34 56.58 47.06
C PRO R 172 -5.16 57.82 46.81
N ILE R 173 -6.48 57.67 46.86
CA ILE R 173 -7.38 58.80 46.71
C ILE R 173 -7.88 59.08 48.13
N PRO R 174 -7.77 60.36 48.55
CA PRO R 174 -8.17 60.83 49.88
C PRO R 174 -9.63 61.21 49.94
N LEU R 175 -10.19 61.18 51.14
CA LEU R 175 -11.57 61.57 51.29
C LEU R 175 -11.66 62.92 50.59
N ALA R 176 -12.36 63.01 49.47
CA ALA R 176 -12.51 64.26 48.71
C ALA R 176 -13.91 64.33 48.11
N LYS R 177 -14.36 65.54 47.82
CA LYS R 177 -15.68 65.75 47.24
C LYS R 177 -15.94 67.22 46.99
N PHE R 178 -16.52 67.51 45.83
CA PHE R 178 -16.83 68.89 45.51
C PHE R 178 -17.97 69.33 46.42
N ILE R 179 -17.77 70.43 47.16
CA ILE R 179 -18.84 70.93 48.03
C ILE R 179 -19.61 72.08 47.34
N ASP R 180 -19.26 72.31 46.07
CA ASP R 180 -19.90 73.30 45.21
C ASP R 180 -19.22 73.21 43.83
N GLU R 181 -19.64 74.03 42.87
CA GLU R 181 -19.08 73.99 41.50
C GLU R 181 -17.60 74.29 41.25
N THR R 182 -16.92 74.94 42.19
CA THR R 182 -15.52 75.29 42.01
C THR R 182 -14.62 74.94 43.22
N THR R 183 -15.17 74.19 44.18
CA THR R 183 -14.42 73.83 45.37
C THR R 183 -14.53 72.39 45.89
N ILE R 184 -13.37 71.74 45.99
CA ILE R 184 -13.27 70.35 46.47
C ILE R 184 -12.80 70.44 47.91
N GLN R 185 -13.27 69.57 48.80
CA GLN R 185 -12.77 69.64 50.16
C GLN R 185 -12.07 68.33 50.55
N LEU R 186 -10.74 68.36 50.54
CA LEU R 186 -9.96 67.21 50.89
C LEU R 186 -10.12 67.04 52.40
N GLY R 187 -9.98 65.81 52.89
CA GLY R 187 -10.12 65.54 54.32
C GLY R 187 -11.55 65.73 54.78
#